data_8OH9
#
_entry.id   8OH9
#
_cell.length_a   1.00
_cell.length_b   1.00
_cell.length_c   1.00
_cell.angle_alpha   90.00
_cell.angle_beta   90.00
_cell.angle_gamma   90.00
#
_symmetry.space_group_name_H-M   'P 1'
#
loop_
_entity.id
_entity.type
_entity.pdbx_description
1 polymer 'NAD-dependent formate dehydrogenase gamma subunit'
2 polymer 'NAD-reducing hydrogenase subunit HoxF'
3 polymer 'Formate dehydrogenase-O, major subunit'
4 non-polymer 'FE2/S2 (INORGANIC) CLUSTER'
5 non-polymer 'ZINC ION'
6 non-polymer 'IRON/SULFUR CLUSTER'
7 non-polymer 'FLAVIN-ADENINE DINUCLEOTIDE'
#
loop_
_entity_poly.entity_id
_entity_poly.type
_entity_poly.pdbx_seq_one_letter_code
_entity_poly.pdbx_strand_id
1 'polypeptide(L)'
;MCNSCEKELETKFPADKIDLTLLEPVFKEYAGKAGSIIGILQKTQEIYGYLPLAALQAIADNTDNKRAKIYGIATFYSQF
RLNPVGKYVILQCQGTACHVLGSKAIGSAICDELGITPGQTTADGLFTLEDVACLGCCSLAPVIMINGEAYGKLTPTSVR
KILQDIAEAEKGGVVSEG
;
A,D,G,J
2 'polypeptide(L)'
;MKVRVGLGSCGIAAGGRKVMDRLAQEIKNHGKEIELLPTGCIGMCFYEPIVDVFDGDKVYSYANVTADMATEIFNSHIIG
GQPLTQYIVSTTEKPYTILAKQVRIALRNCGVIDPENVDEYKANDGYKALSKALKEMTPEEVIEEIKVAGLRGRGGAGFP
TWFKWNAARQSKGEIKYVVCNADEGDPGAFMDRSVLEGDPHALLEGMAICGYAIGANEGHIYCRAEYPLAIKRLEIAIAD
AKQRNLLGKNIMGTNFSFDMKIKKGAGAFVCGEETALIASLEGERGMPRLKPPFPAQSGFWGKPTNINNVETFANVPWIM
YNGGSAYAAYGTEKSKGTKVFALAGKIKNGGLVEVPMGMSLREVIYDIGGGILNDREFKAVQMGGPSGGCIPKQLLDTPV
DYDSINKTGAIMGSGGMIVMDETTCMVDMARFFLDFTVKESCGKCIYCRIGTKRMLEILERITTGEGREGDIEELEELSI
SIKDGSLCGLGQTAPNPVLTTIRYFRDEYEAHIRDKKCPAKSCKPLLTYTINQDNCKGCTLCAQKCPVQAITGEKKKPHV
IDQALCTKCGNCASVCRLDAVCIE
;
B,E,H,K
3 'polypeptide(L)'
;MSKISININGRELVVSAGQTILQAAAEHGIEIPHLCHDERIQPYGACGLCVVEVEGSPKLVRSCATSVQNGQVIRTDTSR
TVVARKTALQLLASDHRGDCRPPCMLACPAQTDCQGYVGLIANGQYEEALKLIKDKMPIPASIGKICPHPCETACRRELV
EEPISIAQLKSFVAEVDLNGNQYQPPMKPATGKKVAVVGAGPAGLTAAYFLARDGHKVVIYEAMPHPGGMLRYGIPQYRL
DKALLDAEVALMTKMGIEIIYNTKIGDDVSLDYLHDNYDAVFLGIGSWQSQGLRCKGEDMEGVLGGIDFLREVTMNSNIT
LGGKVLVVGGGNTAMDVARTSKRLGAEEVTIIYRRTIDEMPAEKIEIHEAQEEGVKFQLLVAPVEVLGENGHAKALKCEI
MRLGEPDASGRRKPEPTGETVVYEADRIIAAIGQKTVIGNIKDIATDKSGNIIVNGGAFTTNRDKVFAGGDAVTGPKIAI
DAIAQGKNAAQVIDSYLNGCLVPHADSQYFTQKDITAADLADRAKAPRVSLTVEDAEVRNKSFMQVAKTFTEEEALRESK
RCLECGCRDYFECQLIKYIQDYDVSTEKDSQVECHKTTEFDNHPFIERNPDKCVLCGLCVRVCDEVVGATAIGLVGRGFD
SVIMPEFKLPLSETACISCGQCVDVCPTGACMEKQVSYKQIPANMDSMASVCGYCGVGCNVNIEYKGDVVFRVTPDRVND
DGWLCQRGKFGLGHANDKARLTAPVIKRNGQFVKVDWNEANLEVVKRLQAVVAAYGKDSIGVVVSPRLTNEELFLAGKLA
DAVNTTIKTSYSVDGGSGLGSVLGYDASTNSFAELDNSDFVLTLGKVKENHPVLDFKIRLSGVCSVAWPQSLANTADMKV
FLKALLNLGVDENKVAEKTEGFAELKASLADVKVSEEIQALAQKYAKAAKPLIVIDEDTVSAEAVKLMAYAAVITGKIGA
AYRGIILVRTKNNTQGAVDMGFVMPVSAVAQGIESGKIKALVVIGEDPAAYPQESALLQKLSFLVVYDMFMTKTATAADM
VVPLVSSAEVNGTYTRSDRRIQAVRAAIQPKTGKATLQILIETLKSLGIKYDTIADVRAAIASEVSNYAGMDAADFGTTV
YWPNNKNVLYTDGFATEGQKAILAAVGDVPVFVEKKKYDSVEMNFVNGRQSL
;
C,F,I,L
#
loop_
_chem_comp.id
_chem_comp.type
_chem_comp.name
_chem_comp.formula
FAD non-polymer 'FLAVIN-ADENINE DINUCLEOTIDE' 'C27 H33 N9 O15 P2'
FES non-polymer 'FE2/S2 (INORGANIC) CLUSTER' 'Fe2 S2'
SF4 non-polymer 'IRON/SULFUR CLUSTER' 'Fe4 S4'
ZN non-polymer 'ZINC ION' 'Zn 2'
#
# COMPACT_ATOMS: atom_id res chain seq x y z
N ILE A 18 -26.24 -88.42 -21.60
CA ILE A 18 -27.45 -87.78 -21.15
C ILE A 18 -28.40 -87.64 -22.35
N ASP A 19 -29.70 -87.54 -22.09
CA ASP A 19 -30.77 -87.70 -23.07
C ASP A 19 -31.38 -86.37 -23.49
N LEU A 20 -30.55 -85.35 -23.73
CA LEU A 20 -31.05 -84.03 -24.12
C LEU A 20 -31.95 -84.08 -25.36
N THR A 21 -31.73 -85.06 -26.23
CA THR A 21 -32.64 -85.29 -27.35
C THR A 21 -34.04 -85.62 -26.86
N LEU A 22 -34.15 -86.36 -25.76
CA LEU A 22 -35.46 -86.60 -25.16
C LEU A 22 -36.01 -85.34 -24.50
N LEU A 23 -35.15 -84.41 -24.10
CA LEU A 23 -35.60 -83.13 -23.57
C LEU A 23 -36.06 -82.19 -24.68
N GLU A 24 -35.67 -82.46 -25.93
CA GLU A 24 -36.06 -81.60 -27.04
C GLU A 24 -37.57 -81.44 -27.25
N PRO A 25 -38.39 -82.50 -27.31
CA PRO A 25 -39.83 -82.26 -27.54
C PRO A 25 -40.53 -81.51 -26.42
N VAL A 26 -40.07 -81.61 -25.18
CA VAL A 26 -40.81 -80.98 -24.10
C VAL A 26 -40.68 -79.46 -24.17
N PHE A 27 -39.51 -78.94 -24.56
CA PHE A 27 -39.43 -77.50 -24.80
C PHE A 27 -39.93 -77.13 -26.18
N LYS A 28 -39.98 -78.07 -27.13
CA LYS A 28 -40.66 -77.80 -28.39
C LYS A 28 -42.13 -77.50 -28.16
N GLU A 29 -42.77 -78.27 -27.26
CA GLU A 29 -44.17 -78.02 -26.94
C GLU A 29 -44.29 -76.87 -25.95
N TYR A 30 -43.29 -76.67 -25.09
CA TYR A 30 -43.40 -75.67 -24.04
C TYR A 30 -43.05 -74.26 -24.48
N ALA A 31 -42.61 -74.05 -25.72
CA ALA A 31 -42.28 -72.71 -26.17
C ALA A 31 -43.55 -71.90 -26.42
N GLY A 32 -43.58 -70.68 -25.87
CA GLY A 32 -44.63 -69.74 -26.17
C GLY A 32 -45.60 -69.43 -25.04
N LYS A 33 -45.52 -70.14 -23.92
CA LYS A 33 -46.40 -69.86 -22.79
C LYS A 33 -45.64 -69.07 -21.73
N ALA A 34 -46.25 -68.00 -21.25
CA ALA A 34 -45.68 -67.20 -20.18
C ALA A 34 -45.87 -67.91 -18.85
N GLY A 35 -44.85 -67.78 -17.99
CA GLY A 35 -44.86 -68.49 -16.72
C GLY A 35 -44.75 -69.99 -16.86
N SER A 36 -43.90 -70.38 -17.80
CA SER A 36 -43.69 -71.82 -18.07
C SER A 36 -42.31 -72.22 -17.57
N ILE A 37 -41.52 -71.31 -16.99
CA ILE A 37 -40.23 -71.79 -16.40
C ILE A 37 -40.57 -72.96 -15.51
N ILE A 38 -41.54 -72.79 -14.60
CA ILE A 38 -41.88 -73.86 -13.62
C ILE A 38 -42.30 -75.13 -14.37
N GLY A 39 -43.23 -75.01 -15.31
CA GLY A 39 -43.61 -76.20 -16.10
C GLY A 39 -42.40 -76.92 -16.64
N ILE A 40 -41.55 -76.22 -17.38
CA ILE A 40 -40.35 -76.84 -18.02
C ILE A 40 -39.56 -77.55 -16.93
N LEU A 41 -39.20 -76.84 -15.86
CA LEU A 41 -38.33 -77.45 -14.82
C LEU A 41 -38.97 -78.76 -14.34
N GLN A 42 -40.24 -78.72 -13.95
CA GLN A 42 -40.94 -79.94 -13.50
C GLN A 42 -40.76 -81.05 -14.54
N LYS A 43 -41.25 -80.84 -15.77
CA LYS A 43 -41.16 -81.86 -16.83
C LYS A 43 -39.74 -82.43 -16.92
N THR A 44 -38.73 -81.56 -16.97
CA THR A 44 -37.32 -82.01 -17.04
C THR A 44 -37.06 -82.97 -15.88
N GLN A 45 -37.03 -82.45 -14.66
CA GLN A 45 -36.73 -83.32 -13.51
C GLN A 45 -37.43 -84.67 -13.74
N GLU A 46 -38.72 -84.67 -14.09
CA GLU A 46 -39.43 -85.96 -14.24
C GLU A 46 -38.58 -86.85 -15.16
N ILE A 47 -38.39 -86.42 -16.40
CA ILE A 47 -37.60 -87.18 -17.38
C ILE A 47 -36.33 -87.72 -16.75
N TYR A 48 -35.54 -86.85 -16.13
CA TYR A 48 -34.22 -87.25 -15.67
C TYR A 48 -34.21 -87.80 -14.25
N GLY A 49 -35.14 -87.38 -13.40
CA GLY A 49 -35.06 -87.70 -12.00
C GLY A 49 -34.33 -86.67 -11.17
N TYR A 50 -33.66 -85.72 -11.81
CA TYR A 50 -32.99 -84.60 -11.15
C TYR A 50 -32.65 -83.60 -12.24
N LEU A 51 -32.07 -82.47 -11.86
CA LEU A 51 -31.73 -81.43 -12.82
C LEU A 51 -30.21 -81.34 -12.96
N PRO A 52 -29.65 -81.76 -14.08
CA PRO A 52 -28.22 -81.51 -14.33
C PRO A 52 -28.01 -80.12 -14.90
N LEU A 53 -26.78 -79.60 -14.84
CA LEU A 53 -26.52 -78.25 -15.33
C LEU A 53 -26.68 -78.17 -16.84
N ALA A 54 -26.41 -79.27 -17.55
CA ALA A 54 -26.50 -79.28 -19.00
C ALA A 54 -27.94 -79.04 -19.47
N ALA A 55 -28.90 -79.67 -18.79
CA ALA A 55 -30.31 -79.49 -19.15
C ALA A 55 -30.77 -78.06 -18.91
N LEU A 56 -30.34 -77.48 -17.79
CA LEU A 56 -30.68 -76.09 -17.49
C LEU A 56 -30.07 -75.15 -18.53
N GLN A 57 -28.81 -75.40 -18.90
CA GLN A 57 -28.16 -74.58 -19.93
C GLN A 57 -28.88 -74.71 -21.26
N ALA A 58 -29.31 -75.93 -21.60
CA ALA A 58 -30.04 -76.14 -22.85
C ALA A 58 -31.36 -75.37 -22.86
N ILE A 59 -32.09 -75.42 -21.73
CA ILE A 59 -33.37 -74.71 -21.60
C ILE A 59 -33.15 -73.21 -21.76
N ALA A 60 -32.09 -72.70 -21.11
CA ALA A 60 -31.75 -71.29 -21.18
C ALA A 60 -31.40 -70.88 -22.60
N ASP A 61 -30.68 -71.74 -23.32
CA ASP A 61 -30.32 -71.46 -24.70
C ASP A 61 -31.55 -71.43 -25.59
N ASN A 62 -32.46 -72.36 -25.39
CA ASN A 62 -33.61 -72.47 -26.27
C ASN A 62 -34.64 -71.37 -26.03
N THR A 63 -35.21 -71.29 -24.83
CA THR A 63 -36.32 -70.39 -24.59
C THR A 63 -35.97 -69.24 -23.65
N ASP A 64 -34.72 -68.77 -23.69
CA ASP A 64 -34.16 -67.68 -22.88
C ASP A 64 -34.47 -67.82 -21.38
N ASN A 65 -35.46 -67.08 -20.89
CA ASN A 65 -35.78 -66.98 -19.45
C ASN A 65 -34.60 -66.48 -18.62
N LYS A 66 -33.63 -65.83 -19.25
CA LYS A 66 -32.62 -65.06 -18.53
C LYS A 66 -31.81 -65.89 -17.54
N ARG A 67 -30.88 -66.69 -18.06
CA ARG A 67 -30.24 -67.86 -17.43
C ARG A 67 -30.01 -67.78 -15.92
N ALA A 68 -29.68 -66.60 -15.39
CA ALA A 68 -29.66 -66.45 -13.93
C ALA A 68 -31.02 -66.72 -13.32
N LYS A 69 -32.10 -66.30 -13.99
CA LYS A 69 -33.44 -66.45 -13.43
C LYS A 69 -33.87 -67.91 -13.35
N ILE A 70 -33.53 -68.71 -14.36
CA ILE A 70 -33.95 -70.11 -14.35
C ILE A 70 -33.22 -70.87 -13.25
N TYR A 71 -31.96 -70.54 -12.99
CA TYR A 71 -31.24 -71.15 -11.87
C TYR A 71 -31.82 -70.71 -10.54
N GLY A 72 -32.09 -69.40 -10.40
CA GLY A 72 -32.67 -68.92 -9.15
C GLY A 72 -34.00 -69.55 -8.85
N ILE A 73 -34.84 -69.75 -9.86
CA ILE A 73 -36.11 -70.43 -9.66
C ILE A 73 -35.88 -71.90 -9.33
N ALA A 74 -34.90 -72.53 -9.98
CA ALA A 74 -34.65 -73.95 -9.76
C ALA A 74 -34.19 -74.21 -8.33
N THR A 75 -33.44 -73.29 -7.74
CA THR A 75 -32.94 -73.53 -6.38
C THR A 75 -34.04 -73.39 -5.33
N PHE A 76 -34.94 -72.41 -5.48
CA PHE A 76 -35.82 -72.01 -4.39
C PHE A 76 -36.82 -73.10 -4.00
N TYR A 77 -38.03 -73.02 -4.54
CA TYR A 77 -39.06 -74.02 -4.84
C TYR A 77 -38.92 -75.44 -4.27
N SER A 78 -38.29 -75.60 -3.10
CA SER A 78 -38.56 -76.65 -2.12
C SER A 78 -38.62 -78.09 -2.63
N GLN A 79 -38.42 -78.31 -3.94
CA GLN A 79 -38.67 -79.63 -4.52
C GLN A 79 -37.67 -80.04 -5.58
N PHE A 80 -36.91 -79.13 -6.17
CA PHE A 80 -36.09 -79.44 -7.34
C PHE A 80 -34.79 -80.07 -6.87
N ARG A 81 -34.74 -81.39 -6.89
CA ARG A 81 -33.55 -82.12 -6.48
C ARG A 81 -32.44 -81.95 -7.52
N LEU A 82 -31.25 -81.60 -7.05
CA LEU A 82 -30.12 -81.29 -7.91
C LEU A 82 -29.11 -82.43 -7.99
N ASN A 83 -29.41 -83.59 -7.40
CA ASN A 83 -28.48 -84.70 -7.35
C ASN A 83 -29.22 -85.99 -7.65
N PRO A 84 -28.52 -86.99 -8.21
CA PRO A 84 -29.16 -88.28 -8.45
C PRO A 84 -29.53 -88.99 -7.16
N VAL A 85 -30.52 -89.86 -7.25
CA VAL A 85 -31.04 -90.59 -6.11
C VAL A 85 -30.98 -92.09 -6.41
N GLY A 86 -31.33 -92.89 -5.40
CA GLY A 86 -31.36 -94.33 -5.53
C GLY A 86 -32.62 -94.83 -6.19
N LYS A 87 -32.74 -96.16 -6.23
CA LYS A 87 -33.93 -96.77 -6.83
C LYS A 87 -35.18 -96.49 -6.02
N TYR A 88 -35.09 -96.62 -4.70
CA TYR A 88 -36.21 -96.37 -3.80
C TYR A 88 -35.99 -95.05 -3.09
N VAL A 89 -37.02 -94.21 -3.09
CA VAL A 89 -36.96 -92.89 -2.48
C VAL A 89 -37.75 -92.93 -1.18
N ILE A 90 -37.07 -92.67 -0.07
CA ILE A 90 -37.70 -92.69 1.24
C ILE A 90 -38.07 -91.27 1.65
N LEU A 91 -39.34 -91.08 1.99
CA LEU A 91 -39.89 -89.80 2.43
C LEU A 91 -40.41 -89.99 3.84
N GLN A 92 -39.58 -89.66 4.82
CA GLN A 92 -39.98 -89.71 6.22
C GLN A 92 -40.90 -88.54 6.52
N CYS A 93 -42.00 -88.79 7.24
CA CYS A 93 -42.89 -87.71 7.63
C CYS A 93 -42.29 -86.96 8.81
N GLN A 94 -42.11 -85.65 8.64
CA GLN A 94 -41.60 -84.79 9.70
C GLN A 94 -42.62 -83.70 10.05
N GLY A 95 -43.89 -83.96 9.80
CA GLY A 95 -44.93 -83.03 10.20
C GLY A 95 -45.15 -83.07 11.70
N THR A 96 -45.98 -82.14 12.17
CA THR A 96 -46.15 -81.97 13.62
C THR A 96 -46.78 -83.20 14.25
N ALA A 97 -47.81 -83.77 13.62
CA ALA A 97 -48.50 -84.92 14.21
C ALA A 97 -47.60 -86.14 14.28
N CYS A 98 -46.84 -86.39 13.22
CA CYS A 98 -45.95 -87.55 13.21
C CYS A 98 -44.69 -87.33 14.03
N HIS A 99 -44.24 -86.09 14.16
CA HIS A 99 -43.12 -85.81 15.07
C HIS A 99 -43.54 -85.97 16.51
N VAL A 100 -44.80 -85.64 16.82
CA VAL A 100 -45.31 -85.79 18.18
C VAL A 100 -45.30 -87.25 18.59
N LEU A 101 -45.71 -88.14 17.69
CA LEU A 101 -45.79 -89.56 17.99
C LEU A 101 -44.46 -90.29 17.86
N GLY A 102 -43.36 -89.56 17.64
CA GLY A 102 -42.05 -90.18 17.68
C GLY A 102 -41.40 -90.43 16.34
N SER A 103 -41.44 -89.44 15.44
CA SER A 103 -40.72 -89.56 14.17
C SER A 103 -39.21 -89.43 14.35
N LYS A 104 -38.75 -88.91 15.48
CA LYS A 104 -37.31 -88.78 15.68
C LYS A 104 -36.66 -90.16 15.84
N ALA A 105 -37.33 -91.05 16.57
CA ALA A 105 -36.84 -92.42 16.69
C ALA A 105 -36.84 -93.13 15.34
N ILE A 106 -37.87 -92.90 14.52
CA ILE A 106 -37.91 -93.55 13.21
C ILE A 106 -36.75 -93.05 12.35
N GLY A 107 -36.47 -91.73 12.42
CA GLY A 107 -35.38 -91.18 11.63
C GLY A 107 -34.02 -91.66 12.07
N SER A 108 -33.80 -91.76 13.39
CA SER A 108 -32.55 -92.31 13.88
C SER A 108 -32.39 -93.77 13.49
N ALA A 109 -33.49 -94.53 13.48
CA ALA A 109 -33.43 -95.92 13.04
C ALA A 109 -33.03 -96.03 11.58
N ILE A 110 -33.64 -95.19 10.73
CA ILE A 110 -33.28 -95.23 9.30
C ILE A 110 -31.82 -94.80 9.10
N CYS A 111 -31.39 -93.77 9.82
CA CYS A 111 -30.02 -93.29 9.69
C CYS A 111 -29.01 -94.33 10.13
N ASP A 112 -29.33 -95.06 11.21
CA ASP A 112 -28.42 -96.09 11.71
C ASP A 112 -28.40 -97.30 10.79
N GLU A 113 -29.57 -97.75 10.34
CA GLU A 113 -29.62 -98.97 9.55
C GLU A 113 -29.10 -98.75 8.13
N LEU A 114 -29.19 -97.53 7.61
CA LEU A 114 -28.71 -97.26 6.27
C LEU A 114 -27.35 -96.56 6.24
N GLY A 115 -26.94 -95.93 7.33
CA GLY A 115 -25.66 -95.26 7.35
C GLY A 115 -25.60 -93.97 6.58
N ILE A 116 -26.75 -93.41 6.21
CA ILE A 116 -26.81 -92.15 5.47
C ILE A 116 -27.72 -91.19 6.23
N THR A 117 -27.44 -89.92 6.06
CA THR A 117 -28.19 -88.82 6.64
C THR A 117 -29.24 -88.32 5.64
N PRO A 118 -30.23 -87.53 6.09
CA PRO A 118 -31.17 -86.94 5.13
C PRO A 118 -30.45 -86.06 4.13
N GLY A 119 -30.88 -86.14 2.87
CA GLY A 119 -30.20 -85.49 1.78
C GLY A 119 -29.09 -86.29 1.13
N GLN A 120 -28.85 -87.53 1.58
CA GLN A 120 -27.81 -88.37 1.04
C GLN A 120 -28.39 -89.64 0.42
N THR A 121 -27.58 -90.30 -0.41
CA THR A 121 -27.94 -91.55 -1.05
C THR A 121 -27.00 -92.65 -0.60
N THR A 122 -27.45 -93.90 -0.74
CA THR A 122 -26.63 -95.04 -0.36
C THR A 122 -25.47 -95.23 -1.34
N ALA A 123 -24.46 -95.98 -0.89
CA ALA A 123 -23.26 -96.19 -1.71
C ALA A 123 -23.58 -96.97 -2.97
N ASP A 124 -24.41 -97.99 -2.86
CA ASP A 124 -24.86 -98.76 -4.01
C ASP A 124 -26.09 -98.17 -4.69
N GLY A 125 -26.62 -97.07 -4.17
CA GLY A 125 -27.71 -96.36 -4.83
C GLY A 125 -29.03 -97.10 -4.93
N LEU A 126 -29.49 -97.72 -3.84
CA LEU A 126 -30.83 -98.28 -3.83
C LEU A 126 -31.78 -97.53 -2.91
N PHE A 127 -31.25 -96.84 -1.90
CA PHE A 127 -32.04 -96.04 -0.97
C PHE A 127 -31.50 -94.62 -0.95
N THR A 128 -32.41 -93.66 -0.88
CA THR A 128 -32.06 -92.28 -0.62
C THR A 128 -33.00 -91.75 0.46
N LEU A 129 -32.47 -90.88 1.31
CA LEU A 129 -33.21 -90.35 2.44
C LEU A 129 -33.51 -88.89 2.20
N GLU A 130 -34.78 -88.52 2.28
CA GLU A 130 -35.22 -87.16 2.06
C GLU A 130 -36.27 -86.79 3.10
N ASP A 131 -36.46 -85.49 3.28
CA ASP A 131 -37.42 -84.97 4.23
C ASP A 131 -38.58 -84.31 3.49
N VAL A 132 -39.78 -84.46 4.04
CA VAL A 132 -41.00 -83.92 3.46
C VAL A 132 -41.72 -83.12 4.53
N ALA A 133 -42.60 -82.22 4.10
CA ALA A 133 -43.36 -81.40 5.04
C ALA A 133 -44.31 -82.27 5.86
N CYS A 134 -45.25 -82.95 5.20
CA CYS A 134 -46.19 -83.83 5.87
C CYS A 134 -46.83 -84.73 4.82
N LEU A 135 -47.07 -85.98 5.20
CA LEU A 135 -47.75 -86.90 4.30
C LEU A 135 -49.24 -86.59 4.23
N GLY A 136 -49.81 -86.09 5.32
CA GLY A 136 -51.23 -85.86 5.41
C GLY A 136 -52.03 -87.05 5.91
N CYS A 137 -51.40 -88.22 6.08
CA CYS A 137 -52.08 -89.35 6.70
C CYS A 137 -51.67 -89.39 8.18
N CYS A 138 -52.09 -88.34 8.89
CA CYS A 138 -51.69 -88.20 10.28
C CYS A 138 -52.41 -89.19 11.19
N SER A 139 -53.48 -89.81 10.71
CA SER A 139 -54.15 -90.85 11.47
C SER A 139 -53.27 -92.08 11.64
N LEU A 140 -52.34 -92.32 10.71
CA LEU A 140 -51.42 -93.45 10.76
C LEU A 140 -50.03 -93.04 11.24
N ALA A 141 -49.90 -91.87 11.86
CA ALA A 141 -48.60 -91.33 12.18
C ALA A 141 -47.87 -92.22 13.19
N PRO A 142 -46.54 -92.40 13.06
CA PRO A 142 -45.63 -91.85 12.03
C PRO A 142 -45.74 -92.55 10.68
N VAL A 143 -45.43 -91.86 9.58
CA VAL A 143 -45.64 -92.38 8.23
C VAL A 143 -44.36 -92.21 7.42
N ILE A 144 -44.09 -93.18 6.54
CA ILE A 144 -43.02 -93.09 5.56
C ILE A 144 -43.55 -93.48 4.18
N MET A 145 -43.11 -92.75 3.17
CA MET A 145 -43.39 -93.05 1.78
C MET A 145 -42.17 -93.73 1.15
N ILE A 146 -42.41 -94.80 0.40
CA ILE A 146 -41.37 -95.50 -0.34
C ILE A 146 -41.91 -95.73 -1.74
N ASN A 147 -41.47 -94.90 -2.70
CA ASN A 147 -41.84 -95.00 -4.11
C ASN A 147 -43.36 -94.99 -4.31
N GLY A 148 -44.04 -94.16 -3.53
CA GLY A 148 -45.48 -94.07 -3.62
C GLY A 148 -46.25 -95.10 -2.83
N GLU A 149 -45.59 -95.87 -1.96
CA GLU A 149 -46.28 -96.77 -1.05
C GLU A 149 -46.08 -96.30 0.38
N ALA A 150 -47.18 -96.17 1.12
CA ALA A 150 -47.15 -95.59 2.46
C ALA A 150 -47.10 -96.67 3.52
N TYR A 151 -46.40 -96.38 4.60
CA TYR A 151 -46.34 -97.23 5.79
C TYR A 151 -46.62 -96.36 7.00
N GLY A 152 -47.67 -96.69 7.75
CA GLY A 152 -48.08 -95.90 8.89
C GLY A 152 -48.12 -96.70 10.18
N LYS A 153 -48.17 -95.99 11.32
CA LYS A 153 -48.05 -96.58 12.66
C LYS A 153 -46.75 -97.38 12.77
N LEU A 154 -45.65 -96.66 12.67
CA LEU A 154 -44.32 -97.26 12.55
C LEU A 154 -43.56 -97.17 13.87
N THR A 155 -43.00 -98.30 14.30
CA THR A 155 -41.97 -98.43 15.32
C THR A 155 -40.64 -98.71 14.63
N PRO A 156 -39.50 -98.38 15.26
CA PRO A 156 -38.20 -98.59 14.59
C PRO A 156 -37.95 -100.03 14.13
N THR A 157 -38.44 -101.01 14.90
CA THR A 157 -38.33 -102.39 14.45
C THR A 157 -39.11 -102.62 13.16
N SER A 158 -40.28 -101.97 13.02
CA SER A 158 -41.06 -102.13 11.81
C SER A 158 -40.36 -101.52 10.59
N VAL A 159 -39.75 -100.34 10.75
CA VAL A 159 -39.05 -99.74 9.61
C VAL A 159 -37.82 -100.55 9.26
N ARG A 160 -37.15 -101.12 10.27
CA ARG A 160 -36.02 -102.01 9.98
C ARG A 160 -36.47 -103.23 9.20
N LYS A 161 -37.57 -103.84 9.65
CA LYS A 161 -38.08 -105.04 8.99
C LYS A 161 -38.50 -104.73 7.55
N ILE A 162 -39.18 -103.61 7.33
CA ILE A 162 -39.61 -103.27 5.98
C ILE A 162 -38.40 -102.92 5.10
N LEU A 163 -37.33 -102.36 5.68
CA LEU A 163 -36.20 -101.99 4.84
C LEU A 163 -35.37 -103.21 4.45
N GLN A 164 -35.17 -104.18 5.35
CA GLN A 164 -34.51 -105.39 4.88
C GLN A 164 -35.44 -106.30 4.09
N ASP A 165 -36.77 -106.11 4.19
CA ASP A 165 -37.66 -106.80 3.29
C ASP A 165 -37.54 -106.25 1.88
N ILE A 166 -37.41 -104.93 1.74
CA ILE A 166 -37.15 -104.35 0.43
C ILE A 166 -35.76 -104.72 -0.04
N ALA A 167 -34.77 -104.67 0.84
CA ALA A 167 -33.40 -105.03 0.51
C ALA A 167 -33.26 -106.53 0.23
N MET B 1 -76.73 -105.39 -5.16
CA MET B 1 -75.88 -105.17 -4.00
C MET B 1 -74.71 -104.26 -4.37
N LYS B 2 -74.49 -103.23 -3.57
CA LYS B 2 -73.48 -102.22 -3.85
C LYS B 2 -72.49 -102.09 -2.70
N VAL B 3 -71.23 -101.85 -3.04
CA VAL B 3 -70.13 -101.74 -2.09
C VAL B 3 -69.30 -100.52 -2.44
N ARG B 4 -69.00 -99.70 -1.43
CA ARG B 4 -68.03 -98.61 -1.54
C ARG B 4 -66.75 -99.00 -0.82
N VAL B 5 -65.61 -98.67 -1.42
CA VAL B 5 -64.31 -98.90 -0.78
C VAL B 5 -63.61 -97.55 -0.64
N GLY B 6 -63.11 -97.28 0.57
CA GLY B 6 -62.55 -95.98 0.89
C GLY B 6 -61.14 -95.73 0.38
N LEU B 7 -60.93 -95.87 -0.93
CA LEU B 7 -59.61 -95.62 -1.51
C LEU B 7 -59.30 -94.14 -1.50
N GLY B 8 -58.21 -93.77 -0.82
CA GLY B 8 -57.76 -92.39 -0.76
C GLY B 8 -56.30 -92.33 -0.46
N SER B 9 -55.85 -91.19 0.06
CA SER B 9 -54.45 -91.04 0.46
C SER B 9 -54.14 -91.74 1.77
N CYS B 10 -55.16 -92.15 2.52
CA CYS B 10 -54.97 -92.88 3.76
C CYS B 10 -55.32 -94.35 3.64
N GLY B 11 -56.21 -94.72 2.72
CA GLY B 11 -56.49 -96.13 2.49
C GLY B 11 -55.29 -96.84 1.89
N ILE B 12 -54.56 -96.16 1.00
CA ILE B 12 -53.31 -96.70 0.47
C ILE B 12 -52.32 -96.92 1.60
N ALA B 13 -52.36 -96.08 2.63
CA ALA B 13 -51.41 -96.18 3.73
C ALA B 13 -51.57 -97.45 4.54
N ALA B 14 -52.75 -98.08 4.55
CA ALA B 14 -52.92 -99.33 5.28
C ALA B 14 -53.20 -100.51 4.35
N GLY B 15 -54.30 -100.50 3.60
CA GLY B 15 -54.57 -101.64 2.75
C GLY B 15 -55.39 -101.42 1.49
N GLY B 16 -55.66 -100.16 1.15
CA GLY B 16 -56.81 -99.86 0.28
C GLY B 16 -56.73 -100.51 -1.09
N ARG B 17 -55.59 -100.38 -1.76
CA ARG B 17 -55.48 -100.87 -3.13
C ARG B 17 -55.58 -102.40 -3.19
N LYS B 18 -54.94 -103.09 -2.25
CA LYS B 18 -55.01 -104.55 -2.26
C LYS B 18 -56.40 -105.04 -1.90
N VAL B 19 -57.13 -104.32 -1.05
CA VAL B 19 -58.49 -104.72 -0.71
C VAL B 19 -59.41 -104.51 -1.90
N MET B 20 -59.26 -103.38 -2.60
CA MET B 20 -60.09 -103.15 -3.79
C MET B 20 -59.78 -104.18 -4.88
N ASP B 21 -58.50 -104.50 -5.08
CA ASP B 21 -58.14 -105.51 -6.08
C ASP B 21 -58.67 -106.88 -5.71
N ARG B 22 -58.58 -107.26 -4.43
CA ARG B 22 -59.11 -108.56 -3.99
C ARG B 22 -60.63 -108.61 -4.16
N LEU B 23 -61.33 -107.53 -3.83
CA LEU B 23 -62.78 -107.50 -3.99
C LEU B 23 -63.17 -107.59 -5.47
N ALA B 24 -62.44 -106.89 -6.34
CA ALA B 24 -62.73 -106.96 -7.77
C ALA B 24 -62.44 -108.36 -8.31
N GLN B 25 -61.37 -108.99 -7.84
CA GLN B 25 -61.07 -110.35 -8.27
C GLN B 25 -62.15 -111.32 -7.81
N GLU B 26 -62.65 -111.16 -6.58
CA GLU B 26 -63.73 -112.02 -6.11
C GLU B 26 -65.01 -111.80 -6.90
N ILE B 27 -65.31 -110.54 -7.24
CA ILE B 27 -66.49 -110.23 -8.06
C ILE B 27 -66.37 -110.89 -9.42
N LYS B 28 -65.18 -110.80 -10.04
CA LYS B 28 -64.97 -111.41 -11.34
C LYS B 28 -65.06 -112.94 -11.26
N ASN B 29 -64.54 -113.54 -10.18
CA ASN B 29 -64.57 -114.98 -10.05
C ASN B 29 -65.97 -115.51 -9.78
N HIS B 30 -66.79 -114.75 -9.06
CA HIS B 30 -68.15 -115.19 -8.75
C HIS B 30 -69.19 -114.67 -9.73
N GLY B 31 -68.90 -113.58 -10.44
CA GLY B 31 -69.75 -113.15 -11.53
C GLY B 31 -71.05 -112.50 -11.15
N LYS B 32 -71.25 -112.15 -9.88
CA LYS B 32 -72.47 -111.48 -9.45
C LYS B 32 -72.39 -110.00 -9.78
N GLU B 33 -73.53 -109.43 -10.17
CA GLU B 33 -73.57 -108.03 -10.56
C GLU B 33 -73.47 -107.12 -9.33
N ILE B 34 -72.25 -106.81 -8.92
CA ILE B 34 -71.99 -106.01 -7.72
C ILE B 34 -71.34 -104.70 -8.15
N GLU B 35 -71.91 -103.59 -7.68
CA GLU B 35 -71.39 -102.26 -7.99
C GLU B 35 -70.31 -101.90 -6.98
N LEU B 36 -69.05 -102.01 -7.40
CA LEU B 36 -67.89 -101.70 -6.56
C LEU B 36 -67.42 -100.30 -6.90
N LEU B 37 -67.48 -99.40 -5.92
CA LEU B 37 -67.22 -97.99 -6.21
C LEU B 37 -66.11 -97.44 -5.33
N PRO B 38 -65.13 -96.76 -5.91
CA PRO B 38 -64.08 -96.11 -5.11
C PRO B 38 -64.56 -94.78 -4.55
N THR B 39 -64.45 -94.63 -3.23
CA THR B 39 -64.82 -93.39 -2.54
C THR B 39 -63.66 -92.94 -1.69
N GLY B 40 -63.70 -91.67 -1.29
CA GLY B 40 -62.68 -91.11 -0.44
C GLY B 40 -62.87 -91.49 1.02
N CYS B 41 -62.04 -90.86 1.86
CA CYS B 41 -62.13 -91.09 3.30
C CYS B 41 -63.42 -90.48 3.84
N ILE B 42 -64.15 -91.26 4.63
CA ILE B 42 -65.37 -90.75 5.27
C ILE B 42 -65.01 -89.69 6.29
N GLY B 43 -63.95 -89.91 7.06
CA GLY B 43 -63.52 -88.95 8.05
C GLY B 43 -62.94 -89.61 9.30
N MET B 44 -63.26 -90.89 9.52
CA MET B 44 -62.60 -91.63 10.58
C MET B 44 -61.59 -92.59 9.95
N CYS B 45 -60.40 -92.03 9.57
CA CYS B 45 -59.29 -92.84 8.94
C CYS B 45 -58.75 -93.84 10.00
N PHE B 46 -59.17 -93.74 11.25
CA PHE B 46 -58.63 -94.65 12.29
C PHE B 46 -58.93 -96.11 11.94
N TYR B 47 -59.96 -96.37 11.13
CA TYR B 47 -60.38 -97.77 10.85
C TYR B 47 -60.18 -98.15 9.39
N GLU B 48 -59.45 -97.35 8.61
CA GLU B 48 -59.35 -97.62 7.19
C GLU B 48 -58.44 -98.82 6.94
N PRO B 49 -58.66 -99.56 5.82
CA PRO B 49 -59.54 -99.32 4.66
C PRO B 49 -61.04 -99.42 4.91
N ILE B 50 -61.77 -98.31 4.72
CA ILE B 50 -63.20 -98.26 4.96
C ILE B 50 -63.93 -99.05 3.89
N VAL B 51 -64.79 -99.98 4.31
CA VAL B 51 -65.62 -100.75 3.40
C VAL B 51 -67.08 -100.58 3.83
N ASP B 52 -67.94 -100.26 2.87
CA ASP B 52 -69.37 -100.12 3.10
C ASP B 52 -70.13 -101.06 2.17
N VAL B 53 -71.01 -101.88 2.74
CA VAL B 53 -71.82 -102.82 1.98
C VAL B 53 -73.28 -102.51 2.25
N PHE B 54 -74.08 -102.38 1.18
CA PHE B 54 -75.48 -102.00 1.30
C PHE B 54 -76.35 -103.20 0.98
N ASP B 55 -76.95 -103.78 2.02
CA ASP B 55 -77.94 -104.84 1.87
C ASP B 55 -79.32 -104.19 1.98
N GLY B 56 -79.97 -104.02 0.84
CA GLY B 56 -81.25 -103.32 0.79
C GLY B 56 -81.12 -101.87 1.17
N ASP B 57 -81.76 -101.47 2.26
CA ASP B 57 -81.63 -100.13 2.81
C ASP B 57 -80.67 -100.07 3.98
N LYS B 58 -79.96 -101.16 4.28
CA LYS B 58 -79.06 -101.23 5.43
C LYS B 58 -77.62 -101.09 4.98
N VAL B 59 -76.84 -100.34 5.74
CA VAL B 59 -75.44 -100.06 5.42
C VAL B 59 -74.58 -100.65 6.53
N TYR B 60 -73.54 -101.39 6.14
CA TYR B 60 -72.63 -102.02 7.09
C TYR B 60 -71.20 -101.57 6.81
N SER B 61 -70.50 -101.20 7.89
CA SER B 61 -69.11 -100.78 7.83
C SER B 61 -68.31 -101.58 8.86
N TYR B 62 -67.44 -102.46 8.38
CA TYR B 62 -66.65 -103.36 9.22
C TYR B 62 -65.18 -103.33 8.79
N ALA B 63 -64.62 -102.12 8.76
CA ALA B 63 -63.32 -101.85 8.19
C ALA B 63 -62.17 -102.35 9.07
N ASN B 64 -60.95 -101.84 8.82
CA ASN B 64 -59.68 -102.46 9.23
C ASN B 64 -59.53 -103.81 8.53
N VAL B 65 -59.46 -103.75 7.20
CA VAL B 65 -59.64 -104.90 6.32
C VAL B 65 -58.37 -105.09 5.50
N THR B 66 -57.88 -106.33 5.46
CA THR B 66 -56.80 -106.74 4.57
C THR B 66 -57.38 -107.57 3.43
N ALA B 67 -56.50 -108.14 2.61
CA ALA B 67 -56.97 -108.98 1.49
C ALA B 67 -57.54 -110.29 2.05
N ASP B 68 -56.90 -110.84 3.08
CA ASP B 68 -57.45 -112.05 3.74
C ASP B 68 -58.80 -111.70 4.37
N MET B 69 -58.83 -110.63 5.17
CA MET B 69 -60.10 -110.17 5.79
C MET B 69 -61.14 -109.97 4.68
N ALA B 70 -60.70 -109.47 3.53
CA ALA B 70 -61.65 -109.21 2.41
C ALA B 70 -62.24 -110.53 1.92
N THR B 71 -61.37 -111.47 1.49
CA THR B 71 -61.85 -112.78 1.00
C THR B 71 -62.82 -113.37 2.04
N GLU B 72 -62.69 -112.95 3.30
CA GLU B 72 -63.62 -113.41 4.33
C GLU B 72 -64.95 -112.65 4.23
N ILE B 73 -64.87 -111.34 3.98
CA ILE B 73 -66.06 -110.52 3.85
C ILE B 73 -66.91 -111.01 2.69
N PHE B 74 -66.26 -111.25 1.55
CA PHE B 74 -66.98 -111.68 0.36
C PHE B 74 -67.62 -113.05 0.57
N ASN B 75 -66.90 -113.96 1.24
CA ASN B 75 -67.43 -115.30 1.43
C ASN B 75 -68.54 -115.33 2.48
N SER B 76 -68.53 -114.41 3.43
CA SER B 76 -69.48 -114.51 4.54
C SER B 76 -70.70 -113.61 4.37
N HIS B 77 -70.54 -112.44 3.77
CA HIS B 77 -71.62 -111.44 3.78
C HIS B 77 -72.23 -111.19 2.41
N ILE B 78 -71.42 -110.86 1.41
CA ILE B 78 -71.99 -110.48 0.12
C ILE B 78 -72.55 -111.69 -0.64
N ILE B 79 -72.20 -112.90 -0.24
CA ILE B 79 -72.75 -114.10 -0.83
C ILE B 79 -73.66 -114.84 0.14
N GLY B 80 -73.21 -115.02 1.39
CA GLY B 80 -73.99 -115.73 2.39
C GLY B 80 -75.01 -114.91 3.13
N GLY B 81 -74.96 -113.58 3.03
CA GLY B 81 -75.90 -112.73 3.73
C GLY B 81 -75.64 -112.56 5.20
N GLN B 82 -74.51 -113.03 5.71
CA GLN B 82 -74.22 -112.99 7.13
C GLN B 82 -73.19 -111.92 7.45
N PRO B 83 -73.56 -110.84 8.13
CA PRO B 83 -72.56 -109.84 8.55
C PRO B 83 -71.60 -110.41 9.58
N LEU B 84 -70.37 -109.89 9.55
CA LEU B 84 -69.32 -110.29 10.48
C LEU B 84 -69.33 -109.31 11.65
N THR B 85 -70.07 -109.64 12.70
CA THR B 85 -70.32 -108.71 13.80
C THR B 85 -69.08 -108.43 14.64
N GLN B 86 -68.05 -109.28 14.57
CA GLN B 86 -66.84 -109.03 15.34
C GLN B 86 -65.98 -107.92 14.75
N TYR B 87 -66.34 -107.42 13.56
CA TYR B 87 -65.61 -106.33 12.94
C TYR B 87 -66.46 -105.08 12.75
N ILE B 88 -67.76 -105.13 13.05
CA ILE B 88 -68.66 -104.02 12.79
C ILE B 88 -68.59 -103.01 13.93
N VAL B 89 -68.39 -101.74 13.59
CA VAL B 89 -68.54 -100.66 14.55
C VAL B 89 -69.68 -99.71 14.21
N SER B 90 -70.22 -99.75 12.99
CA SER B 90 -71.26 -98.81 12.60
C SER B 90 -72.20 -99.48 11.60
N THR B 91 -73.50 -99.34 11.82
CA THR B 91 -74.53 -99.80 10.92
C THR B 91 -75.47 -98.64 10.60
N THR B 92 -76.56 -98.95 9.90
CA THR B 92 -77.58 -97.94 9.64
C THR B 92 -78.31 -97.56 10.91
N GLU B 93 -78.76 -98.56 11.67
CA GLU B 93 -79.45 -98.30 12.93
C GLU B 93 -78.50 -97.88 14.04
N LYS B 94 -77.20 -98.15 13.89
CA LYS B 94 -76.18 -97.75 14.85
C LYS B 94 -75.13 -96.96 14.08
N PRO B 95 -75.39 -95.69 13.80
CA PRO B 95 -74.47 -94.90 12.96
C PRO B 95 -73.21 -94.50 13.71
N TYR B 96 -72.36 -93.72 13.06
CA TYR B 96 -71.12 -93.30 13.70
C TYR B 96 -71.40 -92.26 14.77
N THR B 97 -71.01 -92.57 16.00
CA THR B 97 -71.24 -91.66 17.11
C THR B 97 -70.45 -90.37 16.95
N ILE B 98 -69.30 -90.45 16.27
CA ILE B 98 -68.50 -89.25 16.00
C ILE B 98 -69.21 -88.35 15.00
N LEU B 99 -69.84 -88.93 13.98
CA LEU B 99 -70.53 -88.17 12.96
C LEU B 99 -71.90 -87.69 13.42
N ALA B 100 -72.38 -88.14 14.58
CA ALA B 100 -73.65 -87.66 15.10
C ALA B 100 -73.58 -86.19 15.48
N LYS B 101 -72.45 -85.76 16.05
CA LYS B 101 -72.27 -84.38 16.47
C LYS B 101 -71.65 -83.51 15.39
N GLN B 102 -71.44 -84.05 14.20
CA GLN B 102 -70.84 -83.32 13.10
C GLN B 102 -71.91 -82.84 12.14
N VAL B 103 -71.80 -81.57 11.74
CA VAL B 103 -72.66 -80.99 10.70
C VAL B 103 -71.80 -80.87 9.46
N ARG B 104 -72.00 -81.78 8.51
CA ARG B 104 -71.14 -81.90 7.33
C ARG B 104 -71.74 -81.10 6.19
N ILE B 105 -71.06 -80.02 5.80
CA ILE B 105 -71.45 -79.21 4.66
C ILE B 105 -70.42 -79.31 3.54
N ALA B 106 -69.16 -78.94 3.82
CA ALA B 106 -68.10 -79.12 2.84
C ALA B 106 -67.69 -80.57 2.71
N LEU B 107 -67.91 -81.38 3.74
CA LEU B 107 -67.59 -82.81 3.73
C LEU B 107 -68.84 -83.67 3.55
N ARG B 108 -69.90 -83.11 2.97
CA ARG B 108 -71.15 -83.83 2.82
C ARG B 108 -71.01 -85.03 1.89
N ASN B 109 -70.20 -84.91 0.85
CA ASN B 109 -70.05 -85.97 -0.14
C ASN B 109 -68.76 -86.76 0.01
N CYS B 110 -67.97 -86.50 1.04
CA CYS B 110 -66.72 -87.24 1.24
C CYS B 110 -67.01 -88.64 1.75
N GLY B 111 -66.48 -89.63 1.06
CA GLY B 111 -66.72 -91.02 1.40
C GLY B 111 -68.04 -91.58 0.95
N VAL B 112 -68.82 -90.80 0.18
CA VAL B 112 -70.13 -91.22 -0.28
C VAL B 112 -70.20 -91.32 -1.80
N ILE B 113 -69.62 -90.35 -2.50
CA ILE B 113 -69.74 -90.21 -3.94
C ILE B 113 -68.45 -90.68 -4.60
N ASP B 114 -68.59 -91.48 -5.66
CA ASP B 114 -67.48 -91.75 -6.56
C ASP B 114 -67.02 -90.43 -7.18
N PRO B 115 -65.82 -89.95 -6.82
CA PRO B 115 -65.40 -88.63 -7.30
C PRO B 115 -65.07 -88.59 -8.78
N GLU B 116 -64.86 -89.74 -9.41
CA GLU B 116 -64.47 -89.80 -10.81
C GLU B 116 -65.66 -89.91 -11.75
N ASN B 117 -66.89 -89.82 -11.23
CA ASN B 117 -68.08 -89.92 -12.05
C ASN B 117 -69.05 -88.81 -11.65
N VAL B 118 -69.63 -88.14 -12.65
CA VAL B 118 -70.50 -87.00 -12.39
C VAL B 118 -71.93 -87.44 -12.08
N ASP B 119 -72.31 -88.66 -12.45
CA ASP B 119 -73.68 -89.11 -12.25
C ASP B 119 -74.03 -89.23 -10.77
N GLU B 120 -73.08 -89.67 -9.95
CA GLU B 120 -73.32 -89.78 -8.52
C GLU B 120 -73.47 -88.39 -7.88
N TYR B 121 -72.68 -87.42 -8.34
CA TYR B 121 -72.84 -86.05 -7.85
C TYR B 121 -74.19 -85.48 -8.26
N LYS B 122 -74.62 -85.74 -9.50
CA LYS B 122 -75.92 -85.26 -9.94
C LYS B 122 -77.05 -85.94 -9.17
N ALA B 123 -76.87 -87.21 -8.80
CA ALA B 123 -77.86 -87.90 -7.98
C ALA B 123 -77.92 -87.37 -6.56
N ASN B 124 -76.87 -86.69 -6.11
CA ASN B 124 -76.81 -86.10 -4.78
C ASN B 124 -77.05 -84.59 -4.82
N ASP B 125 -77.96 -84.15 -5.69
CA ASP B 125 -78.36 -82.75 -5.83
C ASP B 125 -77.19 -81.86 -6.23
N GLY B 126 -76.27 -82.40 -7.01
CA GLY B 126 -75.13 -81.62 -7.47
C GLY B 126 -75.44 -80.82 -8.72
N TYR B 127 -74.74 -79.71 -8.86
CA TYR B 127 -74.86 -78.73 -9.94
C TYR B 127 -76.27 -78.11 -10.02
N LYS B 128 -77.11 -78.33 -9.01
CA LYS B 128 -78.41 -77.67 -8.99
C LYS B 128 -78.27 -76.21 -8.57
N ALA B 129 -77.34 -75.93 -7.65
CA ALA B 129 -77.10 -74.56 -7.23
C ALA B 129 -76.54 -73.72 -8.37
N LEU B 130 -75.66 -74.32 -9.18
CA LEU B 130 -75.13 -73.62 -10.36
C LEU B 130 -76.25 -73.30 -11.34
N SER B 131 -77.15 -74.26 -11.57
CA SER B 131 -78.28 -74.02 -12.48
C SER B 131 -79.20 -72.93 -11.94
N LYS B 132 -79.49 -72.97 -10.64
CA LYS B 132 -80.35 -71.96 -10.04
C LYS B 132 -79.71 -70.57 -10.14
N ALA B 133 -78.41 -70.47 -9.86
CA ALA B 133 -77.73 -69.18 -9.94
C ALA B 133 -77.68 -68.68 -11.39
N LEU B 134 -77.51 -69.57 -12.35
CA LEU B 134 -77.41 -69.14 -13.73
C LEU B 134 -78.76 -68.75 -14.32
N LYS B 135 -79.82 -69.46 -13.96
CA LYS B 135 -81.10 -69.28 -14.62
C LYS B 135 -82.09 -68.42 -13.85
N GLU B 136 -81.89 -68.22 -12.55
CA GLU B 136 -82.89 -67.57 -11.73
C GLU B 136 -82.37 -66.38 -10.93
N MET B 137 -81.10 -66.00 -11.07
CA MET B 137 -80.52 -65.14 -10.07
C MET B 137 -79.39 -64.32 -10.68
N THR B 138 -79.25 -63.07 -10.22
CA THR B 138 -78.25 -62.13 -10.72
C THR B 138 -76.97 -62.21 -9.90
N PRO B 139 -75.83 -61.84 -10.49
CA PRO B 139 -74.56 -61.85 -9.72
C PRO B 139 -74.59 -60.95 -8.49
N GLU B 140 -75.29 -59.81 -8.57
CA GLU B 140 -75.47 -58.98 -7.39
C GLU B 140 -76.24 -59.73 -6.31
N GLU B 141 -77.26 -60.49 -6.71
CA GLU B 141 -77.97 -61.33 -5.77
C GLU B 141 -77.07 -62.45 -5.23
N VAL B 142 -76.11 -62.92 -6.03
CA VAL B 142 -75.20 -63.95 -5.54
C VAL B 142 -74.30 -63.39 -4.45
N ILE B 143 -73.77 -62.19 -4.66
CA ILE B 143 -72.95 -61.55 -3.63
C ILE B 143 -73.79 -61.24 -2.41
N GLU B 144 -75.06 -60.84 -2.61
CA GLU B 144 -75.94 -60.57 -1.49
C GLU B 144 -76.23 -61.83 -0.68
N GLU B 145 -76.46 -62.96 -1.36
CA GLU B 145 -76.71 -64.21 -0.66
C GLU B 145 -75.48 -64.66 0.13
N ILE B 146 -74.29 -64.48 -0.46
CA ILE B 146 -73.06 -64.81 0.24
C ILE B 146 -72.89 -63.93 1.48
N LYS B 147 -73.24 -62.64 1.35
CA LYS B 147 -73.19 -61.74 2.50
C LYS B 147 -74.17 -62.14 3.58
N VAL B 148 -75.39 -62.53 3.19
CA VAL B 148 -76.42 -62.93 4.15
C VAL B 148 -75.99 -64.19 4.88
N ALA B 149 -75.33 -65.12 4.16
CA ALA B 149 -74.85 -66.34 4.79
C ALA B 149 -73.75 -66.08 5.82
N GLY B 150 -73.09 -64.92 5.76
CA GLY B 150 -71.98 -64.65 6.64
C GLY B 150 -70.76 -65.48 6.34
N LEU B 151 -70.45 -65.70 5.07
CA LEU B 151 -69.30 -66.51 4.68
C LEU B 151 -68.02 -65.76 5.00
N ARG B 152 -67.24 -66.30 5.92
CA ARG B 152 -65.89 -65.81 6.15
C ARG B 152 -64.90 -66.73 5.45
N GLY B 153 -63.74 -66.18 5.11
CA GLY B 153 -62.70 -66.96 4.48
C GLY B 153 -62.21 -68.08 5.36
N ARG B 154 -62.24 -69.30 4.84
CA ARG B 154 -61.86 -70.47 5.62
C ARG B 154 -60.35 -70.66 5.71
N GLY B 155 -59.58 -69.63 5.37
CA GLY B 155 -58.15 -69.64 5.59
C GLY B 155 -57.81 -69.12 6.97
N GLY B 156 -56.56 -68.68 7.13
CA GLY B 156 -56.12 -68.20 8.42
C GLY B 156 -56.78 -66.89 8.83
N ALA B 157 -56.96 -65.98 7.88
CA ALA B 157 -57.40 -64.62 8.18
C ALA B 157 -58.88 -64.53 8.56
N GLY B 158 -59.73 -65.37 7.96
CA GLY B 158 -61.16 -65.25 8.20
C GLY B 158 -61.78 -64.01 7.61
N PHE B 159 -61.33 -63.59 6.42
CA PHE B 159 -61.88 -62.42 5.77
C PHE B 159 -63.27 -62.72 5.21
N PRO B 160 -64.19 -61.75 5.23
CA PRO B 160 -65.51 -61.96 4.61
C PRO B 160 -65.37 -62.17 3.11
N THR B 161 -65.84 -63.33 2.64
CA THR B 161 -65.69 -63.69 1.24
C THR B 161 -66.54 -62.79 0.34
N TRP B 162 -67.70 -62.35 0.84
CA TRP B 162 -68.56 -61.49 0.03
C TRP B 162 -67.90 -60.15 -0.24
N PHE B 163 -67.10 -59.65 0.70
CA PHE B 163 -66.37 -58.42 0.46
C PHE B 163 -65.35 -58.59 -0.67
N LYS B 164 -64.61 -59.69 -0.66
CA LYS B 164 -63.65 -59.95 -1.74
C LYS B 164 -64.35 -60.10 -3.08
N TRP B 165 -65.49 -60.80 -3.08
CA TRP B 165 -66.26 -60.96 -4.31
C TRP B 165 -66.77 -59.61 -4.80
N ASN B 166 -67.29 -58.77 -3.91
CA ASN B 166 -67.78 -57.48 -4.36
C ASN B 166 -66.64 -56.61 -4.87
N ALA B 167 -65.49 -56.64 -4.18
CA ALA B 167 -64.35 -55.84 -4.57
C ALA B 167 -63.82 -56.23 -5.94
N ALA B 168 -63.74 -57.53 -6.23
CA ALA B 168 -63.28 -57.92 -7.56
C ALA B 168 -64.36 -57.73 -8.61
N ARG B 169 -65.63 -57.67 -8.21
CA ARG B 169 -66.68 -57.33 -9.19
C ARG B 169 -66.57 -55.88 -9.61
N GLN B 170 -66.41 -54.96 -8.65
CA GLN B 170 -66.34 -53.54 -8.98
C GLN B 170 -65.05 -53.16 -9.68
N SER B 171 -64.05 -54.04 -9.69
CA SER B 171 -62.77 -53.73 -10.31
C SER B 171 -62.93 -53.60 -11.82
N LYS B 172 -62.32 -52.58 -12.38
CA LYS B 172 -62.40 -52.34 -13.82
C LYS B 172 -61.50 -53.32 -14.56
N GLY B 173 -62.07 -53.97 -15.58
CA GLY B 173 -61.31 -54.88 -16.40
C GLY B 173 -62.18 -55.80 -17.23
N GLU B 174 -61.76 -56.06 -18.47
CA GLU B 174 -62.52 -56.95 -19.34
C GLU B 174 -62.24 -58.42 -19.07
N ILE B 175 -61.13 -58.74 -18.40
CA ILE B 175 -60.75 -60.11 -18.10
C ILE B 175 -60.43 -60.21 -16.61
N LYS B 176 -61.05 -61.16 -15.94
CA LYS B 176 -60.83 -61.39 -14.52
C LYS B 176 -60.54 -62.87 -14.29
N TYR B 177 -59.95 -63.18 -13.14
CA TYR B 177 -59.51 -64.53 -12.82
C TYR B 177 -60.05 -64.96 -11.47
N VAL B 178 -60.29 -66.26 -11.34
CA VAL B 178 -60.65 -66.90 -10.07
C VAL B 178 -59.62 -68.00 -9.80
N VAL B 179 -58.98 -67.93 -8.64
CA VAL B 179 -57.90 -68.83 -8.28
C VAL B 179 -58.20 -69.48 -6.95
N CYS B 180 -58.07 -70.80 -6.88
CA CYS B 180 -58.22 -71.54 -5.63
C CYS B 180 -56.84 -71.79 -5.02
N ASN B 181 -56.71 -71.47 -3.73
CA ASN B 181 -55.47 -71.71 -3.01
C ASN B 181 -55.56 -73.10 -2.38
N ALA B 182 -55.30 -74.12 -3.18
CA ALA B 182 -55.22 -75.48 -2.68
C ALA B 182 -53.85 -75.80 -2.12
N ASP B 183 -52.89 -74.87 -2.20
CA ASP B 183 -51.53 -75.06 -1.71
C ASP B 183 -51.52 -74.75 -0.22
N GLU B 184 -52.02 -75.70 0.56
CA GLU B 184 -51.98 -75.61 2.02
C GLU B 184 -50.75 -76.36 2.51
N GLY B 185 -49.91 -75.66 3.27
CA GLY B 185 -48.62 -76.20 3.66
C GLY B 185 -48.42 -76.38 5.16
N ASP B 186 -49.49 -76.36 5.93
CA ASP B 186 -49.38 -76.66 7.36
C ASP B 186 -49.22 -78.16 7.55
N PRO B 187 -48.16 -78.62 8.22
CA PRO B 187 -48.09 -80.02 8.63
C PRO B 187 -49.24 -80.34 9.59
N GLY B 188 -49.75 -81.56 9.48
CA GLY B 188 -50.89 -81.98 10.27
C GLY B 188 -52.23 -81.55 9.73
N ALA B 189 -52.25 -80.91 8.57
CA ALA B 189 -53.47 -80.36 7.98
C ALA B 189 -53.66 -80.95 6.59
N PHE B 190 -54.80 -81.63 6.38
CA PHE B 190 -55.01 -82.34 5.13
C PHE B 190 -56.45 -82.29 4.64
N MET B 191 -57.16 -81.19 4.89
CA MET B 191 -58.55 -81.11 4.46
C MET B 191 -58.69 -80.91 2.95
N ASP B 192 -57.78 -80.17 2.34
CA ASP B 192 -57.90 -79.88 0.91
C ASP B 192 -57.77 -81.15 0.09
N ARG B 193 -56.80 -82.00 0.44
CA ARG B 193 -56.61 -83.25 -0.28
C ARG B 193 -57.81 -84.17 -0.13
N SER B 194 -58.37 -84.23 1.09
CA SER B 194 -59.56 -85.04 1.30
C SER B 194 -60.74 -84.54 0.49
N VAL B 195 -60.92 -83.21 0.44
CA VAL B 195 -62.01 -82.65 -0.34
C VAL B 195 -61.80 -82.91 -1.82
N LEU B 196 -60.57 -82.73 -2.32
CA LEU B 196 -60.28 -82.91 -3.74
C LEU B 196 -60.45 -84.37 -4.15
N GLU B 197 -60.00 -85.30 -3.32
CA GLU B 197 -60.11 -86.71 -3.64
C GLU B 197 -61.50 -87.26 -3.33
N GLY B 198 -62.32 -86.50 -2.60
CA GLY B 198 -63.67 -86.94 -2.29
C GLY B 198 -64.73 -86.27 -3.13
N ASP B 199 -64.62 -84.96 -3.32
CA ASP B 199 -65.62 -84.19 -4.06
C ASP B 199 -64.96 -83.00 -4.74
N PRO B 200 -64.31 -83.24 -5.89
CA PRO B 200 -63.83 -82.10 -6.69
C PRO B 200 -64.96 -81.32 -7.33
N HIS B 201 -66.11 -81.97 -7.53
CA HIS B 201 -67.24 -81.33 -8.19
C HIS B 201 -67.80 -80.19 -7.38
N ALA B 202 -67.77 -80.29 -6.04
CA ALA B 202 -68.19 -79.18 -5.21
C ALA B 202 -67.30 -77.96 -5.42
N LEU B 203 -65.98 -78.17 -5.49
CA LEU B 203 -65.05 -77.09 -5.76
C LEU B 203 -65.30 -76.48 -7.14
N LEU B 204 -65.50 -77.32 -8.15
CA LEU B 204 -65.75 -76.82 -9.50
C LEU B 204 -67.04 -76.01 -9.57
N GLU B 205 -68.10 -76.50 -8.93
CA GLU B 205 -69.38 -75.80 -8.95
C GLU B 205 -69.28 -74.47 -8.21
N GLY B 206 -68.64 -74.47 -7.04
CA GLY B 206 -68.49 -73.23 -6.29
C GLY B 206 -67.67 -72.20 -7.04
N MET B 207 -66.60 -72.63 -7.71
CA MET B 207 -65.78 -71.69 -8.45
C MET B 207 -66.47 -71.20 -9.71
N ALA B 208 -67.30 -72.05 -10.34
CA ALA B 208 -68.11 -71.56 -11.46
C ALA B 208 -69.11 -70.53 -10.99
N ILE B 209 -69.72 -70.74 -9.82
CA ILE B 209 -70.64 -69.77 -9.25
C ILE B 209 -69.93 -68.46 -8.95
N CYS B 210 -68.71 -68.54 -8.39
CA CYS B 210 -67.94 -67.34 -8.10
C CYS B 210 -67.56 -66.61 -9.39
N GLY B 211 -67.20 -67.36 -10.43
CA GLY B 211 -66.87 -66.73 -11.70
C GLY B 211 -68.06 -66.04 -12.33
N TYR B 212 -69.25 -66.63 -12.19
CA TYR B 212 -70.46 -65.96 -12.65
C TYR B 212 -70.76 -64.71 -11.84
N ALA B 213 -70.56 -64.79 -10.53
CA ALA B 213 -70.83 -63.64 -9.66
C ALA B 213 -69.90 -62.49 -10.00
N ILE B 214 -68.63 -62.80 -10.28
CA ILE B 214 -67.63 -61.78 -10.53
C ILE B 214 -67.64 -61.33 -11.98
N GLY B 215 -67.83 -62.24 -12.92
CA GLY B 215 -67.66 -61.94 -14.32
C GLY B 215 -66.42 -62.54 -14.93
N ALA B 216 -65.75 -63.45 -14.23
CA ALA B 216 -64.53 -64.06 -14.75
C ALA B 216 -64.85 -65.24 -15.64
N ASN B 217 -63.89 -65.58 -16.50
CA ASN B 217 -64.02 -66.71 -17.42
C ASN B 217 -62.97 -67.78 -17.20
N GLU B 218 -61.75 -67.39 -16.84
CA GLU B 218 -60.66 -68.34 -16.65
C GLU B 218 -60.46 -68.62 -15.17
N GLY B 219 -60.55 -69.88 -14.80
CA GLY B 219 -60.37 -70.32 -13.41
C GLY B 219 -59.14 -71.18 -13.29
N HIS B 220 -58.40 -70.99 -12.20
CA HIS B 220 -57.15 -71.70 -11.96
C HIS B 220 -57.20 -72.39 -10.61
N ILE B 221 -56.68 -73.61 -10.54
CA ILE B 221 -56.53 -74.33 -9.29
C ILE B 221 -55.04 -74.53 -9.05
N TYR B 222 -54.52 -73.88 -8.02
CA TYR B 222 -53.10 -74.01 -7.66
C TYR B 222 -52.98 -75.12 -6.63
N CYS B 223 -52.86 -76.35 -7.13
CA CYS B 223 -52.74 -77.52 -6.28
C CYS B 223 -51.31 -78.02 -6.28
N ARG B 224 -50.89 -78.58 -5.15
CA ARG B 224 -49.52 -79.06 -5.00
C ARG B 224 -49.27 -80.26 -5.90
N ALA B 225 -48.04 -80.35 -6.42
CA ALA B 225 -47.67 -81.48 -7.28
C ALA B 225 -47.46 -82.77 -6.50
N GLU B 226 -47.47 -82.72 -5.18
CA GLU B 226 -47.29 -83.89 -4.33
C GLU B 226 -48.59 -84.64 -4.07
N TYR B 227 -49.68 -84.26 -4.75
CA TYR B 227 -50.98 -84.89 -4.57
C TYR B 227 -51.42 -85.47 -5.91
N PRO B 228 -50.89 -86.63 -6.29
CA PRO B 228 -51.15 -87.16 -7.63
C PRO B 228 -52.57 -87.68 -7.81
N LEU B 229 -53.10 -88.36 -6.80
CA LEU B 229 -54.48 -88.83 -6.87
C LEU B 229 -55.44 -87.66 -7.06
N ALA B 230 -55.15 -86.55 -6.39
CA ALA B 230 -55.98 -85.37 -6.51
C ALA B 230 -56.01 -84.83 -7.93
N ILE B 231 -54.85 -84.75 -8.59
CA ILE B 231 -54.82 -84.15 -9.93
C ILE B 231 -55.44 -85.11 -10.95
N LYS B 232 -55.28 -86.43 -10.75
CA LYS B 232 -55.96 -87.37 -11.65
C LYS B 232 -57.47 -87.26 -11.52
N ARG B 233 -57.97 -87.21 -10.27
CA ARG B 233 -59.42 -87.10 -10.07
C ARG B 233 -59.95 -85.77 -10.59
N LEU B 234 -59.16 -84.71 -10.41
CA LEU B 234 -59.55 -83.40 -10.93
C LEU B 234 -59.64 -83.41 -12.45
N GLU B 235 -58.70 -84.09 -13.11
CA GLU B 235 -58.77 -84.17 -14.57
C GLU B 235 -59.99 -84.97 -15.01
N ILE B 236 -60.29 -86.08 -14.33
CA ILE B 236 -61.48 -86.84 -14.71
C ILE B 236 -62.73 -86.00 -14.50
N ALA B 237 -62.78 -85.24 -13.40
CA ALA B 237 -63.93 -84.41 -13.10
C ALA B 237 -64.13 -83.30 -14.13
N ILE B 238 -63.04 -82.62 -14.51
CA ILE B 238 -63.18 -81.56 -15.50
C ILE B 238 -63.54 -82.13 -16.87
N ALA B 239 -63.05 -83.33 -17.20
CA ALA B 239 -63.45 -83.95 -18.46
C ALA B 239 -64.94 -84.28 -18.47
N ASP B 240 -65.45 -84.83 -17.36
CA ASP B 240 -66.87 -85.13 -17.27
C ASP B 240 -67.70 -83.86 -17.34
N ALA B 241 -67.27 -82.80 -16.67
CA ALA B 241 -68.00 -81.53 -16.72
C ALA B 241 -67.94 -80.91 -18.11
N LYS B 242 -66.83 -81.11 -18.84
CA LYS B 242 -66.73 -80.62 -20.20
C LYS B 242 -67.73 -81.35 -21.10
N GLN B 243 -67.82 -82.67 -20.97
CA GLN B 243 -68.78 -83.42 -21.78
C GLN B 243 -70.22 -83.18 -21.35
N ARG B 244 -70.45 -82.71 -20.12
CA ARG B 244 -71.80 -82.43 -19.67
C ARG B 244 -72.18 -80.96 -19.83
N ASN B 245 -71.37 -80.17 -20.54
CA ASN B 245 -71.57 -78.74 -20.77
C ASN B 245 -71.56 -77.92 -19.48
N LEU B 246 -71.13 -78.51 -18.38
CA LEU B 246 -71.08 -77.78 -17.12
C LEU B 246 -69.92 -76.79 -17.07
N LEU B 247 -68.81 -77.10 -17.74
CA LEU B 247 -67.68 -76.17 -17.86
C LEU B 247 -67.41 -75.92 -19.34
N GLY B 248 -66.93 -74.71 -19.62
CA GLY B 248 -66.60 -74.36 -21.00
C GLY B 248 -67.46 -73.24 -21.55
N LYS B 249 -67.85 -73.36 -22.81
CA LYS B 249 -68.63 -72.34 -23.48
C LYS B 249 -70.13 -72.64 -23.34
N ASN B 250 -70.90 -71.60 -23.00
CA ASN B 250 -72.36 -71.65 -22.95
C ASN B 250 -72.85 -72.71 -21.95
N ILE B 251 -72.55 -72.44 -20.68
CA ILE B 251 -72.90 -73.35 -19.60
C ILE B 251 -74.41 -73.41 -19.44
N MET B 252 -74.97 -74.61 -19.68
CA MET B 252 -76.41 -74.89 -19.54
C MET B 252 -77.28 -73.91 -20.33
N GLY B 253 -76.86 -73.60 -21.55
CA GLY B 253 -77.67 -72.77 -22.43
C GLY B 253 -77.67 -71.30 -22.10
N THR B 254 -76.86 -70.87 -21.14
CA THR B 254 -76.75 -69.47 -20.79
C THR B 254 -75.52 -68.88 -21.48
N ASN B 255 -75.58 -67.58 -21.76
CA ASN B 255 -74.52 -66.88 -22.48
C ASN B 255 -73.21 -66.81 -21.70
N PHE B 256 -73.22 -67.13 -20.41
CA PHE B 256 -72.00 -67.09 -19.61
C PHE B 256 -71.10 -68.28 -19.94
N SER B 257 -69.78 -68.00 -20.01
CA SER B 257 -68.78 -69.02 -20.30
C SER B 257 -67.71 -69.00 -19.21
N PHE B 258 -67.22 -70.17 -18.85
CA PHE B 258 -66.25 -70.31 -17.77
C PHE B 258 -65.43 -71.58 -17.99
N ASP B 259 -64.12 -71.47 -17.79
CA ASP B 259 -63.20 -72.57 -18.07
C ASP B 259 -62.38 -72.87 -16.82
N MET B 260 -61.47 -73.84 -16.96
CA MET B 260 -60.68 -74.33 -15.82
C MET B 260 -59.32 -74.78 -16.32
N LYS B 261 -58.27 -74.40 -15.58
CA LYS B 261 -56.94 -74.95 -15.77
C LYS B 261 -56.34 -75.27 -14.40
N ILE B 262 -55.52 -76.32 -14.35
CA ILE B 262 -54.89 -76.77 -13.13
C ILE B 262 -53.40 -76.50 -13.23
N LYS B 263 -52.86 -75.78 -12.24
CA LYS B 263 -51.44 -75.49 -12.16
C LYS B 263 -50.85 -76.27 -11.00
N LYS B 264 -49.76 -76.98 -11.26
CA LYS B 264 -49.11 -77.81 -10.24
C LYS B 264 -48.07 -76.96 -9.53
N GLY B 265 -48.27 -76.73 -8.24
CA GLY B 265 -47.32 -75.95 -7.46
C GLY B 265 -46.09 -76.75 -7.07
N ALA B 266 -45.04 -76.03 -6.68
CA ALA B 266 -43.79 -76.65 -6.28
C ALA B 266 -43.73 -76.98 -4.80
N GLY B 267 -44.73 -76.59 -4.02
CA GLY B 267 -44.79 -76.95 -2.61
C GLY B 267 -44.11 -75.96 -1.69
N ALA B 268 -44.36 -74.67 -1.88
CA ALA B 268 -43.80 -73.63 -1.03
C ALA B 268 -44.83 -73.17 -0.02
N PHE B 269 -44.43 -73.08 1.24
CA PHE B 269 -45.34 -72.57 2.28
C PHE B 269 -45.65 -71.10 2.04
N VAL B 270 -44.65 -70.30 1.65
CA VAL B 270 -44.84 -68.87 1.45
C VAL B 270 -45.86 -68.60 0.35
N CYS B 271 -46.07 -69.56 -0.55
CA CYS B 271 -47.10 -69.42 -1.58
C CYS B 271 -48.51 -69.50 -1.02
N GLY B 272 -48.67 -69.86 0.26
CA GLY B 272 -49.98 -69.75 0.88
C GLY B 272 -50.48 -68.32 0.93
N GLU B 273 -49.57 -67.36 0.97
CA GLU B 273 -49.93 -65.95 0.87
C GLU B 273 -50.36 -65.63 -0.56
N GLU B 274 -51.20 -64.59 -0.71
CA GLU B 274 -51.85 -64.34 -1.98
C GLU B 274 -50.89 -63.83 -3.04
N THR B 275 -50.08 -62.84 -2.70
CA THR B 275 -49.18 -62.24 -3.69
C THR B 275 -48.07 -63.21 -4.08
N ALA B 276 -47.58 -64.01 -3.13
CA ALA B 276 -46.58 -65.01 -3.47
C ALA B 276 -47.18 -66.11 -4.34
N LEU B 277 -48.45 -66.45 -4.11
CA LEU B 277 -49.13 -67.39 -4.98
C LEU B 277 -49.27 -66.84 -6.39
N ILE B 278 -49.55 -65.54 -6.50
CA ILE B 278 -49.63 -64.90 -7.81
C ILE B 278 -48.27 -64.93 -8.50
N ALA B 279 -47.20 -64.65 -7.75
CA ALA B 279 -45.85 -64.69 -8.32
C ALA B 279 -45.48 -66.10 -8.78
N SER B 280 -45.88 -67.11 -8.00
CA SER B 280 -45.62 -68.49 -8.42
C SER B 280 -46.42 -68.86 -9.65
N LEU B 281 -47.67 -68.38 -9.74
CA LEU B 281 -48.51 -68.70 -10.89
C LEU B 281 -47.98 -68.07 -12.16
N GLU B 282 -47.29 -66.94 -12.04
CA GLU B 282 -46.68 -66.28 -13.19
C GLU B 282 -45.31 -66.85 -13.54
N GLY B 283 -44.92 -67.96 -12.92
CA GLY B 283 -43.66 -68.60 -13.23
C GLY B 283 -42.43 -67.87 -12.75
N GLU B 284 -42.52 -67.19 -11.61
CA GLU B 284 -41.40 -66.49 -11.01
C GLU B 284 -41.10 -67.06 -9.63
N ARG B 285 -40.11 -66.48 -8.97
CA ARG B 285 -39.78 -66.88 -7.61
C ARG B 285 -40.83 -66.36 -6.65
N GLY B 286 -41.48 -67.26 -5.91
CA GLY B 286 -42.52 -66.87 -5.00
C GLY B 286 -42.03 -66.01 -3.86
N MET B 287 -42.37 -64.72 -3.90
CA MET B 287 -41.95 -63.78 -2.90
C MET B 287 -43.09 -62.79 -2.71
N PRO B 288 -43.45 -62.46 -1.47
CA PRO B 288 -44.54 -61.50 -1.26
C PRO B 288 -44.18 -60.12 -1.76
N ARG B 289 -45.21 -59.40 -2.22
CA ARG B 289 -45.07 -58.04 -2.71
C ARG B 289 -45.76 -57.07 -1.76
N LEU B 290 -45.68 -55.80 -2.09
CA LEU B 290 -46.23 -54.77 -1.23
C LEU B 290 -47.69 -54.49 -1.60
N LYS B 291 -48.57 -54.57 -0.61
CA LYS B 291 -49.96 -54.17 -0.72
C LYS B 291 -50.15 -52.78 -0.17
N PRO B 292 -50.91 -51.88 -0.83
CA PRO B 292 -51.65 -52.05 -2.08
C PRO B 292 -50.72 -51.97 -3.30
N PRO B 293 -51.13 -52.39 -4.52
CA PRO B 293 -52.45 -52.87 -4.95
C PRO B 293 -52.80 -54.29 -4.52
N PHE B 294 -54.05 -54.51 -4.15
CA PHE B 294 -54.52 -55.81 -3.74
C PHE B 294 -54.78 -56.69 -4.95
N PRO B 295 -54.77 -58.01 -4.78
CA PRO B 295 -55.09 -58.91 -5.91
C PRO B 295 -56.49 -58.72 -6.47
N ALA B 296 -57.43 -58.24 -5.66
CA ALA B 296 -58.78 -57.97 -6.16
C ALA B 296 -58.81 -56.81 -7.14
N GLN B 297 -57.82 -55.93 -7.10
CA GLN B 297 -57.71 -54.83 -8.06
C GLN B 297 -56.72 -55.13 -9.18
N SER B 298 -55.54 -55.64 -8.84
CA SER B 298 -54.54 -56.03 -9.83
C SER B 298 -53.84 -57.29 -9.32
N GLY B 299 -54.26 -58.44 -9.82
CA GLY B 299 -53.71 -59.71 -9.38
C GLY B 299 -52.98 -60.46 -10.47
N PHE B 300 -53.59 -61.53 -10.96
CA PHE B 300 -52.95 -62.41 -11.92
C PHE B 300 -52.75 -61.69 -13.25
N TRP B 301 -51.48 -61.52 -13.64
CA TRP B 301 -51.09 -60.86 -14.89
C TRP B 301 -51.62 -59.43 -14.98
N GLY B 302 -51.75 -58.76 -13.83
CA GLY B 302 -52.25 -57.41 -13.81
C GLY B 302 -53.76 -57.28 -13.83
N LYS B 303 -54.47 -58.35 -14.07
CA LYS B 303 -55.93 -58.38 -14.11
C LYS B 303 -56.49 -58.57 -12.70
N PRO B 304 -57.71 -58.13 -12.44
CA PRO B 304 -58.34 -58.40 -11.14
C PRO B 304 -58.49 -59.90 -10.91
N THR B 305 -58.23 -60.32 -9.67
CA THR B 305 -58.21 -61.74 -9.33
C THR B 305 -58.81 -61.94 -7.96
N ASN B 306 -59.73 -62.91 -7.85
CA ASN B 306 -60.32 -63.29 -6.58
C ASN B 306 -59.73 -64.62 -6.14
N ILE B 307 -59.16 -64.65 -4.94
CA ILE B 307 -58.45 -65.82 -4.43
C ILE B 307 -59.10 -66.25 -3.13
N ASN B 308 -59.51 -67.51 -3.06
CA ASN B 308 -60.06 -68.10 -1.85
C ASN B 308 -59.62 -69.55 -1.77
N ASN B 309 -59.60 -70.09 -0.56
CA ASN B 309 -59.20 -71.47 -0.38
C ASN B 309 -60.33 -72.41 -0.77
N VAL B 310 -60.03 -73.71 -0.73
CA VAL B 310 -60.91 -74.72 -1.29
C VAL B 310 -62.20 -74.85 -0.47
N GLU B 311 -62.11 -74.63 0.84
CA GLU B 311 -63.24 -74.92 1.73
C GLU B 311 -64.42 -74.00 1.46
N THR B 312 -64.16 -72.71 1.20
CA THR B 312 -65.24 -71.80 0.87
C THR B 312 -65.92 -72.18 -0.43
N PHE B 313 -65.13 -72.56 -1.43
CA PHE B 313 -65.70 -72.95 -2.72
C PHE B 313 -66.47 -74.25 -2.61
N ALA B 314 -66.09 -75.10 -1.65
CA ALA B 314 -66.88 -76.30 -1.39
C ALA B 314 -68.18 -75.97 -0.66
N ASN B 315 -68.14 -74.98 0.22
CA ASN B 315 -69.33 -74.61 0.96
C ASN B 315 -70.35 -73.90 0.08
N VAL B 316 -69.88 -73.15 -0.93
CA VAL B 316 -70.77 -72.27 -1.71
C VAL B 316 -71.95 -72.98 -2.34
N PRO B 317 -71.80 -74.13 -3.01
CA PRO B 317 -73.01 -74.78 -3.58
C PRO B 317 -74.05 -75.17 -2.55
N TRP B 318 -73.64 -75.61 -1.37
CA TRP B 318 -74.60 -75.97 -0.33
C TRP B 318 -75.39 -74.75 0.12
N ILE B 319 -74.72 -73.62 0.29
CA ILE B 319 -75.38 -72.39 0.69
C ILE B 319 -76.35 -71.94 -0.37
N MET B 320 -75.94 -72.00 -1.64
CA MET B 320 -76.82 -71.55 -2.72
C MET B 320 -78.04 -72.45 -2.83
N TYR B 321 -77.86 -73.77 -2.70
CA TYR B 321 -78.99 -74.68 -2.79
C TYR B 321 -79.92 -74.53 -1.59
N ASN B 322 -79.37 -74.36 -0.39
CA ASN B 322 -80.16 -74.33 0.84
C ASN B 322 -80.54 -72.92 1.29
N GLY B 323 -79.93 -71.89 0.74
CA GLY B 323 -80.22 -70.54 1.20
C GLY B 323 -79.20 -70.05 2.21
N GLY B 324 -78.93 -68.74 2.17
CA GLY B 324 -77.97 -68.16 3.08
C GLY B 324 -78.44 -68.17 4.53
N SER B 325 -79.75 -68.09 4.75
CA SER B 325 -80.28 -68.13 6.11
C SER B 325 -80.05 -69.49 6.75
N ALA B 326 -80.15 -70.56 5.96
CA ALA B 326 -79.90 -71.89 6.48
C ALA B 326 -78.45 -72.05 6.94
N TYR B 327 -77.50 -71.52 6.16
CA TYR B 327 -76.11 -71.56 6.57
C TYR B 327 -75.86 -70.65 7.76
N ALA B 328 -76.58 -69.53 7.84
CA ALA B 328 -76.42 -68.61 8.95
C ALA B 328 -77.00 -69.15 10.25
N ALA B 329 -77.85 -70.17 10.18
CA ALA B 329 -78.42 -70.78 11.38
C ALA B 329 -77.37 -71.47 12.22
N TYR B 330 -76.28 -71.96 11.61
CA TYR B 330 -75.19 -72.57 12.33
C TYR B 330 -74.16 -71.52 12.72
N GLY B 331 -73.31 -71.87 13.67
CA GLY B 331 -72.26 -70.98 14.11
C GLY B 331 -72.76 -69.95 15.11
N THR B 332 -71.96 -68.89 15.25
CA THR B 332 -72.23 -67.82 16.20
C THR B 332 -72.71 -66.57 15.45
N GLU B 333 -72.90 -65.50 16.22
CA GLU B 333 -73.41 -64.25 15.64
C GLU B 333 -72.35 -63.54 14.80
N LYS B 334 -71.07 -63.84 15.03
CA LYS B 334 -70.00 -63.25 14.25
C LYS B 334 -69.28 -64.25 13.36
N SER B 335 -69.43 -65.56 13.61
CA SER B 335 -68.87 -66.59 12.75
C SER B 335 -69.96 -67.62 12.50
N LYS B 336 -70.38 -67.74 11.25
CA LYS B 336 -71.54 -68.54 10.87
C LYS B 336 -71.12 -69.75 10.03
N GLY B 337 -71.79 -70.88 10.28
CA GLY B 337 -71.59 -72.06 9.47
C GLY B 337 -70.83 -73.21 10.09
N THR B 338 -70.01 -73.90 9.28
CA THR B 338 -69.27 -75.07 9.71
C THR B 338 -67.84 -75.00 9.21
N LYS B 339 -66.93 -75.59 10.00
CA LYS B 339 -65.51 -75.61 9.67
C LYS B 339 -64.97 -77.03 9.82
N VAL B 340 -64.12 -77.44 8.88
CA VAL B 340 -63.48 -78.75 8.91
C VAL B 340 -62.13 -78.63 9.60
N PHE B 341 -61.82 -79.59 10.45
CA PHE B 341 -60.59 -79.60 11.23
C PHE B 341 -59.86 -80.92 11.04
N ALA B 342 -58.55 -80.84 10.83
CA ALA B 342 -57.70 -82.01 10.79
C ALA B 342 -57.23 -82.31 12.20
N LEU B 343 -57.87 -83.30 12.84
CA LEU B 343 -57.64 -83.62 14.24
C LEU B 343 -56.63 -84.75 14.33
N ALA B 344 -55.48 -84.47 14.93
CA ALA B 344 -54.42 -85.47 15.03
C ALA B 344 -53.67 -85.28 16.33
N GLY B 345 -52.55 -85.99 16.47
CA GLY B 345 -51.72 -85.87 17.65
C GLY B 345 -51.92 -86.99 18.66
N LYS B 346 -51.82 -86.65 19.94
CA LYS B 346 -52.03 -87.62 21.02
C LYS B 346 -53.53 -87.73 21.31
N ILE B 347 -54.24 -88.36 20.37
CA ILE B 347 -55.67 -88.53 20.47
C ILE B 347 -56.03 -89.95 20.06
N LYS B 348 -57.17 -90.43 20.54
CA LYS B 348 -57.63 -91.77 20.19
C LYS B 348 -58.19 -91.81 18.77
N ASN B 349 -59.21 -91.00 18.50
CA ASN B 349 -59.92 -91.01 17.22
C ASN B 349 -59.48 -89.80 16.41
N GLY B 350 -58.45 -89.99 15.58
CA GLY B 350 -58.00 -88.94 14.71
C GLY B 350 -58.63 -89.02 13.33
N GLY B 351 -58.35 -88.00 12.51
CA GLY B 351 -58.85 -87.94 11.17
C GLY B 351 -59.34 -86.55 10.83
N LEU B 352 -60.44 -86.50 10.08
CA LEU B 352 -61.05 -85.26 9.65
C LEU B 352 -62.40 -85.09 10.32
N VAL B 353 -62.58 -83.98 11.02
CA VAL B 353 -63.82 -83.69 11.74
C VAL B 353 -64.44 -82.44 11.13
N GLU B 354 -65.71 -82.22 11.42
CA GLU B 354 -66.42 -81.04 10.96
C GLU B 354 -67.33 -80.54 12.08
N VAL B 355 -67.13 -79.30 12.50
CA VAL B 355 -67.90 -78.76 13.62
C VAL B 355 -68.43 -77.38 13.29
N PRO B 356 -69.59 -76.99 13.81
CA PRO B 356 -70.02 -75.59 13.67
C PRO B 356 -69.29 -74.71 14.67
N MET B 357 -69.28 -73.41 14.41
CA MET B 357 -68.67 -72.51 15.39
C MET B 357 -69.52 -72.41 16.65
N GLY B 358 -68.85 -72.11 17.76
CA GLY B 358 -69.46 -72.04 19.06
C GLY B 358 -69.23 -73.28 19.89
N MET B 359 -68.88 -74.41 19.28
CA MET B 359 -68.61 -75.62 20.03
C MET B 359 -67.31 -75.49 20.80
N SER B 360 -67.31 -75.94 22.05
CA SER B 360 -66.12 -75.85 22.88
C SER B 360 -65.07 -76.83 22.40
N LEU B 361 -63.81 -76.51 22.70
CA LEU B 361 -62.70 -77.37 22.30
C LEU B 361 -62.70 -78.67 23.10
N ARG B 362 -63.26 -78.63 24.30
CA ARG B 362 -63.45 -79.85 25.09
C ARG B 362 -64.38 -80.83 24.38
N GLU B 363 -65.44 -80.32 23.77
CA GLU B 363 -66.37 -81.17 23.02
C GLU B 363 -65.67 -81.83 21.84
N VAL B 364 -64.86 -81.06 21.10
CA VAL B 364 -64.17 -81.60 19.93
C VAL B 364 -63.15 -82.65 20.36
N ILE B 365 -62.39 -82.36 21.42
CA ILE B 365 -61.33 -83.28 21.82
C ILE B 365 -61.91 -84.55 22.44
N TYR B 366 -62.95 -84.42 23.26
CA TYR B 366 -63.45 -85.54 24.04
C TYR B 366 -64.63 -86.26 23.40
N ASP B 367 -65.69 -85.52 23.04
CA ASP B 367 -66.91 -86.16 22.54
C ASP B 367 -66.67 -86.83 21.20
N ILE B 368 -66.01 -86.15 20.28
CA ILE B 368 -65.77 -86.71 18.96
C ILE B 368 -64.37 -87.31 18.86
N GLY B 369 -63.37 -86.65 19.45
CA GLY B 369 -62.02 -87.18 19.39
C GLY B 369 -61.78 -88.40 20.26
N GLY B 370 -62.68 -88.69 21.18
CA GLY B 370 -62.57 -89.88 22.01
C GLY B 370 -61.63 -89.76 23.19
N GLY B 371 -61.06 -88.58 23.42
CA GLY B 371 -60.13 -88.40 24.51
C GLY B 371 -58.68 -88.59 24.09
N ILE B 372 -57.81 -88.54 25.08
CA ILE B 372 -56.37 -88.63 24.88
C ILE B 372 -55.99 -90.09 24.68
N LEU B 373 -55.04 -90.33 23.78
CA LEU B 373 -54.54 -91.69 23.56
C LEU B 373 -53.86 -92.22 24.81
N ASN B 374 -54.02 -93.53 25.05
CA ASN B 374 -53.43 -94.25 26.18
C ASN B 374 -53.90 -93.72 27.54
N ASP B 375 -55.04 -93.03 27.55
CA ASP B 375 -55.69 -92.54 28.77
C ASP B 375 -54.78 -91.63 29.59
N ARG B 376 -53.88 -90.90 28.94
CA ARG B 376 -53.05 -89.93 29.62
C ARG B 376 -53.84 -88.63 29.82
N GLU B 377 -53.17 -87.64 30.40
CA GLU B 377 -53.81 -86.36 30.68
C GLU B 377 -53.63 -85.40 29.52
N PHE B 378 -54.67 -84.64 29.23
CA PHE B 378 -54.57 -83.59 28.22
C PHE B 378 -53.72 -82.45 28.73
N LYS B 379 -52.76 -82.02 27.92
CA LYS B 379 -51.85 -80.95 28.31
C LYS B 379 -52.04 -79.71 27.45
N ALA B 380 -52.03 -79.84 26.13
CA ALA B 380 -52.17 -78.68 25.26
C ALA B 380 -52.68 -79.12 23.90
N VAL B 381 -53.00 -78.14 23.06
CA VAL B 381 -53.50 -78.41 21.72
C VAL B 381 -53.06 -77.30 20.79
N GLN B 382 -52.35 -77.65 19.73
CA GLN B 382 -51.84 -76.69 18.78
C GLN B 382 -52.85 -76.47 17.66
N MET B 383 -53.21 -75.20 17.43
CA MET B 383 -54.18 -74.81 16.43
C MET B 383 -53.60 -73.71 15.56
N GLY B 384 -53.84 -73.82 14.26
CA GLY B 384 -53.28 -72.89 13.29
C GLY B 384 -51.99 -73.36 12.66
N GLY B 385 -51.57 -74.60 12.89
CA GLY B 385 -50.35 -75.12 12.32
C GLY B 385 -49.12 -74.51 12.97
N PRO B 386 -47.98 -74.62 12.30
CA PRO B 386 -46.74 -74.07 12.87
C PRO B 386 -46.71 -72.56 12.95
N SER B 387 -47.71 -71.86 12.41
CA SER B 387 -47.87 -70.45 12.65
C SER B 387 -48.88 -70.16 13.74
N GLY B 388 -49.49 -71.19 14.31
CA GLY B 388 -50.55 -71.04 15.29
C GLY B 388 -50.04 -71.02 16.72
N GLY B 389 -50.90 -71.42 17.64
CA GLY B 389 -50.59 -71.36 19.05
C GLY B 389 -51.02 -72.63 19.77
N CYS B 390 -50.48 -72.78 20.99
CA CYS B 390 -50.72 -73.96 21.82
C CYS B 390 -51.67 -73.58 22.96
N ILE B 391 -52.93 -73.95 22.81
CA ILE B 391 -53.96 -73.67 23.81
C ILE B 391 -53.75 -74.64 24.98
N PRO B 392 -53.66 -74.15 26.21
CA PRO B 392 -53.37 -75.03 27.35
C PRO B 392 -54.64 -75.69 27.86
N LYS B 393 -54.49 -76.41 28.98
CA LYS B 393 -55.61 -77.14 29.57
C LYS B 393 -56.60 -76.20 30.25
N GLN B 394 -56.12 -75.05 30.76
CA GLN B 394 -57.01 -74.14 31.46
C GLN B 394 -57.98 -73.42 30.53
N LEU B 395 -57.70 -73.39 29.23
CA LEU B 395 -58.59 -72.80 28.24
C LEU B 395 -59.24 -73.88 27.37
N LEU B 396 -59.55 -75.03 27.97
CA LEU B 396 -60.11 -76.16 27.27
C LEU B 396 -61.57 -75.95 26.87
N ASP B 397 -62.25 -74.96 27.45
CA ASP B 397 -63.66 -74.70 27.17
C ASP B 397 -63.86 -73.52 26.23
N THR B 398 -62.82 -73.08 25.54
CA THR B 398 -62.97 -71.97 24.60
C THR B 398 -63.72 -72.44 23.36
N PRO B 399 -64.80 -71.76 22.97
CA PRO B 399 -65.52 -72.15 21.75
C PRO B 399 -64.66 -71.95 20.50
N VAL B 400 -64.89 -72.80 19.51
CA VAL B 400 -64.10 -72.73 18.28
C VAL B 400 -64.75 -71.70 17.35
N ASP B 401 -64.04 -70.59 17.16
CA ASP B 401 -64.40 -69.50 16.27
C ASP B 401 -63.24 -68.53 16.27
N TYR B 402 -63.21 -67.66 15.24
CA TYR B 402 -61.99 -66.92 14.92
C TYR B 402 -61.53 -66.02 16.07
N ASP B 403 -62.44 -65.20 16.59
CA ASP B 403 -62.06 -64.20 17.59
C ASP B 403 -61.71 -64.84 18.93
N SER B 404 -62.40 -65.91 19.31
CA SER B 404 -62.10 -66.54 20.59
C SER B 404 -60.70 -67.15 20.62
N ILE B 405 -60.32 -67.85 19.56
CA ILE B 405 -58.98 -68.41 19.51
C ILE B 405 -57.94 -67.35 19.18
N ASN B 406 -58.36 -66.23 18.59
CA ASN B 406 -57.45 -65.10 18.43
C ASN B 406 -57.16 -64.44 19.77
N LYS B 407 -58.14 -64.43 20.68
CA LYS B 407 -57.94 -63.86 22.00
C LYS B 407 -56.98 -64.69 22.85
N THR B 408 -56.81 -65.97 22.54
CA THR B 408 -55.90 -66.83 23.28
C THR B 408 -54.50 -66.84 22.71
N GLY B 409 -54.22 -66.03 21.69
CA GLY B 409 -52.91 -65.98 21.08
C GLY B 409 -52.71 -66.89 19.88
N ALA B 410 -53.67 -67.76 19.59
CA ALA B 410 -53.57 -68.65 18.45
C ALA B 410 -54.36 -68.08 17.27
N ILE B 411 -54.36 -68.82 16.17
CA ILE B 411 -55.11 -68.44 14.97
C ILE B 411 -55.81 -69.69 14.44
N MET B 412 -56.73 -69.45 13.51
CA MET B 412 -57.46 -70.56 12.90
C MET B 412 -56.58 -71.38 11.99
N GLY B 413 -55.82 -70.72 11.11
CA GLY B 413 -55.12 -71.45 10.08
C GLY B 413 -56.09 -72.10 9.13
N SER B 414 -55.71 -73.25 8.58
CA SER B 414 -56.62 -74.03 7.77
C SER B 414 -57.38 -75.07 8.57
N GLY B 415 -57.05 -75.26 9.85
CA GLY B 415 -57.80 -76.17 10.69
C GLY B 415 -57.00 -77.35 11.19
N GLY B 416 -55.69 -77.18 11.37
CA GLY B 416 -54.88 -78.25 11.89
C GLY B 416 -54.81 -78.25 13.41
N MET B 417 -55.44 -79.23 14.06
CA MET B 417 -55.55 -79.26 15.51
C MET B 417 -54.83 -80.51 16.00
N ILE B 418 -53.78 -80.31 16.79
CA ILE B 418 -52.91 -81.38 17.26
C ILE B 418 -53.02 -81.47 18.78
N VAL B 419 -53.31 -82.66 19.29
CA VAL B 419 -53.50 -82.86 20.72
C VAL B 419 -52.19 -83.31 21.34
N MET B 420 -51.86 -82.75 22.51
CA MET B 420 -50.60 -82.93 23.19
C MET B 420 -50.85 -83.35 24.63
N ASP B 421 -50.28 -84.49 25.02
CA ASP B 421 -50.37 -85.01 26.36
C ASP B 421 -49.20 -84.49 27.21
N GLU B 422 -49.13 -84.96 28.44
CA GLU B 422 -48.12 -84.48 29.39
C GLU B 422 -46.72 -85.00 29.07
N THR B 423 -46.59 -85.95 28.17
CA THR B 423 -45.30 -86.56 27.85
C THR B 423 -44.51 -85.78 26.80
N THR B 424 -45.06 -84.69 26.28
CA THR B 424 -44.39 -83.89 25.25
C THR B 424 -44.09 -82.51 25.80
N CYS B 425 -42.84 -82.09 25.66
CA CYS B 425 -42.38 -80.81 26.19
C CYS B 425 -42.75 -79.68 25.24
N MET B 426 -43.19 -78.56 25.81
CA MET B 426 -43.59 -77.44 24.97
C MET B 426 -42.40 -76.70 24.39
N VAL B 427 -41.25 -76.76 25.05
CA VAL B 427 -40.06 -76.08 24.54
C VAL B 427 -39.60 -76.71 23.25
N ASP B 428 -39.56 -78.04 23.23
CA ASP B 428 -39.17 -78.76 22.02
C ASP B 428 -40.17 -78.55 20.89
N MET B 429 -41.46 -78.45 21.21
CA MET B 429 -42.43 -78.19 20.16
C MET B 429 -42.33 -76.76 19.61
N ALA B 430 -42.06 -75.78 20.46
CA ALA B 430 -41.80 -74.43 19.97
C ALA B 430 -40.57 -74.41 19.09
N ARG B 431 -39.52 -75.16 19.48
CA ARG B 431 -38.33 -75.26 18.65
C ARG B 431 -38.65 -75.93 17.31
N PHE B 432 -39.52 -76.93 17.32
CA PHE B 432 -39.89 -77.62 16.09
C PHE B 432 -40.64 -76.68 15.14
N PHE B 433 -41.63 -75.96 15.66
CA PHE B 433 -42.39 -75.04 14.81
C PHE B 433 -41.50 -73.91 14.30
N LEU B 434 -40.59 -73.43 15.13
CA LEU B 434 -39.66 -72.40 14.71
C LEU B 434 -38.72 -72.91 13.64
N ASP B 435 -38.28 -74.17 13.75
CA ASP B 435 -37.42 -74.75 12.73
C ASP B 435 -38.16 -74.88 11.41
N PHE B 436 -39.44 -75.27 11.46
CA PHE B 436 -40.22 -75.34 10.24
C PHE B 436 -40.37 -73.96 9.60
N THR B 437 -40.61 -72.93 10.43
CA THR B 437 -40.73 -71.58 9.90
C THR B 437 -39.41 -71.11 9.30
N VAL B 438 -38.29 -71.45 9.94
CA VAL B 438 -36.98 -71.08 9.43
C VAL B 438 -36.71 -71.74 8.08
N LYS B 439 -37.09 -73.01 7.95
CA LYS B 439 -36.85 -73.71 6.69
C LYS B 439 -37.70 -73.16 5.55
N GLU B 440 -38.87 -72.59 5.86
CA GLU B 440 -39.82 -72.16 4.83
C GLU B 440 -39.81 -70.66 4.60
N SER B 441 -38.84 -69.93 5.14
CA SER B 441 -38.78 -68.49 4.94
C SER B 441 -38.14 -68.17 3.60
N CYS B 442 -38.72 -67.21 2.89
CA CYS B 442 -38.18 -66.83 1.58
C CYS B 442 -37.00 -65.89 1.68
N GLY B 443 -36.75 -65.31 2.85
CA GLY B 443 -35.56 -64.49 3.03
C GLY B 443 -35.54 -63.18 2.28
N LYS B 444 -36.62 -62.41 2.36
CA LYS B 444 -36.66 -61.09 1.74
C LYS B 444 -36.40 -59.98 2.76
N CYS B 445 -37.17 -59.92 3.82
CA CYS B 445 -37.00 -58.89 4.83
C CYS B 445 -36.05 -59.37 5.92
N ILE B 446 -35.51 -58.41 6.67
CA ILE B 446 -34.52 -58.72 7.68
C ILE B 446 -35.16 -59.49 8.82
N TYR B 447 -36.39 -59.13 9.19
CA TYR B 447 -36.97 -59.65 10.42
C TYR B 447 -37.25 -61.15 10.34
N CYS B 448 -37.74 -61.62 9.20
CA CYS B 448 -38.08 -63.03 9.10
C CYS B 448 -36.86 -63.92 8.94
N ARG B 449 -35.79 -63.42 8.33
CA ARG B 449 -34.61 -64.26 8.09
C ARG B 449 -33.73 -64.36 9.33
N ILE B 450 -33.13 -63.23 9.70
CA ILE B 450 -32.16 -63.22 10.78
C ILE B 450 -32.85 -63.41 12.13
N GLY B 451 -34.01 -62.78 12.30
CA GLY B 451 -34.73 -62.88 13.56
C GLY B 451 -35.14 -64.29 13.90
N THR B 452 -35.74 -64.99 12.94
CA THR B 452 -36.16 -66.36 13.21
C THR B 452 -34.97 -67.28 13.37
N LYS B 453 -33.87 -67.03 12.65
CA LYS B 453 -32.69 -67.86 12.89
C LYS B 453 -32.14 -67.66 14.29
N ARG B 454 -32.08 -66.41 14.76
CA ARG B 454 -31.60 -66.16 16.12
C ARG B 454 -32.51 -66.81 17.15
N MET B 455 -33.82 -66.74 16.92
CA MET B 455 -34.78 -67.40 17.79
C MET B 455 -34.56 -68.91 17.83
N LEU B 456 -34.32 -69.52 16.67
CA LEU B 456 -34.09 -70.95 16.63
C LEU B 456 -32.81 -71.32 17.37
N GLU B 457 -31.79 -70.48 17.25
CA GLU B 457 -30.55 -70.72 17.99
C GLU B 457 -30.81 -70.69 19.49
N ILE B 458 -31.58 -69.71 19.94
CA ILE B 458 -31.85 -69.56 21.38
C ILE B 458 -32.64 -70.75 21.90
N LEU B 459 -33.68 -71.16 21.15
CA LEU B 459 -34.49 -72.29 21.58
C LEU B 459 -33.68 -73.59 21.57
N GLU B 460 -32.81 -73.76 20.58
CA GLU B 460 -31.94 -74.93 20.56
C GLU B 460 -31.02 -74.93 21.76
N ARG B 461 -30.51 -73.75 22.14
CA ARG B 461 -29.63 -73.63 23.29
C ARG B 461 -30.35 -74.02 24.58
N ILE B 462 -31.62 -73.59 24.70
CA ILE B 462 -32.39 -73.96 25.88
C ILE B 462 -32.63 -75.46 25.92
N THR B 463 -33.02 -76.05 24.78
CA THR B 463 -33.32 -77.47 24.75
C THR B 463 -32.10 -78.34 24.99
N THR B 464 -30.94 -77.93 24.47
CA THR B 464 -29.76 -78.78 24.63
C THR B 464 -29.10 -78.63 25.99
N GLY B 465 -29.62 -77.81 26.89
CA GLY B 465 -29.05 -77.64 28.19
C GLY B 465 -28.06 -76.50 28.32
N GLU B 466 -27.94 -75.66 27.29
CA GLU B 466 -27.06 -74.50 27.34
C GLU B 466 -27.84 -73.20 27.47
N GLY B 467 -29.09 -73.26 27.92
CA GLY B 467 -29.87 -72.05 28.09
C GLY B 467 -29.31 -71.19 29.20
N ARG B 468 -29.20 -69.90 28.93
CA ARG B 468 -28.65 -68.94 29.87
C ARG B 468 -29.75 -68.06 30.43
N GLU B 469 -29.44 -67.39 31.54
CA GLU B 469 -30.41 -66.52 32.18
C GLU B 469 -30.67 -65.30 31.31
N GLY B 470 -31.94 -64.89 31.24
CA GLY B 470 -32.34 -63.79 30.40
C GLY B 470 -32.73 -64.16 28.99
N ASP B 471 -32.69 -65.45 28.63
CA ASP B 471 -33.00 -65.86 27.27
C ASP B 471 -34.49 -65.74 26.98
N ILE B 472 -35.32 -65.86 28.01
CA ILE B 472 -36.76 -65.65 27.83
C ILE B 472 -37.03 -64.19 27.47
N GLU B 473 -36.27 -63.27 28.05
CA GLU B 473 -36.40 -61.86 27.69
C GLU B 473 -36.01 -61.61 26.24
N GLU B 474 -34.94 -62.26 25.79
CA GLU B 474 -34.53 -62.15 24.39
C GLU B 474 -35.60 -62.71 23.47
N LEU B 475 -36.19 -63.85 23.86
CA LEU B 475 -37.26 -64.45 23.07
C LEU B 475 -38.46 -63.51 22.97
N GLU B 476 -38.86 -62.87 24.07
CA GLU B 476 -40.08 -62.09 23.98
C GLU B 476 -39.86 -60.80 23.20
N GLU B 477 -38.67 -60.19 23.34
CA GLU B 477 -38.42 -58.98 22.55
C GLU B 477 -38.25 -59.29 21.07
N LEU B 478 -37.59 -60.42 20.75
CA LEU B 478 -37.53 -60.84 19.36
C LEU B 478 -38.91 -61.12 18.81
N SER B 479 -39.80 -61.68 19.64
CA SER B 479 -41.16 -61.95 19.18
C SER B 479 -41.90 -60.67 18.84
N ILE B 480 -41.81 -59.67 19.71
CA ILE B 480 -42.50 -58.41 19.45
C ILE B 480 -41.95 -57.75 18.20
N SER B 481 -40.62 -57.71 18.06
CA SER B 481 -40.02 -57.02 16.92
C SER B 481 -40.31 -57.75 15.61
N ILE B 482 -40.23 -59.08 15.60
CA ILE B 482 -40.50 -59.84 14.38
C ILE B 482 -41.97 -59.71 13.99
N LYS B 483 -42.88 -59.75 14.97
CA LYS B 483 -44.29 -59.56 14.67
C LYS B 483 -44.55 -58.18 14.11
N ASP B 484 -43.85 -57.17 14.61
CA ASP B 484 -44.09 -55.81 14.14
C ASP B 484 -43.36 -55.48 12.84
N GLY B 485 -42.38 -56.27 12.43
CA GLY B 485 -41.57 -55.87 11.30
C GLY B 485 -41.67 -56.67 10.02
N SER B 486 -42.33 -57.83 10.07
CA SER B 486 -42.33 -58.71 8.91
C SER B 486 -43.23 -58.15 7.81
N LEU B 487 -42.95 -58.56 6.58
CA LEU B 487 -43.75 -58.13 5.44
C LEU B 487 -45.07 -58.87 5.39
N CYS B 488 -45.02 -60.18 5.23
CA CYS B 488 -46.22 -60.97 5.01
C CYS B 488 -46.65 -61.62 6.32
N GLY B 489 -47.71 -62.44 6.23
CA GLY B 489 -48.24 -63.08 7.41
C GLY B 489 -47.41 -64.26 7.90
N LEU B 490 -46.50 -64.76 7.08
CA LEU B 490 -45.65 -65.87 7.51
C LEU B 490 -44.70 -65.43 8.61
N GLY B 491 -44.12 -64.24 8.49
CA GLY B 491 -43.23 -63.76 9.53
C GLY B 491 -43.97 -63.07 10.66
N GLN B 492 -45.14 -62.51 10.38
CA GLN B 492 -45.92 -61.87 11.43
C GLN B 492 -46.46 -62.89 12.43
N THR B 493 -46.92 -64.03 11.96
CA THR B 493 -47.40 -65.09 12.82
C THR B 493 -46.32 -66.09 13.19
N ALA B 494 -45.08 -65.84 12.77
CA ALA B 494 -43.98 -66.75 13.11
C ALA B 494 -43.72 -66.90 14.61
N PRO B 495 -43.68 -65.84 15.43
CA PRO B 495 -43.43 -66.05 16.86
C PRO B 495 -44.64 -66.48 17.66
N ASN B 496 -45.76 -66.81 17.01
CA ASN B 496 -46.95 -67.26 17.73
C ASN B 496 -46.73 -68.54 18.55
N PRO B 497 -46.10 -69.60 18.03
CA PRO B 497 -45.87 -70.77 18.90
C PRO B 497 -44.98 -70.46 20.09
N VAL B 498 -44.00 -69.56 19.94
CA VAL B 498 -43.08 -69.31 21.05
C VAL B 498 -43.78 -68.53 22.15
N LEU B 499 -44.34 -67.36 21.80
CA LEU B 499 -44.90 -66.45 22.79
C LEU B 499 -46.02 -67.11 23.58
N THR B 500 -46.94 -67.79 22.87
CA THR B 500 -48.01 -68.52 23.54
C THR B 500 -47.45 -69.58 24.47
N THR B 501 -46.45 -70.35 24.02
CA THR B 501 -45.89 -71.36 24.89
C THR B 501 -45.09 -70.73 26.02
N ILE B 502 -44.68 -69.47 25.86
CA ILE B 502 -44.24 -68.67 27.01
C ILE B 502 -45.40 -68.51 27.97
N ARG B 503 -46.48 -67.86 27.49
CA ARG B 503 -47.52 -67.31 28.34
C ARG B 503 -48.23 -68.37 29.17
N TYR B 504 -48.17 -69.62 28.73
CA TYR B 504 -48.83 -70.70 29.45
C TYR B 504 -47.88 -71.75 29.99
N PHE B 505 -46.59 -71.72 29.64
CA PHE B 505 -45.71 -72.81 30.06
C PHE B 505 -44.33 -72.29 30.48
N ARG B 506 -44.30 -71.04 30.97
CA ARG B 506 -43.04 -70.39 31.32
C ARG B 506 -42.21 -71.21 32.31
N ASP B 507 -42.89 -71.91 33.22
CA ASP B 507 -42.21 -72.72 34.22
C ASP B 507 -41.32 -73.77 33.58
N GLU B 508 -41.79 -74.38 32.49
CA GLU B 508 -40.97 -75.37 31.79
C GLU B 508 -39.67 -74.76 31.30
N TYR B 509 -39.74 -73.55 30.73
CA TYR B 509 -38.53 -72.83 30.36
C TYR B 509 -37.62 -72.64 31.55
N GLU B 510 -38.20 -72.25 32.69
CA GLU B 510 -37.40 -72.14 33.90
C GLU B 510 -36.80 -73.49 34.27
N ALA B 511 -37.60 -74.55 34.15
CA ALA B 511 -37.10 -75.89 34.43
C ALA B 511 -36.01 -76.28 33.44
N HIS B 512 -36.04 -75.67 32.25
CA HIS B 512 -35.01 -75.98 31.26
C HIS B 512 -33.80 -75.07 31.44
N ILE B 513 -33.93 -73.98 32.18
CA ILE B 513 -32.81 -73.04 32.28
C ILE B 513 -32.06 -73.24 33.60
N ARG B 514 -32.77 -73.19 34.72
CA ARG B 514 -32.12 -73.22 36.02
C ARG B 514 -31.92 -74.63 36.56
N ASP B 515 -32.63 -75.62 36.03
CA ASP B 515 -32.55 -76.98 36.56
C ASP B 515 -31.89 -77.97 35.61
N LYS B 516 -31.88 -77.68 34.30
CA LYS B 516 -31.41 -78.60 33.27
C LYS B 516 -32.18 -79.92 33.30
N LYS B 517 -33.46 -79.85 33.63
CA LYS B 517 -34.34 -81.01 33.64
C LYS B 517 -35.57 -80.73 32.79
N CYS B 518 -35.92 -81.68 31.92
CA CYS B 518 -37.12 -81.57 31.12
C CYS B 518 -38.24 -82.32 31.81
N PRO B 519 -39.30 -81.65 32.25
CA PRO B 519 -40.39 -82.36 32.95
C PRO B 519 -41.07 -83.43 32.11
N ALA B 520 -41.18 -83.24 30.80
CA ALA B 520 -41.87 -84.20 29.94
C ALA B 520 -40.98 -85.35 29.51
N LYS B 521 -39.70 -85.34 29.91
CA LYS B 521 -38.74 -86.42 29.66
C LYS B 521 -38.55 -86.67 28.16
N SER B 522 -38.40 -85.59 27.40
CA SER B 522 -38.25 -85.69 25.96
C SER B 522 -36.90 -85.22 25.44
N CYS B 523 -36.25 -84.28 26.12
CA CYS B 523 -34.98 -83.72 25.66
C CYS B 523 -33.84 -84.62 26.14
N LYS B 524 -33.24 -85.37 25.22
CA LYS B 524 -32.24 -86.38 25.55
C LYS B 524 -30.99 -85.76 26.18
N PRO B 525 -30.53 -84.56 25.76
CA PRO B 525 -29.51 -83.87 26.56
C PRO B 525 -29.90 -83.66 28.02
N LEU B 526 -31.17 -83.37 28.29
CA LEU B 526 -31.62 -83.07 29.65
C LEU B 526 -32.05 -84.32 30.40
N LEU B 527 -31.94 -85.50 29.80
CA LEU B 527 -32.28 -86.74 30.47
C LEU B 527 -31.11 -87.23 31.31
N THR B 528 -31.42 -87.68 32.52
CA THR B 528 -30.44 -88.29 33.41
C THR B 528 -30.93 -89.68 33.78
N TYR B 529 -30.09 -90.69 33.51
CA TYR B 529 -30.45 -92.08 33.77
C TYR B 529 -29.82 -92.52 35.09
N THR B 530 -30.64 -92.93 36.03
CA THR B 530 -30.16 -93.44 37.31
C THR B 530 -30.75 -94.82 37.54
N ILE B 531 -30.10 -95.58 38.43
CA ILE B 531 -30.53 -96.94 38.77
C ILE B 531 -30.94 -96.95 40.23
N ASN B 532 -32.18 -97.37 40.49
CA ASN B 532 -32.66 -97.50 41.85
C ASN B 532 -31.95 -98.65 42.55
N GLN B 533 -31.26 -98.34 43.64
CA GLN B 533 -30.53 -99.36 44.37
C GLN B 533 -31.44 -100.28 45.17
N ASP B 534 -32.71 -99.90 45.35
CA ASP B 534 -33.64 -100.69 46.16
C ASP B 534 -34.37 -101.72 45.32
N ASN B 535 -34.74 -101.39 44.07
CA ASN B 535 -35.64 -102.21 43.29
C ASN B 535 -34.97 -102.85 42.06
N CYS B 536 -33.65 -103.09 42.11
CA CYS B 536 -33.07 -104.05 41.18
C CYS B 536 -31.85 -104.68 41.82
N LYS B 537 -31.54 -105.92 41.41
CA LYS B 537 -30.52 -106.74 42.06
C LYS B 537 -29.51 -107.23 41.02
N GLY B 538 -28.52 -106.39 40.72
CA GLY B 538 -27.25 -106.76 40.11
C GLY B 538 -27.21 -107.86 39.06
N CYS B 539 -27.88 -107.67 37.93
CA CYS B 539 -27.86 -108.66 36.86
C CYS B 539 -26.96 -108.29 35.69
N THR B 540 -26.46 -107.05 35.64
CA THR B 540 -25.60 -106.51 34.59
C THR B 540 -26.25 -106.62 33.21
N LEU B 541 -27.58 -106.71 33.16
CA LEU B 541 -28.28 -106.90 31.90
C LEU B 541 -28.34 -105.60 31.10
N CYS B 542 -28.41 -104.45 31.79
CA CYS B 542 -28.36 -103.17 31.10
C CYS B 542 -26.95 -102.84 30.63
N ALA B 543 -25.94 -103.17 31.46
CA ALA B 543 -24.57 -102.82 31.12
C ALA B 543 -24.07 -103.63 29.93
N GLN B 544 -24.49 -104.89 29.81
CA GLN B 544 -24.11 -105.70 28.68
C GLN B 544 -24.70 -105.15 27.38
N LYS B 545 -25.89 -104.57 27.46
CA LYS B 545 -26.55 -103.97 26.30
C LYS B 545 -26.08 -102.54 26.04
N CYS B 546 -25.01 -102.10 26.69
CA CYS B 546 -24.45 -100.77 26.50
C CYS B 546 -23.07 -100.87 25.87
N PRO B 547 -22.92 -100.63 24.57
CA PRO B 547 -21.58 -100.63 23.95
C PRO B 547 -20.73 -99.45 24.40
N VAL B 548 -21.36 -98.48 25.06
CA VAL B 548 -20.65 -97.37 25.70
C VAL B 548 -20.10 -97.77 27.08
N GLN B 549 -20.64 -98.83 27.68
CA GLN B 549 -20.36 -99.29 29.05
C GLN B 549 -20.22 -98.13 30.04
N ALA B 550 -21.27 -97.32 30.12
CA ALA B 550 -21.36 -96.25 31.11
C ALA B 550 -21.94 -96.73 32.43
N ILE B 551 -22.21 -98.03 32.57
CA ILE B 551 -22.75 -98.61 33.80
C ILE B 551 -21.67 -99.47 34.43
N THR B 552 -21.38 -99.22 35.70
CA THR B 552 -20.40 -99.98 36.46
C THR B 552 -21.05 -100.57 37.70
N GLY B 553 -20.58 -101.74 38.09
CA GLY B 553 -21.10 -102.42 39.25
C GLY B 553 -20.84 -103.90 39.21
N GLU B 554 -20.88 -104.52 40.39
CA GLU B 554 -20.62 -105.93 40.52
C GLU B 554 -21.92 -106.73 40.40
N LYS B 555 -21.77 -108.04 40.19
CA LYS B 555 -22.91 -108.93 40.12
C LYS B 555 -23.60 -109.02 41.47
N LYS B 556 -24.94 -109.08 41.44
CA LYS B 556 -25.80 -109.13 42.62
C LYS B 556 -25.65 -107.91 43.52
N LYS B 557 -25.17 -106.79 42.96
CA LYS B 557 -25.04 -105.54 43.68
C LYS B 557 -25.59 -104.42 42.82
N PRO B 558 -26.14 -103.36 43.43
CA PRO B 558 -26.69 -102.25 42.64
C PRO B 558 -25.64 -101.57 41.77
N HIS B 559 -26.06 -101.18 40.57
CA HIS B 559 -25.17 -100.61 39.57
C HIS B 559 -25.30 -99.09 39.54
N VAL B 560 -24.22 -98.45 39.12
CA VAL B 560 -24.13 -96.99 39.06
C VAL B 560 -23.88 -96.57 37.62
N ILE B 561 -24.66 -95.61 37.14
CA ILE B 561 -24.56 -95.11 35.78
C ILE B 561 -23.63 -93.90 35.78
N ASP B 562 -22.56 -93.97 34.97
CA ASP B 562 -21.63 -92.86 34.83
C ASP B 562 -22.26 -91.81 33.94
N GLN B 563 -22.58 -90.64 34.52
CA GLN B 563 -23.25 -89.60 33.76
C GLN B 563 -22.32 -88.91 32.77
N ALA B 564 -21.02 -88.86 33.09
CA ALA B 564 -20.07 -88.23 32.17
C ALA B 564 -19.85 -89.07 30.92
N LEU B 565 -20.08 -90.39 31.02
CA LEU B 565 -19.90 -91.29 29.88
C LEU B 565 -21.19 -91.63 29.17
N CYS B 566 -22.35 -91.47 29.82
CA CYS B 566 -23.60 -91.92 29.24
C CYS B 566 -24.01 -91.05 28.06
N THR B 567 -24.35 -91.70 26.94
CA THR B 567 -24.80 -91.01 25.74
C THR B 567 -26.31 -90.94 25.65
N LYS B 568 -27.02 -91.43 26.68
CA LYS B 568 -28.48 -91.34 26.80
C LYS B 568 -29.19 -91.95 25.60
N CYS B 569 -28.88 -93.22 25.33
CA CYS B 569 -29.48 -93.92 24.20
C CYS B 569 -30.79 -94.61 24.54
N GLY B 570 -30.99 -94.97 25.80
CA GLY B 570 -32.25 -95.55 26.25
C GLY B 570 -32.30 -97.06 26.26
N ASN B 571 -31.25 -97.74 25.79
CA ASN B 571 -31.26 -99.21 25.77
C ASN B 571 -31.09 -99.80 27.16
N CYS B 572 -30.59 -99.03 28.12
CA CYS B 572 -30.39 -99.53 29.48
C CYS B 572 -31.64 -99.44 30.34
N ALA B 573 -32.75 -98.96 29.78
CA ALA B 573 -34.03 -98.95 30.47
C ALA B 573 -35.07 -99.84 29.82
N SER B 574 -34.95 -100.11 28.51
CA SER B 574 -35.92 -100.92 27.82
C SER B 574 -35.80 -102.39 28.18
N VAL B 575 -34.61 -102.85 28.55
CA VAL B 575 -34.38 -104.26 28.85
C VAL B 575 -34.56 -104.50 30.34
N CYS B 576 -34.94 -103.47 31.09
CA CYS B 576 -35.04 -103.58 32.54
C CYS B 576 -36.33 -104.30 32.91
N ARG B 577 -36.20 -105.49 33.50
CA ARG B 577 -37.35 -106.28 33.91
C ARG B 577 -37.87 -105.92 35.30
N LEU B 578 -37.13 -105.13 36.06
CA LEU B 578 -37.58 -104.68 37.37
C LEU B 578 -37.99 -103.21 37.39
N ASP B 579 -37.81 -102.50 36.26
CA ASP B 579 -38.27 -101.11 36.09
C ASP B 579 -37.68 -100.18 37.15
N ALA B 580 -36.39 -100.37 37.45
CA ALA B 580 -35.70 -99.53 38.43
C ALA B 580 -34.87 -98.42 37.79
N VAL B 581 -34.87 -98.32 36.46
CA VAL B 581 -34.09 -97.29 35.76
C VAL B 581 -34.95 -96.02 35.74
N CYS B 582 -34.56 -95.05 36.54
CA CYS B 582 -35.29 -93.79 36.65
C CYS B 582 -34.75 -92.79 35.64
N ILE B 583 -35.65 -92.08 34.99
CA ILE B 583 -35.32 -91.02 34.04
C ILE B 583 -35.68 -89.69 34.70
N GLU B 584 -34.67 -88.90 35.03
CA GLU B 584 -34.89 -87.59 35.65
C GLU B 584 -34.07 -86.52 34.94
N MET C 1 -54.02 -24.52 -6.12
CA MET C 1 -54.45 -25.74 -5.45
C MET C 1 -53.62 -26.02 -4.21
N SER C 2 -52.76 -25.05 -3.85
CA SER C 2 -51.82 -25.15 -2.73
C SER C 2 -51.07 -26.47 -2.82
N LYS C 3 -50.21 -26.60 -3.83
CA LYS C 3 -49.77 -27.87 -4.40
C LYS C 3 -49.40 -28.90 -3.35
N ILE C 4 -50.24 -29.94 -3.26
CA ILE C 4 -50.23 -31.05 -2.29
C ILE C 4 -49.47 -30.71 -1.02
N SER C 5 -50.08 -29.97 -0.12
CA SER C 5 -49.41 -29.53 1.10
C SER C 5 -49.60 -30.56 2.19
N ILE C 6 -48.50 -31.05 2.76
CA ILE C 6 -48.54 -32.06 3.79
C ILE C 6 -47.88 -31.50 5.05
N ASN C 7 -48.05 -32.21 6.15
CA ASN C 7 -47.45 -31.83 7.44
C ASN C 7 -46.67 -33.02 7.96
N ILE C 8 -45.36 -32.88 8.04
CA ILE C 8 -44.48 -33.96 8.48
C ILE C 8 -43.62 -33.45 9.62
N ASN C 9 -43.59 -34.23 10.71
CA ASN C 9 -42.73 -33.98 11.86
C ASN C 9 -43.01 -32.63 12.51
N GLY C 10 -44.24 -32.13 12.36
CA GLY C 10 -44.63 -30.84 12.88
C GLY C 10 -44.53 -29.70 11.89
N ARG C 11 -43.77 -29.86 10.82
CA ARG C 11 -43.58 -28.79 9.86
C ARG C 11 -44.57 -28.92 8.70
N GLU C 12 -44.79 -27.82 8.00
CA GLU C 12 -45.66 -27.76 6.84
C GLU C 12 -44.84 -27.68 5.57
N LEU C 13 -45.12 -28.57 4.63
CA LEU C 13 -44.35 -28.70 3.41
C LEU C 13 -45.27 -28.64 2.21
N VAL C 14 -44.76 -28.13 1.10
CA VAL C 14 -45.47 -28.15 -0.19
C VAL C 14 -44.70 -29.06 -1.13
N VAL C 15 -45.39 -30.08 -1.65
CA VAL C 15 -44.77 -31.11 -2.46
C VAL C 15 -45.67 -31.45 -3.64
N SER C 16 -45.18 -32.31 -4.52
CA SER C 16 -45.85 -32.66 -5.76
C SER C 16 -46.44 -34.06 -5.64
N ALA C 17 -47.65 -34.24 -6.20
CA ALA C 17 -48.33 -35.52 -6.10
C ALA C 17 -47.62 -36.59 -6.92
N GLY C 18 -47.85 -37.85 -6.57
CA GLY C 18 -47.21 -38.95 -7.26
C GLY C 18 -45.83 -39.29 -6.78
N GLN C 19 -45.26 -38.51 -5.86
CA GLN C 19 -43.95 -38.78 -5.31
C GLN C 19 -44.04 -39.79 -4.16
N THR C 20 -42.93 -39.97 -3.48
CA THR C 20 -42.87 -40.73 -2.24
C THR C 20 -42.51 -39.78 -1.11
N ILE C 21 -42.92 -40.15 0.11
CA ILE C 21 -42.62 -39.32 1.26
C ILE C 21 -41.12 -39.23 1.50
N LEU C 22 -40.38 -40.28 1.14
CA LEU C 22 -38.93 -40.23 1.25
C LEU C 22 -38.34 -39.17 0.33
N GLN C 23 -38.84 -39.10 -0.91
CA GLN C 23 -38.36 -38.08 -1.85
C GLN C 23 -38.72 -36.69 -1.36
N ALA C 24 -39.92 -36.51 -0.80
CA ALA C 24 -40.34 -35.20 -0.31
C ALA C 24 -39.47 -34.76 0.86
N ALA C 25 -39.20 -35.65 1.81
CA ALA C 25 -38.35 -35.30 2.93
C ALA C 25 -36.91 -35.03 2.50
N ALA C 26 -36.41 -35.75 1.50
CA ALA C 26 -35.09 -35.42 0.97
C ALA C 26 -35.10 -34.05 0.30
N GLU C 27 -36.20 -33.71 -0.37
CA GLU C 27 -36.32 -32.41 -1.02
C GLU C 27 -36.30 -31.28 0.00
N HIS C 28 -36.96 -31.47 1.14
CA HIS C 28 -37.03 -30.44 2.17
C HIS C 28 -36.06 -30.67 3.31
N GLY C 29 -35.05 -31.51 3.13
CA GLY C 29 -34.02 -31.70 4.13
C GLY C 29 -34.42 -32.36 5.43
N ILE C 30 -35.19 -33.45 5.36
CA ILE C 30 -35.50 -34.29 6.51
C ILE C 30 -34.95 -35.68 6.25
N GLU C 31 -34.18 -36.20 7.21
CA GLU C 31 -33.43 -37.43 7.03
C GLU C 31 -34.25 -38.63 7.49
N ILE C 32 -34.53 -39.54 6.57
CA ILE C 32 -35.20 -40.80 6.86
C ILE C 32 -34.28 -41.92 6.36
N PRO C 33 -33.95 -42.90 7.19
CA PRO C 33 -33.06 -43.98 6.74
C PRO C 33 -33.66 -44.83 5.63
N HIS C 34 -32.79 -45.28 4.74
CA HIS C 34 -33.20 -46.16 3.66
C HIS C 34 -31.99 -46.90 3.15
N LEU C 35 -32.20 -48.15 2.74
CA LEU C 35 -31.13 -48.96 2.16
C LEU C 35 -31.49 -49.55 0.82
N CYS C 36 -32.75 -49.94 0.61
CA CYS C 36 -33.18 -50.62 -0.60
C CYS C 36 -34.00 -49.71 -1.51
N HIS C 37 -33.77 -48.40 -1.44
CA HIS C 37 -34.57 -47.43 -2.18
C HIS C 37 -33.74 -46.79 -3.26
N ASP C 38 -34.30 -46.73 -4.47
CA ASP C 38 -33.72 -45.98 -5.59
C ASP C 38 -34.87 -45.41 -6.40
N GLU C 39 -34.83 -44.10 -6.66
CA GLU C 39 -35.96 -43.42 -7.29
C GLU C 39 -36.13 -43.79 -8.76
N ARG C 40 -35.11 -44.36 -9.38
CA ARG C 40 -35.16 -44.67 -10.81
C ARG C 40 -35.68 -46.06 -11.09
N ILE C 41 -36.04 -46.85 -10.08
CA ILE C 41 -36.59 -48.19 -10.25
C ILE C 41 -37.72 -48.38 -9.25
N GLN C 42 -38.41 -49.51 -9.39
CA GLN C 42 -39.58 -49.80 -8.57
C GLN C 42 -39.18 -50.06 -7.12
N PRO C 43 -40.05 -49.71 -6.17
CA PRO C 43 -39.78 -50.03 -4.77
C PRO C 43 -39.75 -51.53 -4.52
N TYR C 44 -38.94 -51.93 -3.55
CA TYR C 44 -38.72 -53.33 -3.22
C TYR C 44 -39.28 -53.72 -1.87
N GLY C 45 -39.08 -52.90 -0.85
CA GLY C 45 -39.60 -53.21 0.47
C GLY C 45 -38.85 -54.34 1.14
N ALA C 46 -37.56 -54.15 1.40
CA ALA C 46 -36.76 -55.18 2.02
C ALA C 46 -36.19 -54.80 3.37
N CYS C 47 -35.51 -53.66 3.48
CA CYS C 47 -34.85 -53.31 4.73
C CYS C 47 -35.88 -53.02 5.81
N GLY C 48 -36.71 -52.02 5.59
CA GLY C 48 -37.67 -51.59 6.59
C GLY C 48 -37.24 -50.40 7.40
N LEU C 49 -36.14 -49.75 7.03
CA LEU C 49 -35.67 -48.59 7.78
C LEU C 49 -36.41 -47.32 7.42
N CYS C 50 -37.29 -47.34 6.43
CA CYS C 50 -37.96 -46.13 5.97
C CYS C 50 -39.41 -46.08 6.44
N VAL C 51 -39.74 -46.74 7.53
CA VAL C 51 -41.10 -46.76 8.04
C VAL C 51 -41.37 -45.45 8.76
N VAL C 52 -42.56 -44.89 8.53
CA VAL C 52 -43.00 -43.67 9.19
C VAL C 52 -44.40 -43.90 9.72
N GLU C 53 -44.80 -43.02 10.63
CA GLU C 53 -46.11 -43.10 11.27
C GLU C 53 -47.04 -42.08 10.63
N VAL C 54 -48.07 -42.56 9.95
CA VAL C 54 -49.05 -41.71 9.29
C VAL C 54 -50.37 -41.80 10.05
N GLU C 55 -50.94 -40.66 10.39
CA GLU C 55 -52.20 -40.63 11.11
C GLU C 55 -53.32 -41.24 10.27
N GLY C 56 -54.14 -42.07 10.90
CA GLY C 56 -55.21 -42.75 10.24
C GLY C 56 -54.91 -44.19 9.86
N SER C 57 -53.65 -44.57 9.79
CA SER C 57 -53.25 -45.92 9.47
C SER C 57 -52.74 -46.61 10.73
N PRO C 58 -53.36 -47.69 11.18
CA PRO C 58 -52.92 -48.33 12.42
C PRO C 58 -51.55 -48.97 12.34
N LYS C 59 -51.06 -49.29 11.14
CA LYS C 59 -49.78 -49.96 10.97
C LYS C 59 -48.78 -49.02 10.31
N LEU C 60 -47.50 -49.33 10.48
CA LEU C 60 -46.44 -48.50 9.93
C LEU C 60 -46.44 -48.56 8.41
N VAL C 61 -46.25 -47.41 7.78
CA VAL C 61 -46.24 -47.32 6.32
C VAL C 61 -44.83 -46.98 5.87
N ARG C 62 -44.39 -47.63 4.81
CA ARG C 62 -43.04 -47.42 4.29
C ARG C 62 -43.03 -46.18 3.40
N SER C 63 -42.18 -45.22 3.74
CA SER C 63 -42.13 -43.96 3.01
C SER C 63 -41.50 -44.10 1.64
N CYS C 64 -40.88 -45.24 1.32
CA CYS C 64 -40.32 -45.46 0.00
C CYS C 64 -41.34 -45.96 -1.00
N ALA C 65 -42.50 -46.41 -0.55
CA ALA C 65 -43.46 -47.03 -1.45
C ALA C 65 -44.87 -46.53 -1.20
N THR C 66 -45.02 -45.27 -0.81
CA THR C 66 -46.33 -44.68 -0.61
C THR C 66 -46.36 -43.31 -1.27
N SER C 67 -47.52 -42.93 -1.76
CA SER C 67 -47.69 -41.70 -2.51
C SER C 67 -48.23 -40.61 -1.60
N VAL C 68 -47.74 -39.39 -1.80
CA VAL C 68 -48.17 -38.27 -0.98
C VAL C 68 -49.57 -37.84 -1.37
N GLN C 69 -50.44 -37.67 -0.38
CA GLN C 69 -51.77 -37.15 -0.57
C GLN C 69 -51.85 -35.75 0.01
N ASN C 70 -53.04 -35.17 -0.02
CA ASN C 70 -53.24 -33.83 0.50
C ASN C 70 -53.63 -33.90 1.97
N GLY C 71 -52.94 -33.11 2.79
CA GLY C 71 -53.31 -33.01 4.19
C GLY C 71 -53.14 -34.27 5.01
N GLN C 72 -52.01 -34.94 4.87
CA GLN C 72 -51.69 -36.09 5.71
C GLN C 72 -50.62 -35.71 6.70
N VAL C 73 -50.64 -36.38 7.86
CA VAL C 73 -49.76 -36.08 8.98
C VAL C 73 -48.79 -37.24 9.16
N ILE C 74 -47.50 -36.93 9.15
CA ILE C 74 -46.44 -37.94 9.14
C ILE C 74 -45.51 -37.67 10.31
N ARG C 75 -45.14 -38.72 11.03
CA ARG C 75 -44.13 -38.64 12.08
C ARG C 75 -43.06 -39.67 11.81
N THR C 76 -41.81 -39.26 11.79
CA THR C 76 -40.71 -40.13 11.41
C THR C 76 -39.78 -40.47 12.56
N ASP C 77 -40.00 -39.94 13.76
CA ASP C 77 -39.11 -40.21 14.87
C ASP C 77 -39.87 -40.62 16.13
N THR C 78 -41.00 -41.29 15.97
CA THR C 78 -41.71 -41.81 17.13
C THR C 78 -40.95 -43.00 17.71
N SER C 79 -41.38 -43.43 18.90
CA SER C 79 -40.68 -44.50 19.60
C SER C 79 -40.79 -45.82 18.86
N ARG C 80 -41.95 -46.08 18.25
CA ARG C 80 -42.15 -47.34 17.55
C ARG C 80 -41.23 -47.47 16.35
N THR C 81 -41.10 -46.40 15.57
CA THR C 81 -40.19 -46.43 14.43
C THR C 81 -38.74 -46.52 14.89
N VAL C 82 -38.39 -45.86 15.99
CA VAL C 82 -37.02 -45.89 16.47
C VAL C 82 -36.64 -47.30 16.90
N VAL C 83 -37.53 -47.98 17.63
CA VAL C 83 -37.19 -49.33 18.06
C VAL C 83 -37.22 -50.30 16.89
N ALA C 84 -38.07 -50.07 15.89
CA ALA C 84 -38.07 -50.93 14.71
C ALA C 84 -36.75 -50.80 13.95
N ARG C 85 -36.28 -49.57 13.75
CA ARG C 85 -35.00 -49.38 13.07
C ARG C 85 -33.83 -49.91 13.90
N LYS C 86 -33.89 -49.76 15.22
CA LYS C 86 -32.83 -50.30 16.07
C LYS C 86 -32.78 -51.82 15.97
N THR C 87 -33.94 -52.48 15.97
CA THR C 87 -33.95 -53.93 15.83
C THR C 87 -33.43 -54.37 14.47
N ALA C 88 -33.84 -53.68 13.41
CA ALA C 88 -33.37 -54.05 12.08
C ALA C 88 -31.87 -53.88 11.96
N LEU C 89 -31.33 -52.80 12.51
CA LEU C 89 -29.88 -52.60 12.43
C LEU C 89 -29.12 -53.54 13.34
N GLN C 90 -29.72 -53.97 14.45
CA GLN C 90 -29.06 -54.97 15.28
C GLN C 90 -29.04 -56.32 14.61
N LEU C 91 -30.10 -56.67 13.88
CA LEU C 91 -30.10 -57.92 13.16
C LEU C 91 -29.15 -57.89 11.97
N LEU C 92 -29.05 -56.74 11.30
CA LEU C 92 -28.11 -56.63 10.18
C LEU C 92 -26.67 -56.75 10.66
N ALA C 93 -26.34 -56.13 11.79
CA ALA C 93 -25.00 -56.19 12.34
C ALA C 93 -24.64 -57.55 12.90
N SER C 94 -25.59 -58.47 13.00
CA SER C 94 -25.34 -59.80 13.52
C SER C 94 -24.76 -60.74 12.47
N ASP C 95 -24.60 -60.30 11.23
CA ASP C 95 -24.04 -61.12 10.17
C ASP C 95 -22.93 -60.45 9.40
N HIS C 96 -22.60 -59.20 9.72
CA HIS C 96 -21.69 -58.40 8.92
C HIS C 96 -20.28 -58.57 9.46
N ARG C 97 -19.35 -58.99 8.60
CA ARG C 97 -17.96 -59.16 8.97
C ARG C 97 -17.10 -58.20 8.16
N GLY C 98 -16.22 -57.47 8.84
CA GLY C 98 -15.29 -56.59 8.15
C GLY C 98 -14.58 -55.70 9.13
N ASP C 99 -13.59 -55.00 8.62
CA ASP C 99 -12.85 -53.99 9.38
C ASP C 99 -13.24 -52.62 8.83
N CYS C 100 -14.00 -51.86 9.61
CA CYS C 100 -14.32 -50.51 9.15
C CYS C 100 -13.07 -49.65 9.11
N ARG C 101 -12.18 -49.81 10.08
CA ARG C 101 -10.93 -49.10 10.14
C ARG C 101 -9.80 -50.08 10.47
N PRO C 102 -8.60 -49.84 9.96
CA PRO C 102 -7.53 -50.82 10.10
C PRO C 102 -7.05 -50.90 11.54
N PRO C 103 -6.39 -51.98 11.93
CA PRO C 103 -5.89 -52.07 13.31
C PRO C 103 -4.86 -51.02 13.65
N CYS C 104 -4.05 -50.61 12.67
CA CYS C 104 -3.01 -49.62 12.92
C CYS C 104 -3.59 -48.29 13.36
N MET C 105 -4.68 -47.86 12.72
CA MET C 105 -5.30 -46.61 13.11
C MET C 105 -5.98 -46.73 14.48
N LEU C 106 -6.59 -47.88 14.75
CA LEU C 106 -7.30 -48.05 16.01
C LEU C 106 -6.34 -48.15 17.19
N ALA C 107 -5.12 -48.64 16.98
CA ALA C 107 -4.15 -48.69 18.06
C ALA C 107 -3.54 -47.33 18.38
N CYS C 108 -3.54 -46.40 17.44
CA CYS C 108 -3.00 -45.07 17.69
C CYS C 108 -3.90 -44.31 18.65
N PRO C 109 -3.34 -43.67 19.68
CA PRO C 109 -4.19 -42.89 20.60
C PRO C 109 -4.93 -41.73 19.94
N ALA C 110 -4.34 -41.10 18.94
CA ALA C 110 -4.97 -39.96 18.28
C ALA C 110 -5.87 -40.37 17.13
N GLN C 111 -5.93 -41.66 16.80
CA GLN C 111 -6.71 -42.18 15.67
C GLN C 111 -6.28 -41.55 14.35
N THR C 112 -4.98 -41.39 14.16
CA THR C 112 -4.46 -40.88 12.91
C THR C 112 -4.59 -41.94 11.82
N ASP C 113 -5.10 -41.53 10.66
CA ASP C 113 -5.37 -42.47 9.58
C ASP C 113 -4.09 -42.97 8.94
N CYS C 114 -3.49 -44.02 9.52
CA CYS C 114 -2.20 -44.50 9.05
C CYS C 114 -2.29 -45.12 7.66
N GLN C 115 -3.34 -45.87 7.39
CA GLN C 115 -3.48 -46.51 6.09
C GLN C 115 -3.64 -45.49 4.98
N GLY C 116 -4.41 -44.44 5.25
CA GLY C 116 -4.63 -43.43 4.23
C GLY C 116 -3.37 -42.73 3.79
N TYR C 117 -2.55 -42.28 4.73
CA TYR C 117 -1.36 -41.55 4.30
C TYR C 117 -0.21 -42.48 3.93
N VAL C 118 -0.19 -43.71 4.42
CA VAL C 118 0.78 -44.68 3.88
C VAL C 118 0.47 -44.97 2.42
N GLY C 119 -0.80 -45.17 2.09
CA GLY C 119 -1.17 -45.37 0.70
C GLY C 119 -0.96 -44.14 -0.15
N LEU C 120 -1.17 -42.95 0.42
CA LEU C 120 -0.90 -41.73 -0.33
C LEU C 120 0.58 -41.54 -0.61
N ILE C 121 1.44 -41.99 0.31
CA ILE C 121 2.87 -42.00 0.02
C ILE C 121 3.18 -42.99 -1.09
N ALA C 122 2.53 -44.16 -1.06
CA ALA C 122 2.77 -45.15 -2.11
C ALA C 122 2.32 -44.68 -3.48
N ASN C 123 1.45 -43.69 -3.56
CA ASN C 123 1.05 -43.06 -4.81
C ASN C 123 1.84 -41.81 -5.13
N GLY C 124 2.82 -41.46 -4.31
CA GLY C 124 3.66 -40.32 -4.60
C GLY C 124 3.06 -38.97 -4.27
N GLN C 125 1.99 -38.92 -3.47
CA GLN C 125 1.36 -37.66 -3.08
C GLN C 125 1.79 -37.36 -1.64
N TYR C 126 2.87 -36.60 -1.50
CA TYR C 126 3.38 -36.30 -0.17
C TYR C 126 2.61 -35.16 0.48
N GLU C 127 2.20 -34.18 -0.31
CA GLU C 127 1.43 -33.07 0.25
C GLU C 127 0.07 -33.53 0.78
N GLU C 128 -0.57 -34.46 0.07
CA GLU C 128 -1.83 -35.00 0.56
C GLU C 128 -1.62 -35.86 1.79
N ALA C 129 -0.49 -36.56 1.87
CA ALA C 129 -0.19 -37.31 3.09
C ALA C 129 -0.05 -36.38 4.27
N LEU C 130 0.63 -35.24 4.09
CA LEU C 130 0.71 -34.29 5.20
C LEU C 130 -0.64 -33.66 5.51
N LYS C 131 -1.47 -33.42 4.51
CA LYS C 131 -2.80 -32.89 4.78
C LYS C 131 -3.61 -33.88 5.59
N LEU C 132 -3.41 -35.19 5.36
CA LEU C 132 -4.06 -36.19 6.20
C LEU C 132 -3.51 -36.19 7.62
N ILE C 133 -2.19 -36.08 7.77
CA ILE C 133 -1.59 -36.15 9.10
C ILE C 133 -1.96 -34.94 9.93
N LYS C 134 -1.93 -33.74 9.33
CA LYS C 134 -2.15 -32.50 10.06
C LYS C 134 -3.59 -32.30 10.49
N ASP C 135 -4.49 -33.24 10.22
CA ASP C 135 -5.84 -33.16 10.77
C ASP C 135 -5.89 -33.60 12.23
N LYS C 136 -4.80 -34.14 12.76
CA LYS C 136 -4.78 -34.66 14.12
C LYS C 136 -3.68 -34.08 14.99
N MET C 137 -2.65 -33.46 14.42
CA MET C 137 -1.59 -32.87 15.23
C MET C 137 -0.94 -31.75 14.44
N PRO C 138 -0.35 -30.75 15.11
CA PRO C 138 0.34 -29.69 14.39
C PRO C 138 1.83 -29.88 14.22
N ILE C 139 2.42 -30.89 14.86
CA ILE C 139 3.86 -31.11 14.88
C ILE C 139 4.19 -32.54 14.43
N PRO C 140 3.98 -32.88 13.15
CA PRO C 140 4.13 -34.29 12.76
C PRO C 140 5.58 -34.79 12.75
N ALA C 141 6.55 -33.95 12.43
CA ALA C 141 7.93 -34.43 12.33
C ALA C 141 8.48 -34.86 13.68
N SER C 142 8.31 -34.04 14.70
CA SER C 142 8.81 -34.38 16.03
C SER C 142 8.14 -35.64 16.56
N ILE C 143 6.82 -35.72 16.44
CA ILE C 143 6.10 -36.87 16.95
C ILE C 143 6.52 -38.13 16.24
N GLY C 144 6.66 -38.07 14.91
CA GLY C 144 7.18 -39.22 14.20
C GLY C 144 8.58 -39.58 14.62
N LYS C 145 9.37 -38.60 15.06
CA LYS C 145 10.73 -38.88 15.47
C LYS C 145 10.79 -39.58 16.82
N ILE C 146 9.87 -39.27 17.73
CA ILE C 146 10.00 -39.73 19.12
C ILE C 146 8.93 -40.72 19.56
N CYS C 147 7.87 -40.94 18.77
CA CYS C 147 6.77 -41.75 19.25
C CYS C 147 7.20 -43.20 19.44
N PRO C 148 6.69 -43.90 20.46
CA PRO C 148 7.03 -45.32 20.64
C PRO C 148 6.20 -46.22 19.74
N HIS C 149 5.44 -45.62 18.83
CA HIS C 149 4.59 -46.22 17.81
C HIS C 149 3.81 -47.44 18.30
N PRO C 150 2.76 -47.25 19.10
CA PRO C 150 1.85 -48.36 19.39
C PRO C 150 1.09 -48.83 18.17
N CYS C 151 0.95 -47.98 17.16
CA CYS C 151 0.28 -48.38 15.92
C CYS C 151 1.07 -49.46 15.19
N GLU C 152 2.40 -49.38 15.26
CA GLU C 152 3.25 -50.35 14.58
C GLU C 152 3.19 -51.73 15.20
N THR C 153 2.76 -51.84 16.46
CA THR C 153 2.67 -53.15 17.10
C THR C 153 1.49 -53.94 16.56
N ALA C 154 0.40 -53.25 16.24
CA ALA C 154 -0.84 -53.89 15.83
C ALA C 154 -0.94 -54.10 14.33
N CYS C 155 0.10 -53.78 13.57
CA CYS C 155 0.06 -53.91 12.13
C CYS C 155 0.01 -55.37 11.72
N ARG C 156 -0.92 -55.72 10.82
CA ARG C 156 -1.09 -57.10 10.40
C ARG C 156 0.05 -57.61 9.54
N ARG C 157 0.90 -56.72 9.02
CA ARG C 157 2.10 -57.14 8.33
C ARG C 157 3.05 -57.91 9.26
N GLU C 158 2.89 -57.74 10.57
CA GLU C 158 3.62 -58.56 11.53
C GLU C 158 3.35 -60.04 11.32
N LEU C 159 2.18 -60.38 10.79
CA LEU C 159 1.87 -61.79 10.53
C LEU C 159 2.68 -62.36 9.37
N VAL C 160 3.40 -61.54 8.62
CA VAL C 160 4.23 -61.98 7.52
C VAL C 160 5.71 -61.74 7.80
N GLU C 161 6.05 -60.52 8.20
CA GLU C 161 7.43 -60.08 8.41
C GLU C 161 7.37 -58.88 9.35
N GLU C 162 8.43 -58.09 9.36
CA GLU C 162 8.41 -56.88 10.16
C GLU C 162 7.33 -55.93 9.65
N PRO C 163 6.69 -55.17 10.52
CA PRO C 163 5.58 -54.32 10.10
C PRO C 163 6.06 -53.05 9.40
N ILE C 164 5.09 -52.23 8.99
CA ILE C 164 5.38 -51.02 8.22
C ILE C 164 5.93 -49.95 9.15
N SER C 165 7.02 -49.31 8.73
CA SER C 165 7.62 -48.22 9.51
C SER C 165 6.77 -46.98 9.33
N ILE C 166 5.69 -46.91 10.11
CA ILE C 166 4.72 -45.84 9.95
C ILE C 166 5.29 -44.50 10.41
N ALA C 167 5.97 -44.51 11.55
CA ALA C 167 6.48 -43.26 12.13
C ALA C 167 7.55 -42.63 11.25
N GLN C 168 8.41 -43.45 10.66
CA GLN C 168 9.45 -42.93 9.78
C GLN C 168 8.85 -42.29 8.54
N LEU C 169 7.79 -42.88 7.99
CA LEU C 169 7.12 -42.27 6.84
C LEU C 169 6.48 -40.95 7.22
N LYS C 170 5.87 -40.88 8.40
CA LYS C 170 5.28 -39.62 8.86
C LYS C 170 6.35 -38.54 8.99
N SER C 171 7.49 -38.89 9.59
CA SER C 171 8.57 -37.92 9.74
C SER C 171 9.14 -37.50 8.40
N PHE C 172 9.26 -38.44 7.47
CA PHE C 172 9.77 -38.12 6.14
C PHE C 172 8.88 -37.12 5.43
N VAL C 173 7.57 -37.36 5.45
CA VAL C 173 6.64 -36.45 4.77
C VAL C 173 6.61 -35.09 5.45
N ALA C 174 6.63 -35.07 6.78
CA ALA C 174 6.62 -33.79 7.48
C ALA C 174 7.87 -32.98 7.16
N GLU C 175 9.04 -33.62 7.11
CA GLU C 175 10.26 -32.91 6.77
C GLU C 175 10.27 -32.48 5.30
N VAL C 176 9.70 -33.28 4.40
CA VAL C 176 9.68 -32.89 3.00
C VAL C 176 8.80 -31.65 2.81
N ASP C 177 7.72 -31.55 3.57
CA ASP C 177 6.88 -30.37 3.43
C ASP C 177 7.48 -29.16 4.13
N LEU C 178 8.19 -29.38 5.24
CA LEU C 178 8.84 -28.27 5.91
C LEU C 178 9.94 -27.67 5.05
N ASN C 179 10.69 -28.51 4.35
CA ASN C 179 11.72 -28.00 3.45
C ASN C 179 11.14 -27.39 2.17
N GLY C 180 9.90 -27.69 1.83
CA GLY C 180 9.30 -27.17 0.62
C GLY C 180 8.29 -26.07 0.87
N ASN C 181 7.05 -26.28 0.42
CA ASN C 181 5.99 -25.30 0.63
C ASN C 181 5.26 -25.65 1.91
N GLN C 182 5.35 -24.77 2.91
CA GLN C 182 4.73 -25.03 4.19
C GLN C 182 3.21 -24.93 4.08
N TYR C 183 2.51 -25.93 4.60
CA TYR C 183 1.07 -26.01 4.49
C TYR C 183 0.42 -25.27 5.66
N GLN C 184 -0.61 -24.49 5.34
CA GLN C 184 -1.41 -23.84 6.38
C GLN C 184 -2.86 -24.23 6.19
N PRO C 185 -3.46 -24.99 7.11
CA PRO C 185 -4.82 -25.45 6.92
C PRO C 185 -5.80 -24.28 6.98
N PRO C 186 -6.94 -24.38 6.32
CA PRO C 186 -7.89 -23.27 6.31
C PRO C 186 -8.53 -23.07 7.67
N MET C 187 -8.91 -21.82 7.93
CA MET C 187 -9.52 -21.42 9.19
C MET C 187 -10.92 -20.90 8.92
N LYS C 188 -11.80 -21.12 9.89
CA LYS C 188 -13.12 -20.52 9.82
C LYS C 188 -13.03 -19.02 10.07
N PRO C 189 -14.03 -18.26 9.64
CA PRO C 189 -14.04 -16.83 9.96
C PRO C 189 -14.12 -16.59 11.46
N ALA C 190 -13.52 -15.47 11.88
CA ALA C 190 -13.35 -15.19 13.30
C ALA C 190 -14.69 -15.05 14.01
N THR C 191 -14.80 -15.69 15.17
CA THR C 191 -16.02 -15.66 15.96
C THR C 191 -15.97 -14.68 17.11
N GLY C 192 -14.81 -14.10 17.41
CA GLY C 192 -14.69 -13.11 18.45
C GLY C 192 -14.49 -13.66 19.85
N LYS C 193 -14.35 -14.97 20.00
CA LYS C 193 -14.16 -15.58 21.31
C LYS C 193 -12.68 -15.65 21.64
N LYS C 194 -12.37 -15.57 22.93
CA LYS C 194 -11.00 -15.54 23.43
C LYS C 194 -10.74 -16.75 24.32
N VAL C 195 -9.71 -17.50 23.99
CA VAL C 195 -9.31 -18.68 24.75
C VAL C 195 -7.86 -18.50 25.17
N ALA C 196 -7.57 -18.73 26.43
CA ALA C 196 -6.22 -18.67 26.97
C ALA C 196 -5.76 -20.08 27.28
N VAL C 197 -4.57 -20.44 26.80
CA VAL C 197 -4.03 -21.77 26.97
C VAL C 197 -2.78 -21.64 27.82
N VAL C 198 -2.76 -22.35 28.95
CA VAL C 198 -1.63 -22.29 29.88
C VAL C 198 -0.68 -23.42 29.55
N GLY C 199 0.54 -23.06 29.15
CA GLY C 199 1.53 -24.05 28.81
C GLY C 199 1.60 -24.32 27.33
N ALA C 200 2.82 -24.39 26.78
CA ALA C 200 3.04 -24.63 25.37
C ALA C 200 3.61 -26.01 25.11
N GLY C 201 3.14 -27.02 25.83
CA GLY C 201 3.53 -28.38 25.56
C GLY C 201 2.71 -28.95 24.43
N PRO C 202 2.83 -30.25 24.16
CA PRO C 202 2.01 -30.86 23.11
C PRO C 202 0.51 -30.71 23.31
N ALA C 203 0.03 -30.82 24.55
CA ALA C 203 -1.39 -30.65 24.80
C ALA C 203 -1.82 -29.21 24.58
N GLY C 204 -1.07 -28.26 25.12
CA GLY C 204 -1.40 -26.86 24.94
C GLY C 204 -1.28 -26.41 23.49
N LEU C 205 -0.22 -26.84 22.81
CA LEU C 205 -0.04 -26.49 21.41
C LEU C 205 -1.14 -27.08 20.55
N THR C 206 -1.53 -28.33 20.80
CA THR C 206 -2.58 -28.95 20.01
C THR C 206 -3.93 -28.28 20.26
N ALA C 207 -4.23 -27.95 21.52
CA ALA C 207 -5.48 -27.25 21.80
C ALA C 207 -5.52 -25.89 21.14
N ALA C 208 -4.41 -25.15 21.19
CA ALA C 208 -4.37 -23.85 20.53
C ALA C 208 -4.50 -23.97 19.03
N TYR C 209 -3.86 -24.99 18.44
CA TYR C 209 -3.96 -25.21 17.00
C TYR C 209 -5.39 -25.49 16.58
N PHE C 210 -6.04 -26.44 17.25
CA PHE C 210 -7.39 -26.82 16.85
C PHE C 210 -8.45 -25.84 17.32
N LEU C 211 -8.12 -24.90 18.19
CA LEU C 211 -9.04 -23.82 18.50
C LEU C 211 -8.89 -22.64 17.57
N ALA C 212 -7.66 -22.32 17.17
CA ALA C 212 -7.46 -21.28 16.18
C ALA C 212 -7.95 -21.71 14.82
N ARG C 213 -7.95 -23.01 14.54
CA ARG C 213 -8.52 -23.48 13.30
C ARG C 213 -10.03 -23.39 13.25
N ASP C 214 -10.69 -23.05 14.35
CA ASP C 214 -12.13 -22.86 14.39
C ASP C 214 -12.53 -21.41 14.47
N GLY C 215 -11.60 -20.49 14.26
CA GLY C 215 -11.91 -19.08 14.23
C GLY C 215 -11.69 -18.31 15.52
N HIS C 216 -11.42 -18.99 16.63
CA HIS C 216 -11.22 -18.27 17.87
C HIS C 216 -9.82 -17.69 17.93
N LYS C 217 -9.63 -16.75 18.86
CA LYS C 217 -8.34 -16.13 19.09
C LYS C 217 -7.72 -16.74 20.33
N VAL C 218 -6.54 -17.34 20.17
CA VAL C 218 -5.90 -18.12 21.23
C VAL C 218 -4.61 -17.43 21.65
N VAL C 219 -4.36 -17.42 22.95
CA VAL C 219 -3.14 -16.88 23.54
C VAL C 219 -2.53 -17.97 24.41
N ILE C 220 -1.22 -18.21 24.27
CA ILE C 220 -0.51 -19.23 25.04
C ILE C 220 0.41 -18.55 26.03
N TYR C 221 0.29 -18.90 27.30
CA TYR C 221 1.17 -18.40 28.35
C TYR C 221 2.17 -19.49 28.71
N GLU C 222 3.46 -19.21 28.53
CA GLU C 222 4.51 -20.20 28.73
C GLU C 222 5.47 -19.71 29.80
N ALA C 223 5.89 -20.61 30.68
CA ALA C 223 6.74 -20.26 31.80
C ALA C 223 8.21 -20.39 31.50
N MET C 224 8.58 -20.75 30.27
CA MET C 224 9.95 -20.98 29.88
C MET C 224 10.29 -20.13 28.66
N PRO C 225 11.57 -19.82 28.44
CA PRO C 225 11.91 -18.93 27.32
C PRO C 225 11.62 -19.50 25.95
N HIS C 226 11.44 -20.80 25.81
CA HIS C 226 11.21 -21.42 24.51
C HIS C 226 10.06 -22.40 24.59
N PRO C 227 9.31 -22.58 23.50
CA PRO C 227 8.16 -23.48 23.53
C PRO C 227 8.53 -24.92 23.21
N GLY C 228 7.69 -25.82 23.69
CA GLY C 228 7.89 -27.23 23.42
C GLY C 228 7.60 -28.10 24.63
N GLY C 229 7.81 -27.57 25.82
CA GLY C 229 7.55 -28.36 27.01
C GLY C 229 8.60 -29.44 27.18
N MET C 230 8.18 -30.62 27.62
CA MET C 230 9.12 -31.71 27.84
C MET C 230 9.69 -32.28 26.55
N LEU C 231 9.14 -31.89 25.39
CA LEU C 231 9.78 -32.24 24.13
C LEU C 231 11.04 -31.43 23.91
N ARG C 232 11.16 -30.29 24.58
CA ARG C 232 12.33 -29.43 24.46
C ARG C 232 13.28 -29.57 25.63
N TYR C 233 12.76 -29.53 26.85
CA TYR C 233 13.56 -29.59 28.06
C TYR C 233 13.64 -30.98 28.66
N GLY C 234 13.07 -32.00 28.02
CA GLY C 234 13.21 -33.35 28.52
C GLY C 234 13.74 -34.34 27.51
N ILE C 235 13.51 -34.07 26.23
CA ILE C 235 14.01 -34.93 25.17
C ILE C 235 15.37 -34.40 24.74
N PRO C 236 16.41 -35.21 24.72
CA PRO C 236 17.74 -34.70 24.39
C PRO C 236 17.86 -34.31 22.93
N GLN C 237 18.90 -33.52 22.64
CA GLN C 237 19.09 -32.99 21.30
C GLN C 237 19.37 -34.10 20.30
N TYR C 238 20.12 -35.13 20.70
CA TYR C 238 20.49 -36.18 19.75
C TYR C 238 19.32 -37.05 19.32
N ARG C 239 18.17 -36.95 20.00
CA ARG C 239 16.97 -37.65 19.60
C ARG C 239 15.96 -36.77 18.88
N LEU C 240 15.79 -35.53 19.33
CA LEU C 240 14.87 -34.59 18.69
C LEU C 240 15.61 -33.28 18.49
N ASP C 241 15.78 -32.88 17.23
CA ASP C 241 16.44 -31.62 16.93
C ASP C 241 15.54 -30.44 17.32
N LYS C 242 16.09 -29.50 18.08
CA LYS C 242 15.27 -28.40 18.58
C LYS C 242 14.93 -27.41 17.48
N ALA C 243 15.75 -27.35 16.42
CA ALA C 243 15.47 -26.45 15.30
C ALA C 243 14.20 -26.87 14.58
N LEU C 244 13.95 -28.17 14.47
CA LEU C 244 12.73 -28.68 13.86
C LEU C 244 11.50 -28.22 14.64
N LEU C 245 11.57 -28.34 15.96
CA LEU C 245 10.45 -27.92 16.81
C LEU C 245 10.26 -26.41 16.73
N ASP C 246 11.35 -25.65 16.68
CA ASP C 246 11.25 -24.20 16.55
C ASP C 246 10.60 -23.81 15.23
N ALA C 247 10.97 -24.49 14.15
CA ALA C 247 10.37 -24.20 12.85
C ALA C 247 8.88 -24.53 12.83
N GLU C 248 8.50 -25.65 13.43
CA GLU C 248 7.07 -26.00 13.47
C GLU C 248 6.28 -25.02 14.31
N VAL C 249 6.83 -24.59 15.45
CA VAL C 249 6.12 -23.61 16.26
C VAL C 249 6.04 -22.27 15.54
N ALA C 250 7.06 -21.91 14.75
CA ALA C 250 6.97 -20.68 13.96
C ALA C 250 5.87 -20.79 12.91
N LEU C 251 5.74 -21.96 12.28
CA LEU C 251 4.64 -22.17 11.35
C LEU C 251 3.30 -22.02 12.03
N MET C 252 3.18 -22.54 13.25
CA MET C 252 1.92 -22.39 13.99
C MET C 252 1.67 -20.92 14.35
N THR C 253 2.71 -20.20 14.74
CA THR C 253 2.58 -18.78 15.09
C THR C 253 2.16 -17.96 13.89
N LYS C 254 2.58 -18.35 12.69
CA LYS C 254 2.17 -17.66 11.47
C LYS C 254 0.66 -17.71 11.25
N MET C 255 -0.05 -18.62 11.89
CA MET C 255 -1.50 -18.72 11.79
C MET C 255 -2.24 -17.68 12.62
N GLY C 256 -1.55 -16.93 13.46
CA GLY C 256 -2.17 -15.93 14.29
C GLY C 256 -2.31 -16.27 15.76
N ILE C 257 -1.43 -17.11 16.30
CA ILE C 257 -1.47 -17.50 17.71
C ILE C 257 -0.37 -16.76 18.44
N GLU C 258 -0.73 -16.04 19.50
CA GLU C 258 0.23 -15.26 20.27
C GLU C 258 0.73 -16.10 21.43
N ILE C 259 2.05 -16.28 21.50
CA ILE C 259 2.69 -17.02 22.58
C ILE C 259 3.46 -16.04 23.43
N ILE C 260 3.18 -16.03 24.73
CA ILE C 260 3.81 -15.14 25.68
C ILE C 260 4.72 -15.96 26.57
N TYR C 261 6.02 -15.71 26.48
CA TYR C 261 6.99 -16.48 27.22
C TYR C 261 7.30 -15.83 28.56
N ASN C 262 8.05 -16.56 29.38
CA ASN C 262 8.52 -16.10 30.70
C ASN C 262 7.39 -15.69 31.62
N THR C 263 6.19 -16.23 31.41
CA THR C 263 5.02 -15.88 32.21
C THR C 263 4.51 -17.14 32.89
N LYS C 264 4.61 -17.19 34.21
CA LYS C 264 4.16 -18.33 34.98
C LYS C 264 2.82 -18.00 35.63
N ILE C 265 1.81 -18.84 35.39
CA ILE C 265 0.50 -18.61 35.97
C ILE C 265 0.54 -18.99 37.44
N GLY C 266 0.04 -18.10 38.29
CA GLY C 266 0.03 -18.35 39.71
C GLY C 266 1.12 -17.58 40.43
N ASP C 267 2.29 -17.49 39.80
CA ASP C 267 3.41 -16.73 40.35
C ASP C 267 3.52 -15.34 39.78
N ASP C 268 3.27 -15.16 38.48
CA ASP C 268 3.37 -13.87 37.82
C ASP C 268 2.03 -13.32 37.39
N VAL C 269 1.17 -14.13 36.80
CA VAL C 269 -0.18 -13.74 36.43
C VAL C 269 -1.15 -14.67 37.14
N SER C 270 -2.10 -14.10 37.86
CA SER C 270 -3.07 -14.92 38.57
C SER C 270 -4.02 -15.57 37.58
N LEU C 271 -4.60 -16.70 37.99
CA LEU C 271 -5.58 -17.36 37.14
C LEU C 271 -6.91 -16.63 37.11
N ASP C 272 -7.21 -15.82 38.14
CA ASP C 272 -8.42 -15.01 38.10
C ASP C 272 -8.36 -13.97 36.98
N TYR C 273 -7.16 -13.49 36.67
CA TYR C 273 -7.01 -12.57 35.55
C TYR C 273 -7.43 -13.23 34.23
N LEU C 274 -6.96 -14.45 34.00
CA LEU C 274 -7.34 -15.15 32.79
C LEU C 274 -8.82 -15.52 32.80
N HIS C 275 -9.36 -15.84 33.98
CA HIS C 275 -10.77 -16.16 34.10
C HIS C 275 -11.64 -14.96 33.74
N ASP C 276 -11.23 -13.77 34.17
CA ASP C 276 -12.02 -12.57 33.90
C ASP C 276 -11.86 -12.09 32.47
N ASN C 277 -10.68 -12.23 31.88
CA ASN C 277 -10.40 -11.59 30.60
C ASN C 277 -10.56 -12.50 29.40
N TYR C 278 -10.95 -13.77 29.57
CA TYR C 278 -11.01 -14.70 28.46
C TYR C 278 -12.32 -15.49 28.51
N ASP C 279 -12.73 -15.98 27.34
CA ASP C 279 -13.95 -16.79 27.25
C ASP C 279 -13.71 -18.25 27.61
N ALA C 280 -12.48 -18.72 27.55
CA ALA C 280 -12.18 -20.07 28.03
C ALA C 280 -10.72 -20.14 28.46
N VAL C 281 -10.42 -21.08 29.34
CA VAL C 281 -9.05 -21.34 29.79
C VAL C 281 -8.79 -22.84 29.71
N PHE C 282 -7.65 -23.22 29.13
CA PHE C 282 -7.25 -24.62 29.06
C PHE C 282 -5.91 -24.78 29.75
N LEU C 283 -5.87 -25.59 30.81
CA LEU C 283 -4.67 -25.80 31.61
C LEU C 283 -3.92 -27.02 31.09
N GLY C 284 -2.77 -26.80 30.49
CA GLY C 284 -1.91 -27.88 30.04
C GLY C 284 -0.57 -27.86 30.73
N ILE C 285 -0.58 -27.66 32.06
CA ILE C 285 0.65 -27.39 32.81
C ILE C 285 1.61 -28.57 32.81
N GLY C 286 1.10 -29.79 32.81
CA GLY C 286 1.96 -30.95 32.78
C GLY C 286 2.63 -31.21 34.11
N SER C 287 3.36 -32.32 34.16
CA SER C 287 4.03 -32.78 35.37
C SER C 287 5.50 -32.37 35.34
N TRP C 288 5.91 -31.54 36.29
CA TRP C 288 7.25 -30.97 36.26
C TRP C 288 7.95 -31.05 37.62
N GLN C 289 7.67 -32.08 38.40
CA GLN C 289 8.32 -32.26 39.69
C GLN C 289 8.99 -33.63 39.74
N SER C 290 10.23 -33.66 40.21
CA SER C 290 11.01 -34.89 40.25
C SER C 290 10.76 -35.64 41.54
N GLN C 291 10.48 -36.93 41.44
CA GLN C 291 10.34 -37.76 42.62
C GLN C 291 11.70 -37.95 43.28
N GLY C 292 11.71 -37.97 44.61
CA GLY C 292 12.93 -38.19 45.35
C GLY C 292 13.28 -39.66 45.44
N LEU C 293 14.42 -39.94 46.07
CA LEU C 293 14.87 -41.31 46.22
C LEU C 293 14.03 -42.09 47.21
N ARG C 294 13.24 -41.41 48.04
CA ARG C 294 12.37 -42.03 49.05
C ARG C 294 13.17 -42.92 49.99
N CYS C 295 14.34 -42.44 50.41
CA CYS C 295 15.20 -43.19 51.32
C CYS C 295 15.83 -42.21 52.31
N LYS C 296 16.54 -42.78 53.29
CA LYS C 296 17.25 -41.98 54.27
C LYS C 296 18.39 -41.22 53.60
N GLY C 297 18.57 -39.96 54.01
CA GLY C 297 19.63 -39.14 53.46
C GLY C 297 19.43 -38.76 52.01
N GLU C 298 18.19 -38.52 51.59
CA GLU C 298 17.91 -38.10 50.23
C GLU C 298 18.11 -36.61 50.03
N ASP C 299 18.28 -35.84 51.11
CA ASP C 299 18.47 -34.40 51.01
C ASP C 299 19.93 -34.00 50.97
N MET C 300 20.85 -34.97 50.91
CA MET C 300 22.28 -34.67 50.89
C MET C 300 22.65 -33.95 49.60
N GLU C 301 23.58 -32.99 49.71
CA GLU C 301 24.10 -32.31 48.54
C GLU C 301 24.86 -33.29 47.65
N GLY C 302 24.69 -33.14 46.33
CA GLY C 302 25.24 -34.06 45.37
C GLY C 302 24.21 -35.01 44.77
N VAL C 303 22.97 -34.96 45.25
CA VAL C 303 21.88 -35.75 44.70
C VAL C 303 20.91 -34.79 44.04
N LEU C 304 20.67 -34.99 42.74
CA LEU C 304 19.85 -34.06 41.97
C LEU C 304 18.86 -34.83 41.12
N GLY C 305 17.76 -34.17 40.77
CA GLY C 305 16.72 -34.80 39.99
C GLY C 305 17.11 -34.95 38.53
N GLY C 306 16.49 -35.94 37.89
CA GLY C 306 16.73 -36.15 36.46
C GLY C 306 16.16 -35.04 35.60
N ILE C 307 14.97 -34.57 35.94
CA ILE C 307 14.32 -33.54 35.14
C ILE C 307 15.07 -32.22 35.23
N ASP C 308 15.52 -31.85 36.43
CA ASP C 308 16.27 -30.61 36.59
C ASP C 308 17.64 -30.70 35.92
N PHE C 309 18.28 -31.87 35.99
CA PHE C 309 19.55 -32.06 35.31
C PHE C 309 19.39 -31.93 33.80
N LEU C 310 18.34 -32.54 33.25
CA LEU C 310 18.10 -32.44 31.82
C LEU C 310 17.77 -31.01 31.41
N ARG C 311 16.99 -30.30 32.24
CA ARG C 311 16.68 -28.91 31.93
C ARG C 311 17.92 -28.04 31.96
N GLU C 312 18.81 -28.26 32.94
CA GLU C 312 20.06 -27.52 32.98
C GLU C 312 20.95 -27.84 31.80
N VAL C 313 20.92 -29.09 31.33
CA VAL C 313 21.65 -29.45 30.11
C VAL C 313 21.11 -28.69 28.92
N THR C 314 19.78 -28.60 28.81
CA THR C 314 19.18 -27.95 27.65
C THR C 314 19.48 -26.45 27.62
N MET C 315 19.41 -25.77 28.76
CA MET C 315 19.65 -24.34 28.81
C MET C 315 21.12 -23.97 28.76
N ASN C 316 22.01 -24.93 28.53
CA ASN C 316 23.46 -24.69 28.40
C ASN C 316 24.04 -24.04 29.64
N SER C 317 23.57 -24.46 30.81
CA SER C 317 24.05 -23.90 32.06
C SER C 317 25.37 -24.55 32.45
N ASN C 318 25.87 -24.18 33.63
CA ASN C 318 27.10 -24.76 34.16
C ASN C 318 26.73 -25.86 35.14
N ILE C 319 27.11 -27.09 34.82
CA ILE C 319 26.76 -28.26 35.61
C ILE C 319 28.04 -28.91 36.09
N THR C 320 27.91 -29.74 37.11
CA THR C 320 29.01 -30.53 37.63
C THR C 320 28.61 -32.00 37.64
N LEU C 321 29.44 -32.86 37.06
CA LEU C 321 29.17 -34.28 36.98
C LEU C 321 30.24 -35.13 37.64
N GLY C 322 31.50 -34.86 37.37
CA GLY C 322 32.55 -35.68 37.92
C GLY C 322 32.74 -36.96 37.12
N GLY C 323 33.58 -37.84 37.67
CA GLY C 323 33.92 -39.08 37.01
C GLY C 323 32.84 -40.13 37.02
N LYS C 324 32.26 -40.41 38.19
CA LYS C 324 31.32 -41.51 38.35
C LYS C 324 29.93 -40.97 38.64
N VAL C 325 28.95 -41.43 37.85
CA VAL C 325 27.57 -40.99 37.97
C VAL C 325 26.68 -42.21 38.10
N LEU C 326 25.81 -42.20 39.09
CA LEU C 326 24.87 -43.28 39.33
C LEU C 326 23.44 -42.79 39.10
N VAL C 327 22.74 -43.40 38.15
CA VAL C 327 21.37 -43.02 37.82
C VAL C 327 20.44 -44.07 38.39
N VAL C 328 19.45 -43.64 39.16
CA VAL C 328 18.49 -44.53 39.78
C VAL C 328 17.16 -44.41 39.05
N GLY C 329 16.66 -45.52 38.54
CA GLY C 329 15.42 -45.52 37.80
C GLY C 329 15.48 -46.41 36.57
N GLY C 330 14.33 -46.65 35.94
CA GLY C 330 14.30 -47.54 34.81
C GLY C 330 13.45 -47.08 33.65
N GLY C 331 12.81 -45.92 33.80
CA GLY C 331 11.98 -45.37 32.76
C GLY C 331 12.81 -44.71 31.68
N ASN C 332 12.12 -43.94 30.83
CA ASN C 332 12.82 -43.22 29.78
C ASN C 332 13.69 -42.11 30.34
N THR C 333 13.33 -41.58 31.52
CA THR C 333 14.14 -40.55 32.15
C THR C 333 15.53 -41.07 32.51
N ALA C 334 15.60 -42.29 33.05
CA ALA C 334 16.88 -42.86 33.40
C ALA C 334 17.76 -43.06 32.17
N MET C 335 17.17 -43.54 31.07
CA MET C 335 17.94 -43.76 29.85
C MET C 335 18.46 -42.46 29.28
N ASP C 336 17.60 -41.44 29.21
CA ASP C 336 18.03 -40.15 28.67
C ASP C 336 19.10 -39.52 29.53
N VAL C 337 18.95 -39.59 30.86
CA VAL C 337 19.94 -39.02 31.76
C VAL C 337 21.27 -39.76 31.64
N ALA C 338 21.22 -41.09 31.54
CA ALA C 338 22.44 -41.87 31.41
C ALA C 338 23.20 -41.54 30.15
N ARG C 339 22.50 -41.49 29.01
CA ARG C 339 23.21 -41.23 27.76
C ARG C 339 23.65 -39.77 27.67
N THR C 340 22.87 -38.83 28.20
CA THR C 340 23.29 -37.44 28.24
C THR C 340 24.53 -37.26 29.10
N SER C 341 24.60 -37.95 30.24
CA SER C 341 25.80 -37.88 31.06
C SER C 341 26.97 -38.57 30.40
N LYS C 342 26.72 -39.61 29.61
CA LYS C 342 27.81 -40.24 28.86
C LYS C 342 28.37 -39.27 27.83
N ARG C 343 27.51 -38.47 27.20
CA ARG C 343 28.00 -37.49 26.25
C ARG C 343 28.62 -36.28 26.94
N LEU C 344 28.38 -36.09 28.23
CA LEU C 344 28.88 -34.93 28.96
C LEU C 344 30.18 -35.22 29.70
N GLY C 345 31.00 -36.12 29.19
CA GLY C 345 32.33 -36.32 29.72
C GLY C 345 32.45 -37.26 30.89
N ALA C 346 31.35 -37.88 31.34
CA ALA C 346 31.45 -38.85 32.41
C ALA C 346 32.08 -40.13 31.90
N GLU C 347 33.10 -40.62 32.61
CA GLU C 347 33.84 -41.78 32.13
C GLU C 347 33.07 -43.07 32.32
N GLU C 348 32.20 -43.15 33.33
CA GLU C 348 31.41 -44.35 33.52
C GLU C 348 30.07 -43.98 34.14
N VAL C 349 29.01 -44.57 33.62
CA VAL C 349 27.64 -44.31 34.06
C VAL C 349 27.00 -45.65 34.41
N THR C 350 26.29 -45.70 35.52
CA THR C 350 25.67 -46.91 36.02
C THR C 350 24.18 -46.68 36.22
N ILE C 351 23.36 -47.60 35.72
CA ILE C 351 21.92 -47.55 35.86
C ILE C 351 21.49 -48.64 36.83
N ILE C 352 20.67 -48.27 37.80
CA ILE C 352 20.27 -49.17 38.88
C ILE C 352 18.76 -49.34 38.83
N TYR C 353 18.31 -50.59 38.80
CA TYR C 353 16.89 -50.90 38.71
C TYR C 353 16.58 -52.12 39.56
N ARG C 354 15.29 -52.36 39.78
CA ARG C 354 14.82 -53.41 40.66
C ARG C 354 14.27 -54.64 39.95
N ARG C 355 13.94 -54.53 38.66
CA ARG C 355 13.36 -55.63 37.90
C ARG C 355 14.31 -56.01 36.76
N THR C 356 13.93 -56.99 35.95
CA THR C 356 14.77 -57.58 34.92
C THR C 356 14.82 -56.65 33.70
N ILE C 357 15.84 -56.82 32.85
CA ILE C 357 15.89 -56.19 31.53
C ILE C 357 14.56 -56.38 30.81
N ASP C 358 13.99 -57.58 30.90
CA ASP C 358 12.72 -57.87 30.24
C ASP C 358 11.57 -57.10 30.86
N GLU C 359 11.75 -56.54 32.06
CA GLU C 359 10.71 -55.79 32.73
C GLU C 359 11.01 -54.31 32.82
N MET C 360 12.01 -53.82 32.11
CA MET C 360 12.26 -52.39 32.05
C MET C 360 11.12 -51.69 31.33
N PRO C 361 10.62 -50.57 31.85
CA PRO C 361 9.55 -49.84 31.13
C PRO C 361 10.04 -49.08 29.92
N ALA C 362 11.34 -48.95 29.71
CA ALA C 362 11.86 -48.22 28.57
C ALA C 362 11.78 -49.08 27.31
N GLU C 363 11.90 -48.41 26.17
CA GLU C 363 11.89 -49.11 24.88
C GLU C 363 13.15 -49.94 24.70
N LYS C 364 12.99 -51.08 24.03
CA LYS C 364 14.12 -51.98 23.84
C LYS C 364 15.17 -51.36 22.94
N ILE C 365 14.75 -50.55 21.96
CA ILE C 365 15.70 -49.90 21.05
C ILE C 365 16.57 -48.90 21.81
N GLU C 366 15.96 -48.11 22.69
CA GLU C 366 16.72 -47.15 23.48
C GLU C 366 17.68 -47.85 24.43
N ILE C 367 17.25 -48.96 25.03
CA ILE C 367 18.12 -49.74 25.90
C ILE C 367 19.31 -50.30 25.12
N HIS C 368 19.07 -50.81 23.92
CA HIS C 368 20.16 -51.36 23.12
C HIS C 368 21.12 -50.27 22.68
N GLU C 369 20.60 -49.11 22.31
CA GLU C 369 21.47 -48.00 21.94
C GLU C 369 22.32 -47.56 23.13
N ALA C 370 21.72 -47.49 24.32
CA ALA C 370 22.47 -47.12 25.51
C ALA C 370 23.55 -48.15 25.82
N GLN C 371 23.24 -49.44 25.65
CA GLN C 371 24.22 -50.49 25.86
C GLN C 371 25.38 -50.37 24.87
N GLU C 372 25.07 -50.03 23.62
CA GLU C 372 26.13 -49.84 22.63
C GLU C 372 26.98 -48.62 22.95
N GLU C 373 26.36 -47.56 23.48
CA GLU C 373 27.12 -46.34 23.78
C GLU C 373 28.10 -46.54 24.91
N GLY C 374 27.74 -47.30 25.94
CA GLY C 374 28.71 -47.63 26.97
C GLY C 374 28.27 -47.50 28.42
N VAL C 375 26.97 -47.33 28.67
CA VAL C 375 26.50 -47.25 30.04
C VAL C 375 26.25 -48.66 30.57
N LYS C 376 26.83 -48.97 31.73
CA LYS C 376 26.72 -50.29 32.31
C LYS C 376 25.47 -50.39 33.18
N PHE C 377 24.79 -51.53 33.08
CA PHE C 377 23.55 -51.76 33.79
C PHE C 377 23.81 -52.56 35.05
N GLN C 378 23.29 -52.08 36.17
CA GLN C 378 23.38 -52.77 37.45
C GLN C 378 21.97 -53.14 37.88
N LEU C 379 21.73 -54.41 38.15
CA LEU C 379 20.40 -54.99 38.06
C LEU C 379 19.93 -55.52 39.41
N LEU C 380 18.61 -55.50 39.60
CA LEU C 380 17.93 -56.16 40.73
C LEU C 380 18.32 -55.51 42.05
N VAL C 381 18.32 -54.18 42.07
CA VAL C 381 18.88 -53.40 43.15
C VAL C 381 17.95 -52.23 43.44
N ALA C 382 17.70 -51.99 44.71
CA ALA C 382 16.92 -50.90 45.22
C ALA C 382 17.68 -50.10 46.25
N PRO C 383 17.31 -48.85 46.41
CA PRO C 383 18.04 -47.92 47.33
C PRO C 383 17.90 -48.32 48.80
N VAL C 384 18.93 -48.02 49.58
CA VAL C 384 18.80 -48.31 51.01
C VAL C 384 19.19 -47.08 51.80
N GLU C 385 20.38 -46.56 51.54
CA GLU C 385 20.92 -45.46 52.32
C GLU C 385 21.98 -44.73 51.50
N VAL C 386 21.96 -43.41 51.57
CA VAL C 386 22.96 -42.57 50.91
C VAL C 386 24.01 -42.20 51.94
N LEU C 387 25.26 -42.59 51.67
CA LEU C 387 26.37 -42.33 52.58
C LEU C 387 27.18 -41.17 52.04
N GLY C 388 27.42 -40.17 52.88
CA GLY C 388 28.23 -39.03 52.50
C GLY C 388 29.00 -38.48 53.69
N GLU C 389 29.97 -37.64 53.38
CA GLU C 389 30.80 -36.99 54.39
C GLU C 389 30.83 -35.48 54.17
N ASN C 390 30.73 -34.74 55.27
CA ASN C 390 30.83 -33.28 55.28
C ASN C 390 29.82 -32.62 54.34
N GLY C 391 28.64 -33.21 54.23
CA GLY C 391 27.63 -32.68 53.32
C GLY C 391 27.80 -33.08 51.87
N HIS C 392 28.79 -33.90 51.55
CA HIS C 392 29.03 -34.36 50.19
C HIS C 392 28.82 -35.86 50.11
N ALA C 393 27.96 -36.31 49.21
CA ALA C 393 27.67 -37.72 49.05
C ALA C 393 28.65 -38.36 48.08
N LYS C 394 29.22 -39.50 48.48
CA LYS C 394 30.15 -40.23 47.64
C LYS C 394 29.82 -41.70 47.47
N ALA C 395 28.90 -42.26 48.24
CA ALA C 395 28.56 -43.67 48.13
C ALA C 395 27.05 -43.85 48.20
N LEU C 396 26.57 -44.93 47.59
CA LEU C 396 25.16 -45.30 47.62
C LEU C 396 25.06 -46.73 48.10
N LYS C 397 24.33 -46.95 49.19
CA LYS C 397 24.18 -48.29 49.75
C LYS C 397 22.87 -48.89 49.28
N CYS C 398 22.90 -50.18 48.94
CA CYS C 398 21.73 -50.81 48.35
C CYS C 398 21.65 -52.27 48.75
N GLU C 399 20.46 -52.83 48.58
CA GLU C 399 20.18 -54.24 48.81
C GLU C 399 20.06 -54.97 47.48
N ILE C 400 20.37 -56.26 47.51
CA ILE C 400 20.28 -57.12 46.34
C ILE C 400 18.97 -57.88 46.41
N MET C 401 18.22 -57.89 45.32
CA MET C 401 16.92 -58.53 45.26
C MET C 401 17.03 -59.86 44.50
N ARG C 402 15.90 -60.52 44.34
CA ARG C 402 15.81 -61.74 43.55
C ARG C 402 14.48 -61.77 42.81
N LEU C 403 14.43 -62.54 41.74
CA LEU C 403 13.23 -62.61 40.92
C LEU C 403 12.12 -63.35 41.65
N GLY C 404 10.89 -62.89 41.46
CA GLY C 404 9.73 -63.50 42.09
C GLY C 404 8.57 -63.71 41.14
N GLU C 405 7.36 -63.78 41.71
CA GLU C 405 6.18 -64.03 40.90
C GLU C 405 5.81 -62.80 40.08
N PRO C 406 5.26 -63.00 38.87
CA PRO C 406 4.78 -61.85 38.09
C PRO C 406 3.60 -61.17 38.74
N ASP C 407 3.50 -59.86 38.53
CA ASP C 407 2.39 -59.08 39.08
C ASP C 407 1.21 -59.14 38.13
N ALA C 408 0.21 -58.29 38.37
CA ALA C 408 -0.94 -58.21 37.47
C ALA C 408 -0.60 -57.49 36.18
N SER C 409 0.49 -56.73 36.13
CA SER C 409 0.90 -56.01 34.94
C SER C 409 1.85 -56.81 34.05
N GLY C 410 2.18 -58.05 34.43
CA GLY C 410 3.01 -58.90 33.62
C GLY C 410 4.49 -58.84 33.86
N ARG C 411 4.94 -58.27 34.98
CA ARG C 411 6.35 -58.15 35.29
C ARG C 411 6.65 -58.83 36.62
N ARG C 412 7.82 -59.49 36.69
CA ARG C 412 8.16 -60.25 37.88
C ARG C 412 8.44 -59.34 39.06
N LYS C 413 7.85 -59.65 40.21
CA LYS C 413 8.02 -58.85 41.41
C LYS C 413 9.41 -59.09 42.01
N PRO C 414 10.07 -58.06 42.53
CA PRO C 414 11.35 -58.28 43.21
C PRO C 414 11.16 -58.76 44.64
N GLU C 415 12.08 -59.60 45.08
CA GLU C 415 12.06 -60.12 46.44
C GLU C 415 13.42 -59.89 47.09
N PRO C 416 13.44 -59.40 48.34
CA PRO C 416 14.73 -59.10 48.98
C PRO C 416 15.51 -60.36 49.33
N THR C 417 16.83 -60.18 49.41
CA THR C 417 17.74 -61.28 49.72
C THR C 417 18.58 -61.06 50.97
N GLY C 418 18.66 -59.84 51.48
CA GLY C 418 19.45 -59.58 52.66
C GLY C 418 20.93 -59.38 52.42
N GLU C 419 21.35 -59.17 51.17
CA GLU C 419 22.75 -58.89 50.84
C GLU C 419 22.90 -57.40 50.52
N THR C 420 23.90 -56.77 51.12
CA THR C 420 24.13 -55.34 50.96
C THR C 420 25.36 -55.09 50.10
N VAL C 421 25.28 -54.06 49.27
CA VAL C 421 26.41 -53.66 48.44
C VAL C 421 26.44 -52.13 48.36
N VAL C 422 27.64 -51.56 48.42
CA VAL C 422 27.81 -50.12 48.34
C VAL C 422 28.50 -49.79 47.02
N TYR C 423 28.14 -48.65 46.44
CA TYR C 423 28.59 -48.23 45.12
C TYR C 423 29.19 -46.85 45.21
N GLU C 424 30.43 -46.71 44.74
CA GLU C 424 31.09 -45.42 44.73
C GLU C 424 30.52 -44.54 43.63
N ALA C 425 30.49 -43.23 43.89
CA ALA C 425 29.93 -42.30 42.91
C ALA C 425 30.50 -40.92 43.17
N ASP C 426 30.44 -40.09 42.13
CA ASP C 426 30.68 -38.66 42.27
C ASP C 426 29.43 -37.83 42.14
N ARG C 427 28.40 -38.34 41.46
CA ARG C 427 27.10 -37.71 41.41
C ARG C 427 26.04 -38.80 41.35
N ILE C 428 24.92 -38.57 42.02
CA ILE C 428 23.79 -39.49 42.01
C ILE C 428 22.57 -38.74 41.49
N ILE C 429 21.92 -39.30 40.48
CA ILE C 429 20.78 -38.67 39.83
C ILE C 429 19.57 -39.57 40.00
N ALA C 430 18.51 -39.02 40.57
CA ALA C 430 17.28 -39.76 40.81
C ALA C 430 16.35 -39.55 39.62
N ALA C 431 16.06 -40.62 38.89
CA ALA C 431 15.17 -40.55 37.74
C ALA C 431 14.09 -41.61 37.83
N ILE C 432 13.48 -41.72 39.02
CA ILE C 432 12.45 -42.74 39.22
C ILE C 432 11.20 -42.40 38.43
N GLY C 433 10.79 -41.15 38.44
CA GLY C 433 9.59 -40.76 37.71
C GLY C 433 9.26 -39.31 37.95
N GLN C 434 8.20 -38.87 37.29
CA GLN C 434 7.70 -37.51 37.38
C GLN C 434 6.39 -37.49 38.16
N LYS C 435 6.14 -36.39 38.85
CA LYS C 435 4.92 -36.20 39.61
C LYS C 435 4.38 -34.81 39.32
N THR C 436 3.05 -34.70 39.26
CA THR C 436 2.42 -33.44 38.92
C THR C 436 2.43 -32.50 40.12
N VAL C 437 2.80 -31.26 39.88
CA VAL C 437 2.73 -30.21 40.90
C VAL C 437 1.78 -29.14 40.37
N ILE C 438 0.94 -28.61 41.26
CA ILE C 438 0.00 -27.57 40.86
C ILE C 438 0.59 -26.18 41.07
N GLY C 439 1.60 -26.06 41.94
CA GLY C 439 2.23 -24.78 42.17
C GLY C 439 1.37 -23.84 42.98
N ASN C 440 1.39 -22.56 42.62
CA ASN C 440 0.66 -21.54 43.35
C ASN C 440 -0.73 -21.29 42.79
N ILE C 441 -1.16 -22.05 41.77
CA ILE C 441 -2.53 -21.92 41.28
C ILE C 441 -3.47 -22.46 42.33
N LYS C 442 -4.46 -21.65 42.69
CA LYS C 442 -5.37 -21.98 43.77
C LYS C 442 -6.78 -22.22 43.23
N ASP C 443 -7.63 -22.75 44.11
CA ASP C 443 -9.03 -23.06 43.80
C ASP C 443 -9.16 -24.09 42.69
N ILE C 444 -8.19 -25.00 42.58
CA ILE C 444 -8.24 -26.10 41.62
C ILE C 444 -8.09 -27.40 42.39
N ALA C 445 -9.07 -28.29 42.24
CA ALA C 445 -9.04 -29.54 42.97
C ALA C 445 -7.99 -30.49 42.38
N THR C 446 -7.28 -31.19 43.26
CA THR C 446 -6.26 -32.14 42.86
C THR C 446 -6.48 -33.45 43.60
N ASP C 447 -6.04 -34.55 42.99
CA ASP C 447 -6.29 -35.88 43.53
C ASP C 447 -5.22 -36.23 44.56
N LYS C 448 -5.15 -37.52 44.92
CA LYS C 448 -4.17 -37.98 45.90
C LYS C 448 -2.75 -37.96 45.34
N SER C 449 -2.60 -38.05 44.02
CA SER C 449 -1.28 -38.05 43.41
C SER C 449 -0.86 -36.70 42.88
N GLY C 450 -1.71 -35.68 42.99
CA GLY C 450 -1.39 -34.35 42.53
C GLY C 450 -2.00 -33.96 41.21
N ASN C 451 -2.53 -34.91 40.45
CA ASN C 451 -3.11 -34.61 39.15
C ASN C 451 -4.41 -33.84 39.31
N ILE C 452 -4.71 -33.01 38.31
CA ILE C 452 -5.94 -32.24 38.33
C ILE C 452 -7.13 -33.17 38.12
N ILE C 453 -8.14 -33.02 38.96
CA ILE C 453 -9.37 -33.81 38.84
C ILE C 453 -10.28 -33.12 37.83
N VAL C 454 -10.69 -33.85 36.80
CA VAL C 454 -11.59 -33.34 35.79
C VAL C 454 -12.77 -34.28 35.65
N ASN C 455 -13.87 -33.75 35.14
CA ASN C 455 -15.02 -34.57 34.80
C ASN C 455 -14.71 -35.35 33.53
N GLY C 456 -14.75 -36.68 33.62
CA GLY C 456 -14.35 -37.54 32.52
C GLY C 456 -15.17 -37.35 31.27
N GLY C 457 -14.51 -37.11 30.15
CA GLY C 457 -15.18 -36.91 28.88
C GLY C 457 -15.53 -35.47 28.58
N ALA C 458 -15.52 -34.59 29.57
CA ALA C 458 -15.81 -33.19 29.36
C ALA C 458 -14.65 -32.27 29.72
N PHE C 459 -13.62 -32.78 30.41
CA PHE C 459 -12.38 -32.05 30.70
C PHE C 459 -12.64 -30.78 31.50
N THR C 460 -13.65 -30.79 32.38
CA THR C 460 -14.01 -29.63 33.17
C THR C 460 -13.56 -29.83 34.62
N THR C 461 -12.89 -28.82 35.17
CA THR C 461 -12.47 -28.85 36.57
C THR C 461 -13.61 -28.36 37.45
N ASN C 462 -13.33 -28.11 38.73
CA ASN C 462 -14.36 -27.56 39.60
C ASN C 462 -14.70 -26.13 39.25
N ARG C 463 -13.69 -25.33 38.92
CA ARG C 463 -13.93 -23.95 38.53
C ARG C 463 -14.55 -23.90 37.15
N ASP C 464 -15.60 -23.11 37.00
CA ASP C 464 -16.20 -22.94 35.69
C ASP C 464 -15.27 -22.14 34.79
N LYS C 465 -15.44 -22.33 33.49
CA LYS C 465 -14.66 -21.70 32.43
C LYS C 465 -13.21 -22.12 32.43
N VAL C 466 -12.86 -23.20 33.12
CA VAL C 466 -11.47 -23.68 33.21
C VAL C 466 -11.45 -25.15 32.84
N PHE C 467 -10.59 -25.52 31.89
CA PHE C 467 -10.46 -26.87 31.39
C PHE C 467 -9.04 -27.36 31.59
N ALA C 468 -8.84 -28.67 31.47
CA ALA C 468 -7.52 -29.24 31.72
C ALA C 468 -7.33 -30.47 30.84
N GLY C 469 -6.07 -30.84 30.65
CA GLY C 469 -5.76 -32.02 29.87
C GLY C 469 -4.26 -32.23 29.83
N GLY C 470 -3.87 -33.38 29.28
CA GLY C 470 -2.47 -33.73 29.16
C GLY C 470 -1.94 -34.43 30.39
N ASP C 471 -0.64 -34.28 30.66
CA ASP C 471 -0.04 -34.91 31.83
C ASP C 471 -0.57 -34.34 33.14
N ALA C 472 -1.24 -33.19 33.11
CA ALA C 472 -1.89 -32.69 34.30
C ALA C 472 -3.05 -33.58 34.74
N VAL C 473 -3.57 -34.42 33.86
CA VAL C 473 -4.67 -35.30 34.19
C VAL C 473 -4.22 -36.76 34.25
N THR C 474 -3.51 -37.22 33.23
CA THR C 474 -3.15 -38.63 33.15
C THR C 474 -1.81 -38.96 33.77
N GLY C 475 -1.09 -37.98 34.30
CA GLY C 475 0.23 -38.23 34.82
C GLY C 475 1.21 -38.42 33.68
N PRO C 476 2.39 -38.95 33.98
CA PRO C 476 3.43 -39.10 32.95
C PRO C 476 3.05 -40.17 31.93
N LYS C 477 2.93 -39.76 30.66
CA LYS C 477 2.59 -40.64 29.56
C LYS C 477 3.28 -40.12 28.31
N ILE C 478 3.10 -40.84 27.20
CA ILE C 478 3.78 -40.47 25.97
C ILE C 478 3.09 -39.30 25.30
N ALA C 479 3.79 -38.70 24.32
CA ALA C 479 3.38 -37.41 23.79
C ALA C 479 2.09 -37.50 22.98
N ILE C 480 1.86 -38.61 22.29
CA ILE C 480 0.68 -38.72 21.46
C ILE C 480 -0.58 -38.77 22.31
N ASP C 481 -0.50 -39.30 23.53
CA ASP C 481 -1.62 -39.23 24.45
C ASP C 481 -1.96 -37.80 24.81
N ALA C 482 -0.94 -36.97 25.05
CA ALA C 482 -1.15 -35.57 25.34
C ALA C 482 -1.75 -34.85 24.13
N ILE C 483 -1.30 -35.20 22.93
CA ILE C 483 -1.85 -34.59 21.72
C ILE C 483 -3.32 -34.95 21.55
N ALA C 484 -3.66 -36.22 21.78
CA ALA C 484 -5.04 -36.66 21.65
C ALA C 484 -5.94 -35.96 22.67
N GLN C 485 -5.47 -35.86 23.92
CA GLN C 485 -6.26 -35.19 24.95
C GLN C 485 -6.43 -33.71 24.64
N GLY C 486 -5.39 -33.07 24.13
CA GLY C 486 -5.51 -31.67 23.74
C GLY C 486 -6.51 -31.45 22.62
N LYS C 487 -6.50 -32.33 21.62
CA LYS C 487 -7.44 -32.19 20.51
C LYS C 487 -8.89 -32.42 20.96
N ASN C 488 -9.11 -33.46 21.76
CA ASN C 488 -10.46 -33.71 22.25
C ASN C 488 -10.95 -32.58 23.14
N ALA C 489 -10.07 -32.03 23.98
CA ALA C 489 -10.47 -30.92 24.83
C ALA C 489 -10.71 -29.65 24.01
N ALA C 490 -9.98 -29.46 22.92
CA ALA C 490 -10.26 -28.33 22.04
C ALA C 490 -11.63 -28.45 21.42
N GLN C 491 -11.99 -29.66 20.99
CA GLN C 491 -13.33 -29.87 20.44
C GLN C 491 -14.40 -29.62 21.49
N VAL C 492 -14.18 -30.08 22.72
CA VAL C 492 -15.16 -29.88 23.78
C VAL C 492 -15.30 -28.41 24.14
N ILE C 493 -14.19 -27.68 24.20
CA ILE C 493 -14.23 -26.24 24.48
C ILE C 493 -14.95 -25.50 23.37
N ASP C 494 -14.69 -25.87 22.12
CA ASP C 494 -15.38 -25.23 20.99
C ASP C 494 -16.88 -25.47 21.06
N SER C 495 -17.29 -26.68 21.43
CA SER C 495 -18.71 -26.93 21.59
C SER C 495 -19.29 -26.16 22.77
N TYR C 496 -18.52 -26.00 23.84
CA TYR C 496 -18.99 -25.28 25.02
C TYR C 496 -19.18 -23.81 24.73
N LEU C 497 -18.32 -23.22 23.89
CA LEU C 497 -18.44 -21.81 23.55
C LEU C 497 -19.70 -21.52 22.76
N ASN C 498 -20.30 -22.52 22.12
CA ASN C 498 -21.53 -22.33 21.35
C ASN C 498 -22.78 -22.39 22.20
N GLY C 499 -22.66 -22.66 23.49
CA GLY C 499 -23.80 -22.66 24.38
C GLY C 499 -24.31 -24.03 24.77
N CYS C 500 -23.80 -25.10 24.17
CA CYS C 500 -24.24 -26.44 24.51
C CYS C 500 -23.01 -27.33 24.62
N LEU C 501 -22.71 -27.78 25.84
CA LEU C 501 -21.56 -28.65 26.08
C LEU C 501 -21.93 -30.09 25.77
N VAL C 502 -21.14 -30.75 24.93
CA VAL C 502 -21.34 -32.15 24.61
C VAL C 502 -20.07 -32.91 24.98
N PRO C 503 -20.16 -33.99 25.75
CA PRO C 503 -18.97 -34.75 26.11
C PRO C 503 -18.42 -35.51 24.91
N HIS C 504 -17.15 -35.89 25.01
CA HIS C 504 -16.52 -36.68 23.97
C HIS C 504 -16.81 -38.16 24.17
N ALA C 505 -17.24 -38.82 23.11
CA ALA C 505 -17.55 -40.24 23.16
C ALA C 505 -16.93 -40.95 21.97
N ASP C 506 -16.49 -42.19 22.19
CA ASP C 506 -15.86 -42.96 21.16
C ASP C 506 -16.90 -43.51 20.18
N SER C 507 -16.40 -44.02 19.06
CA SER C 507 -17.24 -44.53 17.98
C SER C 507 -17.16 -46.04 17.91
N GLN C 508 -18.17 -46.63 17.28
CA GLN C 508 -18.28 -48.07 17.12
C GLN C 508 -17.90 -48.46 15.70
N TYR C 509 -17.06 -49.48 15.58
CA TYR C 509 -16.62 -49.99 14.29
C TYR C 509 -16.74 -51.50 14.29
N PHE C 510 -16.88 -52.07 13.10
CA PHE C 510 -16.76 -53.51 12.94
C PHE C 510 -15.29 -53.88 12.92
N THR C 511 -14.91 -54.87 13.72
CA THR C 511 -13.53 -55.32 13.77
C THR C 511 -13.47 -56.82 13.64
N GLN C 512 -12.36 -57.31 13.11
CA GLN C 512 -12.15 -58.73 12.88
C GLN C 512 -10.95 -59.17 13.69
N LYS C 513 -11.11 -60.24 14.46
CA LYS C 513 -10.06 -60.70 15.36
C LYS C 513 -9.68 -62.16 15.12
N ASP C 514 -10.05 -62.72 13.99
CA ASP C 514 -9.72 -64.11 13.67
C ASP C 514 -8.63 -64.23 12.62
N ILE C 515 -7.96 -63.13 12.28
CA ILE C 515 -6.95 -63.14 11.22
C ILE C 515 -5.67 -63.71 11.79
N THR C 516 -5.14 -64.76 11.14
CA THR C 516 -3.93 -65.43 11.57
C THR C 516 -2.95 -65.50 10.41
N ALA C 517 -1.79 -66.10 10.66
CA ALA C 517 -0.76 -66.20 9.64
C ALA C 517 -1.20 -67.12 8.50
N ALA C 518 -2.00 -68.14 8.80
CA ALA C 518 -2.47 -69.05 7.75
C ALA C 518 -3.43 -68.35 6.79
N ASP C 519 -4.00 -67.21 7.19
CA ASP C 519 -4.81 -66.42 6.29
C ASP C 519 -3.99 -65.54 5.38
N LEU C 520 -2.69 -65.38 5.63
CA LEU C 520 -1.82 -64.54 4.83
C LEU C 520 -0.64 -65.32 4.29
N ALA C 521 -0.87 -66.56 3.87
CA ALA C 521 0.19 -67.39 3.31
C ALA C 521 0.44 -67.13 1.84
N ASP C 522 -0.47 -66.43 1.16
CA ASP C 522 -0.31 -66.12 -0.25
C ASP C 522 0.45 -64.82 -0.51
N ARG C 523 0.72 -64.03 0.52
CA ARG C 523 1.40 -62.76 0.33
C ARG C 523 2.90 -62.98 0.18
N ALA C 524 3.52 -62.18 -0.69
CA ALA C 524 4.96 -62.20 -0.84
C ALA C 524 5.64 -61.51 0.33
N LYS C 525 6.89 -61.89 0.57
CA LYS C 525 7.67 -61.38 1.71
C LYS C 525 8.71 -60.40 1.20
N ALA C 526 8.79 -59.24 1.85
CA ALA C 526 9.73 -58.20 1.48
C ALA C 526 10.38 -57.64 2.74
N PRO C 527 11.71 -57.58 2.80
CA PRO C 527 12.37 -57.15 4.03
C PRO C 527 12.07 -55.69 4.37
N ARG C 528 12.02 -55.41 5.65
CA ARG C 528 11.75 -54.06 6.14
C ARG C 528 12.96 -53.16 5.89
N VAL C 529 12.69 -51.86 5.81
CA VAL C 529 13.74 -50.88 5.51
C VAL C 529 14.52 -50.60 6.79
N SER C 530 15.80 -50.93 6.78
CA SER C 530 16.65 -50.69 7.93
C SER C 530 16.92 -49.19 8.09
N LEU C 531 17.16 -48.78 9.33
CA LEU C 531 17.48 -47.40 9.63
C LEU C 531 18.98 -47.22 9.70
N THR C 532 19.49 -46.19 9.03
CA THR C 532 20.92 -45.91 9.02
C THR C 532 21.29 -45.16 10.29
N VAL C 533 22.07 -45.81 11.15
CA VAL C 533 22.42 -45.29 12.47
C VAL C 533 23.92 -45.02 12.50
N GLU C 534 24.29 -43.82 12.94
CA GLU C 534 25.69 -43.44 13.04
C GLU C 534 26.42 -44.33 14.04
N ASP C 535 27.70 -44.58 13.75
CA ASP C 535 28.50 -45.52 14.53
C ASP C 535 28.69 -45.04 15.97
N ALA C 536 29.06 -45.98 16.84
CA ALA C 536 29.21 -45.67 18.27
C ALA C 536 30.43 -44.83 18.58
N GLU C 537 31.34 -44.62 17.62
CA GLU C 537 32.47 -43.73 17.86
C GLU C 537 32.01 -42.28 18.01
N VAL C 538 31.16 -41.81 17.09
CA VAL C 538 30.84 -40.39 17.08
C VAL C 538 29.67 -40.11 18.01
N ARG C 539 28.86 -41.12 18.29
CA ARG C 539 27.70 -40.91 19.16
C ARG C 539 28.14 -40.59 20.59
N ASN C 540 29.20 -41.24 21.07
CA ASN C 540 29.60 -41.08 22.47
C ASN C 540 30.12 -39.71 22.81
N LYS C 541 30.55 -38.92 21.82
CA LYS C 541 31.21 -37.65 22.09
C LYS C 541 30.42 -36.44 21.63
N SER C 542 29.43 -36.61 20.77
CA SER C 542 28.73 -35.51 20.14
C SER C 542 27.25 -35.56 20.45
N PHE C 543 26.59 -34.43 20.25
CA PHE C 543 25.15 -34.32 20.45
C PHE C 543 24.37 -34.34 19.15
N MET C 544 24.98 -34.72 18.03
CA MET C 544 24.25 -34.68 16.78
C MET C 544 23.39 -35.93 16.64
N GLN C 545 22.60 -35.95 15.58
CA GLN C 545 21.56 -36.96 15.41
C GLN C 545 22.16 -38.35 15.24
N VAL C 546 21.48 -39.34 15.84
CA VAL C 546 21.96 -40.72 15.75
C VAL C 546 21.30 -41.49 14.61
N ALA C 547 20.22 -40.98 14.04
CA ALA C 547 19.53 -41.66 12.95
C ALA C 547 19.18 -40.64 11.87
N LYS C 548 19.15 -41.10 10.63
CA LYS C 548 18.83 -40.25 9.48
C LYS C 548 17.44 -40.55 8.98
N THR C 549 16.79 -39.53 8.44
CA THR C 549 15.44 -39.68 7.92
C THR C 549 15.45 -40.49 6.63
N PHE C 550 14.32 -41.11 6.32
CA PHE C 550 14.17 -41.88 5.10
C PHE C 550 14.37 -41.01 3.87
N THR C 551 14.99 -41.57 2.85
CA THR C 551 15.02 -40.95 1.54
C THR C 551 13.72 -41.24 0.81
N GLU C 552 13.56 -40.62 -0.36
CA GLU C 552 12.33 -40.81 -1.14
C GLU C 552 12.20 -42.24 -1.63
N GLU C 553 13.30 -42.84 -2.09
CA GLU C 553 13.26 -44.21 -2.57
C GLU C 553 12.93 -45.18 -1.44
N GLU C 554 13.56 -44.99 -0.28
CA GLU C 554 13.28 -45.84 0.86
C GLU C 554 11.84 -45.69 1.32
N ALA C 555 11.32 -44.45 1.31
CA ALA C 555 9.95 -44.23 1.72
C ALA C 555 8.96 -44.90 0.77
N LEU C 556 9.20 -44.80 -0.54
CA LEU C 556 8.34 -45.49 -1.50
C LEU C 556 8.40 -46.99 -1.32
N ARG C 557 9.61 -47.54 -1.14
CA ARG C 557 9.77 -48.97 -0.98
C ARG C 557 9.05 -49.48 0.27
N GLU C 558 9.13 -48.72 1.36
CA GLU C 558 8.46 -49.13 2.59
C GLU C 558 6.95 -48.98 2.46
N SER C 559 6.48 -47.89 1.85
CA SER C 559 5.04 -47.64 1.80
C SER C 559 4.32 -48.55 0.83
N LYS C 560 5.00 -49.07 -0.19
CA LYS C 560 4.36 -49.96 -1.14
C LYS C 560 4.19 -51.37 -0.62
N ARG C 561 4.32 -51.57 0.69
CA ARG C 561 4.31 -52.89 1.30
C ARG C 561 3.09 -53.12 2.18
N CYS C 562 2.21 -52.14 2.30
CA CYS C 562 1.04 -52.25 3.15
C CYS C 562 0.05 -53.26 2.58
N LEU C 563 -0.84 -53.74 3.43
CA LEU C 563 -1.80 -54.77 3.05
C LEU C 563 -3.20 -54.24 2.80
N GLU C 564 -3.46 -52.98 3.12
CA GLU C 564 -4.78 -52.34 2.96
C GLU C 564 -5.84 -53.11 3.73
N CYS C 565 -5.70 -53.10 5.06
CA CYS C 565 -6.58 -53.90 5.91
C CYS C 565 -7.97 -53.28 6.06
N GLY C 566 -8.09 -51.97 5.93
CA GLY C 566 -9.37 -51.32 6.15
C GLY C 566 -10.32 -51.52 4.99
N CYS C 567 -11.56 -51.09 5.20
CA CYS C 567 -12.58 -51.18 4.17
C CYS C 567 -12.48 -49.97 3.26
N ARG C 568 -12.48 -50.19 1.95
CA ARG C 568 -12.37 -49.08 1.02
C ARG C 568 -13.65 -48.28 0.88
N ASP C 569 -14.77 -48.81 1.35
CA ASP C 569 -16.07 -48.16 1.20
C ASP C 569 -16.48 -47.40 2.45
N TYR C 570 -15.57 -47.20 3.40
CA TYR C 570 -15.96 -46.68 4.71
C TYR C 570 -16.51 -45.27 4.60
N PHE C 571 -15.92 -44.44 3.76
CA PHE C 571 -16.35 -43.05 3.72
C PHE C 571 -17.65 -42.85 2.98
N GLU C 572 -18.21 -43.90 2.39
CA GLU C 572 -19.51 -43.81 1.74
C GLU C 572 -20.46 -44.93 2.12
N CYS C 573 -20.06 -45.85 2.99
CA CYS C 573 -20.93 -46.91 3.45
C CYS C 573 -22.06 -46.33 4.28
N GLN C 574 -23.28 -46.80 4.04
CA GLN C 574 -24.45 -46.34 4.77
C GLN C 574 -24.80 -47.22 5.95
N LEU C 575 -24.42 -48.49 5.93
CA LEU C 575 -24.65 -49.35 7.08
C LEU C 575 -23.95 -48.80 8.31
N ILE C 576 -22.66 -48.47 8.19
CA ILE C 576 -21.95 -47.95 9.35
C ILE C 576 -22.49 -46.58 9.73
N LYS C 577 -22.97 -45.81 8.76
CA LYS C 577 -23.56 -44.51 9.07
C LYS C 577 -24.77 -44.67 9.98
N TYR C 578 -25.66 -45.61 9.64
CA TYR C 578 -26.83 -45.80 10.47
C TYR C 578 -26.49 -46.48 11.79
N ILE C 579 -25.44 -47.31 11.81
CA ILE C 579 -25.02 -47.94 13.05
C ILE C 579 -24.51 -46.90 14.04
N GLN C 580 -23.68 -45.95 13.58
CA GLN C 580 -23.26 -44.87 14.46
C GLN C 580 -24.45 -43.99 14.86
N ASP C 581 -25.35 -43.69 13.92
CA ASP C 581 -26.41 -42.73 14.21
C ASP C 581 -27.42 -43.29 15.18
N TYR C 582 -27.70 -44.59 15.12
CA TYR C 582 -28.77 -45.17 15.92
C TYR C 582 -28.27 -45.91 17.15
N ASP C 583 -26.99 -45.79 17.48
CA ASP C 583 -26.41 -46.31 18.72
C ASP C 583 -26.63 -47.82 18.81
N VAL C 584 -26.00 -48.52 17.87
CA VAL C 584 -26.06 -49.96 17.80
C VAL C 584 -24.65 -50.49 18.02
N SER C 585 -24.52 -51.43 18.93
CA SER C 585 -23.22 -51.97 19.27
C SER C 585 -22.78 -53.03 18.26
N THR C 586 -21.51 -52.98 17.86
CA THR C 586 -20.98 -53.86 16.82
C THR C 586 -20.22 -55.05 17.34
N GLU C 587 -20.19 -55.25 18.65
CA GLU C 587 -19.51 -56.39 19.24
C GLU C 587 -20.24 -57.68 18.86
N LYS C 588 -19.48 -58.75 18.69
CA LYS C 588 -20.05 -59.99 18.19
C LYS C 588 -20.43 -60.92 19.34
N ASP C 589 -20.71 -62.18 19.00
CA ASP C 589 -21.00 -63.22 19.97
C ASP C 589 -20.26 -64.47 19.52
N SER C 590 -20.60 -65.64 20.08
CA SER C 590 -19.95 -66.87 19.66
C SER C 590 -20.96 -67.84 19.07
N GLN C 591 -22.17 -67.87 19.63
CA GLN C 591 -23.18 -68.82 19.18
C GLN C 591 -23.79 -68.39 17.85
N VAL C 592 -23.97 -67.09 17.65
CA VAL C 592 -24.55 -66.58 16.41
C VAL C 592 -23.61 -66.89 15.25
N GLU C 593 -24.17 -67.16 14.08
CA GLU C 593 -23.39 -67.63 12.95
C GLU C 593 -23.30 -66.52 11.91
N CYS C 594 -22.10 -65.98 11.73
CA CYS C 594 -21.77 -65.13 10.60
C CYS C 594 -21.02 -66.01 9.62
N HIS C 595 -21.68 -66.39 8.53
CA HIS C 595 -21.08 -67.34 7.59
C HIS C 595 -19.86 -66.73 6.90
N LYS C 596 -18.71 -67.36 7.10
CA LYS C 596 -17.46 -66.89 6.55
C LYS C 596 -17.23 -67.55 5.19
N THR C 597 -16.96 -66.73 4.18
CA THR C 597 -16.82 -67.22 2.82
C THR C 597 -15.35 -67.35 2.43
N THR C 598 -15.11 -68.23 1.47
CA THR C 598 -13.78 -68.40 0.89
C THR C 598 -13.85 -68.07 -0.58
N GLU C 599 -14.46 -66.93 -0.89
CA GLU C 599 -14.79 -66.52 -2.25
C GLU C 599 -13.53 -66.30 -3.08
N PHE C 600 -13.70 -66.45 -4.39
CA PHE C 600 -12.63 -66.15 -5.33
C PHE C 600 -13.27 -65.69 -6.63
N ASP C 601 -13.29 -64.38 -6.85
CA ASP C 601 -13.82 -63.78 -8.07
C ASP C 601 -12.76 -62.79 -8.53
N ASN C 602 -11.82 -63.25 -9.34
CA ASN C 602 -10.72 -62.39 -9.79
C ASN C 602 -11.08 -61.55 -11.01
N HIS C 603 -12.24 -60.93 -10.97
CA HIS C 603 -12.67 -60.07 -12.06
C HIS C 603 -11.79 -58.82 -12.09
N PRO C 604 -11.35 -58.39 -13.28
CA PRO C 604 -10.46 -57.23 -13.35
C PRO C 604 -11.10 -55.90 -13.00
N PHE C 605 -12.41 -55.85 -12.87
CA PHE C 605 -13.04 -54.57 -12.59
C PHE C 605 -13.98 -54.60 -11.40
N ILE C 606 -14.64 -55.72 -11.13
CA ILE C 606 -15.69 -55.82 -10.12
C ILE C 606 -15.21 -56.71 -8.98
N GLU C 607 -15.49 -56.28 -7.74
CA GLU C 607 -15.17 -57.04 -6.54
C GLU C 607 -16.46 -57.32 -5.78
N ARG C 608 -16.70 -58.58 -5.45
CA ARG C 608 -17.86 -58.97 -4.67
C ARG C 608 -17.42 -59.65 -3.38
N ASN C 609 -17.97 -59.19 -2.26
CA ASN C 609 -17.71 -59.77 -0.94
C ASN C 609 -19.05 -60.12 -0.32
N PRO C 610 -19.46 -61.38 -0.34
CA PRO C 610 -20.79 -61.74 0.15
C PRO C 610 -20.98 -61.52 1.64
N ASP C 611 -19.89 -61.38 2.40
CA ASP C 611 -20.01 -61.20 3.84
C ASP C 611 -20.59 -59.85 4.20
N LYS C 612 -20.30 -58.82 3.42
CA LYS C 612 -20.79 -57.49 3.70
C LYS C 612 -22.12 -57.17 3.03
N CYS C 613 -22.74 -58.16 2.39
CA CYS C 613 -24.03 -57.94 1.74
C CYS C 613 -25.14 -57.81 2.77
N VAL C 614 -26.08 -56.92 2.49
CA VAL C 614 -27.25 -56.73 3.34
C VAL C 614 -28.52 -57.17 2.65
N LEU C 615 -28.41 -57.81 1.49
CA LEU C 615 -29.54 -58.34 0.73
C LEU C 615 -30.59 -57.28 0.43
N CYS C 616 -30.13 -56.07 0.06
CA CYS C 616 -31.05 -55.04 -0.36
C CYS C 616 -31.58 -55.26 -1.76
N GLY C 617 -30.87 -56.05 -2.57
CA GLY C 617 -31.35 -56.41 -3.89
C GLY C 617 -31.22 -55.32 -4.93
N LEU C 618 -30.53 -54.21 -4.62
CA LEU C 618 -30.41 -53.13 -5.58
C LEU C 618 -29.56 -53.55 -6.77
N CYS C 619 -28.53 -54.35 -6.55
CA CYS C 619 -27.61 -54.72 -7.62
C CYS C 619 -28.29 -55.61 -8.65
N VAL C 620 -29.01 -56.64 -8.19
CA VAL C 620 -29.69 -57.53 -9.12
C VAL C 620 -30.85 -56.82 -9.81
N ARG C 621 -31.55 -55.94 -9.08
CA ARG C 621 -32.66 -55.21 -9.69
C ARG C 621 -32.17 -54.26 -10.77
N VAL C 622 -31.04 -53.60 -10.54
CA VAL C 622 -30.48 -52.71 -11.55
C VAL C 622 -29.98 -53.51 -12.75
N CYS C 623 -29.22 -54.58 -12.49
CA CYS C 623 -28.66 -55.37 -13.58
C CYS C 623 -29.73 -56.09 -14.39
N ASP C 624 -30.93 -56.27 -13.84
CA ASP C 624 -31.99 -56.88 -14.63
C ASP C 624 -32.87 -55.85 -15.32
N GLU C 625 -33.32 -54.84 -14.58
CA GLU C 625 -34.35 -53.93 -15.07
C GLU C 625 -33.79 -52.75 -15.86
N VAL C 626 -32.48 -52.52 -15.84
CA VAL C 626 -31.89 -51.39 -16.53
C VAL C 626 -30.87 -51.89 -17.54
N VAL C 627 -29.83 -52.55 -17.05
CA VAL C 627 -28.80 -53.07 -17.95
C VAL C 627 -29.35 -54.20 -18.78
N GLY C 628 -30.16 -55.07 -18.19
CA GLY C 628 -30.78 -56.15 -18.93
C GLY C 628 -29.89 -57.33 -19.18
N ALA C 629 -28.64 -57.31 -18.71
CA ALA C 629 -27.76 -58.45 -18.89
C ALA C 629 -28.10 -59.59 -17.94
N THR C 630 -28.54 -59.26 -16.73
CA THR C 630 -28.83 -60.23 -15.66
C THR C 630 -27.66 -61.19 -15.45
N ALA C 631 -26.48 -60.62 -15.22
CA ALA C 631 -25.30 -61.42 -14.97
C ALA C 631 -25.28 -62.01 -13.57
N ILE C 632 -26.12 -61.52 -12.66
CA ILE C 632 -26.15 -61.96 -11.28
C ILE C 632 -27.59 -62.28 -10.90
N GLY C 633 -27.74 -63.09 -9.85
CA GLY C 633 -29.08 -63.42 -9.39
C GLY C 633 -29.03 -64.03 -8.01
N LEU C 634 -30.21 -64.14 -7.41
CA LEU C 634 -30.35 -64.68 -6.07
C LEU C 634 -30.34 -66.20 -6.10
N VAL C 635 -29.73 -66.82 -5.10
CA VAL C 635 -29.68 -68.27 -4.95
C VAL C 635 -30.03 -68.61 -3.51
N GLY C 636 -30.99 -69.50 -3.32
CA GLY C 636 -31.27 -70.06 -2.02
C GLY C 636 -32.47 -69.46 -1.31
N ARG C 637 -32.60 -69.80 -0.04
CA ARG C 637 -33.69 -69.34 0.79
C ARG C 637 -33.17 -69.02 2.20
N GLY C 638 -33.77 -68.02 2.82
CA GLY C 638 -33.45 -67.72 4.21
C GLY C 638 -32.03 -67.28 4.38
N PHE C 639 -31.31 -67.97 5.27
CA PHE C 639 -29.89 -67.66 5.47
C PHE C 639 -29.02 -68.11 4.31
N ASP C 640 -29.49 -69.08 3.52
CA ASP C 640 -28.70 -69.49 2.37
C ASP C 640 -28.87 -68.57 1.18
N SER C 641 -29.66 -67.50 1.30
CA SER C 641 -29.83 -66.57 0.21
C SER C 641 -28.54 -65.82 -0.03
N VAL C 642 -28.05 -65.85 -1.26
CA VAL C 642 -26.81 -65.17 -1.61
C VAL C 642 -26.91 -64.75 -3.07
N ILE C 643 -26.42 -63.55 -3.36
CA ILE C 643 -26.42 -63.04 -4.73
C ILE C 643 -25.12 -63.48 -5.39
N MET C 644 -25.22 -64.17 -6.51
CA MET C 644 -24.07 -64.76 -7.17
C MET C 644 -24.33 -64.84 -8.66
N PRO C 645 -23.28 -64.93 -9.50
CA PRO C 645 -23.49 -64.90 -10.96
C PRO C 645 -24.25 -66.09 -11.51
N GLU C 646 -24.42 -66.11 -12.84
CA GLU C 646 -25.20 -67.15 -13.49
C GLU C 646 -24.54 -68.52 -13.32
N PHE C 647 -25.33 -69.47 -12.84
CA PHE C 647 -24.90 -70.88 -12.68
C PHE C 647 -23.66 -71.00 -11.80
N LYS C 648 -23.50 -70.09 -10.85
CA LYS C 648 -22.35 -70.00 -9.94
C LYS C 648 -21.03 -69.80 -10.66
N LEU C 649 -21.04 -69.43 -11.94
CA LEU C 649 -19.82 -69.26 -12.70
C LEU C 649 -19.14 -67.95 -12.29
N PRO C 650 -17.85 -67.80 -12.61
CA PRO C 650 -17.20 -66.51 -12.39
C PRO C 650 -17.83 -65.42 -13.25
N LEU C 651 -17.74 -64.19 -12.76
CA LEU C 651 -18.35 -63.06 -13.48
C LEU C 651 -17.70 -62.81 -14.83
N SER C 652 -16.50 -63.32 -15.07
CA SER C 652 -15.87 -63.14 -16.36
C SER C 652 -16.47 -64.04 -17.43
N GLU C 653 -17.05 -65.17 -17.05
CA GLU C 653 -17.57 -66.14 -18.01
C GLU C 653 -19.04 -65.93 -18.32
N THR C 654 -19.70 -64.97 -17.71
CA THR C 654 -21.11 -64.72 -17.92
C THR C 654 -21.29 -63.52 -18.85
N ALA C 655 -22.54 -63.05 -18.94
CA ALA C 655 -22.89 -61.97 -19.85
C ALA C 655 -22.66 -60.58 -19.25
N CYS C 656 -21.75 -60.46 -18.30
CA CYS C 656 -21.47 -59.17 -17.69
C CYS C 656 -20.84 -58.22 -18.68
N ILE C 657 -21.17 -56.93 -18.56
CA ILE C 657 -20.61 -55.88 -19.40
C ILE C 657 -19.58 -55.04 -18.67
N SER C 658 -19.39 -55.27 -17.37
CA SER C 658 -18.50 -54.47 -16.53
C SER C 658 -18.90 -53.00 -16.54
N CYS C 659 -20.20 -52.74 -16.60
CA CYS C 659 -20.68 -51.37 -16.62
C CYS C 659 -20.46 -50.69 -15.28
N GLY C 660 -20.57 -51.42 -14.18
CA GLY C 660 -20.37 -50.84 -12.88
C GLY C 660 -21.58 -50.19 -12.25
N GLN C 661 -22.79 -50.53 -12.69
CA GLN C 661 -23.98 -49.98 -12.05
C GLN C 661 -24.26 -50.66 -10.73
N CYS C 662 -24.00 -51.97 -10.66
CA CYS C 662 -24.17 -52.68 -9.40
C CYS C 662 -23.21 -52.15 -8.35
N VAL C 663 -22.01 -51.75 -8.77
CA VAL C 663 -21.06 -51.11 -7.86
C VAL C 663 -21.61 -49.77 -7.39
N ASP C 664 -22.18 -49.00 -8.30
CA ASP C 664 -22.57 -47.63 -7.99
C ASP C 664 -23.86 -47.54 -7.20
N VAL C 665 -24.67 -48.60 -7.15
CA VAL C 665 -25.89 -48.56 -6.36
C VAL C 665 -25.77 -49.28 -5.03
N CYS C 666 -24.67 -49.96 -4.77
CA CYS C 666 -24.52 -50.70 -3.53
C CYS C 666 -24.37 -49.75 -2.35
N PRO C 667 -25.08 -49.98 -1.24
CA PRO C 667 -24.91 -49.11 -0.07
C PRO C 667 -23.79 -49.51 0.88
N THR C 668 -23.29 -50.72 0.80
CA THR C 668 -22.19 -51.19 1.63
C THR C 668 -21.00 -51.54 0.75
N GLY C 669 -20.01 -52.18 1.34
CA GLY C 669 -18.80 -52.54 0.63
C GLY C 669 -18.83 -53.89 -0.04
N ALA C 670 -20.00 -54.49 -0.24
CA ALA C 670 -20.06 -55.81 -0.86
C ALA C 670 -19.65 -55.75 -2.32
N CYS C 671 -20.16 -54.79 -3.07
CA CYS C 671 -19.80 -54.58 -4.47
C CYS C 671 -18.90 -53.36 -4.56
N MET C 672 -17.69 -53.55 -5.08
CA MET C 672 -16.71 -52.48 -5.19
C MET C 672 -16.13 -52.45 -6.59
N GLU C 673 -15.76 -51.26 -7.03
CA GLU C 673 -15.03 -51.12 -8.28
C GLU C 673 -13.54 -51.21 -8.02
N LYS C 674 -12.80 -51.65 -9.02
CA LYS C 674 -11.38 -51.87 -8.84
C LYS C 674 -10.63 -50.55 -8.87
N GLN C 675 -9.32 -50.67 -8.75
CA GLN C 675 -8.47 -49.52 -8.51
C GLN C 675 -7.94 -48.96 -9.83
N VAL C 676 -8.11 -47.66 -10.03
CA VAL C 676 -7.52 -47.00 -11.20
C VAL C 676 -6.09 -46.56 -10.90
N SER C 677 -5.82 -46.10 -9.68
CA SER C 677 -4.51 -45.61 -9.30
C SER C 677 -3.55 -46.77 -9.05
N TYR C 678 -2.34 -46.42 -8.60
CA TYR C 678 -1.31 -47.43 -8.39
C TYR C 678 -1.60 -48.27 -7.15
N LYS C 679 -2.17 -47.66 -6.11
CA LYS C 679 -2.57 -48.38 -4.90
C LYS C 679 -3.73 -47.60 -4.31
N GLN C 680 -4.94 -48.16 -4.39
CA GLN C 680 -6.10 -47.40 -3.93
C GLN C 680 -6.26 -47.51 -2.43
N ILE C 681 -7.00 -46.55 -1.88
CA ILE C 681 -7.07 -46.33 -0.44
C ILE C 681 -8.47 -45.91 -0.06
N PRO C 682 -8.89 -46.12 1.17
CA PRO C 682 -10.10 -45.46 1.66
C PRO C 682 -9.86 -44.00 1.97
N ALA C 683 -10.44 -43.09 1.20
CA ALA C 683 -10.15 -41.68 1.40
C ALA C 683 -11.35 -40.84 0.99
N ASN C 684 -11.37 -39.61 1.48
CA ASN C 684 -12.40 -38.64 1.13
C ASN C 684 -11.91 -37.82 -0.05
N MET C 685 -12.39 -38.18 -1.23
CA MET C 685 -11.78 -37.73 -2.46
C MET C 685 -12.44 -36.46 -2.98
N ASP C 686 -11.65 -35.60 -3.60
CA ASP C 686 -12.20 -34.42 -4.24
C ASP C 686 -12.91 -34.82 -5.52
N SER C 687 -13.96 -34.08 -5.84
CA SER C 687 -14.83 -34.43 -6.96
C SER C 687 -14.91 -33.27 -7.94
N MET C 688 -14.81 -33.59 -9.23
CA MET C 688 -14.93 -32.59 -10.30
C MET C 688 -15.92 -33.08 -11.34
N ALA C 689 -16.78 -32.19 -11.81
CA ALA C 689 -17.85 -32.55 -12.73
C ALA C 689 -17.39 -32.32 -14.16
N SER C 690 -17.37 -33.38 -14.96
CA SER C 690 -16.96 -33.30 -16.36
C SER C 690 -17.88 -34.18 -17.17
N VAL C 691 -17.52 -34.45 -18.43
CA VAL C 691 -18.30 -35.36 -19.26
C VAL C 691 -17.37 -36.44 -19.81
N CYS C 692 -17.96 -37.57 -20.20
CA CYS C 692 -17.18 -38.68 -20.72
C CYS C 692 -16.61 -38.35 -22.08
N GLY C 693 -15.41 -38.87 -22.33
CA GLY C 693 -14.72 -38.56 -23.56
C GLY C 693 -14.56 -39.75 -24.49
N TYR C 694 -15.59 -40.56 -24.64
CA TYR C 694 -15.48 -41.75 -25.47
C TYR C 694 -16.60 -41.90 -26.49
N CYS C 695 -17.82 -41.50 -26.17
CA CYS C 695 -18.97 -41.70 -27.03
C CYS C 695 -19.68 -40.38 -27.28
N GLY C 696 -20.57 -40.39 -28.27
CA GLY C 696 -21.36 -39.22 -28.57
C GLY C 696 -22.56 -39.04 -27.67
N VAL C 697 -22.87 -40.01 -26.81
CA VAL C 697 -23.94 -39.82 -25.85
C VAL C 697 -23.55 -38.77 -24.82
N GLY C 698 -22.29 -38.71 -24.44
CA GLY C 698 -21.79 -37.65 -23.58
C GLY C 698 -22.34 -37.65 -22.17
N CYS C 699 -22.24 -38.78 -21.49
CA CYS C 699 -22.75 -38.88 -20.13
C CYS C 699 -21.91 -38.02 -19.19
N ASN C 700 -22.57 -37.33 -18.26
CA ASN C 700 -21.87 -36.54 -17.26
C ASN C 700 -21.26 -37.45 -16.21
N VAL C 701 -20.03 -37.11 -15.78
CA VAL C 701 -19.29 -37.92 -14.82
C VAL C 701 -18.78 -37.02 -13.71
N ASN C 702 -18.47 -37.64 -12.58
CA ASN C 702 -17.76 -37.03 -11.47
C ASN C 702 -16.44 -37.75 -11.31
N ILE C 703 -15.35 -37.02 -11.42
CA ILE C 703 -14.00 -37.57 -11.28
C ILE C 703 -13.58 -37.38 -9.84
N GLU C 704 -13.29 -38.46 -9.14
CA GLU C 704 -12.83 -38.43 -7.76
C GLU C 704 -11.33 -38.69 -7.73
N TYR C 705 -10.60 -37.74 -7.16
CA TYR C 705 -9.16 -37.65 -7.24
C TYR C 705 -8.61 -37.12 -5.93
N LYS C 706 -7.31 -37.32 -5.74
CA LYS C 706 -6.63 -36.87 -4.52
C LYS C 706 -5.24 -36.40 -4.93
N GLY C 707 -5.10 -35.11 -5.17
CA GLY C 707 -3.81 -34.53 -5.53
C GLY C 707 -3.61 -34.45 -7.04
N ASP C 708 -2.73 -35.28 -7.57
CA ASP C 708 -2.44 -35.35 -9.00
C ASP C 708 -2.75 -36.74 -9.57
N VAL C 709 -3.56 -37.53 -8.88
CA VAL C 709 -3.88 -38.89 -9.29
C VAL C 709 -5.40 -39.03 -9.29
N VAL C 710 -5.96 -39.47 -10.42
CA VAL C 710 -7.38 -39.77 -10.47
C VAL C 710 -7.59 -41.18 -9.96
N PHE C 711 -8.54 -41.33 -9.04
CA PHE C 711 -8.77 -42.61 -8.38
C PHE C 711 -10.01 -43.33 -8.85
N ARG C 712 -11.12 -42.61 -9.06
CA ARG C 712 -12.31 -43.29 -9.56
C ARG C 712 -13.21 -42.31 -10.29
N VAL C 713 -14.22 -42.85 -10.97
CA VAL C 713 -15.22 -42.07 -11.69
C VAL C 713 -16.60 -42.56 -11.28
N THR C 714 -17.51 -41.63 -11.01
CA THR C 714 -18.88 -41.96 -10.63
C THR C 714 -19.86 -41.26 -11.57
N PRO C 715 -21.07 -41.79 -11.73
CA PRO C 715 -22.08 -41.08 -12.52
C PRO C 715 -22.57 -39.82 -11.82
N ASP C 716 -23.11 -38.91 -12.60
CA ASP C 716 -23.66 -37.65 -12.10
C ASP C 716 -25.16 -37.82 -11.97
N ARG C 717 -25.61 -38.13 -10.77
CA ARG C 717 -27.01 -38.45 -10.53
C ARG C 717 -27.89 -37.22 -10.38
N VAL C 718 -27.30 -36.04 -10.27
CA VAL C 718 -28.08 -34.81 -10.06
C VAL C 718 -28.45 -34.16 -11.39
N ASN C 719 -27.49 -34.03 -12.31
CA ASN C 719 -27.72 -33.36 -13.58
C ASN C 719 -28.10 -34.31 -14.71
N ASP C 720 -27.85 -35.60 -14.57
CA ASP C 720 -28.28 -36.56 -15.59
C ASP C 720 -29.04 -37.73 -15.00
N ASP C 721 -29.26 -38.76 -15.81
CA ASP C 721 -29.90 -39.96 -15.31
C ASP C 721 -29.00 -40.73 -14.36
N GLY C 722 -27.68 -40.64 -14.54
CA GLY C 722 -26.76 -41.30 -13.65
C GLY C 722 -26.34 -42.68 -14.08
N TRP C 723 -26.27 -42.95 -15.37
CA TRP C 723 -25.79 -44.22 -15.89
C TRP C 723 -24.45 -44.01 -16.57
N LEU C 724 -23.67 -45.09 -16.65
CA LEU C 724 -22.37 -45.08 -17.30
C LEU C 724 -22.13 -46.47 -17.89
N CYS C 725 -21.19 -46.56 -18.80
CA CYS C 725 -20.77 -47.83 -19.35
C CYS C 725 -19.35 -48.13 -18.89
N GLN C 726 -18.78 -49.21 -19.42
CA GLN C 726 -17.46 -49.62 -18.99
C GLN C 726 -16.41 -48.59 -19.36
N ARG C 727 -16.53 -48.00 -20.56
CA ARG C 727 -15.54 -47.03 -21.01
C ARG C 727 -15.57 -45.78 -20.16
N GLY C 728 -16.77 -45.30 -19.80
CA GLY C 728 -16.85 -44.12 -18.97
C GLY C 728 -16.39 -44.39 -17.55
N LYS C 729 -16.75 -45.56 -17.01
CA LYS C 729 -16.43 -45.89 -15.62
C LYS C 729 -14.94 -46.12 -15.43
N PHE C 730 -14.33 -46.94 -16.27
CA PHE C 730 -12.97 -47.41 -16.06
C PHE C 730 -11.99 -46.87 -17.08
N GLY C 731 -12.30 -45.75 -17.72
CA GLY C 731 -11.50 -45.30 -18.84
C GLY C 731 -10.54 -44.17 -18.59
N LEU C 732 -10.57 -43.54 -17.43
CA LEU C 732 -9.68 -42.43 -17.15
C LEU C 732 -8.34 -42.89 -16.60
N GLY C 733 -8.11 -44.19 -16.52
CA GLY C 733 -6.88 -44.74 -16.00
C GLY C 733 -5.64 -44.44 -16.80
N HIS C 734 -5.79 -43.91 -18.02
CA HIS C 734 -4.63 -43.45 -18.77
C HIS C 734 -4.10 -42.13 -18.25
N ALA C 735 -4.86 -41.42 -17.43
CA ALA C 735 -4.36 -40.16 -16.89
C ALA C 735 -3.23 -40.37 -15.89
N ASN C 736 -3.15 -41.54 -15.28
CA ASN C 736 -2.10 -41.89 -14.33
C ASN C 736 -0.99 -42.71 -14.95
N ASP C 737 -1.02 -42.92 -16.26
CA ASP C 737 -0.02 -43.77 -16.90
C ASP C 737 1.35 -43.12 -16.83
N LYS C 738 2.37 -43.92 -16.63
CA LYS C 738 3.73 -43.44 -16.57
C LYS C 738 4.42 -43.42 -17.92
N ALA C 739 3.77 -43.95 -18.97
CA ALA C 739 4.33 -43.94 -20.31
C ALA C 739 3.91 -42.71 -21.11
N ARG C 740 3.17 -41.79 -20.49
CA ARG C 740 2.82 -40.55 -21.15
C ARG C 740 4.07 -39.69 -21.38
N LEU C 741 4.06 -38.94 -22.47
CA LEU C 741 5.16 -38.05 -22.78
C LEU C 741 5.09 -36.80 -21.91
N THR C 742 6.25 -36.17 -21.74
CA THR C 742 6.37 -35.01 -20.87
C THR C 742 6.95 -33.77 -21.54
N ALA C 743 7.85 -33.93 -22.51
CA ALA C 743 8.44 -32.78 -23.18
C ALA C 743 8.56 -33.10 -24.67
N PRO C 744 8.51 -32.08 -25.53
CA PRO C 744 8.61 -32.33 -26.96
C PRO C 744 9.99 -32.83 -27.36
N VAL C 745 10.03 -33.65 -28.40
CA VAL C 745 11.26 -34.24 -28.88
C VAL C 745 11.38 -34.00 -30.38
N ILE C 746 12.59 -33.69 -30.83
CA ILE C 746 12.88 -33.41 -32.23
C ILE C 746 13.87 -34.44 -32.73
N LYS C 747 13.63 -35.00 -33.90
CA LYS C 747 14.49 -36.06 -34.42
C LYS C 747 15.73 -35.47 -35.06
N ARG C 748 16.90 -35.93 -34.62
CA ARG C 748 18.17 -35.65 -35.27
C ARG C 748 18.98 -36.93 -35.33
N ASN C 749 19.57 -37.21 -36.49
CA ASN C 749 20.37 -38.42 -36.73
C ASN C 749 19.57 -39.70 -36.49
N GLY C 750 18.25 -39.64 -36.56
CA GLY C 750 17.42 -40.79 -36.29
C GLY C 750 17.05 -40.99 -34.83
N GLN C 751 17.52 -40.14 -33.93
CA GLN C 751 17.18 -40.26 -32.52
C GLN C 751 16.47 -39.00 -32.06
N PHE C 752 15.55 -39.18 -31.11
CA PHE C 752 14.77 -38.07 -30.58
C PHE C 752 15.57 -37.36 -29.49
N VAL C 753 15.61 -36.03 -29.57
CA VAL C 753 16.31 -35.20 -28.60
C VAL C 753 15.28 -34.32 -27.91
N LYS C 754 15.30 -34.30 -26.58
CA LYS C 754 14.40 -33.46 -25.82
C LYS C 754 14.75 -32.00 -26.03
N VAL C 755 13.73 -31.17 -26.23
CA VAL C 755 13.94 -29.75 -26.49
C VAL C 755 13.00 -28.94 -25.63
N ASP C 756 13.28 -27.65 -25.54
CA ASP C 756 12.42 -26.72 -24.84
C ASP C 756 11.16 -26.47 -25.66
N TRP C 757 10.20 -25.78 -25.04
CA TRP C 757 8.97 -25.49 -25.76
C TRP C 757 9.17 -24.44 -26.84
N ASN C 758 10.01 -23.44 -26.57
CA ASN C 758 10.27 -22.39 -27.57
C ASN C 758 10.98 -22.94 -28.78
N GLU C 759 11.97 -23.82 -28.57
CA GLU C 759 12.67 -24.43 -29.68
C GLU C 759 11.75 -25.29 -30.52
N ALA C 760 10.84 -26.02 -29.85
CA ALA C 760 9.86 -26.84 -30.58
C ALA C 760 8.93 -25.96 -31.42
N ASN C 761 8.46 -24.86 -30.85
CA ASN C 761 7.58 -23.96 -31.59
C ASN C 761 8.29 -23.39 -32.82
N LEU C 762 9.52 -22.93 -32.64
CA LEU C 762 10.28 -22.39 -33.75
C LEU C 762 10.51 -23.44 -34.83
N GLU C 763 10.84 -24.67 -34.42
CA GLU C 763 11.14 -25.71 -35.39
C GLU C 763 9.92 -26.07 -36.22
N VAL C 764 8.77 -26.22 -35.57
CA VAL C 764 7.59 -26.62 -36.32
C VAL C 764 7.14 -25.49 -37.25
N VAL C 765 7.19 -24.24 -36.79
CA VAL C 765 6.75 -23.13 -37.65
C VAL C 765 7.68 -22.99 -38.85
N LYS C 766 9.00 -23.07 -38.63
CA LYS C 766 9.94 -22.89 -39.72
C LYS C 766 9.89 -24.04 -40.71
N ARG C 767 9.69 -25.27 -40.23
CA ARG C 767 9.59 -26.41 -41.16
C ARG C 767 8.31 -26.35 -41.98
N LEU C 768 7.20 -25.92 -41.36
CA LEU C 768 5.97 -25.76 -42.11
C LEU C 768 6.10 -24.67 -43.15
N GLN C 769 6.75 -23.56 -42.79
CA GLN C 769 6.98 -22.48 -43.74
C GLN C 769 7.88 -22.92 -44.88
N ALA C 770 8.88 -23.75 -44.58
CA ALA C 770 9.75 -24.28 -45.63
C ALA C 770 8.98 -25.17 -46.60
N VAL C 771 8.08 -26.01 -46.08
CA VAL C 771 7.28 -26.86 -46.95
C VAL C 771 6.36 -26.02 -47.84
N VAL C 772 5.74 -24.99 -47.25
CA VAL C 772 4.86 -24.11 -48.02
C VAL C 772 5.66 -23.38 -49.11
N ALA C 773 6.86 -22.90 -48.77
CA ALA C 773 7.68 -22.20 -49.75
C ALA C 773 8.12 -23.12 -50.88
N ALA C 774 8.50 -24.34 -50.56
CA ALA C 774 9.03 -25.22 -51.59
C ALA C 774 7.93 -25.78 -52.49
N TYR C 775 6.73 -26.01 -51.94
CA TYR C 775 5.70 -26.71 -52.71
C TYR C 775 4.39 -25.93 -52.85
N GLY C 776 4.36 -24.67 -52.44
CA GLY C 776 3.21 -23.84 -52.76
C GLY C 776 1.98 -24.14 -51.93
N LYS C 777 0.81 -23.87 -52.52
CA LYS C 777 -0.46 -23.96 -51.84
C LYS C 777 -0.99 -25.39 -51.82
N ASP C 778 -1.76 -25.70 -50.76
CA ASP C 778 -2.45 -26.98 -50.59
C ASP C 778 -1.49 -28.15 -50.53
N SER C 779 -0.33 -27.96 -49.93
CA SER C 779 0.64 -29.03 -49.76
C SER C 779 0.64 -29.60 -48.36
N ILE C 780 -0.22 -29.11 -47.46
CA ILE C 780 -0.22 -29.50 -46.07
C ILE C 780 -1.61 -29.99 -45.70
N GLY C 781 -1.69 -31.16 -45.10
CA GLY C 781 -2.95 -31.71 -44.61
C GLY C 781 -2.97 -31.71 -43.08
N VAL C 782 -4.11 -31.36 -42.51
CA VAL C 782 -4.27 -31.28 -41.06
C VAL C 782 -5.25 -32.37 -40.63
N VAL C 783 -4.72 -33.44 -40.05
CA VAL C 783 -5.51 -34.56 -39.58
C VAL C 783 -5.70 -34.41 -38.08
N VAL C 784 -6.95 -34.32 -37.64
CA VAL C 784 -7.21 -34.18 -36.22
C VAL C 784 -8.09 -35.33 -35.75
N SER C 785 -8.24 -35.43 -34.44
CA SER C 785 -9.07 -36.43 -33.77
C SER C 785 -10.29 -35.78 -33.17
N PRO C 786 -11.44 -36.42 -33.20
CA PRO C 786 -12.66 -35.78 -32.69
C PRO C 786 -12.77 -35.78 -31.19
N ARG C 787 -11.69 -36.12 -30.48
CA ARG C 787 -11.73 -36.08 -29.03
C ARG C 787 -11.40 -34.71 -28.46
N LEU C 788 -10.90 -33.79 -29.27
CA LEU C 788 -10.51 -32.49 -28.77
C LEU C 788 -11.72 -31.62 -28.53
N THR C 789 -11.55 -30.61 -27.68
CA THR C 789 -12.64 -29.71 -27.36
C THR C 789 -12.94 -28.80 -28.54
N ASN C 790 -13.96 -27.96 -28.39
CA ASN C 790 -14.35 -27.07 -29.48
C ASN C 790 -13.28 -26.02 -29.74
N GLU C 791 -12.66 -25.50 -28.69
CA GLU C 791 -11.69 -24.44 -28.86
C GLU C 791 -10.42 -24.94 -29.52
N GLU C 792 -9.98 -26.15 -29.16
CA GLU C 792 -8.80 -26.73 -29.81
C GLU C 792 -9.07 -27.04 -31.29
N LEU C 793 -10.27 -27.50 -31.61
CA LEU C 793 -10.61 -27.74 -33.01
C LEU C 793 -10.67 -26.44 -33.80
N PHE C 794 -11.23 -25.39 -33.19
CA PHE C 794 -11.26 -24.09 -33.85
C PHE C 794 -9.85 -23.56 -34.09
N LEU C 795 -8.97 -23.70 -33.11
CA LEU C 795 -7.60 -23.24 -33.28
C LEU C 795 -6.85 -24.07 -34.31
N ALA C 796 -7.12 -25.37 -34.39
CA ALA C 796 -6.50 -26.17 -35.44
C ALA C 796 -7.00 -25.75 -36.81
N GLY C 797 -8.28 -25.41 -36.92
CA GLY C 797 -8.77 -24.85 -38.18
C GLY C 797 -8.12 -23.52 -38.52
N LYS C 798 -7.91 -22.68 -37.52
CA LYS C 798 -7.23 -21.40 -37.75
C LYS C 798 -5.79 -21.61 -38.20
N LEU C 799 -5.12 -22.60 -37.62
CA LEU C 799 -3.77 -22.95 -38.06
C LEU C 799 -3.77 -23.47 -39.48
N ALA C 800 -4.77 -24.26 -39.86
CA ALA C 800 -4.88 -24.71 -41.23
C ALA C 800 -5.09 -23.55 -42.19
N ASP C 801 -5.92 -22.59 -41.79
CA ASP C 801 -6.17 -21.42 -42.64
C ASP C 801 -4.90 -20.58 -42.80
N ALA C 802 -4.16 -20.38 -41.71
CA ALA C 802 -3.00 -19.49 -41.75
C ALA C 802 -1.79 -20.12 -42.41
N VAL C 803 -1.78 -21.45 -42.56
CA VAL C 803 -0.68 -22.14 -43.22
C VAL C 803 -0.96 -22.35 -44.71
N ASN C 804 -2.01 -21.71 -45.23
CA ASN C 804 -2.37 -21.76 -46.65
C ASN C 804 -2.67 -23.18 -47.10
N THR C 805 -3.72 -23.75 -46.54
CA THR C 805 -4.20 -25.05 -46.95
C THR C 805 -5.70 -25.14 -46.72
N THR C 806 -6.33 -26.06 -47.43
CA THR C 806 -7.75 -26.35 -47.27
C THR C 806 -8.01 -27.79 -46.86
N ILE C 807 -6.97 -28.61 -46.71
CA ILE C 807 -7.13 -30.03 -46.43
C ILE C 807 -7.17 -30.16 -44.91
N LYS C 808 -8.37 -30.16 -44.35
CA LYS C 808 -8.59 -30.46 -42.94
C LYS C 808 -9.48 -31.68 -42.85
N THR C 809 -9.07 -32.67 -42.06
CA THR C 809 -9.72 -33.96 -42.13
C THR C 809 -9.55 -34.71 -40.82
N SER C 810 -10.21 -35.86 -40.75
CA SER C 810 -10.12 -36.78 -39.63
C SER C 810 -10.39 -38.17 -40.15
N TYR C 811 -9.70 -39.17 -39.60
CA TYR C 811 -9.96 -40.54 -40.02
C TYR C 811 -11.25 -41.07 -39.40
N SER C 812 -11.63 -40.57 -38.22
CA SER C 812 -12.86 -41.00 -37.60
C SER C 812 -14.09 -40.38 -38.27
N VAL C 813 -14.02 -39.08 -38.57
CA VAL C 813 -15.15 -38.39 -39.18
C VAL C 813 -15.35 -38.84 -40.62
N ASP C 814 -14.25 -39.05 -41.35
CA ASP C 814 -14.14 -39.53 -42.73
C ASP C 814 -15.24 -39.04 -43.68
N GLY C 815 -15.55 -37.76 -43.61
CA GLY C 815 -16.49 -37.16 -44.52
C GLY C 815 -17.90 -37.02 -44.01
N GLY C 816 -18.14 -37.32 -42.74
CA GLY C 816 -19.46 -37.16 -42.18
C GLY C 816 -20.37 -38.33 -42.47
N SER C 817 -21.62 -38.18 -42.05
CA SER C 817 -22.61 -39.24 -42.13
C SER C 817 -23.45 -39.19 -43.40
N GLY C 818 -23.26 -38.19 -44.24
CA GLY C 818 -24.02 -38.10 -45.47
C GLY C 818 -25.41 -37.52 -45.33
N LEU C 819 -25.83 -37.18 -44.12
CA LEU C 819 -27.11 -36.52 -43.94
C LEU C 819 -27.08 -35.04 -44.31
N GLY C 820 -25.87 -34.47 -44.42
CA GLY C 820 -25.77 -33.05 -44.73
C GLY C 820 -26.23 -32.71 -46.13
N SER C 821 -26.00 -33.60 -47.09
CA SER C 821 -26.34 -33.31 -48.48
C SER C 821 -27.85 -33.33 -48.71
N VAL C 822 -28.62 -33.92 -47.81
CA VAL C 822 -30.05 -34.06 -48.00
C VAL C 822 -30.82 -32.97 -47.27
N LEU C 823 -30.50 -32.73 -46.00
CA LEU C 823 -31.25 -31.79 -45.18
C LEU C 823 -30.50 -30.49 -44.92
N GLY C 824 -29.21 -30.42 -45.23
CA GLY C 824 -28.43 -29.23 -45.08
C GLY C 824 -27.49 -29.24 -43.90
N TYR C 825 -27.90 -29.86 -42.80
CA TYR C 825 -27.10 -29.96 -41.59
C TYR C 825 -26.78 -31.42 -41.34
N ASP C 826 -25.52 -31.71 -41.01
CA ASP C 826 -25.11 -33.06 -40.64
C ASP C 826 -25.23 -33.20 -39.12
N ALA C 827 -26.48 -33.31 -38.67
CA ALA C 827 -26.75 -33.34 -37.24
C ALA C 827 -28.08 -34.02 -37.00
N SER C 828 -28.28 -34.44 -35.75
CA SER C 828 -29.53 -35.06 -35.36
C SER C 828 -30.66 -34.04 -35.35
N THR C 829 -31.80 -34.42 -35.90
CA THR C 829 -32.94 -33.53 -35.97
C THR C 829 -33.73 -33.45 -34.67
N ASN C 830 -33.39 -34.26 -33.68
CA ASN C 830 -34.10 -34.26 -32.40
C ASN C 830 -33.13 -34.57 -31.29
N SER C 831 -33.50 -34.19 -30.08
CA SER C 831 -32.64 -34.40 -28.93
C SER C 831 -32.98 -35.72 -28.23
N PHE C 832 -32.08 -36.15 -27.34
CA PHE C 832 -32.32 -37.36 -26.56
C PHE C 832 -33.51 -37.22 -25.63
N ALA C 833 -33.79 -35.99 -25.17
CA ALA C 833 -34.88 -35.75 -24.23
C ALA C 833 -36.25 -36.06 -24.82
N GLU C 834 -36.34 -36.22 -26.14
CA GLU C 834 -37.58 -36.57 -26.79
C GLU C 834 -37.74 -38.07 -27.01
N LEU C 835 -36.82 -38.88 -26.48
CA LEU C 835 -37.02 -40.32 -26.53
C LEU C 835 -38.08 -40.78 -25.53
N ASP C 836 -38.43 -39.94 -24.56
CA ASP C 836 -39.39 -40.35 -23.54
C ASP C 836 -40.82 -40.34 -24.06
N ASN C 837 -41.15 -39.41 -24.95
CA ASN C 837 -42.52 -39.18 -25.37
C ASN C 837 -42.86 -39.79 -26.73
N SER C 838 -41.89 -40.32 -27.45
CA SER C 838 -42.21 -40.98 -28.70
C SER C 838 -42.93 -42.30 -28.43
N ASP C 839 -43.69 -42.75 -29.42
CA ASP C 839 -44.44 -44.00 -29.27
C ASP C 839 -43.86 -45.14 -30.09
N PHE C 840 -42.74 -44.92 -30.76
CA PHE C 840 -42.12 -45.94 -31.59
C PHE C 840 -40.69 -45.52 -31.86
N VAL C 841 -39.75 -46.43 -31.65
CA VAL C 841 -38.33 -46.15 -31.88
C VAL C 841 -37.78 -47.27 -32.75
N LEU C 842 -37.29 -46.92 -33.92
CA LEU C 842 -36.66 -47.87 -34.83
C LEU C 842 -35.16 -47.69 -34.75
N THR C 843 -34.43 -48.76 -34.42
CA THR C 843 -33.00 -48.69 -34.22
C THR C 843 -32.28 -49.34 -35.39
N LEU C 844 -31.29 -48.65 -35.92
CA LEU C 844 -30.47 -49.14 -37.03
C LEU C 844 -29.05 -49.28 -36.51
N GLY C 845 -28.47 -50.46 -36.70
CA GLY C 845 -27.12 -50.70 -36.24
C GLY C 845 -27.07 -51.32 -34.86
N LYS C 846 -25.86 -51.36 -34.31
CA LYS C 846 -25.64 -51.92 -32.98
C LYS C 846 -25.63 -50.81 -31.94
N VAL C 847 -26.82 -50.27 -31.68
CA VAL C 847 -26.95 -49.19 -30.71
C VAL C 847 -26.68 -49.71 -29.30
N LYS C 848 -27.12 -50.94 -29.01
CA LYS C 848 -26.96 -51.48 -27.67
C LYS C 848 -25.49 -51.77 -27.36
N GLU C 849 -24.76 -52.32 -28.32
CA GLU C 849 -23.38 -52.73 -28.06
C GLU C 849 -22.42 -51.55 -28.04
N ASN C 850 -22.66 -50.53 -28.84
CA ASN C 850 -21.72 -49.44 -28.99
C ASN C 850 -22.01 -48.25 -28.07
N HIS C 851 -23.27 -47.87 -27.91
CA HIS C 851 -23.66 -46.78 -27.04
C HIS C 851 -24.69 -47.31 -26.05
N PRO C 852 -24.25 -47.99 -24.99
CA PRO C 852 -25.20 -48.75 -24.17
C PRO C 852 -26.01 -47.91 -23.20
N VAL C 853 -25.56 -46.72 -22.82
CA VAL C 853 -26.36 -45.88 -21.93
C VAL C 853 -27.63 -45.42 -22.64
N LEU C 854 -27.54 -45.19 -23.94
CA LEU C 854 -28.74 -44.90 -24.72
C LEU C 854 -29.69 -46.09 -24.72
N ASP C 855 -29.15 -47.31 -24.76
CA ASP C 855 -30.01 -48.49 -24.66
C ASP C 855 -30.64 -48.57 -23.27
N PHE C 856 -29.91 -48.20 -22.22
CA PHE C 856 -30.49 -48.19 -20.88
C PHE C 856 -31.67 -47.22 -20.82
N LYS C 857 -31.48 -46.04 -21.39
CA LYS C 857 -32.54 -45.03 -21.39
C LYS C 857 -33.74 -45.49 -22.20
N ILE C 858 -33.50 -46.13 -23.35
CA ILE C 858 -34.60 -46.62 -24.17
C ILE C 858 -35.37 -47.72 -23.45
N ARG C 859 -34.65 -48.61 -22.77
CA ARG C 859 -35.30 -49.70 -22.04
C ARG C 859 -36.09 -49.18 -20.86
N LEU C 860 -35.57 -48.18 -20.15
CA LEU C 860 -36.28 -47.64 -19.02
C LEU C 860 -37.46 -46.78 -19.45
N SER C 861 -37.42 -46.23 -20.66
CA SER C 861 -38.56 -45.44 -21.14
C SER C 861 -39.80 -46.30 -21.34
N GLY C 862 -39.61 -47.53 -21.84
CA GLY C 862 -40.73 -48.43 -22.04
C GLY C 862 -41.42 -48.29 -23.37
N VAL C 863 -40.94 -47.41 -24.26
CA VAL C 863 -41.57 -47.26 -25.57
C VAL C 863 -41.27 -48.48 -26.42
N CYS C 864 -42.10 -48.71 -27.43
CA CYS C 864 -41.95 -49.87 -28.29
C CYS C 864 -40.77 -49.66 -29.21
N SER C 865 -39.71 -50.42 -29.00
CA SER C 865 -38.50 -50.32 -29.80
C SER C 865 -38.37 -51.55 -30.67
N VAL C 866 -38.23 -51.33 -31.98
CA VAL C 866 -38.08 -52.41 -32.95
C VAL C 866 -36.74 -52.23 -33.65
N ALA C 867 -35.94 -53.30 -33.67
CA ALA C 867 -34.65 -53.26 -34.33
C ALA C 867 -34.78 -53.65 -35.80
N TRP C 868 -34.03 -52.98 -36.65
CA TRP C 868 -33.99 -53.32 -38.06
C TRP C 868 -33.37 -54.70 -38.22
N PRO C 869 -33.96 -55.58 -39.02
CA PRO C 869 -33.49 -56.98 -39.08
C PRO C 869 -32.07 -57.07 -39.64
N GLN C 870 -31.33 -58.05 -39.14
CA GLN C 870 -29.95 -58.25 -39.57
C GLN C 870 -29.86 -58.89 -40.95
N SER C 871 -30.87 -59.64 -41.36
CA SER C 871 -30.85 -60.31 -42.66
C SER C 871 -31.28 -59.39 -43.81
N LEU C 872 -31.20 -58.08 -43.61
CA LEU C 872 -31.57 -57.08 -44.60
C LEU C 872 -30.40 -56.14 -44.85
N ALA C 873 -29.21 -56.70 -45.07
CA ALA C 873 -27.98 -55.95 -45.06
C ALA C 873 -27.78 -55.06 -46.29
N ASN C 874 -28.49 -55.31 -47.38
CA ASN C 874 -28.35 -54.52 -48.59
C ASN C 874 -29.49 -53.53 -48.70
N THR C 875 -29.25 -52.41 -49.39
CA THR C 875 -30.22 -51.35 -49.44
C THR C 875 -31.32 -51.58 -50.47
N ALA C 876 -31.27 -52.69 -51.22
CA ALA C 876 -32.43 -53.06 -52.01
C ALA C 876 -33.63 -53.33 -51.11
N ASP C 877 -33.39 -53.91 -49.93
CA ASP C 877 -34.47 -54.08 -48.97
C ASP C 877 -34.97 -52.75 -48.43
N MET C 878 -34.09 -51.76 -48.27
CA MET C 878 -34.55 -50.43 -47.88
C MET C 878 -35.35 -49.77 -49.00
N LYS C 879 -35.00 -50.05 -50.26
CA LYS C 879 -35.82 -49.55 -51.36
C LYS C 879 -37.19 -50.21 -51.36
N VAL C 880 -37.25 -51.50 -51.03
CA VAL C 880 -38.53 -52.18 -50.87
C VAL C 880 -39.32 -51.55 -49.72
N PHE C 881 -38.62 -51.17 -48.65
CA PHE C 881 -39.26 -50.46 -47.54
C PHE C 881 -39.85 -49.13 -47.99
N LEU C 882 -39.11 -48.39 -48.82
CA LEU C 882 -39.61 -47.14 -49.36
C LEU C 882 -40.84 -47.37 -50.21
N LYS C 883 -40.82 -48.40 -51.05
CA LYS C 883 -41.97 -48.70 -51.90
C LYS C 883 -43.19 -49.07 -51.07
N ALA C 884 -42.98 -49.86 -50.01
CA ALA C 884 -44.08 -50.23 -49.13
C ALA C 884 -44.65 -49.02 -48.41
N LEU C 885 -43.79 -48.09 -48.00
CA LEU C 885 -44.27 -46.86 -47.38
C LEU C 885 -45.06 -46.02 -48.38
N LEU C 886 -44.61 -45.98 -49.64
CA LEU C 886 -45.34 -45.23 -50.66
C LEU C 886 -46.71 -45.85 -50.91
N ASN C 887 -46.79 -47.18 -50.93
CA ASN C 887 -48.06 -47.84 -51.21
C ASN C 887 -49.07 -47.67 -50.09
N LEU C 888 -48.65 -47.19 -48.92
CA LEU C 888 -49.56 -46.98 -47.80
C LEU C 888 -50.18 -45.60 -47.80
N GLY C 889 -50.13 -44.88 -48.92
CA GLY C 889 -50.83 -43.62 -49.03
C GLY C 889 -50.13 -42.44 -48.39
N VAL C 890 -48.98 -42.06 -48.91
CA VAL C 890 -48.31 -40.84 -48.49
C VAL C 890 -48.88 -39.66 -49.27
N ASP C 891 -48.79 -38.48 -48.70
CA ASP C 891 -49.23 -37.26 -49.38
C ASP C 891 -48.16 -36.85 -50.38
N GLU C 892 -48.44 -37.03 -51.67
CA GLU C 892 -47.46 -36.71 -52.69
C GLU C 892 -47.35 -35.22 -52.96
N ASN C 893 -48.41 -34.44 -52.69
CA ASN C 893 -48.36 -33.01 -52.99
C ASN C 893 -47.39 -32.27 -52.09
N LYS C 894 -47.43 -32.55 -50.78
CA LYS C 894 -46.53 -31.87 -49.85
C LYS C 894 -45.09 -32.23 -50.13
N VAL C 895 -44.79 -33.51 -50.38
CA VAL C 895 -43.43 -33.91 -50.67
C VAL C 895 -43.00 -33.49 -52.07
N ALA C 896 -43.95 -33.16 -52.95
CA ALA C 896 -43.58 -32.56 -54.22
C ALA C 896 -43.23 -31.09 -54.02
N GLU C 897 -43.92 -30.42 -53.09
CA GLU C 897 -43.65 -29.02 -52.85
C GLU C 897 -42.34 -28.81 -52.09
N LYS C 898 -42.07 -29.65 -51.10
CA LYS C 898 -40.95 -29.41 -50.18
C LYS C 898 -39.66 -30.11 -50.57
N THR C 899 -39.68 -30.98 -51.58
CA THR C 899 -38.49 -31.72 -51.98
C THR C 899 -38.23 -31.55 -53.47
N GLU C 900 -36.98 -31.78 -53.85
CA GLU C 900 -36.55 -31.73 -55.23
C GLU C 900 -36.20 -33.14 -55.70
N GLY C 901 -36.85 -33.58 -56.77
CA GLY C 901 -36.57 -34.89 -57.32
C GLY C 901 -37.42 -36.02 -56.77
N PHE C 902 -38.63 -35.73 -56.31
CA PHE C 902 -39.49 -36.79 -55.79
C PHE C 902 -40.02 -37.67 -56.91
N ALA C 903 -40.35 -37.08 -58.06
CA ALA C 903 -40.93 -37.85 -59.15
C ALA C 903 -39.93 -38.85 -59.73
N GLU C 904 -38.66 -38.46 -59.81
CA GLU C 904 -37.64 -39.38 -60.30
C GLU C 904 -37.46 -40.56 -59.34
N LEU C 905 -37.50 -40.28 -58.03
CA LEU C 905 -37.41 -41.36 -57.04
C LEU C 905 -38.60 -42.29 -57.14
N LYS C 906 -39.80 -41.73 -57.33
CA LYS C 906 -40.99 -42.57 -57.48
C LYS C 906 -40.92 -43.41 -58.75
N ALA C 907 -40.39 -42.84 -59.83
CA ALA C 907 -40.23 -43.60 -61.06
C ALA C 907 -39.19 -44.70 -60.91
N SER C 908 -38.17 -44.47 -60.07
CA SER C 908 -37.15 -45.49 -59.87
C SER C 908 -37.68 -46.69 -59.11
N LEU C 909 -38.63 -46.48 -58.19
CA LEU C 909 -39.20 -47.56 -57.39
C LEU C 909 -40.49 -48.10 -57.98
N ALA C 910 -40.67 -48.01 -59.29
CA ALA C 910 -41.94 -48.40 -59.90
C ALA C 910 -42.10 -49.92 -60.01
N ASP C 911 -41.01 -50.65 -60.22
CA ASP C 911 -41.06 -52.09 -60.44
C ASP C 911 -40.61 -52.87 -59.22
N VAL C 912 -40.67 -52.29 -58.03
CA VAL C 912 -40.16 -52.92 -56.83
C VAL C 912 -41.28 -53.71 -56.17
N LYS C 913 -41.02 -54.98 -55.90
CA LYS C 913 -41.97 -55.84 -55.19
C LYS C 913 -41.75 -55.71 -53.69
N VAL C 914 -42.78 -56.09 -52.93
CA VAL C 914 -42.81 -55.92 -51.49
C VAL C 914 -42.95 -57.28 -50.83
N SER C 915 -42.13 -57.53 -49.81
CA SER C 915 -42.19 -58.75 -49.02
C SER C 915 -43.02 -58.53 -47.76
N GLU C 916 -43.31 -59.63 -47.07
CA GLU C 916 -44.19 -59.60 -45.91
C GLU C 916 -43.59 -58.87 -44.72
N GLU C 917 -42.34 -59.21 -44.38
CA GLU C 917 -41.66 -58.62 -43.23
C GLU C 917 -41.47 -57.12 -43.44
N ILE C 918 -41.08 -56.74 -44.66
CA ILE C 918 -40.92 -55.34 -45.01
C ILE C 918 -42.26 -54.61 -44.88
N GLN C 919 -43.33 -55.26 -45.33
CA GLN C 919 -44.66 -54.68 -45.22
C GLN C 919 -45.06 -54.47 -43.77
N ALA C 920 -44.73 -55.44 -42.91
CA ALA C 920 -45.05 -55.32 -41.50
C ALA C 920 -44.28 -54.17 -40.85
N LEU C 921 -42.99 -54.04 -41.16
CA LEU C 921 -42.22 -52.92 -40.63
C LEU C 921 -42.73 -51.59 -41.14
N ALA C 922 -43.11 -51.52 -42.42
CA ALA C 922 -43.63 -50.29 -42.99
C ALA C 922 -44.96 -49.91 -42.36
N GLN C 923 -45.82 -50.90 -42.12
CA GLN C 923 -47.07 -50.62 -41.43
C GLN C 923 -46.82 -50.11 -40.02
N LYS C 924 -45.88 -50.74 -39.30
CA LYS C 924 -45.58 -50.31 -37.94
C LYS C 924 -45.07 -48.88 -37.92
N TYR C 925 -44.24 -48.51 -38.90
CA TYR C 925 -43.77 -47.13 -38.98
C TYR C 925 -44.89 -46.18 -39.39
N ALA C 926 -45.82 -46.65 -40.21
CA ALA C 926 -46.85 -45.75 -40.75
C ALA C 926 -47.91 -45.42 -39.71
N LYS C 927 -48.38 -46.41 -38.94
CA LYS C 927 -49.43 -46.09 -37.96
C LYS C 927 -48.89 -45.34 -36.76
N ALA C 928 -47.59 -45.32 -36.55
CA ALA C 928 -47.02 -44.61 -35.42
C ALA C 928 -47.18 -43.11 -35.59
N ALA C 929 -47.70 -42.45 -34.56
CA ALA C 929 -47.91 -41.01 -34.64
C ALA C 929 -46.59 -40.25 -34.56
N LYS C 930 -45.71 -40.62 -33.63
CA LYS C 930 -44.46 -39.91 -33.38
C LYS C 930 -43.29 -40.90 -33.38
N PRO C 931 -42.87 -41.36 -34.55
CA PRO C 931 -41.77 -42.34 -34.59
C PRO C 931 -40.40 -41.70 -34.69
N LEU C 932 -39.47 -42.22 -33.91
CA LEU C 932 -38.08 -41.82 -33.96
C LEU C 932 -37.24 -42.91 -34.62
N ILE C 933 -36.14 -42.49 -35.23
CA ILE C 933 -35.16 -43.42 -35.78
C ILE C 933 -33.83 -43.11 -35.15
N VAL C 934 -33.22 -44.11 -34.53
CA VAL C 934 -31.92 -43.98 -33.89
C VAL C 934 -30.93 -44.81 -34.70
N ILE C 935 -29.97 -44.14 -35.32
CA ILE C 935 -29.02 -44.76 -36.22
C ILE C 935 -27.65 -44.70 -35.58
N ASP C 936 -27.00 -45.86 -35.46
CA ASP C 936 -25.63 -45.90 -34.94
C ASP C 936 -24.66 -45.63 -36.08
N GLU C 937 -23.87 -44.56 -35.95
CA GLU C 937 -22.94 -44.19 -37.00
C GLU C 937 -21.78 -45.16 -37.12
N ASP C 938 -21.53 -45.99 -36.11
CA ASP C 938 -20.38 -46.89 -36.15
C ASP C 938 -20.61 -48.07 -37.08
N THR C 939 -21.86 -48.48 -37.29
CA THR C 939 -22.13 -49.71 -38.02
C THR C 939 -23.10 -49.51 -39.17
N VAL C 940 -23.33 -48.27 -39.60
CA VAL C 940 -24.29 -47.98 -40.66
C VAL C 940 -23.60 -47.10 -41.70
N SER C 941 -23.70 -47.50 -42.96
CA SER C 941 -23.14 -46.71 -44.04
C SER C 941 -23.95 -45.42 -44.26
N ALA C 942 -23.32 -44.46 -44.93
CA ALA C 942 -23.95 -43.16 -45.14
C ALA C 942 -25.18 -43.26 -46.04
N GLU C 943 -25.13 -44.17 -47.02
CA GLU C 943 -26.24 -44.32 -47.94
C GLU C 943 -27.48 -44.89 -47.26
N ALA C 944 -27.32 -45.77 -46.28
CA ALA C 944 -28.46 -46.22 -45.49
C ALA C 944 -29.05 -45.07 -44.69
N VAL C 945 -28.20 -44.18 -44.17
CA VAL C 945 -28.70 -42.99 -43.48
C VAL C 945 -29.48 -42.11 -44.45
N LYS C 946 -29.00 -41.99 -45.68
CA LYS C 946 -29.72 -41.22 -46.68
C LYS C 946 -31.09 -41.82 -46.97
N LEU C 947 -31.16 -43.15 -47.10
CA LEU C 947 -32.44 -43.78 -47.37
C LEU C 947 -33.40 -43.65 -46.21
N MET C 948 -32.89 -43.73 -44.98
CA MET C 948 -33.73 -43.50 -43.81
C MET C 948 -34.25 -42.07 -43.77
N ALA C 949 -33.40 -41.11 -44.14
CA ALA C 949 -33.86 -39.73 -44.23
C ALA C 949 -34.93 -39.57 -45.30
N TYR C 950 -34.79 -40.28 -46.42
CA TYR C 950 -35.82 -40.25 -47.46
C TYR C 950 -37.14 -40.79 -46.92
N ALA C 951 -37.09 -41.89 -46.18
CA ALA C 951 -38.30 -42.47 -45.61
C ALA C 951 -38.95 -41.52 -44.62
N ALA C 952 -38.14 -40.83 -43.81
CA ALA C 952 -38.71 -39.86 -42.89
C ALA C 952 -39.28 -38.65 -43.61
N VAL C 953 -38.67 -38.25 -44.73
CA VAL C 953 -39.12 -37.05 -45.43
C VAL C 953 -40.43 -37.31 -46.17
N ILE C 954 -40.52 -38.42 -46.89
CA ILE C 954 -41.71 -38.65 -47.70
C ILE C 954 -42.93 -38.94 -46.85
N THR C 955 -42.74 -39.37 -45.61
CA THR C 955 -43.88 -39.58 -44.71
C THR C 955 -44.24 -38.34 -43.91
N GLY C 956 -43.43 -37.29 -43.98
CA GLY C 956 -43.75 -36.09 -43.23
C GLY C 956 -43.51 -36.18 -41.74
N LYS C 957 -42.68 -37.12 -41.30
CA LYS C 957 -42.39 -37.30 -39.89
C LYS C 957 -41.08 -36.64 -39.48
N ILE C 958 -40.72 -35.53 -40.11
CA ILE C 958 -39.48 -34.83 -39.81
C ILE C 958 -39.76 -33.35 -39.70
N GLY C 959 -38.87 -32.63 -39.03
CA GLY C 959 -38.98 -31.19 -38.91
C GLY C 959 -39.92 -30.70 -37.83
N ALA C 960 -40.32 -31.56 -36.89
CA ALA C 960 -41.19 -31.15 -35.81
C ALA C 960 -40.83 -31.95 -34.57
N ALA C 961 -41.48 -31.63 -33.46
CA ALA C 961 -41.15 -32.24 -32.18
C ALA C 961 -41.57 -33.70 -32.13
N TYR C 962 -40.78 -34.51 -31.41
CA TYR C 962 -41.02 -35.94 -31.18
C TYR C 962 -41.03 -36.75 -32.46
N ARG C 963 -40.46 -36.21 -33.54
CA ARG C 963 -40.46 -36.88 -34.83
C ARG C 963 -39.19 -36.52 -35.57
N GLY C 964 -38.46 -37.50 -36.04
CA GLY C 964 -37.27 -37.18 -36.80
C GLY C 964 -36.30 -38.34 -36.82
N ILE C 965 -35.03 -37.99 -36.89
CA ILE C 965 -33.93 -38.95 -36.92
C ILE C 965 -32.91 -38.52 -35.87
N ILE C 966 -32.55 -39.43 -34.98
CA ILE C 966 -31.50 -39.21 -34.01
C ILE C 966 -30.27 -39.97 -34.45
N LEU C 967 -29.14 -39.28 -34.56
CA LEU C 967 -27.91 -39.84 -35.08
C LEU C 967 -26.85 -39.75 -34.00
N VAL C 968 -26.37 -40.90 -33.53
CA VAL C 968 -25.36 -40.96 -32.48
C VAL C 968 -24.00 -41.14 -33.13
N ARG C 969 -23.03 -40.37 -32.66
CA ARG C 969 -21.72 -40.29 -33.30
C ARG C 969 -20.74 -41.27 -32.68
N THR C 970 -19.59 -41.40 -33.34
CA THR C 970 -18.57 -42.35 -32.90
C THR C 970 -17.82 -41.86 -31.68
N LYS C 971 -17.46 -40.58 -31.66
CA LYS C 971 -16.64 -40.02 -30.60
C LYS C 971 -17.38 -38.89 -29.89
N ASN C 972 -16.72 -38.30 -28.90
CA ASN C 972 -17.38 -37.34 -28.03
C ASN C 972 -17.70 -36.05 -28.78
N ASN C 973 -16.72 -35.51 -29.48
CA ASN C 973 -16.86 -34.25 -30.16
C ASN C 973 -16.74 -34.44 -31.67
N THR C 974 -17.35 -35.52 -32.19
CA THR C 974 -17.44 -35.67 -33.64
C THR C 974 -18.33 -34.60 -34.23
N GLN C 975 -19.40 -34.24 -33.53
CA GLN C 975 -20.25 -33.15 -34.01
C GLN C 975 -19.51 -31.83 -34.05
N GLY C 976 -18.66 -31.59 -33.05
CA GLY C 976 -17.87 -30.36 -33.06
C GLY C 976 -16.86 -30.34 -34.19
N ALA C 977 -16.23 -31.47 -34.47
CA ALA C 977 -15.29 -31.55 -35.58
C ALA C 977 -15.98 -31.35 -36.91
N VAL C 978 -17.21 -31.85 -37.03
CA VAL C 978 -18.00 -31.60 -38.25
C VAL C 978 -18.32 -30.12 -38.38
N ASP C 979 -18.71 -29.48 -37.27
CA ASP C 979 -19.15 -28.10 -37.33
C ASP C 979 -18.00 -27.10 -37.52
N MET C 980 -16.76 -27.52 -37.33
CA MET C 980 -15.62 -26.65 -37.61
C MET C 980 -15.00 -26.91 -38.98
N GLY C 981 -15.61 -27.77 -39.79
CA GLY C 981 -15.17 -27.96 -41.15
C GLY C 981 -14.26 -29.14 -41.41
N PHE C 982 -14.03 -30.00 -40.42
CA PHE C 982 -13.18 -31.17 -40.62
C PHE C 982 -14.02 -32.30 -41.25
N VAL C 983 -14.41 -32.08 -42.50
CA VAL C 983 -15.32 -32.98 -43.18
C VAL C 983 -14.80 -33.42 -44.54
N MET C 984 -13.51 -33.22 -44.79
CA MET C 984 -12.91 -33.70 -46.01
C MET C 984 -12.68 -35.21 -45.92
N PRO C 985 -12.99 -35.97 -46.96
CA PRO C 985 -12.77 -37.42 -46.91
C PRO C 985 -11.30 -37.77 -46.87
N VAL C 986 -11.01 -38.96 -46.35
CA VAL C 986 -9.63 -39.39 -46.17
C VAL C 986 -9.03 -39.86 -47.49
N SER C 987 -9.86 -40.32 -48.41
CA SER C 987 -9.36 -40.77 -49.70
C SER C 987 -8.68 -39.65 -50.47
N ALA C 988 -9.15 -38.42 -50.29
CA ALA C 988 -8.47 -37.27 -50.89
C ALA C 988 -7.07 -37.11 -50.34
N VAL C 989 -6.89 -37.31 -49.04
CA VAL C 989 -5.58 -37.21 -48.41
C VAL C 989 -4.68 -38.30 -48.94
N ALA C 990 -5.21 -39.52 -49.06
CA ALA C 990 -4.42 -40.64 -49.58
C ALA C 990 -3.96 -40.38 -51.01
N GLN C 991 -4.88 -39.89 -51.85
CA GLN C 991 -4.55 -39.62 -53.24
C GLN C 991 -3.52 -38.49 -53.34
N GLY C 992 -3.71 -37.43 -52.55
CA GLY C 992 -2.76 -36.32 -52.57
C GLY C 992 -1.40 -36.71 -52.04
N ILE C 993 -1.34 -37.67 -51.13
CA ILE C 993 -0.06 -38.22 -50.71
C ILE C 993 0.59 -38.98 -51.87
N GLU C 994 -0.19 -39.80 -52.57
CA GLU C 994 0.40 -40.63 -53.62
C GLU C 994 0.52 -39.92 -54.96
N SER C 995 -0.06 -38.74 -55.11
CA SER C 995 0.10 -37.96 -56.34
C SER C 995 1.20 -36.92 -56.23
N GLY C 996 1.87 -36.82 -55.08
CA GLY C 996 2.93 -35.86 -54.90
C GLY C 996 2.48 -34.44 -54.63
N LYS C 997 1.18 -34.20 -54.53
CA LYS C 997 0.69 -32.84 -54.27
C LYS C 997 0.81 -32.44 -52.81
N ILE C 998 0.68 -33.40 -51.89
CA ILE C 998 0.77 -33.13 -50.46
C ILE C 998 2.12 -33.61 -49.97
N LYS C 999 2.87 -32.72 -49.31
CA LYS C 999 4.22 -33.02 -48.86
C LYS C 999 4.37 -33.07 -47.35
N ALA C 1000 3.47 -32.46 -46.59
CA ALA C 1000 3.57 -32.43 -45.15
C ALA C 1000 2.23 -32.77 -44.52
N LEU C 1001 2.28 -33.34 -43.33
CA LEU C 1001 1.07 -33.71 -42.61
C LEU C 1001 1.21 -33.33 -41.15
N VAL C 1002 0.10 -32.94 -40.55
CA VAL C 1002 0.03 -32.59 -39.14
C VAL C 1002 -1.04 -33.45 -38.50
N VAL C 1003 -0.62 -34.35 -37.61
CA VAL C 1003 -1.52 -35.31 -36.98
C VAL C 1003 -1.68 -34.91 -35.53
N ILE C 1004 -2.93 -34.78 -35.08
CA ILE C 1004 -3.25 -34.33 -33.73
C ILE C 1004 -4.10 -35.39 -33.05
N GLY C 1005 -3.45 -36.28 -32.31
CA GLY C 1005 -4.19 -37.23 -31.50
C GLY C 1005 -4.62 -38.50 -32.18
N GLU C 1006 -4.21 -38.74 -33.41
CA GLU C 1006 -4.62 -39.93 -34.14
C GLU C 1006 -3.45 -40.89 -34.29
N ASP C 1007 -3.78 -42.13 -34.64
CA ASP C 1007 -2.79 -43.17 -34.90
C ASP C 1007 -3.12 -43.85 -36.23
N PRO C 1008 -2.87 -43.19 -37.35
CA PRO C 1008 -3.13 -43.86 -38.64
C PRO C 1008 -2.09 -44.91 -38.98
N ALA C 1009 -0.88 -44.79 -38.43
CA ALA C 1009 0.22 -45.66 -38.84
C ALA C 1009 0.17 -47.04 -38.22
N ALA C 1010 -0.84 -47.35 -37.42
CA ALA C 1010 -0.97 -48.69 -36.86
C ALA C 1010 -1.35 -49.74 -37.89
N TYR C 1011 -1.74 -49.32 -39.09
CA TYR C 1011 -2.12 -50.21 -40.17
C TYR C 1011 -1.12 -50.11 -41.31
N PRO C 1012 -0.82 -51.22 -41.99
CA PRO C 1012 0.33 -51.24 -42.91
C PRO C 1012 0.22 -50.31 -44.10
N GLN C 1013 -0.97 -50.21 -44.71
CA GLN C 1013 -1.12 -49.37 -45.90
C GLN C 1013 -0.98 -47.89 -45.56
N GLU C 1014 -1.59 -47.45 -44.45
CA GLU C 1014 -1.46 -46.06 -44.06
C GLU C 1014 -0.04 -45.74 -43.62
N SER C 1015 0.65 -46.70 -43.01
CA SER C 1015 2.05 -46.51 -42.67
C SER C 1015 2.91 -46.35 -43.91
N ALA C 1016 2.64 -47.17 -44.94
CA ALA C 1016 3.37 -47.02 -46.20
C ALA C 1016 3.08 -45.68 -46.86
N LEU C 1017 1.84 -45.20 -46.74
CA LEU C 1017 1.53 -43.86 -47.27
C LEU C 1017 2.26 -42.78 -46.50
N LEU C 1018 2.33 -42.89 -45.17
CA LEU C 1018 3.01 -41.88 -44.37
C LEU C 1018 4.51 -41.89 -44.61
N GLN C 1019 5.07 -43.03 -45.01
CA GLN C 1019 6.51 -43.12 -45.23
C GLN C 1019 6.96 -42.30 -46.45
N LYS C 1020 6.04 -41.86 -47.30
CA LYS C 1020 6.36 -41.08 -48.48
C LYS C 1020 6.22 -39.58 -48.26
N LEU C 1021 6.32 -39.12 -47.02
CA LEU C 1021 6.14 -37.72 -46.70
C LEU C 1021 7.48 -37.00 -46.69
N SER C 1022 7.44 -35.70 -46.37
CA SER C 1022 8.64 -34.91 -46.20
C SER C 1022 8.77 -34.29 -44.83
N PHE C 1023 7.67 -34.11 -44.11
CA PHE C 1023 7.69 -33.56 -42.75
C PHE C 1023 6.38 -33.92 -42.07
N LEU C 1024 6.46 -34.58 -40.93
CA LEU C 1024 5.27 -35.05 -40.23
C LEU C 1024 5.38 -34.66 -38.76
N VAL C 1025 4.34 -34.05 -38.22
CA VAL C 1025 4.27 -33.68 -36.81
C VAL C 1025 3.16 -34.48 -36.17
N VAL C 1026 3.42 -35.01 -34.98
CA VAL C 1026 2.44 -35.80 -34.26
C VAL C 1026 2.22 -35.17 -32.90
N TYR C 1027 0.98 -34.80 -32.61
CA TYR C 1027 0.59 -34.40 -31.26
C TYR C 1027 -0.12 -35.59 -30.65
N ASP C 1028 0.50 -36.20 -29.64
CA ASP C 1028 -0.12 -37.35 -29.00
C ASP C 1028 0.35 -37.46 -27.57
N MET C 1029 -0.43 -38.19 -26.77
CA MET C 1029 -0.07 -38.41 -25.37
C MET C 1029 1.02 -39.46 -25.24
N PHE C 1030 0.94 -40.51 -26.06
CA PHE C 1030 1.86 -41.63 -25.98
C PHE C 1030 2.77 -41.67 -27.19
N MET C 1031 3.91 -42.34 -27.04
CA MET C 1031 4.80 -42.60 -28.16
C MET C 1031 4.23 -43.78 -28.94
N THR C 1032 3.25 -43.47 -29.77
CA THR C 1032 2.51 -44.48 -30.49
C THR C 1032 3.31 -44.96 -31.71
N LYS C 1033 2.64 -45.72 -32.58
CA LYS C 1033 3.28 -46.17 -33.81
C LYS C 1033 3.51 -45.02 -34.77
N THR C 1034 2.59 -44.06 -34.80
CA THR C 1034 2.75 -42.91 -35.67
C THR C 1034 3.86 -41.99 -35.19
N ALA C 1035 3.92 -41.75 -33.88
CA ALA C 1035 4.90 -40.80 -33.35
C ALA C 1035 6.33 -41.33 -33.46
N THR C 1036 6.50 -42.64 -33.57
CA THR C 1036 7.84 -43.18 -33.76
C THR C 1036 8.40 -42.80 -35.13
N ALA C 1037 7.56 -42.80 -36.16
CA ALA C 1037 7.99 -42.52 -37.51
C ALA C 1037 7.94 -41.04 -37.86
N ALA C 1038 7.59 -40.17 -36.92
CA ALA C 1038 7.48 -38.75 -37.19
C ALA C 1038 8.85 -38.09 -37.10
N ASP C 1039 8.89 -36.82 -37.48
CA ASP C 1039 10.08 -35.99 -37.35
C ASP C 1039 10.04 -35.09 -36.13
N MET C 1040 8.91 -35.03 -35.43
CA MET C 1040 8.73 -34.19 -34.27
C MET C 1040 7.49 -34.59 -33.51
N VAL C 1041 7.58 -34.79 -32.20
CA VAL C 1041 6.45 -35.21 -31.38
C VAL C 1041 6.24 -34.19 -30.28
N VAL C 1042 5.00 -33.77 -30.08
CA VAL C 1042 4.63 -32.81 -29.06
C VAL C 1042 3.63 -33.48 -28.13
N PRO C 1043 3.84 -33.47 -26.81
CA PRO C 1043 2.92 -34.17 -25.91
C PRO C 1043 1.60 -33.46 -25.76
N LEU C 1044 0.59 -34.23 -25.35
CA LEU C 1044 -0.74 -33.72 -25.08
C LEU C 1044 -1.16 -34.12 -23.67
N VAL C 1045 -2.21 -33.48 -23.18
CA VAL C 1045 -2.77 -33.78 -21.89
C VAL C 1045 -4.07 -34.53 -22.08
N SER C 1046 -4.53 -35.19 -21.03
CA SER C 1046 -5.71 -36.03 -21.10
C SER C 1046 -6.96 -35.20 -20.87
N SER C 1047 -8.11 -35.87 -20.93
CA SER C 1047 -9.39 -35.19 -20.76
C SER C 1047 -9.64 -34.76 -19.33
N ALA C 1048 -8.83 -35.20 -18.37
CA ALA C 1048 -8.97 -34.78 -16.99
C ALA C 1048 -8.24 -33.48 -16.69
N GLU C 1049 -7.48 -32.94 -17.64
CA GLU C 1049 -6.66 -31.77 -17.42
C GLU C 1049 -6.98 -30.63 -18.38
N VAL C 1050 -8.14 -30.67 -19.04
CA VAL C 1050 -8.48 -29.71 -20.08
C VAL C 1050 -9.77 -29.00 -19.69
N ASN C 1051 -9.83 -27.71 -20.00
CA ASN C 1051 -11.04 -26.91 -19.89
C ASN C 1051 -11.58 -26.64 -21.28
N GLY C 1052 -12.89 -26.75 -21.46
CA GLY C 1052 -13.44 -26.51 -22.78
C GLY C 1052 -14.90 -26.92 -22.87
N THR C 1053 -15.31 -27.31 -24.06
CA THR C 1053 -16.67 -27.77 -24.29
C THR C 1053 -16.66 -28.92 -25.27
N TYR C 1054 -17.65 -29.80 -25.14
CA TYR C 1054 -17.89 -30.89 -26.06
C TYR C 1054 -19.30 -30.76 -26.62
N THR C 1055 -19.46 -31.00 -27.92
CA THR C 1055 -20.77 -30.97 -28.55
C THR C 1055 -21.32 -32.39 -28.65
N ARG C 1056 -22.48 -32.61 -28.03
CA ARG C 1056 -23.08 -33.93 -27.96
C ARG C 1056 -23.60 -34.36 -29.33
N SER C 1057 -24.13 -35.57 -29.40
CA SER C 1057 -24.72 -36.05 -30.64
C SER C 1057 -25.96 -35.26 -31.00
N ASP C 1058 -26.74 -34.86 -30.00
CA ASP C 1058 -27.96 -34.09 -30.22
C ASP C 1058 -27.74 -32.60 -30.14
N ARG C 1059 -26.54 -32.14 -30.49
CA ARG C 1059 -26.22 -30.71 -30.61
C ARG C 1059 -26.30 -29.99 -29.27
N ARG C 1060 -25.91 -30.65 -28.18
CA ARG C 1060 -25.86 -30.03 -26.87
C ARG C 1060 -24.42 -29.77 -26.50
N ILE C 1061 -24.14 -28.55 -26.04
CA ILE C 1061 -22.78 -28.12 -25.71
C ILE C 1061 -22.60 -28.22 -24.21
N GLN C 1062 -21.69 -29.09 -23.78
CA GLN C 1062 -21.48 -29.36 -22.37
C GLN C 1062 -20.07 -28.96 -21.96
N ALA C 1063 -19.95 -28.33 -20.80
CA ALA C 1063 -18.66 -27.87 -20.32
C ALA C 1063 -17.82 -29.02 -19.80
N VAL C 1064 -16.54 -28.99 -20.12
CA VAL C 1064 -15.56 -29.96 -19.65
C VAL C 1064 -14.60 -29.21 -18.73
N ARG C 1065 -14.50 -29.67 -17.50
CA ARG C 1065 -13.73 -29.00 -16.46
C ARG C 1065 -12.49 -29.81 -16.12
N ALA C 1066 -11.41 -29.12 -15.80
CA ALA C 1066 -10.13 -29.76 -15.52
C ALA C 1066 -10.04 -30.12 -14.04
N ALA C 1067 -9.77 -31.38 -13.77
CA ALA C 1067 -9.66 -31.86 -12.40
C ALA C 1067 -8.27 -31.64 -11.83
N ILE C 1068 -7.24 -32.02 -12.58
CA ILE C 1068 -5.86 -31.91 -12.12
C ILE C 1068 -5.08 -31.03 -13.09
N GLN C 1069 -4.00 -30.44 -12.58
CA GLN C 1069 -3.16 -29.57 -13.38
C GLN C 1069 -2.43 -30.36 -14.45
N PRO C 1070 -2.11 -29.74 -15.59
CA PRO C 1070 -1.46 -30.47 -16.69
C PRO C 1070 -0.08 -30.98 -16.29
N LYS C 1071 0.09 -32.29 -16.39
CA LYS C 1071 1.32 -32.94 -15.94
C LYS C 1071 2.49 -32.67 -16.86
N THR C 1072 2.26 -32.14 -18.06
CA THR C 1072 3.34 -31.78 -18.96
C THR C 1072 3.70 -30.30 -18.92
N GLY C 1073 2.87 -29.46 -18.30
CA GLY C 1073 3.20 -28.07 -18.15
C GLY C 1073 2.25 -27.12 -18.86
N LYS C 1074 1.90 -27.44 -20.11
CA LYS C 1074 1.05 -26.59 -20.93
C LYS C 1074 -0.09 -27.40 -21.51
N ALA C 1075 -1.28 -26.81 -21.51
CA ALA C 1075 -2.45 -27.44 -22.10
C ALA C 1075 -2.38 -27.36 -23.62
N THR C 1076 -3.26 -28.12 -24.28
CA THR C 1076 -3.30 -28.12 -25.73
C THR C 1076 -3.70 -26.77 -26.28
N LEU C 1077 -4.66 -26.12 -25.62
CA LEU C 1077 -5.07 -24.78 -26.03
C LEU C 1077 -3.91 -23.80 -25.94
N GLN C 1078 -3.09 -23.93 -24.90
CA GLN C 1078 -1.93 -23.05 -24.79
C GLN C 1078 -0.95 -23.28 -25.92
N ILE C 1079 -0.70 -24.55 -26.27
CA ILE C 1079 0.24 -24.85 -27.36
C ILE C 1079 -0.24 -24.24 -28.66
N LEU C 1080 -1.53 -24.42 -28.96
CA LEU C 1080 -2.06 -23.86 -30.20
C LEU C 1080 -2.07 -22.34 -30.17
N ILE C 1081 -2.31 -21.74 -29.00
CA ILE C 1081 -2.30 -20.29 -28.89
C ILE C 1081 -0.91 -19.72 -29.14
N GLU C 1082 0.14 -20.34 -28.59
CA GLU C 1082 1.48 -19.84 -28.85
C GLU C 1082 1.89 -20.06 -30.29
N THR C 1083 1.49 -21.18 -30.89
CA THR C 1083 1.82 -21.39 -32.30
C THR C 1083 1.14 -20.33 -33.18
N LEU C 1084 -0.12 -20.02 -32.90
CA LEU C 1084 -0.80 -19.00 -33.68
C LEU C 1084 -0.25 -17.61 -33.40
N LYS C 1085 0.25 -17.36 -32.19
CA LYS C 1085 0.92 -16.10 -31.91
C LYS C 1085 2.20 -15.97 -32.70
N SER C 1086 2.91 -17.08 -32.88
CA SER C 1086 4.08 -17.08 -33.77
C SER C 1086 3.67 -16.80 -35.20
N LEU C 1087 2.55 -17.37 -35.65
CA LEU C 1087 2.09 -17.16 -37.01
C LEU C 1087 1.41 -15.82 -37.23
N GLY C 1088 1.14 -15.06 -36.17
CA GLY C 1088 0.61 -13.72 -36.30
C GLY C 1088 -0.83 -13.49 -35.87
N ILE C 1089 -1.48 -14.47 -35.24
CA ILE C 1089 -2.84 -14.34 -34.75
C ILE C 1089 -2.80 -14.36 -33.23
N LYS C 1090 -3.33 -13.32 -32.60
CA LYS C 1090 -3.16 -13.10 -31.18
C LYS C 1090 -4.42 -13.46 -30.42
N TYR C 1091 -4.32 -14.45 -29.54
CA TYR C 1091 -5.37 -14.78 -28.59
C TYR C 1091 -4.76 -14.85 -27.21
N ASP C 1092 -5.52 -14.42 -26.21
CA ASP C 1092 -5.00 -14.36 -24.85
C ASP C 1092 -5.46 -15.52 -23.98
N THR C 1093 -6.77 -15.74 -23.90
CA THR C 1093 -7.32 -16.77 -23.03
C THR C 1093 -8.47 -17.44 -23.75
N ILE C 1094 -9.19 -18.31 -23.03
CA ILE C 1094 -10.26 -19.07 -23.65
C ILE C 1094 -11.49 -18.20 -23.94
N ALA C 1095 -11.62 -17.06 -23.28
CA ALA C 1095 -12.73 -16.16 -23.57
C ALA C 1095 -12.61 -15.56 -24.96
N ASP C 1096 -11.38 -15.17 -25.36
CA ASP C 1096 -11.17 -14.66 -26.70
C ASP C 1096 -11.44 -15.72 -27.75
N VAL C 1097 -11.02 -16.95 -27.49
CA VAL C 1097 -11.29 -18.05 -28.42
C VAL C 1097 -12.79 -18.27 -28.55
N ARG C 1098 -13.51 -18.21 -27.44
CA ARG C 1098 -14.96 -18.43 -27.50
C ARG C 1098 -15.66 -17.30 -28.22
N ALA C 1099 -15.18 -16.06 -28.04
CA ALA C 1099 -15.75 -14.94 -28.80
C ALA C 1099 -15.49 -15.09 -30.29
N ALA C 1100 -14.28 -15.54 -30.67
CA ALA C 1100 -13.99 -15.78 -32.07
C ALA C 1100 -14.85 -16.90 -32.64
N ILE C 1101 -15.10 -17.95 -31.86
CA ILE C 1101 -15.98 -19.03 -32.31
C ILE C 1101 -17.38 -18.50 -32.53
N ALA C 1102 -17.87 -17.66 -31.61
CA ALA C 1102 -19.20 -17.11 -31.76
C ALA C 1102 -19.30 -16.19 -32.96
N SER C 1103 -18.26 -15.44 -33.26
CA SER C 1103 -18.30 -14.46 -34.34
C SER C 1103 -17.89 -15.02 -35.69
N GLU C 1104 -17.37 -16.23 -35.76
CA GLU C 1104 -16.96 -16.81 -37.04
C GLU C 1104 -17.70 -18.08 -37.42
N VAL C 1105 -17.94 -18.98 -36.47
CA VAL C 1105 -18.73 -20.17 -36.75
C VAL C 1105 -20.21 -19.77 -36.79
N SER C 1106 -20.92 -20.27 -37.80
CA SER C 1106 -22.25 -19.75 -38.11
C SER C 1106 -23.25 -20.07 -37.02
N ASN C 1107 -23.33 -21.33 -36.60
CA ASN C 1107 -24.41 -21.78 -35.74
C ASN C 1107 -24.07 -21.72 -34.24
N TYR C 1108 -22.85 -21.36 -33.88
CA TYR C 1108 -22.48 -21.23 -32.48
C TYR C 1108 -22.64 -19.80 -31.97
N ALA C 1109 -23.43 -18.98 -32.65
CA ALA C 1109 -23.66 -17.61 -32.23
C ALA C 1109 -24.40 -17.56 -30.90
N GLY C 1110 -23.76 -16.99 -29.88
CA GLY C 1110 -24.27 -17.02 -28.52
C GLY C 1110 -23.42 -17.81 -27.56
N MET C 1111 -22.32 -18.40 -28.02
CA MET C 1111 -21.44 -19.15 -27.13
C MET C 1111 -20.70 -18.26 -26.14
N ASP C 1112 -20.62 -16.95 -26.41
CA ASP C 1112 -19.84 -16.07 -25.56
C ASP C 1112 -20.44 -15.95 -24.16
N ALA C 1113 -21.76 -15.84 -24.07
CA ALA C 1113 -22.43 -15.75 -22.79
C ALA C 1113 -23.40 -16.91 -22.63
N ALA C 1114 -22.96 -18.12 -22.99
CA ALA C 1114 -23.87 -19.25 -23.07
C ALA C 1114 -24.18 -19.86 -21.71
N ASP C 1115 -23.26 -19.79 -20.75
CA ASP C 1115 -23.41 -20.39 -19.42
C ASP C 1115 -23.63 -21.90 -19.52
N PHE C 1116 -22.55 -22.58 -19.92
CA PHE C 1116 -22.56 -24.01 -20.20
C PHE C 1116 -22.85 -24.91 -19.00
N GLY C 1117 -23.10 -24.31 -17.84
CA GLY C 1117 -23.60 -25.08 -16.72
C GLY C 1117 -25.05 -25.51 -16.84
N THR C 1118 -25.77 -24.97 -17.82
CA THR C 1118 -27.15 -25.31 -18.09
C THR C 1118 -27.26 -25.92 -19.50
N THR C 1119 -28.49 -26.13 -19.95
CA THR C 1119 -28.72 -26.77 -21.24
C THR C 1119 -28.56 -25.74 -22.35
N VAL C 1120 -27.57 -25.96 -23.23
CA VAL C 1120 -27.32 -25.11 -24.38
C VAL C 1120 -27.30 -25.97 -25.63
N TYR C 1121 -28.11 -25.61 -26.62
CA TYR C 1121 -28.15 -26.28 -27.91
C TYR C 1121 -27.77 -25.28 -28.99
N TRP C 1122 -27.03 -25.71 -30.00
CA TRP C 1122 -26.51 -24.65 -30.86
C TRP C 1122 -27.51 -24.02 -31.84
N PRO C 1123 -28.49 -24.71 -32.43
CA PRO C 1123 -29.38 -23.93 -33.31
C PRO C 1123 -30.39 -23.13 -32.50
N ASN C 1124 -30.09 -21.84 -32.30
CA ASN C 1124 -30.92 -20.89 -31.56
C ASN C 1124 -31.48 -21.42 -30.24
N ASN C 1125 -30.71 -22.28 -29.56
CA ASN C 1125 -31.13 -22.93 -28.32
C ASN C 1125 -32.46 -23.68 -28.48
N LYS C 1126 -32.59 -24.41 -29.59
CA LYS C 1126 -33.79 -25.16 -29.90
C LYS C 1126 -33.48 -26.65 -29.93
N ASN C 1127 -34.39 -27.44 -29.38
CA ASN C 1127 -34.22 -28.89 -29.38
C ASN C 1127 -34.52 -29.52 -30.74
N VAL C 1128 -35.32 -28.85 -31.57
CA VAL C 1128 -35.84 -29.45 -32.80
C VAL C 1128 -35.29 -28.66 -33.98
N LEU C 1129 -34.80 -29.37 -34.99
CA LEU C 1129 -34.30 -28.75 -36.20
C LEU C 1129 -35.37 -28.71 -37.27
N TYR C 1130 -35.20 -27.78 -38.22
CA TYR C 1130 -36.05 -27.64 -39.40
C TYR C 1130 -37.50 -27.40 -39.04
N THR C 1131 -37.73 -26.55 -38.04
CA THR C 1131 -39.10 -26.18 -37.69
C THR C 1131 -39.72 -25.24 -38.71
N ASP C 1132 -38.89 -24.47 -39.43
CA ASP C 1132 -39.37 -23.50 -40.41
C ASP C 1132 -38.82 -23.76 -41.80
N GLY C 1133 -38.48 -25.01 -42.11
CA GLY C 1133 -37.92 -25.34 -43.41
C GLY C 1133 -36.49 -25.82 -43.34
N PHE C 1134 -36.06 -26.60 -44.32
CA PHE C 1134 -34.73 -27.17 -44.29
C PHE C 1134 -33.68 -26.10 -44.61
N ALA C 1135 -32.42 -26.46 -44.38
CA ALA C 1135 -31.30 -25.53 -44.50
C ALA C 1135 -30.50 -25.73 -45.79
N THR C 1136 -31.12 -26.25 -46.84
CA THR C 1136 -30.43 -26.41 -48.10
C THR C 1136 -30.38 -25.09 -48.85
N GLU C 1137 -29.90 -25.13 -50.09
CA GLU C 1137 -29.76 -23.93 -50.89
C GLU C 1137 -31.12 -23.33 -51.23
N GLY C 1138 -32.04 -24.16 -51.69
CA GLY C 1138 -33.38 -23.72 -52.04
C GLY C 1138 -34.43 -23.96 -50.99
N GLN C 1139 -34.03 -24.25 -49.75
CA GLN C 1139 -34.95 -24.59 -48.65
C GLN C 1139 -35.84 -25.78 -49.01
N LYS C 1140 -35.28 -26.75 -49.74
CA LYS C 1140 -36.00 -27.96 -50.12
C LYS C 1140 -35.08 -29.15 -49.90
N ALA C 1141 -35.68 -30.28 -49.54
CA ALA C 1141 -34.91 -31.51 -49.40
C ALA C 1141 -34.46 -32.02 -50.75
N ILE C 1142 -33.20 -32.44 -50.83
CA ILE C 1142 -32.58 -32.91 -52.06
C ILE C 1142 -32.61 -34.43 -52.04
N LEU C 1143 -33.42 -35.02 -52.92
CA LEU C 1143 -33.52 -36.46 -53.03
C LEU C 1143 -32.77 -36.92 -54.26
N ALA C 1144 -31.83 -37.84 -54.07
CA ALA C 1144 -31.03 -38.37 -55.17
C ALA C 1144 -31.02 -39.89 -55.10
N ALA C 1145 -30.93 -40.52 -56.26
CA ALA C 1145 -30.95 -41.98 -56.33
C ALA C 1145 -29.65 -42.56 -55.82
N VAL C 1146 -29.74 -43.67 -55.09
CA VAL C 1146 -28.58 -44.40 -54.59
C VAL C 1146 -28.57 -45.77 -55.24
N GLY C 1147 -27.38 -46.30 -55.47
CA GLY C 1147 -27.21 -47.53 -56.22
C GLY C 1147 -27.26 -48.78 -55.36
N ASP C 1148 -26.92 -49.90 -55.99
CA ASP C 1148 -26.81 -51.17 -55.28
C ASP C 1148 -25.70 -51.10 -54.25
N VAL C 1149 -25.92 -51.77 -53.13
CA VAL C 1149 -25.05 -51.61 -51.97
C VAL C 1149 -24.67 -52.97 -51.41
N PRO C 1150 -23.39 -53.22 -51.14
CA PRO C 1150 -22.99 -54.51 -50.56
C PRO C 1150 -23.15 -54.49 -49.05
N VAL C 1151 -22.67 -55.57 -48.43
CA VAL C 1151 -22.73 -55.69 -46.98
C VAL C 1151 -21.81 -54.65 -46.34
N PHE C 1152 -22.16 -54.22 -45.14
CA PHE C 1152 -21.42 -53.17 -44.45
C PHE C 1152 -20.02 -53.66 -44.06
N VAL C 1153 -19.04 -52.77 -44.16
CA VAL C 1153 -17.65 -53.05 -43.80
C VAL C 1153 -17.35 -52.34 -42.49
N GLU C 1154 -16.96 -53.10 -41.47
CA GLU C 1154 -16.78 -52.56 -40.13
C GLU C 1154 -15.68 -51.52 -40.09
N LYS C 1155 -15.96 -50.41 -39.41
CA LYS C 1155 -15.02 -49.32 -39.32
C LYS C 1155 -13.90 -49.65 -38.34
N LYS C 1156 -12.79 -48.93 -38.49
CA LYS C 1156 -11.61 -49.09 -37.65
C LYS C 1156 -11.55 -47.98 -36.61
N LYS C 1157 -10.70 -48.18 -35.62
CA LYS C 1157 -10.48 -47.20 -34.56
C LYS C 1157 -9.16 -46.49 -34.79
N TYR C 1158 -9.17 -45.16 -34.73
CA TYR C 1158 -7.98 -44.37 -35.02
C TYR C 1158 -7.54 -43.46 -33.89
N ASP C 1159 -8.41 -43.15 -32.93
CA ASP C 1159 -7.99 -42.35 -31.79
C ASP C 1159 -7.10 -43.15 -30.86
N SER C 1160 -5.98 -42.54 -30.44
CA SER C 1160 -4.96 -43.26 -29.70
C SER C 1160 -5.47 -43.73 -28.34
N VAL C 1161 -6.31 -42.92 -27.69
CA VAL C 1161 -6.85 -43.31 -26.38
C VAL C 1161 -7.80 -44.49 -26.52
N GLU C 1162 -8.64 -44.48 -27.55
CA GLU C 1162 -9.62 -45.54 -27.72
C GLU C 1162 -9.01 -46.86 -28.15
N MET C 1163 -7.79 -46.87 -28.71
CA MET C 1163 -7.08 -48.12 -28.92
C MET C 1163 -6.21 -48.50 -27.72
N ASN C 1164 -5.72 -47.52 -26.97
CA ASN C 1164 -5.00 -47.83 -25.75
C ASN C 1164 -5.90 -48.52 -24.75
N PHE C 1165 -7.15 -48.09 -24.65
CA PHE C 1165 -8.09 -48.75 -23.75
C PHE C 1165 -8.32 -50.21 -24.16
N VAL C 1166 -8.47 -50.45 -25.46
CA VAL C 1166 -8.70 -51.81 -25.93
C VAL C 1166 -7.49 -52.69 -25.68
N ASN C 1167 -6.29 -52.16 -25.93
CA ASN C 1167 -5.09 -52.95 -25.71
C ASN C 1167 -4.83 -53.21 -24.23
N GLY C 1168 -5.15 -52.23 -23.37
CA GLY C 1168 -5.00 -52.40 -21.94
C GLY C 1168 -6.07 -53.26 -21.31
N ARG C 1169 -7.20 -53.46 -22.00
CA ARG C 1169 -8.18 -54.44 -21.54
C ARG C 1169 -7.58 -55.83 -21.49
N GLN C 1170 -6.78 -56.19 -22.48
CA GLN C 1170 -6.18 -57.51 -22.57
C GLN C 1170 -5.08 -57.75 -21.55
N SER C 1171 -4.62 -56.71 -20.86
CA SER C 1171 -3.53 -56.87 -19.90
C SER C 1171 -3.95 -57.63 -18.65
N LEU C 1172 -5.24 -57.63 -18.32
CA LEU C 1172 -5.71 -58.31 -17.12
C LEU C 1172 -6.56 -59.52 -17.46
N ILE D 18 94.45 -3.73 -6.55
CA ILE D 18 94.12 -2.33 -6.36
C ILE D 18 94.64 -1.90 -4.99
N ASP D 19 94.68 -0.58 -4.65
CA ASP D 19 95.27 -0.02 -3.36
C ASP D 19 94.31 0.69 -2.37
N LEU D 20 93.47 -0.12 -1.75
CA LEU D 20 92.52 0.47 -0.77
C LEU D 20 93.28 1.08 0.42
N THR D 21 94.54 0.71 0.68
CA THR D 21 95.29 1.20 1.88
C THR D 21 95.58 2.71 1.77
N LEU D 22 95.88 3.14 0.54
CA LEU D 22 96.11 4.58 0.26
C LEU D 22 94.73 5.22 0.24
N LEU D 23 93.78 4.50 -0.40
CA LEU D 23 92.48 5.21 -0.30
C LEU D 23 92.30 5.49 1.20
N GLU D 24 92.79 4.59 2.06
CA GLU D 24 92.69 4.68 3.55
C GLU D 24 93.38 5.89 4.15
N PRO D 25 94.71 6.16 4.03
CA PRO D 25 95.21 7.38 4.68
C PRO D 25 94.32 8.51 4.15
N VAL D 26 93.97 8.52 2.85
CA VAL D 26 93.23 9.72 2.36
C VAL D 26 91.91 9.92 3.12
N PHE D 27 91.10 8.85 3.22
CA PHE D 27 89.76 9.04 3.85
C PHE D 27 89.96 9.36 5.32
N LYS D 28 90.95 8.75 5.98
CA LYS D 28 91.19 9.15 7.39
C LYS D 28 91.37 10.67 7.41
N GLU D 29 92.35 11.16 6.65
CA GLU D 29 92.61 12.62 6.61
C GLU D 29 91.31 13.42 6.41
N TYR D 30 90.48 13.07 5.43
CA TYR D 30 89.31 13.97 5.13
C TYR D 30 88.09 13.82 6.05
N ALA D 31 88.01 12.79 6.91
CA ALA D 31 86.78 12.56 7.71
C ALA D 31 86.57 13.72 8.70
N GLY D 32 85.77 14.71 8.30
CA GLY D 32 85.47 15.84 9.20
C GLY D 32 84.69 16.94 8.50
N LYS D 33 85.37 17.75 7.69
CA LYS D 33 84.72 18.92 7.04
C LYS D 33 83.50 18.45 6.24
N ALA D 34 82.47 19.28 6.18
CA ALA D 34 81.27 18.94 5.36
C ALA D 34 81.48 19.49 3.95
N GLY D 35 81.01 18.77 2.93
CA GLY D 35 81.27 19.18 1.54
C GLY D 35 82.60 18.65 1.06
N SER D 36 83.10 17.57 1.67
CA SER D 36 84.40 17.06 1.31
C SER D 36 84.34 15.96 0.28
N ILE D 37 83.16 15.70 -0.31
CA ILE D 37 83.03 14.71 -1.36
C ILE D 37 83.89 15.08 -2.56
N ILE D 38 83.85 16.36 -2.94
CA ILE D 38 84.62 16.80 -4.10
C ILE D 38 86.09 16.56 -3.90
N GLY D 39 86.64 17.01 -2.76
CA GLY D 39 88.05 16.83 -2.50
C GLY D 39 88.45 15.37 -2.43
N ILE D 40 87.59 14.53 -1.83
CA ILE D 40 87.86 13.11 -1.73
C ILE D 40 87.96 12.49 -3.12
N LEU D 41 87.05 12.86 -4.02
CA LEU D 41 87.09 12.33 -5.37
C LEU D 41 88.31 12.84 -6.14
N GLN D 42 88.71 14.10 -5.93
CA GLN D 42 89.92 14.60 -6.59
C GLN D 42 91.16 13.84 -6.13
N LYS D 43 91.29 13.58 -4.83
CA LYS D 43 92.46 12.83 -4.37
C LYS D 43 92.41 11.39 -4.82
N THR D 44 91.23 10.79 -4.89
CA THR D 44 91.12 9.43 -5.41
C THR D 44 91.53 9.36 -6.88
N GLN D 45 91.11 10.34 -7.68
CA GLN D 45 91.55 10.39 -9.06
C GLN D 45 93.05 10.66 -9.17
N GLU D 46 93.60 11.47 -8.27
CA GLU D 46 95.03 11.73 -8.29
C GLU D 46 95.82 10.47 -7.96
N ILE D 47 95.29 9.62 -7.08
CA ILE D 47 96.00 8.39 -6.72
C ILE D 47 95.88 7.36 -7.83
N TYR D 48 94.65 7.07 -8.26
CA TYR D 48 94.42 5.96 -9.18
C TYR D 48 94.51 6.35 -10.65
N GLY D 49 94.26 7.61 -10.99
CA GLY D 49 94.12 7.99 -12.38
C GLY D 49 92.71 7.88 -12.91
N TYR D 50 91.81 7.24 -12.16
CA TYR D 50 90.39 7.14 -12.51
C TYR D 50 89.68 6.65 -11.26
N LEU D 51 88.37 6.45 -11.39
CA LEU D 51 87.56 5.99 -10.26
C LEU D 51 87.02 4.60 -10.54
N PRO D 52 87.65 3.55 -10.02
CA PRO D 52 87.06 2.21 -10.11
C PRO D 52 85.88 2.09 -9.17
N LEU D 53 85.05 1.08 -9.43
CA LEU D 53 83.85 0.88 -8.63
C LEU D 53 84.19 0.49 -7.20
N ALA D 54 85.29 -0.24 -7.01
CA ALA D 54 85.71 -0.65 -5.67
C ALA D 54 86.08 0.55 -4.82
N ALA D 55 86.80 1.52 -5.40
CA ALA D 55 87.16 2.72 -4.66
C ALA D 55 85.94 3.55 -4.32
N LEU D 56 84.99 3.64 -5.25
CA LEU D 56 83.75 4.36 -4.98
C LEU D 56 82.94 3.68 -3.89
N GLN D 57 82.97 2.36 -3.83
CA GLN D 57 82.29 1.64 -2.76
C GLN D 57 82.97 1.88 -1.43
N ALA D 58 84.30 1.79 -1.40
CA ALA D 58 85.07 1.97 -0.18
C ALA D 58 85.01 3.40 0.34
N ILE D 59 84.73 4.37 -0.53
CA ILE D 59 84.50 5.75 -0.13
C ILE D 59 83.06 5.97 0.31
N ALA D 60 82.10 5.34 -0.38
CA ALA D 60 80.70 5.41 0.05
C ALA D 60 80.47 4.75 1.39
N ASP D 61 81.42 3.95 1.85
CA ASP D 61 81.42 3.42 3.20
C ASP D 61 82.53 4.09 4.00
N ASN D 62 82.49 3.86 5.31
CA ASN D 62 83.42 4.39 6.32
C ASN D 62 83.32 5.90 6.51
N THR D 63 82.56 6.59 5.66
CA THR D 63 82.23 7.99 5.89
C THR D 63 80.83 8.33 5.38
N ASP D 64 79.99 7.32 5.13
CA ASP D 64 78.64 7.38 4.55
C ASP D 64 78.54 8.23 3.29
N ASN D 65 78.05 9.46 3.40
CA ASN D 65 77.68 10.32 2.26
C ASN D 65 76.68 9.65 1.32
N LYS D 66 75.90 8.70 1.84
CA LYS D 66 74.67 8.25 1.19
C LYS D 66 74.90 7.71 -0.22
N ARG D 67 75.42 6.48 -0.32
CA ARG D 67 76.05 5.86 -1.49
C ARG D 67 75.51 6.25 -2.86
N ALA D 68 74.19 6.44 -2.99
CA ALA D 68 73.66 6.99 -4.23
C ALA D 68 74.19 8.40 -4.49
N LYS D 69 74.34 9.21 -3.45
CA LYS D 69 74.73 10.61 -3.63
C LYS D 69 76.16 10.74 -4.14
N ILE D 70 77.09 9.92 -3.63
CA ILE D 70 78.47 10.02 -4.05
C ILE D 70 78.61 9.59 -5.52
N TYR D 71 77.87 8.57 -5.92
CA TYR D 71 77.86 8.18 -7.33
C TYR D 71 77.28 9.27 -8.21
N GLY D 72 76.15 9.86 -7.79
CA GLY D 72 75.56 10.93 -8.58
C GLY D 72 76.47 12.13 -8.72
N ILE D 73 77.22 12.45 -7.65
CA ILE D 73 78.18 13.53 -7.74
C ILE D 73 79.34 13.16 -8.64
N ALA D 74 79.78 11.90 -8.58
CA ALA D 74 80.92 11.46 -9.39
C ALA D 74 80.60 11.50 -10.87
N THR D 75 79.35 11.21 -11.24
CA THR D 75 79.01 11.20 -12.66
C THR D 75 78.95 12.62 -13.25
N PHE D 76 78.42 13.58 -12.49
CA PHE D 76 78.05 14.88 -13.07
C PHE D 76 79.26 15.68 -13.55
N TYR D 77 79.75 16.59 -12.70
CA TYR D 77 81.08 17.18 -12.52
C TYR D 77 82.15 16.96 -13.59
N SER D 78 81.77 16.80 -14.86
CA SER D 78 82.54 17.18 -16.05
C SER D 78 84.01 16.73 -16.10
N GLN D 79 84.49 16.02 -15.08
CA GLN D 79 85.92 15.74 -14.98
C GLN D 79 86.26 14.35 -14.46
N PHE D 80 85.32 13.64 -13.82
CA PHE D 80 85.66 12.40 -13.13
C PHE D 80 85.66 11.26 -14.14
N ARG D 81 86.86 10.90 -14.59
CA ARG D 81 87.02 9.84 -15.57
C ARG D 81 86.78 8.49 -14.92
N LEU D 82 85.91 7.68 -15.53
CA LEU D 82 85.51 6.40 -14.97
C LEU D 82 86.21 5.21 -15.62
N ASN D 83 87.20 5.45 -16.47
CA ASN D 83 87.88 4.39 -17.18
C ASN D 83 89.38 4.64 -17.20
N PRO D 84 90.19 3.58 -17.27
CA PRO D 84 91.64 3.76 -17.35
C PRO D 84 92.04 4.40 -18.67
N VAL D 85 93.21 5.06 -18.64
CA VAL D 85 93.72 5.78 -19.79
C VAL D 85 95.15 5.31 -20.08
N GLY D 86 95.70 5.82 -21.18
CA GLY D 86 97.05 5.50 -21.59
C GLY D 86 98.09 6.32 -20.85
N LYS D 87 99.35 6.13 -21.28
CA LYS D 87 100.45 6.87 -20.65
C LYS D 87 100.36 8.35 -20.94
N TYR D 88 100.08 8.71 -22.19
CA TYR D 88 99.98 10.11 -22.60
C TYR D 88 98.52 10.48 -22.78
N VAL D 89 98.11 11.58 -22.17
CA VAL D 89 96.73 12.05 -22.22
C VAL D 89 96.67 13.23 -23.19
N ILE D 90 95.89 13.09 -24.25
CA ILE D 90 95.76 14.14 -25.24
C ILE D 90 94.51 14.95 -24.95
N LEU D 91 94.68 16.28 -24.88
CA LEU D 91 93.60 17.22 -24.62
C LEU D 91 93.55 18.18 -25.80
N GLN D 92 92.71 17.85 -26.79
CA GLN D 92 92.48 18.75 -27.92
C GLN D 92 91.66 19.94 -27.45
N CYS D 93 92.04 21.15 -27.88
CA CYS D 93 91.25 22.31 -27.56
C CYS D 93 90.06 22.39 -28.51
N GLN D 94 88.85 22.42 -27.95
CA GLN D 94 87.63 22.56 -28.74
C GLN D 94 86.88 23.84 -28.36
N GLY D 95 87.60 24.83 -27.86
CA GLY D 95 86.99 26.12 -27.58
C GLY D 95 86.69 26.87 -28.86
N THR D 96 86.00 28.01 -28.70
CA THR D 96 85.51 28.74 -29.86
C THR D 96 86.65 29.28 -30.71
N ALA D 97 87.69 29.84 -30.09
CA ALA D 97 88.78 30.43 -30.84
C ALA D 97 89.56 29.37 -31.61
N CYS D 98 89.83 28.24 -30.96
CA CYS D 98 90.60 27.19 -31.62
C CYS D 98 89.75 26.39 -32.62
N HIS D 99 88.44 26.33 -32.41
CA HIS D 99 87.57 25.72 -33.42
C HIS D 99 87.44 26.60 -34.64
N VAL D 100 87.48 27.93 -34.45
CA VAL D 100 87.42 28.85 -35.58
C VAL D 100 88.62 28.65 -36.50
N LEU D 101 89.80 28.48 -35.91
CA LEU D 101 91.03 28.31 -36.68
C LEU D 101 91.24 26.88 -37.16
N GLY D 102 90.24 26.01 -37.05
CA GLY D 102 90.34 24.69 -37.65
C GLY D 102 90.71 23.56 -36.69
N SER D 103 90.02 23.49 -35.55
CA SER D 103 90.26 22.38 -34.62
C SER D 103 89.74 21.07 -35.19
N LYS D 104 88.74 21.15 -36.08
CA LYS D 104 88.14 19.95 -36.64
C LYS D 104 89.12 19.16 -37.50
N ALA D 105 89.93 19.87 -38.28
CA ALA D 105 90.96 19.19 -39.08
C ALA D 105 91.98 18.50 -38.19
N ILE D 106 92.40 19.16 -37.11
CA ILE D 106 93.34 18.56 -36.17
C ILE D 106 92.74 17.31 -35.53
N GLY D 107 91.47 17.40 -35.11
CA GLY D 107 90.83 16.25 -34.51
C GLY D 107 90.66 15.09 -35.46
N SER D 108 90.32 15.37 -36.72
CA SER D 108 90.22 14.31 -37.72
C SER D 108 91.59 13.68 -37.97
N ALA D 109 92.64 14.50 -37.99
CA ALA D 109 93.99 13.97 -38.16
C ALA D 109 94.37 13.04 -37.01
N ILE D 110 94.07 13.45 -35.76
CA ILE D 110 94.37 12.61 -34.61
C ILE D 110 93.56 11.32 -34.66
N CYS D 111 92.28 11.41 -35.02
CA CYS D 111 91.44 10.23 -35.08
C CYS D 111 91.91 9.26 -36.15
N ASP D 112 92.34 9.78 -37.29
CA ASP D 112 92.81 8.92 -38.37
C ASP D 112 94.16 8.29 -38.03
N GLU D 113 95.09 9.09 -37.47
CA GLU D 113 96.42 8.57 -37.21
C GLU D 113 96.45 7.62 -36.02
N LEU D 114 95.53 7.78 -35.08
CA LEU D 114 95.51 6.91 -33.90
C LEU D 114 94.45 5.82 -33.98
N GLY D 115 93.43 5.98 -34.81
CA GLY D 115 92.41 4.96 -34.92
C GLY D 115 91.43 4.92 -33.77
N ILE D 116 91.42 5.95 -32.92
CA ILE D 116 90.52 6.02 -31.78
C ILE D 116 89.74 7.33 -31.85
N THR D 117 88.55 7.31 -31.27
CA THR D 117 87.67 8.44 -31.18
C THR D 117 87.83 9.12 -29.83
N PRO D 118 87.33 10.36 -29.66
CA PRO D 118 87.35 10.99 -28.34
C PRO D 118 86.59 10.15 -27.31
N GLY D 119 87.16 10.05 -26.12
CA GLY D 119 86.64 9.16 -25.09
C GLY D 119 87.18 7.76 -25.13
N GLN D 120 88.11 7.44 -26.03
CA GLN D 120 88.67 6.11 -26.15
C GLN D 120 90.17 6.13 -25.93
N THR D 121 90.73 4.97 -25.64
CA THR D 121 92.16 4.78 -25.45
C THR D 121 92.71 3.85 -26.52
N THR D 122 94.02 3.93 -26.73
CA THR D 122 94.69 3.09 -27.71
C THR D 122 94.72 1.63 -27.24
N ALA D 123 94.91 0.72 -28.20
CA ALA D 123 94.93 -0.71 -27.87
C ALA D 123 96.10 -1.05 -26.97
N ASP D 124 97.27 -0.48 -27.23
CA ASP D 124 98.44 -0.69 -26.38
C ASP D 124 98.44 0.22 -25.16
N GLY D 125 97.48 1.13 -25.06
CA GLY D 125 97.38 2.01 -23.90
C GLY D 125 98.51 2.98 -23.74
N LEU D 126 98.93 3.65 -24.81
CA LEU D 126 99.93 4.71 -24.71
C LEU D 126 99.34 6.09 -24.95
N PHE D 127 98.29 6.21 -25.76
CA PHE D 127 97.61 7.46 -26.02
C PHE D 127 96.13 7.31 -25.69
N THR D 128 95.55 8.38 -25.14
CA THR D 128 94.11 8.47 -24.96
C THR D 128 93.64 9.83 -25.45
N LEU D 129 92.45 9.85 -26.04
CA LEU D 129 91.91 11.07 -26.64
C LEU D 129 90.75 11.56 -25.80
N GLU D 130 90.81 12.83 -25.40
CA GLU D 130 89.79 13.45 -24.58
C GLU D 130 89.54 14.87 -25.08
N ASP D 131 88.38 15.40 -24.74
CA ASP D 131 87.98 16.75 -25.12
C ASP D 131 87.99 17.66 -23.90
N VAL D 132 88.43 18.90 -24.10
CA VAL D 132 88.52 19.89 -23.05
C VAL D 132 87.72 21.11 -23.48
N ALA D 133 87.28 21.90 -22.51
CA ALA D 133 86.47 23.08 -22.80
C ALA D 133 87.29 24.13 -23.56
N CYS D 134 88.46 24.48 -23.02
CA CYS D 134 89.36 25.42 -23.67
C CYS D 134 90.72 25.36 -22.99
N LEU D 135 91.77 25.41 -23.80
CA LEU D 135 93.12 25.51 -23.26
C LEU D 135 93.35 26.87 -22.60
N GLY D 136 92.72 27.92 -23.11
CA GLY D 136 93.00 29.26 -22.67
C GLY D 136 94.14 29.94 -23.38
N CYS D 137 94.95 29.20 -24.13
CA CYS D 137 96.03 29.81 -24.91
C CYS D 137 95.53 30.03 -26.34
N CYS D 138 94.53 30.90 -26.45
CA CYS D 138 93.88 31.13 -27.73
C CYS D 138 94.76 31.90 -28.69
N SER D 139 95.82 32.54 -28.19
CA SER D 139 96.77 33.19 -29.07
C SER D 139 97.54 32.19 -29.92
N LEU D 140 97.71 30.96 -29.44
CA LEU D 140 98.40 29.90 -30.16
C LEU D 140 97.44 28.93 -30.82
N ALA D 141 96.19 29.31 -31.00
CA ALA D 141 95.16 28.38 -31.46
C ALA D 141 95.46 27.91 -32.88
N PRO D 142 95.19 26.63 -33.21
CA PRO D 142 94.66 25.54 -32.37
C PRO D 142 95.70 24.95 -31.41
N VAL D 143 95.28 24.45 -30.25
CA VAL D 143 96.19 24.00 -29.20
C VAL D 143 95.83 22.59 -28.77
N ILE D 144 96.85 21.81 -28.40
CA ILE D 144 96.65 20.53 -27.72
C ILE D 144 97.55 20.47 -26.50
N MET D 145 97.12 19.66 -25.52
CA MET D 145 97.87 19.36 -24.31
C MET D 145 98.26 17.89 -24.30
N ILE D 146 99.53 17.61 -24.04
CA ILE D 146 100.01 16.25 -23.87
C ILE D 146 100.78 16.20 -22.57
N ASN D 147 100.14 15.63 -21.53
CA ASN D 147 100.74 15.43 -20.21
C ASN D 147 101.28 16.74 -19.62
N GLY D 148 100.55 17.82 -19.83
CA GLY D 148 100.93 19.12 -19.33
C GLY D 148 101.86 19.92 -20.23
N GLU D 149 102.18 19.42 -21.42
CA GLU D 149 102.97 20.19 -22.38
C GLU D 149 102.07 20.63 -23.52
N ALA D 150 102.08 21.92 -23.82
CA ALA D 150 101.15 22.51 -24.78
C ALA D 150 101.82 22.71 -26.13
N TYR D 151 101.08 22.40 -27.19
CA TYR D 151 101.52 22.64 -28.56
C TYR D 151 100.47 23.50 -29.24
N GLY D 152 100.91 24.67 -29.73
CA GLY D 152 100.01 25.62 -30.34
C GLY D 152 100.39 25.98 -31.76
N LYS D 153 99.47 26.64 -32.48
CA LYS D 153 99.61 26.89 -33.92
C LYS D 153 99.85 25.59 -34.68
N LEU D 154 98.85 24.72 -34.63
CA LEU D 154 98.98 23.34 -35.09
C LEU D 154 98.28 23.14 -36.43
N THR D 155 99.01 22.56 -37.37
CA THR D 155 98.50 21.99 -38.61
C THR D 155 98.50 20.46 -38.49
N PRO D 156 97.63 19.76 -39.24
CA PRO D 156 97.59 18.29 -39.11
C PRO D 156 98.92 17.59 -39.34
N THR D 157 99.76 18.10 -40.25
CA THR D 157 101.09 17.54 -40.42
C THR D 157 101.92 17.70 -39.15
N SER D 158 101.78 18.84 -38.46
CA SER D 158 102.55 19.06 -37.24
C SER D 158 102.12 18.11 -36.12
N VAL D 159 100.81 17.89 -35.95
CA VAL D 159 100.37 16.97 -34.91
C VAL D 159 100.76 15.54 -35.26
N ARG D 160 100.72 15.20 -36.56
CA ARG D 160 101.18 13.90 -36.99
C ARG D 160 102.65 13.70 -36.65
N LYS D 161 103.47 14.70 -36.97
CA LYS D 161 104.91 14.62 -36.70
C LYS D 161 105.17 14.52 -35.20
N ILE D 162 104.44 15.29 -34.39
CA ILE D 162 104.70 15.29 -32.94
C ILE D 162 104.25 13.96 -32.33
N LEU D 163 103.21 13.32 -32.88
CA LEU D 163 102.81 12.04 -32.31
C LEU D 163 103.72 10.91 -32.77
N GLN D 164 104.28 10.99 -33.99
CA GLN D 164 105.31 10.04 -34.36
C GLN D 164 106.55 10.22 -33.49
N ASP D 165 106.90 11.47 -33.18
CA ASP D 165 108.06 11.73 -32.32
C ASP D 165 107.83 11.18 -30.91
N ILE D 166 106.62 11.34 -30.37
CA ILE D 166 106.31 10.78 -29.06
C ILE D 166 106.31 9.26 -29.13
N ALA D 167 105.70 8.69 -30.18
CA ALA D 167 105.68 7.24 -30.35
C ALA D 167 107.05 6.69 -30.69
N MET E 1 121.96 44.15 -13.41
CA MET E 1 121.19 43.84 -14.61
C MET E 1 120.07 42.86 -14.28
N LYS E 2 118.86 43.19 -14.71
CA LYS E 2 117.68 42.42 -14.36
C LYS E 2 116.95 42.00 -15.63
N VAL E 3 116.44 40.76 -15.63
CA VAL E 3 115.72 40.18 -16.75
C VAL E 3 114.46 39.52 -16.22
N ARG E 4 113.31 39.85 -16.81
CA ARG E 4 112.05 39.18 -16.57
C ARG E 4 111.75 38.20 -17.69
N VAL E 5 111.23 37.03 -17.32
CA VAL E 5 110.81 36.02 -18.28
C VAL E 5 109.30 35.89 -18.20
N GLY E 6 108.62 36.04 -19.34
CA GLY E 6 107.17 36.05 -19.38
C GLY E 6 106.51 34.69 -19.44
N LEU E 7 106.79 33.84 -18.46
CA LEU E 7 106.17 32.52 -18.43
C LEU E 7 104.72 32.62 -18.07
N GLY E 8 103.95 31.62 -18.47
CA GLY E 8 102.53 31.53 -18.11
C GLY E 8 101.97 30.24 -18.62
N SER E 9 100.65 30.20 -18.81
CA SER E 9 100.05 29.07 -19.50
C SER E 9 100.20 29.18 -21.01
N CYS E 10 100.54 30.38 -21.51
CA CYS E 10 100.82 30.58 -22.92
C CYS E 10 102.30 30.52 -23.25
N GLY E 11 103.17 30.92 -22.31
CA GLY E 11 104.60 30.80 -22.53
C GLY E 11 105.06 29.36 -22.60
N ILE E 12 104.44 28.48 -21.82
CA ILE E 12 104.73 27.05 -21.89
C ILE E 12 104.34 26.50 -23.25
N ALA E 13 103.25 27.03 -23.84
CA ALA E 13 102.73 26.55 -25.10
C ALA E 13 103.69 26.73 -26.26
N ALA E 14 104.55 27.76 -26.22
CA ALA E 14 105.51 27.98 -27.28
C ALA E 14 106.93 27.70 -26.79
N GLY E 15 107.38 28.36 -25.74
CA GLY E 15 108.69 28.07 -25.21
C GLY E 15 108.60 27.54 -23.80
N GLY E 16 108.80 28.43 -22.84
CA GLY E 16 108.67 28.07 -21.45
C GLY E 16 110.02 27.76 -20.83
N ARG E 17 110.10 26.60 -20.18
CA ARG E 17 111.29 26.22 -19.45
C ARG E 17 112.51 26.18 -20.36
N LYS E 18 112.30 25.73 -21.60
CA LYS E 18 113.23 25.72 -22.71
C LYS E 18 114.03 27.02 -22.82
N VAL E 19 113.40 28.14 -22.50
CA VAL E 19 114.10 29.41 -22.37
C VAL E 19 114.71 29.56 -21.00
N MET E 20 113.87 29.55 -19.95
CA MET E 20 114.28 30.12 -18.66
C MET E 20 115.51 29.40 -18.09
N ASP E 21 115.45 28.06 -17.97
CA ASP E 21 116.59 27.35 -17.41
C ASP E 21 117.83 27.57 -18.25
N ARG E 22 117.66 27.56 -19.59
CA ARG E 22 118.79 27.87 -20.45
C ARG E 22 119.42 29.19 -20.05
N LEU E 23 118.59 30.23 -19.92
CA LEU E 23 119.08 31.51 -19.41
C LEU E 23 119.68 31.35 -18.04
N ALA E 24 118.98 30.63 -17.14
CA ALA E 24 119.52 30.38 -15.81
C ALA E 24 120.83 29.62 -15.91
N GLN E 25 120.88 28.61 -16.78
CA GLN E 25 122.12 27.87 -16.97
C GLN E 25 123.23 28.81 -17.43
N GLU E 26 122.91 29.71 -18.36
CA GLU E 26 123.89 30.67 -18.82
C GLU E 26 124.39 31.54 -17.67
N ILE E 27 123.47 31.96 -16.80
CA ILE E 27 123.86 32.71 -15.61
C ILE E 27 124.79 31.88 -14.75
N LYS E 28 124.45 30.61 -14.55
CA LYS E 28 125.30 29.73 -13.75
C LYS E 28 126.62 29.47 -14.46
N ASN E 29 126.64 29.63 -15.78
CA ASN E 29 127.89 29.42 -16.50
C ASN E 29 128.76 30.68 -16.51
N HIS E 30 128.20 31.82 -16.09
CA HIS E 30 128.96 33.06 -16.17
C HIS E 30 129.13 33.75 -14.83
N GLY E 31 128.27 33.48 -13.86
CA GLY E 31 128.47 33.97 -12.51
C GLY E 31 128.21 35.44 -12.30
N LYS E 32 127.63 36.13 -13.27
CA LYS E 32 127.27 37.53 -13.12
C LYS E 32 125.99 37.66 -12.31
N GLU E 33 125.94 38.65 -11.43
CA GLU E 33 124.79 38.83 -10.56
C GLU E 33 123.61 39.39 -11.35
N ILE E 34 122.84 38.50 -11.95
CA ILE E 34 121.71 38.86 -12.81
C ILE E 34 120.42 38.40 -12.12
N GLU E 35 119.49 39.33 -11.97
CA GLU E 35 118.20 39.04 -11.34
C GLU E 35 117.24 38.52 -12.40
N LEU E 36 117.06 37.20 -12.44
CA LEU E 36 116.16 36.55 -13.39
C LEU E 36 114.83 36.30 -12.67
N LEU E 37 113.80 37.03 -13.09
CA LEU E 37 112.54 37.00 -12.35
C LEU E 37 111.40 36.42 -13.19
N PRO E 38 110.60 35.53 -12.59
CA PRO E 38 109.46 34.97 -13.30
C PRO E 38 108.26 35.91 -13.26
N THR E 39 107.76 36.29 -14.43
CA THR E 39 106.61 37.17 -14.55
C THR E 39 105.61 36.59 -15.53
N GLY E 40 104.34 36.96 -15.34
CA GLY E 40 103.27 36.44 -16.16
C GLY E 40 103.25 37.05 -17.55
N CYS E 41 102.18 36.73 -18.28
CA CYS E 41 101.99 37.28 -19.61
C CYS E 41 101.66 38.77 -19.52
N ILE E 42 102.36 39.58 -20.31
CA ILE E 42 102.06 41.00 -20.36
C ILE E 42 100.69 41.23 -20.97
N GLY E 43 100.46 40.58 -22.12
CA GLY E 43 99.21 40.76 -22.87
C GLY E 43 99.47 40.55 -24.35
N MET E 44 100.75 40.54 -24.75
CA MET E 44 101.12 40.30 -26.17
C MET E 44 101.53 38.83 -26.34
N CYS E 45 100.59 37.91 -26.10
CA CYS E 45 100.82 36.39 -26.22
C CYS E 45 101.08 36.15 -27.77
N PHE E 46 101.16 37.14 -28.76
CA PHE E 46 101.46 36.87 -30.16
C PHE E 46 102.97 36.98 -30.37
N TYR E 47 103.71 37.16 -29.28
CA TYR E 47 105.16 37.30 -29.35
C TYR E 47 105.87 36.43 -28.32
N GLU E 48 105.09 35.72 -27.49
CA GLU E 48 105.68 34.98 -26.38
C GLU E 48 106.54 33.84 -26.91
N PRO E 49 107.58 33.41 -26.16
CA PRO E 49 107.97 33.75 -24.78
C PRO E 49 108.52 35.16 -24.59
N ILE E 50 107.83 35.96 -23.79
CA ILE E 50 108.21 37.36 -23.57
C ILE E 50 109.45 37.41 -22.67
N VAL E 51 110.48 38.11 -23.13
CA VAL E 51 111.69 38.36 -22.35
C VAL E 51 111.92 39.87 -22.30
N ASP E 52 112.25 40.36 -21.11
CA ASP E 52 112.55 41.78 -20.89
C ASP E 52 113.91 41.90 -20.23
N VAL E 53 114.78 42.71 -20.82
CA VAL E 53 116.12 42.96 -20.28
C VAL E 53 116.24 44.46 -19.99
N PHE E 54 116.66 44.81 -18.79
CA PHE E 54 116.73 46.24 -18.42
C PHE E 54 118.19 46.67 -18.36
N ASP E 55 118.62 47.37 -19.41
CA ASP E 55 119.94 47.99 -19.47
C ASP E 55 119.79 49.40 -18.89
N GLY E 56 120.13 49.53 -17.61
CA GLY E 56 119.96 50.78 -16.90
C GLY E 56 118.50 51.16 -16.76
N ASP E 57 118.12 52.28 -17.36
CA ASP E 57 116.73 52.70 -17.41
C ASP E 57 116.03 52.28 -18.69
N LYS E 58 116.70 51.54 -19.56
CA LYS E 58 116.14 51.12 -20.84
C LYS E 58 115.61 49.70 -20.75
N VAL E 59 114.47 49.45 -21.37
CA VAL E 59 113.83 48.15 -21.38
C VAL E 59 113.82 47.62 -22.81
N TYR E 60 114.29 46.39 -22.98
CA TYR E 60 114.36 45.75 -24.30
C TYR E 60 113.53 44.49 -24.29
N SER E 61 112.66 44.35 -25.29
CA SER E 61 111.80 43.18 -25.46
C SER E 61 111.98 42.69 -26.90
N TYR E 62 112.69 41.57 -27.05
CA TYR E 62 112.98 40.96 -28.35
C TYR E 62 112.55 39.50 -28.33
N ALA E 63 111.29 39.28 -27.98
CA ALA E 63 110.74 37.97 -27.65
C ALA E 63 110.53 37.09 -28.89
N ASN E 64 109.71 36.04 -28.73
CA ASN E 64 109.66 34.89 -29.65
C ASN E 64 111.01 34.16 -29.64
N VAL E 65 111.36 33.63 -28.47
CA VAL E 65 112.71 33.21 -28.14
C VAL E 65 112.72 31.71 -27.85
N THR E 66 113.67 31.00 -28.47
CA THR E 66 113.94 29.62 -28.16
C THR E 66 115.24 29.51 -27.34
N ALA E 67 115.66 28.27 -27.07
CA ALA E 67 116.87 28.06 -26.29
C ALA E 67 118.11 28.57 -27.01
N ASP E 68 118.21 28.29 -28.32
CA ASP E 68 119.28 28.86 -29.12
C ASP E 68 119.17 30.39 -29.14
N MET E 69 117.94 30.89 -29.27
CA MET E 69 117.75 32.37 -29.25
C MET E 69 118.16 32.90 -27.87
N ALA E 70 117.79 32.20 -26.80
CA ALA E 70 118.15 32.66 -25.46
C ALA E 70 119.66 32.73 -25.28
N THR E 71 120.37 31.71 -25.79
CA THR E 71 121.83 31.73 -25.74
C THR E 71 122.40 32.87 -26.56
N GLU E 72 121.82 33.15 -27.73
CA GLU E 72 122.24 34.28 -28.55
C GLU E 72 122.02 35.59 -27.81
N ILE E 73 120.88 35.72 -27.12
CA ILE E 73 120.58 36.92 -26.36
C ILE E 73 121.61 37.12 -25.26
N PHE E 74 121.94 36.05 -24.54
CA PHE E 74 122.90 36.14 -23.46
C PHE E 74 124.29 36.52 -23.99
N ASN E 75 124.68 35.94 -25.12
CA ASN E 75 126.02 36.21 -25.64
C ASN E 75 126.10 37.59 -26.30
N SER E 76 124.96 38.16 -26.70
CA SER E 76 125.01 39.43 -27.44
C SER E 76 124.69 40.65 -26.58
N HIS E 77 123.66 40.58 -25.74
CA HIS E 77 123.15 41.76 -25.05
C HIS E 77 123.54 41.83 -23.59
N ILE E 78 123.31 40.76 -22.82
CA ILE E 78 123.53 40.84 -21.38
C ILE E 78 125.02 40.79 -21.02
N ILE E 79 125.88 40.38 -21.95
CA ILE E 79 127.32 40.37 -21.75
C ILE E 79 128.02 41.38 -22.64
N GLY E 80 127.68 41.38 -23.94
CA GLY E 80 128.30 42.29 -24.87
C GLY E 80 127.71 43.68 -24.94
N GLY E 81 126.53 43.87 -24.36
CA GLY E 81 125.88 45.17 -24.39
C GLY E 81 125.22 45.52 -25.71
N GLN E 82 125.14 44.58 -26.65
CA GLN E 82 124.60 44.86 -27.98
C GLN E 82 123.22 44.27 -28.13
N PRO E 83 122.17 45.09 -28.22
CA PRO E 83 120.83 44.54 -28.49
C PRO E 83 120.73 43.96 -29.88
N LEU E 84 119.88 42.95 -30.02
CA LEU E 84 119.64 42.28 -31.29
C LEU E 84 118.44 42.92 -31.96
N THR E 85 118.70 43.92 -32.81
CA THR E 85 117.64 44.75 -33.37
C THR E 85 116.75 44.01 -34.36
N GLN E 86 117.20 42.89 -34.91
CA GLN E 86 116.36 42.13 -35.84
C GLN E 86 115.23 41.39 -35.13
N TYR E 87 115.24 41.36 -33.79
CA TYR E 87 114.17 40.73 -33.03
C TYR E 87 113.39 41.70 -32.16
N ILE E 88 113.80 42.97 -32.10
CA ILE E 88 113.18 43.94 -31.20
C ILE E 88 111.91 44.50 -31.84
N VAL E 89 110.81 44.46 -31.11
CA VAL E 89 109.60 45.17 -31.51
C VAL E 89 109.20 46.26 -30.53
N SER E 90 109.75 46.28 -29.32
CA SER E 90 109.36 47.26 -28.31
C SER E 90 110.56 47.64 -27.46
N THR E 91 110.76 48.94 -27.27
CA THR E 91 111.79 49.48 -26.40
C THR E 91 111.16 50.45 -25.42
N THR E 92 112.01 51.13 -24.64
CA THR E 92 111.52 52.17 -23.76
C THR E 92 111.05 53.39 -24.56
N GLU E 93 111.85 53.83 -25.52
CA GLU E 93 111.47 54.95 -26.37
C GLU E 93 110.40 54.58 -27.38
N LYS E 94 110.28 53.29 -27.71
CA LYS E 94 109.27 52.80 -28.64
C LYS E 94 108.50 51.68 -27.96
N PRO E 95 107.62 51.97 -26.98
CA PRO E 95 107.01 50.90 -26.20
C PRO E 95 105.53 50.59 -26.47
N TYR E 96 104.75 50.52 -25.39
CA TYR E 96 103.30 50.24 -25.50
C TYR E 96 102.74 50.75 -26.83
N THR E 97 102.54 49.87 -27.81
CA THR E 97 101.83 50.29 -29.05
C THR E 97 100.42 49.79 -28.79
N ILE E 98 100.18 48.51 -29.04
CA ILE E 98 98.94 47.90 -28.58
C ILE E 98 98.61 48.34 -27.16
N LEU E 99 99.63 48.50 -26.32
CA LEU E 99 99.44 48.94 -24.95
C LEU E 99 99.29 50.45 -24.82
N ALA E 100 99.53 51.21 -25.90
CA ALA E 100 99.42 52.66 -25.83
C ALA E 100 97.97 53.10 -25.61
N LYS E 101 97.02 52.45 -26.26
CA LYS E 101 95.61 52.80 -26.14
C LYS E 101 94.91 52.05 -25.01
N GLN E 102 95.65 51.29 -24.22
CA GLN E 102 95.09 50.51 -23.13
C GLN E 102 95.26 51.25 -21.80
N VAL E 103 94.19 51.26 -21.01
CA VAL E 103 94.24 51.76 -19.64
C VAL E 103 94.19 50.54 -18.73
N ARG E 104 95.33 50.17 -18.17
CA ARG E 104 95.48 48.94 -17.41
C ARG E 104 95.27 49.24 -15.92
N ILE E 105 94.21 48.68 -15.37
CA ILE E 105 93.91 48.80 -13.94
C ILE E 105 93.97 47.44 -13.26
N ALA E 106 93.15 46.49 -13.70
CA ALA E 106 93.25 45.12 -13.21
C ALA E 106 94.45 44.40 -13.81
N LEU E 107 94.95 44.88 -14.95
CA LEU E 107 96.11 44.30 -15.62
C LEU E 107 97.36 45.13 -15.41
N ARG E 108 97.37 45.98 -14.38
CA ARG E 108 98.49 46.89 -14.15
C ARG E 108 99.78 46.14 -13.82
N ASN E 109 99.68 45.05 -13.07
CA ASN E 109 100.85 44.32 -12.62
C ASN E 109 101.10 43.03 -13.40
N CYS E 110 100.31 42.75 -14.43
CA CYS E 110 100.51 41.54 -15.21
C CYS E 110 101.73 41.69 -16.12
N GLY E 111 102.65 40.74 -16.02
CA GLY E 111 103.88 40.79 -16.77
C GLY E 111 104.96 41.68 -16.19
N VAL E 112 104.71 42.27 -15.02
CA VAL E 112 105.66 43.18 -14.39
C VAL E 112 106.18 42.65 -13.07
N ILE E 113 105.30 42.07 -12.25
CA ILE E 113 105.61 41.69 -10.88
C ILE E 113 105.77 40.18 -10.81
N ASP E 114 106.81 39.72 -10.12
CA ASP E 114 106.95 38.33 -9.72
C ASP E 114 105.76 37.96 -8.84
N PRO E 115 104.84 37.11 -9.32
CA PRO E 115 103.64 36.79 -8.53
C PRO E 115 103.92 35.96 -7.29
N GLU E 116 105.07 35.29 -7.23
CA GLU E 116 105.40 34.40 -6.12
C GLU E 116 106.15 35.12 -5.01
N ASN E 117 106.34 36.43 -5.11
CA ASN E 117 107.05 37.19 -4.09
C ASN E 117 106.27 38.45 -3.79
N VAL E 118 106.07 38.72 -2.49
CA VAL E 118 105.25 39.85 -2.06
C VAL E 118 106.03 41.16 -2.07
N ASP E 119 107.37 41.10 -2.09
CA ASP E 119 108.18 42.31 -2.02
C ASP E 119 108.01 43.17 -3.27
N GLU E 120 107.90 42.53 -4.44
CA GLU E 120 107.69 43.28 -5.67
C GLU E 120 106.32 43.94 -5.69
N TYR E 121 105.31 43.25 -5.15
CA TYR E 121 103.97 43.85 -5.05
C TYR E 121 103.99 45.04 -4.09
N LYS E 122 104.70 44.92 -2.98
CA LYS E 122 104.82 46.04 -2.06
C LYS E 122 105.57 47.21 -2.69
N ALA E 123 106.57 46.90 -3.50
CA ALA E 123 107.34 47.95 -4.20
C ALA E 123 106.50 48.66 -5.25
N ASN E 124 105.41 48.06 -5.69
CA ASN E 124 104.50 48.66 -6.68
C ASN E 124 103.23 49.19 -6.02
N ASP E 125 103.38 49.78 -4.84
CA ASP E 125 102.30 50.39 -4.06
C ASP E 125 101.22 49.39 -3.68
N GLY E 126 101.60 48.13 -3.47
CA GLY E 126 100.64 47.12 -3.08
C GLY E 126 100.38 47.11 -1.58
N TYR E 127 99.17 46.67 -1.22
CA TYR E 127 98.67 46.60 0.16
C TYR E 127 98.62 47.95 0.85
N LYS E 128 98.81 49.04 0.08
CA LYS E 128 98.63 50.37 0.65
C LYS E 128 97.16 50.72 0.76
N ALA E 129 96.34 50.26 -0.20
CA ALA E 129 94.91 50.51 -0.15
C ALA E 129 94.27 49.76 1.02
N LEU E 130 94.74 48.53 1.29
CA LEU E 130 94.25 47.79 2.44
C LEU E 130 94.60 48.50 3.73
N SER E 131 95.82 49.03 3.84
CA SER E 131 96.23 49.77 5.03
C SER E 131 95.39 51.04 5.19
N LYS E 132 95.14 51.75 4.09
CA LYS E 132 94.33 52.95 4.15
C LYS E 132 92.91 52.63 4.61
N ALA E 133 92.31 51.58 4.07
CA ALA E 133 90.95 51.21 4.44
C ALA E 133 90.88 50.75 5.89
N LEU E 134 91.91 50.05 6.36
CA LEU E 134 91.88 49.54 7.73
C LEU E 134 92.12 50.65 8.75
N LYS E 135 93.04 51.57 8.46
CA LYS E 135 93.50 52.52 9.46
C LYS E 135 92.84 53.88 9.38
N GLU E 136 92.23 54.23 8.25
CA GLU E 136 91.76 55.59 8.06
C GLU E 136 90.28 55.72 7.73
N MET E 137 89.53 54.62 7.67
CA MET E 137 88.28 54.71 6.94
C MET E 137 87.35 53.58 7.37
N THR E 138 86.03 53.86 7.34
CA THR E 138 85.00 52.99 7.88
C THR E 138 84.40 52.12 6.78
N PRO E 139 83.86 50.95 7.13
CA PRO E 139 83.23 50.09 6.11
C PRO E 139 82.07 50.75 5.37
N GLU E 140 81.28 51.57 6.07
CA GLU E 140 80.25 52.35 5.39
C GLU E 140 80.87 53.29 4.37
N GLU E 141 81.99 53.92 4.74
CA GLU E 141 82.73 54.71 3.77
C GLU E 141 83.30 53.85 2.65
N VAL E 142 83.61 52.57 2.92
CA VAL E 142 84.11 51.70 1.86
C VAL E 142 83.02 51.46 0.82
N ILE E 143 81.82 51.14 1.29
CA ILE E 143 80.70 50.94 0.37
C ILE E 143 80.37 52.24 -0.36
N GLU E 144 80.50 53.37 0.35
CA GLU E 144 80.26 54.66 -0.29
C GLU E 144 81.27 54.94 -1.41
N GLU E 145 82.54 54.62 -1.18
CA GLU E 145 83.56 54.83 -2.21
C GLU E 145 83.34 53.90 -3.39
N ILE E 146 82.92 52.66 -3.12
CA ILE E 146 82.60 51.73 -4.20
C ILE E 146 81.43 52.26 -5.02
N LYS E 147 80.42 52.82 -4.36
CA LYS E 147 79.28 53.41 -5.06
C LYS E 147 79.71 54.62 -5.89
N VAL E 148 80.56 55.47 -5.32
CA VAL E 148 81.01 56.68 -6.02
C VAL E 148 81.81 56.32 -7.26
N ALA E 149 82.65 55.28 -7.16
CA ALA E 149 83.40 54.84 -8.33
C ALA E 149 82.51 54.22 -9.40
N GLY E 150 81.26 53.89 -9.06
CA GLY E 150 80.36 53.28 -10.03
C GLY E 150 80.78 51.89 -10.45
N LEU E 151 81.22 51.06 -9.50
CA LEU E 151 81.67 49.71 -9.82
C LEU E 151 80.49 48.85 -10.23
N ARG E 152 80.56 48.27 -11.43
CA ARG E 152 79.63 47.24 -11.86
C ARG E 152 80.34 45.89 -11.89
N GLY E 153 79.57 44.83 -11.68
CA GLY E 153 80.11 43.50 -11.69
C GLY E 153 80.72 43.13 -13.03
N ARG E 154 81.97 42.66 -13.02
CA ARG E 154 82.67 42.35 -14.26
C ARG E 154 82.28 41.00 -14.83
N GLY E 155 81.20 40.40 -14.35
CA GLY E 155 80.63 39.21 -14.93
C GLY E 155 79.67 39.56 -16.05
N GLY E 156 78.81 38.59 -16.37
CA GLY E 156 77.86 38.80 -17.45
C GLY E 156 76.79 39.83 -17.12
N ALA E 157 76.29 39.83 -15.89
CA ALA E 157 75.15 40.65 -15.50
C ALA E 157 75.49 42.13 -15.40
N GLY E 158 76.69 42.48 -14.94
CA GLY E 158 77.02 43.88 -14.71
C GLY E 158 76.26 44.51 -13.56
N PHE E 159 76.04 43.75 -12.49
CA PHE E 159 75.35 44.27 -11.32
C PHE E 159 76.23 45.25 -10.57
N PRO E 160 75.65 46.31 -9.98
CA PRO E 160 76.43 47.22 -9.14
C PRO E 160 76.97 46.50 -7.91
N THR E 161 78.30 46.47 -7.79
CA THR E 161 78.93 45.71 -6.72
C THR E 161 78.65 46.35 -5.36
N TRP E 162 78.51 47.68 -5.32
CA TRP E 162 78.24 48.35 -4.05
C TRP E 162 76.89 47.93 -3.48
N PHE E 163 75.91 47.68 -4.34
CA PHE E 163 74.61 47.20 -3.88
C PHE E 163 74.75 45.83 -3.21
N LYS E 164 75.50 44.91 -3.83
CA LYS E 164 75.72 43.60 -3.25
C LYS E 164 76.46 43.69 -1.92
N TRP E 165 77.48 44.56 -1.87
CA TRP E 165 78.25 44.74 -0.64
C TRP E 165 77.36 45.28 0.49
N ASN E 166 76.54 46.27 0.17
CA ASN E 166 75.65 46.85 1.19
C ASN E 166 74.61 45.84 1.64
N ALA E 167 74.05 45.08 0.69
CA ALA E 167 73.05 44.07 1.04
C ALA E 167 73.65 42.99 1.92
N ALA E 168 74.89 42.59 1.65
CA ALA E 168 75.56 41.63 2.51
C ALA E 168 75.86 42.23 3.88
N ARG E 169 76.14 43.54 3.94
CA ARG E 169 76.44 44.16 5.22
C ARG E 169 75.20 44.24 6.11
N GLN E 170 74.07 44.66 5.54
CA GLN E 170 72.85 44.79 6.33
C GLN E 170 72.26 43.44 6.72
N SER E 171 72.72 42.35 6.12
CA SER E 171 72.18 41.04 6.42
C SER E 171 72.54 40.63 7.85
N LYS E 172 71.56 40.09 8.56
CA LYS E 172 71.76 39.68 9.94
C LYS E 172 72.54 38.37 9.99
N GLY E 173 73.58 38.35 10.82
CA GLY E 173 74.37 37.15 11.00
C GLY E 173 75.71 37.43 11.63
N GLU E 174 76.14 36.56 12.54
CA GLU E 174 77.44 36.71 13.18
C GLU E 174 78.59 36.25 12.30
N ILE E 175 78.32 35.41 11.30
CA ILE E 175 79.35 34.86 10.42
C ILE E 175 78.94 35.13 8.98
N LYS E 176 79.84 35.74 8.21
CA LYS E 176 79.59 36.03 6.81
C LYS E 176 80.78 35.54 5.99
N TYR E 177 80.53 35.32 4.70
CA TYR E 177 81.54 34.76 3.80
C TYR E 177 81.73 35.66 2.59
N VAL E 178 82.96 35.69 2.09
CA VAL E 178 83.30 36.34 0.82
C VAL E 178 83.86 35.28 -0.10
N VAL E 179 83.21 35.08 -1.25
CA VAL E 179 83.59 34.05 -2.21
C VAL E 179 83.91 34.72 -3.53
N CYS E 180 85.09 34.42 -4.07
CA CYS E 180 85.50 34.91 -5.37
C CYS E 180 85.23 33.84 -6.43
N ASN E 181 84.43 34.20 -7.44
CA ASN E 181 84.10 33.27 -8.52
C ASN E 181 85.23 33.29 -9.52
N ALA E 182 86.17 32.36 -9.36
CA ALA E 182 87.24 32.18 -10.32
C ALA E 182 86.93 31.12 -11.35
N ASP E 183 85.72 30.55 -11.31
CA ASP E 183 85.32 29.47 -12.21
C ASP E 183 84.61 30.09 -13.42
N GLU E 184 85.40 30.49 -14.41
CA GLU E 184 84.86 30.94 -15.70
C GLU E 184 85.06 29.81 -16.68
N GLY E 185 83.96 29.30 -17.23
CA GLY E 185 84.01 28.23 -18.20
C GLY E 185 83.78 28.64 -19.64
N ASP E 186 83.89 29.92 -19.97
CA ASP E 186 83.72 30.38 -21.34
C ASP E 186 84.90 29.96 -22.19
N PRO E 187 84.69 29.22 -23.28
CA PRO E 187 85.77 29.04 -24.26
C PRO E 187 86.19 30.37 -24.84
N GLY E 188 87.49 30.51 -25.11
CA GLY E 188 88.03 31.74 -25.64
C GLY E 188 88.24 32.84 -24.63
N ALA E 189 88.05 32.55 -23.34
CA ALA E 189 88.10 33.55 -22.29
C ALA E 189 89.12 33.13 -21.26
N PHE E 190 90.19 33.92 -21.11
CA PHE E 190 91.30 33.54 -20.24
C PHE E 190 91.85 34.76 -19.48
N MET E 191 90.94 35.60 -18.99
CA MET E 191 91.39 36.79 -18.20
C MET E 191 91.64 36.37 -16.76
N ASP E 192 90.90 35.38 -16.25
CA ASP E 192 90.99 34.97 -14.86
C ASP E 192 92.33 34.33 -14.57
N ARG E 193 92.74 33.41 -15.44
CA ARG E 193 93.98 32.69 -15.29
C ARG E 193 95.17 33.63 -15.40
N SER E 194 95.09 34.59 -16.33
CA SER E 194 96.15 35.57 -16.49
C SER E 194 96.28 36.44 -15.25
N VAL E 195 95.16 36.89 -14.70
CA VAL E 195 95.19 37.72 -13.49
C VAL E 195 95.75 36.91 -12.32
N LEU E 196 95.29 35.67 -12.16
CA LEU E 196 95.73 34.84 -11.05
C LEU E 196 97.22 34.51 -11.13
N GLU E 197 97.72 34.21 -12.32
CA GLU E 197 99.13 33.90 -12.50
C GLU E 197 100.01 35.13 -12.60
N GLY E 198 99.42 36.31 -12.74
CA GLY E 198 100.20 37.53 -12.83
C GLY E 198 100.19 38.34 -11.56
N ASP E 199 99.03 38.43 -10.91
CA ASP E 199 98.88 39.23 -9.69
C ASP E 199 97.80 38.64 -8.81
N PRO E 200 98.11 37.58 -8.06
CA PRO E 200 97.16 37.09 -7.07
C PRO E 200 97.02 38.00 -5.87
N HIS E 201 98.04 38.83 -5.61
CA HIS E 201 98.03 39.70 -4.45
C HIS E 201 96.96 40.78 -4.57
N ALA E 202 96.70 41.26 -5.79
CA ALA E 202 95.61 42.20 -5.99
C ALA E 202 94.26 41.57 -5.65
N LEU E 203 94.07 40.31 -6.05
CA LEU E 203 92.85 39.59 -5.72
C LEU E 203 92.71 39.41 -4.21
N LEU E 204 93.81 39.05 -3.54
CA LEU E 204 93.76 38.88 -2.09
C LEU E 204 93.46 40.19 -1.38
N GLU E 205 94.08 41.29 -1.84
CA GLU E 205 93.84 42.59 -1.23
C GLU E 205 92.39 43.04 -1.42
N GLY E 206 91.86 42.85 -2.62
CA GLY E 206 90.47 43.20 -2.87
C GLY E 206 89.51 42.37 -2.03
N MET E 207 89.78 41.08 -1.91
CA MET E 207 88.93 40.22 -1.07
C MET E 207 89.01 40.64 0.39
N ALA E 208 90.19 41.00 0.87
CA ALA E 208 90.33 41.46 2.25
C ALA E 208 89.58 42.76 2.48
N ILE E 209 89.66 43.68 1.52
CA ILE E 209 88.94 44.95 1.63
C ILE E 209 87.43 44.71 1.66
N CYS E 210 86.95 43.81 0.80
CA CYS E 210 85.53 43.46 0.79
C CYS E 210 85.11 42.80 2.10
N GLY E 211 85.96 41.94 2.65
CA GLY E 211 85.65 41.30 3.93
C GLY E 211 85.59 42.29 5.07
N TYR E 212 86.47 43.29 5.04
CA TYR E 212 86.39 44.36 6.04
C TYR E 212 85.13 45.20 5.85
N ALA E 213 84.76 45.47 4.61
CA ALA E 213 83.57 46.28 4.33
C ALA E 213 82.30 45.58 4.80
N ILE E 214 82.17 44.28 4.54
CA ILE E 214 80.98 43.54 4.94
C ILE E 214 81.06 43.06 6.38
N GLY E 215 82.26 42.78 6.88
CA GLY E 215 82.40 42.24 8.21
C GLY E 215 82.68 40.75 8.24
N ALA E 216 82.97 40.16 7.08
CA ALA E 216 83.27 38.75 6.99
C ALA E 216 84.70 38.47 7.45
N ASN E 217 84.91 37.27 7.98
CA ASN E 217 86.21 36.86 8.47
C ASN E 217 86.79 35.69 7.70
N GLU E 218 86.00 35.03 6.86
CA GLU E 218 86.44 33.85 6.12
C GLU E 218 86.22 34.08 4.64
N GLY E 219 87.26 33.82 3.84
CA GLY E 219 87.19 33.99 2.40
C GLY E 219 87.35 32.66 1.69
N HIS E 220 86.87 32.61 0.45
CA HIS E 220 86.97 31.41 -0.38
C HIS E 220 87.22 31.81 -1.81
N ILE E 221 88.12 31.10 -2.48
CA ILE E 221 88.36 31.26 -3.90
C ILE E 221 88.01 29.95 -4.59
N TYR E 222 86.95 29.97 -5.39
CA TYR E 222 86.51 28.79 -6.11
C TYR E 222 87.18 28.79 -7.48
N CYS E 223 88.40 28.28 -7.52
CA CYS E 223 89.19 28.24 -8.73
C CYS E 223 89.15 26.84 -9.33
N ARG E 224 89.23 26.77 -10.65
CA ARG E 224 89.16 25.49 -11.34
C ARG E 224 90.39 24.65 -11.06
N ALA E 225 90.20 23.33 -10.98
CA ALA E 225 91.31 22.42 -10.75
C ALA E 225 92.19 22.24 -11.99
N GLU E 226 91.77 22.76 -13.14
CA GLU E 226 92.53 22.65 -14.37
C GLU E 226 93.51 23.80 -14.56
N TYR E 227 93.69 24.65 -13.55
CA TYR E 227 94.64 25.76 -13.57
C TYR E 227 95.69 25.52 -12.50
N PRO E 228 96.66 24.62 -12.75
CA PRO E 228 97.60 24.24 -11.68
C PRO E 228 98.58 25.34 -11.31
N LEU E 229 99.08 26.09 -12.29
CA LEU E 229 99.99 27.19 -11.98
C LEU E 229 99.29 28.26 -11.16
N ALA E 230 98.02 28.52 -11.46
CA ALA E 230 97.26 29.51 -10.69
C ALA E 230 97.10 29.10 -9.24
N ILE E 231 96.77 27.84 -8.98
CA ILE E 231 96.59 27.41 -7.60
C ILE E 231 97.93 27.34 -6.87
N LYS E 232 99.02 26.99 -7.58
CA LYS E 232 100.34 27.01 -6.95
C LYS E 232 100.73 28.43 -6.54
N ARG E 233 100.51 29.39 -7.44
CA ARG E 233 100.85 30.77 -7.12
C ARG E 233 99.92 31.34 -6.05
N LEU E 234 98.67 30.90 -6.01
CA LEU E 234 97.77 31.31 -4.94
C LEU E 234 98.23 30.78 -3.59
N GLU E 235 98.70 29.52 -3.56
CA GLU E 235 99.24 28.97 -2.33
C GLU E 235 100.48 29.73 -1.87
N ILE E 236 101.36 30.07 -2.81
CA ILE E 236 102.53 30.88 -2.47
C ILE E 236 102.10 32.25 -1.95
N ALA E 237 101.05 32.82 -2.55
CA ALA E 237 100.59 34.14 -2.15
C ALA E 237 100.00 34.13 -0.74
N ILE E 238 99.19 33.12 -0.41
CA ILE E 238 98.60 33.07 0.93
C ILE E 238 99.68 32.79 1.97
N ALA E 239 100.67 31.96 1.61
CA ALA E 239 101.78 31.73 2.53
C ALA E 239 102.56 33.02 2.79
N ASP E 240 102.86 33.77 1.73
CA ASP E 240 103.61 35.01 1.87
C ASP E 240 102.82 36.06 2.65
N ALA E 241 101.52 36.16 2.40
CA ALA E 241 100.71 37.16 3.09
C ALA E 241 100.49 36.79 4.55
N LYS E 242 100.34 35.51 4.86
CA LYS E 242 100.24 35.09 6.26
C LYS E 242 101.54 35.34 6.99
N GLN E 243 102.68 35.15 6.31
CA GLN E 243 103.97 35.39 6.95
C GLN E 243 104.23 36.88 7.16
N ARG E 244 103.51 37.76 6.46
CA ARG E 244 103.70 39.21 6.59
C ARG E 244 102.53 39.88 7.31
N ASN E 245 101.72 39.11 8.04
CA ASN E 245 100.57 39.56 8.81
C ASN E 245 99.48 40.20 7.93
N LEU E 246 99.58 40.07 6.62
CA LEU E 246 98.62 40.71 5.73
C LEU E 246 97.27 40.00 5.71
N LEU E 247 97.26 38.69 5.91
CA LEU E 247 96.01 37.95 6.09
C LEU E 247 96.14 37.05 7.31
N GLY E 248 94.99 36.80 7.95
CA GLY E 248 94.97 36.02 9.17
C GLY E 248 94.40 36.80 10.34
N LYS E 249 95.02 36.65 11.51
CA LYS E 249 94.55 37.31 12.71
C LYS E 249 95.27 38.63 12.90
N ASN E 250 94.50 39.68 13.21
CA ASN E 250 95.01 41.02 13.56
C ASN E 250 95.85 41.60 12.43
N ILE E 251 95.17 41.87 11.32
CA ILE E 251 95.82 42.40 10.13
C ILE E 251 96.35 43.80 10.40
N MET E 252 97.68 43.95 10.34
CA MET E 252 98.39 45.23 10.52
C MET E 252 97.99 45.93 11.82
N GLY E 253 97.91 45.18 12.90
CA GLY E 253 97.66 45.76 14.20
C GLY E 253 96.24 46.22 14.44
N THR E 254 95.33 45.92 13.52
CA THR E 254 93.91 46.26 13.68
C THR E 254 93.16 45.02 14.17
N ASN E 255 92.09 45.27 14.93
CA ASN E 255 91.31 44.20 15.53
C ASN E 255 90.60 43.32 14.50
N PHE E 256 90.50 43.76 13.25
CA PHE E 256 89.86 42.97 12.20
C PHE E 256 90.72 41.78 11.81
N SER E 257 90.07 40.63 11.61
CA SER E 257 90.74 39.41 11.20
C SER E 257 90.07 38.85 9.95
N PHE E 258 90.87 38.28 9.06
CA PHE E 258 90.35 37.74 7.81
C PHE E 258 91.27 36.63 7.32
N ASP E 259 90.70 35.48 6.99
CA ASP E 259 91.42 34.35 6.45
C ASP E 259 90.69 33.84 5.21
N MET E 260 91.42 33.12 4.36
CA MET E 260 90.85 32.58 3.13
C MET E 260 91.32 31.15 2.90
N LYS E 261 90.53 30.42 2.12
CA LYS E 261 90.85 29.06 1.71
C LYS E 261 90.63 28.91 0.22
N ILE E 262 91.32 27.96 -0.38
CA ILE E 262 91.21 27.68 -1.80
C ILE E 262 90.40 26.41 -1.98
N LYS E 263 89.35 26.48 -2.79
CA LYS E 263 88.55 25.32 -3.14
C LYS E 263 88.73 25.06 -4.63
N LYS E 264 89.08 23.83 -4.98
CA LYS E 264 89.32 23.45 -6.36
C LYS E 264 88.02 22.93 -6.97
N GLY E 265 87.49 23.65 -7.96
CA GLY E 265 86.26 23.23 -8.60
C GLY E 265 86.47 22.09 -9.58
N ALA E 266 85.35 21.46 -9.97
CA ALA E 266 85.38 20.34 -10.91
C ALA E 266 85.26 20.78 -12.36
N GLY E 267 85.02 22.06 -12.62
CA GLY E 267 84.98 22.56 -13.98
C GLY E 267 83.61 22.50 -14.62
N ALA E 268 82.58 22.90 -13.89
CA ALA E 268 81.22 22.93 -14.42
C ALA E 268 80.87 24.35 -14.85
N PHE E 269 80.33 24.49 -16.06
CA PHE E 269 79.94 25.80 -16.55
C PHE E 269 78.73 26.35 -15.80
N VAL E 270 77.83 25.45 -15.37
CA VAL E 270 76.66 25.88 -14.62
C VAL E 270 77.06 26.47 -13.28
N CYS E 271 78.24 26.14 -12.76
CA CYS E 271 78.72 26.70 -11.51
C CYS E 271 79.12 28.16 -11.64
N GLY E 272 79.14 28.71 -12.85
CA GLY E 272 79.29 30.16 -12.99
C GLY E 272 78.14 30.93 -12.37
N GLU E 273 76.97 30.32 -12.29
CA GLU E 273 75.85 30.92 -11.57
C GLU E 273 76.09 30.83 -10.07
N GLU E 274 75.48 31.75 -9.33
CA GLU E 274 75.83 31.94 -7.91
C GLU E 274 75.34 30.78 -7.06
N THR E 275 74.07 30.39 -7.21
CA THR E 275 73.51 29.33 -6.37
C THR E 275 74.14 27.99 -6.69
N ALA E 276 74.42 27.73 -7.97
CA ALA E 276 75.10 26.48 -8.33
C ALA E 276 76.52 26.46 -7.79
N LEU E 277 77.19 27.61 -7.77
CA LEU E 277 78.51 27.69 -7.16
C LEU E 277 78.44 27.41 -5.67
N ILE E 278 77.39 27.90 -5.01
CA ILE E 278 77.20 27.62 -3.59
C ILE E 278 76.96 26.14 -3.36
N ALA E 279 76.15 25.52 -4.22
CA ALA E 279 75.89 24.08 -4.09
C ALA E 279 77.16 23.26 -4.32
N SER E 280 77.99 23.68 -5.28
CA SER E 280 79.26 23.00 -5.49
C SER E 280 80.20 23.18 -4.32
N LEU E 281 80.22 24.38 -3.72
CA LEU E 281 81.10 24.63 -2.59
C LEU E 281 80.70 23.82 -1.37
N GLU E 282 79.42 23.50 -1.23
CA GLU E 282 78.95 22.68 -0.12
C GLU E 282 79.09 21.19 -0.39
N GLY E 283 79.78 20.82 -1.48
CA GLY E 283 80.02 19.42 -1.76
C GLY E 283 78.84 18.65 -2.28
N GLU E 284 77.92 19.30 -2.97
CA GLU E 284 76.76 18.65 -3.56
C GLU E 284 76.80 18.78 -5.08
N ARG E 285 75.77 18.24 -5.73
CA ARG E 285 75.66 18.37 -7.18
C ARG E 285 75.28 19.79 -7.55
N GLY E 286 76.11 20.45 -8.36
CA GLY E 286 75.86 21.82 -8.75
C GLY E 286 74.60 21.98 -9.56
N MET E 287 73.57 22.56 -8.96
CA MET E 287 72.30 22.79 -9.61
C MET E 287 71.72 24.09 -9.09
N PRO E 288 71.20 24.94 -9.97
CA PRO E 288 70.63 26.22 -9.52
C PRO E 288 69.41 26.01 -8.65
N ARG E 289 69.22 26.91 -7.71
CA ARG E 289 68.09 26.91 -6.80
C ARG E 289 67.19 28.10 -7.10
N LEU E 290 66.09 28.18 -6.35
CA LEU E 290 65.12 29.24 -6.57
C LEU E 290 65.45 30.46 -5.74
N LYS E 291 65.54 31.62 -6.40
CA LYS E 291 65.69 32.91 -5.76
C LYS E 291 64.33 33.60 -5.69
N PRO E 292 63.95 34.24 -4.56
CA PRO E 292 64.69 34.40 -3.30
C PRO E 292 64.66 33.13 -2.45
N PRO E 293 65.50 32.95 -1.42
CA PRO E 293 66.49 33.88 -0.85
C PRO E 293 67.77 34.03 -1.66
N PHE E 294 68.28 35.26 -1.74
CA PHE E 294 69.50 35.54 -2.46
C PHE E 294 70.71 35.14 -1.63
N PRO E 295 71.86 34.90 -2.28
CA PRO E 295 73.08 34.58 -1.53
C PRO E 295 73.53 35.67 -0.58
N ALA E 296 73.18 36.93 -0.85
CA ALA E 296 73.54 38.01 0.07
C ALA E 296 72.77 37.93 1.37
N GLN E 297 71.64 37.24 1.39
CA GLN E 297 70.87 37.03 2.61
C GLN E 297 71.12 35.65 3.23
N SER E 298 71.10 34.60 2.41
CA SER E 298 71.39 33.24 2.86
C SER E 298 72.15 32.53 1.76
N GLY E 299 73.47 32.47 1.89
CA GLY E 299 74.30 31.86 0.88
C GLY E 299 75.04 30.62 1.36
N PHE E 300 76.34 30.76 1.56
CA PHE E 300 77.19 29.63 1.90
C PHE E 300 76.85 29.12 3.29
N TRP E 301 76.38 27.86 3.36
CA TRP E 301 76.00 27.18 4.60
C TRP E 301 74.91 27.93 5.35
N GLY E 302 74.04 28.63 4.62
CA GLY E 302 72.97 29.39 5.23
C GLY E 302 73.36 30.76 5.74
N LYS E 303 74.63 31.10 5.73
CA LYS E 303 75.15 32.39 6.15
C LYS E 303 75.11 33.37 4.99
N PRO E 304 75.05 34.68 5.26
CA PRO E 304 75.14 35.66 4.18
C PRO E 304 76.48 35.57 3.47
N THR E 305 76.43 35.71 2.14
CA THR E 305 77.61 35.50 1.30
C THR E 305 77.62 36.52 0.17
N ASN E 306 78.76 37.17 -0.02
CA ASN E 306 78.96 38.10 -1.13
C ASN E 306 79.84 37.43 -2.17
N ILE E 307 79.34 37.35 -3.40
CA ILE E 307 80.02 36.63 -4.47
C ILE E 307 80.29 37.61 -5.60
N ASN E 308 81.56 37.70 -6.01
CA ASN E 308 81.97 38.55 -7.12
C ASN E 308 83.09 37.84 -7.87
N ASN E 309 83.23 38.15 -9.15
CA ASN E 309 84.29 37.54 -9.93
C ASN E 309 85.62 38.23 -9.66
N VAL E 310 86.68 37.67 -10.25
CA VAL E 310 88.04 38.04 -9.88
C VAL E 310 88.36 39.46 -10.31
N GLU E 311 87.78 39.92 -11.42
CA GLU E 311 88.19 41.20 -12.00
C GLU E 311 87.82 42.37 -11.10
N THR E 312 86.65 42.32 -10.46
CA THR E 312 86.27 43.40 -9.54
C THR E 312 87.18 43.43 -8.32
N PHE E 313 87.52 42.26 -7.80
CA PHE E 313 88.42 42.21 -6.65
C PHE E 313 89.81 42.69 -7.02
N ALA E 314 90.21 42.52 -8.28
CA ALA E 314 91.46 43.08 -8.75
C ALA E 314 91.38 44.59 -8.91
N ASN E 315 90.21 45.09 -9.32
CA ASN E 315 90.04 46.52 -9.54
C ASN E 315 89.94 47.28 -8.22
N VAL E 316 89.45 46.64 -7.16
CA VAL E 316 89.17 47.35 -5.90
C VAL E 316 90.40 48.05 -5.31
N PRO E 317 91.58 47.41 -5.18
CA PRO E 317 92.71 48.13 -4.58
C PRO E 317 93.15 49.37 -5.36
N TRP E 318 93.05 49.35 -6.68
CA TRP E 318 93.43 50.51 -7.47
C TRP E 318 92.52 51.70 -7.19
N ILE E 319 91.21 51.46 -7.17
CA ILE E 319 90.28 52.55 -6.90
C ILE E 319 90.36 52.99 -5.44
N MET E 320 90.81 52.10 -4.56
CA MET E 320 90.94 52.50 -3.16
C MET E 320 92.19 53.34 -2.95
N TYR E 321 93.26 53.04 -3.67
CA TYR E 321 94.47 53.84 -3.58
C TYR E 321 94.31 55.18 -4.29
N ASN E 322 93.60 55.19 -5.43
CA ASN E 322 93.52 56.38 -6.27
C ASN E 322 92.25 57.20 -6.03
N GLY E 323 91.23 56.64 -5.39
CA GLY E 323 89.99 57.35 -5.20
C GLY E 323 88.94 56.93 -6.21
N GLY E 324 87.68 56.99 -5.79
CA GLY E 324 86.58 56.57 -6.67
C GLY E 324 86.35 57.52 -7.82
N SER E 325 86.68 58.80 -7.63
CA SER E 325 86.51 59.77 -8.72
C SER E 325 87.48 59.49 -9.86
N ALA E 326 88.68 59.01 -9.54
CA ALA E 326 89.65 58.66 -10.59
C ALA E 326 89.14 57.52 -11.44
N TYR E 327 88.55 56.49 -10.82
CA TYR E 327 88.00 55.38 -11.58
C TYR E 327 86.74 55.80 -12.33
N ALA E 328 85.97 56.74 -11.77
CA ALA E 328 84.78 57.24 -12.44
C ALA E 328 85.11 58.13 -13.64
N ALA E 329 86.35 58.64 -13.72
CA ALA E 329 86.75 59.45 -14.86
C ALA E 329 86.80 58.66 -16.15
N TYR E 330 87.05 57.36 -16.07
CA TYR E 330 87.04 56.50 -17.24
C TYR E 330 85.65 55.94 -17.47
N GLY E 331 85.43 55.43 -18.68
CA GLY E 331 84.15 54.85 -19.02
C GLY E 331 83.11 55.90 -19.38
N THR E 332 81.85 55.47 -19.36
CA THR E 332 80.73 56.32 -19.71
C THR E 332 79.96 56.73 -18.45
N GLU E 333 78.86 57.45 -18.67
CA GLU E 333 78.03 57.90 -17.55
C GLU E 333 77.23 56.75 -16.95
N LYS E 334 77.05 55.66 -17.69
CA LYS E 334 76.34 54.49 -17.20
C LYS E 334 77.26 53.30 -16.95
N SER E 335 78.49 53.33 -17.47
CA SER E 335 79.47 52.27 -17.28
C SER E 335 80.83 52.93 -17.05
N LYS E 336 81.23 53.03 -15.78
CA LYS E 336 82.45 53.73 -15.39
C LYS E 336 83.60 52.76 -15.20
N GLY E 337 84.79 53.17 -15.68
CA GLY E 337 86.01 52.42 -15.41
C GLY E 337 86.73 51.79 -16.59
N THR E 338 87.17 50.54 -16.41
CA THR E 338 87.85 49.78 -17.46
C THR E 338 87.40 48.32 -17.43
N LYS E 339 87.57 47.63 -18.56
CA LYS E 339 87.23 46.21 -18.69
C LYS E 339 88.32 45.45 -19.43
N VAL E 340 88.54 44.20 -19.01
CA VAL E 340 89.49 43.29 -19.64
C VAL E 340 88.72 42.48 -20.69
N PHE E 341 89.37 42.23 -21.83
CA PHE E 341 88.77 41.42 -22.88
C PHE E 341 89.77 40.39 -23.39
N ALA E 342 89.30 39.16 -23.56
CA ALA E 342 90.11 38.09 -24.14
C ALA E 342 89.86 38.11 -25.65
N LEU E 343 90.79 38.71 -26.39
CA LEU E 343 90.65 38.96 -27.81
C LEU E 343 91.33 37.84 -28.59
N ALA E 344 90.55 37.12 -29.40
CA ALA E 344 91.09 36.00 -30.16
C ALA E 344 90.29 35.84 -31.45
N GLY E 345 90.54 34.75 -32.16
CA GLY E 345 89.81 34.45 -33.38
C GLY E 345 90.60 34.73 -34.63
N LYS E 346 89.92 35.19 -35.69
CA LYS E 346 90.58 35.53 -36.95
C LYS E 346 91.12 36.97 -36.84
N ILE E 347 92.17 37.09 -36.05
CA ILE E 347 92.78 38.39 -35.76
C ILE E 347 94.30 38.25 -35.86
N LYS E 348 94.96 39.37 -36.12
CA LYS E 348 96.42 39.37 -36.17
C LYS E 348 97.02 39.38 -34.77
N ASN E 349 96.66 40.36 -33.95
CA ASN E 349 97.24 40.54 -32.62
C ASN E 349 96.22 40.07 -31.58
N GLY E 350 96.38 38.83 -31.14
CA GLY E 350 95.51 38.29 -30.11
C GLY E 350 96.14 38.36 -28.72
N GLY E 351 95.34 38.03 -27.72
CA GLY E 351 95.78 38.00 -26.34
C GLY E 351 94.80 38.72 -25.46
N LEU E 352 95.29 39.22 -24.33
CA LEU E 352 94.46 39.91 -23.35
C LEU E 352 94.60 41.41 -23.52
N VAL E 353 93.49 42.09 -23.72
CA VAL E 353 93.46 43.53 -23.92
C VAL E 353 92.70 44.16 -22.76
N GLU E 354 92.93 45.45 -22.55
CA GLU E 354 92.22 46.22 -21.54
C GLU E 354 91.77 47.53 -22.15
N VAL E 355 90.47 47.81 -22.09
CA VAL E 355 89.94 49.04 -22.69
C VAL E 355 88.98 49.73 -21.73
N PRO E 356 88.94 51.06 -21.72
CA PRO E 356 87.82 51.76 -21.04
C PRO E 356 86.53 51.59 -21.83
N MET E 357 85.40 51.50 -21.11
CA MET E 357 84.16 51.39 -21.86
C MET E 357 83.81 52.71 -22.53
N GLY E 358 82.99 52.63 -23.58
CA GLY E 358 82.72 53.75 -24.45
C GLY E 358 83.54 53.73 -25.72
N MET E 359 84.65 52.99 -25.74
CA MET E 359 85.43 52.86 -26.96
C MET E 359 84.66 52.04 -27.98
N SER E 360 84.74 52.44 -29.25
CA SER E 360 84.08 51.70 -30.30
C SER E 360 84.76 50.36 -30.52
N LEU E 361 83.97 49.37 -30.93
CA LEU E 361 84.52 48.04 -31.19
C LEU E 361 85.46 48.06 -32.38
N ARG E 362 85.26 49.01 -33.31
CA ARG E 362 86.16 49.15 -34.45
C ARG E 362 87.57 49.49 -33.99
N GLU E 363 87.69 50.34 -32.96
CA GLU E 363 89.00 50.63 -32.39
C GLU E 363 89.63 49.37 -31.80
N VAL E 364 88.81 48.52 -31.17
CA VAL E 364 89.34 47.32 -30.55
C VAL E 364 89.86 46.35 -31.59
N ILE E 365 89.09 46.12 -32.67
CA ILE E 365 89.55 45.16 -33.67
C ILE E 365 90.71 45.71 -34.47
N TYR E 366 90.68 47.00 -34.83
CA TYR E 366 91.63 47.55 -35.78
C TYR E 366 92.82 48.23 -35.12
N ASP E 367 92.59 49.15 -34.18
CA ASP E 367 93.69 49.93 -33.64
C ASP E 367 94.61 49.06 -32.77
N ILE E 368 94.05 48.25 -31.89
CA ILE E 368 94.84 47.40 -31.01
C ILE E 368 94.97 45.99 -31.56
N GLY E 369 93.89 45.43 -32.10
CA GLY E 369 93.94 44.08 -32.62
C GLY E 369 94.71 43.92 -33.91
N GLY E 370 95.02 45.03 -34.59
CA GLY E 370 95.79 44.98 -35.81
C GLY E 370 95.01 44.58 -37.05
N GLY E 371 93.70 44.42 -36.94
CA GLY E 371 92.89 44.03 -38.07
C GLY E 371 92.67 42.53 -38.13
N ILE E 372 92.20 42.10 -39.29
CA ILE E 372 91.85 40.70 -39.53
C ILE E 372 93.09 39.95 -40.02
N LEU E 373 93.22 38.71 -39.58
CA LEU E 373 94.34 37.88 -40.01
C LEU E 373 94.25 37.59 -41.51
N ASN E 374 95.42 37.55 -42.16
CA ASN E 374 95.56 37.28 -43.60
C ASN E 374 94.86 38.32 -44.46
N ASP E 375 94.61 39.51 -43.90
CA ASP E 375 94.04 40.65 -44.63
C ASP E 375 92.69 40.33 -45.26
N ARG E 376 91.92 39.44 -44.65
CA ARG E 376 90.57 39.17 -45.13
C ARG E 376 89.61 40.23 -44.61
N GLU E 377 88.34 40.06 -44.90
CA GLU E 377 87.32 41.03 -44.51
C GLU E 377 86.71 40.65 -43.16
N PHE E 378 86.45 41.66 -42.34
CA PHE E 378 85.75 41.44 -41.08
C PHE E 378 84.30 41.09 -41.36
N LYS E 379 83.82 40.04 -40.71
CA LYS E 379 82.44 39.59 -40.89
C LYS E 379 81.62 39.68 -39.62
N ALA E 380 82.15 39.19 -38.51
CA ALA E 380 81.38 39.19 -37.26
C ALA E 380 82.34 39.14 -36.07
N VAL E 381 81.77 39.30 -34.89
CA VAL E 381 82.53 39.21 -33.66
C VAL E 381 81.64 38.66 -32.55
N GLN E 382 82.05 37.55 -31.95
CA GLN E 382 81.30 36.90 -30.88
C GLN E 382 81.72 37.48 -29.54
N MET E 383 80.73 37.91 -28.76
CA MET E 383 80.95 38.50 -27.45
C MET E 383 80.09 37.81 -26.42
N GLY E 384 80.62 37.68 -25.21
CA GLY E 384 79.91 37.03 -24.12
C GLY E 384 80.03 35.54 -24.08
N GLY E 385 80.93 34.94 -24.85
CA GLY E 385 81.11 33.51 -24.86
C GLY E 385 79.97 32.81 -25.59
N PRO E 386 79.89 31.49 -25.44
CA PRO E 386 78.83 30.73 -26.13
C PRO E 386 77.42 31.06 -25.68
N SER E 387 77.26 31.83 -24.61
CA SER E 387 75.96 32.38 -24.27
C SER E 387 75.77 33.79 -24.84
N GLY E 388 76.77 34.31 -25.54
CA GLY E 388 76.72 35.67 -26.07
C GLY E 388 76.13 35.73 -27.46
N GLY E 389 76.51 36.78 -28.18
CA GLY E 389 75.96 37.04 -29.50
C GLY E 389 77.05 37.42 -30.50
N CYS E 390 76.66 37.38 -31.77
CA CYS E 390 77.57 37.66 -32.88
C CYS E 390 77.22 39.01 -33.49
N ILE E 391 78.00 40.03 -33.17
CA ILE E 391 77.81 41.37 -33.67
C ILE E 391 78.31 41.41 -35.11
N PRO E 392 77.51 41.88 -36.07
CA PRO E 392 77.91 41.85 -37.48
C PRO E 392 78.80 43.04 -37.83
N LYS E 393 79.09 43.15 -39.13
CA LYS E 393 79.94 44.23 -39.61
C LYS E 393 79.23 45.57 -39.60
N GLN E 394 77.90 45.58 -39.76
CA GLN E 394 77.16 46.82 -39.81
C GLN E 394 77.10 47.53 -38.46
N LEU E 395 77.32 46.81 -37.36
CA LEU E 395 77.36 47.39 -36.03
C LEU E 395 78.79 47.43 -35.48
N LEU E 396 79.77 47.67 -36.36
CA LEU E 396 81.17 47.67 -35.99
C LEU E 396 81.56 48.88 -35.14
N ASP E 397 80.75 49.93 -35.14
CA ASP E 397 81.06 51.16 -34.41
C ASP E 397 80.31 51.27 -33.09
N THR E 398 79.73 50.17 -32.60
CA THR E 398 79.04 50.22 -31.32
C THR E 398 80.03 50.31 -30.18
N PRO E 399 79.89 51.29 -29.28
CA PRO E 399 80.80 51.38 -28.12
C PRO E 399 80.63 50.18 -27.20
N VAL E 400 81.75 49.76 -26.61
CA VAL E 400 81.75 48.57 -25.76
C VAL E 400 81.34 49.01 -24.35
N ASP E 401 80.09 48.72 -23.99
CA ASP E 401 79.58 48.92 -22.64
C ASP E 401 78.30 48.09 -22.53
N TYR E 402 77.87 47.85 -21.28
CA TYR E 402 76.87 46.83 -21.02
C TYR E 402 75.57 47.07 -21.78
N ASP E 403 75.04 48.30 -21.71
CA ASP E 403 73.75 48.58 -22.33
C ASP E 403 73.85 48.59 -23.85
N SER E 404 74.96 49.10 -24.40
CA SER E 404 75.09 49.17 -25.85
C SER E 404 75.13 47.78 -26.48
N ILE E 405 75.93 46.87 -25.91
CA ILE E 405 75.99 45.52 -26.46
C ILE E 405 74.78 44.70 -26.06
N ASN E 406 74.07 45.09 -24.99
CA ASN E 406 72.81 44.44 -24.69
C ASN E 406 71.74 44.84 -25.71
N LYS E 407 71.82 46.06 -26.23
CA LYS E 407 70.86 46.50 -27.25
C LYS E 407 71.04 45.77 -28.58
N THR E 408 72.21 45.20 -28.83
CA THR E 408 72.48 44.49 -30.06
C THR E 408 72.16 43.00 -29.97
N GLY E 409 71.61 42.54 -28.84
CA GLY E 409 71.29 41.14 -28.67
C GLY E 409 72.37 40.31 -28.02
N ALA E 410 73.56 40.85 -27.83
CA ALA E 410 74.66 40.14 -27.19
C ALA E 410 74.74 40.54 -25.72
N ILE E 411 75.71 39.97 -25.01
CA ILE E 411 75.95 40.27 -23.61
C ILE E 411 77.44 40.45 -23.40
N MET E 412 77.79 40.99 -22.24
CA MET E 412 79.21 41.17 -21.91
C MET E 412 79.89 39.83 -21.62
N GLY E 413 79.26 38.99 -20.80
CA GLY E 413 79.89 37.75 -20.40
C GLY E 413 81.11 38.02 -19.54
N SER E 414 82.07 37.10 -19.61
CA SER E 414 83.34 37.30 -18.91
C SER E 414 84.30 38.17 -19.70
N GLY E 415 84.05 38.40 -20.99
CA GLY E 415 84.90 39.26 -21.79
C GLY E 415 85.59 38.54 -22.93
N GLY E 416 84.98 37.48 -23.44
CA GLY E 416 85.55 36.76 -24.56
C GLY E 416 85.10 37.30 -25.89
N MET E 417 86.03 37.80 -26.70
CA MET E 417 85.70 38.45 -27.97
C MET E 417 86.47 37.74 -29.08
N ILE E 418 85.72 37.12 -29.99
CA ILE E 418 86.27 36.28 -31.04
C ILE E 418 85.97 36.93 -32.38
N VAL E 419 86.98 37.07 -33.22
CA VAL E 419 86.84 37.74 -34.51
C VAL E 419 86.59 36.70 -35.60
N MET E 420 85.60 36.96 -36.45
CA MET E 420 85.16 36.05 -37.49
C MET E 420 85.26 36.74 -38.84
N ASP E 421 85.99 36.11 -39.77
CA ASP E 421 86.13 36.59 -41.12
C ASP E 421 85.05 35.97 -42.00
N GLU E 422 85.10 36.29 -43.30
CA GLU E 422 84.09 35.84 -44.24
C GLU E 422 84.18 34.35 -44.55
N THR E 423 85.24 33.68 -44.13
CA THR E 423 85.46 32.28 -44.44
C THR E 423 84.80 31.33 -43.45
N THR E 424 84.12 31.84 -42.43
CA THR E 424 83.47 31.02 -41.42
C THR E 424 81.97 31.26 -41.45
N CYS E 425 81.20 30.17 -41.49
CA CYS E 425 79.75 30.23 -41.61
C CYS E 425 79.12 30.48 -40.25
N MET E 426 78.07 31.29 -40.22
CA MET E 426 77.41 31.60 -38.97
C MET E 426 76.50 30.47 -38.50
N VAL E 427 75.96 29.67 -39.44
CA VAL E 427 75.10 28.56 -39.05
C VAL E 427 75.89 27.51 -38.28
N ASP E 428 77.09 27.18 -38.78
CA ASP E 428 77.93 26.23 -38.08
C ASP E 428 78.38 26.77 -36.73
N MET E 429 78.62 28.07 -36.62
CA MET E 429 79.04 28.63 -35.34
C MET E 429 77.89 28.63 -34.33
N ALA E 430 76.66 28.92 -34.78
CA ALA E 430 75.51 28.80 -33.90
C ALA E 430 75.32 27.36 -33.46
N ARG E 431 75.53 26.41 -34.36
CA ARG E 431 75.47 24.99 -33.99
C ARG E 431 76.53 24.66 -32.95
N PHE E 432 77.74 25.20 -33.12
CA PHE E 432 78.81 24.92 -32.18
C PHE E 432 78.49 25.47 -30.79
N PHE E 433 78.02 26.71 -30.71
CA PHE E 433 77.69 27.30 -29.42
C PHE E 433 76.53 26.56 -28.76
N LEU E 434 75.54 26.15 -29.56
CA LEU E 434 74.42 25.42 -28.99
C LEU E 434 74.84 24.03 -28.53
N ASP E 435 75.78 23.40 -29.23
CA ASP E 435 76.29 22.10 -28.79
C ASP E 435 77.01 22.27 -27.46
N PHE E 436 77.81 23.32 -27.32
CA PHE E 436 78.50 23.57 -26.05
C PHE E 436 77.50 23.78 -24.92
N THR E 437 76.43 24.53 -25.19
CA THR E 437 75.40 24.73 -24.18
C THR E 437 74.71 23.41 -23.83
N VAL E 438 74.46 22.57 -24.84
CA VAL E 438 73.81 21.28 -24.61
C VAL E 438 74.70 20.38 -23.74
N LYS E 439 76.00 20.39 -23.99
CA LYS E 439 76.91 19.56 -23.21
C LYS E 439 77.03 20.02 -21.77
N GLU E 440 76.80 21.31 -21.50
CA GLU E 440 77.01 21.88 -20.19
C GLU E 440 75.71 22.12 -19.42
N SER E 441 74.59 21.60 -19.89
CA SER E 441 73.33 21.79 -19.20
C SER E 441 73.19 20.79 -18.06
N CYS E 442 72.71 21.26 -16.91
CA CYS E 442 72.54 20.38 -15.77
C CYS E 442 71.26 19.56 -15.83
N GLY E 443 70.34 19.90 -16.73
CA GLY E 443 69.14 19.10 -16.92
C GLY E 443 68.17 19.08 -15.77
N LYS E 444 67.83 20.25 -15.21
CA LYS E 444 66.82 20.33 -14.16
C LYS E 444 65.46 20.71 -14.72
N CYS E 445 65.36 21.85 -15.39
CA CYS E 445 64.10 22.30 -15.95
C CYS E 445 63.89 21.71 -17.33
N ILE E 446 62.63 21.70 -17.77
CA ILE E 446 62.27 21.08 -19.04
C ILE E 446 62.91 21.84 -20.19
N TYR E 447 62.89 23.18 -20.13
CA TYR E 447 63.24 23.98 -21.29
C TYR E 447 64.70 23.80 -21.68
N CYS E 448 65.62 23.98 -20.75
CA CYS E 448 67.04 23.86 -21.08
C CYS E 448 67.42 22.41 -21.39
N ARG E 449 66.74 21.45 -20.77
CA ARG E 449 67.09 20.05 -20.98
C ARG E 449 66.64 19.55 -22.34
N ILE E 450 65.44 19.94 -22.79
CA ILE E 450 64.88 19.39 -24.02
C ILE E 450 65.03 20.34 -25.19
N GLY E 451 64.61 21.60 -25.02
CA GLY E 451 64.54 22.51 -26.15
C GLY E 451 65.90 22.83 -26.75
N THR E 452 66.94 22.88 -25.92
CA THR E 452 68.28 23.10 -26.46
C THR E 452 68.71 21.96 -27.36
N LYS E 453 68.40 20.71 -26.97
CA LYS E 453 68.70 19.58 -27.84
C LYS E 453 67.87 19.63 -29.10
N ARG E 454 66.60 20.03 -29.01
CA ARG E 454 65.78 20.12 -30.20
C ARG E 454 66.32 21.15 -31.18
N MET E 455 66.72 22.31 -30.67
CA MET E 455 67.30 23.34 -31.53
C MET E 455 68.64 22.90 -32.09
N LEU E 456 69.41 22.13 -31.32
CA LEU E 456 70.65 21.59 -31.85
C LEU E 456 70.39 20.60 -32.98
N GLU E 457 69.35 19.79 -32.85
CA GLU E 457 68.97 18.88 -33.95
C GLU E 457 68.59 19.66 -35.19
N ILE E 458 67.84 20.74 -35.02
CA ILE E 458 67.45 21.56 -36.17
C ILE E 458 68.67 22.17 -36.84
N LEU E 459 69.61 22.69 -36.05
CA LEU E 459 70.82 23.27 -36.62
C LEU E 459 71.69 22.21 -37.29
N GLU E 460 71.74 21.01 -36.72
CA GLU E 460 72.48 19.92 -37.36
C GLU E 460 71.85 19.57 -38.69
N ARG E 461 70.52 19.52 -38.75
CA ARG E 461 69.83 19.23 -40.01
C ARG E 461 70.10 20.30 -41.05
N ILE E 462 70.15 21.56 -40.63
CA ILE E 462 70.45 22.63 -41.56
C ILE E 462 71.88 22.53 -42.06
N THR E 463 72.83 22.25 -41.17
CA THR E 463 74.23 22.20 -41.57
C THR E 463 74.62 20.94 -42.33
N THR E 464 73.78 19.90 -42.30
CA THR E 464 74.07 18.69 -43.05
C THR E 464 73.33 18.64 -44.39
N GLY E 465 72.62 19.70 -44.74
CA GLY E 465 71.88 19.71 -45.97
C GLY E 465 70.50 19.10 -45.90
N GLU E 466 70.01 18.78 -44.71
CA GLU E 466 68.66 18.25 -44.54
C GLU E 466 67.71 19.27 -43.94
N GLY E 467 68.07 20.55 -43.99
CA GLY E 467 67.18 21.59 -43.49
C GLY E 467 65.93 21.71 -44.32
N ARG E 468 64.79 21.76 -43.65
CA ARG E 468 63.49 21.81 -44.29
C ARG E 468 62.91 23.22 -44.18
N GLU E 469 61.87 23.46 -44.99
CA GLU E 469 61.19 24.75 -44.96
C GLU E 469 60.46 24.92 -43.64
N GLY E 470 60.60 26.09 -43.03
CA GLY E 470 60.03 26.35 -41.74
C GLY E 470 60.96 26.11 -40.57
N ASP E 471 62.21 25.72 -40.81
CA ASP E 471 63.14 25.46 -39.72
C ASP E 471 63.50 26.75 -39.00
N ILE E 472 63.56 27.87 -39.72
CA ILE E 472 63.84 29.16 -39.09
C ILE E 472 62.71 29.56 -38.14
N GLU E 473 61.46 29.32 -38.54
CA GLU E 473 60.33 29.64 -37.67
C GLU E 473 60.34 28.81 -36.40
N GLU E 474 60.63 27.52 -36.54
CA GLU E 474 60.76 26.64 -35.38
C GLU E 474 61.89 27.10 -34.48
N LEU E 475 63.02 27.52 -35.08
CA LEU E 475 64.15 27.99 -34.32
C LEU E 475 63.79 29.22 -33.49
N GLU E 476 63.11 30.19 -34.09
CA GLU E 476 62.81 31.41 -33.34
C GLU E 476 61.76 31.18 -32.27
N GLU E 477 60.75 30.35 -32.52
CA GLU E 477 59.78 30.09 -31.47
C GLU E 477 60.40 29.29 -30.32
N LEU E 478 61.22 28.29 -30.64
CA LEU E 478 61.91 27.55 -29.57
C LEU E 478 62.83 28.47 -28.79
N SER E 479 63.51 29.38 -29.47
CA SER E 479 64.42 30.30 -28.79
C SER E 479 63.67 31.22 -27.83
N ILE E 480 62.54 31.77 -28.27
CA ILE E 480 61.78 32.66 -27.40
C ILE E 480 61.24 31.89 -26.19
N SER E 481 60.72 30.68 -26.42
CA SER E 481 60.17 29.92 -25.30
C SER E 481 61.24 29.49 -24.31
N ILE E 482 62.42 29.09 -24.81
CA ILE E 482 63.52 28.70 -23.93
C ILE E 482 63.99 29.89 -23.12
N LYS E 483 64.10 31.06 -23.76
CA LYS E 483 64.49 32.27 -23.03
C LYS E 483 63.47 32.62 -21.96
N ASP E 484 62.19 32.41 -22.24
CA ASP E 484 61.16 32.76 -21.27
C ASP E 484 60.96 31.72 -20.19
N GLY E 485 61.45 30.50 -20.37
CA GLY E 485 61.11 29.45 -19.43
C GLY E 485 62.22 28.90 -18.55
N SER E 486 63.47 29.24 -18.83
CA SER E 486 64.58 28.63 -18.11
C SER E 486 64.65 29.14 -16.68
N LEU E 487 65.29 28.34 -15.83
CA LEU E 487 65.47 28.73 -14.43
C LEU E 487 66.59 29.75 -14.29
N CYS E 488 67.81 29.35 -14.63
CA CYS E 488 68.99 30.18 -14.39
C CYS E 488 69.36 30.92 -15.67
N GLY E 489 70.46 31.67 -15.60
CA GLY E 489 70.90 32.45 -16.75
C GLY E 489 71.56 31.63 -17.83
N LEU E 490 71.90 30.37 -17.55
CA LEU E 490 72.50 29.52 -18.57
C LEU E 490 71.50 29.20 -19.67
N GLY E 491 70.28 28.86 -19.28
CA GLY E 491 69.26 28.55 -20.28
C GLY E 491 68.59 29.80 -20.83
N GLN E 492 68.56 30.87 -20.05
CA GLN E 492 67.96 32.12 -20.52
C GLN E 492 68.80 32.75 -21.62
N THR E 493 70.12 32.74 -21.48
CA THR E 493 71.00 33.27 -22.50
C THR E 493 71.47 32.21 -23.48
N ALA E 494 70.97 30.99 -23.36
CA ALA E 494 71.34 29.93 -24.30
C ALA E 494 70.96 30.22 -25.75
N PRO E 495 69.75 30.70 -26.08
CA PRO E 495 69.44 30.95 -27.49
C PRO E 495 69.97 32.25 -28.04
N ASN E 496 70.86 32.95 -27.33
CA ASN E 496 71.42 34.20 -27.83
C ASN E 496 72.21 34.03 -29.12
N PRO E 497 73.12 33.05 -29.28
CA PRO E 497 73.76 32.90 -30.61
C PRO E 497 72.78 32.53 -31.70
N VAL E 498 71.76 31.74 -31.38
CA VAL E 498 70.82 31.28 -32.41
C VAL E 498 69.99 32.45 -32.92
N LEU E 499 69.45 33.26 -32.00
CA LEU E 499 68.60 34.38 -32.41
C LEU E 499 69.40 35.45 -33.14
N THR E 500 70.53 35.86 -32.56
CA THR E 500 71.29 36.98 -33.12
C THR E 500 71.82 36.64 -34.50
N THR E 501 72.39 35.44 -34.68
CA THR E 501 72.86 35.04 -36.00
C THR E 501 71.72 34.90 -37.00
N ILE E 502 70.49 34.72 -36.51
CA ILE E 502 69.33 34.88 -37.40
C ILE E 502 69.23 36.33 -37.84
N ARG E 503 69.13 37.23 -36.86
CA ARG E 503 68.72 38.61 -37.10
C ARG E 503 69.67 39.35 -38.03
N TYR E 504 70.92 38.88 -38.13
CA TYR E 504 71.90 39.50 -38.99
C TYR E 504 72.38 38.62 -40.14
N PHE E 505 72.03 37.34 -40.17
CA PHE E 505 72.60 36.47 -41.20
C PHE E 505 71.56 35.49 -41.73
N ARG E 506 70.28 35.90 -41.71
CA ARG E 506 69.18 35.03 -42.13
C ARG E 506 69.37 34.49 -43.53
N ASP E 507 69.96 35.29 -44.43
CA ASP E 507 70.19 34.86 -45.80
C ASP E 507 71.03 33.59 -45.86
N GLU E 508 72.04 33.49 -45.00
CA GLU E 508 72.85 32.28 -44.98
C GLU E 508 72.01 31.06 -44.66
N TYR E 509 71.09 31.18 -43.68
CA TYR E 509 70.17 30.10 -43.39
C TYR E 509 69.36 29.75 -44.62
N GLU E 510 68.87 30.78 -45.34
CA GLU E 510 68.17 30.54 -46.59
C GLU E 510 69.08 29.84 -47.59
N ALA E 511 70.33 30.29 -47.68
CA ALA E 511 71.29 29.65 -48.57
C ALA E 511 71.57 28.22 -48.13
N HIS E 512 71.38 27.94 -46.84
CA HIS E 512 71.58 26.58 -46.36
C HIS E 512 70.34 25.73 -46.52
N ILE E 513 69.18 26.36 -46.73
CA ILE E 513 67.94 25.58 -46.76
C ILE E 513 67.48 25.36 -48.20
N ARG E 514 67.34 26.43 -48.97
CA ARG E 514 66.79 26.33 -50.32
C ARG E 514 67.84 26.03 -51.39
N ASP E 515 69.12 26.27 -51.09
CA ASP E 515 70.16 26.10 -52.09
C ASP E 515 71.10 24.94 -51.81
N LYS E 516 71.19 24.50 -50.55
CA LYS E 516 72.16 23.48 -50.11
C LYS E 516 73.59 23.91 -50.42
N LYS E 517 73.87 25.21 -50.33
CA LYS E 517 75.20 25.75 -50.53
C LYS E 517 75.59 26.60 -49.33
N CYS E 518 76.80 26.38 -48.83
CA CYS E 518 77.32 27.19 -47.73
C CYS E 518 78.19 28.29 -48.31
N PRO E 519 77.82 29.57 -48.16
CA PRO E 519 78.63 30.65 -48.73
C PRO E 519 80.05 30.72 -48.21
N ALA E 520 80.27 30.38 -46.94
CA ALA E 520 81.60 30.46 -46.35
C ALA E 520 82.47 29.25 -46.65
N LYS E 521 81.92 28.25 -47.35
CA LYS E 521 82.65 27.05 -47.80
C LYS E 521 83.23 26.28 -46.61
N SER E 522 82.41 26.08 -45.58
CA SER E 522 82.86 25.38 -44.38
C SER E 522 82.13 24.08 -44.12
N CYS E 523 80.87 23.95 -44.54
CA CYS E 523 80.09 22.76 -44.29
C CYS E 523 80.39 21.72 -45.37
N LYS E 524 81.15 20.69 -45.01
CA LYS E 524 81.61 19.67 -45.95
C LYS E 524 80.46 18.92 -46.61
N PRO E 525 79.35 18.60 -45.91
CA PRO E 525 78.16 18.12 -46.63
C PRO E 525 77.67 19.07 -47.71
N LEU E 526 77.75 20.37 -47.48
CA LEU E 526 77.24 21.36 -48.42
C LEU E 526 78.27 21.78 -49.46
N LEU E 527 79.47 21.20 -49.42
CA LEU E 527 80.49 21.50 -50.41
C LEU E 527 80.26 20.68 -51.67
N THR E 528 80.59 21.27 -52.81
CA THR E 528 80.54 20.58 -54.09
C THR E 528 81.86 20.84 -54.82
N TYR E 529 82.56 19.78 -55.18
CA TYR E 529 83.86 19.89 -55.84
C TYR E 529 83.68 19.70 -57.34
N THR E 530 84.07 20.71 -58.10
CA THR E 530 84.01 20.64 -59.56
C THR E 530 85.39 20.93 -60.12
N ILE E 531 85.62 20.52 -61.36
CA ILE E 531 86.88 20.74 -62.05
C ILE E 531 86.62 21.66 -63.24
N ASN E 532 87.34 22.78 -63.28
CA ASN E 532 87.24 23.70 -64.40
C ASN E 532 87.85 23.07 -65.63
N GLN E 533 87.04 22.90 -66.68
CA GLN E 533 87.52 22.28 -67.92
C GLN E 533 88.44 23.19 -68.70
N ASP E 534 88.46 24.50 -68.38
CA ASP E 534 89.27 25.45 -69.13
C ASP E 534 90.69 25.57 -68.57
N ASN E 535 90.83 25.52 -67.25
CA ASN E 535 92.10 25.86 -66.60
C ASN E 535 92.78 24.67 -65.92
N CYS E 536 92.57 23.45 -66.40
CA CYS E 536 93.48 22.36 -66.06
C CYS E 536 93.59 21.40 -67.23
N LYS E 537 94.72 20.71 -67.31
CA LYS E 537 95.07 19.90 -68.48
C LYS E 537 95.41 18.47 -68.04
N GLY E 538 94.37 17.65 -67.88
CA GLY E 538 94.43 16.19 -67.88
C GLY E 538 95.65 15.47 -67.33
N CYS E 539 95.99 15.69 -66.07
CA CYS E 539 97.14 15.04 -65.47
C CYS E 539 96.80 13.88 -64.55
N THR E 540 95.52 13.71 -64.19
CA THR E 540 95.02 12.65 -63.31
C THR E 540 95.74 12.68 -61.95
N LEU E 541 96.24 13.85 -61.56
CA LEU E 541 97.00 13.96 -60.32
C LEU E 541 96.08 13.98 -59.10
N CYS E 542 94.88 14.55 -59.26
CA CYS E 542 93.91 14.52 -58.17
C CYS E 542 93.28 13.13 -58.02
N ALA E 543 93.00 12.47 -59.14
CA ALA E 543 92.33 11.16 -59.08
C ALA E 543 93.22 10.10 -58.45
N GLN E 544 94.53 10.17 -58.72
CA GLN E 544 95.46 9.22 -58.11
C GLN E 544 95.52 9.41 -56.60
N LYS E 545 95.34 10.64 -56.13
CA LYS E 545 95.35 10.95 -54.71
C LYS E 545 93.98 10.73 -54.05
N CYS E 546 93.02 10.17 -54.78
CA CYS E 546 91.70 9.87 -54.25
C CYS E 546 91.51 8.36 -54.14
N PRO E 547 91.60 7.78 -52.93
CA PRO E 547 91.33 6.34 -52.78
C PRO E 547 89.86 5.99 -52.96
N VAL E 548 89.01 7.01 -53.00
CA VAL E 548 87.60 6.86 -53.35
C VAL E 548 87.40 6.80 -54.87
N GLN E 549 88.36 7.30 -55.64
CA GLN E 549 88.30 7.46 -57.11
C GLN E 549 86.93 7.94 -57.59
N ALA E 550 86.53 9.10 -57.07
CA ALA E 550 85.33 9.77 -57.53
C ALA E 550 85.58 10.69 -58.72
N ILE E 551 86.81 10.70 -59.26
CA ILE E 551 87.16 11.51 -60.41
C ILE E 551 87.42 10.57 -61.59
N THR E 552 86.74 10.83 -62.70
CA THR E 552 86.88 10.06 -63.91
C THR E 552 87.28 10.97 -65.06
N GLY E 553 88.05 10.43 -65.99
CA GLY E 553 88.49 11.17 -67.15
C GLY E 553 89.77 10.58 -67.71
N GLU E 554 90.03 10.89 -68.98
CA GLU E 554 91.20 10.39 -69.68
C GLU E 554 92.38 11.34 -69.50
N LYS E 555 93.57 10.82 -69.81
CA LYS E 555 94.77 11.64 -69.74
C LYS E 555 94.73 12.72 -70.81
N LYS E 556 95.27 13.90 -70.48
CA LYS E 556 95.28 15.08 -71.33
C LYS E 556 93.88 15.55 -71.71
N LYS E 557 92.88 15.25 -70.88
CA LYS E 557 91.50 15.66 -71.09
C LYS E 557 90.91 16.13 -69.77
N PRO E 558 89.96 17.06 -69.81
CA PRO E 558 89.33 17.52 -68.56
C PRO E 558 88.62 16.40 -67.83
N HIS E 559 88.69 16.43 -66.50
CA HIS E 559 88.15 15.39 -65.65
C HIS E 559 86.85 15.84 -65.01
N VAL E 560 86.00 14.86 -64.67
CA VAL E 560 84.68 15.09 -64.10
C VAL E 560 84.63 14.43 -62.73
N ILE E 561 84.16 15.16 -61.72
CA ILE E 561 84.07 14.66 -60.36
C ILE E 561 82.67 14.08 -60.16
N ASP E 562 82.61 12.81 -59.77
CA ASP E 562 81.33 12.15 -59.49
C ASP E 562 80.83 12.63 -58.13
N GLN E 563 79.73 13.37 -58.12
CA GLN E 563 79.23 13.92 -56.88
C GLN E 563 78.56 12.86 -56.00
N ALA E 564 78.01 11.83 -56.61
CA ALA E 564 77.38 10.77 -55.83
C ALA E 564 78.41 9.90 -55.11
N LEU E 565 79.64 9.85 -55.62
CA LEU E 565 80.71 9.07 -55.01
C LEU E 565 81.64 9.89 -54.13
N CYS E 566 81.69 11.20 -54.33
CA CYS E 566 82.68 12.03 -53.63
C CYS E 566 82.36 12.12 -52.14
N THR E 567 83.37 11.83 -51.30
CA THR E 567 83.25 11.95 -49.86
C THR E 567 83.72 13.31 -49.35
N LYS E 568 84.15 14.20 -50.26
CA LYS E 568 84.51 15.58 -49.96
C LYS E 568 85.60 15.66 -48.90
N CYS E 569 86.74 15.05 -49.20
CA CYS E 569 87.87 15.05 -48.27
C CYS E 569 88.82 16.21 -48.49
N GLY E 570 88.85 16.79 -49.68
CA GLY E 570 89.67 17.95 -49.96
C GLY E 570 91.05 17.67 -50.54
N ASN E 571 91.43 16.40 -50.65
CA ASN E 571 92.75 16.08 -51.18
C ASN E 571 92.86 16.31 -52.68
N CYS E 572 91.72 16.39 -53.38
CA CYS E 572 91.73 16.60 -54.82
C CYS E 572 91.84 18.08 -55.21
N ALA E 573 91.89 18.98 -54.23
CA ALA E 573 92.14 20.39 -54.50
C ALA E 573 93.46 20.88 -53.95
N SER E 574 94.02 20.21 -52.94
CA SER E 574 95.28 20.65 -52.35
C SER E 574 96.47 20.36 -53.26
N VAL E 575 96.37 19.32 -54.09
CA VAL E 575 97.48 18.92 -54.93
C VAL E 575 97.38 19.58 -56.29
N CYS E 576 96.36 20.41 -56.49
CA CYS E 576 96.12 21.03 -57.80
C CYS E 576 97.11 22.17 -58.01
N ARG E 577 97.97 22.03 -59.02
CA ARG E 577 98.95 23.04 -59.36
C ARG E 577 98.41 24.11 -60.30
N LEU E 578 97.23 23.90 -60.88
CA LEU E 578 96.60 24.88 -61.75
C LEU E 578 95.40 25.57 -61.11
N ASP E 579 95.01 25.15 -59.89
CA ASP E 579 93.97 25.79 -59.10
C ASP E 579 92.63 25.84 -59.85
N ALA E 580 92.28 24.75 -60.53
CA ALA E 580 91.05 24.68 -61.28
C ALA E 580 89.94 23.93 -60.55
N VAL E 581 90.20 23.43 -59.34
CA VAL E 581 89.19 22.73 -58.56
C VAL E 581 88.37 23.78 -57.82
N CYS E 582 87.13 23.97 -58.27
CA CYS E 582 86.23 24.94 -57.69
C CYS E 582 85.40 24.30 -56.59
N ILE E 583 85.28 25.02 -55.47
CA ILE E 583 84.50 24.58 -54.32
C ILE E 583 83.24 25.46 -54.29
N GLU E 584 82.10 24.87 -54.64
CA GLU E 584 80.83 25.59 -54.62
C GLU E 584 79.79 24.84 -53.80
N MET F 1 44.02 37.19 12.25
CA MET F 1 43.87 38.62 12.52
C MET F 1 44.39 39.43 11.33
N SER F 2 43.69 40.51 11.02
CA SER F 2 43.98 41.36 9.87
C SER F 2 44.05 40.52 8.59
N LYS F 3 42.89 39.96 8.23
CA LYS F 3 42.75 38.87 7.27
C LYS F 3 43.56 39.05 6.00
N ILE F 4 44.48 38.13 5.76
CA ILE F 4 45.24 38.10 4.52
C ILE F 4 44.28 37.71 3.42
N SER F 5 43.90 38.67 2.58
CA SER F 5 42.91 38.44 1.54
C SER F 5 43.53 38.81 0.20
N ILE F 6 43.46 37.87 -0.75
CA ILE F 6 44.09 38.06 -2.05
C ILE F 6 43.00 38.08 -3.11
N ASN F 7 43.37 38.54 -4.30
CA ASN F 7 42.46 38.59 -5.44
C ASN F 7 43.11 37.82 -6.58
N ILE F 8 42.55 36.67 -6.91
CA ILE F 8 43.09 35.80 -7.94
C ILE F 8 42.04 35.55 -9.00
N ASN F 9 42.42 35.76 -10.26
CA ASN F 9 41.59 35.48 -11.42
C ASN F 9 40.29 36.27 -11.40
N GLY F 10 40.30 37.43 -10.75
CA GLY F 10 39.13 38.27 -10.62
C GLY F 10 38.34 38.06 -9.34
N ARG F 11 38.52 36.94 -8.66
CA ARG F 11 37.76 36.65 -7.46
C ARG F 11 38.53 37.08 -6.21
N GLU F 12 37.80 37.26 -5.13
CA GLU F 12 38.36 37.64 -3.84
C GLU F 12 38.37 36.44 -2.91
N LEU F 13 39.52 36.13 -2.34
CA LEU F 13 39.71 34.95 -1.52
C LEU F 13 40.29 35.35 -0.18
N VAL F 14 39.91 34.63 0.86
CA VAL F 14 40.48 34.78 2.19
C VAL F 14 41.37 33.56 2.44
N VAL F 15 42.61 33.81 2.82
CA VAL F 15 43.63 32.77 2.89
C VAL F 15 44.38 32.90 4.21
N SER F 16 45.39 32.05 4.37
CA SER F 16 46.22 32.02 5.57
C SER F 16 47.66 32.29 5.18
N ALA F 17 48.36 33.09 5.99
CA ALA F 17 49.72 33.49 5.64
C ALA F 17 50.66 32.29 5.72
N GLY F 18 51.77 32.40 4.99
CA GLY F 18 52.77 31.36 4.97
C GLY F 18 52.50 30.22 4.01
N GLN F 19 51.36 30.21 3.34
CA GLN F 19 51.03 29.17 2.38
C GLN F 19 51.66 29.47 1.03
N THR F 20 51.29 28.66 0.04
CA THR F 20 51.62 28.91 -1.35
C THR F 20 50.34 29.20 -2.11
N ILE F 21 50.47 29.95 -3.21
CA ILE F 21 49.30 30.30 -4.01
C ILE F 21 48.65 29.05 -4.60
N LEU F 22 49.45 28.02 -4.88
CA LEU F 22 48.90 26.76 -5.35
C LEU F 22 48.00 26.12 -4.31
N GLN F 23 48.44 26.12 -3.04
CA GLN F 23 47.62 25.56 -1.97
C GLN F 23 46.33 26.36 -1.78
N ALA F 24 46.41 27.68 -1.85
CA ALA F 24 45.23 28.51 -1.68
C ALA F 24 44.22 28.29 -2.80
N ALA F 25 44.70 28.21 -4.04
CA ALA F 25 43.81 27.94 -5.16
C ALA F 25 43.20 26.55 -5.08
N ALA F 26 43.95 25.55 -4.61
CA ALA F 26 43.35 24.24 -4.38
C ALA F 26 42.30 24.30 -3.28
N GLU F 27 42.55 25.11 -2.24
CA GLU F 27 41.59 25.26 -1.15
C GLU F 27 40.28 25.87 -1.66
N HIS F 28 40.36 26.84 -2.55
CA HIS F 28 39.17 27.52 -3.06
C HIS F 28 38.74 27.03 -4.44
N GLY F 29 39.21 25.86 -4.86
CA GLY F 29 38.76 25.27 -6.11
C GLY F 29 39.15 25.97 -7.39
N ILE F 30 40.40 26.39 -7.52
CA ILE F 30 40.96 26.92 -8.75
C ILE F 30 42.09 26.03 -9.19
N GLU F 31 42.04 25.57 -10.44
CA GLU F 31 42.94 24.55 -10.95
C GLU F 31 44.18 25.21 -11.57
N ILE F 32 45.34 24.90 -11.03
CA ILE F 32 46.62 25.34 -11.58
C ILE F 32 47.46 24.09 -11.80
N PRO F 33 48.01 23.88 -13.00
CA PRO F 33 48.80 22.68 -13.24
C PRO F 33 50.07 22.63 -12.41
N HIS F 34 50.45 21.41 -12.03
CA HIS F 34 51.68 21.19 -11.28
C HIS F 34 52.09 19.74 -11.45
N LEU F 35 53.39 19.52 -11.49
CA LEU F 35 53.91 18.17 -11.58
C LEU F 35 54.93 17.85 -10.49
N CYS F 36 55.77 18.81 -10.12
CA CYS F 36 56.85 18.58 -9.15
C CYS F 36 56.54 19.21 -7.80
N HIS F 37 55.28 19.30 -7.43
CA HIS F 37 54.86 19.95 -6.19
C HIS F 37 54.32 18.92 -5.21
N ASP F 38 54.78 19.00 -3.97
CA ASP F 38 54.23 18.23 -2.86
C ASP F 38 54.31 19.09 -1.62
N GLU F 39 53.19 19.22 -0.90
CA GLU F 39 53.11 20.15 0.21
C GLU F 39 53.91 19.69 1.43
N ARG F 40 54.29 18.43 1.49
CA ARG F 40 54.97 17.89 2.65
C ARG F 40 56.49 17.95 2.53
N ILE F 41 57.03 18.47 1.43
CA ILE F 41 58.47 18.61 1.24
C ILE F 41 58.75 19.96 0.60
N GLN F 42 60.04 20.28 0.49
CA GLN F 42 60.45 21.58 -0.03
C GLN F 42 60.16 21.70 -1.52
N PRO F 43 59.87 22.91 -2.01
CA PRO F 43 59.67 23.11 -3.44
C PRO F 43 60.94 22.85 -4.23
N TYR F 44 60.76 22.39 -5.46
CA TYR F 44 61.84 22.02 -6.35
C TYR F 44 61.99 22.95 -7.53
N GLY F 45 60.88 23.29 -8.20
CA GLY F 45 60.93 24.18 -9.33
C GLY F 45 61.57 23.56 -10.55
N ALA F 46 60.95 22.50 -11.08
CA ALA F 46 61.50 21.80 -12.25
C ALA F 46 60.56 21.93 -13.44
N CYS F 47 59.29 21.58 -13.29
CA CYS F 47 58.38 21.52 -14.42
C CYS F 47 58.15 22.91 -15.00
N GLY F 48 57.61 23.82 -14.21
CA GLY F 48 57.27 25.14 -14.70
C GLY F 48 55.83 25.30 -15.10
N LEU F 49 54.98 24.33 -14.81
CA LEU F 49 53.56 24.44 -15.13
C LEU F 49 52.78 25.22 -14.10
N CYS F 50 53.42 25.67 -13.02
CA CYS F 50 52.71 26.34 -11.93
C CYS F 50 52.88 27.84 -11.99
N VAL F 51 53.34 28.38 -13.11
CA VAL F 51 53.63 29.80 -13.22
C VAL F 51 52.33 30.59 -13.30
N VAL F 52 52.28 31.70 -12.56
CA VAL F 52 51.16 32.61 -12.57
C VAL F 52 51.67 34.02 -12.75
N GLU F 53 50.77 34.92 -13.09
CA GLU F 53 51.11 36.31 -13.33
C GLU F 53 50.68 37.14 -12.14
N VAL F 54 51.64 37.73 -11.43
CA VAL F 54 51.38 38.55 -10.26
C VAL F 54 51.70 39.99 -10.61
N GLU F 55 50.75 40.89 -10.32
CA GLU F 55 50.96 42.30 -10.61
C GLU F 55 52.10 42.86 -9.78
N GLY F 56 52.96 43.66 -10.42
CA GLY F 56 54.11 44.24 -9.79
C GLY F 56 55.40 43.52 -10.07
N SER F 57 55.35 42.26 -10.50
CA SER F 57 56.53 41.48 -10.83
C SER F 57 56.63 41.34 -12.34
N PRO F 58 57.69 41.83 -12.97
CA PRO F 58 57.78 41.75 -14.44
C PRO F 58 57.93 40.35 -14.97
N LYS F 59 58.37 39.38 -14.17
CA LYS F 59 58.59 38.02 -14.62
C LYS F 59 57.60 37.08 -13.95
N LEU F 60 57.40 35.92 -14.58
CA LEU F 60 56.45 34.93 -14.07
C LEU F 60 56.94 34.35 -12.75
N VAL F 61 56.01 34.20 -11.80
CA VAL F 61 56.32 33.67 -10.48
C VAL F 61 55.68 32.30 -10.35
N ARG F 62 56.40 31.37 -9.76
CA ARG F 62 55.91 30.01 -9.60
C ARG F 62 55.04 29.94 -8.36
N SER F 63 53.78 29.53 -8.54
CA SER F 63 52.84 29.50 -7.44
C SER F 63 53.11 28.39 -6.44
N CYS F 64 53.99 27.46 -6.74
CA CYS F 64 54.36 26.40 -5.81
C CYS F 64 55.44 26.83 -4.83
N ALA F 65 56.13 27.93 -5.10
CA ALA F 65 57.26 28.32 -4.28
C ALA F 65 57.22 29.79 -3.94
N THR F 66 56.03 30.36 -3.76
CA THR F 66 55.89 31.74 -3.35
C THR F 66 54.84 31.83 -2.25
N SER F 67 55.02 32.79 -1.36
CA SER F 67 54.18 32.92 -0.18
C SER F 67 53.13 33.98 -0.42
N VAL F 68 51.91 33.73 0.06
CA VAL F 68 50.81 34.67 -0.14
C VAL F 68 51.03 35.89 0.74
N GLN F 69 50.82 37.06 0.15
CA GLN F 69 50.87 38.32 0.87
C GLN F 69 49.48 38.91 0.93
N ASN F 70 49.38 40.13 1.44
CA ASN F 70 48.09 40.80 1.53
C ASN F 70 47.87 41.69 0.32
N GLY F 71 46.72 41.53 -0.33
CA GLY F 71 46.36 42.40 -1.43
C GLY F 71 47.22 42.27 -2.66
N GLN F 72 47.50 41.05 -3.09
CA GLN F 72 48.19 40.81 -4.35
C GLN F 72 47.20 40.31 -5.39
N VAL F 73 47.45 40.68 -6.64
CA VAL F 73 46.58 40.34 -7.76
C VAL F 73 47.26 39.27 -8.59
N ILE F 74 46.58 38.17 -8.82
CA ILE F 74 47.14 36.99 -9.45
C ILE F 74 46.26 36.62 -10.64
N ARG F 75 46.89 36.33 -11.78
CA ARG F 75 46.20 35.82 -12.95
C ARG F 75 46.86 34.52 -13.38
N THR F 76 46.07 33.47 -13.54
CA THR F 76 46.59 32.14 -13.83
C THR F 76 46.28 31.66 -15.23
N ASP F 77 45.55 32.43 -16.04
CA ASP F 77 45.18 31.98 -17.37
C ASP F 77 45.46 33.04 -18.43
N THR F 78 46.48 33.85 -18.23
CA THR F 78 46.86 34.81 -19.25
C THR F 78 47.52 34.09 -20.43
N SER F 79 47.72 34.82 -21.52
CA SER F 79 48.26 34.21 -22.73
C SER F 79 49.70 33.75 -22.54
N ARG F 80 50.48 34.52 -21.79
CA ARG F 80 51.89 34.17 -21.57
C ARG F 80 52.02 32.86 -20.80
N THR F 81 51.22 32.68 -19.75
CA THR F 81 51.27 31.43 -19.01
C THR F 81 50.75 30.27 -19.84
N VAL F 82 49.73 30.52 -20.67
CA VAL F 82 49.18 29.45 -21.49
C VAL F 82 50.20 28.97 -22.50
N VAL F 83 50.91 29.89 -23.15
CA VAL F 83 51.89 29.44 -24.13
C VAL F 83 53.11 28.83 -23.45
N ALA F 84 53.45 29.28 -22.23
CA ALA F 84 54.55 28.65 -21.50
C ALA F 84 54.20 27.20 -21.16
N ARG F 85 52.99 26.97 -20.65
CA ARG F 85 52.58 25.61 -20.33
C ARG F 85 52.44 24.75 -21.58
N LYS F 86 51.97 25.32 -22.68
CA LYS F 86 51.89 24.56 -23.93
C LYS F 86 53.26 24.15 -24.42
N THR F 87 54.24 25.06 -24.34
CA THR F 87 55.59 24.71 -24.76
C THR F 87 56.19 23.64 -23.86
N ALA F 88 55.99 23.75 -22.54
CA ALA F 88 56.53 22.75 -21.64
C ALA F 88 55.92 21.39 -21.88
N LEU F 89 54.61 21.33 -22.12
CA LEU F 89 53.97 20.05 -22.36
C LEU F 89 54.30 19.49 -23.73
N GLN F 90 54.61 20.35 -24.70
CA GLN F 90 55.06 19.85 -26.01
C GLN F 90 56.47 19.28 -25.90
N LEU F 91 57.32 19.89 -25.08
CA LEU F 91 58.66 19.36 -24.90
C LEU F 91 58.64 18.07 -24.10
N LEU F 92 57.73 17.96 -23.13
CA LEU F 92 57.61 16.73 -22.36
C LEU F 92 57.12 15.58 -23.22
N ALA F 93 56.16 15.84 -24.10
CA ALA F 93 55.60 14.81 -24.98
C ALA F 93 56.57 14.40 -26.08
N SER F 94 57.69 15.10 -26.23
CA SER F 94 58.66 14.77 -27.25
C SER F 94 59.59 13.63 -26.86
N ASP F 95 59.48 13.12 -25.63
CA ASP F 95 60.33 12.04 -25.17
C ASP F 95 59.56 10.91 -24.50
N HIS F 96 58.25 11.00 -24.42
CA HIS F 96 57.44 10.08 -23.63
C HIS F 96 56.94 8.96 -24.55
N ARG F 97 57.31 7.72 -24.24
CA ARG F 97 56.89 6.57 -25.02
C ARG F 97 55.96 5.70 -24.18
N GLY F 98 54.82 5.33 -24.75
CA GLY F 98 53.90 4.43 -24.07
C GLY F 98 52.60 4.34 -24.81
N ASP F 99 51.76 3.41 -24.38
CA ASP F 99 50.41 3.26 -24.88
C ASP F 99 49.45 3.70 -23.78
N CYS F 100 48.79 4.83 -23.96
CA CYS F 100 47.81 5.25 -22.98
C CYS F 100 46.63 4.30 -22.96
N ARG F 101 46.22 3.82 -24.13
CA ARG F 101 45.13 2.86 -24.27
C ARG F 101 45.55 1.75 -25.22
N PRO F 102 45.08 0.54 -25.01
CA PRO F 102 45.56 -0.60 -25.81
C PRO F 102 45.08 -0.51 -27.23
N PRO F 103 45.72 -1.20 -28.18
CA PRO F 103 45.26 -1.16 -29.57
C PRO F 103 43.87 -1.73 -29.76
N CYS F 104 43.50 -2.73 -28.96
CA CYS F 104 42.20 -3.37 -29.10
C CYS F 104 41.07 -2.39 -28.82
N MET F 105 41.22 -1.55 -27.80
CA MET F 105 40.18 -0.57 -27.51
C MET F 105 40.15 0.52 -28.56
N LEU F 106 41.31 0.92 -29.08
CA LEU F 106 41.35 1.99 -30.05
C LEU F 106 40.80 1.56 -31.40
N ALA F 107 40.89 0.27 -31.73
CA ALA F 107 40.32 -0.21 -32.97
C ALA F 107 38.80 -0.36 -32.92
N CYS F 108 38.22 -0.49 -31.74
CA CYS F 108 36.77 -0.61 -31.62
C CYS F 108 36.12 0.74 -31.93
N PRO F 109 35.08 0.77 -32.77
CA PRO F 109 34.40 2.04 -33.06
C PRO F 109 33.78 2.71 -31.85
N ALA F 110 33.29 1.94 -30.89
CA ALA F 110 32.66 2.52 -29.72
C ALA F 110 33.64 2.82 -28.59
N GLN F 111 34.91 2.47 -28.76
CA GLN F 111 35.95 2.63 -27.75
C GLN F 111 35.60 1.89 -26.46
N THR F 112 35.08 0.68 -26.59
CA THR F 112 34.79 -0.15 -25.44
C THR F 112 36.09 -0.66 -24.83
N ASP F 113 36.22 -0.55 -23.51
CA ASP F 113 37.45 -0.90 -22.84
C ASP F 113 37.65 -2.41 -22.81
N CYS F 114 38.23 -2.97 -23.88
CA CYS F 114 38.36 -4.41 -23.99
C CYS F 114 39.33 -4.99 -22.97
N GLN F 115 40.45 -4.31 -22.72
CA GLN F 115 41.44 -4.82 -21.77
C GLN F 115 40.88 -4.85 -20.36
N GLY F 116 40.11 -3.83 -19.98
CA GLY F 116 39.56 -3.77 -18.65
C GLY F 116 38.63 -4.93 -18.34
N TYR F 117 37.67 -5.20 -19.23
CA TYR F 117 36.75 -6.28 -18.90
C TYR F 117 37.30 -7.65 -19.23
N VAL F 118 38.27 -7.77 -20.13
CA VAL F 118 38.95 -9.05 -20.28
C VAL F 118 39.72 -9.39 -19.02
N GLY F 119 40.43 -8.40 -18.45
CA GLY F 119 41.11 -8.64 -17.19
C GLY F 119 40.17 -8.88 -16.03
N LEU F 120 39.02 -8.21 -16.04
CA LEU F 120 38.03 -8.45 -14.99
C LEU F 120 37.44 -9.85 -15.08
N ILE F 121 37.30 -10.39 -16.29
CA ILE F 121 36.92 -11.79 -16.44
C ILE F 121 38.01 -12.70 -15.91
N ALA F 122 39.28 -12.37 -16.20
CA ALA F 122 40.38 -13.19 -15.70
C ALA F 122 40.49 -13.19 -14.18
N ASN F 123 39.90 -12.21 -13.51
CA ASN F 123 39.83 -12.17 -12.05
C ASN F 123 38.53 -12.74 -11.51
N GLY F 124 37.66 -13.27 -12.37
CA GLY F 124 36.43 -13.88 -11.91
C GLY F 124 35.32 -12.93 -11.56
N GLN F 125 35.41 -11.66 -11.96
CA GLN F 125 34.37 -10.67 -11.70
C GLN F 125 33.58 -10.48 -13.00
N TYR F 126 32.42 -11.13 -13.08
CA TYR F 126 31.62 -11.03 -14.30
C TYR F 126 30.65 -9.86 -14.25
N GLU F 127 30.12 -9.57 -13.06
CA GLU F 127 29.23 -8.41 -12.92
C GLU F 127 29.96 -7.11 -13.18
N GLU F 128 31.21 -7.00 -12.73
CA GLU F 128 31.99 -5.81 -13.02
C GLU F 128 32.37 -5.73 -14.49
N ALA F 129 32.58 -6.87 -15.13
CA ALA F 129 32.83 -6.86 -16.56
C ALA F 129 31.62 -6.34 -17.32
N LEU F 130 30.41 -6.76 -16.92
CA LEU F 130 29.23 -6.21 -17.57
C LEU F 130 29.03 -4.74 -17.25
N LYS F 131 29.37 -4.31 -16.03
CA LYS F 131 29.27 -2.89 -15.71
C LYS F 131 30.22 -2.08 -16.59
N LEU F 132 31.38 -2.64 -16.92
CA LEU F 132 32.28 -1.97 -17.85
C LEU F 132 31.71 -1.93 -19.26
N ILE F 133 31.12 -3.04 -19.71
CA ILE F 133 30.62 -3.10 -21.08
C ILE F 133 29.42 -2.19 -21.28
N LYS F 134 28.49 -2.18 -20.31
CA LYS F 134 27.25 -1.44 -20.43
C LYS F 134 27.42 0.07 -20.32
N ASP F 135 28.64 0.57 -20.22
CA ASP F 135 28.87 2.00 -20.32
C ASP F 135 28.88 2.49 -21.74
N LYS F 136 28.85 1.59 -22.72
CA LYS F 136 28.94 1.95 -24.13
C LYS F 136 27.81 1.40 -24.98
N MET F 137 27.06 0.41 -24.53
CA MET F 137 25.97 -0.14 -25.32
C MET F 137 24.95 -0.76 -24.38
N PRO F 138 23.68 -0.83 -24.78
CA PRO F 138 22.69 -1.44 -23.90
C PRO F 138 22.41 -2.91 -24.22
N ILE F 139 22.97 -3.41 -25.32
CA ILE F 139 22.68 -4.75 -25.82
C ILE F 139 23.98 -5.52 -26.05
N PRO F 140 24.71 -5.89 -24.99
CA PRO F 140 26.04 -6.47 -25.21
C PRO F 140 26.03 -7.88 -25.79
N ALA F 141 25.02 -8.71 -25.46
CA ALA F 141 25.04 -10.09 -25.92
C ALA F 141 24.87 -10.19 -27.43
N SER F 142 23.89 -9.48 -27.99
CA SER F 142 23.67 -9.51 -29.42
C SER F 142 24.88 -9.00 -30.18
N ILE F 143 25.42 -7.86 -29.75
CA ILE F 143 26.56 -7.27 -30.43
C ILE F 143 27.75 -8.21 -30.38
N GLY F 144 28.01 -8.81 -29.22
CA GLY F 144 29.07 -9.80 -29.15
C GLY F 144 28.81 -10.98 -30.05
N LYS F 145 27.55 -11.31 -30.29
CA LYS F 145 27.23 -12.45 -31.13
C LYS F 145 27.46 -12.16 -32.61
N ILE F 146 27.24 -10.92 -33.05
CA ILE F 146 27.24 -10.63 -34.48
C ILE F 146 28.37 -9.71 -34.94
N CYS F 147 29.14 -9.10 -34.05
CA CYS F 147 30.10 -8.09 -34.47
C CYS F 147 31.22 -8.73 -35.29
N PRO F 148 31.72 -8.04 -36.32
CA PRO F 148 32.84 -8.59 -37.10
C PRO F 148 34.18 -8.37 -36.42
N HIS F 149 34.15 -7.89 -35.18
CA HIS F 149 35.26 -7.65 -34.26
C HIS F 149 36.47 -7.03 -34.93
N PRO F 150 36.44 -5.74 -35.28
CA PRO F 150 37.67 -5.06 -35.69
C PRO F 150 38.67 -4.93 -34.59
N CYS F 151 38.23 -5.00 -33.33
CA CYS F 151 39.15 -4.95 -32.20
C CYS F 151 40.06 -6.16 -32.16
N GLU F 152 39.54 -7.32 -32.56
CA GLU F 152 40.31 -8.55 -32.55
C GLU F 152 41.41 -8.56 -33.60
N THR F 153 41.30 -7.73 -34.64
CA THR F 153 42.33 -7.71 -35.67
C THR F 153 43.59 -7.01 -35.17
N ALA F 154 43.43 -5.99 -34.32
CA ALA F 154 44.52 -5.17 -33.85
C ALA F 154 45.17 -5.69 -32.57
N CYS F 155 44.74 -6.84 -32.08
CA CYS F 155 45.26 -7.37 -30.83
C CYS F 155 46.72 -7.78 -31.00
N ARG F 156 47.57 -7.36 -30.08
CA ARG F 156 49.00 -7.67 -30.16
C ARG F 156 49.30 -9.13 -29.88
N ARG F 157 48.36 -9.88 -29.33
CA ARG F 157 48.53 -11.32 -29.20
C ARG F 157 48.65 -12.00 -30.56
N GLU F 158 48.21 -11.33 -31.63
CA GLU F 158 48.44 -11.85 -32.98
C GLU F 158 49.94 -11.99 -33.25
N LEU F 159 50.77 -11.19 -32.60
CA LEU F 159 52.20 -11.30 -32.83
C LEU F 159 52.78 -12.59 -32.24
N VAL F 160 52.00 -13.33 -31.47
CA VAL F 160 52.42 -14.60 -30.89
C VAL F 160 51.64 -15.77 -31.47
N GLU F 161 50.31 -15.67 -31.46
CA GLU F 161 49.41 -16.74 -31.86
C GLU F 161 48.08 -16.09 -32.23
N GLU F 162 47.01 -16.86 -32.23
CA GLU F 162 45.70 -16.28 -32.49
C GLU F 162 45.35 -15.29 -31.38
N PRO F 163 44.64 -14.21 -31.69
CA PRO F 163 44.35 -13.18 -30.69
C PRO F 163 43.24 -13.60 -29.74
N ILE F 164 42.94 -12.70 -28.80
CA ILE F 164 41.96 -12.98 -27.75
C ILE F 164 40.56 -12.90 -28.32
N SER F 165 39.73 -13.89 -28.02
CA SER F 165 38.34 -13.90 -28.47
C SER F 165 37.55 -12.93 -27.61
N ILE F 166 37.62 -11.65 -27.99
CA ILE F 166 37.03 -10.60 -27.18
C ILE F 166 35.51 -10.65 -27.25
N ALA F 167 34.96 -10.85 -28.45
CA ALA F 167 33.52 -10.82 -28.63
C ALA F 167 32.83 -11.97 -27.91
N GLN F 168 33.45 -13.16 -27.94
CA GLN F 168 32.88 -14.30 -27.25
C GLN F 168 32.84 -14.08 -25.74
N LEU F 169 33.87 -13.46 -25.19
CA LEU F 169 33.87 -13.14 -23.76
C LEU F 169 32.79 -12.14 -23.42
N LYS F 170 32.61 -11.13 -24.28
CA LYS F 170 31.54 -10.16 -24.05
C LYS F 170 30.17 -10.83 -24.07
N SER F 171 29.94 -11.72 -25.03
CA SER F 171 28.66 -12.41 -25.11
C SER F 171 28.47 -13.34 -23.91
N PHE F 172 29.52 -14.01 -23.48
CA PHE F 172 29.43 -14.90 -22.31
C PHE F 172 29.02 -14.13 -21.07
N VAL F 173 29.68 -12.99 -20.81
CA VAL F 173 29.35 -12.21 -19.62
C VAL F 173 27.95 -11.63 -19.70
N ALA F 174 27.56 -11.13 -20.88
CA ALA F 174 26.22 -10.59 -21.01
C ALA F 174 25.15 -11.66 -20.78
N GLU F 175 25.37 -12.86 -21.29
CA GLU F 175 24.41 -13.94 -21.06
C GLU F 175 24.42 -14.40 -19.61
N VAL F 176 25.57 -14.41 -18.95
CA VAL F 176 25.60 -14.84 -17.56
C VAL F 176 24.85 -13.84 -16.69
N ASP F 177 24.91 -12.56 -17.03
CA ASP F 177 24.16 -11.59 -16.23
C ASP F 177 22.68 -11.60 -16.57
N LEU F 178 22.33 -11.88 -17.82
CA LEU F 178 20.91 -11.98 -18.18
C LEU F 178 20.24 -13.16 -17.51
N ASN F 179 20.95 -14.28 -17.41
CA ASN F 179 20.40 -15.43 -16.71
C ASN F 179 20.40 -15.26 -15.19
N GLY F 180 21.16 -14.32 -14.66
CA GLY F 180 21.24 -14.11 -13.22
C GLY F 180 20.52 -12.87 -12.76
N ASN F 181 21.23 -11.97 -12.09
CA ASN F 181 20.64 -10.72 -11.62
C ASN F 181 20.85 -9.66 -12.69
N GLN F 182 19.75 -9.18 -13.26
CA GLN F 182 19.84 -8.19 -14.33
C GLN F 182 20.27 -6.85 -13.77
N TYR F 183 21.27 -6.25 -14.41
CA TYR F 183 21.85 -5.00 -13.94
C TYR F 183 21.09 -3.81 -14.51
N GLN F 184 20.81 -2.84 -13.66
CA GLN F 184 20.20 -1.59 -14.11
C GLN F 184 21.09 -0.43 -13.69
N PRO F 185 21.70 0.30 -14.63
CA PRO F 185 22.64 1.35 -14.25
C PRO F 185 21.92 2.49 -13.58
N PRO F 186 22.60 3.25 -12.74
CA PRO F 186 21.93 4.37 -12.05
C PRO F 186 21.55 5.47 -13.01
N MET F 187 20.49 6.19 -12.66
CA MET F 187 19.97 7.28 -13.46
C MET F 187 20.01 8.57 -12.66
N LYS F 188 20.23 9.67 -13.36
CA LYS F 188 20.16 10.97 -12.73
C LYS F 188 18.71 11.32 -12.41
N PRO F 189 18.47 12.24 -11.48
CA PRO F 189 17.11 12.69 -11.22
C PRO F 189 16.49 13.35 -12.45
N ALA F 190 15.18 13.22 -12.56
CA ALA F 190 14.46 13.66 -13.76
C ALA F 190 14.59 15.16 -13.97
N THR F 191 14.89 15.56 -15.20
CA THR F 191 15.05 16.96 -15.55
C THR F 191 13.82 17.55 -16.22
N GLY F 192 12.85 16.73 -16.59
CA GLY F 192 11.62 17.24 -17.18
C GLY F 192 11.68 17.48 -18.67
N LYS F 193 12.75 17.08 -19.34
CA LYS F 193 12.89 17.27 -20.77
C LYS F 193 12.36 16.06 -21.52
N LYS F 194 11.84 16.28 -22.72
CA LYS F 194 11.22 15.25 -23.52
C LYS F 194 11.98 15.07 -24.83
N VAL F 195 12.40 13.84 -25.10
CA VAL F 195 13.13 13.51 -26.32
C VAL F 195 12.36 12.39 -27.01
N ALA F 196 12.13 12.55 -28.31
CA ALA F 196 11.49 11.55 -29.13
C ALA F 196 12.51 10.94 -30.07
N VAL F 197 12.58 9.61 -30.09
CA VAL F 197 13.55 8.89 -30.90
C VAL F 197 12.80 8.12 -31.95
N VAL F 198 13.10 8.36 -33.21
CA VAL F 198 12.42 7.70 -34.32
C VAL F 198 13.21 6.48 -34.73
N GLY F 199 12.61 5.31 -34.56
CA GLY F 199 13.27 4.07 -34.90
C GLY F 199 13.88 3.38 -33.70
N ALA F 200 13.68 2.07 -33.59
CA ALA F 200 14.19 1.29 -32.48
C ALA F 200 15.33 0.37 -32.91
N GLY F 201 16.20 0.85 -33.79
CA GLY F 201 17.37 0.10 -34.16
C GLY F 201 18.48 0.31 -33.15
N PRO F 202 19.68 -0.20 -33.43
CA PRO F 202 20.80 0.01 -32.50
C PRO F 202 21.10 1.48 -32.21
N ALA F 203 21.03 2.35 -33.22
CA ALA F 203 21.28 3.76 -32.99
C ALA F 203 20.18 4.38 -32.15
N GLY F 204 18.93 4.12 -32.49
CA GLY F 204 17.83 4.66 -31.71
C GLY F 204 17.78 4.12 -30.30
N LEU F 205 18.00 2.80 -30.15
CA LEU F 205 18.01 2.20 -28.82
C LEU F 205 19.14 2.74 -27.97
N THR F 206 20.33 2.90 -28.55
CA THR F 206 21.46 3.43 -27.79
C THR F 206 21.24 4.88 -27.39
N ALA F 207 20.69 5.70 -28.30
CA ALA F 207 20.41 7.08 -27.96
C ALA F 207 19.37 7.17 -26.85
N ALA F 208 18.32 6.35 -26.93
CA ALA F 208 17.31 6.36 -25.87
C ALA F 208 17.88 5.89 -24.55
N TYR F 209 18.74 4.87 -24.58
CA TYR F 209 19.36 4.37 -23.36
C TYR F 209 20.21 5.44 -22.69
N PHE F 210 21.11 6.08 -23.46
CA PHE F 210 22.00 7.05 -22.86
C PHE F 210 21.35 8.40 -22.63
N LEU F 211 20.14 8.63 -23.15
CA LEU F 211 19.40 9.82 -22.76
C LEU F 211 18.53 9.58 -21.54
N ALA F 212 17.95 8.39 -21.40
CA ALA F 212 17.22 8.07 -20.20
C ALA F 212 18.14 7.91 -19.01
N ARG F 213 19.40 7.53 -19.25
CA ARG F 213 20.36 7.47 -18.15
C ARG F 213 20.78 8.84 -17.66
N ASP F 214 20.39 9.91 -18.35
CA ASP F 214 20.69 11.27 -17.92
C ASP F 214 19.49 11.99 -17.33
N GLY F 215 18.40 11.27 -17.06
CA GLY F 215 17.25 11.86 -16.43
C GLY F 215 16.13 12.30 -17.35
N HIS F 216 16.35 12.32 -18.65
CA HIS F 216 15.29 12.76 -19.56
C HIS F 216 14.28 11.65 -19.78
N LYS F 217 13.12 12.02 -20.30
CA LYS F 217 12.06 11.09 -20.63
C LYS F 217 12.06 10.85 -22.13
N VAL F 218 12.25 9.59 -22.55
CA VAL F 218 12.45 9.25 -23.94
C VAL F 218 11.28 8.39 -24.42
N VAL F 219 10.84 8.65 -25.64
CA VAL F 219 9.78 7.88 -26.30
C VAL F 219 10.33 7.42 -27.64
N ILE F 220 10.13 6.14 -27.97
CA ILE F 220 10.61 5.56 -29.22
C ILE F 220 9.42 5.23 -30.10
N TYR F 221 9.43 5.72 -31.34
CA TYR F 221 8.41 5.40 -32.32
C TYR F 221 8.97 4.41 -33.33
N GLU F 222 8.37 3.24 -33.39
CA GLU F 222 8.85 2.16 -34.25
C GLU F 222 7.78 1.79 -35.26
N ALA F 223 8.20 1.60 -36.51
CA ALA F 223 7.27 1.32 -37.60
C ALA F 223 6.98 -0.16 -37.77
N MET F 224 7.54 -1.02 -36.93
CA MET F 224 7.41 -2.46 -37.04
C MET F 224 6.86 -3.02 -35.74
N PRO F 225 6.21 -4.18 -35.76
CA PRO F 225 5.60 -4.71 -34.53
C PRO F 225 6.58 -5.08 -33.44
N HIS F 226 7.86 -5.28 -33.76
CA HIS F 226 8.84 -5.68 -32.77
C HIS F 226 10.09 -4.83 -32.89
N PRO F 227 10.79 -4.60 -31.80
CA PRO F 227 11.98 -3.75 -31.85
C PRO F 227 13.24 -4.52 -32.19
N GLY F 228 14.21 -3.79 -32.73
CA GLY F 228 15.48 -4.38 -33.08
C GLY F 228 16.05 -3.86 -34.37
N GLY F 229 15.19 -3.49 -35.30
CA GLY F 229 15.68 -2.98 -36.57
C GLY F 229 16.23 -4.11 -37.42
N MET F 230 17.32 -3.84 -38.13
CA MET F 230 17.92 -4.85 -38.97
C MET F 230 18.57 -5.97 -38.17
N LEU F 231 18.74 -5.81 -36.87
CA LEU F 231 19.16 -6.92 -36.02
C LEU F 231 18.07 -7.95 -35.88
N ARG F 232 16.82 -7.59 -36.13
CA ARG F 232 15.69 -8.48 -36.03
C ARG F 232 15.19 -8.93 -37.39
N TYR F 233 15.03 -7.99 -38.32
CA TYR F 233 14.50 -8.28 -39.64
C TYR F 233 15.56 -8.41 -40.72
N GLY F 234 16.84 -8.37 -40.35
CA GLY F 234 17.88 -8.58 -41.33
C GLY F 234 18.85 -9.68 -40.95
N ILE F 235 19.02 -9.91 -39.65
CA ILE F 235 19.90 -10.98 -39.17
C ILE F 235 19.07 -12.23 -39.00
N PRO F 236 19.47 -13.36 -39.56
CA PRO F 236 18.66 -14.57 -39.44
C PRO F 236 18.67 -15.12 -38.02
N GLN F 237 17.70 -15.99 -37.76
CA GLN F 237 17.53 -16.54 -36.42
C GLN F 237 18.71 -17.40 -36.01
N TYR F 238 19.28 -18.16 -36.94
CA TYR F 238 20.37 -19.06 -36.58
C TYR F 238 21.66 -18.35 -36.21
N ARG F 239 21.75 -17.05 -36.47
CA ARG F 239 22.91 -16.26 -36.05
C ARG F 239 22.64 -15.42 -34.81
N LEU F 240 21.45 -14.84 -34.69
CA LEU F 240 21.08 -14.03 -33.54
C LEU F 240 19.70 -14.48 -33.07
N ASP F 241 19.64 -15.02 -31.86
CA ASP F 241 18.37 -15.47 -31.31
C ASP F 241 17.51 -14.27 -30.95
N LYS F 242 16.26 -14.26 -31.42
CA LYS F 242 15.41 -13.10 -31.23
C LYS F 242 14.91 -12.99 -29.79
N ALA F 243 14.84 -14.11 -29.07
CA ALA F 243 14.42 -14.07 -27.68
C ALA F 243 15.41 -13.30 -26.82
N LEU F 244 16.70 -13.44 -27.12
CA LEU F 244 17.74 -12.70 -26.41
C LEU F 244 17.58 -11.19 -26.62
N LEU F 245 17.32 -10.78 -27.85
CA LEU F 245 17.10 -9.37 -28.14
C LEU F 245 15.84 -8.87 -27.47
N ASP F 246 14.79 -9.69 -27.44
CA ASP F 246 13.55 -9.29 -26.77
C ASP F 246 13.76 -9.12 -25.28
N ALA F 247 14.54 -10.01 -24.66
CA ALA F 247 14.82 -9.87 -23.24
C ALA F 247 15.63 -8.62 -22.95
N GLU F 248 16.62 -8.32 -23.78
CA GLU F 248 17.39 -7.09 -23.57
C GLU F 248 16.53 -5.84 -23.72
N VAL F 249 15.65 -5.81 -24.72
CA VAL F 249 14.79 -4.66 -24.88
C VAL F 249 13.80 -4.55 -23.73
N ALA F 250 13.35 -5.68 -23.18
CA ALA F 250 12.50 -5.62 -21.99
C ALA F 250 13.24 -5.05 -20.80
N LEU F 251 14.52 -5.41 -20.64
CA LEU F 251 15.33 -4.82 -19.59
C LEU F 251 15.46 -3.31 -19.78
N MET F 252 15.64 -2.87 -21.02
CA MET F 252 15.71 -1.44 -21.29
C MET F 252 14.39 -0.74 -20.99
N THR F 253 13.27 -1.38 -21.34
CA THR F 253 11.95 -0.82 -21.08
C THR F 253 11.69 -0.69 -19.58
N LYS F 254 12.24 -1.62 -18.78
CA LYS F 254 12.09 -1.54 -17.34
C LYS F 254 12.74 -0.29 -16.73
N MET F 255 13.62 0.39 -17.46
CA MET F 255 14.23 1.63 -17.00
C MET F 255 13.32 2.84 -17.13
N GLY F 256 12.18 2.70 -17.79
CA GLY F 256 11.25 3.80 -17.97
C GLY F 256 11.18 4.38 -19.36
N ILE F 257 11.43 3.60 -20.40
CA ILE F 257 11.40 4.08 -21.78
C ILE F 257 10.15 3.52 -22.45
N GLU F 258 9.35 4.39 -23.05
CA GLU F 258 8.11 3.99 -23.69
C GLU F 258 8.38 3.78 -25.18
N ILE F 259 8.07 2.59 -25.67
CA ILE F 259 8.23 2.26 -27.08
C ILE F 259 6.86 2.09 -27.69
N ILE F 260 6.59 2.82 -28.76
CA ILE F 260 5.31 2.81 -29.45
C ILE F 260 5.50 2.13 -30.79
N TYR F 261 4.88 0.98 -30.97
CA TYR F 261 5.05 0.21 -32.19
C TYR F 261 3.99 0.56 -33.21
N ASN F 262 4.16 0.04 -34.42
CA ASN F 262 3.24 0.21 -35.54
C ASN F 262 2.98 1.66 -35.90
N THR F 263 3.92 2.55 -35.59
CA THR F 263 3.78 3.97 -35.85
C THR F 263 4.90 4.40 -36.78
N LYS F 264 4.54 4.80 -37.98
CA LYS F 264 5.52 5.25 -38.97
C LYS F 264 5.48 6.76 -39.06
N ILE F 265 6.64 7.39 -38.88
CA ILE F 265 6.72 8.85 -38.95
C ILE F 265 6.64 9.29 -40.41
N GLY F 266 5.77 10.24 -40.69
CA GLY F 266 5.60 10.72 -42.04
C GLY F 266 4.35 10.18 -42.69
N ASP F 267 4.03 8.92 -42.40
CA ASP F 267 2.83 8.28 -42.92
C ASP F 267 1.68 8.28 -41.91
N ASP F 268 1.97 8.03 -40.64
CA ASP F 268 0.95 7.97 -39.60
C ASP F 268 1.02 9.15 -38.66
N VAL F 269 2.22 9.53 -38.20
CA VAL F 269 2.41 10.69 -37.35
C VAL F 269 3.37 11.63 -38.05
N SER F 270 2.98 12.88 -38.21
CA SER F 270 3.85 13.84 -38.88
C SER F 270 5.03 14.19 -37.99
N LEU F 271 6.12 14.61 -38.62
CA LEU F 271 7.29 15.04 -37.84
C LEU F 271 7.07 16.39 -37.18
N ASP F 272 6.15 17.22 -37.70
CA ASP F 272 5.85 18.48 -37.03
C ASP F 272 5.20 18.24 -35.68
N TYR F 273 4.45 17.14 -35.53
CA TYR F 273 3.87 16.78 -34.24
C TYR F 273 4.97 16.53 -33.22
N LEU F 274 5.98 15.76 -33.59
CA LEU F 274 7.09 15.49 -32.68
C LEU F 274 7.89 16.75 -32.42
N HIS F 275 8.04 17.59 -33.44
CA HIS F 275 8.77 18.86 -33.27
C HIS F 275 8.07 19.76 -32.27
N ASP F 276 6.74 19.82 -32.32
CA ASP F 276 5.99 20.69 -31.42
C ASP F 276 5.90 20.13 -30.01
N ASN F 277 5.80 18.81 -29.86
CA ASN F 277 5.48 18.22 -28.57
C ASN F 277 6.70 17.71 -27.80
N TYR F 278 7.91 17.86 -28.32
CA TYR F 278 9.09 17.29 -27.66
C TYR F 278 10.22 18.32 -27.64
N ASP F 279 11.11 18.16 -26.68
CA ASP F 279 12.26 19.05 -26.56
C ASP F 279 13.40 18.65 -27.48
N ALA F 280 13.45 17.40 -27.94
CA ALA F 280 14.44 17.02 -28.94
C ALA F 280 13.89 15.85 -29.75
N VAL F 281 14.40 15.70 -30.98
CA VAL F 281 14.05 14.58 -31.85
C VAL F 281 15.34 13.99 -32.40
N PHE F 282 15.47 12.67 -32.34
CA PHE F 282 16.61 11.97 -32.90
C PHE F 282 16.12 10.98 -33.95
N LEU F 283 16.54 11.19 -35.21
CA LEU F 283 16.12 10.36 -36.33
C LEU F 283 17.12 9.23 -36.53
N GLY F 284 16.71 8.01 -36.20
CA GLY F 284 17.54 6.84 -36.43
C GLY F 284 16.89 5.87 -37.38
N ILE F 285 16.34 6.38 -38.49
CA ILE F 285 15.48 5.59 -39.37
C ILE F 285 16.25 4.45 -40.02
N GLY F 286 17.47 4.69 -40.46
CA GLY F 286 18.24 3.65 -41.11
C GLY F 286 17.86 3.47 -42.56
N SER F 287 18.61 2.60 -43.24
CA SER F 287 18.46 2.36 -44.66
C SER F 287 17.63 1.10 -44.88
N TRP F 288 16.46 1.25 -45.52
CA TRP F 288 15.51 0.16 -45.66
C TRP F 288 14.98 0.03 -47.07
N GLN F 289 15.80 0.33 -48.08
CA GLN F 289 15.40 0.20 -49.48
C GLN F 289 16.38 -0.69 -50.21
N SER F 290 15.87 -1.64 -50.98
CA SER F 290 16.71 -2.60 -51.68
C SER F 290 17.11 -2.05 -53.05
N GLN F 291 18.40 -2.13 -53.35
CA GLN F 291 18.87 -1.74 -54.68
C GLN F 291 18.40 -2.77 -55.71
N GLY F 292 18.06 -2.27 -56.89
CA GLY F 292 17.64 -3.15 -57.98
C GLY F 292 18.82 -3.76 -58.70
N LEU F 293 18.51 -4.61 -59.67
CA LEU F 293 19.54 -5.27 -60.44
C LEU F 293 20.27 -4.31 -61.38
N ARG F 294 19.70 -3.13 -61.62
CA ARG F 294 20.30 -2.10 -62.49
C ARG F 294 20.58 -2.64 -63.89
N CYS F 295 19.64 -3.42 -64.42
CA CYS F 295 19.77 -4.03 -65.73
C CYS F 295 18.42 -4.02 -66.41
N LYS F 296 18.42 -4.43 -67.69
CA LYS F 296 17.18 -4.54 -68.45
C LYS F 296 16.32 -5.65 -67.88
N GLY F 297 15.01 -5.41 -67.82
CA GLY F 297 14.10 -6.42 -67.35
C GLY F 297 14.16 -6.69 -65.86
N GLU F 298 14.50 -5.68 -65.07
CA GLU F 298 14.56 -5.84 -63.63
C GLU F 298 13.19 -5.77 -62.96
N ASP F 299 12.16 -5.39 -63.68
CA ASP F 299 10.81 -5.27 -63.13
C ASP F 299 9.97 -6.51 -63.35
N MET F 300 10.55 -7.58 -63.90
CA MET F 300 9.80 -8.80 -64.15
C MET F 300 9.37 -9.45 -62.83
N GLU F 301 8.19 -10.05 -62.84
CA GLU F 301 7.73 -10.81 -61.68
C GLU F 301 8.62 -12.03 -61.45
N GLY F 302 8.91 -12.32 -60.19
CA GLY F 302 9.83 -13.36 -59.82
C GLY F 302 11.18 -12.86 -59.36
N VAL F 303 11.42 -11.56 -59.43
CA VAL F 303 12.65 -10.94 -58.94
C VAL F 303 12.28 -10.11 -57.73
N LEU F 304 12.91 -10.41 -56.59
CA LEU F 304 12.56 -9.75 -55.33
C LEU F 304 13.82 -9.34 -54.60
N GLY F 305 13.67 -8.34 -53.75
CA GLY F 305 14.80 -7.83 -53.00
C GLY F 305 15.21 -8.75 -51.86
N GLY F 306 16.49 -8.65 -51.48
CA GLY F 306 16.98 -9.45 -50.37
C GLY F 306 16.41 -9.02 -49.04
N ILE F 307 16.29 -7.70 -48.83
CA ILE F 307 15.79 -7.19 -47.56
C ILE F 307 14.33 -7.56 -47.36
N ASP F 308 13.52 -7.43 -48.41
CA ASP F 308 12.11 -7.78 -48.30
C ASP F 308 11.92 -9.28 -48.12
N PHE F 309 12.74 -10.09 -48.79
CA PHE F 309 12.68 -11.54 -48.60
C PHE F 309 13.04 -11.91 -47.18
N LEU F 310 14.08 -11.30 -46.62
CA LEU F 310 14.46 -11.59 -45.24
C LEU F 310 13.40 -11.13 -44.26
N ARG F 311 12.79 -9.98 -44.52
CA ARG F 311 11.72 -9.50 -43.65
C ARG F 311 10.50 -10.42 -43.69
N GLU F 312 10.15 -10.91 -44.89
CA GLU F 312 9.05 -11.86 -45.00
C GLU F 312 9.38 -13.18 -44.30
N VAL F 313 10.65 -13.59 -44.35
CA VAL F 313 11.07 -14.79 -43.62
C VAL F 313 10.88 -14.58 -42.12
N THR F 314 11.29 -13.41 -41.62
CA THR F 314 11.21 -13.16 -40.19
C THR F 314 9.77 -13.11 -39.69
N MET F 315 8.87 -12.47 -40.43
CA MET F 315 7.48 -12.34 -40.01
C MET F 315 6.66 -13.61 -40.24
N ASN F 316 7.30 -14.71 -40.63
CA ASN F 316 6.64 -16.01 -40.82
C ASN F 316 5.51 -15.93 -41.83
N SER F 317 5.72 -15.16 -42.89
CA SER F 317 4.71 -15.00 -43.92
C SER F 317 4.76 -16.19 -44.87
N ASN F 318 3.93 -16.13 -45.92
CA ASN F 318 3.89 -17.16 -46.95
C ASN F 318 4.74 -16.71 -48.14
N ILE F 319 5.82 -17.43 -48.40
CA ILE F 319 6.76 -17.07 -49.45
C ILE F 319 6.79 -18.20 -50.46
N THR F 320 7.32 -17.89 -51.65
CA THR F 320 7.53 -18.87 -52.70
C THR F 320 8.98 -18.82 -53.14
N LEU F 321 9.64 -19.97 -53.18
CA LEU F 321 11.04 -20.06 -53.56
C LEU F 321 11.27 -20.95 -54.76
N GLY F 322 10.64 -22.12 -54.81
CA GLY F 322 10.89 -23.04 -55.88
C GLY F 322 12.17 -23.83 -55.68
N GLY F 323 12.61 -24.47 -56.75
CA GLY F 323 13.76 -25.36 -56.65
C GLY F 323 15.09 -24.62 -56.78
N LYS F 324 15.20 -23.75 -57.78
CA LYS F 324 16.46 -23.09 -58.09
C LYS F 324 16.35 -21.60 -57.75
N VAL F 325 17.30 -21.12 -56.96
CA VAL F 325 17.32 -19.73 -56.50
C VAL F 325 18.69 -19.15 -56.82
N LEU F 326 18.70 -17.97 -57.45
CA LEU F 326 19.93 -17.28 -57.80
C LEU F 326 20.01 -15.97 -57.03
N VAL F 327 21.06 -15.83 -56.21
CA VAL F 327 21.27 -14.63 -55.41
C VAL F 327 22.37 -13.82 -56.04
N VAL F 328 22.10 -12.54 -56.29
CA VAL F 328 23.06 -11.64 -56.92
C VAL F 328 23.57 -10.68 -55.86
N GLY F 329 24.89 -10.68 -55.65
CA GLY F 329 25.50 -9.83 -54.64
C GLY F 329 26.62 -10.53 -53.90
N GLY F 330 27.38 -9.78 -53.11
CA GLY F 330 28.51 -10.36 -52.42
C GLY F 330 28.67 -9.92 -50.99
N GLY F 331 27.78 -9.05 -50.52
CA GLY F 331 27.84 -8.56 -49.16
C GLY F 331 27.27 -9.55 -48.17
N ASN F 332 27.07 -9.08 -46.94
CA ASN F 332 26.50 -9.93 -45.91
C ASN F 332 25.04 -10.25 -46.21
N THR F 333 24.33 -9.36 -46.90
CA THR F 333 22.95 -9.62 -47.29
C THR F 333 22.87 -10.82 -48.21
N ALA F 334 23.79 -10.94 -49.16
CA ALA F 334 23.77 -12.07 -50.07
C ALA F 334 24.01 -13.38 -49.35
N MET F 335 24.96 -13.40 -48.41
CA MET F 335 25.24 -14.63 -47.66
C MET F 335 24.04 -15.03 -46.80
N ASP F 336 23.44 -14.06 -46.11
CA ASP F 336 22.28 -14.37 -45.28
C ASP F 336 21.12 -14.88 -46.11
N VAL F 337 20.88 -14.26 -47.26
CA VAL F 337 19.80 -14.69 -48.14
C VAL F 337 20.07 -16.10 -48.66
N ALA F 338 21.31 -16.38 -49.06
CA ALA F 338 21.64 -17.69 -49.59
C ALA F 338 21.44 -18.78 -48.55
N ARG F 339 21.96 -18.58 -47.34
CA ARG F 339 21.81 -19.63 -46.34
C ARG F 339 20.38 -19.75 -45.84
N THR F 340 19.65 -18.65 -45.73
CA THR F 340 18.23 -18.72 -45.37
C THR F 340 17.43 -19.47 -46.41
N SER F 341 17.70 -19.24 -47.69
CA SER F 341 17.02 -19.99 -48.74
C SER F 341 17.44 -21.45 -48.73
N LYS F 342 18.69 -21.75 -48.34
CA LYS F 342 19.09 -23.14 -48.22
C LYS F 342 18.32 -23.84 -47.10
N ARG F 343 18.05 -23.12 -46.02
CA ARG F 343 17.25 -23.71 -44.94
C ARG F 343 15.77 -23.74 -45.26
N LEU F 344 15.32 -23.00 -46.28
CA LEU F 344 13.91 -22.93 -46.63
C LEU F 344 13.53 -23.89 -47.75
N GLY F 345 14.21 -25.02 -47.85
CA GLY F 345 13.80 -26.07 -48.76
C GLY F 345 14.30 -25.93 -50.19
N ALA F 346 15.09 -24.93 -50.51
CA ALA F 346 15.64 -24.81 -51.86
C ALA F 346 16.73 -25.86 -52.05
N GLU F 347 16.63 -26.62 -53.14
CA GLU F 347 17.56 -27.73 -53.35
C GLU F 347 18.93 -27.25 -53.79
N GLU F 348 19.01 -26.11 -54.47
CA GLU F 348 20.31 -25.57 -54.88
C GLU F 348 20.25 -24.07 -54.92
N VAL F 349 21.29 -23.44 -54.38
CA VAL F 349 21.40 -21.98 -54.31
C VAL F 349 22.73 -21.58 -54.93
N THR F 350 22.69 -20.54 -55.77
CA THR F 350 23.88 -20.06 -56.45
C THR F 350 24.09 -18.59 -56.11
N ILE F 351 25.32 -18.23 -55.76
CA ILE F 351 25.70 -16.85 -55.47
C ILE F 351 26.51 -16.34 -56.64
N ILE F 352 26.15 -15.17 -57.15
CA ILE F 352 26.75 -14.60 -58.34
C ILE F 352 27.42 -13.28 -57.97
N TYR F 353 28.70 -13.13 -58.32
CA TYR F 353 29.46 -11.95 -57.96
C TYR F 353 30.52 -11.70 -59.02
N ARG F 354 31.07 -10.48 -59.02
CA ARG F 354 31.93 -10.02 -60.10
C ARG F 354 33.42 -10.10 -59.80
N ARG F 355 33.81 -10.51 -58.59
CA ARG F 355 35.21 -10.50 -58.21
C ARG F 355 35.69 -11.87 -57.72
N THR F 356 36.86 -11.91 -57.11
CA THR F 356 37.47 -13.13 -56.62
C THR F 356 36.90 -13.39 -55.21
N ILE F 357 36.96 -14.65 -54.76
CA ILE F 357 36.60 -15.01 -53.40
C ILE F 357 37.40 -14.18 -52.40
N ASP F 358 38.67 -13.95 -52.70
CA ASP F 358 39.53 -13.12 -51.87
C ASP F 358 39.08 -11.67 -51.80
N GLU F 359 38.22 -11.23 -52.73
CA GLU F 359 37.73 -9.86 -52.74
C GLU F 359 36.27 -9.74 -52.34
N MET F 360 35.69 -10.78 -51.76
CA MET F 360 34.32 -10.69 -51.25
C MET F 360 34.28 -9.76 -50.06
N PRO F 361 33.31 -8.85 -49.97
CA PRO F 361 33.21 -7.99 -48.78
C PRO F 361 32.67 -8.69 -47.56
N ALA F 362 32.18 -9.92 -47.67
CA ALA F 362 31.65 -10.64 -46.54
C ALA F 362 32.78 -11.21 -45.68
N GLU F 363 32.43 -11.58 -44.45
CA GLU F 363 33.39 -12.17 -43.55
C GLU F 363 33.80 -13.56 -44.04
N LYS F 364 35.07 -13.91 -43.81
CA LYS F 364 35.58 -15.19 -44.30
C LYS F 364 34.93 -16.36 -43.60
N ILE F 365 34.62 -16.22 -42.31
CA ILE F 365 33.98 -17.29 -41.54
C ILE F 365 32.58 -17.56 -42.08
N GLU F 366 31.83 -16.51 -42.39
CA GLU F 366 30.48 -16.69 -42.94
C GLU F 366 30.55 -17.35 -44.31
N ILE F 367 31.52 -16.98 -45.13
CA ILE F 367 31.69 -17.60 -46.44
C ILE F 367 32.01 -19.08 -46.28
N HIS F 368 32.90 -19.42 -45.35
CA HIS F 368 33.25 -20.83 -45.16
C HIS F 368 32.07 -21.63 -44.63
N GLU F 369 31.29 -21.05 -43.72
CA GLU F 369 30.11 -21.73 -43.22
C GLU F 369 29.09 -21.95 -44.34
N ALA F 370 28.91 -20.95 -45.20
CA ALA F 370 27.99 -21.11 -46.32
C ALA F 370 28.47 -22.18 -47.29
N GLN F 371 29.79 -22.24 -47.54
CA GLN F 371 30.35 -23.28 -48.39
C GLN F 371 30.12 -24.67 -47.80
N GLU F 372 30.27 -24.78 -46.47
CA GLU F 372 30.02 -26.07 -45.83
C GLU F 372 28.54 -26.44 -45.89
N GLU F 373 27.65 -25.46 -45.79
CA GLU F 373 26.22 -25.77 -45.79
C GLU F 373 25.74 -26.27 -47.15
N GLY F 374 26.26 -25.72 -48.25
CA GLY F 374 25.95 -26.29 -49.54
C GLY F 374 25.59 -25.32 -50.65
N VAL F 375 25.79 -24.02 -50.46
CA VAL F 375 25.52 -23.06 -51.52
C VAL F 375 26.76 -22.95 -52.40
N LYS F 376 26.57 -23.11 -53.71
CA LYS F 376 27.67 -23.11 -54.66
C LYS F 376 27.94 -21.69 -55.13
N PHE F 377 29.21 -21.40 -55.39
CA PHE F 377 29.65 -20.06 -55.73
C PHE F 377 29.99 -19.98 -57.22
N GLN F 378 29.58 -18.88 -57.84
CA GLN F 378 29.85 -18.61 -59.25
C GLN F 378 30.34 -17.17 -59.35
N LEU F 379 31.66 -17.00 -59.40
CA LEU F 379 32.26 -15.68 -59.30
C LEU F 379 32.54 -15.10 -60.69
N LEU F 380 33.04 -13.85 -60.70
CA LEU F 380 33.58 -13.17 -61.89
C LEU F 380 32.48 -13.02 -62.95
N VAL F 381 31.27 -12.69 -62.48
CA VAL F 381 30.09 -12.66 -63.33
C VAL F 381 29.23 -11.50 -62.90
N ALA F 382 28.74 -10.76 -63.86
CA ALA F 382 27.88 -9.58 -63.71
C ALA F 382 26.59 -9.74 -64.51
N PRO F 383 25.58 -9.05 -64.09
CA PRO F 383 24.23 -9.15 -64.74
C PRO F 383 24.22 -8.57 -66.15
N VAL F 384 23.38 -9.14 -67.01
CA VAL F 384 23.30 -8.58 -68.36
C VAL F 384 21.83 -8.35 -68.71
N GLU F 385 21.03 -9.41 -68.59
CA GLU F 385 19.64 -9.36 -69.03
C GLU F 385 18.86 -10.46 -68.31
N VAL F 386 17.65 -10.12 -67.88
CA VAL F 386 16.74 -11.08 -67.26
C VAL F 386 15.78 -11.56 -68.33
N LEU F 387 15.77 -12.87 -68.59
CA LEU F 387 14.92 -13.48 -69.59
C LEU F 387 13.76 -14.18 -68.89
N GLY F 388 12.54 -13.87 -69.33
CA GLY F 388 11.37 -14.54 -68.81
C GLY F 388 10.31 -14.68 -69.87
N GLU F 389 9.30 -15.50 -69.57
CA GLU F 389 8.17 -15.73 -70.46
C GLU F 389 6.88 -15.47 -69.71
N ASN F 390 5.93 -14.81 -70.40
CA ASN F 390 4.59 -14.54 -69.88
C ASN F 390 4.61 -13.81 -68.54
N GLY F 391 5.59 -12.93 -68.36
CA GLY F 391 5.74 -12.20 -67.11
C GLY F 391 6.41 -12.97 -65.99
N HIS F 392 6.86 -14.20 -66.24
CA HIS F 392 7.55 -15.00 -65.25
C HIS F 392 9.00 -15.17 -65.67
N ALA F 393 9.92 -14.78 -64.81
CA ALA F 393 11.35 -14.89 -65.12
C ALA F 393 11.84 -16.29 -64.78
N LYS F 394 12.54 -16.91 -65.75
CA LYS F 394 13.09 -18.24 -65.55
C LYS F 394 14.58 -18.36 -65.83
N ALA F 395 15.21 -17.35 -66.41
CA ALA F 395 16.63 -17.42 -66.72
C ALA F 395 17.28 -16.07 -66.45
N LEU F 396 18.58 -16.11 -66.17
CA LEU F 396 19.37 -14.90 -65.96
C LEU F 396 20.58 -14.95 -66.88
N LYS F 397 20.74 -13.93 -67.72
CA LYS F 397 21.85 -13.88 -68.66
C LYS F 397 22.96 -13.03 -68.08
N CYS F 398 24.21 -13.48 -68.24
CA CYS F 398 25.33 -12.82 -67.61
C CYS F 398 26.55 -12.89 -68.53
N GLU F 399 27.47 -11.97 -68.30
CA GLU F 399 28.77 -11.93 -68.96
C GLU F 399 29.84 -12.47 -68.04
N ILE F 400 30.87 -13.05 -68.64
CA ILE F 400 32.01 -13.60 -67.90
C ILE F 400 33.11 -12.55 -67.88
N MET F 401 33.66 -12.31 -66.70
CA MET F 401 34.69 -11.30 -66.51
C MET F 401 36.05 -11.97 -66.34
N ARG F 402 37.09 -11.13 -66.19
CA ARG F 402 38.43 -11.61 -65.93
C ARG F 402 39.09 -10.67 -64.93
N LEU F 403 40.11 -11.20 -64.24
CA LEU F 403 40.79 -10.43 -63.21
C LEU F 403 41.64 -9.33 -63.82
N GLY F 404 41.67 -8.19 -63.14
CA GLY F 404 42.44 -7.05 -63.61
C GLY F 404 43.28 -6.39 -62.52
N GLU F 405 43.58 -5.11 -62.72
CA GLU F 405 44.42 -4.39 -61.78
C GLU F 405 43.65 -4.10 -60.49
N PRO F 406 44.35 -4.08 -59.35
CA PRO F 406 43.69 -3.70 -58.10
C PRO F 406 43.29 -2.23 -58.09
N ASP F 407 42.20 -1.94 -57.39
CA ASP F 407 41.70 -0.57 -57.29
C ASP F 407 42.43 0.13 -56.14
N ALA F 408 41.92 1.31 -55.76
CA ALA F 408 42.47 2.03 -54.63
C ALA F 408 42.08 1.40 -53.29
N SER F 409 41.04 0.56 -53.28
CA SER F 409 40.57 -0.08 -52.05
C SER F 409 41.22 -1.44 -51.82
N GLY F 410 42.09 -1.89 -52.71
CA GLY F 410 42.82 -3.13 -52.53
C GLY F 410 42.22 -4.37 -53.14
N ARG F 411 41.23 -4.23 -54.03
CA ARG F 411 40.59 -5.36 -54.66
C ARG F 411 40.74 -5.28 -56.17
N ARG F 412 40.91 -6.43 -56.81
CA ARG F 412 41.17 -6.47 -58.24
C ARG F 412 39.92 -6.08 -59.03
N LYS F 413 40.10 -5.20 -60.01
CA LYS F 413 38.99 -4.72 -60.84
C LYS F 413 38.59 -5.79 -61.85
N PRO F 414 37.30 -6.09 -61.99
CA PRO F 414 36.88 -7.02 -63.04
C PRO F 414 36.98 -6.38 -64.42
N GLU F 415 37.29 -7.23 -65.40
CA GLU F 415 37.38 -6.80 -66.79
C GLU F 415 36.55 -7.72 -67.67
N PRO F 416 35.76 -7.17 -68.59
CA PRO F 416 34.88 -8.00 -69.41
C PRO F 416 35.66 -8.85 -70.40
N THR F 417 35.05 -9.98 -70.79
CA THR F 417 35.65 -10.91 -71.74
C THR F 417 34.83 -11.14 -72.99
N GLY F 418 33.56 -10.78 -73.01
CA GLY F 418 32.74 -11.00 -74.18
C GLY F 418 32.13 -12.37 -74.30
N GLU F 419 32.14 -13.18 -73.24
CA GLU F 419 31.53 -14.49 -73.23
C GLU F 419 30.23 -14.44 -72.43
N THR F 420 29.17 -14.99 -73.00
CA THR F 420 27.85 -14.95 -72.39
C THR F 420 27.44 -16.33 -71.88
N VAL F 421 26.79 -16.34 -70.72
CA VAL F 421 26.29 -17.58 -70.14
C VAL F 421 24.93 -17.30 -69.50
N VAL F 422 23.99 -18.22 -69.68
CA VAL F 422 22.66 -18.10 -69.11
C VAL F 422 22.54 -19.12 -67.98
N TYR F 423 21.78 -18.77 -66.94
CA TYR F 423 21.60 -19.61 -65.76
C TYR F 423 20.12 -19.79 -65.51
N GLU F 424 19.69 -21.05 -65.40
CA GLU F 424 18.30 -21.35 -65.10
C GLU F 424 18.01 -21.06 -63.64
N ALA F 425 16.76 -20.66 -63.37
CA ALA F 425 16.37 -20.32 -62.01
C ALA F 425 14.86 -20.42 -61.88
N ASP F 426 14.40 -20.57 -60.64
CA ASP F 426 13.00 -20.44 -60.30
C ASP F 426 12.71 -19.16 -59.53
N ARG F 427 13.71 -18.60 -58.83
CA ARG F 427 13.58 -17.31 -58.20
C ARG F 427 14.94 -16.60 -58.27
N ILE F 428 14.91 -15.30 -58.45
CA ILE F 428 16.12 -14.49 -58.47
C ILE F 428 16.00 -13.42 -57.40
N ILE F 429 16.99 -13.33 -56.54
CA ILE F 429 16.98 -12.40 -55.41
C ILE F 429 18.15 -11.45 -55.57
N ALA F 430 17.85 -10.16 -55.58
CA ALA F 430 18.87 -9.11 -55.73
C ALA F 430 19.31 -8.67 -54.35
N ALA F 431 20.57 -8.92 -54.01
CA ALA F 431 21.11 -8.53 -52.72
C ALA F 431 22.40 -7.75 -52.90
N ILE F 432 22.40 -6.78 -53.82
CA ILE F 432 23.60 -6.01 -54.09
C ILE F 432 23.94 -5.11 -52.92
N GLY F 433 22.94 -4.45 -52.36
CA GLY F 433 23.18 -3.56 -51.24
C GLY F 433 21.92 -2.84 -50.83
N GLN F 434 22.07 -2.02 -49.79
CA GLN F 434 20.98 -1.24 -49.23
C GLN F 434 21.18 0.24 -49.55
N LYS F 435 20.07 0.96 -49.69
CA LYS F 435 20.11 2.38 -49.95
C LYS F 435 19.12 3.07 -49.03
N THR F 436 19.48 4.26 -48.55
CA THR F 436 18.64 4.97 -47.61
C THR F 436 17.46 5.60 -48.33
N VAL F 437 16.27 5.47 -47.74
CA VAL F 437 15.07 6.12 -48.22
C VAL F 437 14.57 7.03 -47.11
N ILE F 438 14.09 8.22 -47.48
CA ILE F 438 13.57 9.14 -46.48
C ILE F 438 12.06 8.99 -46.32
N GLY F 439 11.39 8.42 -47.32
CA GLY F 439 9.96 8.21 -47.20
C GLY F 439 9.20 9.52 -47.34
N ASN F 440 8.14 9.65 -46.55
CA ASN F 440 7.27 10.81 -46.62
C ASN F 440 7.66 11.92 -45.65
N ILE F 441 8.76 11.75 -44.92
CA ILE F 441 9.24 12.82 -44.06
C ILE F 441 9.75 13.96 -44.92
N LYS F 442 9.25 15.16 -44.66
CA LYS F 442 9.56 16.31 -45.49
C LYS F 442 10.39 17.33 -44.72
N ASP F 443 10.90 18.31 -45.45
CA ASP F 443 11.74 19.39 -44.91
C ASP F 443 13.01 18.86 -44.27
N ILE F 444 13.54 17.75 -44.79
CA ILE F 444 14.81 17.19 -44.33
C ILE F 444 15.72 17.06 -45.54
N ALA F 445 16.89 17.69 -45.47
CA ALA F 445 17.81 17.65 -46.60
C ALA F 445 18.47 16.29 -46.71
N THR F 446 18.63 15.82 -47.94
CA THR F 446 19.26 14.54 -48.23
C THR F 446 20.32 14.73 -49.32
N ASP F 447 21.33 13.87 -49.30
CA ASP F 447 22.45 14.01 -50.20
C ASP F 447 22.14 13.34 -51.55
N LYS F 448 23.17 13.12 -52.37
CA LYS F 448 22.98 12.51 -53.67
C LYS F 448 22.65 11.02 -53.56
N SER F 449 23.05 10.38 -52.47
CA SER F 449 22.79 8.95 -52.29
C SER F 449 21.58 8.68 -51.42
N GLY F 450 20.91 9.71 -50.92
CA GLY F 450 19.73 9.55 -50.10
C GLY F 450 19.95 9.69 -48.62
N ASN F 451 21.19 9.68 -48.16
CA ASN F 451 21.47 9.78 -46.73
C ASN F 451 21.16 11.19 -46.23
N ILE F 452 20.78 11.27 -44.95
CA ILE F 452 20.50 12.55 -44.34
C ILE F 452 21.79 13.34 -44.18
N ILE F 453 21.76 14.60 -44.56
CA ILE F 453 22.90 15.49 -44.42
C ILE F 453 22.87 16.09 -43.02
N VAL F 454 23.94 15.90 -42.26
CA VAL F 454 24.06 16.45 -40.92
C VAL F 454 25.35 17.26 -40.84
N ASN F 455 25.37 18.17 -39.89
CA ASN F 455 26.59 18.90 -39.58
C ASN F 455 27.54 17.98 -38.83
N GLY F 456 28.73 17.77 -39.40
CA GLY F 456 29.67 16.82 -38.85
C GLY F 456 30.12 17.14 -37.43
N GLY F 457 29.99 16.16 -36.54
CA GLY F 457 30.39 16.33 -35.17
C GLY F 457 29.29 16.86 -34.27
N ALA F 458 28.22 17.42 -34.82
CA ALA F 458 27.10 17.90 -34.03
C ALA F 458 25.80 17.19 -34.33
N PHE F 459 25.72 16.40 -35.40
CA PHE F 459 24.57 15.56 -35.72
C PHE F 459 23.28 16.37 -35.90
N THR F 460 23.40 17.59 -36.42
CA THR F 460 22.24 18.48 -36.58
C THR F 460 21.87 18.58 -38.06
N THR F 461 20.59 18.40 -38.36
CA THR F 461 20.08 18.53 -39.71
C THR F 461 19.79 20.00 -40.00
N ASN F 462 19.11 20.27 -41.11
CA ASN F 462 18.73 21.64 -41.41
C ASN F 462 17.64 22.14 -40.46
N ARG F 463 16.68 21.28 -40.16
CA ARG F 463 15.61 21.64 -39.22
C ARG F 463 16.17 21.70 -37.81
N ASP F 464 15.84 22.77 -37.10
CA ASP F 464 16.25 22.87 -35.71
C ASP F 464 15.46 21.87 -34.88
N LYS F 465 16.05 21.49 -33.73
CA LYS F 465 15.52 20.55 -32.77
C LYS F 465 15.40 19.13 -33.32
N VAL F 466 16.06 18.84 -34.45
CA VAL F 466 16.02 17.52 -35.08
C VAL F 466 17.44 17.05 -35.32
N PHE F 467 17.74 15.84 -34.84
CA PHE F 467 19.06 15.25 -34.92
C PHE F 467 18.97 13.94 -35.68
N ALA F 468 20.12 13.44 -36.14
CA ALA F 468 20.14 12.21 -36.92
C ALA F 468 21.44 11.46 -36.66
N GLY F 469 21.42 10.18 -36.99
CA GLY F 469 22.61 9.35 -36.81
C GLY F 469 22.32 7.94 -37.23
N GLY F 470 23.38 7.13 -37.27
CA GLY F 470 23.27 5.73 -37.63
C GLY F 470 23.34 5.50 -39.12
N ASP F 471 22.71 4.44 -39.60
CA ASP F 471 22.72 4.11 -41.01
C ASP F 471 22.03 5.17 -41.87
N ALA F 472 21.23 6.05 -41.27
CA ALA F 472 20.66 7.15 -42.01
C ALA F 472 21.70 8.15 -42.45
N VAL F 473 22.86 8.18 -41.82
CA VAL F 473 23.92 9.11 -42.16
C VAL F 473 25.08 8.42 -42.88
N THR F 474 25.56 7.32 -42.33
CA THR F 474 26.74 6.65 -42.88
C THR F 474 26.40 5.59 -43.92
N GLY F 475 25.14 5.38 -44.24
CA GLY F 475 24.77 4.33 -45.15
C GLY F 475 24.89 2.97 -44.49
N PRO F 476 24.96 1.91 -45.28
CA PRO F 476 25.06 0.55 -44.72
C PRO F 476 26.43 0.31 -44.10
N LYS F 477 26.43 0.04 -42.79
CA LYS F 477 27.65 -0.23 -42.04
C LYS F 477 27.30 -1.19 -40.92
N ILE F 478 28.33 -1.62 -40.19
CA ILE F 478 28.12 -2.62 -39.14
C ILE F 478 27.47 -1.98 -37.91
N ALA F 479 26.96 -2.84 -37.03
CA ALA F 479 26.08 -2.39 -35.96
C ALA F 479 26.79 -1.56 -34.92
N ILE F 480 28.06 -1.86 -34.65
CA ILE F 480 28.77 -1.13 -33.62
C ILE F 480 29.01 0.32 -34.05
N ASP F 481 29.13 0.58 -35.36
CA ASP F 481 29.19 1.96 -35.83
C ASP F 481 27.90 2.71 -35.52
N ALA F 482 26.76 2.05 -35.72
CA ALA F 482 25.48 2.66 -35.37
C ALA F 482 25.37 2.90 -33.88
N ILE F 483 25.86 1.97 -33.06
CA ILE F 483 25.83 2.16 -31.62
C ILE F 483 26.69 3.34 -31.20
N ALA F 484 27.88 3.46 -31.78
CA ALA F 484 28.77 4.56 -31.45
C ALA F 484 28.16 5.90 -31.85
N GLN F 485 27.57 5.97 -33.04
CA GLN F 485 26.95 7.20 -33.48
C GLN F 485 25.76 7.57 -32.61
N GLY F 486 24.97 6.58 -32.21
CA GLY F 486 23.85 6.85 -31.32
C GLY F 486 24.30 7.38 -29.96
N LYS F 487 25.37 6.80 -29.40
CA LYS F 487 25.86 7.28 -28.10
C LYS F 487 26.42 8.70 -28.19
N ASN F 488 27.21 8.97 -29.23
CA ASN F 488 27.76 10.32 -29.39
C ASN F 488 26.65 11.34 -29.62
N ALA F 489 25.64 10.98 -30.41
CA ALA F 489 24.53 11.89 -30.63
C ALA F 489 23.69 12.08 -29.37
N ALA F 490 23.58 11.07 -28.53
CA ALA F 490 22.90 11.23 -27.26
C ALA F 490 23.64 12.21 -26.36
N GLN F 491 24.96 12.12 -26.33
CA GLN F 491 25.75 13.08 -25.55
C GLN F 491 25.60 14.49 -26.09
N VAL F 492 25.59 14.64 -27.41
CA VAL F 492 25.45 15.97 -28.02
C VAL F 492 24.06 16.55 -27.75
N ILE F 493 23.02 15.73 -27.84
CA ILE F 493 21.67 16.19 -27.55
C ILE F 493 21.54 16.58 -26.09
N ASP F 494 22.13 15.80 -25.18
CA ASP F 494 22.09 16.14 -23.77
C ASP F 494 22.78 17.47 -23.51
N SER F 495 23.92 17.72 -24.17
CA SER F 495 24.58 19.01 -24.01
C SER F 495 23.74 20.13 -24.60
N TYR F 496 23.05 19.86 -25.71
CA TYR F 496 22.23 20.89 -26.36
C TYR F 496 21.05 21.27 -25.49
N LEU F 497 20.46 20.32 -24.78
CA LEU F 497 19.33 20.61 -23.92
C LEU F 497 19.70 21.52 -22.75
N ASN F 498 20.97 21.59 -22.39
CA ASN F 498 21.42 22.45 -21.30
C ASN F 498 21.65 23.88 -21.73
N GLY F 499 21.50 24.20 -23.01
CA GLY F 499 21.64 25.56 -23.48
C GLY F 499 22.93 25.86 -24.20
N CYS F 500 23.89 24.95 -24.20
CA CYS F 500 25.16 25.17 -24.89
C CYS F 500 25.53 23.91 -25.65
N LEU F 501 25.50 24.00 -26.98
CA LEU F 501 25.83 22.86 -27.84
C LEU F 501 27.33 22.77 -28.00
N VAL F 502 27.90 21.60 -27.74
CA VAL F 502 29.33 21.35 -27.91
C VAL F 502 29.49 20.18 -28.88
N PRO F 503 30.27 20.32 -29.93
CA PRO F 503 30.47 19.20 -30.86
C PRO F 503 31.31 18.09 -30.23
N HIS F 504 31.19 16.90 -30.81
CA HIS F 504 31.97 15.77 -30.36
C HIS F 504 33.35 15.78 -31.01
N ALA F 505 34.39 15.64 -30.19
CA ALA F 505 35.76 15.63 -30.68
C ALA F 505 36.52 14.48 -30.05
N ASP F 506 37.41 13.88 -30.84
CA ASP F 506 38.20 12.75 -30.38
C ASP F 506 39.30 13.20 -29.42
N SER F 507 39.92 12.23 -28.76
CA SER F 507 40.95 12.47 -27.77
C SER F 507 42.31 12.06 -28.30
N GLN F 508 43.35 12.57 -27.65
CA GLN F 508 44.73 12.31 -28.02
C GLN F 508 45.34 11.34 -27.02
N TYR F 509 46.01 10.32 -27.53
CA TYR F 509 46.69 9.33 -26.70
C TYR F 509 48.09 9.11 -27.23
N PHE F 510 48.98 8.68 -26.35
CA PHE F 510 50.28 8.20 -26.78
C PHE F 510 50.13 6.79 -27.31
N THR F 511 50.67 6.52 -28.48
CA THR F 511 50.59 5.20 -29.08
C THR F 511 51.97 4.77 -29.53
N GLN F 512 52.18 3.46 -29.54
CA GLN F 512 53.45 2.87 -29.93
C GLN F 512 53.23 1.98 -31.14
N LYS F 513 54.05 2.18 -32.18
CA LYS F 513 53.86 1.48 -33.44
C LYS F 513 55.11 0.74 -33.88
N ASP F 514 56.06 0.51 -32.98
CA ASP F 514 57.28 -0.20 -33.30
C ASP F 514 57.32 -1.61 -32.71
N ILE F 515 56.20 -2.09 -32.18
CA ILE F 515 56.17 -3.40 -31.54
C ILE F 515 56.10 -4.48 -32.61
N THR F 516 57.04 -5.41 -32.56
CA THR F 516 57.13 -6.49 -33.53
C THR F 516 57.19 -7.82 -32.80
N ALA F 517 57.26 -8.92 -33.56
CA ALA F 517 57.30 -10.24 -32.97
C ALA F 517 58.58 -10.47 -32.18
N ALA F 518 59.69 -9.88 -32.62
CA ALA F 518 60.95 -10.02 -31.89
C ALA F 518 60.91 -9.37 -30.52
N ASP F 519 59.96 -8.46 -30.30
CA ASP F 519 59.77 -7.88 -28.98
C ASP F 519 58.95 -8.77 -28.05
N LEU F 520 58.32 -9.82 -28.59
CA LEU F 520 57.48 -10.71 -27.78
C LEU F 520 57.94 -12.15 -27.93
N ALA F 521 59.25 -12.37 -27.95
CA ALA F 521 59.79 -13.71 -28.06
C ALA F 521 59.89 -14.42 -26.72
N ASP F 522 59.74 -13.71 -25.61
CA ASP F 522 59.81 -14.31 -24.29
C ASP F 522 58.46 -14.81 -23.79
N ARG F 523 57.37 -14.50 -24.48
CA ARG F 523 56.05 -14.92 -24.04
C ARG F 523 55.79 -16.38 -24.39
N ALA F 524 55.09 -17.07 -23.50
CA ALA F 524 54.67 -18.44 -23.75
C ALA F 524 53.50 -18.46 -24.74
N LYS F 525 53.35 -19.58 -25.42
CA LYS F 525 52.33 -19.74 -26.45
C LYS F 525 51.23 -20.66 -25.93
N ALA F 526 49.98 -20.23 -26.09
CA ALA F 526 48.83 -20.98 -25.64
C ALA F 526 47.76 -20.98 -26.73
N PRO F 527 47.26 -22.14 -27.13
CA PRO F 527 46.31 -22.18 -28.24
C PRO F 527 45.01 -21.48 -27.92
N ARG F 528 44.41 -20.89 -28.95
CA ARG F 528 43.15 -20.18 -28.80
C ARG F 528 42.01 -21.16 -28.57
N VAL F 529 40.94 -20.66 -27.94
CA VAL F 529 39.79 -21.49 -27.61
C VAL F 529 38.93 -21.66 -28.86
N SER F 530 38.81 -22.90 -29.32
CA SER F 530 37.98 -23.18 -30.48
C SER F 530 36.50 -23.03 -30.14
N LEU F 531 35.71 -22.71 -31.15
CA LEU F 531 34.27 -22.57 -30.99
C LEU F 531 33.59 -23.86 -31.40
N THR F 532 32.67 -24.34 -30.55
CA THR F 532 31.95 -25.58 -30.83
C THR F 532 30.81 -25.28 -31.79
N VAL F 533 30.90 -25.80 -33.01
CA VAL F 533 29.95 -25.51 -34.08
C VAL F 533 29.21 -26.79 -34.42
N GLU F 534 27.88 -26.71 -34.46
CA GLU F 534 27.04 -27.85 -34.79
C GLU F 534 27.32 -28.34 -36.21
N ASP F 535 27.20 -29.65 -36.42
CA ASP F 535 27.57 -30.27 -37.67
C ASP F 535 26.68 -29.80 -38.82
N ALA F 536 27.14 -30.02 -40.04
CA ALA F 536 26.44 -29.55 -41.23
C ALA F 536 25.18 -30.36 -41.54
N GLU F 537 24.96 -31.48 -40.87
CA GLU F 537 23.71 -32.22 -41.04
C GLU F 537 22.53 -31.44 -40.52
N VAL F 538 22.64 -30.93 -39.29
CA VAL F 538 21.46 -30.32 -38.66
C VAL F 538 21.35 -28.87 -39.05
N ARG F 539 22.45 -28.24 -39.46
CA ARG F 539 22.40 -26.83 -39.83
C ARG F 539 21.58 -26.61 -41.10
N ASN F 540 21.67 -27.54 -42.05
CA ASN F 540 21.03 -27.35 -43.35
C ASN F 540 19.51 -27.37 -43.28
N LYS F 541 18.93 -27.97 -42.23
CA LYS F 541 17.50 -28.18 -42.17
C LYS F 541 16.79 -27.38 -41.09
N SER F 542 17.51 -26.83 -40.14
CA SER F 542 16.92 -26.20 -38.97
C SER F 542 17.37 -24.75 -38.86
N PHE F 543 16.62 -23.98 -38.08
CA PHE F 543 16.94 -22.59 -37.83
C PHE F 543 17.58 -22.36 -36.46
N MET F 544 18.02 -23.42 -35.78
CA MET F 544 18.57 -23.22 -34.45
C MET F 544 20.03 -22.79 -34.56
N GLN F 545 20.61 -22.47 -33.40
CA GLN F 545 21.91 -21.81 -33.35
C GLN F 545 23.01 -22.72 -33.89
N VAL F 546 23.96 -22.12 -34.59
CA VAL F 546 25.08 -22.87 -35.15
C VAL F 546 26.31 -22.87 -34.26
N ALA F 547 26.36 -22.00 -33.26
CA ALA F 547 27.50 -21.93 -32.35
C ALA F 547 27.00 -21.79 -30.92
N LYS F 548 27.76 -22.33 -29.98
CA LYS F 548 27.42 -22.29 -28.57
C LYS F 548 28.31 -21.28 -27.85
N THR F 549 27.74 -20.68 -26.80
CA THR F 549 28.47 -19.68 -26.02
C THR F 549 29.55 -20.35 -25.18
N PHE F 550 30.57 -19.57 -24.83
CA PHE F 550 31.66 -20.06 -23.99
C PHE F 550 31.14 -20.51 -22.63
N THR F 551 31.73 -21.58 -22.11
CA THR F 551 31.49 -21.98 -20.73
C THR F 551 32.38 -21.15 -19.80
N GLU F 552 32.24 -21.36 -18.50
CA GLU F 552 33.04 -20.60 -17.55
C GLU F 552 34.52 -20.95 -17.63
N GLU F 553 34.83 -22.25 -17.77
CA GLU F 553 36.22 -22.67 -17.84
C GLU F 553 36.89 -22.16 -19.11
N GLU F 554 36.18 -22.22 -20.24
CA GLU F 554 36.72 -21.73 -21.49
C GLU F 554 36.92 -20.22 -21.43
N ALA F 555 35.98 -19.50 -20.81
CA ALA F 555 36.12 -18.05 -20.71
C ALA F 555 37.30 -17.67 -19.85
N LEU F 556 37.50 -18.36 -18.72
CA LEU F 556 38.66 -18.08 -17.89
C LEU F 556 39.95 -18.40 -18.63
N ARG F 557 39.99 -19.53 -19.32
CA ARG F 557 41.20 -19.92 -20.05
C ARG F 557 41.54 -18.93 -21.15
N GLU F 558 40.54 -18.42 -21.85
CA GLU F 558 40.79 -17.44 -22.90
C GLU F 558 41.18 -16.08 -22.32
N SER F 559 40.52 -15.65 -21.24
CA SER F 559 40.78 -14.33 -20.71
C SER F 559 42.11 -14.24 -19.98
N LYS F 560 42.63 -15.35 -19.47
CA LYS F 560 43.91 -15.32 -18.78
C LYS F 560 45.09 -15.27 -19.72
N ARG F 561 44.88 -14.96 -20.99
CA ARG F 561 45.90 -15.00 -22.02
C ARG F 561 46.28 -13.63 -22.55
N CYS F 562 45.65 -12.57 -22.06
CA CYS F 562 45.90 -11.22 -22.53
C CYS F 562 47.29 -10.77 -22.12
N LEU F 563 47.80 -9.76 -22.81
CA LEU F 563 49.14 -9.26 -22.59
C LEU F 563 49.20 -7.99 -21.77
N GLU F 564 48.07 -7.36 -21.50
CA GLU F 564 47.98 -6.10 -20.76
C GLU F 564 48.81 -5.00 -21.45
N CYS F 565 48.38 -4.65 -22.66
CA CYS F 565 49.15 -3.72 -23.48
C CYS F 565 49.03 -2.28 -23.00
N GLY F 566 47.92 -1.91 -22.38
CA GLY F 566 47.71 -0.53 -21.97
C GLY F 566 48.52 -0.15 -20.76
N CYS F 567 48.49 1.14 -20.44
CA CYS F 567 49.20 1.66 -19.28
C CYS F 567 48.32 1.51 -18.05
N ARG F 568 48.88 0.97 -16.97
CA ARG F 568 48.11 0.77 -15.76
C ARG F 568 47.84 2.06 -14.99
N ASP F 569 48.56 3.13 -15.29
CA ASP F 569 48.46 4.38 -14.57
C ASP F 569 47.56 5.38 -15.28
N TYR F 570 46.82 4.95 -16.30
CA TYR F 570 46.12 5.91 -17.15
C TYR F 570 45.05 6.67 -16.38
N PHE F 571 44.34 6.01 -15.48
CA PHE F 571 43.25 6.68 -14.81
C PHE F 571 43.71 7.64 -13.73
N GLU F 572 45.01 7.69 -13.45
CA GLU F 572 45.54 8.64 -12.48
C GLU F 572 46.74 9.40 -12.98
N CYS F 573 47.21 9.14 -14.20
CA CYS F 573 48.34 9.88 -14.76
C CYS F 573 47.96 11.33 -14.98
N GLN F 574 48.84 12.24 -14.58
CA GLN F 574 48.62 13.67 -14.74
C GLN F 574 49.21 14.24 -16.02
N LEU F 575 50.23 13.59 -16.58
CA LEU F 575 50.77 14.04 -17.85
C LEU F 575 49.71 13.99 -18.94
N ILE F 576 49.01 12.85 -19.06
CA ILE F 576 47.98 12.76 -20.07
C ILE F 576 46.82 13.69 -19.75
N LYS F 577 46.55 13.95 -18.47
CA LYS F 577 45.50 14.87 -18.10
C LYS F 577 45.79 16.27 -18.64
N TYR F 578 47.02 16.73 -18.44
CA TYR F 578 47.37 18.07 -18.92
C TYR F 578 47.51 18.10 -20.43
N ILE F 579 47.91 16.98 -21.05
CA ILE F 579 47.99 16.93 -22.51
C ILE F 579 46.61 17.06 -23.13
N GLN F 580 45.62 16.34 -22.59
CA GLN F 580 44.26 16.50 -23.09
C GLN F 580 43.71 17.89 -22.80
N ASP F 581 44.00 18.44 -21.62
CA ASP F 581 43.41 19.71 -21.23
C ASP F 581 43.99 20.87 -22.03
N TYR F 582 45.26 20.82 -22.38
CA TYR F 582 45.93 21.95 -23.01
C TYR F 582 46.10 21.79 -24.51
N ASP F 583 45.48 20.78 -25.12
CA ASP F 583 45.41 20.62 -26.57
C ASP F 583 46.81 20.52 -27.16
N VAL F 584 47.49 19.42 -26.81
CA VAL F 584 48.83 19.14 -27.28
C VAL F 584 48.80 17.84 -28.06
N SER F 585 49.36 17.85 -29.26
CA SER F 585 49.37 16.66 -30.10
C SER F 585 50.42 15.67 -29.60
N THR F 586 50.07 14.40 -29.58
CA THR F 586 50.97 13.34 -29.13
C THR F 586 51.66 12.63 -30.29
N GLU F 587 51.46 13.10 -31.52
CA GLU F 587 52.12 12.48 -32.66
C GLU F 587 53.62 12.76 -32.62
N LYS F 588 54.41 11.82 -33.12
CA LYS F 588 55.86 11.90 -33.07
C LYS F 588 56.45 11.89 -34.47
N ASP F 589 57.49 12.70 -34.66
CA ASP F 589 58.26 12.68 -35.90
C ASP F 589 59.56 11.92 -35.69
N SER F 590 60.05 11.30 -36.77
CA SER F 590 61.23 10.46 -36.68
C SER F 590 62.53 11.24 -36.52
N GLN F 591 62.53 12.54 -36.80
CA GLN F 591 63.75 13.33 -36.70
C GLN F 591 64.22 13.47 -35.25
N VAL F 592 63.30 13.70 -34.33
CA VAL F 592 63.63 13.78 -32.91
C VAL F 592 63.80 12.37 -32.37
N GLU F 593 64.54 12.25 -31.29
CA GLU F 593 64.82 10.94 -30.70
C GLU F 593 64.22 10.85 -29.31
N CYS F 594 63.64 9.69 -29.02
CA CYS F 594 63.22 9.33 -27.68
C CYS F 594 64.01 8.09 -27.30
N HIS F 595 64.83 8.18 -26.27
CA HIS F 595 65.73 7.09 -25.93
C HIS F 595 64.93 5.87 -25.46
N LYS F 596 65.06 4.77 -26.18
CA LYS F 596 64.34 3.53 -25.88
C LYS F 596 65.23 2.67 -24.99
N THR F 597 64.68 2.23 -23.86
CA THR F 597 65.44 1.49 -22.87
C THR F 597 65.18 -0.01 -22.99
N THR F 598 66.16 -0.77 -22.52
CA THR F 598 66.03 -2.23 -22.46
C THR F 598 66.16 -2.65 -20.99
N GLU F 599 65.42 -1.96 -20.14
CA GLU F 599 65.54 -2.08 -18.69
C GLU F 599 65.15 -3.48 -18.23
N PHE F 600 65.69 -3.85 -17.06
CA PHE F 600 65.33 -5.10 -16.42
C PHE F 600 65.48 -4.90 -14.92
N ASP F 601 64.36 -4.67 -14.24
CA ASP F 601 64.34 -4.53 -12.79
C ASP F 601 63.21 -5.42 -12.30
N ASN F 602 63.53 -6.69 -12.03
CA ASN F 602 62.51 -7.65 -11.61
C ASN F 602 62.26 -7.60 -10.11
N HIS F 603 62.04 -6.40 -9.59
CA HIS F 603 61.72 -6.25 -8.18
C HIS F 603 60.31 -6.79 -7.93
N PRO F 604 60.11 -7.53 -6.84
CA PRO F 604 58.78 -8.11 -6.58
C PRO F 604 57.71 -7.11 -6.22
N PHE F 605 58.05 -5.88 -5.92
CA PHE F 605 57.02 -4.93 -5.51
C PHE F 605 57.03 -3.64 -6.32
N ILE F 606 58.19 -3.16 -6.74
CA ILE F 606 58.34 -1.86 -7.39
C ILE F 606 58.67 -2.09 -8.86
N GLU F 607 58.01 -1.34 -9.73
CA GLU F 607 58.21 -1.41 -11.18
C GLU F 607 58.65 -0.05 -11.68
N ARG F 608 59.78 0.01 -12.39
CA ARG F 608 60.32 1.26 -12.89
C ARG F 608 60.39 1.23 -14.41
N ASN F 609 60.09 2.36 -15.03
CA ASN F 609 60.13 2.51 -16.49
C ASN F 609 60.70 3.88 -16.81
N PRO F 610 61.98 3.97 -17.17
CA PRO F 610 62.58 5.28 -17.39
C PRO F 610 62.02 6.04 -18.59
N ASP F 611 61.30 5.38 -19.49
CA ASP F 611 60.78 6.06 -20.68
C ASP F 611 59.66 7.02 -20.33
N LYS F 612 58.86 6.69 -19.34
CA LYS F 612 57.73 7.52 -18.95
C LYS F 612 58.08 8.54 -17.87
N CYS F 613 59.36 8.65 -17.51
CA CYS F 613 59.76 9.61 -16.49
C CYS F 613 59.73 11.03 -17.05
N VAL F 614 59.32 11.97 -16.22
CA VAL F 614 59.31 13.39 -16.58
C VAL F 614 60.32 14.18 -15.78
N LEU F 615 61.18 13.50 -15.02
CA LEU F 615 62.25 14.13 -14.23
C LEU F 615 61.71 15.18 -13.27
N CYS F 616 60.59 14.89 -12.63
CA CYS F 616 60.07 15.80 -11.62
C CYS F 616 60.84 15.70 -10.32
N GLY F 617 61.55 14.59 -10.09
CA GLY F 617 62.38 14.44 -8.93
C GLY F 617 61.64 14.19 -7.64
N LEU F 618 60.34 13.92 -7.69
CA LEU F 618 59.59 13.69 -6.46
C LEU F 618 60.00 12.40 -5.79
N CYS F 619 60.32 11.37 -6.58
CA CYS F 619 60.64 10.07 -6.00
C CYS F 619 61.96 10.10 -5.25
N VAL F 620 63.00 10.70 -5.83
CA VAL F 620 64.28 10.76 -5.16
C VAL F 620 64.22 11.71 -3.97
N ARG F 621 63.47 12.81 -4.09
CA ARG F 621 63.34 13.74 -2.97
C ARG F 621 62.62 13.10 -1.80
N VAL F 622 61.58 12.31 -2.07
CA VAL F 622 60.87 11.63 -0.99
C VAL F 622 61.75 10.55 -0.37
N CYS F 623 62.40 9.74 -1.20
CA CYS F 623 63.22 8.66 -0.67
C CYS F 623 64.44 9.17 0.07
N ASP F 624 64.86 10.41 -0.16
CA ASP F 624 65.98 10.93 0.59
C ASP F 624 65.54 11.71 1.83
N GLU F 625 64.55 12.59 1.69
CA GLU F 625 64.21 13.52 2.75
C GLU F 625 63.18 13.00 3.72
N VAL F 626 62.53 11.88 3.43
CA VAL F 626 61.51 11.34 4.32
C VAL F 626 61.90 9.93 4.75
N VAL F 627 62.01 9.03 3.78
CA VAL F 627 62.39 7.66 4.08
C VAL F 627 63.84 7.60 4.56
N GLY F 628 64.71 8.36 3.91
CA GLY F 628 66.08 8.40 4.33
C GLY F 628 66.93 7.23 3.89
N ALA F 629 66.37 6.29 3.15
CA ALA F 629 67.15 5.16 2.65
C ALA F 629 68.04 5.59 1.48
N THR F 630 67.55 6.51 0.64
CA THR F 630 68.22 6.95 -0.58
C THR F 630 68.64 5.77 -1.44
N ALA F 631 67.66 4.92 -1.77
CA ALA F 631 67.94 3.78 -2.62
C ALA F 631 68.07 4.15 -4.09
N ILE F 632 67.69 5.36 -4.48
CA ILE F 632 67.71 5.81 -5.87
C ILE F 632 68.37 7.17 -5.93
N GLY F 633 68.83 7.53 -7.12
CA GLY F 633 69.46 8.84 -7.29
C GLY F 633 69.61 9.17 -8.75
N LEU F 634 69.94 10.43 -9.00
CA LEU F 634 70.11 10.93 -10.36
C LEU F 634 71.50 10.59 -10.89
N VAL F 635 71.56 10.28 -12.19
CA VAL F 635 72.81 9.98 -12.87
C VAL F 635 72.82 10.75 -14.18
N GLY F 636 73.89 11.50 -14.43
CA GLY F 636 74.11 12.10 -15.73
C GLY F 636 73.77 13.57 -15.80
N ARG F 637 73.72 14.07 -17.04
CA ARG F 637 73.43 15.47 -17.30
C ARG F 637 72.60 15.58 -18.58
N GLY F 638 71.74 16.60 -18.61
CA GLY F 638 71.01 16.90 -19.84
C GLY F 638 70.05 15.80 -20.22
N PHE F 639 70.17 15.34 -21.46
CA PHE F 639 69.36 14.20 -21.92
C PHE F 639 69.72 12.93 -21.18
N ASP F 640 70.99 12.79 -20.80
CA ASP F 640 71.46 11.58 -20.14
C ASP F 640 71.03 11.48 -18.69
N SER F 641 70.32 12.47 -18.16
CA SER F 641 69.86 12.42 -16.78
C SER F 641 68.82 11.31 -16.64
N VAL F 642 69.04 10.42 -15.69
CA VAL F 642 68.13 9.30 -15.46
C VAL F 642 68.19 8.95 -13.98
N ILE F 643 67.04 8.64 -13.40
CA ILE F 643 66.96 8.24 -12.01
C ILE F 643 67.10 6.72 -11.95
N MET F 644 68.07 6.25 -11.18
CA MET F 644 68.41 4.83 -11.13
C MET F 644 69.00 4.52 -9.75
N PRO F 645 68.96 3.25 -9.32
CA PRO F 645 69.41 2.93 -7.95
C PRO F 645 70.89 3.13 -7.71
N GLU F 646 71.33 2.79 -6.49
CA GLU F 646 72.72 3.01 -6.09
C GLU F 646 73.67 2.18 -6.94
N PHE F 647 74.66 2.84 -7.53
CA PHE F 647 75.71 2.20 -8.33
C PHE F 647 75.15 1.39 -9.49
N LYS F 648 73.98 1.79 -10.00
CA LYS F 648 73.25 1.12 -11.07
C LYS F 648 72.87 -0.32 -10.72
N LEU F 649 72.90 -0.68 -9.44
CA LEU F 649 72.55 -2.01 -9.02
C LEU F 649 71.03 -2.20 -9.09
N PRO F 650 70.56 -3.45 -9.11
CA PRO F 650 69.11 -3.68 -9.01
C PRO F 650 68.58 -3.20 -7.67
N LEU F 651 67.30 -2.83 -7.66
CA LEU F 651 66.68 -2.31 -6.44
C LEU F 651 66.61 -3.34 -5.33
N SER F 652 66.74 -4.62 -5.65
CA SER F 652 66.73 -5.63 -4.59
C SER F 652 68.04 -5.68 -3.83
N GLU F 653 69.15 -5.26 -4.44
CA GLU F 653 70.46 -5.36 -3.82
C GLU F 653 70.86 -4.11 -3.05
N THR F 654 70.03 -3.08 -3.06
CA THR F 654 70.33 -1.84 -2.38
C THR F 654 69.58 -1.75 -1.06
N ALA F 655 69.59 -0.57 -0.46
CA ALA F 655 68.97 -0.34 0.85
C ALA F 655 67.49 -0.03 0.77
N CYS F 656 66.81 -0.48 -0.28
CA CYS F 656 65.39 -0.19 -0.43
C CYS F 656 64.58 -0.92 0.64
N ILE F 657 63.50 -0.26 1.09
CA ILE F 657 62.61 -0.82 2.10
C ILE F 657 61.31 -1.33 1.48
N SER F 658 61.09 -1.08 0.19
CA SER F 658 59.84 -1.39 -0.51
C SER F 658 58.66 -0.72 0.16
N CYS F 659 58.85 0.50 0.67
CA CYS F 659 57.77 1.21 1.32
C CYS F 659 56.71 1.64 0.32
N GLY F 660 57.11 2.02 -0.89
CA GLY F 660 56.16 2.43 -1.90
C GLY F 660 55.82 3.89 -1.89
N GLN F 661 56.64 4.75 -1.28
CA GLN F 661 56.36 6.18 -1.32
C GLN F 661 56.71 6.77 -2.66
N CYS F 662 57.79 6.28 -3.28
CA CYS F 662 58.15 6.74 -4.61
C CYS F 662 57.06 6.38 -5.62
N VAL F 663 56.42 5.24 -5.44
CA VAL F 663 55.27 4.85 -6.25
C VAL F 663 54.11 5.81 -6.03
N ASP F 664 53.86 6.17 -4.77
CA ASP F 664 52.67 6.93 -4.42
C ASP F 664 52.80 8.41 -4.74
N VAL F 665 54.02 8.92 -4.96
CA VAL F 665 54.15 10.34 -5.31
C VAL F 665 54.41 10.56 -6.79
N CYS F 666 54.57 9.51 -7.58
CA CYS F 666 54.87 9.68 -9.00
C CYS F 666 53.63 10.18 -9.73
N PRO F 667 53.75 11.19 -10.60
CA PRO F 667 52.60 11.67 -11.37
C PRO F 667 52.33 10.93 -12.66
N THR F 668 53.29 10.17 -13.19
CA THR F 668 53.12 9.39 -14.40
C THR F 668 53.29 7.90 -14.07
N GLY F 669 53.37 7.09 -15.11
CA GLY F 669 53.49 5.66 -14.94
C GLY F 669 54.91 5.13 -14.84
N ALA F 670 55.90 5.98 -14.55
CA ALA F 670 57.27 5.51 -14.46
C ALA F 670 57.48 4.62 -13.25
N CYS F 671 56.96 5.01 -12.10
CA CYS F 671 57.04 4.20 -10.89
C CYS F 671 55.66 3.63 -10.60
N MET F 672 55.57 2.31 -10.52
CA MET F 672 54.31 1.63 -10.31
C MET F 672 54.47 0.59 -9.20
N GLU F 673 53.39 0.34 -8.49
CA GLU F 673 53.37 -0.75 -7.52
C GLU F 673 52.88 -2.01 -8.21
N LYS F 674 53.32 -3.15 -7.68
CA LYS F 674 52.99 -4.41 -8.32
C LYS F 674 51.56 -4.82 -8.01
N GLN F 675 51.21 -5.98 -8.52
CA GLN F 675 49.81 -6.41 -8.54
C GLN F 675 49.50 -7.25 -7.31
N VAL F 676 48.44 -6.88 -6.60
CA VAL F 676 47.97 -7.71 -5.48
C VAL F 676 47.01 -8.78 -5.97
N SER F 677 46.18 -8.47 -6.96
CA SER F 677 45.20 -9.39 -7.48
C SER F 677 45.85 -10.42 -8.41
N TYR F 678 45.02 -11.28 -9.00
CA TYR F 678 45.52 -12.34 -9.86
C TYR F 678 46.04 -11.80 -11.18
N LYS F 679 45.38 -10.78 -11.73
CA LYS F 679 45.84 -10.12 -12.95
C LYS F 679 45.36 -8.68 -12.87
N GLN F 680 46.29 -7.74 -12.67
CA GLN F 680 45.87 -6.36 -12.47
C GLN F 680 45.60 -5.68 -13.81
N ILE F 681 44.83 -4.60 -13.73
CA ILE F 681 44.25 -3.96 -14.91
C ILE F 681 44.24 -2.45 -14.71
N PRO F 682 44.22 -1.67 -15.76
CA PRO F 682 43.90 -0.24 -15.62
C PRO F 682 42.41 -0.03 -15.41
N ALA F 683 42.01 0.40 -14.22
CA ALA F 683 40.59 0.52 -13.95
C ALA F 683 40.34 1.64 -12.96
N ASN F 684 39.10 2.11 -12.91
CA ASN F 684 38.66 3.13 -11.97
C ASN F 684 38.09 2.42 -10.75
N MET F 685 38.90 2.33 -9.70
CA MET F 685 38.63 1.43 -8.61
C MET F 685 37.84 2.11 -7.50
N ASP F 686 36.97 1.35 -6.86
CA ASP F 686 36.26 1.87 -5.70
C ASP F 686 37.21 1.96 -4.51
N SER F 687 36.99 2.94 -3.66
CA SER F 687 37.90 3.24 -2.56
C SER F 687 37.16 3.20 -1.24
N MET F 688 37.75 2.55 -0.24
CA MET F 688 37.19 2.48 1.09
C MET F 688 38.25 2.88 2.12
N ALA F 689 37.86 3.69 3.09
CA ALA F 689 38.79 4.23 4.06
C ALA F 689 38.82 3.34 5.30
N SER F 690 39.99 2.79 5.61
CA SER F 690 40.16 1.91 6.76
C SER F 690 41.49 2.26 7.42
N VAL F 691 41.96 1.41 8.33
CA VAL F 691 43.26 1.60 8.95
C VAL F 691 44.08 0.33 8.78
N CYS F 692 45.40 0.48 8.86
CA CYS F 692 46.29 -0.66 8.69
C CYS F 692 46.18 -1.61 9.87
N GLY F 693 46.37 -2.89 9.59
CA GLY F 693 46.18 -3.91 10.60
C GLY F 693 47.43 -4.69 10.94
N TYR F 694 48.58 -4.01 11.07
CA TYR F 694 49.82 -4.75 11.27
C TYR F 694 50.63 -4.31 12.48
N CYS F 695 50.55 -3.05 12.88
CA CYS F 695 51.16 -2.62 14.15
C CYS F 695 50.43 -1.40 14.68
N GLY F 696 50.96 -0.88 15.78
CA GLY F 696 50.25 0.06 16.61
C GLY F 696 50.28 1.51 16.17
N VAL F 697 51.05 1.84 15.14
CA VAL F 697 51.01 3.21 14.64
C VAL F 697 49.66 3.50 14.00
N GLY F 698 49.07 2.51 13.33
CA GLY F 698 47.72 2.62 12.84
C GLY F 698 47.50 3.66 11.76
N CYS F 699 48.29 3.60 10.69
CA CYS F 699 48.15 4.55 9.60
C CYS F 699 46.84 4.31 8.87
N ASN F 700 46.17 5.40 8.50
CA ASN F 700 44.95 5.31 7.71
C ASN F 700 45.28 4.95 6.28
N VAL F 701 44.46 4.07 5.68
CA VAL F 701 44.68 3.59 4.33
C VAL F 701 43.40 3.72 3.54
N ASN F 702 43.55 3.72 2.21
CA ASN F 702 42.44 3.63 1.26
C ASN F 702 42.62 2.33 0.50
N ILE F 703 41.64 1.45 0.58
CA ILE F 703 41.64 0.18 -0.13
C ILE F 703 40.93 0.39 -1.45
N GLU F 704 41.63 0.14 -2.55
CA GLU F 704 41.06 0.26 -3.88
C GLU F 704 40.78 -1.14 -4.43
N TYR F 705 39.53 -1.37 -4.78
CA TYR F 705 39.00 -2.69 -5.08
C TYR F 705 37.98 -2.59 -6.19
N LYS F 706 37.67 -3.72 -6.80
CA LYS F 706 36.70 -3.79 -7.89
C LYS F 706 35.91 -5.09 -7.72
N GLY F 707 34.78 -5.02 -7.07
CA GLY F 707 33.92 -6.19 -6.89
C GLY F 707 34.22 -6.91 -5.57
N ASP F 708 34.80 -8.11 -5.67
CA ASP F 708 35.17 -8.91 -4.50
C ASP F 708 36.67 -9.15 -4.43
N VAL F 709 37.47 -8.33 -5.12
CA VAL F 709 38.91 -8.50 -5.16
C VAL F 709 39.55 -7.16 -4.81
N VAL F 710 40.43 -7.15 -3.83
CA VAL F 710 41.20 -5.96 -3.49
C VAL F 710 42.40 -5.89 -4.42
N PHE F 711 42.61 -4.73 -5.01
CA PHE F 711 43.66 -4.56 -6.01
C PHE F 711 44.84 -3.76 -5.51
N ARG F 712 44.63 -2.68 -4.76
CA ARG F 712 45.78 -1.93 -4.25
C ARG F 712 45.39 -1.19 -2.98
N VAL F 713 46.40 -0.64 -2.31
CA VAL F 713 46.23 0.15 -1.09
C VAL F 713 47.01 1.44 -1.26
N THR F 714 46.40 2.56 -0.91
CA THR F 714 47.04 3.87 -1.00
C THR F 714 47.01 4.56 0.37
N PRO F 715 47.93 5.47 0.64
CA PRO F 715 47.85 6.24 1.88
C PRO F 715 46.69 7.23 1.86
N ASP F 716 46.25 7.60 3.05
CA ASP F 716 45.16 8.56 3.22
C ASP F 716 45.79 9.93 3.46
N ARG F 717 45.88 10.72 2.40
CA ARG F 717 46.57 12.00 2.45
C ARG F 717 45.72 13.12 3.03
N VAL F 718 44.41 12.89 3.20
CA VAL F 718 43.52 13.94 3.69
C VAL F 718 43.41 13.92 5.20
N ASN F 719 43.23 12.75 5.80
CA ASN F 719 43.05 12.63 7.25
C ASN F 719 44.35 12.35 8.00
N ASP F 720 45.39 11.88 7.33
CA ASP F 720 46.67 11.68 7.99
C ASP F 720 47.82 12.33 7.23
N ASP F 721 49.04 12.00 7.64
CA ASP F 721 50.22 12.50 6.92
C ASP F 721 50.33 11.87 5.54
N GLY F 722 49.87 10.64 5.38
CA GLY F 722 49.92 9.99 4.09
C GLY F 722 51.13 9.15 3.84
N TRP F 723 51.71 8.55 4.88
CA TRP F 723 52.83 7.64 4.72
C TRP F 723 52.39 6.22 5.04
N LEU F 724 53.11 5.26 4.48
CA LEU F 724 52.86 3.84 4.70
C LEU F 724 54.19 3.11 4.66
N CYS F 725 54.19 1.90 5.18
CA CYS F 725 55.37 1.04 5.08
C CYS F 725 55.04 -0.13 4.17
N GLN F 726 55.97 -1.08 4.08
CA GLN F 726 55.78 -2.20 3.17
C GLN F 726 54.60 -3.06 3.60
N ARG F 727 54.45 -3.28 4.90
CA ARG F 727 53.37 -4.12 5.40
C ARG F 727 52.02 -3.49 5.11
N GLY F 728 51.88 -2.19 5.31
CA GLY F 728 50.62 -1.54 5.03
C GLY F 728 50.32 -1.49 3.54
N LYS F 729 51.34 -1.23 2.73
CA LYS F 729 51.16 -1.06 1.30
C LYS F 729 50.81 -2.38 0.62
N PHE F 730 51.59 -3.43 0.89
CA PHE F 730 51.50 -4.68 0.15
C PHE F 730 50.96 -5.83 0.98
N GLY F 731 50.25 -5.55 2.07
CA GLY F 731 49.89 -6.59 3.01
C GLY F 731 48.48 -7.11 2.94
N LEU F 732 47.60 -6.51 2.16
CA LEU F 732 46.22 -6.95 2.08
C LEU F 732 46.03 -8.06 1.06
N GLY F 733 47.11 -8.52 0.44
CA GLY F 733 47.04 -9.56 -0.57
C GLY F 733 46.58 -10.92 -0.09
N HIS F 734 46.49 -11.11 1.22
CA HIS F 734 45.90 -12.34 1.74
C HIS F 734 44.39 -12.33 1.62
N ALA F 735 43.78 -11.18 1.37
CA ALA F 735 42.32 -11.17 1.23
C ALA F 735 41.86 -11.85 -0.05
N ASN F 736 42.72 -11.97 -1.04
CA ASN F 736 42.42 -12.64 -2.29
C ASN F 736 42.98 -14.04 -2.37
N ASP F 737 43.53 -14.55 -1.28
CA ASP F 737 44.13 -15.87 -1.30
C ASP F 737 43.07 -16.94 -1.49
N LYS F 738 43.43 -17.97 -2.26
CA LYS F 738 42.51 -19.07 -2.50
C LYS F 738 42.65 -20.19 -1.49
N ALA F 739 43.61 -20.11 -0.58
CA ALA F 739 43.77 -21.11 0.46
C ALA F 739 43.02 -20.76 1.74
N ARG F 740 42.27 -19.66 1.74
CA ARG F 740 41.44 -19.31 2.88
C ARG F 740 40.33 -20.33 3.06
N LEU F 741 39.96 -20.57 4.31
CA LEU F 741 38.87 -21.48 4.61
C LEU F 741 37.52 -20.83 4.34
N THR F 742 36.51 -21.66 4.07
CA THR F 742 35.19 -21.18 3.71
C THR F 742 34.07 -21.69 4.60
N ALA F 743 34.18 -22.89 5.17
CA ALA F 743 33.15 -23.44 6.03
C ALA F 743 33.80 -24.17 7.18
N PRO F 744 33.13 -24.22 8.34
CA PRO F 744 33.72 -24.91 9.50
C PRO F 744 33.82 -26.40 9.27
N VAL F 745 34.85 -27.00 9.89
CA VAL F 745 35.10 -28.42 9.75
C VAL F 745 35.24 -29.03 11.13
N ILE F 746 34.69 -30.23 11.32
CA ILE F 746 34.73 -30.94 12.59
C ILE F 746 35.47 -32.25 12.36
N LYS F 747 36.37 -32.59 13.27
CA LYS F 747 37.18 -33.78 13.10
C LYS F 747 36.42 -35.02 13.54
N ARG F 748 36.32 -36.01 12.66
CA ARG F 748 35.82 -37.34 13.00
C ARG F 748 36.73 -38.37 12.35
N ASN F 749 37.10 -39.40 13.10
CA ASN F 749 38.01 -40.47 12.66
C ASN F 749 39.35 -39.94 12.18
N GLY F 750 39.76 -38.76 12.62
CA GLY F 750 40.99 -38.16 12.17
C GLY F 750 40.90 -37.32 10.92
N GLN F 751 39.72 -37.23 10.31
CA GLN F 751 39.54 -36.43 9.10
C GLN F 751 38.52 -35.34 9.35
N PHE F 752 38.73 -34.19 8.71
CA PHE F 752 37.84 -33.05 8.86
C PHE F 752 36.64 -33.20 7.94
N VAL F 753 35.45 -33.01 8.49
CA VAL F 753 34.19 -33.08 7.75
C VAL F 753 33.56 -31.70 7.76
N LYS F 754 33.17 -31.23 6.57
CA LYS F 754 32.50 -29.95 6.46
C LYS F 754 31.12 -30.01 7.10
N VAL F 755 30.76 -28.99 7.87
CA VAL F 755 29.49 -28.97 8.58
C VAL F 755 28.83 -27.62 8.37
N ASP F 756 27.55 -27.56 8.71
CA ASP F 756 26.81 -26.32 8.66
C ASP F 756 27.22 -25.44 9.83
N TRP F 757 26.75 -24.18 9.80
CA TRP F 757 27.09 -23.26 10.88
C TRP F 757 26.38 -23.63 12.17
N ASN F 758 25.12 -24.07 12.08
CA ASN F 758 24.37 -24.44 13.27
C ASN F 758 24.96 -25.67 13.95
N GLU F 759 25.37 -26.66 13.16
CA GLU F 759 25.99 -27.85 13.73
C GLU F 759 27.31 -27.51 14.40
N ALA F 760 28.09 -26.61 13.80
CA ALA F 760 29.34 -26.16 14.41
C ALA F 760 29.09 -25.47 15.73
N ASN F 761 28.10 -24.57 15.77
CA ASN F 761 27.79 -23.86 17.00
C ASN F 761 27.37 -24.83 18.11
N LEU F 762 26.50 -25.77 17.77
CA LEU F 762 26.07 -26.76 18.75
C LEU F 762 27.24 -27.59 19.24
N GLU F 763 28.12 -28.01 18.34
CA GLU F 763 29.23 -28.87 18.73
C GLU F 763 30.18 -28.16 19.66
N VAL F 764 30.53 -26.91 19.35
CA VAL F 764 31.49 -26.22 20.20
C VAL F 764 30.88 -25.91 21.57
N VAL F 765 29.60 -25.50 21.61
CA VAL F 765 28.98 -25.20 22.89
C VAL F 765 28.87 -26.44 23.75
N LYS F 766 28.44 -27.57 23.17
CA LYS F 766 28.27 -28.78 23.95
C LYS F 766 29.61 -29.35 24.41
N ARG F 767 30.65 -29.27 23.58
CA ARG F 767 31.94 -29.79 24.02
C ARG F 767 32.54 -28.91 25.12
N LEU F 768 32.37 -27.59 25.02
CA LEU F 768 32.84 -26.72 26.09
C LEU F 768 32.09 -26.97 27.39
N GLN F 769 30.78 -27.19 27.30
CA GLN F 769 29.99 -27.51 28.48
C GLN F 769 30.41 -28.84 29.09
N ALA F 770 30.75 -29.82 28.24
CA ALA F 770 31.22 -31.10 28.73
C ALA F 770 32.54 -30.97 29.47
N VAL F 771 33.45 -30.14 28.94
CA VAL F 771 34.73 -29.93 29.62
C VAL F 771 34.52 -29.25 30.96
N VAL F 772 33.63 -28.24 31.00
CA VAL F 772 33.33 -27.55 32.25
C VAL F 772 32.72 -28.51 33.27
N ALA F 773 31.81 -29.37 32.82
CA ALA F 773 31.16 -30.33 33.72
C ALA F 773 32.16 -31.34 34.26
N ALA F 774 33.06 -31.84 33.42
CA ALA F 774 33.97 -32.89 33.85
C ALA F 774 35.07 -32.35 34.74
N TYR F 775 35.53 -31.11 34.51
CA TYR F 775 36.71 -30.62 35.20
C TYR F 775 36.48 -29.32 35.98
N GLY F 776 35.23 -28.87 36.10
CA GLY F 776 34.95 -27.77 37.01
C GLY F 776 35.41 -26.41 36.50
N LYS F 777 35.72 -25.54 37.45
CA LYS F 777 36.03 -24.14 37.17
C LYS F 777 37.49 -23.97 36.76
N ASP F 778 37.73 -22.95 35.93
CA ASP F 778 39.07 -22.54 35.48
C ASP F 778 39.79 -23.65 34.72
N SER F 779 39.06 -24.42 33.94
CA SER F 779 39.65 -25.46 33.12
C SER F 779 39.78 -25.07 31.67
N ILE F 780 39.39 -23.85 31.31
CA ILE F 780 39.36 -23.41 29.91
C ILE F 780 40.17 -22.12 29.80
N GLY F 781 41.09 -22.09 28.85
CA GLY F 781 41.87 -20.90 28.55
C GLY F 781 41.46 -20.33 27.21
N VAL F 782 41.36 -19.01 27.14
CA VAL F 782 40.94 -18.30 25.93
C VAL F 782 42.12 -17.49 25.42
N VAL F 783 42.75 -17.99 24.36
CA VAL F 783 43.91 -17.34 23.75
C VAL F 783 43.42 -16.59 22.52
N VAL F 784 43.63 -15.27 22.50
CA VAL F 784 43.20 -14.47 21.36
C VAL F 784 44.40 -13.76 20.76
N SER F 785 44.17 -13.16 19.59
CA SER F 785 45.16 -12.39 18.87
C SER F 785 44.81 -10.91 18.92
N PRO F 786 45.80 -10.02 19.03
CA PRO F 786 45.48 -8.61 19.16
C PRO F 786 45.11 -7.95 17.86
N ARG F 787 44.86 -8.71 16.81
CA ARG F 787 44.45 -8.14 15.54
C ARG F 787 42.94 -7.92 15.46
N LEU F 788 42.17 -8.48 16.38
CA LEU F 788 40.72 -8.36 16.31
C LEU F 788 40.27 -6.97 16.75
N THR F 789 39.07 -6.61 16.34
CA THR F 789 38.53 -5.31 16.69
C THR F 789 38.14 -5.28 18.16
N ASN F 790 37.68 -4.10 18.61
CA ASN F 790 37.30 -3.97 20.02
C ASN F 790 36.07 -4.80 20.34
N GLU F 791 35.12 -4.85 19.42
CA GLU F 791 33.87 -5.56 19.70
C GLU F 791 34.09 -7.07 19.75
N GLU F 792 34.94 -7.59 18.87
CA GLU F 792 35.24 -9.02 18.91
C GLU F 792 36.01 -9.40 20.16
N LEU F 793 36.92 -8.53 20.62
CA LEU F 793 37.64 -8.80 21.86
C LEU F 793 36.70 -8.75 23.06
N PHE F 794 35.77 -7.79 23.06
CA PHE F 794 34.80 -7.73 24.14
C PHE F 794 33.91 -8.96 24.16
N LEU F 795 33.48 -9.43 23.00
CA LEU F 795 32.65 -10.63 22.95
C LEU F 795 33.44 -11.87 23.34
N ALA F 796 34.73 -11.94 23.01
CA ALA F 796 35.54 -13.06 23.46
C ALA F 796 35.70 -13.03 24.98
N GLY F 797 35.83 -11.84 25.56
CA GLY F 797 35.84 -11.75 27.01
C GLY F 797 34.53 -12.17 27.63
N LYS F 798 33.40 -11.80 27.01
CA LYS F 798 32.09 -12.23 27.49
C LYS F 798 31.95 -13.75 27.41
N LEU F 799 32.45 -14.35 26.34
CA LEU F 799 32.45 -15.80 26.23
C LEU F 799 33.30 -16.45 27.30
N ALA F 800 34.46 -15.85 27.60
CA ALA F 800 35.30 -16.38 28.67
C ALA F 800 34.59 -16.29 30.02
N ASP F 801 33.87 -15.20 30.26
CA ASP F 801 33.12 -15.06 31.49
C ASP F 801 32.00 -16.09 31.57
N ALA F 802 31.34 -16.36 30.45
CA ALA F 802 30.17 -17.24 30.45
C ALA F 802 30.51 -18.71 30.60
N VAL F 803 31.72 -19.13 30.24
CA VAL F 803 32.11 -20.53 30.35
C VAL F 803 32.85 -20.79 31.66
N ASN F 804 32.72 -19.89 32.63
CA ASN F 804 33.27 -20.06 33.98
C ASN F 804 34.78 -20.25 33.95
N THR F 805 35.47 -19.20 33.49
CA THR F 805 36.93 -19.21 33.50
C THR F 805 37.42 -17.77 33.61
N THR F 806 38.66 -17.64 34.10
CA THR F 806 39.32 -16.35 34.21
C THR F 806 40.60 -16.29 33.39
N ILE F 807 40.95 -17.35 32.68
CA ILE F 807 42.22 -17.43 31.95
C ILE F 807 41.95 -16.88 30.56
N LYS F 808 42.20 -15.58 30.39
CA LYS F 808 42.14 -14.93 29.10
C LYS F 808 43.52 -14.36 28.81
N THR F 809 44.06 -14.66 27.63
CA THR F 809 45.46 -14.36 27.38
C THR F 809 45.72 -14.20 25.89
N SER F 810 46.96 -13.84 25.58
CA SER F 810 47.46 -13.70 24.23
C SER F 810 48.94 -13.95 24.25
N TYR F 811 49.46 -14.58 23.20
CA TYR F 811 50.89 -14.80 23.12
C TYR F 811 51.63 -13.53 22.74
N SER F 812 50.99 -12.64 21.98
CA SER F 812 51.62 -11.38 21.60
C SER F 812 51.65 -10.40 22.77
N VAL F 813 50.54 -10.29 23.50
CA VAL F 813 50.46 -9.34 24.61
C VAL F 813 51.32 -9.79 25.77
N ASP F 814 51.35 -11.11 26.05
CA ASP F 814 52.13 -11.82 27.07
C ASP F 814 52.31 -11.07 28.38
N GLY F 815 51.24 -10.48 28.89
CA GLY F 815 51.27 -9.84 30.18
C GLY F 815 51.46 -8.35 30.16
N GLY F 816 51.46 -7.72 28.99
CA GLY F 816 51.61 -6.30 28.92
C GLY F 816 53.06 -5.85 29.00
N SER F 817 53.23 -4.53 29.01
CA SER F 817 54.54 -3.91 28.96
C SER F 817 55.13 -3.64 30.33
N GLY F 818 54.38 -3.86 31.40
CA GLY F 818 54.88 -3.61 32.73
C GLY F 818 54.78 -2.19 33.20
N LEU F 819 54.30 -1.27 32.38
CA LEU F 819 54.07 0.10 32.80
C LEU F 819 52.83 0.24 33.67
N GLY F 820 51.95 -0.76 33.66
CA GLY F 820 50.73 -0.67 34.43
C GLY F 820 50.95 -0.69 35.93
N SER F 821 51.93 -1.46 36.39
CA SER F 821 52.16 -1.59 37.83
C SER F 821 52.75 -0.33 38.43
N VAL F 822 53.29 0.56 37.62
CA VAL F 822 53.95 1.77 38.14
C VAL F 822 53.02 2.96 38.12
N LEU F 823 52.33 3.20 37.00
CA LEU F 823 51.51 4.38 36.83
C LEU F 823 50.02 4.09 36.86
N GLY F 824 49.61 2.83 36.81
CA GLY F 824 48.23 2.45 36.90
C GLY F 824 47.61 2.03 35.59
N TYR F 825 48.00 2.68 34.49
CA TYR F 825 47.50 2.39 33.17
C TYR F 825 48.64 1.89 32.30
N ASP F 826 48.39 0.81 31.57
CA ASP F 826 49.37 0.29 30.62
C ASP F 826 49.13 0.92 29.26
N ALA F 827 49.50 2.20 29.17
CA ALA F 827 49.23 2.95 27.96
C ALA F 827 50.21 4.10 27.85
N SER F 828 50.32 4.65 26.64
CA SER F 828 51.19 5.80 26.41
C SER F 828 50.62 7.03 27.09
N THR F 829 51.51 7.78 27.75
CA THR F 829 51.10 8.97 28.47
C THR F 829 50.94 10.18 27.57
N ASN F 830 51.30 10.08 26.29
CA ASN F 830 51.18 11.19 25.36
C ASN F 830 50.81 10.65 23.99
N SER F 831 50.27 11.53 23.16
CA SER F 831 49.86 11.13 21.82
C SER F 831 50.96 11.40 20.81
N PHE F 832 50.81 10.83 19.61
CA PHE F 832 51.77 11.06 18.54
C PHE F 832 51.77 12.52 18.09
N ALA F 833 50.64 13.21 18.21
CA ALA F 833 50.53 14.60 17.76
C ALA F 833 51.41 15.55 18.56
N GLU F 834 51.96 15.10 19.67
CA GLU F 834 52.86 15.90 20.48
C GLU F 834 54.32 15.63 20.16
N LEU F 835 54.61 14.83 19.14
CA LEU F 835 55.99 14.68 18.70
C LEU F 835 56.49 15.89 17.93
N ASP F 836 55.58 16.76 17.50
CA ASP F 836 55.97 17.91 16.70
C ASP F 836 56.58 19.01 17.55
N ASN F 837 56.11 19.18 18.79
CA ASN F 837 56.48 20.31 19.61
C ASN F 837 57.52 19.99 20.68
N SER F 838 57.87 18.72 20.87
CA SER F 838 58.92 18.39 21.81
C SER F 838 60.27 18.85 21.27
N ASP F 839 61.20 19.08 22.18
CA ASP F 839 62.53 19.54 21.80
C ASP F 839 63.60 18.46 21.94
N PHE F 840 63.21 17.25 22.31
CA PHE F 840 64.15 16.16 22.49
C PHE F 840 63.37 14.87 22.50
N VAL F 841 63.82 13.89 21.71
CA VAL F 841 63.16 12.59 21.64
C VAL F 841 64.22 11.52 21.84
N LEU F 842 64.06 10.70 22.87
CA LEU F 842 64.97 9.60 23.14
C LEU F 842 64.27 8.31 22.73
N THR F 843 64.91 7.55 21.85
CA THR F 843 64.32 6.34 21.29
C THR F 843 64.99 5.12 21.89
N LEU F 844 64.18 4.17 22.36
CA LEU F 844 64.65 2.93 22.92
C LEU F 844 64.17 1.79 22.02
N GLY F 845 65.08 0.94 21.59
CA GLY F 845 64.73 -0.16 20.71
C GLY F 845 64.90 0.18 19.25
N LYS F 846 64.37 -0.70 18.41
CA LYS F 846 64.45 -0.54 16.96
C LYS F 846 63.15 0.08 16.46
N VAL F 847 62.99 1.37 16.76
CA VAL F 847 61.79 2.09 16.34
C VAL F 847 61.77 2.25 14.83
N LYS F 848 62.94 2.48 14.24
CA LYS F 848 63.02 2.71 12.80
C LYS F 848 62.70 1.44 12.02
N GLU F 849 63.23 0.30 12.47
CA GLU F 849 63.08 -0.93 11.70
C GLU F 849 61.70 -1.54 11.86
N ASN F 850 61.05 -1.37 13.01
CA ASN F 850 59.78 -2.04 13.27
C ASN F 850 58.57 -1.19 12.97
N HIS F 851 58.61 0.09 13.33
CA HIS F 851 57.51 1.02 13.06
C HIS F 851 58.06 2.19 12.29
N PRO F 852 58.24 2.05 10.97
CA PRO F 852 59.02 3.04 10.23
C PRO F 852 58.27 4.32 9.90
N VAL F 853 56.94 4.32 9.86
CA VAL F 853 56.22 5.56 9.60
C VAL F 853 56.40 6.53 10.75
N LEU F 854 56.51 6.02 11.97
CA LEU F 854 56.86 6.86 13.10
C LEU F 854 58.25 7.47 12.91
N ASP F 855 59.18 6.70 12.35
CA ASP F 855 60.49 7.26 12.06
C ASP F 855 60.41 8.33 10.99
N PHE F 856 59.55 8.14 9.99
CA PHE F 856 59.36 9.17 8.96
C PHE F 856 58.86 10.46 9.59
N LYS F 857 57.89 10.34 10.49
CA LYS F 857 57.34 11.50 11.16
C LYS F 857 58.37 12.20 12.03
N ILE F 858 59.18 11.41 12.75
CA ILE F 858 60.22 11.98 13.60
C ILE F 858 61.27 12.70 12.76
N ARG F 859 61.65 12.10 11.63
CA ARG F 859 62.64 12.73 10.76
C ARG F 859 62.11 14.01 10.12
N LEU F 860 60.84 14.01 9.72
CA LEU F 860 60.27 15.21 9.11
C LEU F 860 60.01 16.29 10.15
N SER F 861 59.85 15.92 11.41
CA SER F 861 59.64 16.94 12.45
C SER F 861 60.89 17.79 12.65
N GLY F 862 62.07 17.17 12.57
CA GLY F 862 63.30 17.89 12.73
C GLY F 862 63.77 18.05 14.15
N VAL F 863 63.07 17.48 15.13
CA VAL F 863 63.50 17.59 16.52
C VAL F 863 64.73 16.73 16.74
N CYS F 864 65.49 17.06 17.78
CA CYS F 864 66.73 16.37 18.08
C CYS F 864 66.42 15.00 18.65
N SER F 865 66.66 13.96 17.87
CA SER F 865 66.39 12.59 18.27
C SER F 865 67.70 11.88 18.56
N VAL F 866 67.83 11.32 19.76
CA VAL F 866 69.02 10.59 20.18
C VAL F 866 68.61 9.17 20.50
N ALA F 867 69.30 8.21 19.91
CA ALA F 867 69.01 6.80 20.14
C ALA F 867 69.82 6.29 21.33
N TRP F 868 69.19 5.44 22.13
CA TRP F 868 69.88 4.81 23.25
C TRP F 868 70.98 3.89 22.71
N PRO F 869 72.19 3.94 23.26
CA PRO F 869 73.29 3.17 22.67
C PRO F 869 73.07 1.68 22.73
N GLN F 870 73.55 0.97 21.71
CA GLN F 870 73.40 -0.47 21.64
C GLN F 870 74.31 -1.21 22.59
N SER F 871 75.45 -0.63 22.95
CA SER F 871 76.41 -1.28 23.85
C SER F 871 76.04 -1.13 25.32
N LEU F 872 74.77 -0.84 25.62
CA LEU F 872 74.26 -0.66 26.98
C LEU F 872 73.09 -1.59 27.22
N ALA F 873 73.28 -2.87 26.88
CA ALA F 873 72.17 -3.82 26.82
C ALA F 873 71.65 -4.26 28.18
N ASN F 874 72.41 -4.08 29.25
CA ASN F 874 71.98 -4.49 30.57
C ASN F 874 71.47 -3.29 31.36
N THR F 875 70.55 -3.54 32.28
CA THR F 875 69.90 -2.46 33.01
C THR F 875 70.77 -1.87 34.11
N ALA F 876 71.95 -2.42 34.37
CA ALA F 876 72.88 -1.75 35.26
C ALA F 876 73.30 -0.40 34.69
N ASP F 877 73.44 -0.30 33.37
CA ASP F 877 73.70 0.99 32.74
C ASP F 877 72.53 1.94 32.90
N MET F 878 71.30 1.42 32.87
CA MET F 878 70.14 2.25 33.18
C MET F 878 70.13 2.72 34.63
N LYS F 879 70.62 1.87 35.55
CA LYS F 879 70.76 2.30 36.94
C LYS F 879 71.80 3.41 37.06
N VAL F 880 72.89 3.30 36.30
CA VAL F 880 73.88 4.36 36.26
C VAL F 880 73.27 5.65 35.69
N PHE F 881 72.40 5.50 34.69
CA PHE F 881 71.68 6.65 34.15
C PHE F 881 70.79 7.30 35.21
N LEU F 882 70.11 6.49 36.01
CA LEU F 882 69.29 7.01 37.10
C LEU F 882 70.15 7.76 38.11
N LYS F 883 71.30 7.20 38.46
CA LYS F 883 72.18 7.85 39.42
C LYS F 883 72.71 9.17 38.88
N ALA F 884 73.05 9.21 37.59
CA ALA F 884 73.51 10.45 36.97
C ALA F 884 72.41 11.50 36.94
N LEU F 885 71.16 11.08 36.70
CA LEU F 885 70.04 12.02 36.74
C LEU F 885 69.82 12.54 38.16
N LEU F 886 69.99 11.67 39.17
CA LEU F 886 69.84 12.12 40.55
C LEU F 886 70.92 13.12 40.92
N ASN F 887 72.15 12.89 40.46
CA ASN F 887 73.25 13.79 40.80
C ASN F 887 73.12 15.16 40.16
N LEU F 888 72.23 15.32 39.18
CA LEU F 888 72.04 16.60 38.52
C LEU F 888 71.00 17.47 39.21
N GLY F 889 70.65 17.17 40.46
CA GLY F 889 69.77 18.03 41.22
C GLY F 889 68.29 17.90 40.91
N VAL F 890 67.71 16.75 41.18
CA VAL F 890 66.27 16.57 41.07
C VAL F 890 65.61 17.05 42.37
N ASP F 891 64.35 17.44 42.27
CA ASP F 891 63.60 17.84 43.45
C ASP F 891 63.14 16.61 44.20
N GLU F 892 63.75 16.33 45.34
CA GLU F 892 63.42 15.14 46.10
C GLU F 892 62.10 15.27 46.87
N ASN F 893 61.68 16.49 47.19
CA ASN F 893 60.46 16.66 48.00
C ASN F 893 59.23 16.27 47.20
N LYS F 894 59.13 16.73 45.95
CA LYS F 894 57.96 16.42 45.13
C LYS F 894 57.88 14.93 44.84
N VAL F 895 59.00 14.30 44.52
CA VAL F 895 59.00 12.87 44.24
C VAL F 895 58.86 12.06 45.52
N ALA F 896 59.12 12.66 46.69
CA ALA F 896 58.80 11.98 47.93
C ALA F 896 57.31 12.06 48.21
N GLU F 897 56.68 13.17 47.82
CA GLU F 897 55.25 13.33 48.07
C GLU F 897 54.42 12.48 47.11
N LYS F 898 54.81 12.41 45.85
CA LYS F 898 53.97 11.81 44.81
C LYS F 898 54.29 10.34 44.54
N THR F 899 55.35 9.79 45.12
CA THR F 899 55.73 8.41 44.87
C THR F 899 55.91 7.65 46.18
N GLU F 900 55.80 6.33 46.09
CA GLU F 900 56.00 5.43 47.22
C GLU F 900 57.29 4.65 47.01
N GLY F 901 58.20 4.74 47.97
CA GLY F 901 59.43 3.98 47.89
C GLY F 901 60.59 4.71 47.23
N PHE F 902 60.60 6.04 47.25
CA PHE F 902 61.69 6.78 46.64
C PHE F 902 62.98 6.65 47.45
N ALA F 903 62.86 6.65 48.77
CA ALA F 903 64.05 6.60 49.62
C ALA F 903 64.79 5.26 49.49
N GLU F 904 64.03 4.17 49.36
CA GLU F 904 64.66 2.87 49.15
C GLU F 904 65.39 2.82 47.81
N LEU F 905 64.80 3.39 46.76
CA LEU F 905 65.46 3.44 45.47
C LEU F 905 66.73 4.28 45.54
N LYS F 906 66.68 5.41 46.24
CA LYS F 906 67.87 6.25 46.39
C LYS F 906 68.95 5.53 47.18
N ALA F 907 68.56 4.76 48.20
CA ALA F 907 69.53 3.99 48.97
C ALA F 907 70.14 2.87 48.14
N SER F 908 69.36 2.31 47.21
CA SER F 908 69.89 1.24 46.36
C SER F 908 70.93 1.75 45.38
N LEU F 909 70.80 2.99 44.91
CA LEU F 909 71.73 3.57 43.95
C LEU F 909 72.83 4.39 44.63
N ALA F 910 73.16 4.09 45.87
CA ALA F 910 74.11 4.92 46.60
C ALA F 910 75.55 4.68 46.18
N ASP F 911 75.91 3.46 45.79
CA ASP F 911 77.28 3.11 45.46
C ASP F 911 77.51 2.96 43.97
N VAL F 912 76.74 3.65 43.14
CA VAL F 912 76.81 3.51 41.70
C VAL F 912 77.73 4.58 41.13
N LYS F 913 78.73 4.16 40.36
CA LYS F 913 79.62 5.08 39.68
C LYS F 913 79.04 5.47 38.32
N VAL F 914 79.44 6.63 37.82
CA VAL F 914 78.88 7.22 36.62
C VAL F 914 79.95 7.29 35.54
N SER F 915 79.60 6.85 34.33
CA SER F 915 80.48 6.93 33.19
C SER F 915 80.24 8.22 32.40
N GLU F 916 81.10 8.45 31.42
CA GLU F 916 81.06 9.71 30.67
C GLU F 916 79.88 9.77 29.73
N GLU F 917 79.63 8.69 28.98
CA GLU F 917 78.52 8.65 28.03
C GLU F 917 77.19 8.73 28.75
N ILE F 918 77.07 8.03 29.87
CA ILE F 918 75.87 8.12 30.69
C ILE F 918 75.66 9.55 31.18
N GLN F 919 76.75 10.20 31.60
CA GLN F 919 76.66 11.58 32.05
C GLN F 919 76.20 12.51 30.93
N ALA F 920 76.70 12.29 29.72
CA ALA F 920 76.31 13.12 28.59
C ALA F 920 74.82 12.93 28.26
N LEU F 921 74.36 11.68 28.24
CA LEU F 921 72.94 11.43 27.99
C LEU F 921 72.07 12.01 29.09
N ALA F 922 72.51 11.92 30.34
CA ALA F 922 71.74 12.46 31.45
C ALA F 922 71.67 13.98 31.37
N GLN F 923 72.77 14.62 31.01
CA GLN F 923 72.75 16.08 30.85
C GLN F 923 71.83 16.49 29.72
N LYS F 924 71.85 15.75 28.61
CA LYS F 924 70.97 16.05 27.50
C LYS F 924 69.51 15.91 27.90
N TYR F 925 69.18 14.86 28.66
CA TYR F 925 67.79 14.68 29.08
C TYR F 925 67.38 15.70 30.12
N ALA F 926 68.30 16.11 30.99
CA ALA F 926 67.95 17.01 32.08
C ALA F 926 67.77 18.45 31.57
N LYS F 927 68.64 18.88 30.65
CA LYS F 927 68.52 20.25 30.17
C LYS F 927 67.35 20.45 29.22
N ALA F 928 66.79 19.38 28.68
CA ALA F 928 65.67 19.49 27.76
C ALA F 928 64.41 19.89 28.51
N ALA F 929 63.69 20.89 27.97
CA ALA F 929 62.47 21.35 28.62
C ALA F 929 61.34 20.35 28.48
N LYS F 930 61.14 19.81 27.28
CA LYS F 930 60.00 18.93 26.98
C LYS F 930 60.49 17.66 26.28
N PRO F 931 61.10 16.73 27.02
CA PRO F 931 61.62 15.51 26.40
C PRO F 931 60.61 14.39 26.35
N LEU F 932 60.55 13.72 25.21
CA LEU F 932 59.74 12.54 25.02
C LEU F 932 60.62 11.30 24.97
N ILE F 933 60.05 10.17 25.35
CA ILE F 933 60.72 8.88 25.24
C ILE F 933 59.81 7.97 24.42
N VAL F 934 60.35 7.44 23.33
CA VAL F 934 59.62 6.52 22.46
C VAL F 934 60.26 5.15 22.61
N ILE F 935 59.50 4.20 23.14
CA ILE F 935 60.01 2.87 23.45
C ILE F 935 59.32 1.88 22.53
N ASP F 936 60.10 1.08 21.80
CA ASP F 936 59.55 0.04 20.95
C ASP F 936 59.28 -1.20 21.78
N GLU F 937 58.03 -1.63 21.84
CA GLU F 937 57.68 -2.78 22.66
C GLU F 937 58.20 -4.09 22.08
N ASP F 938 58.59 -4.11 20.81
CA ASP F 938 59.03 -5.36 20.20
C ASP F 938 60.42 -5.76 20.65
N THR F 939 61.27 -4.79 21.01
CA THR F 939 62.68 -5.08 21.27
C THR F 939 63.15 -4.60 22.63
N VAL F 940 62.22 -4.28 23.53
CA VAL F 940 62.58 -3.74 24.85
C VAL F 940 61.86 -4.57 25.91
N SER F 941 62.61 -5.03 26.90
CA SER F 941 62.03 -5.79 27.99
C SER F 941 61.21 -4.87 28.90
N ALA F 942 60.35 -5.48 29.72
CA ALA F 942 59.44 -4.71 30.57
C ALA F 942 60.20 -3.95 31.65
N GLU F 943 61.28 -4.53 32.17
CA GLU F 943 62.02 -3.87 33.23
C GLU F 943 62.74 -2.62 32.75
N ALA F 944 63.19 -2.60 31.49
CA ALA F 944 63.73 -1.38 30.92
C ALA F 944 62.66 -0.31 30.82
N VAL F 945 61.43 -0.70 30.47
CA VAL F 945 60.32 0.26 30.43
C VAL F 945 60.05 0.80 31.83
N LYS F 946 60.13 -0.07 32.84
CA LYS F 946 59.95 0.38 34.22
C LYS F 946 61.03 1.38 34.62
N LEU F 947 62.28 1.11 34.25
CA LEU F 947 63.36 2.03 34.61
C LEU F 947 63.23 3.37 33.89
N MET F 948 62.82 3.36 32.62
CA MET F 948 62.51 4.61 31.93
C MET F 948 61.38 5.37 32.60
N ALA F 949 60.34 4.66 33.05
CA ALA F 949 59.27 5.32 33.78
C ALA F 949 59.78 5.94 35.06
N TYR F 950 60.69 5.25 35.75
CA TYR F 950 61.28 5.81 36.96
C TYR F 950 62.06 7.07 36.65
N ALA F 951 62.84 7.06 35.56
CA ALA F 951 63.61 8.24 35.17
C ALA F 951 62.70 9.41 34.84
N ALA F 952 61.58 9.14 34.16
CA ALA F 952 60.64 10.21 33.86
C ALA F 952 59.95 10.73 35.11
N VAL F 953 59.66 9.84 36.05
CA VAL F 953 58.93 10.24 37.25
C VAL F 953 59.79 11.08 38.17
N ILE F 954 61.04 10.67 38.40
CA ILE F 954 61.87 11.38 39.37
C ILE F 954 62.30 12.75 38.85
N THR F 955 62.28 12.94 37.53
CA THR F 955 62.60 14.26 36.98
C THR F 955 61.39 15.16 36.83
N GLY F 956 60.19 14.63 37.06
CA GLY F 956 59.00 15.45 36.93
C GLY F 956 58.61 15.77 35.51
N LYS F 957 59.06 14.98 34.54
CA LYS F 957 58.74 15.21 33.13
C LYS F 957 57.59 14.32 32.65
N ILE F 958 56.64 14.00 33.54
CA ILE F 958 55.53 13.14 33.19
C ILE F 958 54.25 13.77 33.72
N GLY F 959 53.12 13.36 33.14
CA GLY F 959 51.83 13.83 33.61
C GLY F 959 51.40 15.18 33.10
N ALA F 960 52.05 15.71 32.07
CA ALA F 960 51.67 16.99 31.50
C ALA F 960 51.93 16.96 30.01
N ALA F 961 51.57 18.04 29.32
CA ALA F 961 51.64 18.09 27.87
C ALA F 961 53.10 18.14 27.40
N TYR F 962 53.35 17.54 26.25
CA TYR F 962 54.65 17.51 25.56
C TYR F 962 55.74 16.87 26.40
N ARG F 963 55.37 16.06 27.39
CA ARG F 963 56.33 15.44 28.29
C ARG F 963 55.77 14.10 28.73
N GLY F 964 56.55 13.05 28.58
CA GLY F 964 56.07 11.76 29.05
C GLY F 964 56.80 10.62 28.37
N ILE F 965 56.08 9.52 28.21
CA ILE F 965 56.59 8.31 27.57
C ILE F 965 55.57 7.88 26.54
N ILE F 966 56.03 7.68 25.31
CA ILE F 966 55.21 7.15 24.23
C ILE F 966 55.61 5.71 24.00
N LEU F 967 54.64 4.81 24.04
CA LEU F 967 54.88 3.37 23.96
C LEU F 967 54.15 2.84 22.74
N VAL F 968 54.91 2.34 21.76
CA VAL F 968 54.34 1.80 20.53
C VAL F 968 54.22 0.29 20.66
N ARG F 969 53.06 -0.24 20.27
CA ARG F 969 52.74 -1.63 20.51
C ARG F 969 53.12 -2.50 19.32
N THR F 970 53.05 -3.82 19.54
CA THR F 970 53.45 -4.78 18.52
C THR F 970 52.40 -4.90 17.42
N LYS F 971 51.13 -4.93 17.78
CA LYS F 971 50.05 -5.15 16.83
C LYS F 971 49.10 -3.97 16.81
N ASN F 972 48.09 -4.05 15.97
CA ASN F 972 47.20 -2.91 15.75
C ASN F 972 46.35 -2.63 16.96
N ASN F 973 45.72 -3.66 17.51
CA ASN F 973 44.82 -3.53 18.64
C ASN F 973 45.38 -4.24 19.86
N THR F 974 46.69 -4.11 20.09
CA THR F 974 47.25 -4.61 21.34
C THR F 974 46.74 -3.78 22.52
N GLN F 975 46.57 -2.48 22.33
CA GLN F 975 46.01 -1.65 23.38
C GLN F 975 44.58 -2.06 23.69
N GLY F 976 43.81 -2.39 22.68
CA GLY F 976 42.45 -2.85 22.91
C GLY F 976 42.40 -4.17 23.66
N ALA F 977 43.28 -5.09 23.30
CA ALA F 977 43.33 -6.38 23.99
C ALA F 977 43.75 -6.20 25.44
N VAL F 978 44.65 -5.25 25.71
CA VAL F 978 45.02 -4.94 27.08
C VAL F 978 43.83 -4.37 27.84
N ASP F 979 43.08 -3.46 27.20
CA ASP F 979 41.99 -2.79 27.89
C ASP F 979 40.76 -3.67 28.12
N MET F 980 40.66 -4.81 27.45
CA MET F 980 39.59 -5.76 27.71
C MET F 980 39.99 -6.87 28.67
N GLY F 981 41.19 -6.83 29.22
CA GLY F 981 41.60 -7.77 30.24
C GLY F 981 42.42 -8.94 29.79
N PHE F 982 42.86 -8.97 28.52
CA PHE F 982 43.69 -10.07 28.03
C PHE F 982 45.14 -9.80 28.40
N VAL F 983 45.42 -9.87 29.71
CA VAL F 983 46.73 -9.48 30.22
C VAL F 983 47.32 -10.56 31.11
N MET F 984 46.77 -11.77 31.05
CA MET F 984 47.36 -12.87 31.80
C MET F 984 48.62 -13.37 31.09
N PRO F 985 49.70 -13.64 31.82
CA PRO F 985 50.92 -14.13 31.18
C PRO F 985 50.73 -15.52 30.59
N VAL F 986 51.56 -15.84 29.60
CA VAL F 986 51.44 -17.11 28.90
C VAL F 986 52.04 -18.25 29.73
N SER F 987 52.98 -17.94 30.62
CA SER F 987 53.57 -18.98 31.45
C SER F 987 52.54 -19.63 32.35
N ALA F 988 51.53 -18.86 32.78
CA ALA F 988 50.43 -19.44 33.55
C ALA F 988 49.66 -20.46 32.72
N VAL F 989 49.43 -20.16 31.44
CA VAL F 989 48.74 -21.11 30.56
C VAL F 989 49.58 -22.37 30.38
N ALA F 990 50.89 -22.20 30.18
CA ALA F 990 51.76 -23.37 30.01
C ALA F 990 51.78 -24.24 31.25
N GLN F 991 51.88 -23.62 32.44
CA GLN F 991 51.89 -24.38 33.68
C GLN F 991 50.55 -25.08 33.90
N GLY F 992 49.44 -24.40 33.66
CA GLY F 992 48.14 -25.01 33.82
C GLY F 992 47.89 -26.14 32.83
N ILE F 993 48.50 -26.06 31.65
CA ILE F 993 48.45 -27.18 30.72
C ILE F 993 49.22 -28.35 31.28
N GLU F 994 50.43 -28.10 31.79
CA GLU F 994 51.27 -29.19 32.24
C GLU F 994 50.95 -29.68 33.65
N SER F 995 50.15 -28.96 34.40
CA SER F 995 49.73 -29.41 35.73
C SER F 995 48.39 -30.13 35.72
N GLY F 996 47.76 -30.26 34.57
CA GLY F 996 46.49 -30.94 34.48
C GLY F 996 45.28 -30.13 34.90
N LYS F 997 45.47 -28.86 35.26
CA LYS F 997 44.35 -28.04 35.68
C LYS F 997 43.54 -27.51 34.51
N ILE F 998 44.18 -27.25 33.37
CA ILE F 998 43.52 -26.74 32.19
C ILE F 998 43.36 -27.89 31.20
N LYS F 999 42.13 -28.12 30.75
CA LYS F 999 41.83 -29.24 29.87
C LYS F 999 41.40 -28.83 28.46
N ALA F 1000 40.94 -27.60 28.27
CA ALA F 1000 40.49 -27.14 26.96
C ALA F 1000 41.06 -25.78 26.66
N LEU F 1001 41.24 -25.50 25.38
CA LEU F 1001 41.78 -24.22 24.93
C LEU F 1001 40.98 -23.72 23.75
N VAL F 1002 40.84 -22.41 23.66
CA VAL F 1002 40.16 -21.75 22.55
C VAL F 1002 41.12 -20.74 21.95
N VAL F 1003 41.54 -20.96 20.71
CA VAL F 1003 42.52 -20.13 20.04
C VAL F 1003 41.82 -19.34 18.95
N ILE F 1004 41.98 -18.03 18.96
CA ILE F 1004 41.30 -17.14 18.03
C ILE F 1004 42.35 -16.35 17.28
N GLY F 1005 42.71 -16.80 16.09
CA GLY F 1005 43.59 -16.04 15.23
C GLY F 1005 45.07 -16.20 15.49
N GLU F 1006 45.47 -17.06 16.42
CA GLU F 1006 46.86 -17.25 16.73
C GLU F 1006 47.36 -18.60 16.20
N ASP F 1007 48.67 -18.70 16.07
CA ASP F 1007 49.33 -19.94 15.67
C ASP F 1007 50.49 -20.23 16.62
N PRO F 1008 50.21 -20.83 17.77
CA PRO F 1008 51.32 -21.17 18.68
C PRO F 1008 52.00 -22.47 18.31
N ALA F 1009 51.39 -23.30 17.48
CA ALA F 1009 51.88 -24.65 17.24
C ALA F 1009 53.02 -24.71 16.23
N ALA F 1010 53.47 -23.59 15.69
CA ALA F 1010 54.61 -23.62 14.78
C ALA F 1010 55.92 -23.91 15.49
N TYR F 1011 55.95 -23.81 16.80
CA TYR F 1011 57.14 -24.05 17.58
C TYR F 1011 57.02 -25.34 18.37
N PRO F 1012 58.08 -26.16 18.42
CA PRO F 1012 57.93 -27.55 18.91
C PRO F 1012 57.46 -27.67 20.35
N GLN F 1013 57.91 -26.79 21.25
CA GLN F 1013 57.52 -26.91 22.64
C GLN F 1013 56.04 -26.58 22.84
N GLU F 1014 55.56 -25.52 22.19
CA GLU F 1014 54.15 -25.18 22.31
C GLU F 1014 53.27 -26.23 21.64
N SER F 1015 53.75 -26.84 20.55
CA SER F 1015 53.01 -27.93 19.93
C SER F 1015 52.92 -29.14 20.86
N ALA F 1016 54.02 -29.46 21.54
CA ALA F 1016 54.00 -30.56 22.51
C ALA F 1016 53.06 -30.25 23.65
N LEU F 1017 53.00 -29.00 24.09
CA LEU F 1017 52.05 -28.61 25.14
C LEU F 1017 50.62 -28.75 24.66
N LEU F 1018 50.33 -28.32 23.42
CA LEU F 1018 48.98 -28.42 22.90
C LEU F 1018 48.55 -29.86 22.69
N GLN F 1019 49.51 -30.76 22.46
CA GLN F 1019 49.17 -32.16 22.25
C GLN F 1019 48.62 -32.84 23.50
N LYS F 1020 48.78 -32.23 24.68
CA LYS F 1020 48.29 -32.80 25.92
C LYS F 1020 46.93 -32.24 26.33
N LEU F 1021 46.13 -31.78 25.37
CA LEU F 1021 44.85 -31.19 25.67
C LEU F 1021 43.74 -32.25 25.56
N SER F 1022 42.51 -31.80 25.76
CA SER F 1022 41.33 -32.65 25.58
C SER F 1022 40.34 -32.11 24.57
N PHE F 1023 40.36 -30.81 24.28
CA PHE F 1023 39.49 -30.22 23.29
C PHE F 1023 40.05 -28.87 22.92
N LEU F 1024 40.31 -28.66 21.63
CA LEU F 1024 40.91 -27.43 21.15
C LEU F 1024 40.14 -26.89 19.97
N VAL F 1025 39.78 -25.60 20.00
CA VAL F 1025 39.09 -24.94 18.92
C VAL F 1025 40.00 -23.87 18.35
N VAL F 1026 40.08 -23.78 17.03
CA VAL F 1026 40.91 -22.80 16.37
C VAL F 1026 40.04 -21.96 15.45
N TYR F 1027 40.04 -20.66 15.68
CA TYR F 1027 39.45 -19.71 14.73
C TYR F 1027 40.60 -19.11 13.93
N ASP F 1028 40.65 -19.40 12.64
CA ASP F 1028 41.72 -18.86 11.82
C ASP F 1028 41.25 -18.77 10.38
N MET F 1029 41.94 -17.94 9.61
CA MET F 1029 41.64 -17.81 8.20
C MET F 1029 42.20 -18.97 7.39
N PHE F 1030 43.38 -19.44 7.74
CA PHE F 1030 44.07 -20.48 7.00
C PHE F 1030 44.14 -21.77 7.81
N MET F 1031 44.30 -22.88 7.11
CA MET F 1031 44.53 -24.17 7.75
C MET F 1031 46.01 -24.21 8.14
N THR F 1032 46.31 -23.57 9.25
CA THR F 1032 47.68 -23.38 9.68
C THR F 1032 48.17 -24.62 10.42
N LYS F 1033 49.30 -24.50 11.11
CA LYS F 1033 49.84 -25.64 11.85
C LYS F 1033 48.99 -25.96 13.07
N THR F 1034 48.45 -24.93 13.71
CA THR F 1034 47.60 -25.16 14.88
C THR F 1034 46.26 -25.78 14.48
N ALA F 1035 45.66 -25.31 13.39
CA ALA F 1035 44.33 -25.79 13.02
C ALA F 1035 44.37 -27.23 12.53
N THR F 1036 45.52 -27.72 12.10
CA THR F 1036 45.63 -29.12 11.70
C THR F 1036 45.48 -30.04 12.90
N ALA F 1037 46.05 -29.66 14.04
CA ALA F 1037 46.02 -30.50 15.23
C ALA F 1037 44.80 -30.26 16.11
N ALA F 1038 43.88 -29.39 15.69
CA ALA F 1038 42.70 -29.10 16.49
C ALA F 1038 41.62 -30.15 16.28
N ASP F 1039 40.57 -30.05 17.08
CA ASP F 1039 39.39 -30.89 16.95
C ASP F 1039 38.26 -30.20 16.21
N MET F 1040 38.40 -28.91 15.92
CA MET F 1040 37.38 -28.13 15.24
C MET F 1040 37.94 -26.81 14.77
N VAL F 1041 37.73 -26.46 13.50
CA VAL F 1041 38.25 -25.23 12.94
C VAL F 1041 37.10 -24.41 12.39
N VAL F 1042 37.08 -23.11 12.72
CA VAL F 1042 36.04 -22.19 12.27
C VAL F 1042 36.73 -21.09 11.47
N PRO F 1043 36.29 -20.78 10.25
CA PRO F 1043 36.98 -19.78 9.44
C PRO F 1043 36.74 -18.36 9.94
N LEU F 1044 37.66 -17.47 9.59
CA LEU F 1044 37.57 -16.06 9.90
C LEU F 1044 37.69 -15.25 8.62
N VAL F 1045 37.31 -13.98 8.70
CA VAL F 1045 37.43 -13.07 7.59
C VAL F 1045 38.59 -12.12 7.85
N SER F 1046 39.05 -11.47 6.78
CA SER F 1046 40.22 -10.61 6.86
C SER F 1046 39.82 -9.21 7.30
N SER F 1047 40.81 -8.34 7.43
CA SER F 1047 40.57 -6.98 7.88
C SER F 1047 39.87 -6.12 6.85
N ALA F 1048 39.74 -6.60 5.61
CA ALA F 1048 39.02 -5.87 4.57
C ALA F 1048 37.53 -6.13 4.59
N GLU F 1049 37.05 -7.05 5.43
CA GLU F 1049 35.66 -7.45 5.44
C GLU F 1049 35.01 -7.26 6.81
N VAL F 1050 35.62 -6.50 7.70
CA VAL F 1050 35.14 -6.35 9.08
C VAL F 1050 34.82 -4.88 9.34
N ASN F 1051 33.78 -4.67 10.13
CA ASN F 1051 33.43 -3.36 10.66
C ASN F 1051 33.74 -3.33 12.15
N GLY F 1052 34.32 -2.23 12.61
CA GLY F 1052 34.66 -2.17 14.03
C GLY F 1052 35.53 -0.98 14.34
N THR F 1053 36.35 -1.13 15.38
CA THR F 1053 37.27 -0.10 15.78
C THR F 1053 38.59 -0.73 16.22
N TYR F 1054 39.67 0.03 16.05
CA TYR F 1054 40.99 -0.34 16.52
C TYR F 1054 41.50 0.75 17.46
N THR F 1055 42.13 0.36 18.56
CA THR F 1055 42.71 1.31 19.49
C THR F 1055 44.20 1.46 19.20
N ARG F 1056 44.62 2.69 18.89
CA ARG F 1056 45.99 2.97 18.50
C ARG F 1056 46.92 2.83 19.70
N SER F 1057 48.21 3.02 19.45
CA SER F 1057 49.18 2.99 20.55
C SER F 1057 48.97 4.15 21.50
N ASP F 1058 48.60 5.31 20.97
CA ASP F 1058 48.38 6.50 21.79
C ASP F 1058 46.93 6.65 22.20
N ARG F 1059 46.22 5.54 22.37
CA ARG F 1059 44.86 5.51 22.92
C ARG F 1059 43.86 6.24 22.03
N ARG F 1060 44.03 6.15 20.71
CA ARG F 1060 43.08 6.73 19.77
C ARG F 1060 42.26 5.63 19.14
N ILE F 1061 40.94 5.81 19.09
CA ILE F 1061 40.02 4.81 18.60
C ILE F 1061 39.64 5.17 17.17
N GLN F 1062 40.00 4.33 16.22
CA GLN F 1062 39.79 4.60 14.81
C GLN F 1062 38.84 3.57 14.20
N ALA F 1063 37.93 4.04 13.38
CA ALA F 1063 36.93 3.16 12.78
C ALA F 1063 37.56 2.35 11.65
N VAL F 1064 37.19 1.07 11.59
CA VAL F 1064 37.60 0.15 10.54
C VAL F 1064 36.36 -0.21 9.75
N ARG F 1065 36.40 0.05 8.45
CA ARG F 1065 35.25 -0.10 7.59
C ARG F 1065 35.48 -1.26 6.62
N ALA F 1066 34.41 -1.99 6.33
CA ALA F 1066 34.50 -3.17 5.49
C ALA F 1066 34.38 -2.77 4.03
N ALA F 1067 35.35 -3.21 3.23
CA ALA F 1067 35.36 -2.89 1.81
C ALA F 1067 34.54 -3.89 1.01
N ILE F 1068 34.74 -5.18 1.23
CA ILE F 1068 34.05 -6.21 0.48
C ILE F 1068 33.27 -7.10 1.44
N GLN F 1069 32.25 -7.76 0.92
CA GLN F 1069 31.40 -8.62 1.74
C GLN F 1069 32.18 -9.86 2.18
N PRO F 1070 31.81 -10.43 3.34
CA PRO F 1070 32.56 -11.58 3.85
C PRO F 1070 32.45 -12.79 2.94
N LYS F 1071 33.61 -13.28 2.49
CA LYS F 1071 33.65 -14.36 1.52
C LYS F 1071 33.28 -15.71 2.12
N THR F 1072 33.21 -15.82 3.45
CA THR F 1072 32.78 -17.05 4.10
C THR F 1072 31.31 -17.03 4.50
N GLY F 1073 30.65 -15.88 4.47
CA GLY F 1073 29.24 -15.78 4.76
C GLY F 1073 28.91 -15.01 6.01
N LYS F 1074 29.65 -15.23 7.09
CA LYS F 1074 29.40 -14.58 8.37
C LYS F 1074 30.67 -13.94 8.90
N ALA F 1075 30.53 -12.75 9.45
CA ALA F 1075 31.65 -12.05 10.06
C ALA F 1075 31.98 -12.66 11.42
N THR F 1076 33.14 -12.27 11.96
CA THR F 1076 33.55 -12.79 13.27
C THR F 1076 32.62 -12.31 14.36
N LEU F 1077 32.16 -11.06 14.27
CA LEU F 1077 31.21 -10.55 15.24
C LEU F 1077 29.91 -11.34 15.21
N GLN F 1078 29.48 -11.74 14.02
CA GLN F 1078 28.26 -12.55 13.93
C GLN F 1078 28.46 -13.90 14.57
N ILE F 1079 29.61 -14.54 14.35
CA ILE F 1079 29.88 -15.85 14.94
C ILE F 1079 29.85 -15.77 16.46
N LEU F 1080 30.52 -14.76 17.01
CA LEU F 1080 30.54 -14.61 18.46
C LEU F 1080 29.16 -14.26 19.00
N ILE F 1081 28.38 -13.49 18.26
CA ILE F 1081 27.04 -13.13 18.70
C ILE F 1081 26.14 -14.35 18.75
N GLU F 1082 26.20 -15.23 17.74
CA GLU F 1082 25.37 -16.43 17.79
C GLU F 1082 25.84 -17.39 18.88
N THR F 1083 27.15 -17.49 19.12
CA THR F 1083 27.62 -18.35 20.20
C THR F 1083 27.13 -17.85 21.56
N LEU F 1084 27.20 -16.54 21.78
CA LEU F 1084 26.71 -15.98 23.04
C LEU F 1084 25.20 -16.07 23.13
N LYS F 1085 24.50 -16.03 21.99
CA LYS F 1085 23.07 -16.28 21.98
C LYS F 1085 22.75 -17.69 22.43
N SER F 1086 23.55 -18.67 21.99
CA SER F 1086 23.38 -20.03 22.48
C SER F 1086 23.65 -20.12 23.97
N LEU F 1087 24.68 -19.42 24.45
CA LEU F 1087 25.01 -19.45 25.86
C LEU F 1087 24.08 -18.62 26.73
N GLY F 1088 23.21 -17.81 26.14
CA GLY F 1088 22.20 -17.09 26.89
C GLY F 1088 22.35 -15.59 26.99
N ILE F 1089 23.27 -14.98 26.25
CA ILE F 1089 23.48 -13.53 26.25
C ILE F 1089 23.01 -12.98 24.91
N LYS F 1090 22.14 -11.99 24.96
CA LYS F 1090 21.40 -11.53 23.79
C LYS F 1090 21.99 -10.23 23.27
N TYR F 1091 22.53 -10.27 22.05
CA TYR F 1091 22.95 -9.08 21.33
C TYR F 1091 22.41 -9.15 19.92
N ASP F 1092 22.08 -7.99 19.36
CA ASP F 1092 21.48 -7.93 18.04
C ASP F 1092 22.44 -7.43 16.97
N THR F 1093 23.05 -6.27 17.18
CA THR F 1093 23.91 -5.66 16.17
C THR F 1093 25.10 -5.03 16.89
N ILE F 1094 25.92 -4.30 16.13
CA ILE F 1094 27.13 -3.73 16.70
C ILE F 1094 26.84 -2.55 17.61
N ALA F 1095 25.65 -1.94 17.49
CA ALA F 1095 25.30 -0.84 18.39
C ALA F 1095 25.09 -1.34 19.81
N ASP F 1096 24.46 -2.50 19.97
CA ASP F 1096 24.29 -3.09 21.29
C ASP F 1096 25.63 -3.47 21.90
N VAL F 1097 26.52 -4.02 21.10
CA VAL F 1097 27.85 -4.36 21.60
C VAL F 1097 28.60 -3.10 22.03
N ARG F 1098 28.47 -2.03 21.26
CA ARG F 1098 29.17 -0.79 21.63
C ARG F 1098 28.57 -0.18 22.89
N ALA F 1099 27.25 -0.28 23.07
CA ALA F 1099 26.65 0.20 24.31
C ALA F 1099 27.10 -0.62 25.50
N ALA F 1100 27.22 -1.94 25.34
CA ALA F 1100 27.73 -2.79 26.41
C ALA F 1100 29.17 -2.46 26.74
N ILE F 1101 29.99 -2.18 25.72
CA ILE F 1101 31.38 -1.79 25.96
C ILE F 1101 31.42 -0.48 26.74
N ALA F 1102 30.58 0.47 26.36
CA ALA F 1102 30.56 1.75 27.07
C ALA F 1102 30.10 1.60 28.51
N SER F 1103 29.16 0.70 28.77
CA SER F 1103 28.58 0.54 30.09
C SER F 1103 29.33 -0.45 30.98
N GLU F 1104 30.30 -1.20 30.43
CA GLU F 1104 31.03 -2.17 31.24
C GLU F 1104 32.53 -1.90 31.30
N VAL F 1105 33.15 -1.52 30.19
CA VAL F 1105 34.57 -1.17 30.21
C VAL F 1105 34.72 0.22 30.79
N SER F 1106 35.69 0.39 31.68
CA SER F 1106 35.74 1.56 32.54
C SER F 1106 36.04 2.84 31.73
N ASN F 1107 37.08 2.81 30.90
CA ASN F 1107 37.56 4.03 30.25
C ASN F 1107 36.94 4.28 28.89
N TYR F 1108 36.16 3.35 28.37
CA TYR F 1108 35.54 3.54 27.06
C TYR F 1108 34.15 4.17 27.18
N ALA F 1109 33.87 4.82 28.31
CA ALA F 1109 32.59 5.49 28.51
C ALA F 1109 32.43 6.65 27.55
N GLY F 1110 31.43 6.59 26.68
CA GLY F 1110 31.27 7.55 25.62
C GLY F 1110 31.44 6.96 24.23
N MET F 1111 31.74 5.67 24.12
CA MET F 1111 31.89 5.03 22.82
C MET F 1111 30.56 4.92 22.08
N ASP F 1112 29.44 5.04 22.77
CA ASP F 1112 28.14 4.84 22.13
C ASP F 1112 27.85 5.93 21.10
N ALA F 1113 28.16 7.18 21.44
CA ALA F 1113 27.95 8.28 20.51
C ALA F 1113 29.28 8.97 20.20
N ALA F 1114 30.31 8.17 19.95
CA ALA F 1114 31.66 8.71 19.86
C ALA F 1114 31.94 9.37 18.51
N ASP F 1115 31.30 8.90 17.43
CA ASP F 1115 31.52 9.41 16.07
C ASP F 1115 32.99 9.23 15.66
N PHE F 1116 33.36 7.97 15.46
CA PHE F 1116 34.73 7.56 15.19
C PHE F 1116 35.30 8.07 13.86
N GLY F 1117 34.52 8.86 13.12
CA GLY F 1117 35.07 9.56 11.97
C GLY F 1117 35.97 10.73 12.33
N THR F 1118 36.00 11.13 13.59
CA THR F 1118 36.85 12.20 14.09
C THR F 1118 37.82 11.64 15.13
N THR F 1119 38.54 12.53 15.80
CA THR F 1119 39.55 12.12 16.77
C THR F 1119 38.87 11.78 18.09
N VAL F 1120 38.99 10.52 18.52
CA VAL F 1120 38.45 10.05 19.78
C VAL F 1120 39.57 9.39 20.57
N TYR F 1121 39.79 9.83 21.79
CA TYR F 1121 40.76 9.24 22.70
C TYR F 1121 40.02 8.72 23.92
N TRP F 1122 40.46 7.56 24.45
CA TRP F 1122 39.57 7.01 25.47
C TRP F 1122 39.59 7.68 26.84
N PRO F 1123 40.71 8.21 27.39
CA PRO F 1123 40.55 8.86 28.70
C PRO F 1123 39.93 10.24 28.56
N ASN F 1124 38.61 10.32 28.79
CA ASN F 1124 37.83 11.56 28.72
C ASN F 1124 38.12 12.43 27.50
N ASN F 1125 38.46 11.81 26.37
CA ASN F 1125 38.85 12.51 25.13
C ASN F 1125 40.01 13.47 25.37
N LYS F 1126 41.00 13.02 26.12
CA LYS F 1126 42.17 13.82 26.45
C LYS F 1126 43.42 13.21 25.84
N ASN F 1127 44.28 14.06 25.30
CA ASN F 1127 45.53 13.58 24.72
C ASN F 1127 46.57 13.22 25.77
N VAL F 1128 46.49 13.78 26.97
CA VAL F 1128 47.52 13.65 27.98
C VAL F 1128 46.95 12.90 29.18
N LEU F 1129 47.71 11.93 29.66
CA LEU F 1129 47.32 11.16 30.83
C LEU F 1129 47.94 11.74 32.10
N TYR F 1130 47.30 11.42 33.23
CA TYR F 1130 47.78 11.78 34.57
C TYR F 1130 47.94 13.29 34.74
N THR F 1131 46.98 14.05 34.22
CA THR F 1131 47.02 15.49 34.43
C THR F 1131 46.64 15.87 35.85
N ASP F 1132 45.87 15.02 36.55
CA ASP F 1132 45.42 15.30 37.91
C ASP F 1132 45.87 14.23 38.90
N GLY F 1133 46.96 13.52 38.60
CA GLY F 1133 47.43 12.47 39.49
C GLY F 1133 47.37 11.09 38.86
N PHE F 1134 48.21 10.18 39.33
CA PHE F 1134 48.27 8.86 38.73
C PHE F 1134 47.05 8.03 39.13
N ALA F 1135 46.87 6.90 38.43
CA ALA F 1135 45.70 6.06 38.59
C ALA F 1135 45.96 4.82 39.43
N THR F 1136 46.93 4.88 40.34
CA THR F 1136 47.19 3.75 41.21
C THR F 1136 46.20 3.72 42.36
N GLU F 1137 46.41 2.80 43.30
CA GLU F 1137 45.50 2.64 44.42
C GLU F 1137 45.51 3.87 45.32
N GLY F 1138 46.69 4.36 45.65
CA GLY F 1138 46.84 5.53 46.50
C GLY F 1138 47.11 6.82 45.76
N GLN F 1139 46.90 6.86 44.44
CA GLN F 1139 47.21 8.01 43.60
C GLN F 1139 48.68 8.42 43.71
N LYS F 1140 49.56 7.44 43.87
CA LYS F 1140 50.99 7.67 43.92
C LYS F 1140 51.71 6.66 43.05
N ALA F 1141 52.82 7.08 42.47
CA ALA F 1141 53.64 6.18 41.67
C ALA F 1141 54.31 5.15 42.56
N ILE F 1142 54.29 3.90 42.13
CA ILE F 1142 54.86 2.79 42.88
C ILE F 1142 56.24 2.49 42.31
N LEU F 1143 57.28 2.78 43.08
CA LEU F 1143 58.65 2.51 42.67
C LEU F 1143 59.15 1.28 43.39
N ALA F 1144 59.61 0.29 42.63
CA ALA F 1144 60.13 -0.95 43.19
C ALA F 1144 61.47 -1.27 42.56
N ALA F 1145 62.34 -1.91 43.34
CA ALA F 1145 63.67 -2.23 42.86
C ALA F 1145 63.62 -3.36 41.83
N VAL F 1146 64.42 -3.24 40.78
CA VAL F 1146 64.55 -4.26 39.76
C VAL F 1146 65.98 -4.80 39.79
N GLY F 1147 66.13 -6.09 39.49
CA GLY F 1147 67.39 -6.77 39.63
C GLY F 1147 68.25 -6.66 38.38
N ASP F 1148 69.32 -7.45 38.38
CA ASP F 1148 70.19 -7.54 37.22
C ASP F 1148 69.43 -8.14 36.06
N VAL F 1149 69.73 -7.66 34.86
CA VAL F 1149 68.98 -8.05 33.67
C VAL F 1149 69.98 -8.44 32.57
N PRO F 1150 69.80 -9.58 31.92
CA PRO F 1150 70.70 -9.98 30.85
C PRO F 1150 70.32 -9.30 29.54
N VAL F 1151 71.00 -9.71 28.48
CA VAL F 1151 70.72 -9.18 27.14
C VAL F 1151 69.32 -9.56 26.72
N PHE F 1152 68.70 -8.68 25.92
CA PHE F 1152 67.32 -8.89 25.50
C PHE F 1152 67.19 -10.10 24.58
N VAL F 1153 66.09 -10.83 24.73
CA VAL F 1153 65.79 -12.01 23.94
C VAL F 1153 64.69 -11.64 22.95
N GLU F 1154 64.97 -11.78 21.65
CA GLU F 1154 64.05 -11.32 20.62
C GLU F 1154 62.73 -12.08 20.67
N LYS F 1155 61.63 -11.33 20.55
CA LYS F 1155 60.31 -11.91 20.63
C LYS F 1155 59.95 -12.62 19.33
N LYS F 1156 58.99 -13.53 19.44
CA LYS F 1156 58.51 -14.31 18.30
C LYS F 1156 57.20 -13.73 17.77
N LYS F 1157 56.81 -14.18 16.58
CA LYS F 1157 55.57 -13.76 15.95
C LYS F 1157 54.56 -14.89 16.06
N TYR F 1158 53.35 -14.57 16.51
CA TYR F 1158 52.32 -15.57 16.73
C TYR F 1158 51.04 -15.36 15.93
N ASP F 1159 50.78 -14.15 15.44
CA ASP F 1159 49.62 -13.91 14.62
C ASP F 1159 49.81 -14.56 13.24
N SER F 1160 48.78 -15.27 12.78
CA SER F 1160 48.91 -16.07 11.58
C SER F 1160 49.10 -15.20 10.34
N VAL F 1161 48.50 -14.01 10.32
CA VAL F 1161 48.65 -13.12 9.18
C VAL F 1161 50.08 -12.61 9.06
N GLU F 1162 50.71 -12.30 10.21
CA GLU F 1162 52.09 -11.81 10.17
C GLU F 1162 53.04 -12.87 9.66
N MET F 1163 52.94 -14.10 10.16
CA MET F 1163 53.82 -15.15 9.66
C MET F 1163 53.49 -15.52 8.22
N ASN F 1164 52.23 -15.39 7.82
CA ASN F 1164 51.88 -15.62 6.42
C ASN F 1164 52.55 -14.58 5.52
N PHE F 1165 52.53 -13.31 5.94
CA PHE F 1165 53.20 -12.28 5.15
C PHE F 1165 54.70 -12.52 5.09
N VAL F 1166 55.31 -12.93 6.20
CA VAL F 1166 56.74 -13.18 6.22
C VAL F 1166 57.11 -14.33 5.29
N ASN F 1167 56.31 -15.41 5.31
CA ASN F 1167 56.61 -16.55 4.46
C ASN F 1167 56.33 -16.25 2.99
N GLY F 1168 55.28 -15.47 2.72
CA GLY F 1168 54.98 -15.10 1.35
C GLY F 1168 55.92 -14.07 0.76
N ARG F 1169 56.67 -13.36 1.61
CA ARG F 1169 57.76 -12.52 1.11
C ARG F 1169 58.80 -13.36 0.37
N GLN F 1170 59.10 -14.55 0.89
CA GLN F 1170 60.13 -15.41 0.31
C GLN F 1170 59.70 -16.07 -0.99
N SER F 1171 58.42 -15.99 -1.36
CA SER F 1171 57.94 -16.66 -2.56
C SER F 1171 58.41 -16.00 -3.84
N LEU F 1172 58.78 -14.72 -3.78
CA LEU F 1172 59.21 -14.00 -4.97
C LEU F 1172 60.69 -13.63 -4.90
N ILE G 18 -94.42 6.90 -3.79
CA ILE G 18 -94.10 5.64 -4.42
C ILE G 18 -94.62 4.51 -3.52
N ASP G 19 -94.90 3.36 -4.12
CA ASP G 19 -95.67 2.27 -3.51
C ASP G 19 -94.79 1.12 -3.04
N LEU G 20 -93.65 1.40 -2.39
CA LEU G 20 -92.74 0.35 -1.93
C LEU G 20 -93.43 -0.67 -1.04
N THR G 21 -94.47 -0.26 -0.32
CA THR G 21 -95.28 -1.20 0.45
C THR G 21 -95.91 -2.26 -0.46
N LEU G 22 -96.30 -1.86 -1.67
CA LEU G 22 -96.76 -2.84 -2.65
C LEU G 22 -95.63 -3.67 -3.20
N LEU G 23 -94.39 -3.17 -3.17
CA LEU G 23 -93.25 -3.96 -3.59
C LEU G 23 -92.87 -4.99 -2.54
N GLU G 24 -93.28 -4.77 -1.29
CA GLU G 24 -92.91 -5.66 -0.19
C GLU G 24 -93.34 -7.12 -0.37
N PRO G 25 -94.59 -7.46 -0.74
CA PRO G 25 -94.92 -8.89 -0.90
C PRO G 25 -94.17 -9.57 -2.04
N VAL G 26 -93.73 -8.83 -3.05
CA VAL G 26 -93.04 -9.44 -4.18
C VAL G 26 -91.72 -10.06 -3.73
N PHE G 27 -90.91 -9.31 -2.99
CA PHE G 27 -89.68 -9.90 -2.49
C PHE G 27 -89.90 -10.69 -1.21
N LYS G 28 -91.06 -10.54 -0.55
CA LYS G 28 -91.41 -11.49 0.50
C LYS G 28 -91.57 -12.90 -0.08
N GLU G 29 -92.25 -13.01 -1.22
CA GLU G 29 -92.44 -14.31 -1.84
C GLU G 29 -91.18 -14.77 -2.57
N TYR G 30 -90.42 -13.83 -3.15
CA TYR G 30 -89.30 -14.20 -3.99
C TYR G 30 -88.06 -14.61 -3.20
N ALA G 31 -88.06 -14.43 -1.88
CA ALA G 31 -86.89 -14.79 -1.09
C ALA G 31 -86.72 -16.31 -1.05
N GLY G 32 -85.48 -16.76 -1.21
CA GLY G 32 -85.15 -18.17 -1.11
C GLY G 32 -84.85 -18.86 -2.42
N LYS G 33 -85.13 -18.23 -3.55
CA LYS G 33 -84.88 -18.83 -4.86
C LYS G 33 -83.62 -18.23 -5.46
N ALA G 34 -82.70 -19.10 -5.89
CA ALA G 34 -81.47 -18.66 -6.52
C ALA G 34 -81.73 -18.26 -7.97
N GLY G 35 -81.01 -17.24 -8.43
CA GLY G 35 -81.23 -16.72 -9.76
C GLY G 35 -82.58 -16.05 -9.94
N SER G 36 -83.08 -15.37 -8.91
CA SER G 36 -84.40 -14.77 -8.93
C SER G 36 -84.36 -13.27 -9.21
N ILE G 37 -83.20 -12.72 -9.57
CA ILE G 37 -83.08 -11.30 -9.87
C ILE G 37 -83.95 -10.95 -11.07
N ILE G 38 -83.92 -11.79 -12.10
CA ILE G 38 -84.63 -11.52 -13.34
C ILE G 38 -86.14 -11.48 -13.11
N GLY G 39 -86.67 -12.47 -12.38
CA GLY G 39 -88.08 -12.45 -12.06
C GLY G 39 -88.47 -11.28 -11.18
N ILE G 40 -87.61 -10.95 -10.21
CA ILE G 40 -87.87 -9.83 -9.31
C ILE G 40 -87.99 -8.52 -10.09
N LEU G 41 -87.04 -8.29 -11.00
CA LEU G 41 -87.08 -7.07 -11.79
C LEU G 41 -88.27 -7.06 -12.75
N GLN G 42 -88.66 -8.23 -13.27
CA GLN G 42 -89.86 -8.27 -14.11
C GLN G 42 -91.11 -7.90 -13.32
N LYS G 43 -91.27 -8.42 -12.11
CA LYS G 43 -92.45 -8.06 -11.33
C LYS G 43 -92.40 -6.60 -10.89
N THR G 44 -91.21 -6.08 -10.60
CA THR G 44 -91.08 -4.67 -10.25
C THR G 44 -91.49 -3.77 -11.41
N GLN G 45 -91.07 -4.13 -12.63
CA GLN G 45 -91.50 -3.38 -13.80
C GLN G 45 -92.99 -3.53 -14.05
N GLU G 46 -93.55 -4.71 -13.76
CA GLU G 46 -94.98 -4.91 -13.91
C GLU G 46 -95.77 -4.04 -12.95
N ILE G 47 -95.25 -3.85 -11.74
CA ILE G 47 -95.95 -3.03 -10.75
C ILE G 47 -95.82 -1.55 -11.08
N TYR G 48 -94.59 -1.07 -11.27
CA TYR G 48 -94.35 0.35 -11.41
C TYR G 48 -94.44 0.85 -12.84
N GLY G 49 -94.19 0.01 -13.82
CA GLY G 49 -94.05 0.47 -15.19
C GLY G 49 -92.63 0.88 -15.56
N TYR G 50 -91.73 0.97 -14.60
CA TYR G 50 -90.32 1.26 -14.82
C TYR G 50 -89.60 0.96 -13.51
N LEU G 51 -88.30 1.19 -13.46
CA LEU G 51 -87.51 0.93 -12.26
C LEU G 51 -86.98 2.24 -11.70
N PRO G 52 -87.61 2.81 -10.69
CA PRO G 52 -87.05 3.97 -10.02
C PRO G 52 -85.86 3.56 -9.16
N LEU G 53 -85.04 4.56 -8.81
CA LEU G 53 -83.83 4.29 -8.04
C LEU G 53 -84.18 3.82 -6.63
N ALA G 54 -85.29 4.30 -6.08
CA ALA G 54 -85.69 3.87 -4.73
C ALA G 54 -86.03 2.39 -4.70
N ALA G 55 -86.74 1.90 -5.73
CA ALA G 55 -87.07 0.48 -5.79
C ALA G 55 -85.82 -0.37 -5.96
N LEU G 56 -84.88 0.09 -6.77
CA LEU G 56 -83.64 -0.65 -6.96
C LEU G 56 -82.83 -0.69 -5.66
N GLN G 57 -82.84 0.43 -4.91
CA GLN G 57 -82.14 0.45 -3.62
C GLN G 57 -82.80 -0.50 -2.63
N ALA G 58 -84.12 -0.49 -2.58
CA ALA G 58 -84.86 -1.27 -1.59
C ALA G 58 -85.06 -2.71 -2.03
N ILE G 59 -84.57 -3.09 -3.21
CA ILE G 59 -84.51 -4.50 -3.55
C ILE G 59 -83.06 -4.95 -3.46
N ALA G 60 -82.13 -4.00 -3.60
CA ALA G 60 -80.72 -4.30 -3.33
C ALA G 60 -80.48 -4.56 -1.86
N ASP G 61 -81.42 -4.17 -1.01
CA ASP G 61 -81.43 -4.50 0.39
C ASP G 61 -82.53 -5.53 0.65
N ASN G 62 -82.53 -6.07 1.86
CA ASN G 62 -83.46 -7.08 2.38
C ASN G 62 -83.36 -8.43 1.66
N THR G 63 -82.58 -8.51 0.58
CA THR G 63 -82.25 -9.79 -0.03
C THR G 63 -80.85 -9.80 -0.63
N ASP G 64 -80.00 -8.82 -0.25
CA ASP G 64 -78.66 -8.55 -0.75
C ASP G 64 -78.56 -8.53 -2.28
N ASN G 65 -78.06 -9.62 -2.88
CA ASN G 65 -77.70 -9.68 -4.31
C ASN G 65 -76.67 -8.62 -4.70
N LYS G 66 -75.91 -8.11 -3.73
CA LYS G 66 -74.68 -7.38 -4.01
C LYS G 66 -74.90 -6.13 -4.87
N ARG G 67 -75.42 -5.06 -4.26
CA ARG G 67 -76.05 -3.89 -4.89
C ARG G 67 -75.49 -3.45 -6.24
N ALA G 68 -74.17 -3.54 -6.44
CA ALA G 68 -73.63 -3.31 -7.78
C ALA G 68 -74.16 -4.32 -8.79
N LYS G 69 -74.31 -5.58 -8.38
CA LYS G 69 -74.70 -6.63 -9.32
C LYS G 69 -76.13 -6.45 -9.81
N ILE G 70 -77.05 -6.05 -8.94
CA ILE G 70 -78.45 -5.90 -9.36
C ILE G 70 -78.58 -4.72 -10.33
N TYR G 71 -77.83 -3.65 -10.09
CA TYR G 71 -77.82 -2.53 -11.03
C TYR G 71 -77.23 -2.96 -12.38
N GLY G 72 -76.11 -3.67 -12.35
CA GLY G 72 -75.51 -4.13 -13.59
C GLY G 72 -76.42 -5.03 -14.38
N ILE G 73 -77.17 -5.89 -13.70
CA ILE G 73 -78.14 -6.75 -14.38
C ILE G 73 -79.29 -5.92 -14.92
N ALA G 74 -79.73 -4.91 -14.17
CA ALA G 74 -80.86 -4.09 -14.60
C ALA G 74 -80.54 -3.29 -15.85
N THR G 75 -79.29 -2.85 -15.98
CA THR G 75 -78.94 -2.05 -17.14
C THR G 75 -78.87 -2.87 -18.42
N PHE G 76 -78.34 -4.11 -18.34
CA PHE G 76 -77.97 -4.85 -19.55
C PHE G 76 -79.18 -5.24 -20.40
N TYR G 77 -79.67 -6.47 -20.21
CA TYR G 77 -80.99 -7.06 -20.39
C TYR G 77 -82.06 -6.28 -21.16
N SER G 78 -81.68 -5.44 -22.11
CA SER G 78 -82.44 -5.07 -23.32
C SER G 78 -83.91 -4.68 -23.12
N GLN G 79 -84.39 -4.66 -21.88
CA GLN G 79 -85.82 -4.48 -21.65
C GLN G 79 -86.17 -3.62 -20.44
N PHE G 80 -85.24 -3.40 -19.50
CA PHE G 80 -85.58 -2.76 -18.24
C PHE G 80 -85.58 -1.25 -18.42
N ARG G 81 -86.78 -0.69 -18.62
CA ARG G 81 -86.93 0.73 -18.83
C ARG G 81 -86.70 1.49 -17.53
N LEU G 82 -85.84 2.49 -17.58
CA LEU G 82 -85.43 3.24 -16.39
C LEU G 82 -86.13 4.59 -16.28
N ASN G 83 -87.12 4.87 -17.12
CA ASN G 83 -87.79 6.16 -17.13
C ASN G 83 -89.29 5.96 -17.28
N PRO G 84 -90.10 6.89 -16.76
CA PRO G 84 -91.55 6.79 -16.94
C PRO G 84 -91.95 6.98 -18.39
N VAL G 85 -93.10 6.42 -18.73
CA VAL G 85 -93.63 6.46 -20.09
C VAL G 85 -95.05 7.01 -20.07
N GLY G 86 -95.59 7.22 -21.27
CA GLY G 86 -96.93 7.71 -21.42
C GLY G 86 -97.98 6.61 -21.28
N LYS G 87 -99.23 7.00 -21.52
CA LYS G 87 -100.33 6.04 -21.42
C LYS G 87 -100.25 4.99 -22.51
N TYR G 88 -99.95 5.39 -23.74
CA TYR G 88 -99.85 4.49 -24.87
C TYR G 88 -98.39 4.28 -25.22
N VAL G 89 -97.98 3.02 -25.34
CA VAL G 89 -96.61 2.66 -25.64
C VAL G 89 -96.55 2.22 -27.09
N ILE G 90 -95.75 2.93 -27.89
CA ILE G 90 -95.61 2.62 -29.30
C ILE G 90 -94.36 1.77 -29.52
N LEU G 91 -94.54 0.65 -30.19
CA LEU G 91 -93.46 -0.29 -30.49
C LEU G 91 -93.39 -0.42 -32.01
N GLN G 92 -92.56 0.40 -32.63
CA GLN G 92 -92.30 0.29 -34.07
C GLN G 92 -91.50 -0.97 -34.35
N CYS G 93 -91.87 -1.71 -35.39
CA CYS G 93 -91.07 -2.87 -35.79
C CYS G 93 -89.89 -2.41 -36.62
N GLN G 94 -88.68 -2.70 -36.13
CA GLN G 94 -87.46 -2.39 -36.86
C GLN G 94 -86.72 -3.66 -37.27
N GLY G 95 -87.45 -4.74 -37.44
CA GLY G 95 -86.85 -5.97 -37.93
C GLY G 95 -86.53 -5.87 -39.41
N THR G 96 -85.83 -6.89 -39.91
CA THR G 96 -85.33 -6.83 -41.28
C THR G 96 -86.47 -6.82 -42.29
N ALA G 97 -87.50 -7.65 -42.09
CA ALA G 97 -88.59 -7.71 -43.06
C ALA G 97 -89.37 -6.41 -43.11
N CYS G 98 -89.66 -5.82 -41.94
CA CYS G 98 -90.43 -4.59 -41.91
C CYS G 98 -89.59 -3.38 -42.30
N HIS G 99 -88.28 -3.41 -42.06
CA HIS G 99 -87.42 -2.34 -42.54
C HIS G 99 -87.26 -2.40 -44.05
N VAL G 100 -87.28 -3.61 -44.62
CA VAL G 100 -87.20 -3.74 -46.08
C VAL G 100 -88.41 -3.09 -46.74
N LEU G 101 -89.59 -3.30 -46.18
CA LEU G 101 -90.83 -2.77 -46.73
C LEU G 101 -91.07 -1.31 -46.39
N GLY G 102 -90.13 -0.65 -45.72
CA GLY G 102 -90.23 0.78 -45.51
C GLY G 102 -90.65 1.20 -44.12
N SER G 103 -90.06 0.58 -43.09
CA SER G 103 -90.32 1.01 -41.73
C SER G 103 -89.72 2.38 -41.42
N LYS G 104 -88.70 2.78 -42.19
CA LYS G 104 -88.02 4.04 -41.89
C LYS G 104 -88.92 5.24 -42.17
N ALA G 105 -89.70 5.16 -43.26
CA ALA G 105 -90.68 6.20 -43.54
C ALA G 105 -91.74 6.29 -42.44
N ILE G 106 -92.18 5.13 -41.94
CA ILE G 106 -93.14 5.10 -40.85
C ILE G 106 -92.54 5.76 -39.60
N GLY G 107 -91.28 5.45 -39.29
CA GLY G 107 -90.64 6.04 -38.13
C GLY G 107 -90.46 7.54 -38.27
N SER G 108 -90.10 8.01 -39.46
CA SER G 108 -89.98 9.45 -39.69
C SER G 108 -91.34 10.12 -39.55
N ALA G 109 -92.41 9.47 -40.04
CA ALA G 109 -93.74 10.02 -39.88
C ALA G 109 -94.14 10.12 -38.42
N ILE G 110 -93.85 9.09 -37.63
CA ILE G 110 -94.16 9.12 -36.20
C ILE G 110 -93.37 10.22 -35.51
N CYS G 111 -92.08 10.33 -35.83
CA CYS G 111 -91.23 11.36 -35.21
C CYS G 111 -91.71 12.76 -35.57
N ASP G 112 -92.13 12.97 -36.81
CA ASP G 112 -92.61 14.29 -37.22
C ASP G 112 -93.96 14.61 -36.60
N GLU G 113 -94.88 13.65 -36.58
CA GLU G 113 -96.23 13.93 -36.09
C GLU G 113 -96.26 14.04 -34.57
N LEU G 114 -95.34 13.37 -33.88
CA LEU G 114 -95.32 13.43 -32.43
C LEU G 114 -94.29 14.39 -31.86
N GLY G 115 -93.25 14.72 -32.63
CA GLY G 115 -92.24 15.63 -32.14
C GLY G 115 -91.27 15.03 -31.16
N ILE G 116 -91.25 13.69 -31.03
CA ILE G 116 -90.36 12.99 -30.13
C ILE G 116 -89.57 11.94 -30.91
N THR G 117 -88.38 11.65 -30.42
CA THR G 117 -87.48 10.65 -30.97
C THR G 117 -87.66 9.33 -30.23
N PRO G 118 -87.16 8.21 -30.78
CA PRO G 118 -87.20 6.95 -30.04
C PRO G 118 -86.44 7.06 -28.73
N GLY G 119 -87.02 6.47 -27.68
CA GLY G 119 -86.50 6.63 -26.33
C GLY G 119 -87.04 7.82 -25.57
N GLN G 120 -87.95 8.59 -26.15
CA GLN G 120 -88.51 9.77 -25.51
C GLN G 120 -90.01 9.61 -25.32
N THR G 121 -90.57 10.46 -24.45
CA THR G 121 -92.00 10.51 -24.19
C THR G 121 -92.54 11.88 -24.54
N THR G 122 -93.84 11.94 -24.79
CA THR G 122 -94.50 13.21 -25.10
C THR G 122 -94.54 14.11 -23.88
N ALA G 123 -94.69 15.42 -24.13
CA ALA G 123 -94.71 16.39 -23.04
C ALA G 123 -95.90 16.18 -22.12
N ASP G 124 -97.07 15.91 -22.70
CA ASP G 124 -98.25 15.60 -21.90
C ASP G 124 -98.34 14.13 -21.52
N GLY G 125 -97.38 13.31 -21.94
CA GLY G 125 -97.25 11.95 -21.47
C GLY G 125 -98.38 11.00 -21.82
N LEU G 126 -98.81 10.99 -23.08
CA LEU G 126 -99.80 10.01 -23.53
C LEU G 126 -99.24 9.06 -24.57
N PHE G 127 -98.23 9.48 -25.32
CA PHE G 127 -97.50 8.63 -26.25
C PHE G 127 -96.04 8.55 -25.84
N THR G 128 -95.45 7.38 -26.01
CA THR G 128 -94.01 7.20 -25.88
C THR G 128 -93.53 6.34 -27.05
N LEU G 129 -92.33 6.62 -27.53
CA LEU G 129 -91.78 5.95 -28.70
C LEU G 129 -90.63 5.06 -28.27
N GLU G 130 -90.69 3.80 -28.67
CA GLU G 130 -89.66 2.82 -28.34
C GLU G 130 -89.41 1.92 -29.54
N ASP G 131 -88.24 1.29 -29.55
CA ASP G 131 -87.85 0.40 -30.61
C ASP G 131 -87.86 -1.05 -30.11
N VAL G 132 -88.29 -1.96 -30.99
CA VAL G 132 -88.37 -3.38 -30.68
C VAL G 132 -87.58 -4.14 -31.72
N ALA G 133 -87.16 -5.35 -31.35
CA ALA G 133 -86.34 -6.16 -32.25
C ALA G 133 -87.14 -6.61 -33.47
N CYS G 134 -88.31 -7.20 -33.23
CA CYS G 134 -89.20 -7.62 -34.30
C CYS G 134 -90.57 -7.93 -33.71
N LEU G 135 -91.62 -7.52 -34.42
CA LEU G 135 -92.97 -7.92 -34.04
C LEU G 135 -93.20 -9.40 -34.24
N GLY G 136 -92.57 -9.98 -35.26
CA GLY G 136 -92.84 -11.34 -35.64
C GLY G 136 -93.97 -11.51 -36.63
N CYS G 137 -94.79 -10.48 -36.83
CA CYS G 137 -95.86 -10.54 -37.82
C CYS G 137 -95.35 -9.92 -39.12
N CYS G 138 -94.34 -10.59 -39.70
CA CYS G 138 -93.69 -10.05 -40.88
C CYS G 138 -94.57 -10.15 -42.11
N SER G 139 -95.63 -10.96 -42.06
CA SER G 139 -96.58 -11.00 -43.17
C SER G 139 -97.35 -9.70 -43.31
N LEU G 140 -97.52 -8.95 -42.22
CA LEU G 140 -98.22 -7.67 -42.24
C LEU G 140 -97.25 -6.49 -42.23
N ALA G 141 -95.99 -6.71 -42.58
CA ALA G 141 -94.97 -5.69 -42.42
C ALA G 141 -95.25 -4.50 -43.34
N PRO G 142 -94.98 -3.26 -42.91
CA PRO G 142 -94.46 -2.83 -41.59
C PRO G 142 -95.50 -2.88 -40.48
N VAL G 143 -95.10 -3.11 -39.23
CA VAL G 143 -96.02 -3.32 -38.12
C VAL G 143 -95.66 -2.41 -36.96
N ILE G 144 -96.67 -1.96 -36.22
CA ILE G 144 -96.48 -1.29 -34.94
C ILE G 144 -97.39 -1.92 -33.89
N MET G 145 -96.96 -1.80 -32.64
CA MET G 145 -97.72 -2.23 -31.47
C MET G 145 -98.12 -1.02 -30.65
N ILE G 146 -99.38 -0.93 -30.28
CA ILE G 146 -99.87 0.11 -29.37
C ILE G 146 -100.64 -0.59 -28.26
N ASN G 147 -100.02 -0.69 -27.09
CA ASN G 147 -100.63 -1.27 -25.88
C ASN G 147 -101.17 -2.68 -26.12
N GLY G 148 -100.43 -3.46 -26.91
CA GLY G 148 -100.82 -4.82 -27.22
C GLY G 148 -101.72 -4.98 -28.42
N GLU G 149 -102.05 -3.90 -29.14
CA GLU G 149 -102.83 -3.99 -30.36
C GLU G 149 -101.93 -3.71 -31.55
N ALA G 150 -101.95 -4.61 -32.52
CA ALA G 150 -101.01 -4.55 -33.64
C ALA G 150 -101.66 -3.95 -34.87
N TYR G 151 -100.90 -3.13 -35.59
CA TYR G 151 -101.33 -2.54 -36.85
C TYR G 151 -100.28 -2.88 -37.89
N GLY G 152 -100.70 -3.56 -38.97
CA GLY G 152 -99.81 -4.02 -40.00
C GLY G 152 -100.22 -3.50 -41.37
N LYS G 153 -99.29 -3.64 -42.32
CA LYS G 153 -99.41 -3.06 -43.66
C LYS G 153 -99.65 -1.55 -43.57
N LEU G 154 -98.64 -0.87 -43.03
CA LEU G 154 -98.76 0.53 -42.63
C LEU G 154 -98.06 1.45 -43.62
N THR G 155 -98.79 2.47 -44.08
CA THR G 155 -98.27 3.63 -44.78
C THR G 155 -98.27 4.82 -43.82
N PRO G 156 -97.40 5.83 -44.03
CA PRO G 156 -97.37 6.98 -43.12
C PRO G 156 -98.69 7.68 -42.92
N THR G 157 -99.52 7.77 -43.97
CA THR G 157 -100.86 8.33 -43.79
C THR G 157 -101.70 7.48 -42.85
N SER G 158 -101.56 6.16 -42.91
CA SER G 158 -102.33 5.30 -42.02
C SER G 158 -101.92 5.46 -40.56
N VAL G 159 -100.61 5.54 -40.29
CA VAL G 159 -100.17 5.71 -38.91
C VAL G 159 -100.56 7.10 -38.41
N ARG G 160 -100.52 8.11 -39.28
CA ARG G 160 -100.98 9.44 -38.91
C ARG G 160 -102.46 9.41 -38.53
N LYS G 161 -103.28 8.75 -39.35
CA LYS G 161 -104.71 8.67 -39.09
C LYS G 161 -104.98 7.91 -37.80
N ILE G 162 -104.26 6.82 -37.56
CA ILE G 162 -104.52 6.02 -36.37
C ILE G 162 -104.07 6.76 -35.11
N LEU G 163 -103.03 7.60 -35.21
CA LEU G 163 -102.64 8.33 -34.01
C LEU G 163 -103.55 9.53 -33.76
N GLN G 164 -104.08 10.15 -34.82
CA GLN G 164 -105.13 11.15 -34.58
C GLN G 164 -106.37 10.51 -33.97
N ASP G 165 -106.72 9.30 -34.41
CA ASP G 165 -107.88 8.61 -33.86
C ASP G 165 -107.67 8.27 -32.39
N ILE G 166 -106.46 7.82 -32.03
CA ILE G 166 -106.17 7.56 -30.63
C ILE G 166 -106.16 8.85 -29.82
N ALA G 167 -105.55 9.90 -30.36
CA ALA G 167 -105.52 11.20 -29.69
C ALA G 167 -106.89 11.86 -29.68
N MET H 1 -121.63 -29.04 -36.59
CA MET H 1 -121.02 -27.95 -37.35
C MET H 1 -119.93 -27.30 -36.52
N LYS H 2 -118.72 -27.28 -37.06
CA LYS H 2 -117.55 -26.83 -36.33
C LYS H 2 -116.79 -25.77 -37.13
N VAL H 3 -116.36 -24.72 -36.44
CA VAL H 3 -115.63 -23.60 -37.03
C VAL H 3 -114.37 -23.38 -36.20
N ARG H 4 -113.23 -23.33 -36.88
CA ARG H 4 -111.95 -22.95 -36.28
C ARG H 4 -111.62 -21.51 -36.64
N VAL H 5 -111.11 -20.76 -35.67
CA VAL H 5 -110.66 -19.40 -35.90
C VAL H 5 -109.14 -19.36 -35.76
N GLY H 6 -108.48 -18.81 -36.77
CA GLY H 6 -107.03 -18.80 -36.82
C GLY H 6 -106.37 -17.64 -36.10
N LEU H 7 -106.68 -17.48 -34.81
CA LEU H 7 -106.08 -16.42 -34.02
C LEU H 7 -104.61 -16.70 -33.76
N GLY H 8 -103.85 -15.64 -33.53
CA GLY H 8 -102.45 -15.76 -33.16
C GLY H 8 -101.88 -14.41 -32.87
N SER H 9 -100.56 -14.28 -32.99
CA SER H 9 -99.94 -12.97 -32.94
C SER H 9 -100.08 -12.22 -34.25
N CYS H 10 -100.37 -12.93 -35.35
CA CYS H 10 -100.65 -12.31 -36.63
C CYS H 10 -102.14 -12.08 -36.87
N GLY H 11 -103.00 -12.92 -36.30
CA GLY H 11 -104.43 -12.69 -36.44
C GLY H 11 -104.89 -11.45 -35.71
N ILE H 12 -104.30 -11.16 -34.55
CA ILE H 12 -104.61 -9.93 -33.82
C ILE H 12 -104.18 -8.72 -34.63
N ALA H 13 -103.12 -8.87 -35.43
CA ALA H 13 -102.56 -7.74 -36.18
C ALA H 13 -103.51 -7.20 -37.24
N ALA H 14 -104.38 -8.03 -37.81
CA ALA H 14 -105.32 -7.58 -38.82
C ALA H 14 -106.74 -7.63 -38.29
N GLY H 15 -107.22 -8.79 -37.87
CA GLY H 15 -108.53 -8.90 -37.27
C GLY H 15 -108.44 -9.29 -35.82
N GLY H 16 -108.65 -10.56 -35.54
CA GLY H 16 -108.51 -11.08 -34.20
C GLY H 16 -109.83 -11.10 -33.47
N ARG H 17 -109.86 -10.51 -32.28
CA ARG H 17 -111.04 -10.54 -31.41
C ARG H 17 -112.25 -9.99 -32.12
N LYS H 18 -112.04 -8.93 -32.92
CA LYS H 18 -113.00 -8.30 -33.81
C LYS H 18 -113.85 -9.31 -34.58
N VAL H 19 -113.22 -10.42 -34.97
CA VAL H 19 -113.93 -11.55 -35.55
C VAL H 19 -114.53 -12.45 -34.47
N MET H 20 -113.70 -13.02 -33.57
CA MET H 20 -114.11 -14.21 -32.82
C MET H 20 -115.34 -13.94 -31.99
N ASP H 21 -115.29 -12.91 -31.15
CA ASP H 21 -116.42 -12.59 -30.29
C ASP H 21 -117.67 -12.38 -31.11
N ARG H 22 -117.54 -11.67 -32.24
CA ARG H 22 -118.66 -11.46 -33.15
C ARG H 22 -119.28 -12.79 -33.54
N LEU H 23 -118.45 -13.73 -34.02
CA LEU H 23 -118.95 -15.07 -34.33
C LEU H 23 -119.58 -15.72 -33.11
N ALA H 24 -118.87 -15.67 -31.97
CA ALA H 24 -119.43 -16.19 -30.72
C ALA H 24 -120.72 -15.48 -30.39
N GLN H 25 -120.73 -14.16 -30.56
CA GLN H 25 -121.94 -13.36 -30.36
C GLN H 25 -123.05 -13.83 -31.26
N GLU H 26 -122.73 -14.10 -32.53
CA GLU H 26 -123.73 -14.62 -33.45
C GLU H 26 -124.24 -15.97 -32.98
N ILE H 27 -123.34 -16.84 -32.50
CA ILE H 27 -123.75 -18.12 -31.95
C ILE H 27 -124.69 -17.89 -30.78
N LYS H 28 -124.37 -16.93 -29.91
CA LYS H 28 -125.20 -16.72 -28.73
C LYS H 28 -126.55 -16.17 -29.18
N ASN H 29 -126.58 -15.46 -30.32
CA ASN H 29 -127.83 -14.91 -30.84
C ASN H 29 -128.69 -15.98 -31.50
N HIS H 30 -128.12 -17.13 -31.86
CA HIS H 30 -128.92 -18.11 -32.59
C HIS H 30 -129.01 -19.45 -31.89
N GLY H 31 -128.13 -19.72 -30.93
CA GLY H 31 -128.26 -20.88 -30.07
C GLY H 31 -127.99 -22.22 -30.72
N LYS H 32 -127.43 -22.24 -31.93
CA LYS H 32 -127.10 -23.50 -32.59
C LYS H 32 -125.80 -24.04 -32.01
N GLU H 33 -125.75 -25.36 -31.83
CA GLU H 33 -124.60 -26.03 -31.23
C GLU H 33 -123.47 -26.06 -32.25
N ILE H 34 -122.73 -24.95 -32.29
CA ILE H 34 -121.60 -24.80 -33.21
C ILE H 34 -120.33 -24.74 -32.39
N GLU H 35 -119.39 -25.63 -32.69
CA GLU H 35 -118.13 -25.73 -31.96
C GLU H 35 -117.15 -24.71 -32.51
N LEU H 36 -116.97 -23.60 -31.80
CA LEU H 36 -116.05 -22.53 -32.19
C LEU H 36 -114.73 -22.74 -31.45
N LEU H 37 -113.69 -23.11 -32.19
CA LEU H 37 -112.44 -23.50 -31.56
C LEU H 37 -111.30 -22.56 -31.91
N PRO H 38 -110.51 -22.15 -30.92
CA PRO H 38 -109.35 -21.29 -31.18
C PRO H 38 -108.17 -22.11 -31.68
N THR H 39 -107.66 -21.73 -32.85
CA THR H 39 -106.51 -22.40 -33.46
C THR H 39 -105.49 -21.36 -33.90
N GLY H 40 -104.23 -21.78 -33.97
CA GLY H 40 -103.15 -20.89 -34.35
C GLY H 40 -103.11 -20.63 -35.84
N CYS H 41 -102.04 -19.96 -36.26
CA CYS H 41 -101.84 -19.68 -37.68
C CYS H 41 -101.51 -20.96 -38.43
N ILE H 42 -102.20 -21.20 -39.54
CA ILE H 42 -101.90 -22.35 -40.38
C ILE H 42 -100.52 -22.20 -41.01
N GLY H 43 -100.28 -21.00 -41.57
CA GLY H 43 -99.01 -20.75 -42.27
C GLY H 43 -99.23 -19.75 -43.39
N MET H 44 -100.50 -19.58 -43.80
CA MET H 44 -100.84 -18.59 -44.87
C MET H 44 -101.34 -17.31 -44.20
N CYS H 45 -100.43 -16.55 -43.60
CA CYS H 45 -100.78 -15.32 -42.88
C CYS H 45 -101.02 -14.16 -43.84
N PHE H 46 -100.96 -14.41 -45.15
CA PHE H 46 -101.25 -13.40 -46.16
C PHE H 46 -102.75 -13.39 -46.42
N TYR H 47 -103.51 -14.15 -45.62
CA TYR H 47 -104.95 -14.23 -45.76
C TYR H 47 -105.65 -14.08 -44.41
N GLU H 48 -104.89 -13.98 -43.33
CA GLU H 48 -105.47 -13.99 -42.01
C GLU H 48 -106.33 -12.73 -41.79
N PRO H 49 -107.38 -12.81 -40.94
CA PRO H 49 -107.78 -13.88 -39.99
C PRO H 49 -108.33 -15.14 -40.64
N ILE H 50 -107.64 -16.26 -40.43
CA ILE H 50 -108.05 -17.53 -41.02
C ILE H 50 -109.30 -18.05 -40.32
N VAL H 51 -110.34 -18.34 -41.11
CA VAL H 51 -111.56 -18.96 -40.60
C VAL H 51 -111.79 -20.25 -41.39
N ASP H 52 -112.11 -21.33 -40.69
CA ASP H 52 -112.38 -22.63 -41.31
C ASP H 52 -113.76 -23.11 -40.85
N VAL H 53 -114.62 -23.41 -41.82
CA VAL H 53 -115.97 -23.88 -41.53
C VAL H 53 -116.12 -25.27 -42.14
N PHE H 54 -116.58 -26.23 -41.34
CA PHE H 54 -116.66 -27.62 -41.81
C PHE H 54 -118.12 -28.00 -42.02
N ASP H 55 -118.48 -28.18 -43.28
CA ASP H 55 -119.80 -28.65 -43.68
C ASP H 55 -119.65 -30.14 -43.98
N GLY H 56 -120.01 -30.97 -43.01
CA GLY H 56 -119.84 -32.40 -43.13
C GLY H 56 -118.38 -32.80 -43.19
N ASP H 57 -117.96 -33.36 -44.32
CA ASP H 57 -116.57 -33.67 -44.57
C ASP H 57 -115.86 -32.60 -45.39
N LYS H 58 -116.53 -31.50 -45.69
CA LYS H 58 -115.96 -30.44 -46.50
C LYS H 58 -115.44 -29.31 -45.62
N VAL H 59 -114.31 -28.74 -46.02
CA VAL H 59 -113.66 -27.65 -45.29
C VAL H 59 -113.63 -26.42 -46.18
N TYR H 60 -114.10 -25.29 -45.66
CA TYR H 60 -114.15 -24.04 -46.39
C TYR H 60 -113.32 -22.98 -45.67
N SER H 61 -112.44 -22.33 -46.42
CA SER H 61 -111.58 -21.25 -45.91
C SER H 61 -111.76 -20.04 -46.80
N TYR H 62 -112.48 -19.03 -46.30
CA TYR H 62 -112.78 -17.79 -47.03
C TYR H 62 -112.36 -16.61 -46.18
N ALA H 63 -111.09 -16.62 -45.77
CA ALA H 63 -110.54 -15.72 -44.76
C ALA H 63 -110.33 -14.31 -45.28
N ASN H 64 -109.51 -13.52 -44.56
CA ASN H 64 -109.46 -12.05 -44.67
C ASN H 64 -110.80 -11.46 -44.27
N VAL H 65 -111.14 -11.67 -42.99
CA VAL H 65 -112.51 -11.52 -42.49
C VAL H 65 -112.52 -10.43 -41.41
N THR H 66 -113.47 -9.52 -41.52
CA THR H 66 -113.76 -8.53 -40.49
C THR H 66 -115.06 -8.92 -39.76
N ALA H 67 -115.49 -8.06 -38.83
CA ALA H 67 -116.70 -8.34 -38.06
C ALA H 67 -117.94 -8.35 -38.96
N ASP H 68 -118.03 -7.39 -39.86
CA ASP H 68 -119.11 -7.41 -40.86
C ASP H 68 -118.99 -8.65 -41.74
N MET H 69 -117.78 -8.91 -42.24
CA MET H 69 -117.57 -10.07 -43.15
C MET H 69 -117.95 -11.33 -42.38
N ALA H 70 -117.63 -11.37 -41.09
CA ALA H 70 -117.98 -12.54 -40.26
C ALA H 70 -119.50 -12.68 -40.20
N THR H 71 -120.19 -11.63 -39.74
CA THR H 71 -121.65 -11.67 -39.72
C THR H 71 -122.20 -12.17 -41.04
N GLU H 72 -121.62 -11.73 -42.16
CA GLU H 72 -122.03 -12.22 -43.47
C GLU H 72 -121.80 -13.72 -43.59
N ILE H 73 -120.66 -14.20 -43.09
CA ILE H 73 -120.34 -15.62 -43.11
C ILE H 73 -121.39 -16.42 -42.34
N PHE H 74 -121.73 -15.93 -41.14
CA PHE H 74 -122.70 -16.64 -40.31
C PHE H 74 -124.08 -16.65 -40.98
N ASN H 75 -124.47 -15.53 -41.58
CA ASN H 75 -125.80 -15.45 -42.17
C ASN H 75 -125.88 -16.21 -43.49
N SER H 76 -124.75 -16.48 -44.13
CA SER H 76 -124.78 -17.11 -45.44
C SER H 76 -124.46 -18.60 -45.42
N HIS H 77 -123.45 -19.02 -44.67
CA HIS H 77 -122.92 -20.38 -44.77
C HIS H 77 -123.36 -21.28 -43.63
N ILE H 78 -123.09 -20.89 -42.37
CA ILE H 78 -123.37 -21.79 -41.26
C ILE H 78 -124.85 -21.89 -40.96
N ILE H 79 -125.67 -20.98 -41.49
CA ILE H 79 -127.12 -21.06 -41.35
C ILE H 79 -127.79 -21.34 -42.67
N GLY H 80 -127.43 -20.59 -43.72
CA GLY H 80 -128.07 -20.77 -45.01
C GLY H 80 -127.52 -21.91 -45.84
N GLY H 81 -126.34 -22.44 -45.47
CA GLY H 81 -125.74 -23.51 -46.23
C GLY H 81 -125.05 -23.09 -47.51
N GLN H 82 -124.95 -21.78 -47.78
CA GLN H 82 -124.39 -21.28 -49.03
C GLN H 82 -123.01 -20.69 -48.79
N PRO H 83 -121.94 -21.31 -49.30
CA PRO H 83 -120.62 -20.69 -49.18
C PRO H 83 -120.52 -19.42 -50.01
N LEU H 84 -119.67 -18.50 -49.54
CA LEU H 84 -119.43 -17.23 -50.22
C LEU H 84 -118.22 -17.39 -51.13
N THR H 85 -118.47 -17.73 -52.40
CA THR H 85 -117.41 -18.11 -53.32
C THR H 85 -116.52 -16.95 -53.72
N GLN H 86 -116.97 -15.71 -53.54
CA GLN H 86 -116.13 -14.56 -53.88
C GLN H 86 -115.01 -14.36 -52.88
N TYR H 87 -115.01 -15.08 -51.76
CA TYR H 87 -113.95 -14.99 -50.77
C TYR H 87 -113.18 -16.28 -50.59
N ILE H 88 -113.57 -17.36 -51.25
CA ILE H 88 -112.95 -18.66 -51.05
C ILE H 88 -111.69 -18.77 -51.89
N VAL H 89 -110.59 -19.15 -51.25
CA VAL H 89 -109.38 -19.52 -51.98
C VAL H 89 -108.98 -20.98 -51.78
N SER H 90 -109.54 -21.68 -50.79
CA SER H 90 -109.15 -23.04 -50.50
C SER H 90 -110.35 -23.84 -50.02
N THR H 91 -110.55 -25.01 -50.60
CA THR H 91 -111.59 -25.95 -50.18
C THR H 91 -110.96 -27.31 -49.92
N THR H 92 -111.82 -28.30 -49.64
CA THR H 92 -111.33 -29.67 -49.51
C THR H 92 -110.86 -30.22 -50.84
N GLU H 93 -111.65 -30.04 -51.89
CA GLU H 93 -111.26 -30.50 -53.22
C GLU H 93 -110.19 -29.63 -53.84
N LYS H 94 -110.06 -28.38 -53.40
CA LYS H 94 -109.05 -27.44 -53.89
C LYS H 94 -108.28 -26.91 -52.69
N PRO H 95 -107.14 -27.52 -52.27
CA PRO H 95 -106.30 -26.97 -51.16
C PRO H 95 -105.39 -25.77 -51.52
N TYR H 96 -105.98 -24.71 -52.06
CA TYR H 96 -105.22 -23.48 -52.40
C TYR H 96 -103.95 -23.83 -53.16
N THR H 97 -103.75 -25.09 -53.52
CA THR H 97 -102.52 -25.57 -54.22
C THR H 97 -101.25 -25.13 -53.47
N ILE H 98 -101.35 -24.53 -52.28
CA ILE H 98 -100.11 -24.02 -51.61
C ILE H 98 -99.55 -25.22 -50.86
N LEU H 99 -99.44 -25.23 -49.52
CA LEU H 99 -99.23 -26.36 -48.63
C LEU H 99 -99.09 -27.68 -49.37
N ALA H 100 -99.31 -27.70 -50.68
CA ALA H 100 -99.19 -28.94 -51.44
C ALA H 100 -97.75 -29.44 -51.48
N LYS H 101 -96.80 -28.52 -51.64
CA LYS H 101 -95.38 -28.88 -51.72
C LYS H 101 -94.71 -28.91 -50.36
N GLN H 102 -95.46 -28.76 -49.28
CA GLN H 102 -94.92 -28.75 -47.94
C GLN H 102 -95.15 -30.09 -47.25
N VAL H 103 -94.09 -30.63 -46.66
CA VAL H 103 -94.16 -31.86 -45.86
C VAL H 103 -94.08 -31.43 -44.41
N ARG H 104 -95.24 -31.27 -43.77
CA ARG H 104 -95.35 -30.66 -42.45
C ARG H 104 -95.15 -31.74 -41.38
N ILE H 105 -94.10 -31.58 -40.58
CA ILE H 105 -93.83 -32.47 -39.45
C ILE H 105 -93.85 -31.69 -38.14
N ALA H 106 -93.00 -30.67 -38.00
CA ALA H 106 -93.05 -29.83 -36.82
C ALA H 106 -94.25 -28.89 -36.86
N LEU H 107 -94.74 -28.57 -38.06
CA LEU H 107 -95.90 -27.72 -38.24
C LEU H 107 -97.15 -28.52 -38.56
N ARG H 108 -97.18 -29.81 -38.19
CA ARG H 108 -98.30 -30.67 -38.52
C ARG H 108 -99.58 -30.23 -37.84
N ASN H 109 -99.50 -29.80 -36.59
CA ASN H 109 -100.68 -29.45 -35.81
C ASN H 109 -100.94 -27.95 -35.74
N CYS H 110 -100.15 -27.14 -36.43
CA CYS H 110 -100.36 -25.69 -36.39
C CYS H 110 -101.58 -25.32 -37.22
N GLY H 111 -102.49 -24.56 -36.62
CA GLY H 111 -103.72 -24.18 -37.28
C GLY H 111 -104.80 -25.23 -37.30
N VAL H 112 -104.58 -26.38 -36.65
CA VAL H 112 -105.52 -27.48 -36.65
C VAL H 112 -106.06 -27.78 -35.26
N ILE H 113 -105.19 -27.75 -34.25
CA ILE H 113 -105.49 -28.22 -32.90
C ILE H 113 -105.66 -27.01 -31.99
N ASP H 114 -106.72 -27.04 -31.17
CA ASP H 114 -106.86 -26.12 -30.05
C ASP H 114 -105.67 -26.30 -29.10
N PRO H 115 -104.79 -25.29 -29.00
CA PRO H 115 -103.60 -25.45 -28.16
C PRO H 115 -103.89 -25.51 -26.67
N GLU H 116 -105.03 -24.96 -26.23
CA GLU H 116 -105.37 -24.87 -24.81
C GLU H 116 -106.10 -26.10 -24.30
N ASN H 117 -106.30 -27.11 -25.14
CA ASN H 117 -107.00 -28.32 -24.74
C ASN H 117 -106.22 -29.53 -25.19
N VAL H 118 -106.03 -30.49 -24.28
CA VAL H 118 -105.22 -31.67 -24.56
C VAL H 118 -105.98 -32.74 -25.34
N ASP H 119 -107.32 -32.68 -25.33
CA ASP H 119 -108.12 -33.71 -25.98
C ASP H 119 -107.94 -33.71 -27.48
N GLU H 120 -107.81 -32.52 -28.08
CA GLU H 120 -107.59 -32.44 -29.53
C GLU H 120 -106.22 -32.98 -29.90
N TYR H 121 -105.21 -32.72 -29.08
CA TYR H 121 -103.89 -33.27 -29.33
C TYR H 121 -103.89 -34.79 -29.21
N LYS H 122 -104.61 -35.32 -28.21
CA LYS H 122 -104.72 -36.76 -28.07
C LYS H 122 -105.47 -37.37 -29.25
N ALA H 123 -106.48 -36.68 -29.76
CA ALA H 123 -107.23 -37.15 -30.92
C ALA H 123 -106.38 -37.15 -32.20
N ASN H 124 -105.30 -36.38 -32.23
CA ASN H 124 -104.38 -36.33 -33.35
C ASN H 124 -103.10 -37.11 -33.08
N ASP H 125 -103.25 -38.25 -32.40
CA ASP H 125 -102.16 -39.18 -32.09
C ASP H 125 -101.09 -38.55 -31.19
N GLY H 126 -101.49 -37.62 -30.34
CA GLY H 126 -100.55 -37.03 -29.41
C GLY H 126 -100.33 -37.91 -28.19
N TYR H 127 -99.13 -37.78 -27.61
CA TYR H 127 -98.67 -38.52 -26.44
C TYR H 127 -98.65 -40.03 -26.65
N LYS H 128 -98.81 -40.48 -27.91
CA LYS H 128 -98.62 -41.89 -28.21
C LYS H 128 -97.15 -42.23 -28.30
N ALA H 129 -96.34 -41.32 -28.87
CA ALA H 129 -94.91 -41.56 -28.97
C ALA H 129 -94.26 -41.61 -27.59
N LEU H 130 -94.67 -40.74 -26.68
CA LEU H 130 -94.11 -40.77 -25.34
C LEU H 130 -94.52 -42.06 -24.61
N SER H 131 -95.76 -42.52 -24.83
CA SER H 131 -96.19 -43.79 -24.26
C SER H 131 -95.39 -44.96 -24.81
N LYS H 132 -95.14 -44.99 -26.12
CA LYS H 132 -94.34 -46.05 -26.71
C LYS H 132 -92.91 -46.02 -26.17
N ALA H 133 -92.33 -44.82 -26.04
CA ALA H 133 -90.97 -44.71 -25.52
C ALA H 133 -90.90 -45.16 -24.07
N LEU H 134 -91.91 -44.84 -23.26
CA LEU H 134 -91.88 -45.22 -21.86
C LEU H 134 -92.13 -46.71 -21.65
N LYS H 135 -93.05 -47.29 -22.43
CA LYS H 135 -93.52 -48.64 -22.13
C LYS H 135 -92.84 -49.73 -22.96
N GLU H 136 -92.21 -49.39 -24.09
CA GLU H 136 -91.74 -50.42 -25.00
C GLU H 136 -90.25 -50.31 -25.35
N MET H 137 -89.52 -49.34 -24.82
CA MET H 137 -88.24 -49.02 -25.44
C MET H 137 -87.34 -48.33 -24.42
N THR H 138 -85.99 -48.57 -24.55
CA THR H 138 -84.95 -48.13 -23.64
C THR H 138 -84.35 -46.79 -24.07
N PRO H 139 -83.82 -46.00 -23.12
CA PRO H 139 -83.20 -44.72 -23.49
C PRO H 139 -82.04 -44.85 -24.46
N GLU H 140 -81.25 -45.92 -24.34
CA GLU H 140 -80.22 -46.19 -25.33
C GLU H 140 -80.83 -46.41 -26.71
N GLU H 141 -81.96 -47.12 -26.75
CA GLU H 141 -82.68 -47.26 -28.01
C GLU H 141 -83.25 -45.92 -28.48
N VAL H 142 -83.58 -45.01 -27.56
CA VAL H 142 -84.06 -43.70 -27.97
C VAL H 142 -82.96 -42.91 -28.66
N ILE H 143 -81.76 -42.92 -28.08
CA ILE H 143 -80.63 -42.26 -28.72
C ILE H 143 -80.29 -42.92 -30.04
N GLU H 144 -80.41 -44.25 -30.09
CA GLU H 144 -80.15 -44.97 -31.34
C GLU H 144 -81.16 -44.60 -32.43
N GLU H 145 -82.44 -44.48 -32.06
CA GLU H 145 -83.46 -44.10 -33.04
C GLU H 145 -83.24 -42.68 -33.53
N ILE H 146 -82.85 -41.77 -32.62
CA ILE H 146 -82.55 -40.40 -33.03
C ILE H 146 -81.35 -40.37 -33.98
N LYS H 147 -80.34 -41.19 -33.69
CA LYS H 147 -79.18 -41.28 -34.57
C LYS H 147 -79.56 -41.83 -35.95
N VAL H 148 -80.39 -42.87 -35.98
CA VAL H 148 -80.83 -43.46 -37.24
C VAL H 148 -81.63 -42.46 -38.04
N ALA H 149 -82.43 -41.64 -37.36
CA ALA H 149 -83.17 -40.59 -38.05
C ALA H 149 -82.26 -39.49 -38.58
N GLY H 150 -81.00 -39.46 -38.15
CA GLY H 150 -80.04 -38.50 -38.67
C GLY H 150 -80.33 -37.07 -38.29
N LEU H 151 -80.57 -36.80 -37.00
CA LEU H 151 -81.08 -35.52 -36.57
C LEU H 151 -79.96 -34.53 -36.34
N ARG H 152 -80.07 -33.37 -36.97
CA ARG H 152 -79.20 -32.23 -36.70
C ARG H 152 -80.00 -31.15 -36.00
N GLY H 153 -79.30 -30.36 -35.19
CA GLY H 153 -79.92 -29.27 -34.47
C GLY H 153 -80.53 -28.24 -35.39
N ARG H 154 -81.78 -27.87 -35.12
CA ARG H 154 -82.50 -26.95 -35.99
C ARG H 154 -82.12 -25.48 -35.71
N GLY H 155 -81.07 -25.25 -34.95
CA GLY H 155 -80.50 -23.92 -34.77
C GLY H 155 -79.53 -23.59 -35.88
N GLY H 156 -78.67 -22.61 -35.60
CA GLY H 156 -77.71 -22.17 -36.59
C GLY H 156 -76.64 -23.21 -36.90
N ALA H 157 -76.14 -23.91 -35.88
CA ALA H 157 -75.01 -24.79 -36.05
C ALA H 157 -75.33 -26.09 -36.78
N GLY H 158 -76.52 -26.65 -36.59
CA GLY H 158 -76.84 -27.94 -37.15
C GLY H 158 -76.07 -29.08 -36.54
N PHE H 159 -75.84 -29.04 -35.23
CA PHE H 159 -75.12 -30.11 -34.56
C PHE H 159 -76.00 -31.35 -34.44
N PRO H 160 -75.43 -32.54 -34.55
CA PRO H 160 -76.22 -33.77 -34.37
C PRO H 160 -76.79 -33.87 -32.97
N THR H 161 -78.12 -33.94 -32.89
CA THR H 161 -78.79 -33.94 -31.60
C THR H 161 -78.53 -35.22 -30.83
N TRP H 162 -78.41 -36.35 -31.53
CA TRP H 162 -78.15 -37.62 -30.85
C TRP H 162 -76.80 -37.61 -30.16
N PHE H 163 -75.81 -36.92 -30.74
CA PHE H 163 -74.52 -36.78 -30.08
C PHE H 163 -74.65 -36.03 -28.76
N LYS H 164 -75.40 -34.93 -28.76
CA LYS H 164 -75.60 -34.17 -27.54
C LYS H 164 -76.34 -35.00 -26.50
N TRP H 165 -77.37 -35.74 -26.92
CA TRP H 165 -78.13 -36.56 -25.99
C TRP H 165 -77.25 -37.64 -25.38
N ASN H 166 -76.44 -38.31 -26.21
CA ASN H 166 -75.55 -39.35 -25.70
C ASN H 166 -74.49 -38.78 -24.78
N ALA H 167 -73.92 -37.62 -25.13
CA ALA H 167 -72.89 -37.00 -24.31
C ALA H 167 -73.46 -36.59 -22.95
N ALA H 168 -74.68 -36.07 -22.93
CA ALA H 168 -75.29 -35.74 -21.65
C ALA H 168 -75.70 -36.98 -20.87
N ARG H 169 -75.97 -38.08 -21.56
CA ARG H 169 -76.32 -39.32 -20.86
C ARG H 169 -75.10 -39.92 -20.17
N GLN H 170 -73.96 -39.97 -20.87
CA GLN H 170 -72.76 -40.53 -20.27
C GLN H 170 -72.18 -39.62 -19.19
N SER H 171 -72.64 -38.38 -19.09
CA SER H 171 -72.12 -37.45 -18.09
C SER H 171 -72.50 -37.92 -16.69
N LYS H 172 -71.52 -37.87 -15.79
CA LYS H 172 -71.75 -38.31 -14.42
C LYS H 172 -72.53 -37.26 -13.64
N GLY H 173 -73.58 -37.70 -12.96
CA GLY H 173 -74.37 -36.81 -12.14
C GLY H 173 -75.72 -37.39 -11.78
N GLU H 174 -76.15 -37.17 -10.54
CA GLU H 174 -77.45 -37.66 -10.10
C GLU H 174 -78.60 -36.78 -10.57
N ILE H 175 -78.32 -35.53 -10.95
CA ILE H 175 -79.35 -34.59 -11.39
C ILE H 175 -78.93 -34.00 -12.72
N LYS H 176 -79.83 -34.06 -13.71
CA LYS H 176 -79.59 -33.51 -15.02
C LYS H 176 -80.76 -32.61 -15.41
N TYR H 177 -80.52 -31.72 -16.37
CA TYR H 177 -81.51 -30.74 -16.80
C TYR H 177 -81.69 -30.80 -18.31
N VAL H 178 -82.90 -30.48 -18.74
CA VAL H 178 -83.23 -30.33 -20.15
C VAL H 178 -83.81 -28.94 -20.36
N VAL H 179 -83.19 -28.15 -21.23
CA VAL H 179 -83.57 -26.76 -21.44
C VAL H 179 -83.88 -26.57 -22.92
N CYS H 180 -85.03 -25.94 -23.21
CA CYS H 180 -85.40 -25.59 -24.57
C CYS H 180 -85.07 -24.13 -24.82
N ASN H 181 -84.30 -23.87 -25.87
CA ASN H 181 -83.92 -22.51 -26.24
C ASN H 181 -85.04 -21.93 -27.11
N ALA H 182 -86.05 -21.37 -26.46
CA ALA H 182 -87.10 -20.65 -27.16
C ALA H 182 -86.75 -19.18 -27.36
N ASP H 183 -85.57 -18.74 -26.90
CA ASP H 183 -85.13 -17.35 -27.03
C ASP H 183 -84.45 -17.17 -28.39
N GLU H 184 -85.28 -17.14 -29.41
CA GLU H 184 -84.86 -16.88 -30.78
C GLU H 184 -85.14 -15.41 -31.09
N GLY H 185 -84.08 -14.68 -31.44
CA GLY H 185 -84.16 -13.25 -31.62
C GLY H 185 -83.71 -12.70 -32.95
N ASP H 186 -83.66 -13.51 -34.00
CA ASP H 186 -83.43 -12.96 -35.34
C ASP H 186 -84.64 -12.15 -35.75
N PRO H 187 -84.47 -10.89 -36.17
CA PRO H 187 -85.55 -10.19 -36.84
C PRO H 187 -85.97 -10.96 -38.09
N GLY H 188 -87.26 -10.93 -38.37
CA GLY H 188 -87.80 -11.65 -39.50
C GLY H 188 -87.98 -13.13 -39.28
N ALA H 189 -87.74 -13.63 -38.07
CA ALA H 189 -87.81 -15.05 -37.75
C ALA H 189 -88.83 -15.26 -36.65
N PHE H 190 -89.89 -16.02 -36.93
CA PHE H 190 -90.97 -16.21 -35.98
C PHE H 190 -91.48 -17.65 -36.02
N MET H 191 -90.56 -18.61 -36.09
CA MET H 191 -90.99 -20.02 -36.08
C MET H 191 -91.26 -20.54 -34.67
N ASP H 192 -90.53 -20.07 -33.64
CA ASP H 192 -90.77 -20.56 -32.29
C ASP H 192 -92.11 -20.09 -31.78
N ARG H 193 -92.43 -18.82 -32.02
CA ARG H 193 -93.65 -18.25 -31.46
C ARG H 193 -94.87 -18.90 -32.08
N SER H 194 -94.81 -19.16 -33.39
CA SER H 194 -95.92 -19.84 -34.07
C SER H 194 -96.09 -21.26 -33.56
N VAL H 195 -94.98 -21.96 -33.34
CA VAL H 195 -95.05 -23.32 -32.80
C VAL H 195 -95.58 -23.29 -31.37
N LEU H 196 -95.05 -22.40 -30.54
CA LEU H 196 -95.48 -22.29 -29.15
C LEU H 196 -96.94 -21.89 -29.05
N GLU H 197 -97.46 -21.15 -30.04
CA GLU H 197 -98.87 -20.86 -30.15
C GLU H 197 -99.62 -21.90 -30.98
N GLY H 198 -99.69 -23.14 -30.51
CA GLY H 198 -100.35 -24.19 -31.25
C GLY H 198 -99.72 -25.55 -31.09
N ASP H 199 -98.44 -25.59 -30.69
CA ASP H 199 -97.85 -26.86 -30.28
C ASP H 199 -97.20 -26.86 -28.90
N PRO H 200 -97.86 -26.33 -27.82
CA PRO H 200 -97.22 -26.42 -26.51
C PRO H 200 -97.19 -27.86 -26.06
N HIS H 201 -98.26 -28.60 -26.37
CA HIS H 201 -98.34 -30.01 -26.01
C HIS H 201 -97.30 -30.82 -26.77
N ALA H 202 -97.09 -30.50 -28.05
CA ALA H 202 -96.08 -31.20 -28.84
C ALA H 202 -94.68 -30.94 -28.30
N LEU H 203 -94.39 -29.68 -27.96
CA LEU H 203 -93.09 -29.35 -27.38
C LEU H 203 -92.89 -30.05 -26.05
N LEU H 204 -93.94 -30.08 -25.21
CA LEU H 204 -93.87 -30.74 -23.92
C LEU H 204 -93.62 -32.24 -24.08
N GLU H 205 -94.31 -32.86 -25.04
CA GLU H 205 -94.14 -34.29 -25.28
C GLU H 205 -92.73 -34.60 -25.75
N GLY H 206 -92.22 -33.82 -26.70
CA GLY H 206 -90.87 -34.06 -27.20
C GLY H 206 -89.83 -33.87 -26.11
N MET H 207 -90.00 -32.84 -25.29
CA MET H 207 -89.05 -32.61 -24.20
C MET H 207 -89.14 -33.68 -23.13
N ALA H 208 -90.34 -34.21 -22.88
CA ALA H 208 -90.46 -35.30 -21.93
C ALA H 208 -89.79 -36.56 -22.44
N ILE H 209 -89.92 -36.84 -23.74
CA ILE H 209 -89.23 -37.99 -24.33
C ILE H 209 -87.72 -37.82 -24.23
N CYS H 210 -87.24 -36.59 -24.53
CA CYS H 210 -85.81 -36.32 -24.43
C CYS H 210 -85.32 -36.45 -22.99
N GLY H 211 -86.10 -35.98 -22.02
CA GLY H 211 -85.71 -36.10 -20.63
C GLY H 211 -85.68 -37.54 -20.17
N TYR H 212 -86.61 -38.35 -20.67
CA TYR H 212 -86.57 -39.79 -20.39
C TYR H 212 -85.31 -40.41 -20.98
N ALA H 213 -84.95 -40.01 -22.19
CA ALA H 213 -83.74 -40.52 -22.82
C ALA H 213 -82.49 -40.17 -22.03
N ILE H 214 -82.39 -38.90 -21.61
CA ILE H 214 -81.25 -38.44 -20.82
C ILE H 214 -81.25 -39.02 -19.42
N GLY H 215 -82.42 -39.15 -18.80
CA GLY H 215 -82.50 -39.49 -17.40
C GLY H 215 -82.73 -38.30 -16.49
N ALA H 216 -83.04 -37.13 -17.06
CA ALA H 216 -83.29 -35.93 -16.29
C ALA H 216 -84.72 -35.93 -15.77
N ASN H 217 -84.92 -35.21 -14.67
CA ASN H 217 -86.23 -35.10 -14.03
C ASN H 217 -86.80 -33.70 -14.04
N GLU H 218 -85.98 -32.68 -14.36
CA GLU H 218 -86.42 -31.30 -14.35
C GLU H 218 -86.14 -30.67 -15.71
N GLY H 219 -87.15 -30.03 -16.28
CA GLY H 219 -87.02 -29.37 -17.56
C GLY H 219 -87.35 -27.89 -17.45
N HIS H 220 -86.72 -27.10 -18.31
CA HIS H 220 -86.87 -25.66 -18.31
C HIS H 220 -87.16 -25.16 -19.72
N ILE H 221 -88.03 -24.16 -19.83
CA ILE H 221 -88.30 -23.49 -21.09
C ILE H 221 -87.90 -22.03 -20.94
N TYR H 222 -86.87 -21.62 -21.68
CA TYR H 222 -86.41 -20.24 -21.67
C TYR H 222 -87.09 -19.51 -22.80
N CYS H 223 -88.30 -19.03 -22.56
CA CYS H 223 -89.08 -18.30 -23.54
C CYS H 223 -89.03 -16.81 -23.22
N ARG H 224 -89.11 -16.01 -24.28
CA ARG H 224 -89.04 -14.56 -24.12
C ARG H 224 -90.29 -14.04 -23.43
N ALA H 225 -90.11 -12.99 -22.62
CA ALA H 225 -91.23 -12.38 -21.92
C ALA H 225 -92.11 -11.53 -22.83
N GLU H 226 -91.68 -11.30 -24.07
CA GLU H 226 -92.44 -10.52 -25.03
C GLU H 226 -93.43 -11.36 -25.84
N TYR H 227 -93.70 -12.60 -25.42
CA TYR H 227 -94.62 -13.51 -26.10
C TYR H 227 -95.71 -13.89 -25.11
N PRO H 228 -96.70 -13.02 -24.90
CA PRO H 228 -97.70 -13.28 -23.86
C PRO H 228 -98.63 -14.44 -24.17
N LEU H 229 -99.11 -14.54 -25.41
CA LEU H 229 -99.96 -15.67 -25.78
C LEU H 229 -99.21 -16.98 -25.64
N ALA H 230 -97.92 -16.98 -25.98
CA ALA H 230 -97.11 -18.19 -25.87
C ALA H 230 -97.01 -18.65 -24.42
N ILE H 231 -96.68 -17.74 -23.50
CA ILE H 231 -96.51 -18.16 -22.11
C ILE H 231 -97.85 -18.56 -21.50
N LYS H 232 -98.94 -17.87 -21.89
CA LYS H 232 -100.26 -18.26 -21.41
C LYS H 232 -100.63 -19.67 -21.85
N ARG H 233 -100.46 -19.96 -23.15
CA ARG H 233 -100.80 -21.29 -23.66
C ARG H 233 -99.87 -22.35 -23.10
N LEU H 234 -98.60 -22.02 -22.88
CA LEU H 234 -97.68 -22.98 -22.28
C LEU H 234 -98.08 -23.32 -20.85
N GLU H 235 -98.48 -22.32 -20.07
CA GLU H 235 -98.97 -22.60 -18.71
C GLU H 235 -100.24 -23.46 -18.75
N ILE H 236 -101.14 -23.16 -19.68
CA ILE H 236 -102.37 -23.94 -19.81
C ILE H 236 -102.06 -25.38 -20.15
N ALA H 237 -101.14 -25.61 -21.10
CA ALA H 237 -100.78 -26.97 -21.49
C ALA H 237 -100.03 -27.68 -20.37
N ILE H 238 -99.22 -26.96 -19.60
CA ILE H 238 -98.54 -27.54 -18.45
C ILE H 238 -99.56 -28.06 -17.44
N ALA H 239 -100.56 -27.23 -17.12
CA ALA H 239 -101.59 -27.65 -16.18
C ALA H 239 -102.40 -28.82 -16.73
N ASP H 240 -102.71 -28.79 -18.03
CA ASP H 240 -103.48 -29.88 -18.63
C ASP H 240 -102.72 -31.19 -18.60
N ALA H 241 -101.42 -31.16 -18.91
CA ALA H 241 -100.62 -32.38 -18.90
C ALA H 241 -100.37 -32.87 -17.49
N LYS H 242 -100.25 -31.95 -16.51
CA LYS H 242 -100.14 -32.36 -15.12
C LYS H 242 -101.41 -33.04 -14.64
N GLN H 243 -102.57 -32.54 -15.07
CA GLN H 243 -103.83 -33.11 -14.64
C GLN H 243 -104.11 -34.46 -15.29
N ARG H 244 -103.42 -34.80 -16.38
CA ARG H 244 -103.64 -36.05 -17.07
C ARG H 244 -102.51 -37.05 -16.84
N ASN H 245 -101.70 -36.84 -15.80
CA ASN H 245 -100.57 -37.70 -15.45
C ASN H 245 -99.54 -37.78 -16.58
N LEU H 246 -99.52 -36.78 -17.45
CA LEU H 246 -98.56 -36.74 -18.53
C LEU H 246 -97.25 -36.08 -18.14
N LEU H 247 -97.29 -35.13 -17.21
CA LEU H 247 -96.10 -34.52 -16.63
C LEU H 247 -96.15 -34.67 -15.12
N GLY H 248 -94.98 -34.71 -14.50
CA GLY H 248 -94.91 -34.80 -13.05
C GLY H 248 -94.37 -36.13 -12.56
N LYS H 249 -95.00 -36.66 -11.51
CA LYS H 249 -94.53 -37.89 -10.87
C LYS H 249 -95.26 -39.09 -11.47
N ASN H 250 -94.49 -40.12 -11.83
CA ASN H 250 -95.00 -41.42 -12.27
C ASN H 250 -95.89 -41.28 -13.52
N ILE H 251 -95.24 -40.87 -14.62
CA ILE H 251 -95.94 -40.65 -15.88
C ILE H 251 -96.41 -41.96 -16.47
N MET H 252 -97.73 -42.08 -16.68
CA MET H 252 -98.42 -43.28 -17.19
C MET H 252 -97.98 -44.57 -16.49
N GLY H 253 -97.91 -44.52 -15.17
CA GLY H 253 -97.66 -45.73 -14.42
C GLY H 253 -96.25 -46.25 -14.48
N THR H 254 -95.33 -45.49 -15.07
CA THR H 254 -93.93 -45.84 -15.14
C THR H 254 -93.18 -45.10 -14.03
N ASN H 255 -92.12 -45.73 -13.53
CA ASN H 255 -91.34 -45.20 -12.41
C ASN H 255 -90.64 -43.89 -12.74
N PHE H 256 -90.53 -43.53 -14.02
CA PHE H 256 -89.87 -42.29 -14.41
C PHE H 256 -90.73 -41.08 -14.07
N SER H 257 -90.10 -40.02 -13.60
CA SER H 257 -90.76 -38.77 -13.25
C SER H 257 -90.08 -37.61 -13.96
N PHE H 258 -90.87 -36.62 -14.37
CA PHE H 258 -90.35 -35.48 -15.10
C PHE H 258 -91.26 -34.28 -14.89
N ASP H 259 -90.70 -33.18 -14.42
CA ASP H 259 -91.43 -31.95 -14.16
C ASP H 259 -90.86 -30.81 -14.99
N MET H 260 -91.62 -29.71 -15.05
CA MET H 260 -91.33 -28.62 -15.97
C MET H 260 -91.52 -27.28 -15.27
N LYS H 261 -90.69 -26.32 -15.65
CA LYS H 261 -90.85 -24.93 -15.26
C LYS H 261 -90.54 -24.06 -16.47
N ILE H 262 -91.12 -22.86 -16.49
CA ILE H 262 -90.91 -21.91 -17.58
C ILE H 262 -90.24 -20.67 -17.00
N LYS H 263 -89.15 -20.24 -17.65
CA LYS H 263 -88.43 -19.04 -17.25
C LYS H 263 -88.61 -17.98 -18.33
N LYS H 264 -89.02 -16.78 -17.92
CA LYS H 264 -89.26 -15.69 -18.85
C LYS H 264 -87.96 -14.93 -19.07
N GLY H 265 -87.44 -14.98 -20.29
CA GLY H 265 -86.21 -14.27 -20.59
C GLY H 265 -86.41 -12.78 -20.77
N ALA H 266 -85.30 -12.04 -20.71
CA ALA H 266 -85.32 -10.59 -20.84
C ALA H 266 -85.18 -10.12 -22.29
N GLY H 267 -84.96 -11.04 -23.23
CA GLY H 267 -84.88 -10.67 -24.63
C GLY H 267 -83.50 -10.30 -25.13
N ALA H 268 -82.46 -11.00 -24.68
CA ALA H 268 -81.11 -10.74 -25.14
C ALA H 268 -80.77 -11.67 -26.30
N PHE H 269 -80.23 -11.11 -27.37
CA PHE H 269 -79.86 -11.92 -28.52
C PHE H 269 -78.64 -12.78 -28.22
N VAL H 270 -77.74 -12.30 -27.37
CA VAL H 270 -76.56 -13.07 -27.00
C VAL H 270 -76.95 -14.33 -26.24
N CYS H 271 -78.14 -14.34 -25.61
CA CYS H 271 -78.61 -15.52 -24.90
C CYS H 271 -79.00 -16.66 -25.83
N GLY H 272 -79.04 -16.43 -27.14
CA GLY H 272 -79.18 -17.54 -28.07
C GLY H 272 -78.04 -18.53 -27.99
N GLU H 273 -76.86 -18.09 -27.57
CA GLU H 273 -75.74 -18.97 -27.30
C GLU H 273 -76.00 -19.74 -26.01
N GLU H 274 -75.38 -20.93 -25.92
CA GLU H 274 -75.75 -21.87 -24.86
C GLU H 274 -75.26 -21.39 -23.49
N THR H 275 -73.99 -20.99 -23.39
CA THR H 275 -73.44 -20.59 -22.09
C THR H 275 -74.06 -19.28 -21.61
N ALA H 276 -74.35 -18.35 -22.53
CA ALA H 276 -75.02 -17.13 -22.13
C ALA H 276 -76.45 -17.41 -21.68
N LEU H 277 -77.11 -18.37 -22.31
CA LEU H 277 -78.44 -18.77 -21.85
C LEU H 277 -78.38 -19.38 -20.46
N ILE H 278 -77.32 -20.16 -20.18
CA ILE H 278 -77.14 -20.73 -18.85
C ILE H 278 -76.91 -19.63 -17.83
N ALA H 279 -76.09 -18.63 -18.18
CA ALA H 279 -75.84 -17.51 -17.27
C ALA H 279 -77.10 -16.71 -17.01
N SER H 280 -77.93 -16.51 -18.04
CA SER H 280 -79.20 -15.82 -17.84
C SER H 280 -80.15 -16.63 -16.97
N LEU H 281 -80.16 -17.96 -17.15
CA LEU H 281 -81.05 -18.81 -16.36
C LEU H 281 -80.66 -18.82 -14.88
N GLU H 282 -79.38 -18.63 -14.59
CA GLU H 282 -78.91 -18.56 -13.21
C GLU H 282 -79.05 -17.18 -12.61
N GLY H 283 -79.74 -16.27 -13.29
CA GLY H 283 -79.98 -14.94 -12.75
C GLY H 283 -78.78 -14.03 -12.72
N GLU H 284 -77.90 -14.14 -13.70
CA GLU H 284 -76.72 -13.29 -13.81
C GLU H 284 -76.75 -12.55 -15.14
N ARG H 285 -75.71 -11.75 -15.38
CA ARG H 285 -75.59 -11.04 -16.64
C ARG H 285 -75.21 -12.03 -17.74
N GLY H 286 -76.05 -12.10 -18.77
CA GLY H 286 -75.80 -13.02 -19.87
C GLY H 286 -74.54 -12.71 -20.64
N MET H 287 -73.52 -13.55 -20.46
CA MET H 287 -72.24 -13.35 -21.11
C MET H 287 -71.66 -14.72 -21.41
N PRO H 288 -71.12 -14.93 -22.61
CA PRO H 288 -70.55 -16.24 -22.94
C PRO H 288 -69.33 -16.56 -22.10
N ARG H 289 -69.15 -17.84 -21.82
CA ARG H 289 -68.02 -18.35 -21.06
C ARG H 289 -67.11 -19.16 -21.97
N LEU H 290 -66.03 -19.67 -21.38
CA LEU H 290 -65.04 -20.41 -22.15
C LEU H 290 -65.37 -21.90 -22.16
N LYS H 291 -65.48 -22.47 -23.36
CA LYS H 291 -65.61 -23.90 -23.56
C LYS H 291 -64.26 -24.51 -23.88
N PRO H 292 -63.88 -25.66 -23.30
CA PRO H 292 -64.63 -26.51 -22.36
C PRO H 292 -64.60 -25.94 -20.94
N PRO H 293 -65.44 -26.37 -20.00
CA PRO H 293 -66.44 -27.46 -20.05
C PRO H 293 -67.71 -27.13 -20.82
N PHE H 294 -68.21 -28.10 -21.56
CA PHE H 294 -69.44 -27.94 -22.33
C PHE H 294 -70.66 -28.05 -21.43
N PRO H 295 -71.80 -27.49 -21.84
CA PRO H 295 -73.02 -27.64 -21.04
C PRO H 295 -73.46 -29.08 -20.86
N ALA H 296 -73.13 -29.97 -21.81
CA ALA H 296 -73.49 -31.38 -21.65
C ALA H 296 -72.72 -32.05 -20.52
N GLN H 297 -71.59 -31.50 -20.11
CA GLN H 297 -70.82 -32.01 -18.98
C GLN H 297 -71.09 -31.21 -17.70
N SER H 298 -71.06 -29.88 -17.79
CA SER H 298 -71.36 -29.02 -16.64
C SER H 298 -72.12 -27.80 -17.17
N GLY H 299 -73.43 -27.82 -17.02
CA GLY H 299 -74.26 -26.75 -17.52
C GLY H 299 -75.00 -25.99 -16.44
N PHE H 300 -76.30 -26.21 -16.35
CA PHE H 300 -77.16 -25.47 -15.43
C PHE H 300 -76.82 -25.82 -13.99
N TRP H 301 -76.35 -24.83 -13.23
CA TRP H 301 -75.98 -24.97 -11.82
C TRP H 301 -74.90 -26.01 -11.62
N GLY H 302 -74.03 -26.18 -12.61
CA GLY H 302 -72.96 -27.15 -12.53
C GLY H 302 -73.34 -28.57 -12.89
N LYS H 303 -74.61 -28.85 -13.09
CA LYS H 303 -75.14 -30.14 -13.47
C LYS H 303 -75.10 -30.31 -14.99
N PRO H 304 -75.03 -31.54 -15.48
CA PRO H 304 -75.11 -31.75 -16.94
C PRO H 304 -76.45 -31.27 -17.48
N THR H 305 -76.39 -30.62 -18.65
CA THR H 305 -77.57 -29.98 -19.23
C THR H 305 -77.57 -30.19 -20.73
N ASN H 306 -78.71 -30.62 -21.27
CA ASN H 306 -78.89 -30.77 -22.70
C ASN H 306 -79.78 -29.63 -23.20
N ILE H 307 -79.27 -28.87 -24.17
CA ILE H 307 -79.96 -27.68 -24.67
C ILE H 307 -80.19 -27.85 -26.15
N ASN H 308 -81.46 -27.71 -26.56
CA ASN H 308 -81.85 -27.77 -27.96
C ASN H 308 -82.97 -26.77 -28.19
N ASN H 309 -83.10 -26.31 -29.43
CA ASN H 309 -84.17 -25.37 -29.73
C ASN H 309 -85.49 -26.11 -29.90
N VAL H 310 -86.56 -25.33 -30.08
CA VAL H 310 -87.92 -25.84 -29.99
C VAL H 310 -88.22 -26.79 -31.15
N GLU H 311 -87.63 -26.54 -32.32
CA GLU H 311 -88.02 -27.28 -33.52
C GLU H 311 -87.63 -28.75 -33.44
N THR H 312 -86.47 -29.05 -32.87
CA THR H 312 -86.08 -30.44 -32.71
C THR H 312 -87.00 -31.17 -31.74
N PHE H 313 -87.38 -30.50 -30.66
CA PHE H 313 -88.32 -31.10 -29.72
C PHE H 313 -89.70 -31.28 -30.34
N ALA H 314 -90.04 -30.45 -31.32
CA ALA H 314 -91.29 -30.63 -32.05
C ALA H 314 -91.20 -31.77 -33.05
N ASN H 315 -90.00 -32.01 -33.61
CA ASN H 315 -89.82 -33.09 -34.57
C ASN H 315 -89.65 -34.44 -33.89
N VAL H 316 -89.27 -34.46 -32.61
CA VAL H 316 -89.08 -35.73 -31.90
C VAL H 316 -90.34 -36.61 -31.85
N PRO H 317 -91.53 -36.11 -31.47
CA PRO H 317 -92.66 -37.05 -31.29
C PRO H 317 -93.14 -37.69 -32.59
N TRP H 318 -93.19 -36.93 -33.68
CA TRP H 318 -93.54 -37.51 -34.97
C TRP H 318 -92.55 -38.59 -35.37
N ILE H 319 -91.27 -38.35 -35.08
CA ILE H 319 -90.22 -39.31 -35.39
C ILE H 319 -90.42 -40.59 -34.60
N MET H 320 -90.73 -40.47 -33.31
CA MET H 320 -90.87 -41.65 -32.48
C MET H 320 -92.13 -42.44 -32.86
N TYR H 321 -93.22 -41.72 -33.19
CA TYR H 321 -94.43 -42.41 -33.60
C TYR H 321 -94.26 -43.09 -34.95
N ASN H 322 -93.52 -42.47 -35.88
CA ASN H 322 -93.40 -42.98 -37.24
C ASN H 322 -92.12 -43.78 -37.49
N GLY H 323 -91.12 -43.68 -36.64
CA GLY H 323 -89.87 -44.37 -36.89
C GLY H 323 -88.83 -43.46 -37.53
N GLY H 324 -87.56 -43.72 -37.22
CA GLY H 324 -86.49 -42.89 -37.74
C GLY H 324 -86.24 -43.06 -39.22
N SER H 325 -86.58 -44.23 -39.77
CA SER H 325 -86.40 -44.46 -41.20
C SER H 325 -87.35 -43.60 -42.03
N ALA H 326 -88.55 -43.37 -41.52
CA ALA H 326 -89.50 -42.50 -42.23
C ALA H 326 -89.00 -41.07 -42.30
N TYR H 327 -88.42 -40.57 -41.21
CA TYR H 327 -87.86 -39.23 -41.23
C TYR H 327 -86.59 -39.17 -42.07
N ALA H 328 -85.84 -40.27 -42.12
CA ALA H 328 -84.64 -40.33 -42.94
C ALA H 328 -84.96 -40.35 -44.42
N ALA H 329 -86.17 -40.74 -44.81
CA ALA H 329 -86.56 -40.75 -46.21
C ALA H 329 -86.62 -39.35 -46.80
N TYR H 330 -86.89 -38.34 -45.99
CA TYR H 330 -86.89 -36.96 -46.43
C TYR H 330 -85.49 -36.36 -46.30
N GLY H 331 -85.26 -35.28 -47.03
CA GLY H 331 -83.99 -34.61 -46.97
C GLY H 331 -82.94 -35.27 -47.85
N THR H 332 -81.69 -34.90 -47.59
CA THR H 332 -80.55 -35.40 -48.35
C THR H 332 -79.80 -36.45 -47.54
N GLU H 333 -78.69 -36.93 -48.11
CA GLU H 333 -77.88 -37.94 -47.45
C GLU H 333 -77.10 -37.36 -46.27
N LYS H 334 -76.90 -36.04 -46.26
CA LYS H 334 -76.21 -35.38 -45.16
C LYS H 334 -77.14 -34.54 -44.30
N SER H 335 -78.36 -34.25 -44.78
CA SER H 335 -79.35 -33.47 -44.05
C SER H 335 -80.71 -34.12 -44.27
N LYS H 336 -81.18 -34.87 -43.26
CA LYS H 336 -82.38 -35.67 -43.38
C LYS H 336 -83.57 -34.98 -42.72
N GLY H 337 -84.70 -34.97 -43.42
CA GLY H 337 -85.94 -34.53 -42.79
C GLY H 337 -86.59 -33.28 -43.35
N THR H 338 -87.04 -32.40 -42.45
CA THR H 338 -87.79 -31.20 -42.80
C THR H 338 -87.31 -30.02 -41.98
N LYS H 339 -87.50 -28.80 -42.50
CA LYS H 339 -87.08 -27.57 -41.85
C LYS H 339 -88.11 -26.47 -42.05
N VAL H 340 -88.39 -25.70 -40.98
CA VAL H 340 -89.29 -24.56 -41.04
C VAL H 340 -88.50 -23.36 -41.53
N PHE H 341 -89.16 -22.48 -42.28
CA PHE H 341 -88.57 -21.23 -42.71
C PHE H 341 -89.58 -20.10 -42.56
N ALA H 342 -89.12 -18.97 -42.06
CA ALA H 342 -89.94 -17.76 -41.95
C ALA H 342 -89.70 -16.95 -43.21
N LEU H 343 -90.61 -17.07 -44.17
CA LEU H 343 -90.48 -16.43 -45.47
C LEU H 343 -91.13 -15.06 -45.43
N ALA H 344 -90.34 -14.02 -45.62
CA ALA H 344 -90.86 -12.65 -45.58
C ALA H 344 -90.08 -11.79 -46.56
N GLY H 345 -90.32 -10.48 -46.53
CA GLY H 345 -89.60 -9.55 -47.38
C GLY H 345 -90.38 -9.16 -48.61
N LYS H 346 -89.67 -9.01 -49.73
CA LYS H 346 -90.31 -8.66 -51.01
C LYS H 346 -90.78 -9.92 -51.72
N ILE H 347 -91.80 -10.54 -51.13
CA ILE H 347 -92.41 -11.73 -51.68
C ILE H 347 -93.93 -11.58 -51.60
N LYS H 348 -94.64 -12.34 -52.43
CA LYS H 348 -96.10 -12.26 -52.45
C LYS H 348 -96.70 -13.03 -51.29
N ASN H 349 -96.41 -14.33 -51.21
CA ASN H 349 -97.01 -15.20 -50.19
C ASN H 349 -96.01 -15.38 -49.05
N GLY H 350 -96.13 -14.54 -48.03
CA GLY H 350 -95.28 -14.66 -46.86
C GLY H 350 -95.91 -15.49 -45.76
N GLY H 351 -95.10 -15.77 -44.73
CA GLY H 351 -95.55 -16.52 -43.58
C GLY H 351 -94.58 -17.64 -43.28
N LEU H 352 -95.09 -18.67 -42.62
CA LEU H 352 -94.28 -19.81 -42.22
C LEU H 352 -94.41 -20.94 -43.23
N VAL H 353 -93.28 -21.36 -43.79
CA VAL H 353 -93.24 -22.45 -44.76
C VAL H 353 -92.49 -23.61 -44.14
N GLU H 354 -92.72 -24.80 -44.70
CA GLU H 354 -92.09 -26.03 -44.21
C GLU H 354 -91.61 -26.81 -45.43
N VAL H 355 -90.30 -27.01 -45.54
CA VAL H 355 -89.78 -27.70 -46.72
C VAL H 355 -88.81 -28.81 -46.33
N PRO H 356 -88.78 -29.92 -47.05
CA PRO H 356 -87.70 -30.89 -46.87
C PRO H 356 -86.40 -30.33 -47.43
N MET H 357 -85.28 -30.65 -46.80
CA MET H 357 -84.03 -30.13 -47.32
C MET H 357 -83.66 -30.84 -48.62
N GLY H 358 -82.87 -30.17 -49.45
CA GLY H 358 -82.61 -30.59 -50.80
C GLY H 358 -83.40 -29.83 -51.85
N MET H 359 -84.50 -29.18 -51.45
CA MET H 359 -85.26 -28.36 -52.38
C MET H 359 -84.48 -27.12 -52.74
N SER H 360 -84.55 -26.72 -54.01
CA SER H 360 -83.84 -25.53 -54.45
C SER H 360 -84.53 -24.29 -53.91
N LEU H 361 -83.76 -23.19 -53.84
CA LEU H 361 -84.30 -21.96 -53.31
C LEU H 361 -85.29 -21.33 -54.28
N ARG H 362 -85.13 -21.63 -55.58
CA ARG H 362 -86.06 -21.19 -56.61
C ARG H 362 -87.48 -21.69 -56.32
N GLU H 363 -87.60 -22.97 -55.97
CA GLU H 363 -88.91 -23.55 -55.69
C GLU H 363 -89.54 -22.89 -54.46
N VAL H 364 -88.74 -22.67 -53.42
CA VAL H 364 -89.27 -22.10 -52.18
C VAL H 364 -89.74 -20.67 -52.42
N ILE H 365 -88.93 -19.87 -53.12
CA ILE H 365 -89.28 -18.46 -53.33
C ILE H 365 -90.43 -18.34 -54.32
N TYR H 366 -90.44 -19.14 -55.37
CA TYR H 366 -91.38 -18.97 -56.48
C TYR H 366 -92.60 -19.87 -56.38
N ASP H 367 -92.41 -21.19 -56.28
CA ASP H 367 -93.54 -22.11 -56.33
C ASP H 367 -94.47 -21.94 -55.13
N ILE H 368 -93.91 -21.78 -53.94
CA ILE H 368 -94.71 -21.61 -52.73
C ILE H 368 -94.85 -20.13 -52.36
N GLY H 369 -93.77 -19.35 -52.47
CA GLY H 369 -93.85 -17.95 -52.13
C GLY H 369 -94.58 -17.09 -53.12
N GLY H 370 -94.89 -17.62 -54.31
CA GLY H 370 -95.64 -16.89 -55.30
C GLY H 370 -94.83 -15.90 -56.11
N GLY H 371 -93.53 -15.82 -55.89
CA GLY H 371 -92.72 -14.87 -56.63
C GLY H 371 -92.58 -13.54 -55.90
N ILE H 372 -91.86 -12.64 -56.57
CA ILE H 372 -91.55 -11.34 -56.01
C ILE H 372 -92.79 -10.47 -56.01
N LEU H 373 -92.96 -9.69 -54.95
CA LEU H 373 -94.08 -8.76 -54.86
C LEU H 373 -93.98 -7.69 -55.94
N ASN H 374 -95.15 -7.28 -56.46
CA ASN H 374 -95.28 -6.25 -57.49
C ASN H 374 -94.58 -6.62 -58.79
N ASP H 375 -94.32 -7.92 -58.99
CA ASP H 375 -93.75 -8.45 -60.23
C ASP H 375 -92.39 -7.83 -60.57
N ARG H 376 -91.63 -7.43 -59.56
CA ARG H 376 -90.29 -6.93 -59.79
C ARG H 376 -89.33 -8.10 -59.94
N GLU H 377 -88.04 -7.79 -60.11
CA GLU H 377 -87.03 -8.82 -60.31
C GLU H 377 -86.42 -9.22 -58.97
N PHE H 378 -86.14 -10.52 -58.84
CA PHE H 378 -85.44 -11.00 -57.66
C PHE H 378 -83.99 -10.51 -57.67
N LYS H 379 -83.51 -10.07 -56.52
CA LYS H 379 -82.14 -9.58 -56.39
C LYS H 379 -81.31 -10.42 -55.44
N ALA H 380 -81.77 -10.64 -54.22
CA ALA H 380 -81.04 -11.43 -53.25
C ALA H 380 -82.00 -11.92 -52.18
N VAL H 381 -81.47 -12.76 -51.29
CA VAL H 381 -82.27 -13.33 -50.21
C VAL H 381 -81.40 -13.52 -48.98
N GLN H 382 -81.82 -12.95 -47.87
CA GLN H 382 -81.07 -13.03 -46.62
C GLN H 382 -81.51 -14.28 -45.86
N MET H 383 -80.53 -15.09 -45.47
CA MET H 383 -80.76 -16.32 -44.73
C MET H 383 -79.90 -16.34 -43.47
N GLY H 384 -80.44 -16.91 -42.41
CA GLY H 384 -79.74 -17.00 -41.14
C GLY H 384 -79.86 -15.78 -40.26
N GLY H 385 -80.76 -14.85 -40.56
CA GLY H 385 -80.93 -13.66 -39.77
C GLY H 385 -79.79 -12.68 -39.97
N PRO H 386 -79.71 -11.66 -39.11
CA PRO H 386 -78.65 -10.66 -39.26
C PRO H 386 -77.24 -11.19 -39.06
N SER H 387 -77.09 -12.43 -38.59
CA SER H 387 -75.79 -13.09 -38.63
C SER H 387 -75.60 -13.92 -39.88
N GLY H 388 -76.60 -13.97 -40.75
CA GLY H 388 -76.55 -14.78 -41.96
C GLY H 388 -75.95 -14.03 -43.14
N GLY H 389 -76.33 -14.46 -44.34
CA GLY H 389 -75.79 -13.92 -45.55
C GLY H 389 -76.85 -13.70 -46.61
N CYS H 390 -76.47 -12.95 -47.65
CA CYS H 390 -77.37 -12.58 -48.73
C CYS H 390 -77.00 -13.36 -49.98
N ILE H 391 -77.81 -14.38 -50.29
CA ILE H 391 -77.60 -15.22 -51.46
C ILE H 391 -78.08 -14.45 -52.69
N PRO H 392 -77.25 -14.31 -53.72
CA PRO H 392 -77.62 -13.50 -54.89
C PRO H 392 -78.52 -14.28 -55.85
N LYS H 393 -78.79 -13.65 -56.99
CA LYS H 393 -79.65 -14.27 -58.00
C LYS H 393 -78.93 -15.37 -58.76
N GLN H 394 -77.62 -15.26 -58.91
CA GLN H 394 -76.87 -16.23 -59.71
C GLN H 394 -76.76 -17.59 -59.03
N LEU H 395 -77.11 -17.69 -57.76
CA LEU H 395 -77.14 -18.96 -57.04
C LEU H 395 -78.58 -19.38 -56.76
N LEU H 396 -79.47 -19.18 -57.75
CA LEU H 396 -80.90 -19.38 -57.55
C LEU H 396 -81.26 -20.85 -57.42
N ASP H 397 -80.35 -21.76 -57.76
CA ASP H 397 -80.62 -23.20 -57.73
C ASP H 397 -79.76 -23.91 -56.68
N THR H 398 -79.53 -23.26 -55.56
CA THR H 398 -78.83 -23.91 -54.47
C THR H 398 -79.81 -24.64 -53.57
N PRO H 399 -79.66 -25.94 -53.38
CA PRO H 399 -80.57 -26.68 -52.49
C PRO H 399 -80.44 -26.20 -51.06
N VAL H 400 -81.58 -26.17 -50.36
CA VAL H 400 -81.59 -25.71 -48.97
C VAL H 400 -81.15 -26.88 -48.09
N ASP H 401 -79.97 -26.73 -47.49
CA ASP H 401 -79.40 -27.64 -46.51
C ASP H 401 -78.15 -26.97 -45.97
N TYR H 402 -77.65 -27.48 -44.84
CA TYR H 402 -76.66 -26.76 -44.05
C TYR H 402 -75.36 -26.51 -44.85
N ASP H 403 -74.81 -27.55 -45.46
CA ASP H 403 -73.51 -27.42 -46.10
C ASP H 403 -73.58 -26.60 -47.38
N SER H 404 -74.69 -26.71 -48.12
CA SER H 404 -74.80 -25.95 -49.38
C SER H 404 -74.84 -24.45 -49.12
N ILE H 405 -75.66 -24.00 -48.17
CA ILE H 405 -75.71 -22.58 -47.87
C ILE H 405 -74.51 -22.15 -47.04
N ASN H 406 -73.82 -23.08 -46.39
CA ASN H 406 -72.55 -22.74 -45.76
C ASN H 406 -71.47 -22.49 -46.81
N LYS H 407 -71.55 -23.20 -47.93
CA LYS H 407 -70.59 -22.98 -49.01
C LYS H 407 -70.80 -21.63 -49.69
N THR H 408 -72.01 -21.09 -49.65
CA THR H 408 -72.28 -19.81 -50.27
C THR H 408 -71.90 -18.64 -49.37
N GLY H 409 -71.52 -18.92 -48.13
CA GLY H 409 -71.14 -17.88 -47.18
C GLY H 409 -72.18 -17.55 -46.14
N ALA H 410 -73.40 -18.05 -46.28
CA ALA H 410 -74.46 -17.82 -45.33
C ALA H 410 -74.55 -18.98 -44.33
N ILE H 411 -75.51 -18.90 -43.42
CA ILE H 411 -75.76 -19.96 -42.45
C ILE H 411 -77.26 -20.23 -42.41
N MET H 412 -77.62 -21.34 -41.77
CA MET H 412 -79.02 -21.68 -41.63
C MET H 412 -79.73 -20.73 -40.66
N GLY H 413 -79.12 -20.48 -39.50
CA GLY H 413 -79.79 -19.71 -38.48
C GLY H 413 -81.00 -20.46 -37.95
N SER H 414 -82.00 -19.70 -37.51
CA SER H 414 -83.26 -20.30 -37.12
C SER H 414 -84.22 -20.50 -38.29
N GLY H 415 -83.92 -19.93 -39.45
CA GLY H 415 -84.77 -20.12 -40.61
C GLY H 415 -85.45 -18.86 -41.10
N GLY H 416 -84.80 -17.71 -40.94
CA GLY H 416 -85.36 -16.47 -41.43
C GLY H 416 -84.92 -16.17 -42.85
N MET H 417 -85.85 -16.22 -43.80
CA MET H 417 -85.55 -16.04 -45.22
C MET H 417 -86.28 -14.79 -45.71
N ILE H 418 -85.51 -13.76 -46.06
CA ILE H 418 -86.05 -12.47 -46.46
C ILE H 418 -85.73 -12.26 -47.93
N VAL H 419 -86.75 -12.01 -48.73
CA VAL H 419 -86.59 -11.86 -50.18
C VAL H 419 -86.45 -10.38 -50.51
N MET H 420 -85.51 -10.07 -51.40
CA MET H 420 -85.20 -8.70 -51.78
C MET H 420 -85.44 -8.50 -53.27
N ASP H 421 -85.85 -7.30 -53.63
CA ASP H 421 -86.00 -6.91 -55.03
C ASP H 421 -84.86 -5.98 -55.40
N GLU H 422 -84.88 -5.52 -56.66
CA GLU H 422 -83.83 -4.64 -57.16
C GLU H 422 -83.89 -3.24 -56.58
N THR H 423 -84.95 -2.90 -55.85
CA THR H 423 -85.13 -1.55 -55.33
C THR H 423 -84.50 -1.34 -53.96
N THR H 424 -83.82 -2.33 -53.41
CA THR H 424 -83.18 -2.21 -52.09
C THR H 424 -81.69 -2.41 -52.23
N CYS H 425 -80.92 -1.47 -51.68
CA CYS H 425 -79.47 -1.50 -51.81
C CYS H 425 -78.85 -2.46 -50.82
N MET H 426 -77.81 -3.17 -51.26
CA MET H 426 -77.17 -4.15 -50.37
C MET H 426 -76.27 -3.48 -49.35
N VAL H 427 -75.72 -2.31 -49.67
CA VAL H 427 -74.85 -1.61 -48.72
C VAL H 427 -75.65 -1.17 -47.50
N ASP H 428 -76.84 -0.62 -47.73
CA ASP H 428 -77.69 -0.23 -46.62
C ASP H 428 -78.16 -1.44 -45.82
N MET H 429 -78.38 -2.58 -46.47
CA MET H 429 -78.79 -3.77 -45.74
C MET H 429 -77.66 -4.33 -44.88
N ALA H 430 -76.43 -4.31 -45.41
CA ALA H 430 -75.28 -4.70 -44.58
C ALA H 430 -75.12 -3.75 -43.41
N ARG H 431 -75.32 -2.45 -43.63
CA ARG H 431 -75.27 -1.49 -42.53
C ARG H 431 -76.34 -1.79 -41.49
N PHE H 432 -77.54 -2.16 -41.94
CA PHE H 432 -78.63 -2.46 -41.01
C PHE H 432 -78.30 -3.68 -40.16
N PHE H 433 -77.83 -4.76 -40.80
CA PHE H 433 -77.50 -5.97 -40.06
C PHE H 433 -76.35 -5.73 -39.09
N LEU H 434 -75.36 -4.96 -39.52
CA LEU H 434 -74.25 -4.65 -38.62
C LEU H 434 -74.68 -3.76 -37.46
N ASP H 435 -75.61 -2.84 -37.69
CA ASP H 435 -76.13 -2.02 -36.61
C ASP H 435 -76.85 -2.90 -35.60
N PHE H 436 -77.66 -3.85 -36.08
CA PHE H 436 -78.35 -4.76 -35.17
C PHE H 436 -77.34 -5.57 -34.36
N THR H 437 -76.27 -6.04 -35.00
CA THR H 437 -75.25 -6.77 -34.26
C THR H 437 -74.56 -5.88 -33.23
N VAL H 438 -74.31 -4.62 -33.57
CA VAL H 438 -73.68 -3.68 -32.64
C VAL H 438 -74.58 -3.45 -31.43
N LYS H 439 -75.88 -3.30 -31.66
CA LYS H 439 -76.80 -3.04 -30.56
C LYS H 439 -76.94 -4.25 -29.64
N GLU H 440 -76.67 -5.46 -30.13
CA GLU H 440 -76.88 -6.67 -29.35
C GLU H 440 -75.59 -7.30 -28.86
N SER H 441 -74.46 -6.61 -28.95
CA SER H 441 -73.20 -7.15 -28.47
C SER H 441 -73.08 -6.96 -26.97
N CYS H 442 -72.61 -8.00 -26.28
CA CYS H 442 -72.46 -7.90 -24.84
C CYS H 442 -71.17 -7.21 -24.42
N GLY H 443 -70.24 -7.01 -25.34
CA GLY H 443 -69.05 -6.22 -25.03
C GLY H 443 -68.07 -6.85 -24.07
N LYS H 444 -67.72 -8.12 -24.27
CA LYS H 444 -66.72 -8.77 -23.45
C LYS H 444 -65.35 -8.78 -24.11
N CYS H 445 -65.26 -9.34 -25.32
CA CYS H 445 -63.99 -9.40 -26.02
C CYS H 445 -63.77 -8.14 -26.84
N ILE H 446 -62.52 -7.90 -27.19
CA ILE H 446 -62.16 -6.67 -27.90
C ILE H 446 -62.77 -6.65 -29.29
N TYR H 447 -62.77 -7.80 -29.98
CA TYR H 447 -63.11 -7.83 -31.39
C TYR H 447 -64.56 -7.45 -31.62
N CYS H 448 -65.51 -8.16 -31.02
CA CYS H 448 -66.91 -7.87 -31.23
C CYS H 448 -67.30 -6.51 -30.66
N ARG H 449 -66.61 -6.05 -29.62
CA ARG H 449 -67.00 -4.78 -29.01
C ARG H 449 -66.54 -3.59 -29.83
N ILE H 450 -65.33 -3.64 -30.37
CA ILE H 450 -64.77 -2.48 -31.06
C ILE H 450 -64.91 -2.60 -32.57
N GLY H 451 -64.48 -3.74 -33.14
CA GLY H 451 -64.41 -3.85 -34.58
C GLY H 451 -65.77 -3.77 -35.26
N THR H 452 -66.81 -4.27 -34.60
CA THR H 452 -68.15 -4.16 -35.18
C THR H 452 -68.57 -2.70 -35.31
N LYS H 453 -68.29 -1.90 -34.29
CA LYS H 453 -68.57 -0.47 -34.39
C LYS H 453 -67.71 0.20 -35.44
N ARG H 454 -66.45 -0.20 -35.56
CA ARG H 454 -65.59 0.39 -36.59
C ARG H 454 -66.14 0.09 -37.99
N MET H 455 -66.53 -1.15 -38.24
CA MET H 455 -67.11 -1.51 -39.52
C MET H 455 -68.45 -0.82 -39.75
N LEU H 456 -69.21 -0.61 -38.69
CA LEU H 456 -70.46 0.13 -38.82
C LEU H 456 -70.20 1.58 -39.20
N GLU H 457 -69.16 2.19 -38.63
CA GLU H 457 -68.79 3.54 -39.02
C GLU H 457 -68.39 3.61 -40.48
N ILE H 458 -67.63 2.61 -40.95
CA ILE H 458 -67.24 2.57 -42.35
C ILE H 458 -68.46 2.45 -43.26
N LEU H 459 -69.39 1.58 -42.90
CA LEU H 459 -70.60 1.42 -43.70
C LEU H 459 -71.47 2.67 -43.66
N GLU H 460 -71.51 3.35 -42.52
CA GLU H 460 -72.26 4.61 -42.44
C GLU H 460 -71.63 5.66 -43.35
N ARG H 461 -70.30 5.72 -43.38
CA ARG H 461 -69.63 6.66 -44.26
C ARG H 461 -69.90 6.35 -45.73
N ILE H 462 -69.93 5.07 -46.07
CA ILE H 462 -70.23 4.69 -47.45
C ILE H 462 -71.66 5.05 -47.81
N THR H 463 -72.61 4.79 -46.91
CA THR H 463 -74.01 5.06 -47.21
C THR H 463 -74.39 6.52 -47.15
N THR H 464 -73.56 7.38 -46.54
CA THR H 464 -73.85 8.81 -46.49
C THR H 464 -73.12 9.60 -47.56
N GLY H 465 -72.39 8.92 -48.44
CA GLY H 465 -71.63 9.59 -49.46
C GLY H 465 -70.26 10.05 -49.05
N GLU H 466 -69.78 9.65 -47.88
CA GLU H 466 -68.44 10.00 -47.43
C GLU H 466 -67.48 8.81 -47.52
N GLY H 467 -67.84 7.78 -48.29
CA GLY H 467 -66.96 6.65 -48.44
C GLY H 467 -65.68 7.02 -49.18
N ARG H 468 -64.55 6.59 -48.64
CA ARG H 468 -63.25 6.89 -49.20
C ARG H 468 -62.68 5.67 -49.90
N GLU H 469 -61.66 5.91 -50.71
CA GLU H 469 -61.00 4.82 -51.42
C GLU H 469 -60.23 3.95 -50.44
N GLY H 470 -60.38 2.63 -50.57
CA GLY H 470 -59.80 1.70 -49.65
C GLY H 470 -60.73 1.26 -48.53
N ASP H 471 -61.97 1.72 -48.53
CA ASP H 471 -62.90 1.32 -47.48
C ASP H 471 -63.27 -0.16 -47.60
N ILE H 472 -63.32 -0.67 -48.83
CA ILE H 472 -63.62 -2.09 -49.02
C ILE H 472 -62.50 -2.96 -48.46
N GLU H 473 -61.24 -2.55 -48.65
CA GLU H 473 -60.11 -3.29 -48.12
C GLU H 473 -60.13 -3.31 -46.59
N GLU H 474 -60.41 -2.16 -45.98
CA GLU H 474 -60.54 -2.09 -44.54
C GLU H 474 -61.69 -2.97 -44.06
N LEU H 475 -62.81 -2.97 -44.79
CA LEU H 475 -63.94 -3.80 -44.42
C LEU H 475 -63.58 -5.28 -44.43
N GLU H 476 -62.90 -5.75 -45.48
CA GLU H 476 -62.62 -7.18 -45.53
C GLU H 476 -61.57 -7.60 -44.51
N GLU H 477 -60.55 -6.76 -44.25
CA GLU H 477 -59.59 -7.14 -43.22
C GLU H 477 -60.21 -7.13 -41.83
N LEU H 478 -61.03 -6.11 -41.53
CA LEU H 478 -61.73 -6.10 -40.25
C LEU H 478 -62.65 -7.30 -40.11
N SER H 479 -63.33 -7.68 -41.19
CA SER H 479 -64.24 -8.81 -41.14
C SER H 479 -63.49 -10.11 -40.86
N ILE H 480 -62.36 -10.32 -41.54
CA ILE H 480 -61.60 -11.55 -41.30
C ILE H 480 -61.07 -11.59 -39.87
N SER H 481 -60.55 -10.46 -39.38
CA SER H 481 -60.01 -10.46 -38.03
C SER H 481 -61.09 -10.66 -36.97
N ILE H 482 -62.25 -10.04 -37.16
CA ILE H 482 -63.36 -10.21 -36.22
C ILE H 482 -63.84 -11.65 -36.23
N LYS H 483 -63.94 -12.26 -37.41
CA LYS H 483 -64.34 -13.66 -37.48
C LYS H 483 -63.32 -14.57 -36.80
N ASP H 484 -62.04 -14.24 -36.90
CA ASP H 484 -61.01 -15.08 -36.29
C ASP H 484 -60.82 -14.82 -34.81
N GLY H 485 -61.31 -13.71 -34.28
CA GLY H 485 -60.98 -13.37 -32.91
C GLY H 485 -62.09 -13.41 -31.88
N SER H 486 -63.34 -13.53 -32.30
CA SER H 486 -64.45 -13.42 -31.37
C SER H 486 -64.54 -14.64 -30.48
N LEU H 487 -65.18 -14.47 -29.32
CA LEU H 487 -65.37 -15.57 -28.40
C LEU H 487 -66.49 -16.49 -28.85
N CYS H 488 -67.71 -15.96 -28.92
CA CYS H 488 -68.87 -16.78 -29.20
C CYS H 488 -69.24 -16.68 -30.66
N GLY H 489 -70.35 -17.33 -31.02
CA GLY H 489 -70.79 -17.33 -32.41
C GLY H 489 -71.43 -16.04 -32.86
N LEU H 490 -71.78 -15.17 -31.92
CA LEU H 490 -72.38 -13.89 -32.29
C LEU H 490 -71.38 -13.01 -33.01
N GLY H 491 -70.15 -12.95 -32.50
CA GLY H 491 -69.13 -12.15 -33.15
C GLY H 491 -68.45 -12.86 -34.29
N GLN H 492 -68.42 -14.20 -34.25
CA GLN H 492 -67.81 -14.95 -35.34
C GLN H 492 -68.64 -14.86 -36.61
N THR H 493 -69.96 -14.93 -36.50
CA THR H 493 -70.84 -14.80 -37.64
C THR H 493 -71.30 -13.36 -37.86
N ALA H 494 -70.81 -12.41 -37.07
CA ALA H 494 -71.17 -11.01 -37.25
C ALA H 494 -70.78 -10.45 -38.62
N PRO H 495 -69.58 -10.65 -39.16
CA PRO H 495 -69.25 -10.07 -40.46
C PRO H 495 -69.79 -10.85 -41.66
N ASN H 496 -70.67 -11.81 -41.45
CA ASN H 496 -71.22 -12.57 -42.57
C ASN H 496 -72.01 -11.71 -43.56
N PRO H 497 -72.93 -10.81 -43.15
CA PRO H 497 -73.54 -9.94 -44.16
C PRO H 497 -72.57 -9.01 -44.85
N VAL H 498 -71.55 -8.54 -44.14
CA VAL H 498 -70.61 -7.58 -44.72
C VAL H 498 -69.77 -8.25 -45.80
N LEU H 499 -69.23 -9.43 -45.50
CA LEU H 499 -68.39 -10.14 -46.45
C LEU H 499 -69.18 -10.60 -47.66
N THR H 500 -70.30 -11.27 -47.43
CA THR H 500 -71.07 -11.88 -48.51
C THR H 500 -71.60 -10.82 -49.48
N THR H 501 -72.17 -9.73 -48.94
CA THR H 501 -72.64 -8.66 -49.81
C THR H 501 -71.50 -7.98 -50.55
N ILE H 502 -70.27 -8.10 -50.05
CA ILE H 502 -69.11 -7.73 -50.86
C ILE H 502 -68.99 -8.69 -52.04
N ARG H 503 -68.89 -9.99 -51.73
CA ARG H 503 -68.47 -11.00 -52.69
C ARG H 503 -69.43 -11.09 -53.88
N TYR H 504 -70.67 -10.65 -53.71
CA TYR H 504 -71.64 -10.69 -54.78
C TYR H 504 -72.13 -9.32 -55.24
N PHE H 505 -71.78 -8.23 -54.54
CA PHE H 505 -72.34 -6.93 -54.92
C PHE H 505 -71.30 -5.83 -54.79
N ARG H 506 -70.02 -6.18 -55.00
CA ARG H 506 -68.92 -5.23 -54.85
C ARG H 506 -69.11 -4.00 -55.70
N ASP H 507 -69.69 -4.15 -56.89
CA ASP H 507 -69.90 -3.03 -57.80
C ASP H 507 -70.73 -1.94 -57.14
N GLU H 508 -71.76 -2.33 -56.37
CA GLU H 508 -72.57 -1.34 -55.68
C GLU H 508 -71.72 -0.50 -54.73
N TYR H 509 -70.83 -1.15 -53.99
CA TYR H 509 -69.90 -0.41 -53.14
C TYR H 509 -69.07 0.55 -53.96
N GLU H 510 -68.59 0.09 -55.12
CA GLU H 510 -67.88 1.00 -56.03
C GLU H 510 -68.79 2.13 -56.46
N ALA H 511 -70.04 1.82 -56.79
CA ALA H 511 -70.99 2.86 -57.17
C ALA H 511 -71.26 3.79 -56.00
N HIS H 512 -71.06 3.31 -54.78
CA HIS H 512 -71.27 4.17 -53.63
C HIS H 512 -70.01 4.94 -53.27
N ILE H 513 -68.85 4.54 -53.80
CA ILE H 513 -67.61 5.19 -53.43
C ILE H 513 -67.17 6.19 -54.49
N ARG H 514 -67.05 5.73 -55.74
CA ARG H 514 -66.49 6.58 -56.79
C ARG H 514 -67.54 7.40 -57.52
N ASP H 515 -68.82 7.06 -57.40
CA ASP H 515 -69.87 7.76 -58.13
C ASP H 515 -70.80 8.56 -57.23
N LYS H 516 -70.90 8.22 -55.95
CA LYS H 516 -71.86 8.81 -55.02
C LYS H 516 -73.30 8.64 -55.52
N LYS H 517 -73.57 7.51 -56.17
CA LYS H 517 -74.90 7.18 -56.64
C LYS H 517 -75.30 5.80 -56.14
N CYS H 518 -76.51 5.70 -55.60
CA CYS H 518 -77.04 4.42 -55.14
C CYS H 518 -77.90 3.84 -56.26
N PRO H 519 -77.52 2.70 -56.84
CA PRO H 519 -78.32 2.13 -57.93
C PRO H 519 -79.75 1.77 -57.54
N ALA H 520 -79.99 1.36 -56.31
CA ALA H 520 -81.32 0.95 -55.88
C ALA H 520 -82.19 2.12 -55.45
N LYS H 521 -81.64 3.33 -55.45
CA LYS H 521 -82.37 4.57 -55.15
C LYS H 521 -82.96 4.55 -53.74
N SER H 522 -82.14 4.13 -52.78
CA SER H 522 -82.60 4.02 -51.39
C SER H 522 -81.87 4.97 -50.44
N CYS H 523 -80.62 5.31 -50.72
CA CYS H 523 -79.83 6.16 -49.83
C CYS H 523 -80.13 7.62 -50.14
N LYS H 524 -80.90 8.27 -49.27
CA LYS H 524 -81.36 9.64 -49.47
C LYS H 524 -80.20 10.63 -49.58
N PRO H 525 -79.10 10.51 -48.82
CA PRO H 525 -77.92 11.31 -49.15
C PRO H 525 -77.41 11.13 -50.57
N LEU H 526 -77.49 9.92 -51.11
CA LEU H 526 -76.98 9.63 -52.45
C LEU H 526 -78.00 9.88 -53.54
N LEU H 527 -79.19 10.32 -53.20
CA LEU H 527 -80.21 10.63 -54.20
C LEU H 527 -79.97 12.02 -54.77
N THR H 528 -80.30 12.18 -56.05
CA THR H 528 -80.25 13.47 -56.72
C THR H 528 -81.55 13.68 -57.48
N TYR H 529 -82.26 14.76 -57.17
CA TYR H 529 -83.57 15.02 -57.76
C TYR H 529 -83.40 16.03 -58.89
N THR H 530 -83.78 15.65 -60.10
CA THR H 530 -83.71 16.52 -61.26
C THR H 530 -85.07 16.59 -61.92
N ILE H 531 -85.29 17.61 -62.74
CA ILE H 531 -86.54 17.81 -63.44
C ILE H 531 -86.27 17.71 -64.94
N ASN H 532 -86.97 16.79 -65.60
CA ASN H 532 -86.85 16.65 -67.04
C ASN H 532 -87.47 17.86 -67.73
N GLN H 533 -86.67 18.58 -68.52
CA GLN H 533 -87.16 19.77 -69.18
C GLN H 533 -88.07 19.46 -70.37
N ASP H 534 -88.09 18.22 -70.83
CA ASP H 534 -88.88 17.85 -72.00
C ASP H 534 -90.30 17.45 -71.63
N ASN H 535 -90.46 16.62 -70.60
CA ASN H 535 -91.76 16.10 -70.20
C ASN H 535 -92.36 16.86 -69.01
N CYS H 536 -92.04 18.15 -68.90
CA CYS H 536 -92.57 19.00 -67.83
C CYS H 536 -93.02 20.33 -68.41
N LYS H 537 -94.14 20.85 -67.92
CA LYS H 537 -94.64 22.15 -68.34
C LYS H 537 -95.01 23.00 -67.13
N GLY H 538 -93.98 23.63 -66.54
CA GLY H 538 -94.08 24.86 -65.76
C GLY H 538 -95.29 25.14 -64.91
N CYS H 539 -95.61 24.27 -63.95
CA CYS H 539 -96.78 24.49 -63.09
C CYS H 539 -96.42 24.92 -61.68
N THR H 540 -95.16 24.83 -61.28
CA THR H 540 -94.66 25.21 -59.95
C THR H 540 -95.40 24.43 -58.84
N LEU H 541 -95.92 23.24 -59.18
CA LEU H 541 -96.71 22.48 -58.22
C LEU H 541 -95.82 21.78 -57.21
N CYS H 542 -94.62 21.37 -57.62
CA CYS H 542 -93.68 20.77 -56.68
C CYS H 542 -93.02 21.81 -55.80
N ALA H 543 -92.72 22.99 -56.36
CA ALA H 543 -92.04 24.02 -55.58
C ALA H 543 -92.92 24.57 -54.47
N GLN H 544 -94.24 24.66 -54.72
CA GLN H 544 -95.16 25.10 -53.68
C GLN H 544 -95.25 24.09 -52.55
N LYS H 545 -95.06 22.81 -52.86
CA LYS H 545 -95.11 21.74 -51.87
C LYS H 545 -93.78 21.51 -51.17
N CYS H 546 -92.77 22.32 -51.48
CA CYS H 546 -91.46 22.23 -50.84
C CYS H 546 -91.22 23.46 -49.98
N PRO H 547 -91.36 23.36 -48.65
CA PRO H 547 -91.01 24.50 -47.80
C PRO H 547 -89.51 24.59 -47.52
N VAL H 548 -88.70 24.38 -48.55
CA VAL H 548 -87.27 24.63 -48.52
C VAL H 548 -86.97 25.52 -49.73
N GLN H 549 -87.98 25.68 -50.59
CA GLN H 549 -87.92 26.37 -51.88
C GLN H 549 -86.61 26.10 -52.63
N ALA H 550 -86.28 24.83 -52.77
CA ALA H 550 -85.09 24.41 -53.50
C ALA H 550 -85.33 24.30 -55.00
N ILE H 551 -86.55 24.57 -55.47
CA ILE H 551 -86.89 24.54 -56.88
C ILE H 551 -87.13 25.97 -57.34
N THR H 552 -86.42 26.37 -58.39
CA THR H 552 -86.56 27.70 -58.97
C THR H 552 -86.95 27.59 -60.44
N GLY H 553 -87.71 28.57 -60.90
CA GLY H 553 -88.15 28.60 -62.28
C GLY H 553 -89.42 29.39 -62.42
N GLU H 554 -89.67 29.85 -63.64
CA GLU H 554 -90.84 30.66 -63.95
C GLU H 554 -92.03 29.78 -64.33
N LYS H 555 -93.21 30.38 -64.31
CA LYS H 555 -94.42 29.67 -64.72
C LYS H 555 -94.36 29.38 -66.22
N LYS H 556 -94.90 28.21 -66.60
CA LYS H 556 -94.91 27.71 -67.97
C LYS H 556 -93.50 27.54 -68.54
N LYS H 557 -92.51 27.31 -67.67
CA LYS H 557 -91.14 27.08 -68.08
C LYS H 557 -90.55 25.96 -67.24
N PRO H 558 -89.60 25.20 -67.79
CA PRO H 558 -88.98 24.12 -67.01
C PRO H 558 -88.26 24.64 -65.77
N HIS H 559 -88.34 23.87 -64.70
CA HIS H 559 -87.81 24.25 -63.40
C HIS H 559 -86.49 23.51 -63.12
N VAL H 560 -85.66 24.14 -62.29
CA VAL H 560 -84.35 23.62 -61.93
C VAL H 560 -84.30 23.41 -60.43
N ILE H 561 -83.84 22.23 -60.02
CA ILE H 561 -83.75 21.88 -58.60
C ILE H 561 -82.35 22.25 -58.09
N ASP H 562 -82.30 23.09 -57.06
CA ASP H 562 -81.03 23.47 -56.45
C ASP H 562 -80.55 22.31 -55.58
N GLN H 563 -79.44 21.68 -55.98
CA GLN H 563 -78.94 20.52 -55.25
C GLN H 563 -78.30 20.91 -53.92
N ALA H 564 -77.76 22.12 -53.82
CA ALA H 564 -77.17 22.56 -52.56
C ALA H 564 -78.23 22.86 -51.51
N LEU H 565 -79.44 23.23 -51.95
CA LEU H 565 -80.53 23.55 -51.02
C LEU H 565 -81.50 22.40 -50.80
N CYS H 566 -81.47 21.37 -51.66
CA CYS H 566 -82.44 20.29 -51.56
C CYS H 566 -82.11 19.39 -50.37
N THR H 567 -83.11 19.17 -49.52
CA THR H 567 -82.99 18.26 -48.39
C THR H 567 -83.44 16.84 -48.72
N LYS H 568 -83.86 16.60 -49.97
CA LYS H 568 -84.22 15.28 -50.49
C LYS H 568 -85.31 14.63 -49.66
N CYS H 569 -86.48 15.29 -49.61
CA CYS H 569 -87.60 14.77 -48.87
C CYS H 569 -88.54 13.92 -49.72
N GLY H 570 -88.56 14.14 -51.04
CA GLY H 570 -89.35 13.34 -51.95
C GLY H 570 -90.72 13.90 -52.27
N ASN H 571 -91.13 15.00 -51.65
CA ASN H 571 -92.46 15.54 -51.89
C ASN H 571 -92.58 16.21 -53.26
N CYS H 572 -91.45 16.58 -53.88
CA CYS H 572 -91.47 17.15 -55.21
C CYS H 572 -91.59 16.08 -56.29
N ALA H 573 -91.65 14.82 -55.88
CA ALA H 573 -91.80 13.68 -56.75
C ALA H 573 -93.19 13.08 -56.70
N SER H 574 -93.83 13.08 -55.53
CA SER H 574 -95.11 12.41 -55.33
C SER H 574 -96.27 13.19 -55.96
N VAL H 575 -96.14 14.50 -56.05
CA VAL H 575 -97.22 15.34 -56.55
C VAL H 575 -97.06 15.57 -58.05
N CYS H 576 -96.07 14.91 -58.66
CA CYS H 576 -95.78 15.13 -60.08
C CYS H 576 -96.77 14.33 -60.92
N ARG H 577 -97.60 15.04 -61.68
CA ARG H 577 -98.59 14.42 -62.55
C ARG H 577 -98.03 14.09 -63.93
N LEU H 578 -96.85 14.59 -64.28
CA LEU H 578 -96.21 14.27 -65.54
C LEU H 578 -95.06 13.27 -65.39
N ASP H 579 -94.69 12.94 -64.16
CA ASP H 579 -93.62 11.97 -63.85
C ASP H 579 -92.29 12.35 -64.52
N ALA H 580 -91.99 13.65 -64.51
CA ALA H 580 -90.75 14.16 -65.10
C ALA H 580 -89.64 14.34 -64.09
N VAL H 581 -89.90 14.04 -62.82
CA VAL H 581 -88.88 14.11 -61.77
C VAL H 581 -88.05 12.83 -61.79
N CYS H 582 -86.77 13.00 -62.11
CA CYS H 582 -85.84 11.88 -62.17
C CYS H 582 -85.05 11.82 -60.88
N ILE H 583 -84.93 10.61 -60.34
CA ILE H 583 -84.16 10.33 -59.13
C ILE H 583 -82.93 9.57 -59.58
N GLU H 584 -81.79 10.24 -59.58
CA GLU H 584 -80.53 9.59 -59.98
C GLU H 584 -79.49 9.72 -58.87
N MET I 1 -46.93 -38.97 -11.76
CA MET I 1 -46.12 -38.40 -12.83
C MET I 1 -44.71 -39.01 -12.96
N SER I 2 -44.42 -39.49 -14.17
CA SER I 2 -43.03 -39.74 -14.55
C SER I 2 -42.33 -38.44 -14.86
N LYS I 3 -42.80 -37.74 -15.89
CA LYS I 3 -42.39 -36.38 -16.20
C LYS I 3 -43.40 -35.74 -17.14
N ILE I 4 -44.27 -34.86 -16.62
CA ILE I 4 -45.14 -34.12 -17.52
C ILE I 4 -44.26 -33.11 -18.24
N SER I 5 -44.02 -33.34 -19.53
CA SER I 5 -43.02 -32.58 -20.28
C SER I 5 -43.58 -32.20 -21.62
N ILE I 6 -43.36 -30.95 -22.03
CA ILE I 6 -43.94 -30.43 -23.26
C ILE I 6 -42.85 -29.85 -24.14
N ASN I 7 -43.23 -29.48 -25.36
CA ASN I 7 -42.34 -28.85 -26.32
C ASN I 7 -43.02 -27.59 -26.83
N ILE I 8 -42.45 -26.44 -26.50
CA ILE I 8 -43.02 -25.16 -26.88
C ILE I 8 -41.96 -24.36 -27.61
N ASN I 9 -42.32 -23.83 -28.78
CA ASN I 9 -41.49 -22.93 -29.57
C ASN I 9 -40.19 -23.58 -29.99
N GLY I 10 -40.19 -24.90 -30.13
CA GLY I 10 -39.02 -25.65 -30.49
C GLY I 10 -38.23 -26.20 -29.32
N ARG I 11 -38.43 -25.68 -28.11
CA ARG I 11 -37.67 -26.10 -26.95
C ARG I 11 -38.43 -27.15 -26.16
N GLU I 12 -37.70 -27.93 -25.37
CA GLU I 12 -38.26 -28.96 -24.52
C GLU I 12 -38.28 -28.47 -23.08
N LEU I 13 -39.44 -28.53 -22.45
CA LEU I 13 -39.64 -28.00 -21.12
C LEU I 13 -40.20 -29.09 -20.22
N VAL I 14 -39.83 -29.04 -18.95
CA VAL I 14 -40.40 -29.89 -17.91
C VAL I 14 -41.27 -29.01 -17.02
N VAL I 15 -42.51 -29.43 -16.82
CA VAL I 15 -43.53 -28.60 -16.21
C VAL I 15 -44.24 -29.39 -15.13
N SER I 16 -45.31 -28.81 -14.59
CA SER I 16 -46.17 -29.46 -13.60
C SER I 16 -47.59 -29.50 -14.12
N ALA I 17 -48.27 -30.63 -13.93
CA ALA I 17 -49.61 -30.80 -14.46
C ALA I 17 -50.59 -29.91 -13.72
N GLY I 18 -51.70 -29.61 -14.39
CA GLY I 18 -52.73 -28.75 -13.82
C GLY I 18 -52.49 -27.27 -13.95
N GLN I 19 -51.36 -26.86 -14.52
CA GLN I 19 -51.05 -25.45 -14.70
C GLN I 19 -51.68 -24.92 -15.99
N THR I 20 -51.30 -23.70 -16.33
CA THR I 20 -51.62 -23.09 -17.61
C THR I 20 -50.33 -22.91 -18.38
N ILE I 21 -50.43 -22.90 -19.71
CA ILE I 21 -49.25 -22.76 -20.56
C ILE I 21 -48.60 -21.41 -20.34
N LEU I 22 -49.40 -20.38 -20.01
CA LEU I 22 -48.85 -19.07 -19.69
C LEU I 22 -47.95 -19.13 -18.46
N GLN I 23 -48.38 -19.85 -17.42
CA GLN I 23 -47.57 -19.99 -16.22
C GLN I 23 -46.29 -20.75 -16.49
N ALA I 24 -46.36 -21.81 -17.30
CA ALA I 24 -45.17 -22.59 -17.61
C ALA I 24 -44.17 -21.77 -18.41
N ALA I 25 -44.65 -21.02 -19.40
CA ALA I 25 -43.76 -20.16 -20.18
C ALA I 25 -43.15 -19.06 -19.32
N ALA I 26 -43.90 -18.49 -18.38
CA ALA I 26 -43.30 -17.54 -17.45
C ALA I 26 -42.26 -18.20 -16.57
N GLU I 27 -42.51 -19.45 -16.17
CA GLU I 27 -41.55 -20.19 -15.35
C GLU I 27 -40.25 -20.41 -16.10
N HIS I 28 -40.31 -20.71 -17.39
CA HIS I 28 -39.12 -20.99 -18.18
C HIS I 28 -38.68 -19.81 -19.03
N GLY I 29 -39.15 -18.61 -18.73
CA GLY I 29 -38.70 -17.41 -19.43
C GLY I 29 -39.08 -17.27 -20.89
N ILE I 30 -40.33 -17.56 -21.23
CA ILE I 30 -40.88 -17.30 -22.56
C ILE I 30 -42.02 -16.30 -22.43
N GLU I 31 -41.95 -15.23 -23.21
CA GLU I 31 -42.86 -14.10 -23.06
C GLU I 31 -44.09 -14.29 -23.95
N ILE I 32 -45.26 -14.35 -23.33
CA ILE I 32 -46.53 -14.40 -24.03
C ILE I 32 -47.37 -13.24 -23.52
N PRO I 33 -47.92 -12.39 -24.39
CA PRO I 33 -48.72 -11.26 -23.92
C PRO I 33 -49.99 -11.68 -23.22
N HIS I 34 -50.37 -10.88 -22.22
CA HIS I 34 -51.60 -11.13 -21.47
C HIS I 34 -52.01 -9.83 -20.80
N LEU I 35 -53.31 -9.62 -20.72
CA LEU I 35 -53.84 -8.45 -20.04
C LEU I 35 -54.86 -8.80 -18.96
N CYS I 36 -55.70 -9.80 -19.20
CA CYS I 36 -56.78 -10.15 -18.29
C CYS I 36 -56.48 -11.43 -17.51
N HIS I 37 -55.21 -11.71 -17.26
CA HIS I 37 -54.81 -12.95 -16.60
C HIS I 37 -54.27 -12.64 -15.21
N ASP I 38 -54.74 -13.41 -14.22
CA ASP I 38 -54.20 -13.40 -12.86
C ASP I 38 -54.28 -14.81 -12.31
N GLU I 39 -53.16 -15.31 -11.79
CA GLU I 39 -53.09 -16.71 -11.39
C GLU I 39 -53.90 -17.02 -10.14
N ARG I 40 -54.27 -16.00 -9.38
CA ARG I 40 -54.97 -16.21 -8.11
C ARG I 40 -56.48 -16.19 -8.26
N ILE I 41 -57.01 -16.00 -9.47
CA ILE I 41 -58.45 -16.01 -9.70
C ILE I 41 -58.72 -16.77 -10.99
N GLN I 42 -60.01 -16.96 -11.28
CA GLN I 42 -60.43 -17.75 -12.43
C GLN I 42 -60.12 -17.01 -13.73
N PRO I 43 -59.83 -17.73 -14.81
CA PRO I 43 -59.63 -17.10 -16.11
C PRO I 43 -60.89 -16.45 -16.62
N TYR I 44 -60.70 -15.37 -17.38
CA TYR I 44 -61.78 -14.56 -17.92
C TYR I 44 -61.92 -14.66 -19.42
N GLY I 45 -60.83 -14.59 -20.15
CA GLY I 45 -60.87 -14.70 -21.59
C GLY I 45 -61.50 -13.49 -22.24
N ALA I 46 -60.87 -12.33 -22.11
CA ALA I 46 -61.38 -11.09 -22.68
C ALA I 46 -60.46 -10.51 -23.73
N CYS I 47 -59.18 -10.32 -23.40
CA CYS I 47 -58.27 -9.63 -24.30
C CYS I 47 -58.04 -10.44 -25.57
N GLY I 48 -57.51 -11.64 -25.42
CA GLY I 48 -57.17 -12.46 -26.56
C GLY I 48 -55.72 -12.37 -26.98
N LEU I 49 -54.87 -11.74 -26.18
CA LEU I 49 -53.46 -11.65 -26.50
C LEU I 49 -52.68 -12.88 -26.08
N CYS I 50 -53.32 -13.85 -25.44
CA CYS I 50 -52.62 -15.02 -24.92
C CYS I 50 -52.79 -16.23 -25.80
N VAL I 51 -53.25 -16.04 -27.03
CA VAL I 51 -53.54 -17.16 -27.93
C VAL I 51 -52.24 -17.77 -28.42
N VAL I 52 -52.19 -19.09 -28.44
CA VAL I 52 -51.05 -19.85 -28.95
C VAL I 52 -51.57 -20.91 -29.89
N GLU I 53 -50.66 -21.47 -30.68
CA GLU I 53 -50.99 -22.49 -31.66
C GLU I 53 -50.57 -23.84 -31.14
N VAL I 54 -51.53 -24.72 -30.89
CA VAL I 54 -51.27 -26.06 -30.38
C VAL I 54 -51.59 -27.06 -31.48
N GLU I 55 -50.65 -27.96 -31.74
CA GLU I 55 -50.84 -28.96 -32.78
C GLU I 55 -51.99 -29.90 -32.41
N GLY I 56 -52.84 -30.19 -33.39
CA GLY I 56 -54.00 -31.03 -33.20
C GLY I 56 -55.29 -30.27 -33.03
N SER I 57 -55.23 -28.99 -32.68
CA SER I 57 -56.42 -28.16 -32.52
C SER I 57 -56.51 -27.19 -33.69
N PRO I 58 -57.57 -27.24 -34.49
CA PRO I 58 -57.65 -26.36 -35.67
C PRO I 58 -57.80 -24.89 -35.32
N LYS I 59 -58.25 -24.54 -34.12
CA LYS I 59 -58.47 -23.16 -33.72
C LYS I 59 -57.48 -22.76 -32.63
N LEU I 60 -57.28 -21.45 -32.50
CA LEU I 60 -56.34 -20.93 -31.52
C LEU I 60 -56.83 -21.18 -30.11
N VAL I 61 -55.91 -21.59 -29.24
CA VAL I 61 -56.23 -21.89 -27.84
C VAL I 61 -55.58 -20.83 -26.97
N ARG I 62 -56.31 -20.39 -25.96
CA ARG I 62 -55.82 -19.37 -25.06
C ARG I 62 -54.95 -20.01 -24.00
N SER I 63 -53.70 -19.56 -23.90
CA SER I 63 -52.76 -20.16 -22.96
C SER I 63 -53.03 -19.80 -21.51
N CYS I 64 -53.93 -18.84 -21.25
CA CYS I 64 -54.28 -18.50 -19.89
C CYS I 64 -55.37 -19.40 -19.32
N ALA I 65 -56.06 -20.16 -20.17
CA ALA I 65 -57.20 -20.94 -19.70
C ALA I 65 -57.17 -22.35 -20.25
N THR I 66 -55.98 -22.92 -20.42
CA THR I 66 -55.86 -24.30 -20.87
C THR I 66 -54.88 -25.03 -19.98
N SER I 67 -55.15 -26.31 -19.76
CA SER I 67 -54.35 -27.14 -18.88
C SER I 67 -53.24 -27.81 -19.66
N VAL I 68 -52.08 -27.91 -19.04
CA VAL I 68 -50.91 -28.47 -19.72
C VAL I 68 -50.99 -29.99 -19.71
N GLN I 69 -50.90 -30.58 -20.90
CA GLN I 69 -50.95 -32.03 -21.07
C GLN I 69 -49.58 -32.55 -21.46
N ASN I 70 -49.50 -33.84 -21.76
CA ASN I 70 -48.22 -34.47 -22.03
C ASN I 70 -47.97 -34.54 -23.53
N GLY I 71 -46.78 -34.12 -23.94
CA GLY I 71 -46.39 -34.22 -25.33
C GLY I 71 -47.20 -33.37 -26.28
N GLN I 72 -47.46 -32.13 -25.92
CA GLN I 72 -48.13 -31.20 -26.82
C GLN I 72 -47.14 -30.20 -27.38
N VAL I 73 -47.34 -29.84 -28.64
CA VAL I 73 -46.46 -28.92 -29.36
C VAL I 73 -47.14 -27.57 -29.44
N ILE I 74 -46.46 -26.53 -28.95
CA ILE I 74 -47.03 -25.21 -28.82
C ILE I 74 -46.16 -24.22 -29.59
N ARG I 75 -46.79 -23.37 -30.38
CA ARG I 75 -46.09 -22.27 -31.06
C ARG I 75 -46.75 -20.97 -30.68
N THR I 76 -45.95 -20.01 -30.21
CA THR I 76 -46.48 -18.75 -29.71
C THR I 76 -46.16 -17.56 -30.60
N ASP I 77 -45.43 -17.75 -31.69
CA ASP I 77 -45.05 -16.63 -32.55
C ASP I 77 -45.32 -16.92 -34.02
N THR I 78 -46.35 -17.71 -34.32
CA THR I 78 -46.72 -17.92 -35.70
C THR I 78 -47.38 -16.67 -36.27
N SER I 79 -47.57 -16.66 -37.59
CA SER I 79 -48.11 -15.47 -38.26
C SER I 79 -49.54 -15.20 -37.84
N ARG I 80 -50.33 -16.25 -37.66
CA ARG I 80 -51.73 -16.08 -37.28
C ARG I 80 -51.88 -15.43 -35.92
N THR I 81 -51.08 -15.88 -34.94
CA THR I 81 -51.14 -15.26 -33.63
C THR I 81 -50.62 -13.83 -33.66
N VAL I 82 -49.59 -13.57 -34.47
CA VAL I 82 -49.03 -12.23 -34.55
C VAL I 82 -50.06 -11.26 -35.12
N VAL I 83 -50.75 -11.66 -36.18
CA VAL I 83 -51.73 -10.74 -36.75
C VAL I 83 -52.95 -10.60 -35.84
N ALA I 84 -53.31 -11.66 -35.09
CA ALA I 84 -54.40 -11.55 -34.15
C ALA I 84 -54.07 -10.55 -33.04
N ARG I 85 -52.86 -10.64 -32.49
CA ARG I 85 -52.45 -9.69 -31.45
C ARG I 85 -52.31 -8.28 -32.00
N LYS I 86 -51.83 -8.14 -33.23
CA LYS I 86 -51.74 -6.81 -33.84
C LYS I 86 -53.11 -6.20 -34.02
N THR I 87 -54.08 -6.99 -34.47
CA THR I 87 -55.43 -6.46 -34.63
C THR I 87 -56.04 -6.08 -33.28
N ALA I 88 -55.85 -6.92 -32.26
CA ALA I 88 -56.40 -6.60 -30.95
C ALA I 88 -55.78 -5.33 -30.38
N LEU I 89 -54.47 -5.15 -30.54
CA LEU I 89 -53.83 -3.96 -30.02
C LEU I 89 -54.16 -2.72 -30.84
N GLN I 90 -54.47 -2.88 -32.14
CA GLN I 90 -54.91 -1.74 -32.93
C GLN I 90 -56.32 -1.32 -32.54
N LEU I 91 -57.17 -2.29 -32.20
CA LEU I 91 -58.51 -1.95 -31.76
C LEU I 91 -58.50 -1.33 -30.36
N LEU I 92 -57.60 -1.79 -29.50
CA LEU I 92 -57.49 -1.21 -28.17
C LEU I 92 -56.99 0.23 -28.24
N ALA I 93 -56.02 0.50 -29.10
CA ALA I 93 -55.45 1.83 -29.24
C ALA I 93 -56.39 2.81 -29.92
N SER I 94 -57.51 2.34 -30.45
CA SER I 94 -58.47 3.21 -31.12
C SER I 94 -59.42 3.89 -30.16
N ASP I 95 -59.32 3.63 -28.86
CA ASP I 95 -60.18 4.27 -27.87
C ASP I 95 -59.43 4.82 -26.69
N HIS I 96 -58.11 4.70 -26.66
CA HIS I 96 -57.32 5.03 -25.50
C HIS I 96 -56.81 6.46 -25.62
N ARG I 97 -57.18 7.31 -24.67
CA ARG I 97 -56.76 8.71 -24.66
C ARG I 97 -55.83 8.95 -23.47
N GLY I 98 -54.69 9.57 -23.73
CA GLY I 98 -53.78 9.93 -22.66
C GLY I 98 -52.48 10.42 -23.22
N ASP I 99 -51.64 10.93 -22.33
CA ASP I 99 -50.27 11.33 -22.66
C ASP I 99 -49.33 10.36 -21.99
N CYS I 100 -48.66 9.51 -22.77
CA CYS I 100 -47.69 8.62 -22.18
C CYS I 100 -46.50 9.40 -21.63
N ARG I 101 -46.09 10.45 -22.33
CA ARG I 101 -45.01 11.32 -21.90
C ARG I 101 -45.43 12.77 -22.07
N PRO I 102 -44.96 13.67 -21.21
CA PRO I 102 -45.43 15.04 -21.24
C PRO I 102 -44.94 15.77 -22.47
N PRO I 103 -45.60 16.88 -22.86
CA PRO I 103 -45.12 17.63 -24.03
C PRO I 103 -43.73 18.20 -23.86
N CYS I 104 -43.37 18.59 -22.63
CA CYS I 104 -42.07 19.19 -22.38
C CYS I 104 -40.94 18.22 -22.71
N MET I 105 -41.09 16.95 -22.33
CA MET I 105 -40.05 15.98 -22.64
C MET I 105 -40.01 15.67 -24.13
N LEU I 106 -41.18 15.62 -24.77
CA LEU I 106 -41.20 15.29 -26.19
C LEU I 106 -40.64 16.41 -27.05
N ALA I 107 -40.74 17.65 -26.60
CA ALA I 107 -40.16 18.75 -27.36
C ALA I 107 -38.65 18.84 -27.23
N CYS I 108 -38.07 18.28 -26.17
CA CYS I 108 -36.62 18.32 -26.00
C CYS I 108 -35.97 17.38 -27.01
N PRO I 109 -34.92 17.82 -27.72
CA PRO I 109 -34.25 16.93 -28.67
C PRO I 109 -33.63 15.70 -28.05
N ALA I 110 -33.14 15.79 -26.81
CA ALA I 110 -32.51 14.65 -26.16
C ALA I 110 -33.50 13.78 -25.40
N GLN I 111 -34.78 14.17 -25.36
CA GLN I 111 -35.81 13.45 -24.61
C GLN I 111 -35.48 13.35 -23.12
N THR I 112 -34.95 14.43 -22.56
CA THR I 112 -34.68 14.46 -21.13
C THR I 112 -35.98 14.54 -20.34
N ASP I 113 -36.11 13.71 -19.32
CA ASP I 113 -37.35 13.63 -18.56
C ASP I 113 -37.55 14.85 -17.70
N CYS I 114 -38.13 15.92 -18.27
CA CYS I 114 -38.26 17.18 -17.55
C CYS I 114 -39.24 17.07 -16.39
N GLN I 115 -40.35 16.37 -16.58
CA GLN I 115 -41.34 16.25 -15.51
C GLN I 115 -40.78 15.49 -14.32
N GLY I 116 -40.01 14.44 -14.58
CA GLY I 116 -39.47 13.65 -13.49
C GLY I 116 -38.54 14.43 -12.59
N TYR I 117 -37.60 15.16 -13.17
CA TYR I 117 -36.66 15.87 -12.29
C TYR I 117 -37.22 17.19 -11.79
N VAL I 118 -38.18 17.80 -12.48
CA VAL I 118 -38.87 18.94 -11.88
C VAL I 118 -39.65 18.51 -10.65
N GLY I 119 -40.35 17.38 -10.74
CA GLY I 119 -41.05 16.86 -9.57
C GLY I 119 -40.11 16.41 -8.48
N LEU I 120 -38.95 15.86 -8.84
CA LEU I 120 -37.98 15.48 -7.83
C LEU I 120 -37.39 16.69 -7.13
N ILE I 121 -37.24 17.82 -7.83
CA ILE I 121 -36.86 19.05 -7.17
C ILE I 121 -37.96 19.51 -6.21
N ALA I 122 -39.22 19.38 -6.64
CA ALA I 122 -40.32 19.79 -5.78
C ALA I 122 -40.44 18.94 -4.52
N ASN I 123 -39.86 17.75 -4.51
CA ASN I 123 -39.79 16.91 -3.34
C ASN I 123 -38.49 17.07 -2.56
N GLY I 124 -37.63 17.98 -2.97
CA GLY I 124 -36.40 18.23 -2.24
C GLY I 124 -35.29 17.25 -2.48
N GLN I 125 -35.38 16.42 -3.53
CA GLN I 125 -34.33 15.45 -3.86
C GLN I 125 -33.54 16.01 -5.03
N TYR I 126 -32.38 16.60 -4.74
CA TYR I 126 -31.58 17.21 -5.78
C TYR I 126 -30.60 16.21 -6.39
N GLU I 127 -30.08 15.29 -5.57
CA GLU I 127 -29.19 14.26 -6.10
C GLU I 127 -29.92 13.34 -7.06
N GLU I 128 -31.16 12.99 -6.74
CA GLU I 128 -31.94 12.17 -7.66
C GLU I 128 -32.31 12.92 -8.92
N ALA I 129 -32.53 14.24 -8.82
CA ALA I 129 -32.77 15.03 -10.01
C ALA I 129 -31.55 15.02 -10.92
N LEU I 130 -30.35 15.14 -10.36
CA LEU I 130 -29.16 15.05 -11.20
C LEU I 130 -28.96 13.65 -11.76
N LYS I 131 -29.30 12.61 -10.99
CA LYS I 131 -29.21 11.26 -11.52
C LYS I 131 -30.15 11.08 -12.70
N LEU I 132 -31.31 11.73 -12.66
CA LEU I 132 -32.21 11.70 -13.83
C LEU I 132 -31.62 12.46 -15.01
N ILE I 133 -31.04 13.63 -14.76
CA ILE I 133 -30.52 14.45 -15.86
C ILE I 133 -29.32 13.80 -16.51
N LYS I 134 -28.40 13.26 -15.72
CA LYS I 134 -27.16 12.70 -16.23
C LYS I 134 -27.33 11.40 -16.98
N ASP I 135 -28.56 10.93 -17.19
CA ASP I 135 -28.78 9.80 -18.07
C ASP I 135 -28.78 10.19 -19.53
N LYS I 136 -28.74 11.49 -19.84
CA LYS I 136 -28.82 11.98 -21.19
C LYS I 136 -27.69 12.91 -21.59
N MET I 137 -26.94 13.49 -20.66
CA MET I 137 -25.85 14.37 -21.00
C MET I 137 -24.84 14.36 -19.86
N PRO I 138 -23.57 14.63 -20.15
CA PRO I 138 -22.58 14.65 -19.08
C PRO I 138 -22.31 16.04 -18.51
N ILE I 139 -22.85 17.07 -19.15
CA ILE I 139 -22.57 18.47 -18.81
C ILE I 139 -23.87 19.23 -18.57
N PRO I 140 -24.60 18.94 -17.49
CA PRO I 140 -25.94 19.55 -17.35
C PRO I 140 -25.91 21.04 -17.03
N ALA I 141 -24.92 21.54 -16.30
CA ALA I 141 -24.94 22.95 -15.90
C ALA I 141 -24.76 23.87 -17.10
N SER I 142 -23.78 23.59 -17.95
CA SER I 142 -23.54 24.43 -19.12
C SER I 142 -24.74 24.44 -20.04
N ILE I 143 -25.29 23.26 -20.32
CA ILE I 143 -26.42 23.15 -21.23
C ILE I 143 -27.62 23.89 -20.67
N GLY I 144 -27.89 23.74 -19.37
CA GLY I 144 -28.95 24.52 -18.76
C GLY I 144 -28.69 26.01 -18.84
N LYS I 145 -27.42 26.40 -18.84
CA LYS I 145 -27.11 27.82 -18.90
C LYS I 145 -27.33 28.42 -20.29
N ILE I 146 -27.10 27.63 -21.35
CA ILE I 146 -27.09 28.20 -22.69
C ILE I 146 -28.22 27.70 -23.60
N CYS I 147 -29.00 26.70 -23.20
CA CYS I 147 -29.95 26.09 -24.12
C CYS I 147 -31.07 27.09 -24.45
N PRO I 148 -31.56 27.10 -25.69
CA PRO I 148 -32.68 27.99 -26.03
C PRO I 148 -34.03 27.44 -25.60
N HIS I 149 -33.99 26.33 -24.84
CA HIS I 149 -35.11 25.62 -24.23
C HIS I 149 -36.32 25.49 -25.14
N PRO I 150 -36.28 24.62 -26.15
CA PRO I 150 -37.51 24.28 -26.88
C PRO I 150 -38.52 23.56 -26.03
N CYS I 151 -38.08 22.91 -24.95
CA CYS I 151 -39.01 22.23 -24.05
C CYS I 151 -39.92 23.22 -23.36
N GLU I 152 -39.40 24.40 -23.03
CA GLU I 152 -40.17 25.42 -22.33
C GLU I 152 -41.26 26.02 -23.20
N THR I 153 -41.15 25.92 -24.53
CA THR I 153 -42.18 26.47 -25.40
C THR I 153 -43.43 25.61 -25.38
N ALA I 154 -43.27 24.30 -25.25
CA ALA I 154 -44.37 23.35 -25.32
C ALA I 154 -45.02 23.06 -23.98
N CYS I 155 -44.59 23.74 -22.93
CA CYS I 155 -45.13 23.47 -21.60
C CYS I 155 -46.58 23.92 -21.51
N ARG I 156 -47.44 23.05 -20.98
CA ARG I 156 -48.86 23.35 -20.89
C ARG I 156 -49.17 24.40 -19.84
N ARG I 157 -48.24 24.72 -18.95
CA ARG I 157 -48.41 25.84 -18.04
C ARG I 157 -48.52 27.16 -18.79
N GLU I 158 -48.07 27.21 -20.05
CA GLU I 158 -48.31 28.39 -20.88
C GLU I 158 -49.80 28.67 -21.03
N LEU I 159 -50.64 27.64 -20.94
CA LEU I 159 -52.06 27.87 -21.07
C LEU I 159 -52.65 28.60 -19.87
N VAL I 160 -51.87 28.79 -18.81
CA VAL I 160 -52.30 29.50 -17.62
C VAL I 160 -51.51 30.80 -17.44
N GLU I 161 -50.19 30.72 -17.48
CA GLU I 161 -49.27 31.82 -17.21
C GLU I 161 -47.95 31.48 -17.88
N GLU I 162 -46.87 32.13 -17.43
CA GLU I 162 -45.56 31.79 -17.96
C GLU I 162 -45.23 30.34 -17.59
N PRO I 163 -44.51 29.63 -18.45
CA PRO I 163 -44.22 28.21 -18.21
C PRO I 163 -43.12 28.02 -17.18
N ILE I 164 -42.82 26.75 -16.91
CA ILE I 164 -41.85 26.39 -15.88
C ILE I 164 -40.45 26.64 -16.39
N SER I 165 -39.63 27.29 -15.57
CA SER I 165 -38.23 27.55 -15.93
C SER I 165 -37.44 26.26 -15.77
N ILE I 166 -37.51 25.41 -16.80
CA ILE I 166 -36.91 24.09 -16.72
C ILE I 166 -35.40 24.17 -16.74
N ALA I 167 -34.85 25.01 -17.62
CA ALA I 167 -33.40 25.08 -17.79
C ALA I 167 -32.72 25.64 -16.54
N GLN I 168 -33.34 26.62 -15.89
CA GLN I 168 -32.77 27.18 -14.68
C GLN I 168 -32.74 26.16 -13.55
N LEU I 169 -33.78 25.34 -13.45
CA LEU I 169 -33.78 24.27 -12.45
C LEU I 169 -32.69 23.25 -12.73
N LYS I 170 -32.50 22.90 -14.00
CA LYS I 170 -31.43 21.97 -14.35
C LYS I 170 -30.07 22.52 -13.98
N SER I 171 -29.84 23.80 -14.28
CA SER I 171 -28.57 24.42 -13.95
C SER I 171 -28.37 24.51 -12.43
N PHE I 172 -29.44 24.82 -11.70
CA PHE I 172 -29.35 24.90 -10.25
C PHE I 172 -28.95 23.57 -9.64
N VAL I 173 -29.60 22.49 -10.07
CA VAL I 173 -29.29 21.17 -9.52
C VAL I 173 -27.88 20.73 -9.91
N ALA I 174 -27.47 20.98 -11.15
CA ALA I 174 -26.14 20.60 -11.57
C ALA I 174 -25.07 21.35 -10.77
N GLU I 175 -25.28 22.64 -10.52
CA GLU I 175 -24.34 23.40 -9.72
C GLU I 175 -24.35 22.96 -8.26
N VAL I 176 -25.51 22.61 -7.72
CA VAL I 176 -25.55 22.18 -6.32
C VAL I 176 -24.79 20.87 -6.16
N ASP I 177 -24.85 19.99 -7.16
CA ASP I 177 -24.10 18.74 -7.04
C ASP I 177 -22.62 18.94 -7.31
N LEU I 178 -22.26 19.88 -8.18
CA LEU I 178 -20.84 20.15 -8.42
C LEU I 178 -20.18 20.75 -7.20
N ASN I 179 -20.89 21.63 -6.49
CA ASN I 179 -20.34 22.18 -5.26
C ASN I 179 -20.35 21.19 -4.10
N GLY I 180 -21.12 20.11 -4.19
CA GLY I 180 -21.20 19.14 -3.12
C GLY I 180 -20.47 17.85 -3.43
N ASN I 181 -21.20 16.73 -3.39
CA ASN I 181 -20.61 15.43 -3.70
C ASN I 181 -20.81 15.15 -5.18
N GLN I 182 -19.70 15.08 -5.91
CA GLN I 182 -19.78 14.86 -7.35
C GLN I 182 -20.22 13.43 -7.65
N TYR I 183 -21.22 13.29 -8.52
CA TYR I 183 -21.80 12.00 -8.83
C TYR I 183 -21.03 11.33 -9.97
N GLN I 184 -20.75 10.05 -9.82
CA GLN I 184 -20.14 9.26 -10.88
C GLN I 184 -21.04 8.07 -11.19
N PRO I 185 -21.63 8.00 -12.37
CA PRO I 185 -22.57 6.92 -12.66
C PRO I 185 -21.85 5.59 -12.75
N PRO I 186 -22.53 4.49 -12.48
CA PRO I 186 -21.87 3.19 -12.54
C PRO I 186 -21.48 2.81 -13.95
N MET I 187 -20.42 2.02 -14.05
CA MET I 187 -19.89 1.56 -15.32
C MET I 187 -19.94 0.04 -15.38
N LYS I 188 -20.16 -0.49 -16.57
CA LYS I 188 -20.08 -1.92 -16.78
C LYS I 188 -18.63 -2.37 -16.70
N PRO I 189 -18.39 -3.66 -16.44
CA PRO I 189 -17.01 -4.18 -16.49
C PRO I 189 -16.41 -4.04 -17.87
N ALA I 190 -15.09 -3.86 -17.89
CA ALA I 190 -14.37 -3.54 -19.13
C ALA I 190 -14.49 -4.67 -20.15
N THR I 191 -14.81 -4.30 -21.39
CA THR I 191 -14.97 -5.27 -22.46
C THR I 191 -13.73 -5.38 -23.34
N GLY I 192 -12.75 -4.50 -23.18
CA GLY I 192 -11.53 -4.59 -23.94
C GLY I 192 -11.57 -3.94 -25.31
N LYS I 193 -12.64 -3.26 -25.65
CA LYS I 193 -12.77 -2.61 -26.95
C LYS I 193 -12.23 -1.20 -26.88
N LYS I 194 -11.72 -0.71 -28.00
CA LYS I 194 -11.10 0.61 -28.07
C LYS I 194 -11.84 1.49 -29.07
N VAL I 195 -12.27 2.66 -28.60
CA VAL I 195 -12.98 3.62 -29.42
C VAL I 195 -12.22 4.94 -29.37
N ALA I 196 -11.99 5.53 -30.54
CA ALA I 196 -11.34 6.82 -30.64
C ALA I 196 -12.36 7.85 -31.08
N VAL I 197 -12.43 8.96 -30.35
CA VAL I 197 -13.40 10.01 -30.63
C VAL I 197 -12.62 11.25 -31.05
N VAL I 198 -12.94 11.75 -32.24
CA VAL I 198 -12.25 12.92 -32.79
C VAL I 198 -13.04 14.15 -32.42
N GLY I 199 -12.44 15.04 -31.64
CA GLY I 199 -13.10 16.25 -31.23
C GLY I 199 -13.72 16.14 -29.85
N ALA I 200 -13.50 17.15 -29.02
CA ALA I 200 -14.02 17.18 -27.66
C ALA I 200 -15.18 18.17 -27.52
N GLY I 201 -16.03 18.27 -28.54
CA GLY I 201 -17.21 19.09 -28.43
C GLY I 201 -18.32 18.35 -27.72
N PRO I 202 -19.52 18.95 -27.66
CA PRO I 202 -20.63 18.24 -27.01
C PRO I 202 -20.95 16.88 -27.59
N ALA I 203 -20.88 16.72 -28.91
CA ALA I 203 -21.14 15.41 -29.50
C ALA I 203 -20.04 14.42 -29.16
N GLY I 204 -18.78 14.85 -29.29
CA GLY I 204 -17.68 13.98 -28.95
C GLY I 204 -17.63 13.64 -27.47
N LEU I 205 -17.86 14.63 -26.62
CA LEU I 205 -17.87 14.39 -25.17
C LEU I 205 -19.00 13.46 -24.78
N THR I 206 -20.19 13.65 -25.36
CA THR I 206 -21.32 12.79 -25.03
C THR I 206 -21.11 11.37 -25.51
N ALA I 207 -20.55 11.19 -26.72
CA ALA I 207 -20.27 9.85 -27.21
C ALA I 207 -19.23 9.16 -26.33
N ALA I 208 -18.18 9.88 -25.93
CA ALA I 208 -17.17 9.30 -25.06
C ALA I 208 -17.75 8.94 -23.70
N TYR I 209 -18.62 9.80 -23.16
CA TYR I 209 -19.26 9.52 -21.88
C TYR I 209 -20.10 8.27 -21.93
N PHE I 210 -20.99 8.17 -22.92
CA PHE I 210 -21.88 7.03 -22.99
C PHE I 210 -21.23 5.78 -23.54
N LEU I 211 -20.02 5.88 -24.09
CA LEU I 211 -19.28 4.68 -24.44
C LEU I 211 -18.42 4.19 -23.28
N ALA I 212 -17.83 5.10 -22.51
CA ALA I 212 -17.10 4.69 -21.33
C ALA I 212 -18.04 4.15 -20.25
N ARG I 213 -19.29 4.61 -20.24
CA ARG I 213 -20.27 4.04 -19.32
C ARG I 213 -20.68 2.63 -19.68
N ASP I 214 -20.29 2.13 -20.85
CA ASP I 214 -20.60 0.76 -21.26
C ASP I 214 -19.39 -0.16 -21.17
N GLY I 215 -18.30 0.28 -20.54
CA GLY I 215 -17.15 -0.55 -20.34
C GLY I 215 -16.03 -0.41 -21.33
N HIS I 216 -16.24 0.31 -22.43
CA HIS I 216 -15.19 0.44 -23.42
C HIS I 216 -14.17 1.49 -22.97
N LYS I 217 -13.01 1.47 -23.61
CA LYS I 217 -11.95 2.43 -23.35
C LYS I 217 -11.94 3.47 -24.46
N VAL I 218 -12.14 4.73 -24.09
CA VAL I 218 -12.33 5.81 -25.06
C VAL I 218 -11.17 6.78 -24.97
N VAL I 219 -10.71 7.26 -26.12
CA VAL I 219 -9.65 8.26 -26.24
C VAL I 219 -10.19 9.40 -27.09
N ILE I 220 -10.00 10.63 -26.63
CA ILE I 220 -10.47 11.82 -27.34
C ILE I 220 -9.27 12.59 -27.89
N TYR I 221 -9.28 12.87 -29.18
CA TYR I 221 -8.25 13.67 -29.82
C TYR I 221 -8.80 15.07 -30.10
N GLU I 222 -8.18 16.07 -29.51
CA GLU I 222 -8.66 17.45 -29.60
C GLU I 222 -7.60 18.33 -30.23
N ALA I 223 -8.02 19.19 -31.15
CA ALA I 223 -7.10 20.03 -31.89
C ALA I 223 -6.80 21.35 -31.20
N MET I 224 -7.36 21.59 -30.02
CA MET I 224 -7.22 22.84 -29.30
C MET I 224 -6.69 22.58 -27.90
N PRO I 225 -6.04 23.56 -27.27
CA PRO I 225 -5.44 23.31 -25.95
C PRO I 225 -6.43 22.99 -24.85
N HIS I 226 -7.70 23.34 -25.01
CA HIS I 226 -8.69 23.12 -23.96
C HIS I 226 -9.93 22.49 -24.55
N PRO I 227 -10.64 21.68 -23.77
CA PRO I 227 -11.83 21.01 -24.29
C PRO I 227 -13.09 21.83 -24.15
N GLY I 228 -14.06 21.52 -25.01
CA GLY I 228 -15.33 22.21 -24.96
C GLY I 228 -15.88 22.51 -26.33
N GLY I 229 -15.00 22.73 -27.30
CA GLY I 229 -15.46 23.03 -28.64
C GLY I 229 -16.03 24.42 -28.72
N MET I 230 -17.13 24.58 -29.46
CA MET I 230 -17.74 25.89 -29.61
C MET I 230 -18.40 26.38 -28.33
N LEU I 231 -18.57 25.51 -27.33
CA LEU I 231 -19.00 25.98 -26.02
C LEU I 231 -17.92 26.77 -25.31
N ARG I 232 -16.67 26.58 -25.72
CA ARG I 232 -15.53 27.27 -25.13
C ARG I 232 -15.02 28.41 -26.00
N TYR I 233 -14.86 28.16 -27.29
CA TYR I 233 -14.32 29.13 -28.23
C TYR I 233 -15.39 29.84 -29.05
N GLY I 234 -16.66 29.61 -28.77
CA GLY I 234 -17.70 30.33 -29.47
C GLY I 234 -18.67 31.03 -28.55
N ILE I 235 -18.85 30.50 -27.34
CA ILE I 235 -19.73 31.10 -26.35
C ILE I 235 -18.90 32.05 -25.49
N PRO I 236 -19.30 33.30 -25.33
CA PRO I 236 -18.50 34.23 -24.55
C PRO I 236 -18.51 33.90 -23.06
N GLN I 237 -17.54 34.46 -22.35
CA GLN I 237 -17.38 34.16 -20.94
C GLN I 237 -18.57 34.65 -20.12
N TYR I 238 -19.14 35.81 -20.47
CA TYR I 238 -20.22 36.35 -19.67
C TYR I 238 -21.51 35.55 -19.77
N ARG I 239 -21.60 34.62 -20.70
CA ARG I 239 -22.76 33.73 -20.81
C ARG I 239 -22.50 32.34 -20.25
N LEU I 240 -21.31 31.79 -20.48
CA LEU I 240 -20.95 30.48 -19.98
C LEU I 240 -19.58 30.58 -19.33
N ASP I 241 -19.52 30.35 -18.02
CA ASP I 241 -18.25 30.40 -17.31
C ASP I 241 -17.39 29.21 -17.69
N LYS I 242 -16.13 29.47 -18.07
CA LYS I 242 -15.28 28.40 -18.56
C LYS I 242 -14.79 27.50 -17.43
N ALA I 243 -14.74 28.02 -16.21
CA ALA I 243 -14.31 27.20 -15.07
C ALA I 243 -15.31 26.09 -14.80
N LEU I 244 -16.59 26.37 -14.98
CA LEU I 244 -17.64 25.37 -14.81
C LEU I 244 -17.48 24.23 -15.83
N LEU I 245 -17.21 24.58 -17.08
CA LEU I 245 -16.98 23.58 -18.11
C LEU I 245 -15.72 22.78 -17.83
N ASP I 246 -14.67 23.45 -17.34
CA ASP I 246 -13.44 22.74 -17.01
C ASP I 246 -13.65 21.76 -15.87
N ALA I 247 -14.44 22.15 -14.86
CA ALA I 247 -14.73 21.24 -13.76
C ALA I 247 -15.54 20.04 -14.22
N GLU I 248 -16.52 20.26 -15.09
CA GLU I 248 -17.30 19.13 -15.61
C GLU I 248 -16.44 18.18 -16.43
N VAL I 249 -15.54 18.71 -17.27
CA VAL I 249 -14.68 17.85 -18.04
C VAL I 249 -13.70 17.11 -17.15
N ALA I 250 -13.25 17.73 -16.05
CA ALA I 250 -12.41 17.03 -15.10
C ALA I 250 -13.16 15.87 -14.44
N LEU I 251 -14.44 16.09 -14.10
CA LEU I 251 -15.26 15.01 -13.58
C LEU I 251 -15.37 13.87 -14.58
N MET I 252 -15.54 14.20 -15.86
CA MET I 252 -15.61 13.17 -16.89
C MET I 252 -14.30 12.43 -17.02
N THR I 253 -13.18 13.14 -16.95
CA THR I 253 -11.86 12.53 -17.04
C THR I 253 -11.60 11.59 -15.87
N LYS I 254 -12.16 11.90 -14.69
CA LYS I 254 -12.02 11.03 -13.54
C LYS I 254 -12.65 9.65 -13.75
N MET I 255 -13.52 9.50 -14.74
CA MET I 255 -14.13 8.21 -15.05
C MET I 255 -13.21 7.29 -15.83
N GLY I 256 -12.08 7.77 -16.30
CA GLY I 256 -11.14 6.97 -17.06
C GLY I 256 -11.06 7.27 -18.54
N ILE I 257 -11.34 8.50 -18.96
CA ILE I 257 -11.30 8.88 -20.37
C ILE I 257 -10.05 9.72 -20.60
N GLU I 258 -9.25 9.32 -21.58
CA GLU I 258 -8.00 10.03 -21.89
C GLU I 258 -8.26 11.03 -23.00
N ILE I 259 -7.95 12.29 -22.73
CA ILE I 259 -8.11 13.36 -23.71
C ILE I 259 -6.72 13.83 -24.12
N ILE I 260 -6.45 13.83 -25.42
CA ILE I 260 -5.17 14.23 -25.97
C ILE I 260 -5.35 15.54 -26.70
N TYR I 261 -4.73 16.59 -26.20
CA TYR I 261 -4.90 17.91 -26.78
C TYR I 261 -3.83 18.19 -27.82
N ASN I 262 -4.00 19.30 -28.53
CA ASN I 262 -3.07 19.80 -29.54
C ASN I 262 -2.82 18.79 -30.65
N THR I 263 -3.76 17.88 -30.90
CA THR I 263 -3.62 16.84 -31.91
C THR I 263 -4.72 17.01 -32.93
N LYS I 264 -4.36 17.36 -34.16
CA LYS I 264 -5.33 17.55 -35.23
C LYS I 264 -5.29 16.34 -36.15
N ILE I 265 -6.45 15.72 -36.36
CA ILE I 265 -6.52 14.56 -37.23
C ILE I 265 -6.44 15.02 -38.68
N GLY I 266 -5.56 14.39 -39.45
CA GLY I 266 -5.39 14.75 -40.83
C GLY I 266 -4.13 15.55 -41.06
N ASP I 267 -3.83 16.45 -40.13
CA ASP I 267 -2.62 17.26 -40.18
C ASP I 267 -1.48 16.70 -39.35
N ASP I 268 -1.78 16.20 -38.15
CA ASP I 268 -0.78 15.64 -37.26
C ASP I 268 -0.84 14.14 -37.13
N VAL I 269 -2.04 13.57 -36.97
CA VAL I 269 -2.22 12.13 -36.92
C VAL I 269 -3.18 11.75 -38.04
N SER I 270 -2.78 10.80 -38.86
CA SER I 270 -3.64 10.39 -39.95
C SER I 270 -4.82 9.60 -39.42
N LEU I 271 -5.91 9.60 -40.19
CA LEU I 271 -7.09 8.82 -39.79
C LEU I 271 -6.88 7.32 -40.00
N ASP I 272 -5.96 6.93 -40.90
CA ASP I 272 -5.65 5.51 -41.05
C ASP I 272 -5.00 4.95 -39.78
N TYR I 273 -4.26 5.78 -39.05
CA TYR I 273 -3.69 5.34 -37.78
C TYR I 273 -4.79 4.98 -36.80
N LEU I 274 -5.80 5.83 -36.67
CA LEU I 274 -6.91 5.54 -35.77
C LEU I 274 -7.72 4.35 -36.27
N HIS I 275 -7.87 4.23 -37.59
CA HIS I 275 -8.59 3.10 -38.16
C HIS I 275 -7.89 1.78 -37.84
N ASP I 276 -6.56 1.76 -37.90
CA ASP I 276 -5.82 0.53 -37.64
C ASP I 276 -5.73 0.21 -36.16
N ASN I 277 -5.63 1.21 -35.30
CA ASN I 277 -5.33 0.98 -33.89
C ASN I 277 -6.55 0.96 -32.98
N TYR I 278 -7.75 1.14 -33.49
CA TYR I 278 -8.93 1.24 -32.64
C TYR I 278 -10.07 0.39 -33.21
N ASP I 279 -10.96 -0.03 -32.31
CA ASP I 279 -12.12 -0.82 -32.73
C ASP I 279 -13.25 0.03 -33.28
N ALA I 280 -13.29 1.31 -32.95
CA ALA I 280 -14.28 2.19 -33.58
C ALA I 280 -13.74 3.60 -33.59
N VAL I 281 -14.24 4.42 -34.51
CA VAL I 281 -13.88 5.84 -34.60
C VAL I 281 -15.17 6.65 -34.73
N PHE I 282 -15.30 7.71 -33.94
CA PHE I 282 -16.44 8.61 -34.04
C PHE I 282 -15.95 10.01 -34.34
N LEU I 283 -16.36 10.56 -35.48
CA LEU I 283 -15.94 11.88 -35.94
C LEU I 283 -16.94 12.92 -35.47
N GLY I 284 -16.52 13.75 -34.53
CA GLY I 284 -17.35 14.85 -34.07
C GLY I 284 -16.69 16.19 -34.31
N ILE I 285 -16.15 16.37 -35.52
CA ILE I 285 -15.27 17.50 -35.81
C ILE I 285 -16.03 18.83 -35.73
N GLY I 286 -17.27 18.87 -36.19
CA GLY I 286 -18.04 20.09 -36.15
C GLY I 286 -17.66 21.05 -37.27
N SER I 287 -18.40 22.15 -37.33
CA SER I 287 -18.25 23.16 -38.37
C SER I 287 -17.41 24.32 -37.84
N TRP I 288 -16.26 24.55 -38.46
CA TRP I 288 -15.30 25.52 -37.95
C TRP I 288 -14.76 26.43 -39.05
N GLN I 289 -15.57 26.75 -40.05
CA GLN I 289 -15.16 27.65 -41.12
C GLN I 289 -16.16 28.79 -41.25
N SER I 290 -15.63 30.01 -41.35
CA SER I 290 -16.46 31.20 -41.39
C SER I 290 -16.86 31.51 -42.82
N GLN I 291 -18.15 31.75 -43.04
CA GLN I 291 -18.61 32.17 -44.36
C GLN I 291 -18.15 33.60 -44.64
N GLY I 292 -17.79 33.86 -45.89
CA GLY I 292 -17.38 35.18 -46.29
C GLY I 292 -18.55 36.10 -46.55
N LEU I 293 -18.23 37.35 -46.88
CA LEU I 293 -19.28 38.33 -47.15
C LEU I 293 -19.98 38.07 -48.47
N ARG I 294 -19.43 37.22 -49.33
CA ARG I 294 -20.01 36.86 -50.63
C ARG I 294 -20.27 38.10 -51.49
N CYS I 295 -19.32 39.03 -51.48
CA CYS I 295 -19.46 40.27 -52.23
C CYS I 295 -18.09 40.65 -52.79
N LYS I 296 -18.07 41.67 -53.62
CA LYS I 296 -16.83 42.18 -54.19
C LYS I 296 -15.99 42.81 -53.09
N GLY I 297 -14.68 42.55 -53.16
CA GLY I 297 -13.77 43.14 -52.19
C GLY I 297 -13.84 42.53 -50.81
N GLU I 298 -14.20 41.25 -50.72
CA GLU I 298 -14.26 40.57 -49.43
C GLU I 298 -12.90 40.14 -48.91
N ASP I 299 -11.86 40.23 -49.73
CA ASP I 299 -10.52 39.82 -49.33
C ASP I 299 -9.67 40.97 -48.82
N MET I 300 -10.25 42.16 -48.67
CA MET I 300 -9.50 43.32 -48.19
C MET I 300 -9.08 43.12 -46.73
N GLU I 301 -7.90 43.62 -46.40
CA GLU I 301 -7.45 43.59 -45.01
C GLU I 301 -8.34 44.48 -44.15
N GLY I 302 -8.63 44.00 -42.93
CA GLY I 302 -9.56 44.66 -42.04
C GLY I 302 -10.91 43.99 -41.96
N VAL I 303 -11.15 42.96 -42.75
CA VAL I 303 -12.38 42.17 -42.69
C VAL I 303 -12.02 40.80 -42.16
N LEU I 304 -12.65 40.41 -41.06
CA LEU I 304 -12.31 39.16 -40.38
C LEU I 304 -13.57 38.41 -40.01
N GLY I 305 -13.43 37.10 -39.86
CA GLY I 305 -14.57 36.26 -39.53
C GLY I 305 -14.98 36.38 -38.07
N GLY I 306 -16.26 36.09 -37.83
CA GLY I 306 -16.75 36.13 -36.46
C GLY I 306 -16.19 35.03 -35.61
N ILE I 307 -16.06 33.82 -36.17
CA ILE I 307 -15.58 32.68 -35.41
C ILE I 307 -14.12 32.87 -35.03
N ASP I 308 -13.30 33.35 -35.97
CA ASP I 308 -11.89 33.59 -35.67
C ASP I 308 -11.71 34.73 -34.67
N PHE I 309 -12.53 35.77 -34.77
CA PHE I 309 -12.47 36.86 -33.81
C PHE I 309 -12.83 36.37 -32.41
N LEU I 310 -13.88 35.55 -32.30
CA LEU I 310 -14.27 35.02 -31.00
C LEU I 310 -13.21 34.08 -30.44
N ARG I 311 -12.59 33.28 -31.30
CA ARG I 311 -11.52 32.39 -30.84
C ARG I 311 -10.32 33.17 -30.36
N GLU I 312 -9.95 34.25 -31.07
CA GLU I 312 -8.86 35.10 -30.62
C GLU I 312 -9.20 35.79 -29.31
N VAL I 313 -10.46 36.17 -29.12
CA VAL I 313 -10.89 36.75 -27.84
C VAL I 313 -10.71 35.74 -26.72
N THR I 314 -11.11 34.48 -26.97
CA THR I 314 -11.05 33.47 -25.92
C THR I 314 -9.61 33.15 -25.52
N MET I 315 -8.70 33.04 -26.50
CA MET I 315 -7.31 32.69 -26.21
C MET I 315 -6.49 33.87 -25.68
N ASN I 316 -7.13 35.00 -25.39
CA ASN I 316 -6.47 36.18 -24.82
C ASN I 316 -5.33 36.67 -25.70
N SER I 317 -5.55 36.64 -27.01
CA SER I 317 -4.53 37.09 -27.94
C SER I 317 -4.57 38.61 -28.07
N ASN I 318 -3.74 39.14 -28.96
CA ASN I 318 -3.70 40.57 -29.25
C ASN I 318 -4.54 40.86 -30.48
N ILE I 319 -5.62 41.61 -30.29
CA ILE I 319 -6.56 41.90 -31.36
C ILE I 319 -6.59 43.41 -31.57
N THR I 320 -7.10 43.82 -32.73
CA THR I 320 -7.31 45.22 -33.06
C THR I 320 -8.76 45.43 -33.46
N LEU I 321 -9.41 46.40 -32.83
CA LEU I 321 -10.81 46.69 -33.11
C LEU I 321 -11.04 48.10 -33.60
N GLY I 322 -10.43 49.09 -32.97
CA GLY I 322 -10.66 50.46 -33.35
C GLY I 322 -11.95 51.00 -32.75
N GLY I 323 -12.37 52.15 -33.27
CA GLY I 323 -13.53 52.82 -32.71
C GLY I 323 -14.85 52.27 -33.23
N LYS I 324 -14.97 52.13 -34.54
CA LYS I 324 -16.21 51.75 -35.19
C LYS I 324 -16.11 50.33 -35.74
N VAL I 325 -17.06 49.48 -35.36
CA VAL I 325 -17.09 48.09 -35.76
C VAL I 325 -18.45 47.79 -36.37
N LEU I 326 -18.46 47.17 -37.54
CA LEU I 326 -19.68 46.80 -38.23
C LEU I 326 -19.76 45.28 -38.31
N VAL I 327 -20.82 44.71 -37.75
CA VAL I 327 -21.03 43.26 -37.74
C VAL I 327 -22.13 42.93 -38.74
N VAL I 328 -21.85 42.02 -39.66
CA VAL I 328 -22.81 41.62 -40.68
C VAL I 328 -23.33 40.24 -40.34
N GLY I 329 -24.64 40.12 -40.17
CA GLY I 329 -25.26 38.87 -39.82
C GLY I 329 -26.38 39.02 -38.82
N GLY I 330 -27.14 37.95 -38.59
CA GLY I 330 -28.28 38.05 -37.69
C GLY I 330 -28.44 36.87 -36.76
N GLY I 331 -27.55 35.89 -36.85
CA GLY I 331 -27.62 34.71 -36.00
C GLY I 331 -27.05 34.99 -34.62
N ASN I 332 -26.86 33.91 -33.88
CA ASN I 332 -26.29 34.03 -32.54
C ASN I 332 -24.82 34.47 -32.60
N THR I 333 -24.12 34.11 -33.67
CA THR I 333 -22.74 34.55 -33.85
C THR I 333 -22.65 36.06 -33.93
N ALA I 334 -23.57 36.69 -34.65
CA ALA I 334 -23.56 38.15 -34.78
C ALA I 334 -23.80 38.82 -33.44
N MET I 335 -24.75 38.31 -32.64
CA MET I 335 -25.03 38.90 -31.34
C MET I 335 -23.85 38.75 -30.40
N ASP I 336 -23.24 37.57 -30.38
CA ASP I 336 -22.09 37.35 -29.51
C ASP I 336 -20.93 38.24 -29.90
N VAL I 337 -20.67 38.37 -31.21
CA VAL I 337 -19.59 39.23 -31.68
C VAL I 337 -19.86 40.68 -31.34
N ALA I 338 -21.11 41.13 -31.51
CA ALA I 338 -21.45 42.52 -31.22
C ALA I 338 -21.24 42.84 -29.73
N ARG I 339 -21.76 41.99 -28.86
CA ARG I 339 -21.63 42.29 -27.44
C ARG I 339 -20.19 42.12 -26.94
N THR I 340 -19.46 41.14 -27.47
CA THR I 340 -18.05 40.99 -27.13
C THR I 340 -17.24 42.20 -27.56
N SER I 341 -17.51 42.73 -28.76
CA SER I 341 -16.82 43.94 -29.19
C SER I 341 -17.24 45.14 -28.36
N LYS I 342 -18.49 45.17 -27.88
CA LYS I 342 -18.89 46.25 -27.00
C LYS I 342 -18.13 46.20 -25.68
N ARG I 343 -17.86 45.00 -25.18
CA ARG I 343 -17.08 44.88 -23.96
C ARG I 343 -15.59 45.09 -24.21
N LEU I 344 -15.14 45.04 -25.45
CA LEU I 344 -13.73 45.17 -25.79
C LEU I 344 -13.34 46.59 -26.16
N GLY I 345 -14.01 47.60 -25.62
CA GLY I 345 -13.61 48.97 -25.79
C GLY I 345 -14.10 49.67 -27.04
N ALA I 346 -14.89 49.01 -27.87
CA ALA I 346 -15.44 49.68 -29.05
C ALA I 346 -16.52 50.66 -28.63
N GLU I 347 -16.42 51.89 -29.11
CA GLU I 347 -17.34 52.93 -28.66
C GLU I 347 -18.72 52.79 -29.30
N GLU I 348 -18.79 52.22 -30.51
CA GLU I 348 -20.08 52.01 -31.14
C GLU I 348 -20.02 50.78 -32.03
N VAL I 349 -21.06 49.95 -31.94
CA VAL I 349 -21.17 48.71 -32.69
C VAL I 349 -22.49 48.73 -33.45
N THR I 350 -22.46 48.33 -34.72
CA THR I 350 -23.63 48.32 -35.57
C THR I 350 -23.85 46.92 -36.12
N ILE I 351 -25.09 46.44 -36.04
CA ILE I 351 -25.47 45.14 -36.56
C ILE I 351 -26.29 45.37 -37.82
N ILE I 352 -25.94 44.66 -38.90
CA ILE I 352 -26.53 44.87 -40.21
C ILE I 352 -27.22 43.57 -40.63
N TYR I 353 -28.49 43.66 -41.02
CA TYR I 353 -29.27 42.50 -41.38
C TYR I 353 -30.27 42.88 -42.46
N ARG I 354 -30.82 41.87 -43.13
CA ARG I 354 -31.65 42.06 -44.31
C ARG I 354 -33.15 41.98 -44.04
N ARG I 355 -33.57 41.66 -42.82
CA ARG I 355 -34.99 41.47 -42.52
C ARG I 355 -35.35 42.41 -41.37
N THR I 356 -36.53 42.23 -40.80
CA THR I 356 -36.95 43.02 -39.66
C THR I 356 -36.54 42.33 -38.36
N ILE I 357 -36.79 43.03 -37.25
CA ILE I 357 -36.45 42.52 -35.93
C ILE I 357 -37.24 41.24 -35.65
N ASP I 358 -38.50 41.19 -36.10
CA ASP I 358 -39.34 40.04 -35.84
C ASP I 358 -38.87 38.80 -36.58
N GLU I 359 -37.99 38.93 -37.56
CA GLU I 359 -37.49 37.79 -38.32
C GLU I 359 -36.02 37.49 -38.04
N MET I 360 -35.45 38.04 -36.98
CA MET I 360 -34.09 37.69 -36.59
C MET I 360 -34.05 36.25 -36.11
N PRO I 361 -33.08 35.44 -36.54
CA PRO I 361 -32.98 34.06 -36.04
C PRO I 361 -32.45 33.94 -34.63
N ALA I 362 -31.97 35.03 -34.04
CA ALA I 362 -31.44 34.98 -32.68
C ALA I 362 -32.57 34.98 -31.67
N GLU I 363 -32.23 34.59 -30.44
CA GLU I 363 -33.21 34.57 -29.37
C GLU I 363 -33.61 36.00 -28.99
N LYS I 364 -34.88 36.17 -28.61
CA LYS I 364 -35.39 37.50 -28.31
C LYS I 364 -34.74 38.07 -27.06
N ILE I 365 -34.44 37.23 -26.08
CA ILE I 365 -33.82 37.68 -24.84
C ILE I 365 -32.41 38.20 -25.11
N GLU I 366 -31.65 37.51 -25.96
CA GLU I 366 -30.31 37.96 -26.31
C GLU I 366 -30.36 39.28 -27.08
N ILE I 367 -31.33 39.44 -27.96
CA ILE I 367 -31.50 40.69 -28.70
C ILE I 367 -31.82 41.83 -27.74
N HIS I 368 -32.71 41.59 -26.78
CA HIS I 368 -33.06 42.64 -25.84
C HIS I 368 -31.89 43.01 -24.94
N GLU I 369 -31.11 42.01 -24.52
CA GLU I 369 -29.93 42.30 -23.71
C GLU I 369 -28.91 43.10 -24.51
N ALA I 370 -28.72 42.76 -25.77
CA ALA I 370 -27.80 43.52 -26.61
C ALA I 370 -28.28 44.95 -26.80
N GLN I 371 -29.59 45.14 -26.99
CA GLN I 371 -30.15 46.48 -27.11
C GLN I 371 -29.94 47.29 -25.84
N GLU I 372 -30.10 46.65 -24.68
CA GLU I 372 -29.85 47.35 -23.43
C GLU I 372 -28.38 47.69 -23.25
N GLU I 373 -27.47 46.82 -23.72
CA GLU I 373 -26.05 47.07 -23.54
C GLU I 373 -25.57 48.25 -24.37
N GLY I 374 -26.08 48.41 -25.59
CA GLY I 374 -25.77 49.60 -26.35
C GLY I 374 -25.39 49.43 -27.80
N VAL I 375 -25.57 48.25 -28.38
CA VAL I 375 -25.29 48.05 -29.79
C VAL I 375 -26.49 48.50 -30.61
N LYS I 376 -26.23 49.37 -31.59
CA LYS I 376 -27.29 49.94 -32.41
C LYS I 376 -27.61 49.01 -33.57
N PHE I 377 -28.89 48.92 -33.90
CA PHE I 377 -29.37 47.97 -34.89
C PHE I 377 -29.71 48.68 -36.19
N GLN I 378 -29.22 48.14 -37.29
CA GLN I 378 -29.46 48.70 -38.62
C GLN I 378 -29.96 47.57 -39.52
N LEU I 379 -31.27 47.59 -39.79
CA LEU I 379 -31.93 46.44 -40.41
C LEU I 379 -32.23 46.71 -41.88
N LEU I 380 -32.71 45.65 -42.55
CA LEU I 380 -33.25 45.70 -43.91
C LEU I 380 -32.18 46.16 -44.90
N VAL I 381 -30.96 45.63 -44.72
CA VAL I 381 -29.80 46.08 -45.45
C VAL I 381 -28.93 44.88 -45.74
N ALA I 382 -28.45 44.79 -46.97
CA ALA I 382 -27.58 43.74 -47.50
C ALA I 382 -26.31 44.31 -48.06
N PRO I 383 -25.29 43.50 -48.08
CA PRO I 383 -23.93 43.96 -48.55
C PRO I 383 -23.90 44.27 -50.05
N VAL I 384 -23.07 45.23 -50.44
CA VAL I 384 -22.98 45.52 -51.86
C VAL I 384 -21.51 45.54 -52.27
N GLU I 385 -20.72 46.34 -51.57
CA GLU I 385 -19.33 46.54 -51.95
C GLU I 385 -18.56 47.05 -50.74
N VAL I 386 -17.34 46.53 -50.56
CA VAL I 386 -16.44 46.97 -49.51
C VAL I 386 -15.48 47.98 -50.12
N LEU I 387 -15.48 49.19 -49.59
CA LEU I 387 -14.61 50.26 -50.09
C LEU I 387 -13.45 50.44 -49.12
N GLY I 388 -12.23 50.43 -49.66
CA GLY I 388 -11.06 50.65 -48.85
C GLY I 388 -9.99 51.38 -49.64
N GLU I 389 -8.99 51.88 -48.91
CA GLU I 389 -7.86 52.58 -49.51
C GLU I 389 -6.56 51.95 -49.03
N ASN I 390 -5.62 51.78 -49.97
CA ASN I 390 -4.27 51.27 -49.68
C ASN I 390 -4.30 49.92 -48.98
N GLY I 391 -5.28 49.08 -49.34
CA GLY I 391 -5.43 47.79 -48.71
C GLY I 391 -6.11 47.79 -47.35
N HIS I 392 -6.57 48.95 -46.87
CA HIS I 392 -7.25 49.06 -45.59
C HIS I 392 -8.70 49.46 -45.85
N ALA I 393 -9.62 48.64 -45.36
CA ALA I 393 -11.05 48.90 -45.57
C ALA I 393 -11.56 49.88 -44.51
N LYS I 394 -12.24 50.94 -44.97
CA LYS I 394 -12.81 51.93 -44.06
C LYS I 394 -14.30 52.18 -44.24
N ALA I 395 -14.91 51.69 -45.32
CA ALA I 395 -16.33 51.93 -45.54
C ALA I 395 -16.97 50.65 -46.07
N LEU I 396 -18.27 50.52 -45.82
CA LEU I 396 -19.06 49.40 -46.30
C LEU I 396 -20.27 49.96 -47.05
N LYS I 397 -20.44 49.57 -48.31
CA LYS I 397 -21.53 50.07 -49.12
C LYS I 397 -22.66 49.04 -49.14
N CYS I 398 -23.90 49.51 -49.05
CA CYS I 398 -25.03 48.62 -48.92
C CYS I 398 -26.24 49.19 -49.65
N GLU I 399 -27.17 48.30 -49.96
CA GLU I 399 -28.46 48.65 -50.53
C GLU I 399 -29.55 48.56 -49.47
N ILE I 400 -30.58 49.38 -49.62
CA ILE I 400 -31.71 49.43 -48.72
C ILE I 400 -32.80 48.54 -49.28
N MET I 401 -33.35 47.66 -48.46
CA MET I 401 -34.38 46.72 -48.86
C MET I 401 -35.75 47.19 -48.36
N ARG I 402 -36.77 46.39 -48.67
CA ARG I 402 -38.12 46.64 -48.17
C ARG I 402 -38.79 45.31 -47.85
N LEU I 403 -39.79 45.36 -46.97
CA LEU I 403 -40.49 44.17 -46.56
C LEU I 403 -41.32 43.60 -47.71
N GLY I 404 -41.36 42.26 -47.79
CA GLY I 404 -42.11 41.60 -48.84
C GLY I 404 -42.96 40.46 -48.33
N GLU I 405 -43.27 39.52 -49.23
CA GLU I 405 -44.12 38.40 -48.86
C GLU I 405 -43.37 37.42 -47.96
N PRO I 406 -44.06 36.76 -47.03
CA PRO I 406 -43.42 35.75 -46.20
C PRO I 406 -43.01 34.53 -47.02
N ASP I 407 -41.92 33.90 -46.61
CA ASP I 407 -41.43 32.70 -47.28
C ASP I 407 -42.15 31.48 -46.74
N ALA I 408 -41.65 30.29 -47.08
CA ALA I 408 -42.21 29.06 -46.55
C ALA I 408 -41.81 28.82 -45.09
N SER I 409 -40.78 29.51 -44.61
CA SER I 409 -40.31 29.36 -43.24
C SER I 409 -40.97 30.35 -42.28
N GLY I 410 -41.84 31.23 -42.77
CA GLY I 410 -42.57 32.15 -41.93
C GLY I 410 -41.95 33.52 -41.74
N ARG I 411 -40.98 33.90 -42.54
CA ARG I 411 -40.32 35.19 -42.42
C ARG I 411 -40.47 35.98 -43.72
N ARG I 412 -40.63 37.29 -43.59
CA ARG I 412 -40.88 38.12 -44.76
C ARG I 412 -39.62 38.24 -45.63
N LYS I 413 -39.81 38.07 -46.93
CA LYS I 413 -38.69 38.13 -47.88
C LYS I 413 -38.28 39.57 -48.12
N PRO I 414 -36.99 39.88 -48.08
CA PRO I 414 -36.54 41.23 -48.43
C PRO I 414 -36.67 41.49 -49.92
N GLU I 415 -36.97 42.74 -50.26
CA GLU I 415 -37.07 43.17 -51.65
C GLU I 415 -36.22 44.43 -51.84
N PRO I 416 -35.44 44.49 -52.92
CA PRO I 416 -34.56 45.64 -53.13
C PRO I 416 -35.33 46.90 -53.47
N THR I 417 -34.74 48.05 -53.14
CA THR I 417 -35.34 49.35 -53.40
C THR I 417 -34.51 50.26 -54.30
N GLY I 418 -33.23 49.97 -54.51
CA GLY I 418 -32.41 50.81 -55.35
C GLY I 418 -31.80 52.01 -54.68
N GLU I 419 -31.82 52.07 -53.35
CA GLU I 419 -31.20 53.17 -52.61
C GLU I 419 -29.91 52.67 -51.97
N THR I 420 -28.84 53.44 -52.15
CA THR I 420 -27.51 53.06 -51.68
C THR I 420 -27.12 53.90 -50.48
N VAL I 421 -26.46 53.27 -49.51
CA VAL I 421 -25.96 53.97 -48.33
C VAL I 421 -24.61 53.38 -47.94
N VAL I 422 -23.68 54.25 -47.58
CA VAL I 422 -22.34 53.83 -47.17
C VAL I 422 -22.19 54.08 -45.67
N TYR I 423 -21.45 53.19 -45.01
CA TYR I 423 -21.29 53.18 -43.56
C TYR I 423 -19.81 53.21 -43.22
N GLU I 424 -19.40 54.18 -42.42
CA GLU I 424 -18.01 54.25 -41.99
C GLU I 424 -17.72 53.18 -40.93
N ALA I 425 -16.49 52.69 -40.93
CA ALA I 425 -16.10 51.65 -40.00
C ALA I 425 -14.59 51.67 -39.81
N ASP I 426 -14.15 51.09 -38.70
CA ASP I 426 -12.74 50.78 -38.49
C ASP I 426 -12.46 49.29 -38.56
N ARG I 427 -13.46 48.45 -38.30
CA ARG I 427 -13.34 47.01 -38.51
C ARG I 427 -14.68 46.48 -38.97
N ILE I 428 -14.66 45.50 -39.85
CA ILE I 428 -15.87 44.84 -40.33
C ILE I 428 -15.74 43.36 -40.04
N ILE I 429 -16.75 42.80 -39.38
CA ILE I 429 -16.75 41.40 -38.97
C ILE I 429 -17.91 40.70 -39.64
N ALA I 430 -17.61 39.64 -40.39
CA ALA I 430 -18.62 38.87 -41.09
C ALA I 430 -19.07 37.72 -40.20
N ALA I 431 -20.33 37.73 -39.79
CA ALA I 431 -20.88 36.68 -38.94
C ALA I 431 -22.17 36.15 -39.54
N ILE I 432 -22.15 35.87 -40.83
CA ILE I 432 -23.35 35.39 -41.50
C ILE I 432 -23.70 33.98 -41.04
N GLY I 433 -22.69 33.11 -40.94
CA GLY I 433 -22.95 31.74 -40.51
C GLY I 433 -21.69 30.93 -40.57
N GLN I 434 -21.83 29.66 -40.18
CA GLN I 434 -20.75 28.70 -40.15
C GLN I 434 -20.94 27.66 -41.24
N LYS I 435 -19.84 27.15 -41.75
CA LYS I 435 -19.86 26.11 -42.77
C LYS I 435 -18.88 25.01 -42.38
N THR I 436 -19.25 23.76 -42.66
CA THR I 436 -18.41 22.64 -42.28
C THR I 436 -17.23 22.52 -43.23
N VAL I 437 -16.04 22.30 -42.65
CA VAL I 437 -14.83 22.03 -43.41
C VAL I 437 -14.34 20.66 -43.00
N ILE I 438 -13.85 19.88 -43.97
CA ILE I 438 -13.34 18.55 -43.66
C ILE I 438 -11.84 18.58 -43.44
N GLY I 439 -11.15 19.61 -43.93
CA GLY I 439 -9.72 19.72 -43.71
C GLY I 439 -8.96 18.72 -44.55
N ASN I 440 -7.90 18.17 -43.99
CA ASN I 440 -7.03 17.24 -44.69
C ASN I 440 -7.42 15.79 -44.51
N ILE I 441 -8.52 15.51 -43.81
CA ILE I 441 -9.01 14.15 -43.70
C ILE I 441 -9.51 13.69 -45.05
N LYS I 442 -9.02 12.55 -45.51
CA LYS I 442 -9.31 12.06 -46.85
C LYS I 442 -10.15 10.80 -46.78
N ASP I 443 -10.66 10.38 -47.94
CA ASP I 443 -11.50 9.19 -48.10
C ASP I 443 -12.78 9.28 -47.29
N ILE I 444 -13.30 10.48 -47.08
CA ILE I 444 -14.57 10.69 -46.41
C ILE I 444 -15.48 11.47 -47.34
N ALA I 445 -16.64 10.92 -47.64
CA ALA I 445 -17.57 11.58 -48.56
C ALA I 445 -18.23 12.77 -47.89
N THR I 446 -18.38 13.86 -48.64
CA THR I 446 -19.01 15.08 -48.17
C THR I 446 -20.06 15.53 -49.17
N ASP I 447 -21.07 16.24 -48.68
CA ASP I 447 -22.19 16.64 -49.52
C ASP I 447 -21.88 17.94 -50.26
N LYS I 448 -22.90 18.57 -50.82
CA LYS I 448 -22.71 19.82 -51.55
C LYS I 448 -22.40 20.99 -50.63
N SER I 449 -22.78 20.90 -49.36
CA SER I 449 -22.52 21.98 -48.41
C SER I 449 -21.31 21.71 -47.53
N GLY I 450 -20.64 20.58 -47.69
CA GLY I 450 -19.47 20.26 -46.92
C GLY I 450 -19.69 19.31 -45.77
N ASN I 451 -20.95 19.06 -45.39
CA ASN I 451 -21.23 18.18 -44.27
C ASN I 451 -20.92 16.74 -44.64
N ILE I 452 -20.56 15.95 -43.62
CA ILE I 452 -20.27 14.54 -43.84
C ILE I 452 -21.56 13.80 -44.14
N ILE I 453 -21.53 12.98 -45.19
CA ILE I 453 -22.67 12.17 -45.57
C ILE I 453 -22.64 10.89 -44.75
N VAL I 454 -23.72 10.61 -44.03
CA VAL I 454 -23.85 9.40 -43.23
C VAL I 454 -25.13 8.69 -43.62
N ASN I 455 -25.16 7.39 -43.34
CA ASN I 455 -26.38 6.62 -43.49
C ASN I 455 -27.34 6.96 -42.37
N GLY I 456 -28.50 7.47 -42.72
CA GLY I 456 -29.45 7.96 -41.72
C GLY I 456 -29.92 6.90 -40.75
N GLY I 457 -29.79 7.19 -39.46
CA GLY I 457 -30.19 6.27 -38.42
C GLY I 457 -29.11 5.33 -37.97
N ALA I 458 -28.03 5.18 -38.73
CA ALA I 458 -26.92 4.34 -38.34
C ALA I 458 -25.61 5.09 -38.18
N PHE I 459 -25.53 6.35 -38.63
CA PHE I 459 -24.38 7.22 -38.42
C PHE I 459 -23.10 6.65 -39.01
N THR I 460 -23.19 5.92 -40.12
CA THR I 460 -22.05 5.28 -40.75
C THR I 460 -21.67 6.02 -42.02
N THR I 461 -20.39 6.35 -42.16
CA THR I 461 -19.88 7.00 -43.36
C THR I 461 -19.57 5.94 -44.42
N ASN I 462 -18.89 6.34 -45.50
CA ASN I 462 -18.51 5.36 -46.50
C ASN I 462 -17.42 4.43 -45.99
N ARG I 463 -16.45 4.96 -45.25
CA ARG I 463 -15.41 4.14 -44.69
C ARG I 463 -15.96 3.30 -43.55
N ASP I 464 -15.63 2.02 -43.56
CA ASP I 464 -16.05 1.16 -42.47
C ASP I 464 -15.28 1.51 -41.20
N LYS I 465 -15.87 1.19 -40.06
CA LYS I 465 -15.34 1.43 -38.73
C LYS I 465 -15.22 2.91 -38.39
N VAL I 466 -15.88 3.79 -39.16
CA VAL I 466 -15.83 5.23 -38.93
C VAL I 466 -17.25 5.76 -38.87
N PHE I 467 -17.56 6.50 -37.82
CA PHE I 467 -18.88 7.03 -37.56
C PHE I 467 -18.79 8.55 -37.45
N ALA I 468 -19.94 9.22 -37.52
CA ALA I 468 -19.96 10.67 -37.49
C ALA I 468 -21.24 11.16 -36.84
N GLY I 469 -21.22 12.42 -36.40
CA GLY I 469 -22.40 13.01 -35.79
C GLY I 469 -22.09 14.42 -35.35
N GLY I 470 -23.15 15.11 -34.94
CA GLY I 470 -23.03 16.49 -34.49
C GLY I 470 -23.14 17.49 -35.62
N ASP I 471 -22.53 18.66 -35.45
CA ASP I 471 -22.58 19.68 -36.49
C ASP I 471 -21.86 19.27 -37.76
N ALA I 472 -21.05 18.22 -37.72
CA ALA I 472 -20.46 17.69 -38.94
C ALA I 472 -21.51 17.08 -39.86
N VAL I 473 -22.68 16.73 -39.35
CA VAL I 473 -23.74 16.14 -40.14
C VAL I 473 -24.88 17.11 -40.36
N THR I 474 -25.36 17.74 -39.29
CA THR I 474 -26.54 18.59 -39.37
C THR I 474 -26.21 20.06 -39.64
N GLY I 475 -24.95 20.42 -39.76
CA GLY I 475 -24.58 21.80 -39.92
C GLY I 475 -24.73 22.55 -38.62
N PRO I 476 -24.76 23.89 -38.68
CA PRO I 476 -24.85 24.69 -37.45
C PRO I 476 -26.22 24.55 -36.79
N LYS I 477 -26.23 24.02 -35.56
CA LYS I 477 -27.44 23.84 -34.78
C LYS I 477 -27.09 24.01 -33.32
N ILE I 478 -28.12 23.97 -32.47
CA ILE I 478 -27.94 24.21 -31.04
C ILE I 478 -27.29 23.00 -30.38
N ALA I 479 -26.80 23.20 -29.15
CA ALA I 479 -25.90 22.22 -28.54
C ALA I 479 -26.63 20.94 -28.15
N ILE I 480 -27.90 21.04 -27.77
CA ILE I 480 -28.62 19.85 -27.33
C ILE I 480 -28.85 18.90 -28.49
N ASP I 481 -28.96 19.42 -29.72
CA ASP I 481 -29.01 18.54 -30.89
C ASP I 481 -27.73 17.75 -31.05
N ALA I 482 -26.59 18.40 -30.84
CA ALA I 482 -25.31 17.70 -30.89
C ALA I 482 -25.20 16.66 -29.79
N ILE I 483 -25.70 16.97 -28.60
CA ILE I 483 -25.67 16.01 -27.50
C ILE I 483 -26.54 14.79 -27.82
N ALA I 484 -27.73 15.02 -28.37
CA ALA I 484 -28.62 13.93 -28.73
C ALA I 484 -28.01 13.04 -29.80
N GLN I 485 -27.40 13.66 -30.82
CA GLN I 485 -26.78 12.88 -31.88
C GLN I 485 -25.59 12.09 -31.36
N GLY I 486 -24.81 12.68 -30.47
CA GLY I 486 -23.70 11.94 -29.87
C GLY I 486 -24.15 10.76 -29.06
N LYS I 487 -25.23 10.91 -28.28
CA LYS I 487 -25.72 9.79 -27.47
C LYS I 487 -26.28 8.67 -28.34
N ASN I 488 -27.07 9.03 -29.37
CA ASN I 488 -27.60 8.00 -30.25
C ASN I 488 -26.50 7.29 -31.01
N ALA I 489 -25.47 8.03 -31.45
CA ALA I 489 -24.37 7.39 -32.13
C ALA I 489 -23.54 6.53 -31.20
N ALA I 490 -23.42 6.90 -29.92
CA ALA I 490 -22.75 6.04 -28.96
C ALA I 490 -23.50 4.73 -28.78
N GLN I 491 -24.82 4.79 -28.70
CA GLN I 491 -25.61 3.56 -28.61
C GLN I 491 -25.45 2.70 -29.85
N VAL I 492 -25.44 3.32 -31.03
CA VAL I 492 -25.30 2.55 -32.27
C VAL I 492 -23.91 1.92 -32.37
N ILE I 493 -22.87 2.66 -31.98
CA ILE I 493 -21.51 2.10 -31.99
C ILE I 493 -21.39 0.96 -31.00
N ASP I 494 -21.99 1.10 -29.82
CA ASP I 494 -21.96 0.02 -28.84
C ASP I 494 -22.65 -1.23 -29.38
N SER I 495 -23.78 -1.06 -30.06
CA SER I 495 -24.44 -2.21 -30.67
C SER I 495 -23.60 -2.80 -31.78
N TYR I 496 -22.90 -1.97 -32.54
CA TYR I 496 -22.08 -2.45 -33.65
C TYR I 496 -20.89 -3.26 -33.14
N LEU I 497 -20.32 -2.87 -32.01
CA LEU I 497 -19.18 -3.60 -31.45
C LEU I 497 -19.56 -5.00 -31.01
N ASN I 498 -20.84 -5.26 -30.76
CA ASN I 498 -21.29 -6.58 -30.34
C ASN I 498 -21.53 -7.53 -31.51
N GLY I 499 -21.36 -7.07 -32.74
CA GLY I 499 -21.49 -7.93 -33.89
C GLY I 499 -22.78 -7.77 -34.66
N CYS I 500 -23.75 -7.02 -34.16
CA CYS I 500 -25.00 -6.81 -34.85
C CYS I 500 -25.38 -5.34 -34.78
N LEU I 501 -25.33 -4.67 -35.93
CA LEU I 501 -25.66 -3.25 -36.00
C LEU I 501 -27.17 -3.08 -36.09
N VAL I 502 -27.73 -2.27 -35.21
CA VAL I 502 -29.16 -1.96 -35.23
C VAL I 502 -29.32 -0.45 -35.36
N PRO I 503 -30.10 0.03 -36.32
CA PRO I 503 -30.30 1.48 -36.46
C PRO I 503 -31.13 2.04 -35.33
N HIS I 504 -31.01 3.35 -35.14
CA HIS I 504 -31.80 4.04 -34.13
C HIS I 504 -33.17 4.40 -34.69
N ALA I 505 -34.23 4.07 -33.93
CA ALA I 505 -35.59 4.36 -34.34
C ALA I 505 -36.35 4.95 -33.17
N ASP I 506 -37.25 5.88 -33.49
CA ASP I 506 -38.04 6.56 -32.47
C ASP I 506 -39.14 5.65 -31.95
N SER I 507 -39.75 6.07 -30.86
CA SER I 507 -40.79 5.32 -30.19
C SER I 507 -42.15 5.97 -30.38
N GLN I 508 -43.20 5.19 -30.15
CA GLN I 508 -44.57 5.64 -30.30
C GLN I 508 -45.20 5.86 -28.93
N TYR I 509 -45.86 7.00 -28.76
CA TYR I 509 -46.55 7.33 -27.53
C TYR I 509 -47.94 7.83 -27.87
N PHE I 510 -48.85 7.68 -26.91
CA PHE I 510 -50.15 8.33 -27.01
C PHE I 510 -49.99 9.79 -26.65
N THR I 511 -50.53 10.68 -27.47
CA THR I 511 -50.46 12.10 -27.22
C THR I 511 -51.84 12.71 -27.36
N GLN I 512 -52.05 13.81 -26.65
CA GLN I 512 -53.32 14.51 -26.64
C GLN I 512 -53.09 15.92 -27.15
N LYS I 513 -53.89 16.34 -28.14
CA LYS I 513 -53.70 17.64 -28.78
C LYS I 513 -54.94 18.50 -28.73
N ASP I 514 -55.90 18.18 -27.86
CA ASP I 514 -57.13 18.96 -27.72
C ASP I 514 -57.16 19.78 -26.45
N ILE I 515 -56.05 19.88 -25.73
CA ILE I 515 -56.01 20.60 -24.46
C ILE I 515 -55.94 22.10 -24.74
N THR I 516 -56.88 22.84 -24.19
CA THR I 516 -56.97 24.29 -24.38
C THR I 516 -57.04 24.97 -23.02
N ALA I 517 -57.11 26.30 -23.05
CA ALA I 517 -57.16 27.08 -21.81
C ALA I 517 -58.44 26.82 -21.03
N ALA I 518 -59.55 26.57 -21.74
CA ALA I 518 -60.81 26.30 -21.06
C ALA I 518 -60.77 24.99 -20.29
N ASP I 519 -59.83 24.10 -20.62
CA ASP I 519 -59.65 22.88 -19.85
C ASP I 519 -58.83 23.10 -18.58
N LEU I 520 -58.19 24.25 -18.42
CA LEU I 520 -57.37 24.55 -17.26
C LEU I 520 -57.83 25.83 -16.58
N ALA I 521 -59.14 26.02 -16.48
CA ALA I 521 -59.68 27.20 -15.82
C ALA I 521 -59.79 27.03 -14.31
N ASP I 522 -59.64 25.82 -13.79
CA ASP I 522 -59.72 25.56 -12.36
C ASP I 522 -58.38 25.69 -11.66
N ARG I 523 -57.28 25.83 -12.40
CA ARG I 523 -55.97 25.92 -11.78
C ARG I 523 -55.71 27.32 -11.26
N ALA I 524 -54.99 27.40 -10.13
CA ALA I 524 -54.57 28.67 -9.58
C ALA I 524 -53.40 29.24 -10.37
N LYS I 525 -53.26 30.56 -10.32
CA LYS I 525 -52.23 31.28 -11.06
C LYS I 525 -51.14 31.74 -10.11
N ALA I 526 -49.89 31.47 -10.48
CA ALA I 526 -48.73 31.83 -9.67
C ALA I 526 -47.67 32.44 -10.57
N PRO I 527 -47.17 33.63 -10.25
CA PRO I 527 -46.21 34.29 -11.14
C PRO I 527 -44.91 33.52 -11.26
N ARG I 528 -44.30 33.61 -12.44
CA ARG I 528 -43.04 32.93 -12.71
C ARG I 528 -41.90 33.60 -11.97
N VAL I 529 -40.84 32.85 -11.72
CA VAL I 529 -39.69 33.34 -10.97
C VAL I 529 -38.83 34.19 -11.91
N SER I 530 -38.70 35.47 -11.59
CA SER I 530 -37.87 36.35 -12.39
C SER I 530 -36.40 36.04 -12.19
N LEU I 531 -35.60 36.34 -13.20
CA LEU I 531 -34.16 36.12 -13.14
C LEU I 531 -33.48 37.43 -12.75
N THR I 532 -32.57 37.35 -11.78
CA THR I 532 -31.85 38.53 -11.31
C THR I 532 -30.70 38.81 -12.26
N VAL I 533 -30.78 39.93 -12.99
CA VAL I 533 -29.83 40.29 -14.02
C VAL I 533 -29.09 41.55 -13.58
N GLU I 534 -27.75 41.49 -13.66
CA GLU I 534 -26.92 42.62 -13.28
C GLU I 534 -27.20 43.82 -14.19
N ASP I 535 -27.07 45.02 -13.62
CA ASP I 535 -27.44 46.25 -14.31
C ASP I 535 -26.54 46.50 -15.52
N ALA I 536 -27.01 47.37 -16.41
CA ALA I 536 -26.29 47.65 -17.65
C ALA I 536 -25.03 48.48 -17.45
N GLU I 537 -24.81 49.04 -16.25
CA GLU I 537 -23.57 49.75 -15.99
C GLU I 537 -22.38 48.80 -15.97
N VAL I 538 -22.49 47.68 -15.26
CA VAL I 538 -21.33 46.83 -15.07
C VAL I 538 -21.20 45.84 -16.21
N ARG I 539 -22.31 45.55 -16.90
CA ARG I 539 -22.26 44.61 -18.00
C ARG I 539 -21.42 45.13 -19.17
N ASN I 540 -21.51 46.43 -19.44
CA ASN I 540 -20.86 47.00 -20.62
C ASN I 540 -19.35 46.98 -20.54
N LYS I 541 -18.77 46.89 -19.34
CA LYS I 541 -17.34 47.03 -19.17
C LYS I 541 -16.64 45.76 -18.72
N SER I 542 -17.36 44.77 -18.24
CA SER I 542 -16.77 43.59 -17.63
C SER I 542 -17.22 42.32 -18.34
N PHE I 543 -16.47 41.25 -18.13
CA PHE I 543 -16.80 39.96 -18.70
C PHE I 543 -17.45 39.01 -17.70
N MET I 544 -17.88 39.49 -16.55
CA MET I 544 -18.45 38.59 -15.56
C MET I 544 -19.90 38.28 -15.90
N GLN I 545 -20.49 37.38 -15.12
CA GLN I 545 -21.79 36.81 -15.46
C GLN I 545 -22.88 37.87 -15.40
N VAL I 546 -23.84 37.76 -16.32
CA VAL I 546 -24.94 38.70 -16.37
C VAL I 546 -26.18 38.20 -15.64
N ALA I 547 -26.24 36.92 -15.30
CA ALA I 547 -27.38 36.35 -14.59
C ALA I 547 -26.88 35.43 -13.48
N LYS I 548 -27.66 35.36 -12.41
CA LYS I 548 -27.32 34.52 -11.26
C LYS I 548 -28.20 33.29 -11.23
N THR I 549 -27.65 32.20 -10.70
CA THR I 549 -28.38 30.95 -10.62
C THR I 549 -29.47 31.03 -9.55
N PHE I 550 -30.49 30.18 -9.70
CA PHE I 550 -31.57 30.13 -8.74
C PHE I 550 -31.06 29.74 -7.36
N THR I 551 -31.65 30.33 -6.33
CA THR I 551 -31.43 29.88 -4.96
C THR I 551 -32.33 28.67 -4.67
N GLU I 552 -32.19 28.12 -3.47
CA GLU I 552 -32.99 26.95 -3.12
C GLU I 552 -34.47 27.29 -3.00
N GLU I 553 -34.78 28.43 -2.37
CA GLU I 553 -36.17 28.83 -2.21
C GLU I 553 -36.84 29.13 -3.55
N GLU I 554 -36.12 29.81 -4.43
CA GLU I 554 -36.66 30.10 -5.76
C GLU I 554 -36.85 28.82 -6.56
N ALA I 555 -35.91 27.88 -6.45
CA ALA I 555 -36.04 26.62 -7.17
C ALA I 555 -37.24 25.82 -6.68
N LEU I 556 -37.44 25.76 -5.37
CA LEU I 556 -38.61 25.06 -4.84
C LEU I 556 -39.90 25.74 -5.28
N ARG I 557 -39.93 27.07 -5.22
CA ARG I 557 -41.14 27.81 -5.61
C ARG I 557 -41.47 27.58 -7.08
N GLU I 558 -40.46 27.57 -7.94
CA GLU I 558 -40.71 27.34 -9.35
C GLU I 558 -41.10 25.90 -9.63
N SER I 559 -40.46 24.94 -8.97
CA SER I 559 -40.71 23.55 -9.28
C SER I 559 -42.04 23.06 -8.74
N LYS I 560 -42.57 23.70 -7.69
CA LYS I 560 -43.85 23.29 -7.14
C LYS I 560 -45.03 23.79 -7.96
N ARG I 561 -44.79 24.24 -9.19
CA ARG I 561 -45.81 24.86 -10.02
C ARG I 561 -46.19 24.02 -11.23
N CYS I 562 -45.57 22.86 -11.41
CA CYS I 562 -45.82 22.01 -12.56
C CYS I 562 -47.22 21.41 -12.48
N LEU I 563 -47.70 20.94 -13.62
CA LEU I 563 -49.05 20.42 -13.73
C LEU I 563 -49.12 18.90 -13.77
N GLU I 564 -47.98 18.22 -13.90
CA GLU I 564 -47.89 16.77 -14.00
C GLU I 564 -48.72 16.26 -15.17
N CYS I 565 -48.29 16.64 -16.38
CA CYS I 565 -49.05 16.32 -17.58
C CYS I 565 -48.93 14.86 -17.99
N GLY I 566 -47.83 14.21 -17.68
CA GLY I 566 -47.61 12.85 -18.12
C GLY I 566 -48.42 11.85 -17.33
N CYS I 567 -48.39 10.60 -17.80
CA CYS I 567 -49.10 9.53 -17.13
C CYS I 567 -48.23 8.96 -16.02
N ARG I 568 -48.80 8.80 -14.83
CA ARG I 568 -48.04 8.28 -13.70
C ARG I 568 -47.77 6.79 -13.79
N ASP I 569 -48.48 6.08 -14.65
CA ASP I 569 -48.38 4.64 -14.76
C ASP I 569 -47.49 4.20 -15.90
N TYR I 570 -46.74 5.13 -16.49
CA TYR I 570 -46.03 4.81 -17.73
C TYR I 570 -44.96 3.74 -17.52
N PHE I 571 -44.27 3.79 -16.40
CA PHE I 571 -43.17 2.85 -16.22
C PHE I 571 -43.63 1.45 -15.86
N GLU I 572 -44.93 1.25 -15.66
CA GLU I 572 -45.46 -0.07 -15.39
C GLU I 572 -46.68 -0.41 -16.24
N CYS I 573 -47.13 0.48 -17.11
CA CYS I 573 -48.25 0.19 -17.99
C CYS I 573 -47.86 -0.89 -18.98
N GLN I 574 -48.76 -1.86 -19.17
CA GLN I 574 -48.52 -2.96 -20.10
C GLN I 574 -49.11 -2.71 -21.48
N LEU I 575 -50.14 -1.86 -21.59
CA LEU I 575 -50.66 -1.52 -22.90
C LEU I 575 -49.59 -0.86 -23.76
N ILE I 576 -48.89 0.14 -23.22
CA ILE I 576 -47.86 0.79 -24.01
C ILE I 576 -46.70 -0.16 -24.26
N LYS I 577 -46.44 -1.08 -23.34
CA LYS I 577 -45.38 -2.05 -23.55
C LYS I 577 -45.67 -2.91 -24.77
N TYR I 578 -46.90 -3.42 -24.87
CA TYR I 578 -47.24 -4.24 -26.03
C TYR I 578 -47.37 -3.42 -27.30
N ILE I 579 -47.76 -2.14 -27.18
CA ILE I 579 -47.84 -1.28 -28.35
C ILE I 579 -46.45 -1.04 -28.93
N GLN I 580 -45.46 -0.76 -28.09
CA GLN I 580 -44.09 -0.63 -28.60
C GLN I 580 -43.58 -1.96 -29.14
N ASP I 581 -43.88 -3.06 -28.46
CA ASP I 581 -43.29 -4.34 -28.84
C ASP I 581 -43.86 -4.86 -30.15
N TYR I 582 -45.13 -4.60 -30.42
CA TYR I 582 -45.79 -5.18 -31.58
C TYR I 582 -45.96 -4.21 -32.74
N ASP I 583 -45.33 -3.02 -32.67
CA ASP I 583 -45.25 -2.07 -33.78
C ASP I 583 -46.65 -1.66 -34.22
N VAL I 584 -47.33 -0.95 -33.32
CA VAL I 584 -48.67 -0.45 -33.55
C VAL I 584 -48.63 1.07 -33.47
N SER I 585 -49.19 1.73 -34.47
CA SER I 585 -49.20 3.19 -34.49
C SER I 585 -50.25 3.73 -33.53
N THR I 586 -49.88 4.77 -32.79
CA THR I 586 -50.78 5.40 -31.83
C THR I 586 -51.45 6.65 -32.39
N GLU I 587 -51.25 6.95 -33.67
CA GLU I 587 -51.91 8.10 -34.27
C GLU I 587 -53.41 7.84 -34.40
N LYS I 588 -54.20 8.89 -34.25
CA LYS I 588 -55.65 8.77 -34.21
C LYS I 588 -56.29 9.45 -35.41
N ASP I 589 -57.36 8.84 -35.91
CA ASP I 589 -58.15 9.39 -37.01
C ASP I 589 -59.40 10.05 -36.45
N SER I 590 -59.77 11.19 -37.02
CA SER I 590 -60.90 11.95 -36.51
C SER I 590 -62.24 11.29 -36.78
N GLN I 591 -62.32 10.41 -37.77
CA GLN I 591 -63.60 9.77 -38.11
C GLN I 591 -64.06 8.83 -37.01
N VAL I 592 -63.17 8.02 -36.46
CA VAL I 592 -63.50 7.15 -35.33
C VAL I 592 -63.62 8.00 -34.08
N GLU I 593 -64.37 7.52 -33.11
CA GLU I 593 -64.64 8.29 -31.90
C GLU I 593 -64.06 7.58 -30.68
N CYS I 594 -63.51 8.38 -29.77
CA CYS I 594 -63.10 7.91 -28.46
C CYS I 594 -63.89 8.74 -27.46
N HIS I 595 -64.72 8.08 -26.65
CA HIS I 595 -65.60 8.80 -25.75
C HIS I 595 -64.80 9.53 -24.68
N LYS I 596 -64.94 10.85 -24.65
CA LYS I 596 -64.23 11.70 -23.71
C LYS I 596 -65.11 11.92 -22.49
N THR I 597 -64.56 11.65 -21.32
CA THR I 597 -65.34 11.71 -20.09
C THR I 597 -65.08 13.01 -19.34
N THR I 598 -66.05 13.40 -18.52
CA THR I 598 -65.93 14.56 -17.64
C THR I 598 -66.06 14.09 -16.21
N GLU I 599 -65.33 13.02 -15.89
CA GLU I 599 -65.45 12.32 -14.62
C GLU I 599 -65.07 13.21 -13.44
N PHE I 600 -65.62 12.87 -12.28
CA PHE I 600 -65.27 13.54 -11.04
C PHE I 600 -65.42 12.53 -9.92
N ASP I 601 -64.31 11.95 -9.47
CA ASP I 601 -64.29 11.02 -8.36
C ASP I 601 -63.17 11.48 -7.44
N ASN I 602 -63.49 12.38 -6.52
CA ASN I 602 -62.47 12.94 -5.62
C ASN I 602 -62.23 12.05 -4.40
N HIS I 603 -62.01 10.77 -4.64
CA HIS I 603 -61.70 9.86 -3.56
C HIS I 603 -60.29 10.15 -3.04
N PRO I 604 -60.09 10.16 -1.72
CA PRO I 604 -58.77 10.50 -1.18
C PRO I 604 -57.70 9.46 -1.44
N PHE I 605 -58.04 8.27 -1.87
CA PHE I 605 -57.01 7.27 -2.08
C PHE I 605 -57.01 6.66 -3.47
N ILE I 606 -58.17 6.49 -4.08
CA ILE I 606 -58.32 5.78 -5.35
C ILE I 606 -58.64 6.79 -6.44
N GLU I 607 -57.97 6.66 -7.59
CA GLU I 607 -58.17 7.53 -8.73
C GLU I 607 -58.59 6.69 -9.93
N ARG I 608 -59.72 7.04 -10.54
CA ARG I 608 -60.26 6.29 -11.66
C ARG I 608 -60.31 7.17 -12.91
N ASN I 609 -60.02 6.58 -14.06
CA ASN I 609 -60.06 7.27 -15.35
C ASN I 609 -60.61 6.32 -16.39
N PRO I 610 -61.89 6.45 -16.73
CA PRO I 610 -62.50 5.50 -17.67
C PRO I 610 -61.93 5.53 -19.07
N ASP I 611 -61.21 6.59 -19.44
CA ASP I 611 -60.68 6.68 -20.80
C ASP I 611 -59.56 5.70 -21.05
N LYS I 612 -58.77 5.41 -20.04
CA LYS I 612 -57.64 4.50 -20.17
C LYS I 612 -58.00 3.06 -19.86
N CYS I 613 -59.28 2.76 -19.64
CA CYS I 613 -59.68 1.39 -19.34
C CYS I 613 -59.65 0.54 -20.59
N VAL I 614 -59.22 -0.71 -20.43
CA VAL I 614 -59.21 -1.68 -21.52
C VAL I 614 -60.23 -2.78 -21.28
N LEU I 615 -61.07 -2.63 -20.26
CA LEU I 615 -62.13 -3.59 -19.93
C LEU I 615 -61.60 -5.01 -19.75
N CYS I 616 -60.46 -5.15 -19.08
CA CYS I 616 -59.97 -6.48 -18.76
C CYS I 616 -60.76 -7.11 -17.63
N GLY I 617 -61.47 -6.31 -16.84
CA GLY I 617 -62.31 -6.84 -15.80
C GLY I 617 -61.59 -7.36 -14.59
N LEU I 618 -60.29 -7.11 -14.46
CA LEU I 618 -59.53 -7.61 -13.32
C LEU I 618 -59.97 -6.91 -12.04
N CYS I 619 -60.28 -5.62 -12.11
CA CYS I 619 -60.60 -4.87 -10.92
C CYS I 619 -61.92 -5.32 -10.31
N VAL I 620 -62.96 -5.47 -11.13
CA VAL I 620 -64.25 -5.91 -10.62
C VAL I 620 -64.19 -7.37 -10.16
N ARG I 621 -63.43 -8.20 -10.87
CA ARG I 621 -63.30 -9.60 -10.48
C ARG I 621 -62.59 -9.75 -9.15
N VAL I 622 -61.56 -8.94 -8.92
CA VAL I 622 -60.86 -8.98 -7.64
C VAL I 622 -61.74 -8.43 -6.53
N CYS I 623 -62.38 -7.29 -6.76
CA CYS I 623 -63.21 -6.69 -5.72
C CYS I 623 -64.43 -7.52 -5.40
N ASP I 624 -64.85 -8.41 -6.29
CA ASP I 624 -65.98 -9.28 -5.97
C ASP I 624 -65.53 -10.62 -5.38
N GLU I 625 -64.55 -11.27 -5.98
CA GLU I 625 -64.21 -12.64 -5.63
C GLU I 625 -63.18 -12.75 -4.52
N VAL I 626 -62.54 -11.66 -4.13
CA VAL I 626 -61.51 -11.71 -3.09
C VAL I 626 -61.91 -10.79 -1.95
N VAL I 627 -62.01 -9.49 -2.24
CA VAL I 627 -62.40 -8.53 -1.22
C VAL I 627 -63.85 -8.74 -0.80
N GLY I 628 -64.72 -9.02 -1.77
CA GLY I 628 -66.10 -9.29 -1.44
C GLY I 628 -66.95 -8.07 -1.17
N ALA I 629 -66.38 -6.87 -1.26
CA ALA I 629 -67.16 -5.67 -1.04
C ALA I 629 -68.04 -5.35 -2.24
N THR I 630 -67.54 -5.64 -3.44
CA THR I 630 -68.21 -5.32 -4.72
C THR I 630 -68.63 -3.86 -4.77
N ALA I 631 -67.65 -2.97 -4.56
CA ALA I 631 -67.93 -1.55 -4.63
C ALA I 631 -68.05 -1.03 -6.05
N ILE I 632 -67.66 -1.82 -7.05
CA ILE I 632 -67.67 -1.41 -8.44
C ILE I 632 -68.35 -2.49 -9.27
N GLY I 633 -68.79 -2.13 -10.46
CA GLY I 633 -69.42 -3.11 -11.32
C GLY I 633 -69.56 -2.57 -12.73
N LEU I 634 -69.91 -3.47 -13.64
CA LEU I 634 -70.06 -3.13 -15.04
C LEU I 634 -71.44 -2.54 -15.31
N VAL I 635 -71.50 -1.54 -16.20
CA VAL I 635 -72.74 -0.92 -16.61
C VAL I 635 -72.75 -0.82 -18.13
N GLY I 636 -73.81 -1.30 -18.76
CA GLY I 636 -74.02 -1.07 -20.18
C GLY I 636 -73.66 -2.25 -21.06
N ARG I 637 -73.61 -1.96 -22.37
CA ARG I 637 -73.31 -2.98 -23.37
C ARG I 637 -72.48 -2.36 -24.48
N GLY I 638 -71.63 -3.18 -25.09
CA GLY I 638 -70.89 -2.75 -26.26
C GLY I 638 -69.93 -1.61 -25.95
N PHE I 639 -70.04 -0.52 -26.71
CA PHE I 639 -69.24 0.66 -26.43
C PHE I 639 -69.62 1.30 -25.11
N ASP I 640 -70.88 1.19 -24.72
CA ASP I 640 -71.33 1.84 -23.50
C ASP I 640 -70.91 1.10 -22.24
N SER I 641 -70.21 -0.02 -22.35
CA SER I 641 -69.75 -0.74 -21.18
C SER I 641 -68.73 0.08 -20.44
N VAL I 642 -68.97 0.31 -19.15
CA VAL I 642 -68.05 1.09 -18.34
C VAL I 642 -68.12 0.55 -16.92
N ILE I 643 -66.96 0.48 -16.26
CA ILE I 643 -66.89 0.03 -14.88
C ILE I 643 -67.02 1.24 -13.99
N MET I 644 -68.02 1.22 -13.11
CA MET I 644 -68.34 2.35 -12.26
C MET I 644 -68.94 1.85 -10.96
N PRO I 645 -68.91 2.65 -9.88
CA PRO I 645 -69.36 2.15 -8.57
C PRO I 645 -70.85 1.86 -8.48
N GLU I 646 -71.30 1.47 -7.30
CA GLU I 646 -72.69 1.06 -7.10
C GLU I 646 -73.63 2.23 -7.33
N PHE I 647 -74.62 2.01 -8.21
CA PHE I 647 -75.66 3.00 -8.51
C PHE I 647 -75.08 4.32 -9.02
N LYS I 648 -73.92 4.26 -9.66
CA LYS I 648 -73.18 5.42 -10.16
C LYS I 648 -72.80 6.41 -9.06
N LEU I 649 -72.84 5.99 -7.80
CA LEU I 649 -72.49 6.86 -6.70
C LEU I 649 -70.98 7.04 -6.63
N PRO I 650 -70.51 8.08 -5.94
CA PRO I 650 -69.07 8.21 -5.72
C PRO I 650 -68.54 7.06 -4.87
N LEU I 651 -67.26 6.75 -5.07
CA LEU I 651 -66.65 5.62 -4.36
C LEU I 651 -66.60 5.85 -2.85
N SER I 652 -66.72 7.10 -2.39
CA SER I 652 -66.72 7.34 -0.96
C SER I 652 -68.03 6.95 -0.31
N GLU I 653 -69.13 6.96 -1.05
CA GLU I 653 -70.45 6.69 -0.49
C GLU I 653 -70.85 5.23 -0.55
N THR I 654 -70.02 4.38 -1.14
CA THR I 654 -70.33 2.96 -1.28
C THR I 654 -69.57 2.15 -0.24
N ALA I 655 -69.58 0.84 -0.39
CA ALA I 655 -68.98 -0.08 0.56
C ALA I 655 -67.50 -0.30 0.33
N CYS I 656 -66.81 0.66 -0.28
CA CYS I 656 -65.39 0.50 -0.56
C CYS I 656 -64.59 0.49 0.74
N ILE I 657 -63.51 -0.29 0.74
CA ILE I 657 -62.62 -0.40 1.89
C ILE I 657 -61.32 0.36 1.68
N SER I 658 -61.09 0.89 0.47
CA SER I 658 -59.85 1.53 0.08
C SER I 658 -58.65 0.59 0.25
N CYS I 659 -58.86 -0.70 -0.02
CA CYS I 659 -57.78 -1.66 0.13
C CYS I 659 -56.71 -1.45 -0.94
N GLY I 660 -57.11 -1.07 -2.14
CA GLY I 660 -56.16 -0.85 -3.21
C GLY I 660 -55.80 -2.09 -4.00
N GLN I 661 -56.63 -3.12 -4.00
CA GLN I 661 -56.36 -4.28 -4.83
C GLN I 661 -56.70 -4.03 -6.28
N CYS I 662 -57.77 -3.27 -6.53
CA CYS I 662 -58.12 -2.90 -7.88
C CYS I 662 -57.03 -2.04 -8.51
N VAL I 663 -56.39 -1.20 -7.71
CA VAL I 663 -55.24 -0.42 -8.17
C VAL I 663 -54.08 -1.34 -8.51
N ASP I 664 -53.83 -2.34 -7.68
CA ASP I 664 -52.65 -3.16 -7.81
C ASP I 664 -52.76 -4.20 -8.92
N VAL I 665 -53.98 -4.53 -9.36
CA VAL I 665 -54.12 -5.49 -10.46
C VAL I 665 -54.37 -4.84 -11.81
N CYS I 666 -54.52 -3.53 -11.87
CA CYS I 666 -54.80 -2.88 -13.14
C CYS I 666 -53.56 -2.88 -14.02
N PRO I 667 -53.68 -3.23 -15.31
CA PRO I 667 -52.53 -3.19 -16.21
C PRO I 667 -52.25 -1.85 -16.86
N THR I 668 -53.21 -0.93 -16.88
CA THR I 668 -53.04 0.40 -17.44
C THR I 668 -53.21 1.44 -16.34
N GLY I 669 -53.29 2.70 -16.74
CA GLY I 669 -53.42 3.79 -15.79
C GLY I 669 -54.83 4.17 -15.42
N ALA I 670 -55.82 3.30 -15.68
CA ALA I 670 -57.19 3.65 -15.34
C ALA I 670 -57.41 3.71 -13.84
N CYS I 671 -56.90 2.74 -13.10
CA CYS I 671 -56.98 2.73 -11.64
C CYS I 671 -55.61 3.04 -11.08
N MET I 672 -55.52 4.09 -10.28
CA MET I 672 -54.25 4.53 -9.71
C MET I 672 -54.43 4.76 -8.22
N GLU I 673 -53.35 4.56 -7.47
CA GLU I 673 -53.34 4.92 -6.07
C GLU I 673 -52.85 6.35 -5.91
N LYS I 674 -53.29 6.99 -4.84
CA LYS I 674 -52.97 8.40 -4.67
C LYS I 674 -51.54 8.56 -4.17
N GLN I 675 -51.17 9.81 -3.94
CA GLN I 675 -49.79 10.17 -3.71
C GLN I 675 -49.48 10.19 -2.21
N VAL I 676 -48.43 9.48 -1.82
CA VAL I 676 -47.96 9.53 -0.45
C VAL I 676 -47.00 10.70 -0.23
N SER I 677 -46.16 10.98 -1.23
CA SER I 677 -45.18 12.05 -1.14
C SER I 677 -45.83 13.42 -1.33
N TYR I 678 -45.00 14.46 -1.34
CA TYR I 678 -45.49 15.82 -1.45
C TYR I 678 -46.01 16.12 -2.85
N LYS I 679 -45.35 15.57 -3.87
CA LYS I 679 -45.79 15.71 -5.26
C LYS I 679 -45.32 14.47 -5.99
N GLN I 680 -46.25 13.59 -6.37
CA GLN I 680 -45.81 12.34 -6.97
C GLN I 680 -45.55 12.52 -8.46
N ILE I 681 -44.77 11.59 -9.00
CA ILE I 681 -44.19 11.71 -10.32
C ILE I 681 -44.17 10.35 -11.00
N PRO I 682 -44.15 10.30 -12.31
CA PRO I 682 -43.83 9.04 -12.99
C PRO I 682 -42.35 8.74 -12.94
N ALA I 683 -41.94 7.71 -12.19
CA ALA I 683 -40.52 7.46 -12.04
C ALA I 683 -40.28 5.97 -11.83
N ASN I 684 -39.04 5.56 -12.06
CA ASN I 684 -38.60 4.18 -11.85
C ASN I 684 -38.03 4.08 -10.44
N MET I 685 -38.86 3.58 -9.53
CA MET I 685 -38.59 3.71 -8.11
C MET I 685 -37.80 2.52 -7.58
N ASP I 686 -36.94 2.79 -6.61
CA ASP I 686 -36.24 1.70 -5.94
C ASP I 686 -37.20 0.97 -5.01
N SER I 687 -36.98 -0.33 -4.86
CA SER I 687 -37.89 -1.18 -4.12
C SER I 687 -37.16 -1.90 -3.00
N MET I 688 -37.76 -1.91 -1.81
CA MET I 688 -37.20 -2.61 -0.66
C MET I 688 -38.26 -3.51 -0.04
N ALA I 689 -37.89 -4.73 0.32
CA ALA I 689 -38.82 -5.72 0.81
C ALA I 689 -38.86 -5.68 2.34
N SER I 690 -40.03 -5.40 2.90
CA SER I 690 -40.21 -5.32 4.33
C SER I 690 -41.55 -5.96 4.68
N VAL I 691 -42.02 -5.75 5.91
CA VAL I 691 -43.33 -6.26 6.31
C VAL I 691 -44.15 -5.10 6.89
N CYS I 692 -45.46 -5.28 6.87
CA CYS I 692 -46.36 -4.23 7.36
C CYS I 692 -46.25 -4.10 8.87
N GLY I 693 -46.38 -2.87 9.34
CA GLY I 693 -46.23 -2.59 10.75
C GLY I 693 -47.49 -2.17 11.45
N TYR I 694 -48.61 -2.81 11.15
CA TYR I 694 -49.88 -2.40 11.73
C TYR I 694 -50.68 -3.53 12.35
N CYS I 695 -50.63 -4.73 11.79
CA CYS I 695 -51.44 -5.85 12.24
C CYS I 695 -50.56 -7.06 12.53
N GLY I 696 -51.14 -8.04 13.21
CA GLY I 696 -50.44 -9.27 13.48
C GLY I 696 -50.42 -10.25 12.33
N VAL I 697 -51.15 -9.98 11.26
CA VAL I 697 -51.07 -10.84 10.08
C VAL I 697 -49.71 -10.72 9.43
N GLY I 698 -49.13 -9.53 9.43
CA GLY I 698 -47.77 -9.32 8.96
C GLY I 698 -47.56 -9.55 7.49
N CYS I 699 -48.35 -8.89 6.65
CA CYS I 699 -48.22 -9.05 5.22
C CYS I 699 -46.90 -8.46 4.73
N ASN I 700 -46.24 -9.14 3.80
CA ASN I 700 -45.02 -8.63 3.21
C ASN I 700 -45.33 -7.53 2.21
N VAL I 701 -44.51 -6.48 2.22
CA VAL I 701 -44.71 -5.32 1.36
C VAL I 701 -43.42 -4.99 0.64
N ASN I 702 -43.56 -4.26 -0.47
CA ASN I 702 -42.47 -3.65 -1.18
C ASN I 702 -42.63 -2.14 -1.11
N ILE I 703 -41.65 -1.46 -0.54
CA ILE I 703 -41.65 -0.02 -0.41
C ILE I 703 -40.93 0.55 -1.62
N GLU I 704 -41.62 1.38 -2.39
CA GLU I 704 -41.05 2.03 -3.56
C GLU I 704 -40.77 3.49 -3.22
N TYR I 705 -39.52 3.88 -3.38
CA TYR I 705 -38.99 5.14 -2.88
C TYR I 705 -37.96 5.67 -3.85
N LYS I 706 -37.66 6.96 -3.72
CA LYS I 706 -36.68 7.62 -4.58
C LYS I 706 -35.89 8.61 -3.71
N GLY I 707 -34.76 8.17 -3.19
CA GLY I 707 -33.91 9.05 -2.39
C GLY I 707 -34.20 8.91 -0.89
N ASP I 708 -34.79 9.94 -0.30
CA ASP I 708 -35.16 9.97 1.10
C ASP I 708 -36.67 10.12 1.29
N VAL I 709 -37.47 9.83 0.27
CA VAL I 709 -38.91 9.99 0.31
C VAL I 709 -39.54 8.69 -0.16
N VAL I 710 -40.43 8.13 0.66
CA VAL I 710 -41.20 6.96 0.26
C VAL I 710 -42.38 7.42 -0.54
N PHE I 711 -42.60 6.80 -1.70
CA PHE I 711 -43.64 7.22 -2.62
C PHE I 711 -44.83 6.27 -2.66
N ARG I 712 -44.62 4.97 -2.66
CA ARG I 712 -45.76 4.06 -2.64
C ARG I 712 -45.38 2.73 -2.03
N VAL I 713 -46.39 1.90 -1.77
CA VAL I 713 -46.23 0.57 -1.21
C VAL I 713 -47.01 -0.41 -2.09
N THR I 714 -46.40 -1.54 -2.42
CA THR I 714 -47.04 -2.57 -3.22
C THR I 714 -47.01 -3.90 -2.48
N PRO I 715 -47.92 -4.82 -2.77
CA PRO I 715 -47.85 -6.15 -2.18
C PRO I 715 -46.68 -6.95 -2.74
N ASP I 716 -46.26 -7.94 -1.97
CA ASP I 716 -45.17 -8.84 -2.36
C ASP I 716 -45.79 -10.10 -2.94
N ARG I 717 -45.89 -10.15 -4.26
CA ARG I 717 -46.57 -11.24 -4.93
C ARG I 717 -45.72 -12.49 -5.08
N VAL I 718 -44.42 -12.40 -4.81
CA VAL I 718 -43.52 -13.54 -4.99
C VAL I 718 -43.42 -14.38 -3.72
N ASN I 719 -43.25 -13.74 -2.56
CA ASN I 719 -43.07 -14.46 -1.31
C ASN I 719 -44.37 -14.64 -0.53
N ASP I 720 -45.41 -13.88 -0.82
CA ASP I 720 -46.70 -14.09 -0.17
C ASP I 720 -47.84 -14.19 -1.16
N ASP I 721 -49.07 -14.15 -0.65
CA ASP I 721 -50.23 -14.15 -1.53
C ASP I 721 -50.35 -12.86 -2.32
N GLY I 722 -49.88 -11.75 -1.76
CA GLY I 722 -49.93 -10.50 -2.46
C GLY I 722 -51.15 -9.64 -2.20
N TRP I 723 -51.72 -9.73 -1.01
CA TRP I 723 -52.85 -8.90 -0.64
C TRP I 723 -52.41 -7.90 0.43
N LEU I 724 -53.14 -6.78 0.50
CA LEU I 724 -52.89 -5.74 1.48
C LEU I 724 -54.22 -5.11 1.84
N CYS I 725 -54.24 -4.39 2.95
CA CYS I 725 -55.40 -3.62 3.34
C CYS I 725 -55.08 -2.14 3.25
N GLN I 726 -56.00 -1.31 3.70
CA GLN I 726 -55.81 0.14 3.58
C GLN I 726 -54.63 0.60 4.43
N ARG I 727 -54.49 0.04 5.63
CA ARG I 727 -53.41 0.47 6.52
C ARG I 727 -52.05 0.11 5.94
N GLY I 728 -51.92 -1.09 5.37
CA GLY I 728 -50.65 -1.47 4.78
C GLY I 728 -50.35 -0.69 3.52
N LYS I 729 -51.36 -0.44 2.70
CA LYS I 729 -51.18 0.23 1.42
C LYS I 729 -50.83 1.70 1.60
N PHE I 730 -51.60 2.42 2.41
CA PHE I 730 -51.51 3.86 2.51
C PHE I 730 -50.98 4.35 3.84
N GLY I 731 -50.27 3.51 4.58
CA GLY I 731 -49.92 3.84 5.94
C GLY I 731 -48.51 4.31 6.19
N LEU I 732 -47.62 4.25 5.21
CA LEU I 732 -46.24 4.66 5.41
C LEU I 732 -46.05 6.15 5.18
N GLY I 733 -47.13 6.88 4.93
CA GLY I 733 -47.05 8.31 4.66
C GLY I 733 -46.61 9.15 5.83
N HIS I 734 -46.51 8.59 7.03
CA HIS I 734 -45.93 9.30 8.15
C HIS I 734 -44.41 9.36 8.06
N ALA I 735 -43.80 8.56 7.21
CA ALA I 735 -42.35 8.62 7.08
C ALA I 735 -41.88 9.90 6.41
N ASN I 736 -42.74 10.56 5.65
CA ASN I 736 -42.42 11.81 4.99
C ASN I 736 -42.99 13.02 5.71
N ASP I 737 -43.55 12.83 6.91
CA ASP I 737 -44.16 13.93 7.62
C ASP I 737 -43.10 14.92 8.07
N LYS I 738 -43.44 16.21 8.01
CA LYS I 738 -42.52 17.26 8.43
C LYS I 738 -42.67 17.61 9.90
N ALA I 739 -43.64 17.04 10.60
CA ALA I 739 -43.81 17.27 12.03
C ALA I 739 -43.07 16.26 12.88
N ARG I 740 -42.32 15.36 12.27
CA ARG I 740 -41.48 14.43 13.03
C ARG I 740 -40.37 15.17 13.76
N LEU I 741 -40.01 14.67 14.92
CA LEU I 741 -38.92 15.25 15.69
C LEU I 741 -37.57 14.86 15.10
N THR I 742 -36.57 15.69 15.36
CA THR I 742 -35.24 15.50 14.79
C THR I 742 -34.13 15.42 15.82
N ALA I 743 -34.25 16.08 16.96
CA ALA I 743 -33.22 16.06 17.98
C ALA I 743 -33.88 16.02 19.35
N PRO I 744 -33.21 15.41 20.35
CA PRO I 744 -33.81 15.33 21.68
C PRO I 744 -33.92 16.69 22.33
N VAL I 745 -34.93 16.85 23.17
CA VAL I 745 -35.19 18.10 23.86
C VAL I 745 -35.34 17.83 25.34
N ILE I 746 -34.79 18.71 26.17
CA ILE I 746 -34.84 18.59 27.62
C ILE I 746 -35.58 19.80 28.17
N LYS I 747 -36.49 19.57 29.10
CA LYS I 747 -37.30 20.66 29.63
C LYS I 747 -36.54 21.43 30.69
N ARG I 748 -36.44 22.75 30.52
CA ARG I 748 -35.94 23.66 31.55
C ARG I 748 -36.85 24.88 31.58
N ASN I 749 -37.23 25.30 32.79
CA ASN I 749 -38.13 26.44 33.01
C ASN I 749 -39.47 26.27 32.31
N GLY I 750 -39.88 25.05 32.02
CA GLY I 750 -41.11 24.80 31.31
C GLY I 750 -41.01 24.82 29.80
N GLN I 751 -39.83 25.09 29.24
CA GLN I 751 -39.65 25.10 27.80
C GLN I 751 -38.63 24.05 27.40
N PHE I 752 -38.83 23.47 26.23
CA PHE I 752 -37.94 22.44 25.72
C PHE I 752 -36.73 23.08 25.05
N VAL I 753 -35.55 22.58 25.38
CA VAL I 753 -34.29 23.07 24.82
C VAL I 753 -33.64 21.93 24.05
N LYS I 754 -33.25 22.20 22.81
CA LYS I 754 -32.58 21.20 22.00
C LYS I 754 -31.20 20.90 22.57
N VAL I 755 -30.85 19.62 22.64
CA VAL I 755 -29.59 19.20 23.22
C VAL I 755 -28.91 18.20 22.29
N ASP I 756 -27.63 17.97 22.55
CA ASP I 756 -26.90 16.95 21.82
C ASP I 756 -27.31 15.57 22.28
N TRP I 757 -26.85 14.55 21.56
CA TRP I 757 -27.19 13.18 21.94
C TRP I 757 -26.48 12.77 23.21
N ASN I 758 -25.23 13.18 23.39
CA ASN I 758 -24.47 12.82 24.58
C ASN I 758 -25.07 13.44 25.83
N GLU I 759 -25.48 14.71 25.74
CA GLU I 759 -26.10 15.37 26.87
C GLU I 759 -27.43 14.72 27.22
N ALA I 760 -28.20 14.32 26.22
CA ALA I 760 -29.45 13.61 26.47
C ALA I 760 -29.22 12.29 27.17
N ASN I 761 -28.22 11.53 26.71
CA ASN I 761 -27.91 10.25 27.33
C ASN I 761 -27.50 10.42 28.79
N LEU I 762 -26.63 11.40 29.05
CA LEU I 762 -26.21 11.66 30.42
C LEU I 762 -27.38 12.07 31.28
N GLU I 763 -28.26 12.92 30.77
CA GLU I 763 -29.37 13.43 31.57
C GLU I 763 -30.32 12.31 31.93
N VAL I 764 -30.66 11.45 30.98
CA VAL I 764 -31.63 10.40 31.28
C VAL I 764 -31.02 9.38 32.24
N VAL I 765 -29.75 9.02 32.05
CA VAL I 765 -29.14 8.05 32.95
C VAL I 765 -29.03 8.60 34.37
N LYS I 766 -28.60 9.85 34.51
CA LYS I 766 -28.43 10.42 35.85
C LYS I 766 -29.76 10.64 36.54
N ARG I 767 -30.81 11.03 35.81
CA ARG I 767 -32.11 11.21 36.45
C ARG I 767 -32.71 9.88 36.86
N LEU I 768 -32.53 8.83 36.04
CA LEU I 768 -33.02 7.52 36.43
C LEU I 768 -32.27 7.00 37.65
N GLN I 769 -30.96 7.22 37.71
CA GLN I 769 -30.17 6.81 38.88
C GLN I 769 -30.60 7.59 40.12
N ALA I 770 -30.93 8.87 39.96
CA ALA I 770 -31.41 9.66 41.09
C ALA I 770 -32.73 9.13 41.61
N VAL I 771 -33.64 8.75 40.71
CA VAL I 771 -34.92 8.19 41.15
C VAL I 771 -34.71 6.87 41.87
N VAL I 772 -33.83 6.02 41.34
CA VAL I 772 -33.54 4.75 42.00
C VAL I 772 -32.93 4.96 43.37
N ALA I 773 -32.01 5.93 43.49
CA ALA I 773 -31.37 6.21 44.78
C ALA I 773 -32.38 6.75 45.79
N ALA I 774 -33.27 7.63 45.37
CA ALA I 774 -34.18 8.25 46.32
C ALA I 774 -35.30 7.31 46.74
N TYR I 775 -35.75 6.43 45.85
CA TYR I 775 -36.94 5.62 46.15
C TYR I 775 -36.70 4.12 46.07
N GLY I 776 -35.46 3.67 45.91
CA GLY I 776 -35.19 2.25 46.05
C GLY I 776 -35.63 1.41 44.86
N LYS I 777 -35.95 0.15 45.15
CA LYS I 777 -36.25 -0.84 44.14
C LYS I 777 -37.72 -0.75 43.69
N ASP I 778 -37.95 -1.13 42.43
CA ASP I 778 -39.29 -1.21 41.83
C ASP I 778 -40.01 0.13 41.82
N SER I 779 -39.26 1.21 41.62
CA SER I 779 -39.86 2.53 41.52
C SER I 779 -39.98 3.03 40.09
N ILE I 780 -39.58 2.22 39.11
CA ILE I 780 -39.55 2.63 37.71
C ILE I 780 -40.35 1.64 36.89
N GLY I 781 -41.26 2.14 36.07
CA GLY I 781 -42.04 1.33 35.16
C GLY I 781 -41.62 1.61 33.72
N VAL I 782 -41.52 0.55 32.92
CA VAL I 782 -41.10 0.64 31.53
C VAL I 782 -42.28 0.27 30.65
N VAL I 783 -42.90 1.28 30.04
CA VAL I 783 -44.05 1.09 29.17
C VAL I 783 -43.56 1.14 27.74
N VAL I 784 -43.77 0.07 26.98
CA VAL I 784 -43.33 0.05 25.59
C VAL I 784 -44.53 -0.19 24.69
N SER I 785 -44.29 -0.03 23.39
CA SER I 785 -45.29 -0.27 22.35
C SER I 785 -44.94 -1.52 21.57
N PRO I 786 -45.91 -2.31 21.15
CA PRO I 786 -45.60 -3.56 20.48
C PRO I 786 -45.21 -3.38 19.02
N ARG I 787 -44.97 -2.15 18.59
CA ARG I 787 -44.54 -1.91 17.22
C ARG I 787 -43.04 -2.04 17.03
N LEU I 788 -42.27 -2.11 18.11
CA LEU I 788 -40.82 -2.17 17.99
C LEU I 788 -40.38 -3.57 17.58
N THR I 789 -39.16 -3.64 17.04
CA THR I 789 -38.62 -4.92 16.60
C THR I 789 -38.25 -5.77 17.80
N ASN I 790 -37.79 -6.99 17.53
CA ASN I 790 -37.42 -7.89 18.61
C ASN I 790 -36.19 -7.39 19.36
N GLU I 791 -35.22 -6.84 18.63
CA GLU I 791 -33.98 -6.40 19.26
C GLU I 791 -34.20 -5.19 20.15
N GLU I 792 -35.04 -4.26 19.71
CA GLU I 792 -35.35 -3.10 20.53
C GLU I 792 -36.13 -3.49 21.78
N LEU I 793 -37.03 -4.46 21.67
CA LEU I 793 -37.77 -4.92 22.85
C LEU I 793 -36.84 -5.66 23.81
N PHE I 794 -35.90 -6.44 23.29
CA PHE I 794 -34.93 -7.10 24.15
C PHE I 794 -34.04 -6.09 24.87
N LEU I 795 -33.61 -5.05 24.16
CA LEU I 795 -32.78 -4.04 24.80
C LEU I 795 -33.57 -3.22 25.81
N ALA I 796 -34.86 -2.98 25.57
CA ALA I 796 -35.67 -2.31 26.58
C ALA I 796 -35.84 -3.18 27.81
N GLY I 797 -35.97 -4.49 27.63
CA GLY I 797 -35.99 -5.38 28.77
C GLY I 797 -34.68 -5.39 29.54
N LYS I 798 -33.57 -5.34 28.81
CA LYS I 798 -32.26 -5.26 29.46
C LYS I 798 -32.10 -3.97 30.25
N LEU I 799 -32.60 -2.86 29.69
CA LEU I 799 -32.60 -1.59 30.42
C LEU I 799 -33.46 -1.67 31.67
N ALA I 800 -34.62 -2.33 31.58
CA ALA I 800 -35.45 -2.48 32.75
C ALA I 800 -34.76 -3.32 33.82
N ASP I 801 -34.05 -4.36 33.40
CA ASP I 801 -33.29 -5.16 34.36
C ASP I 801 -32.18 -4.36 35.00
N ALA I 802 -31.50 -3.50 34.23
CA ALA I 802 -30.34 -2.78 34.73
C ALA I 802 -30.69 -1.64 35.68
N VAL I 803 -31.90 -1.09 35.61
CA VAL I 803 -32.29 0.00 36.48
C VAL I 803 -33.03 -0.51 37.72
N ASN I 804 -32.91 -1.81 38.02
CA ASN I 804 -33.46 -2.42 39.22
C ASN I 804 -34.98 -2.25 39.29
N THR I 805 -35.67 -2.85 38.32
CA THR I 805 -37.12 -2.86 38.32
C THR I 805 -37.62 -4.09 37.61
N THR I 806 -38.85 -4.49 37.92
CA THR I 806 -39.51 -5.60 37.29
C THR I 806 -40.78 -5.20 36.57
N ILE I 807 -41.14 -3.92 36.60
CA ILE I 807 -42.40 -3.44 36.02
C ILE I 807 -42.12 -3.13 34.56
N LYS I 808 -42.37 -4.11 33.69
CA LYS I 808 -42.31 -3.92 32.25
C LYS I 808 -43.68 -4.22 31.68
N THR I 809 -44.22 -3.31 30.87
CA THR I 809 -45.62 -3.42 30.49
C THR I 809 -45.87 -2.70 29.17
N SER I 810 -47.11 -2.84 28.71
CA SER I 810 -47.60 -2.19 27.51
C SER I 810 -49.08 -1.99 27.66
N TYR I 811 -49.59 -0.88 27.14
CA TYR I 811 -51.03 -0.66 27.20
C TYR I 811 -51.76 -1.49 26.16
N SER I 812 -51.12 -1.80 25.03
CA SER I 812 -51.75 -2.63 24.02
C SER I 812 -51.77 -4.10 24.43
N VAL I 813 -50.68 -4.60 24.98
CA VAL I 813 -50.59 -6.01 25.36
C VAL I 813 -51.48 -6.29 26.58
N ASP I 814 -51.50 -5.36 27.54
CA ASP I 814 -52.28 -5.33 28.78
C ASP I 814 -52.47 -6.70 29.46
N GLY I 815 -51.39 -7.46 29.54
CA GLY I 815 -51.43 -8.72 30.25
C GLY I 815 -51.64 -9.94 29.39
N GLY I 816 -51.63 -9.80 28.08
CA GLY I 816 -51.76 -10.94 27.21
C GLY I 816 -53.21 -11.35 27.02
N SER I 817 -53.38 -12.45 26.29
CA SER I 817 -54.69 -12.94 25.90
C SER I 817 -55.28 -13.93 26.88
N GLY I 818 -54.54 -14.36 27.89
CA GLY I 818 -55.05 -15.31 28.85
C GLY I 818 -54.95 -16.76 28.43
N LEU I 819 -54.44 -17.05 27.23
CA LEU I 819 -54.23 -18.41 26.82
C LEU I 819 -52.99 -19.02 27.48
N GLY I 820 -52.11 -18.19 28.03
CA GLY I 820 -50.89 -18.70 28.63
C GLY I 820 -51.13 -19.51 29.88
N SER I 821 -52.12 -19.15 30.68
CA SER I 821 -52.35 -19.84 31.94
C SER I 821 -52.94 -21.23 31.74
N VAL I 822 -53.49 -21.51 30.56
CA VAL I 822 -54.14 -22.79 30.31
C VAL I 822 -53.21 -23.78 29.62
N LEU I 823 -52.53 -23.35 28.57
CA LEU I 823 -51.70 -24.23 27.77
C LEU I 823 -50.21 -24.02 27.98
N GLY I 824 -49.79 -22.93 28.61
CA GLY I 824 -48.42 -22.66 28.91
C GLY I 824 -47.78 -21.58 28.06
N TYR I 825 -48.18 -21.51 26.79
CA TYR I 825 -47.65 -20.53 25.86
C TYR I 825 -48.80 -19.62 25.42
N ASP I 826 -48.56 -18.32 25.45
CA ASP I 826 -49.52 -17.34 24.95
C ASP I 826 -49.27 -17.11 23.46
N ALA I 827 -49.64 -18.11 22.66
CA ALA I 827 -49.36 -18.07 21.24
C ALA I 827 -50.35 -18.96 20.49
N SER I 828 -50.44 -18.73 19.19
CA SER I 828 -51.31 -19.54 18.35
C SER I 828 -50.76 -20.96 18.23
N THR I 829 -51.64 -21.94 18.35
CA THR I 829 -51.23 -23.33 18.27
C THR I 829 -51.07 -23.83 16.84
N ASN I 830 -51.41 -23.02 15.84
CA ASN I 830 -51.29 -23.42 14.46
C ASN I 830 -50.92 -22.21 13.63
N SER I 831 -50.36 -22.46 12.45
CA SER I 831 -49.95 -21.38 11.57
C SER I 831 -51.06 -21.04 10.57
N PHE I 832 -50.89 -19.89 9.90
CA PHE I 832 -51.84 -19.48 8.87
C PHE I 832 -51.86 -20.44 7.69
N ALA I 833 -50.71 -21.08 7.40
CA ALA I 833 -50.59 -21.97 6.26
C ALA I 833 -51.48 -23.20 6.38
N GLU I 834 -52.04 -23.46 7.56
CA GLU I 834 -52.95 -24.57 7.77
C GLU I 834 -54.40 -24.17 7.65
N LEU I 835 -54.68 -22.93 7.24
CA LEU I 835 -56.06 -22.56 6.97
C LEU I 835 -56.55 -23.13 5.65
N ASP I 836 -55.64 -23.60 4.79
CA ASP I 836 -56.03 -24.11 3.49
C ASP I 836 -56.65 -25.50 3.57
N ASN I 837 -56.18 -26.32 4.51
CA ASN I 837 -56.55 -27.73 4.56
C ASN I 837 -57.58 -28.05 5.62
N SER I 838 -57.93 -27.11 6.48
CA SER I 838 -58.99 -27.37 7.45
C SER I 838 -60.34 -27.44 6.74
N ASP I 839 -61.28 -28.16 7.35
CA ASP I 839 -62.59 -28.32 6.77
C ASP I 839 -63.66 -27.50 7.49
N PHE I 840 -63.28 -26.71 8.48
CA PHE I 840 -64.24 -25.90 9.23
C PHE I 840 -63.45 -24.83 9.97
N VAL I 841 -63.90 -23.59 9.86
CA VAL I 841 -63.25 -22.48 10.54
C VAL I 841 -64.30 -21.70 11.29
N LEU I 842 -64.16 -21.61 12.61
CA LEU I 842 -65.07 -20.85 13.45
C LEU I 842 -64.38 -19.55 13.83
N THR I 843 -65.01 -18.42 13.53
CA THR I 843 -64.41 -17.11 13.74
C THR I 843 -65.10 -16.43 14.91
N LEU I 844 -64.29 -15.93 15.84
CA LEU I 844 -64.76 -15.20 17.01
C LEU I 844 -64.28 -13.77 16.92
N GLY I 845 -65.19 -12.82 17.04
CA GLY I 845 -64.84 -11.42 16.93
C GLY I 845 -65.00 -10.87 15.54
N LYS I 846 -64.47 -9.66 15.35
CA LYS I 846 -64.53 -8.99 14.06
C LYS I 846 -63.24 -9.21 13.30
N VAL I 847 -63.07 -10.45 12.82
CA VAL I 847 -61.87 -10.80 12.07
C VAL I 847 -61.85 -10.08 10.73
N LYS I 848 -63.01 -9.95 10.10
CA LYS I 848 -63.08 -9.33 8.78
C LYS I 848 -62.77 -7.84 8.84
N GLU I 849 -63.30 -7.15 9.84
CA GLU I 849 -63.14 -5.70 9.91
C GLU I 849 -61.76 -5.29 10.38
N ASN I 850 -61.12 -6.07 11.23
CA ASN I 850 -59.86 -5.66 11.84
C ASN I 850 -58.64 -6.22 11.12
N HIS I 851 -58.67 -7.47 10.70
CA HIS I 851 -57.56 -8.09 9.96
C HIS I 851 -58.12 -8.62 8.66
N PRO I 852 -58.29 -7.75 7.65
CA PRO I 852 -59.06 -8.18 6.47
C PRO I 852 -58.30 -9.05 5.49
N VAL I 853 -56.97 -9.02 5.48
CA VAL I 853 -56.24 -9.91 4.57
C VAL I 853 -56.43 -11.36 4.97
N LEU I 854 -56.57 -11.62 6.27
CA LEU I 854 -56.93 -12.96 6.72
C LEU I 854 -58.31 -13.35 6.22
N ASP I 855 -59.24 -12.40 6.19
CA ASP I 855 -60.55 -12.69 5.62
C ASP I 855 -60.47 -12.96 4.13
N PHE I 856 -59.58 -12.25 3.41
CA PHE I 856 -59.40 -12.53 1.98
C PHE I 856 -58.90 -13.94 1.78
N LYS I 857 -57.92 -14.35 2.60
CA LYS I 857 -57.37 -15.70 2.50
C LYS I 857 -58.41 -16.76 2.83
N ILE I 858 -59.23 -16.51 3.86
CA ILE I 858 -60.26 -17.47 4.23
C ILE I 858 -61.32 -17.58 3.14
N ARG I 859 -61.69 -16.45 2.52
CA ARG I 859 -62.67 -16.48 1.45
C ARG I 859 -62.14 -17.18 0.21
N LEU I 860 -60.87 -16.96 -0.11
CA LEU I 860 -60.29 -17.61 -1.29
C LEU I 860 -60.04 -19.08 -1.04
N SER I 861 -59.88 -19.49 0.22
CA SER I 861 -59.67 -20.91 0.50
C SER I 861 -60.92 -21.73 0.19
N GLY I 862 -62.10 -21.17 0.45
CA GLY I 862 -63.34 -21.85 0.19
C GLY I 862 -63.82 -22.78 1.27
N VAL I 863 -63.12 -22.86 2.40
CA VAL I 863 -63.55 -23.73 3.49
C VAL I 863 -64.80 -23.15 4.14
N CYS I 864 -65.56 -24.01 4.81
CA CYS I 864 -66.80 -23.59 5.44
C CYS I 864 -66.49 -22.78 6.69
N SER I 865 -66.73 -21.48 6.63
CA SER I 865 -66.46 -20.58 7.73
C SER I 865 -67.77 -20.15 8.37
N VAL I 866 -67.90 -20.36 9.67
CA VAL I 866 -69.09 -19.99 10.42
C VAL I 866 -68.70 -18.99 11.48
N ALA I 867 -69.39 -17.87 11.53
CA ALA I 867 -69.11 -16.83 12.52
C ALA I 867 -69.91 -17.07 13.78
N TRP I 868 -69.29 -16.82 14.93
CA TRP I 868 -69.99 -16.93 16.20
C TRP I 868 -71.07 -15.85 16.27
N PRO I 869 -72.29 -16.20 16.68
CA PRO I 869 -73.40 -15.24 16.61
C PRO I 869 -73.17 -14.05 17.53
N GLN I 870 -73.64 -12.89 17.08
CA GLN I 870 -73.48 -11.65 17.82
C GLN I 870 -74.43 -11.57 19.02
N SER I 871 -75.55 -12.26 18.98
CA SER I 871 -76.51 -12.22 20.08
C SER I 871 -76.16 -13.17 21.21
N LEU I 872 -74.90 -13.59 21.30
CA LEU I 872 -74.40 -14.50 22.33
C LEU I 872 -73.24 -13.86 23.07
N ALA I 873 -73.42 -12.60 23.50
CA ALA I 873 -72.32 -11.78 23.98
C ALA I 873 -71.80 -12.17 25.36
N ASN I 874 -72.55 -12.94 26.13
CA ASN I 874 -72.13 -13.34 27.46
C ASN I 874 -71.62 -14.78 27.44
N THR I 875 -70.71 -15.09 28.36
CA THR I 875 -70.07 -16.39 28.35
C THR I 875 -70.93 -17.50 28.93
N ALA I 876 -72.12 -17.18 29.46
CA ALA I 876 -73.06 -18.24 29.81
C ALA I 876 -73.47 -19.03 28.58
N ASP I 877 -73.60 -18.36 27.43
CA ASP I 877 -73.87 -19.08 26.19
C ASP I 877 -72.69 -19.96 25.78
N MET I 878 -71.47 -19.52 26.06
CA MET I 878 -70.30 -20.38 25.85
C MET I 878 -70.31 -21.57 26.79
N LYS I 879 -70.79 -21.40 28.02
CA LYS I 879 -70.94 -22.54 28.92
C LYS I 879 -71.98 -23.52 28.40
N VAL I 880 -73.06 -22.99 27.83
CA VAL I 880 -74.05 -23.86 27.20
C VAL I 880 -73.43 -24.59 26.01
N PHE I 881 -72.55 -23.92 25.27
CA PHE I 881 -71.83 -24.56 24.17
C PHE I 881 -70.96 -25.70 24.69
N LEU I 882 -70.27 -25.47 25.81
CA LEU I 882 -69.46 -26.52 26.43
C LEU I 882 -70.32 -27.71 26.84
N LYS I 883 -71.48 -27.44 27.44
CA LYS I 883 -72.37 -28.52 27.86
C LYS I 883 -72.88 -29.31 26.66
N ALA I 884 -73.22 -28.62 25.57
CA ALA I 884 -73.67 -29.29 24.37
C ALA I 884 -72.57 -30.15 23.76
N LEU I 885 -71.33 -29.66 23.79
CA LEU I 885 -70.21 -30.46 23.32
C LEU I 885 -69.99 -31.69 24.19
N LEU I 886 -70.16 -31.54 25.51
CA LEU I 886 -70.02 -32.68 26.40
C LEU I 886 -71.10 -33.72 26.14
N ASN I 887 -72.33 -33.27 25.89
CA ASN I 887 -73.43 -34.21 25.66
C ASN I 887 -73.29 -34.99 24.36
N LEU I 888 -72.40 -34.57 23.46
CA LEU I 888 -72.20 -35.25 22.21
C LEU I 888 -71.16 -36.37 22.30
N GLY I 889 -70.83 -36.81 23.50
CA GLY I 889 -69.95 -37.96 23.65
C GLY I 889 -68.47 -37.68 23.46
N VAL I 890 -67.89 -36.88 24.34
CA VAL I 890 -66.45 -36.68 24.36
C VAL I 890 -65.80 -37.80 25.16
N ASP I 891 -64.53 -38.06 24.87
CA ASP I 891 -63.79 -39.07 25.62
C ASP I 891 -63.33 -38.46 26.94
N GLU I 892 -63.96 -38.88 28.04
CA GLU I 892 -63.62 -38.32 29.33
C GLU I 892 -62.32 -38.86 29.90
N ASN I 893 -61.89 -40.06 29.49
CA ASN I 893 -60.67 -40.64 30.06
C ASN I 893 -59.43 -39.88 29.63
N LYS I 894 -59.34 -39.56 28.34
CA LYS I 894 -58.17 -38.84 27.84
C LYS I 894 -58.08 -37.44 28.44
N VAL I 895 -59.21 -36.74 28.51
CA VAL I 895 -59.21 -35.40 29.10
C VAL I 895 -59.08 -35.45 30.61
N ALA I 896 -59.34 -36.60 31.23
CA ALA I 896 -59.01 -36.74 32.64
C ALA I 896 -57.52 -36.96 32.84
N GLU I 897 -56.89 -37.67 31.90
CA GLU I 897 -55.47 -37.93 32.02
C GLU I 897 -54.63 -36.70 31.71
N LYS I 898 -55.02 -35.93 30.69
CA LYS I 898 -54.17 -34.87 30.18
C LYS I 898 -54.48 -33.50 30.78
N THR I 899 -55.54 -33.35 31.55
CA THR I 899 -55.92 -32.07 32.12
C THR I 899 -56.10 -32.17 33.63
N GLU I 900 -55.96 -31.03 34.29
CA GLU I 900 -56.18 -30.92 35.73
C GLU I 900 -57.46 -30.11 35.96
N GLY I 901 -58.41 -30.70 36.68
CA GLY I 901 -59.63 -30.01 37.00
C GLY I 901 -60.79 -30.26 36.05
N PHE I 902 -60.82 -31.41 35.39
CA PHE I 902 -61.91 -31.69 34.46
C PHE I 902 -63.20 -32.03 35.20
N ALA I 903 -63.10 -32.79 36.30
CA ALA I 903 -64.30 -33.22 37.01
C ALA I 903 -65.02 -32.05 37.67
N GLU I 904 -64.26 -31.07 38.19
CA GLU I 904 -64.90 -29.89 38.75
C GLU I 904 -65.63 -29.09 37.68
N LEU I 905 -65.03 -28.98 36.49
CA LEU I 905 -65.68 -28.29 35.38
C LEU I 905 -66.95 -29.01 34.96
N LYS I 906 -66.91 -30.35 34.90
CA LYS I 906 -68.10 -31.11 34.54
C LYS I 906 -69.19 -30.95 35.59
N ALA I 907 -68.81 -30.92 36.87
CA ALA I 907 -69.78 -30.69 37.93
C ALA I 907 -70.37 -29.29 37.86
N SER I 908 -69.60 -28.30 37.42
CA SER I 908 -70.12 -26.94 37.32
C SER I 908 -71.16 -26.81 36.22
N LEU I 909 -71.02 -27.57 35.13
CA LEU I 909 -71.95 -27.52 34.01
C LEU I 909 -73.03 -28.59 34.10
N ALA I 910 -73.38 -29.02 35.30
CA ALA I 910 -74.33 -30.13 35.44
C ALA I 910 -75.77 -29.70 35.19
N ASP I 911 -76.14 -28.47 35.55
CA ASP I 911 -77.51 -28.00 35.48
C ASP I 911 -77.75 -27.06 34.31
N VAL I 912 -76.92 -27.11 33.27
CA VAL I 912 -77.01 -26.18 32.17
C VAL I 912 -77.93 -26.76 31.10
N LYS I 913 -78.93 -25.98 30.69
CA LYS I 913 -79.80 -26.35 29.60
C LYS I 913 -79.22 -25.92 28.27
N VAL I 914 -79.62 -26.60 27.20
CA VAL I 914 -79.04 -26.41 25.88
C VAL I 914 -80.11 -25.87 24.94
N SER I 915 -79.76 -24.83 24.19
CA SER I 915 -80.64 -24.23 23.20
C SER I 915 -80.39 -24.86 21.82
N GLU I 916 -81.24 -24.50 20.86
CA GLU I 916 -81.20 -25.11 19.54
C GLU I 916 -80.00 -24.63 18.74
N GLU I 917 -79.74 -23.32 18.75
CA GLU I 917 -78.64 -22.76 17.98
C GLU I 917 -77.30 -23.24 18.53
N ILE I 918 -77.18 -23.30 19.86
CA ILE I 918 -76.00 -23.85 20.49
C ILE I 918 -75.80 -25.29 20.09
N GLN I 919 -76.89 -26.07 20.06
CA GLN I 919 -76.80 -27.46 19.65
C GLN I 919 -76.34 -27.60 18.21
N ALA I 920 -76.83 -26.74 17.32
CA ALA I 920 -76.42 -26.79 15.93
C ALA I 920 -74.94 -26.45 15.77
N LEU I 921 -74.48 -25.41 16.46
CA LEU I 921 -73.06 -25.06 16.40
C LEU I 921 -72.20 -26.16 16.98
N ALA I 922 -72.63 -26.78 18.07
CA ALA I 922 -71.88 -27.86 18.69
C ALA I 922 -71.81 -29.08 17.78
N GLN I 923 -72.91 -29.40 17.10
CA GLN I 923 -72.89 -30.52 16.15
C GLN I 923 -71.96 -30.23 14.98
N LYS I 924 -71.98 -28.98 14.50
CA LYS I 924 -71.08 -28.60 13.41
C LYS I 924 -69.62 -28.72 13.82
N TYR I 925 -69.30 -28.28 15.04
CA TYR I 925 -67.92 -28.37 15.49
C TYR I 925 -67.50 -29.80 15.79
N ALA I 926 -68.42 -30.63 16.28
CA ALA I 926 -68.08 -31.98 16.66
C ALA I 926 -67.91 -32.88 15.45
N LYS I 927 -68.76 -32.73 14.43
CA LYS I 927 -68.65 -33.60 13.27
C LYS I 927 -67.48 -33.22 12.37
N ALA I 928 -66.91 -32.02 12.53
CA ALA I 928 -65.78 -31.61 11.71
C ALA I 928 -64.52 -32.38 12.10
N ALA I 929 -63.80 -32.89 11.11
CA ALA I 929 -62.59 -33.64 11.40
C ALA I 929 -61.45 -32.74 11.86
N LYS I 930 -61.24 -31.62 11.17
CA LYS I 930 -60.11 -30.72 11.42
C LYS I 930 -60.60 -29.28 11.55
N PRO I 931 -61.22 -28.93 12.67
CA PRO I 931 -61.73 -27.57 12.83
C PRO I 931 -60.73 -26.60 13.44
N LEU I 932 -60.66 -25.41 12.87
CA LEU I 932 -59.84 -24.34 13.38
C LEU I 932 -60.72 -23.28 14.02
N ILE I 933 -60.16 -22.56 14.98
CA ILE I 933 -60.83 -21.42 15.61
C ILE I 933 -59.93 -20.22 15.45
N VAL I 934 -60.45 -19.17 14.84
CA VAL I 934 -59.72 -17.92 14.64
C VAL I 934 -60.36 -16.86 15.52
N ILE I 935 -59.61 -16.37 16.49
CA ILE I 935 -60.11 -15.45 17.50
C ILE I 935 -59.43 -14.11 17.29
N ASP I 936 -60.21 -13.06 17.14
CA ASP I 936 -59.66 -11.71 17.02
C ASP I 936 -59.40 -11.15 18.41
N GLU I 937 -58.13 -10.83 18.71
CA GLU I 937 -57.80 -10.34 20.04
C GLU I 937 -58.32 -8.93 20.29
N ASP I 938 -58.69 -8.20 19.25
CA ASP I 938 -59.14 -6.82 19.44
C ASP I 938 -60.53 -6.73 20.03
N THR I 939 -61.38 -7.74 19.78
CA THR I 939 -62.78 -7.63 20.15
C THR I 939 -63.26 -8.80 21.01
N VAL I 940 -62.35 -9.57 21.58
CA VAL I 940 -62.70 -10.76 22.36
C VAL I 940 -61.99 -10.66 23.70
N SER I 941 -62.76 -10.83 24.79
CA SER I 941 -62.18 -10.83 26.12
C SER I 941 -61.36 -12.10 26.36
N ALA I 942 -60.51 -12.05 27.38
CA ALA I 942 -59.61 -13.17 27.65
C ALA I 942 -60.36 -14.40 28.12
N GLU I 943 -61.45 -14.22 28.86
CA GLU I 943 -62.20 -15.35 29.37
C GLU I 943 -62.92 -16.12 28.27
N ALA I 944 -63.35 -15.43 27.21
CA ALA I 944 -63.88 -16.12 26.05
C ALA I 944 -62.81 -16.95 25.37
N VAL I 945 -61.58 -16.43 25.30
CA VAL I 945 -60.47 -17.20 24.75
C VAL I 945 -60.22 -18.44 25.61
N LYS I 946 -60.30 -18.30 26.93
CA LYS I 946 -60.13 -19.44 27.81
C LYS I 946 -61.21 -20.49 27.58
N LEU I 947 -62.46 -20.06 27.42
CA LEU I 947 -63.53 -21.01 27.19
C LEU I 947 -63.39 -21.72 25.85
N MET I 948 -62.97 -21.00 24.80
CA MET I 948 -62.66 -21.65 23.54
C MET I 948 -61.53 -22.66 23.67
N ALA I 949 -60.50 -22.32 24.44
CA ALA I 949 -59.42 -23.28 24.68
C ALA I 949 -59.94 -24.51 25.40
N TYR I 950 -60.86 -24.32 26.35
CA TYR I 950 -61.46 -25.47 27.03
C TYR I 950 -62.23 -26.34 26.05
N ALA I 951 -63.00 -25.71 25.16
CA ALA I 951 -63.77 -26.47 24.18
C ALA I 951 -62.86 -27.25 23.25
N ALA I 952 -61.74 -26.64 22.84
CA ALA I 952 -60.79 -27.36 21.98
C ALA I 952 -60.11 -28.50 22.74
N VAL I 953 -59.83 -28.30 24.02
CA VAL I 953 -59.10 -29.30 24.79
C VAL I 953 -59.97 -30.51 25.07
N ILE I 954 -61.21 -30.30 25.50
CA ILE I 954 -62.05 -31.43 25.89
C ILE I 954 -62.47 -32.26 24.69
N THR I 955 -62.45 -31.68 23.49
CA THR I 955 -62.76 -32.46 22.30
C THR I 955 -61.55 -33.13 21.68
N GLY I 956 -60.35 -32.82 22.16
CA GLY I 956 -59.15 -33.42 21.59
C GLY I 956 -58.76 -32.89 20.24
N LYS I 957 -59.21 -31.69 19.87
CA LYS I 957 -58.88 -31.09 18.58
C LYS I 957 -57.73 -30.10 18.69
N ILE I 958 -56.79 -30.33 19.61
CA ILE I 958 -55.67 -29.43 19.81
C ILE I 958 -54.39 -30.25 19.90
N GLY I 959 -53.26 -29.59 19.67
CA GLY I 959 -51.98 -30.24 19.80
C GLY I 959 -51.54 -31.08 18.61
N ALA I 960 -52.18 -30.93 17.45
CA ALA I 960 -51.79 -31.66 16.26
C ALA I 960 -52.05 -30.79 15.05
N ALA I 961 -51.67 -31.29 13.88
CA ALA I 961 -51.73 -30.50 12.65
C ALA I 961 -53.18 -30.29 12.22
N TYR I 962 -53.43 -29.15 11.59
CA TYR I 962 -54.73 -28.74 11.04
C TYR I 962 -55.83 -28.69 12.09
N ARG I 963 -55.46 -28.52 13.36
CA ARG I 963 -56.43 -28.53 14.44
C ARG I 963 -55.88 -27.71 15.58
N GLY I 964 -56.66 -26.75 16.04
CA GLY I 964 -56.18 -25.95 17.17
C GLY I 964 -56.92 -24.63 17.24
N ILE I 965 -56.21 -23.63 17.73
CA ILE I 965 -56.71 -22.27 17.88
C ILE I 965 -55.69 -21.33 17.27
N ILE I 966 -56.15 -20.48 16.36
CA ILE I 966 -55.32 -19.44 15.77
C ILE I 966 -55.73 -18.12 16.39
N LEU I 967 -54.75 -17.39 16.93
CA LEU I 967 -54.99 -16.16 17.67
C LEU I 967 -54.26 -15.03 16.95
N VAL I 968 -55.01 -14.06 16.43
CA VAL I 968 -54.43 -12.93 15.71
C VAL I 968 -54.32 -11.75 16.67
N ARG I 969 -53.16 -11.10 16.65
CA ARG I 969 -52.85 -10.08 17.63
C ARG I 969 -53.22 -8.69 17.13
N THR I 970 -53.15 -7.73 18.05
CA THR I 970 -53.55 -6.35 17.75
C THR I 970 -52.49 -5.64 16.91
N LYS I 971 -51.23 -5.82 17.24
CA LYS I 971 -50.14 -5.10 16.58
C LYS I 971 -49.18 -6.08 15.91
N ASN I 972 -48.16 -5.53 15.26
CA ASN I 972 -47.26 -6.35 14.45
C ASN I 972 -46.42 -7.26 15.30
N ASN I 973 -45.81 -6.73 16.33
CA ASN I 973 -44.91 -7.48 17.19
C ASN I 973 -45.47 -7.57 18.61
N THR I 974 -46.78 -7.79 18.72
CA THR I 974 -47.36 -8.10 20.02
C THR I 974 -46.85 -9.43 20.53
N GLN I 975 -46.68 -10.40 19.64
CA GLN I 975 -46.13 -11.69 20.06
C GLN I 975 -44.70 -11.53 20.55
N GLY I 976 -43.93 -10.68 19.90
CA GLY I 976 -42.57 -10.44 20.36
C GLY I 976 -42.53 -9.78 21.72
N ALA I 977 -43.40 -8.80 21.94
CA ALA I 977 -43.47 -8.13 23.23
C ALA I 977 -43.90 -9.09 24.33
N VAL I 978 -44.79 -10.02 24.01
CA VAL I 978 -45.17 -11.05 24.97
C VAL I 978 -43.98 -11.95 25.28
N ASP I 979 -43.22 -12.34 24.25
CA ASP I 979 -42.12 -13.29 24.43
C ASP I 979 -40.91 -12.68 25.13
N MET I 980 -40.81 -11.36 25.23
CA MET I 980 -39.74 -10.73 25.98
C MET I 980 -40.15 -10.35 27.38
N GLY I 981 -41.35 -10.70 27.82
CA GLY I 981 -41.77 -10.49 29.19
C GLY I 981 -42.57 -9.25 29.46
N PHE I 982 -43.01 -8.54 28.43
CA PHE I 982 -43.84 -7.34 28.64
C PHE I 982 -45.30 -7.76 28.79
N VAL I 983 -45.59 -8.44 29.90
CA VAL I 983 -46.89 -9.05 30.11
C VAL I 983 -47.50 -8.66 31.45
N MET I 984 -46.94 -7.63 32.08
CA MET I 984 -47.54 -7.13 33.31
C MET I 984 -48.79 -6.31 32.99
N PRO I 985 -49.88 -6.50 33.75
CA PRO I 985 -51.09 -5.73 33.48
C PRO I 985 -50.91 -4.25 33.78
N VAL I 986 -51.73 -3.43 33.13
CA VAL I 986 -51.61 -1.99 33.27
C VAL I 986 -52.22 -1.51 34.59
N SER I 987 -53.16 -2.26 35.15
CA SER I 987 -53.76 -1.86 36.42
C SER I 987 -52.72 -1.84 37.54
N ALA I 988 -51.72 -2.71 37.47
CA ALA I 988 -50.63 -2.66 38.43
C ALA I 988 -49.85 -1.36 38.32
N VAL I 989 -49.62 -0.89 37.10
CA VAL I 989 -48.92 0.39 36.91
C VAL I 989 -49.76 1.53 37.45
N ALA I 990 -51.07 1.52 37.19
CA ALA I 990 -51.94 2.57 37.70
C ALA I 990 -51.97 2.59 39.23
N GLN I 991 -52.08 1.42 39.85
CA GLN I 991 -52.09 1.35 41.30
C GLN I 991 -50.76 1.81 41.89
N GLY I 992 -49.65 1.36 41.30
CA GLY I 992 -48.35 1.78 41.79
C GLY I 992 -48.09 3.27 41.61
N ILE I 993 -48.69 3.87 40.58
CA ILE I 993 -48.64 5.32 40.45
C ILE I 993 -49.42 5.98 41.56
N GLU I 994 -50.62 5.49 41.83
CA GLU I 994 -51.48 6.14 42.82
C GLU I 994 -51.16 5.75 44.26
N SER I 995 -50.36 4.72 44.48
CA SER I 995 -49.96 4.35 45.83
C SER I 995 -48.62 4.95 46.23
N GLY I 996 -47.97 5.71 45.36
CA GLY I 996 -46.70 6.32 45.68
C GLY I 996 -45.50 5.41 45.58
N LYS I 997 -45.69 4.15 45.17
CA LYS I 997 -44.57 3.23 45.06
C LYS I 997 -43.75 3.46 43.79
N ILE I 998 -44.38 3.88 42.71
CA ILE I 998 -43.72 4.12 41.43
C ILE I 998 -43.56 5.63 41.26
N LYS I 999 -42.32 6.07 41.02
CA LYS I 999 -42.02 7.49 40.93
C LYS I 999 -41.59 7.94 39.54
N ALA I 1000 -41.12 7.04 38.69
CA ALA I 1000 -40.66 7.38 37.36
C ALA I 1000 -41.23 6.43 36.34
N LEU I 1001 -41.41 6.92 35.11
CA LEU I 1001 -41.94 6.11 34.03
C LEU I 1001 -41.14 6.36 32.77
N VAL I 1002 -41.00 5.32 31.96
CA VAL I 1002 -40.31 5.39 30.67
C VAL I 1002 -41.27 4.89 29.61
N VAL I 1003 -41.67 5.78 28.71
CA VAL I 1003 -42.65 5.47 27.68
C VAL I 1003 -41.96 5.44 26.34
N ILE I 1004 -42.13 4.34 25.60
CA ILE I 1004 -41.44 4.14 24.33
C ILE I 1004 -42.49 3.91 23.26
N GLY I 1005 -42.85 4.96 22.54
CA GLY I 1005 -43.74 4.80 21.41
C GLY I 1005 -45.22 4.81 21.71
N GLU I 1006 -45.61 5.01 22.96
CA GLU I 1006 -47.02 5.01 23.33
C GLU I 1006 -47.47 6.42 23.69
N ASP I 1007 -48.78 6.63 23.65
CA ASP I 1007 -49.39 7.89 24.06
C ASP I 1007 -50.54 7.48 24.97
N PRO I 1008 -50.29 7.27 26.25
CA PRO I 1008 -51.41 7.05 27.17
C PRO I 1008 -52.09 8.33 27.59
N ALA I 1009 -51.42 9.47 27.48
CA ALA I 1009 -51.94 10.72 28.00
C ALA I 1009 -53.01 11.35 27.12
N ALA I 1010 -53.40 10.71 26.02
CA ALA I 1010 -54.48 11.24 25.20
C ALA I 1010 -55.85 11.10 25.86
N TYR I 1011 -55.95 10.37 26.95
CA TYR I 1011 -57.17 10.17 27.69
C TYR I 1011 -57.07 10.81 29.07
N PRO I 1012 -58.17 11.37 29.59
CA PRO I 1012 -58.06 12.24 30.77
C PRO I 1012 -57.58 11.54 32.04
N GLN I 1013 -58.07 10.33 32.32
CA GLN I 1013 -57.68 9.65 33.54
C GLN I 1013 -56.21 9.27 33.54
N GLU I 1014 -55.71 8.75 32.41
CA GLU I 1014 -54.29 8.40 32.33
C GLU I 1014 -53.42 9.64 32.37
N SER I 1015 -53.89 10.76 31.81
CA SER I 1015 -53.13 12.00 31.91
C SER I 1015 -53.06 12.49 33.35
N ALA I 1016 -54.17 12.37 34.09
CA ALA I 1016 -54.16 12.75 35.50
C ALA I 1016 -53.22 11.84 36.30
N LEU I 1017 -53.18 10.56 35.95
CA LEU I 1017 -52.24 9.65 36.61
C LEU I 1017 -50.80 10.03 36.30
N LEU I 1018 -50.51 10.36 35.05
CA LEU I 1018 -49.14 10.73 34.67
C LEU I 1018 -48.72 12.04 35.32
N GLN I 1019 -49.68 12.91 35.62
CA GLN I 1019 -49.34 14.20 36.23
C GLN I 1019 -48.79 14.05 37.65
N LYS I 1020 -48.95 12.90 38.28
CA LYS I 1020 -48.47 12.66 39.63
C LYS I 1020 -47.11 11.97 39.66
N LEU I 1021 -46.31 12.12 38.62
CA LEU I 1021 -45.02 11.47 38.53
C LEU I 1021 -43.92 12.40 39.05
N SER I 1022 -42.67 11.92 38.97
CA SER I 1022 -41.51 12.72 39.30
C SER I 1022 -40.51 12.85 38.16
N PHE I 1023 -40.53 11.93 37.20
CA PHE I 1023 -39.65 11.99 36.05
C PHE I 1023 -40.21 11.08 34.97
N LEU I 1024 -40.46 11.63 33.79
CA LEU I 1024 -41.06 10.88 32.70
C LEU I 1024 -40.28 11.11 31.42
N VAL I 1025 -39.92 10.02 30.73
CA VAL I 1025 -39.22 10.08 29.47
C VAL I 1025 -40.13 9.51 28.39
N VAL I 1026 -40.18 10.18 27.25
CA VAL I 1026 -41.03 9.74 26.15
C VAL I 1026 -40.15 9.56 24.92
N TYR I 1027 -40.16 8.35 24.37
CA TYR I 1027 -39.56 8.09 23.07
C TYR I 1027 -40.70 8.04 22.07
N ASP I 1028 -40.75 9.01 21.16
CA ASP I 1028 -41.80 9.02 20.17
C ASP I 1028 -41.33 9.77 18.94
N MET I 1029 -42.02 9.51 17.82
CA MET I 1029 -41.70 10.19 16.58
C MET I 1029 -42.27 11.61 16.56
N PHE I 1030 -43.46 11.81 17.11
CA PHE I 1030 -44.15 13.08 17.08
C PHE I 1030 -44.23 13.67 18.47
N MET I 1031 -44.38 14.99 18.53
CA MET I 1031 -44.64 15.68 19.78
C MET I 1031 -46.12 15.49 20.11
N THR I 1032 -46.43 14.32 20.64
CA THR I 1032 -47.80 13.93 20.91
C THR I 1032 -48.28 14.57 22.21
N LYS I 1033 -49.42 14.11 22.72
CA LYS I 1033 -49.97 14.65 23.96
C LYS I 1033 -49.11 14.24 25.15
N THR I 1034 -48.55 13.03 25.13
CA THR I 1034 -47.72 12.58 26.23
C THR I 1034 -46.39 13.30 26.24
N ALA I 1035 -45.77 13.49 25.08
CA ALA I 1035 -44.45 14.11 25.03
C ALA I 1035 -44.47 15.57 25.44
N THR I 1036 -45.63 16.23 25.34
CA THR I 1036 -45.72 17.61 25.80
C THR I 1036 -45.59 17.69 27.31
N ALA I 1037 -46.15 16.74 28.04
CA ALA I 1037 -46.15 16.75 29.50
C ALA I 1037 -44.93 16.06 30.10
N ALA I 1038 -44.00 15.60 29.28
CA ALA I 1038 -42.83 14.89 29.77
C ALA I 1038 -41.75 15.87 30.21
N ASP I 1039 -40.70 15.34 30.81
CA ASP I 1039 -39.52 16.11 31.17
C ASP I 1039 -38.38 15.95 30.18
N MET I 1040 -38.51 15.04 29.22
CA MET I 1040 -37.48 14.78 28.24
C MET I 1040 -38.06 13.96 27.09
N VAL I 1041 -37.83 14.37 25.85
CA VAL I 1041 -38.35 13.68 24.69
C VAL I 1041 -37.20 13.30 23.78
N VAL I 1042 -37.17 12.05 23.32
CA VAL I 1042 -36.15 11.53 22.43
C VAL I 1042 -36.83 11.07 21.15
N PRO I 1043 -36.37 11.50 19.97
CA PRO I 1043 -37.07 11.12 18.74
C PRO I 1043 -36.81 9.67 18.35
N LEU I 1044 -37.73 9.14 17.56
CA LEU I 1044 -37.64 7.79 17.02
C LEU I 1044 -37.76 7.84 15.51
N VAL I 1045 -37.37 6.75 14.87
CA VAL I 1045 -37.47 6.61 13.44
C VAL I 1045 -38.64 5.69 13.11
N SER I 1046 -39.08 5.75 11.86
CA SER I 1046 -40.25 4.99 11.45
C SER I 1046 -39.86 3.58 11.02
N SER I 1047 -40.86 2.79 10.64
CA SER I 1047 -40.63 1.42 10.24
C SER I 1047 -39.92 1.29 8.91
N ALA I 1048 -39.79 2.37 8.15
CA ALA I 1048 -39.07 2.35 6.89
C ALA I 1048 -37.58 2.56 7.06
N GLU I 1049 -37.11 2.83 8.28
CA GLU I 1049 -35.70 3.16 8.52
C GLU I 1049 -35.06 2.23 9.53
N VAL I 1050 -35.67 1.10 9.86
CA VAL I 1050 -35.20 0.21 10.91
C VAL I 1050 -34.88 -1.14 10.31
N ASN I 1051 -33.84 -1.77 10.85
CA ASN I 1051 -33.49 -3.15 10.54
C ASN I 1051 -33.81 -4.01 11.75
N GLY I 1052 -34.39 -5.18 11.53
CA GLY I 1052 -34.73 -6.02 12.66
C GLY I 1052 -35.61 -7.19 12.25
N THR I 1053 -36.44 -7.64 13.19
CA THR I 1053 -37.37 -8.72 12.94
C THR I 1053 -38.68 -8.45 13.65
N TYR I 1054 -39.75 -8.97 13.08
CA TYR I 1054 -41.07 -8.93 13.67
C TYR I 1054 -41.58 -10.36 13.83
N THR I 1055 -42.22 -10.65 14.96
CA THR I 1055 -42.81 -11.96 15.20
C THR I 1055 -44.29 -11.92 14.86
N ARG I 1056 -44.71 -12.76 13.92
CA ARG I 1056 -46.07 -12.78 13.43
C ARG I 1056 -47.01 -13.33 14.49
N SER I 1057 -48.31 -13.35 14.17
CA SER I 1057 -49.27 -13.93 15.09
C SER I 1057 -49.07 -15.43 15.23
N ASP I 1058 -48.69 -16.10 14.14
CA ASP I 1058 -48.48 -17.53 14.16
C ASP I 1058 -47.03 -17.89 14.42
N ARG I 1059 -46.32 -17.08 15.18
CA ARG I 1059 -44.96 -17.36 15.65
C ARG I 1059 -43.97 -17.46 14.51
N ARG I 1060 -44.13 -16.65 13.47
CA ARG I 1060 -43.17 -16.59 12.37
C ARG I 1060 -42.34 -15.33 12.47
N ILE I 1061 -41.04 -15.47 12.34
CA ILE I 1061 -40.11 -14.35 12.50
C ILE I 1061 -39.72 -13.86 11.11
N GLN I 1062 -40.08 -12.62 10.80
CA GLN I 1062 -39.86 -12.06 9.48
C GLN I 1062 -38.91 -10.87 9.57
N ALA I 1063 -37.99 -10.79 8.62
CA ALA I 1063 -37.01 -9.73 8.63
C ALA I 1063 -37.62 -8.42 8.15
N VAL I 1064 -37.25 -7.34 8.82
CA VAL I 1064 -37.66 -5.99 8.47
C VAL I 1064 -36.41 -5.25 8.02
N ARG I 1065 -36.45 -4.73 6.79
CA ARG I 1065 -35.30 -4.11 6.17
C ARG I 1065 -35.52 -2.62 6.02
N ALA I 1066 -34.44 -1.85 6.19
CA ALA I 1066 -34.53 -0.40 6.15
C ALA I 1066 -34.41 0.10 4.73
N ALA I 1067 -35.37 0.90 4.30
CA ALA I 1067 -35.38 1.43 2.95
C ALA I 1067 -34.55 2.71 2.85
N ILE I 1068 -34.75 3.65 3.76
CA ILE I 1068 -34.07 4.93 3.72
C ILE I 1068 -33.30 5.12 5.02
N GLN I 1069 -32.27 5.96 4.97
CA GLN I 1069 -31.43 6.21 6.12
C GLN I 1069 -32.20 6.99 7.18
N PRO I 1070 -31.85 6.81 8.46
CA PRO I 1070 -32.60 7.47 9.54
C PRO I 1070 -32.49 8.99 9.46
N LYS I 1071 -33.64 9.64 9.36
CA LYS I 1071 -33.69 11.08 9.16
C LYS I 1071 -33.32 11.86 10.41
N THR I 1072 -33.25 11.21 11.57
CA THR I 1072 -32.83 11.86 12.80
C THR I 1072 -31.35 11.62 13.13
N GLY I 1073 -30.71 10.68 12.47
CA GLY I 1073 -29.29 10.44 12.66
C GLY I 1073 -28.96 9.09 13.26
N LYS I 1074 -29.72 8.67 14.28
CA LYS I 1074 -29.46 7.42 14.97
C LYS I 1074 -30.73 6.59 15.05
N ALA I 1075 -30.61 5.29 14.83
CA ALA I 1075 -31.72 4.37 14.94
C ALA I 1075 -32.06 4.11 16.41
N THR I 1076 -33.22 3.49 16.63
CA THR I 1076 -33.64 3.18 17.99
C THR I 1076 -32.71 2.18 18.65
N LEU I 1077 -32.26 1.19 17.87
CA LEU I 1077 -31.31 0.22 18.39
C LEU I 1077 -30.01 0.89 18.81
N GLN I 1078 -29.57 1.89 18.04
CA GLN I 1078 -28.36 2.60 18.43
C GLN I 1078 -28.56 3.36 19.73
N ILE I 1079 -29.71 4.02 19.90
CA ILE I 1079 -29.97 4.78 21.12
C ILE I 1079 -29.96 3.85 22.33
N LEU I 1080 -30.64 2.71 22.22
CA LEU I 1080 -30.66 1.77 23.33
C LEU I 1080 -29.28 1.18 23.60
N ILE I 1081 -28.50 0.95 22.54
CA ILE I 1081 -27.15 0.41 22.71
C ILE I 1081 -26.25 1.39 23.44
N GLU I 1082 -26.32 2.68 23.11
CA GLU I 1082 -25.48 3.65 23.82
C GLU I 1082 -25.96 3.83 25.26
N THR I 1083 -27.27 3.78 25.50
CA THR I 1083 -27.74 3.90 26.89
C THR I 1083 -27.26 2.71 27.73
N LEU I 1084 -27.34 1.49 27.18
CA LEU I 1084 -26.84 0.33 27.91
C LEU I 1084 -25.33 0.36 28.04
N LYS I 1085 -24.64 0.97 27.08
CA LYS I 1085 -23.20 1.17 27.21
C LYS I 1085 -22.89 2.09 28.38
N SER I 1086 -23.69 3.14 28.56
CA SER I 1086 -23.53 4.01 29.74
C SER I 1086 -23.81 3.24 31.02
N LEU I 1087 -24.82 2.38 31.01
CA LEU I 1087 -25.16 1.62 32.20
C LEU I 1087 -24.23 0.44 32.46
N GLY I 1088 -23.37 0.10 31.52
CA GLY I 1088 -22.35 -0.93 31.74
C GLY I 1088 -22.50 -2.22 30.97
N ILE I 1089 -23.42 -2.30 30.02
CA ILE I 1089 -23.62 -3.50 29.20
C ILE I 1089 -23.16 -3.20 27.78
N LYS I 1090 -22.26 -4.05 27.27
CA LYS I 1090 -21.52 -3.77 26.05
C LYS I 1090 -22.12 -4.55 24.89
N TYR I 1091 -22.66 -3.84 23.91
CA TYR I 1091 -23.08 -4.42 22.64
C TYR I 1091 -22.53 -3.57 21.51
N ASP I 1092 -22.20 -4.21 20.40
CA ASP I 1092 -21.59 -3.53 19.28
C ASP I 1092 -22.55 -3.35 18.11
N THR I 1093 -23.15 -4.42 17.62
CA THR I 1093 -24.00 -4.35 16.44
C THR I 1093 -25.19 -5.28 16.68
N ILE I 1094 -26.00 -5.46 15.64
CA ILE I 1094 -27.22 -6.25 15.78
C ILE I 1094 -26.93 -7.74 15.88
N ALA I 1095 -25.75 -8.18 15.43
CA ALA I 1095 -25.40 -9.59 15.56
C ALA I 1095 -25.21 -9.97 17.03
N ASP I 1096 -24.57 -9.09 17.81
CA ASP I 1096 -24.40 -9.35 19.24
C ASP I 1096 -25.74 -9.38 19.95
N VAL I 1097 -26.64 -8.48 19.58
CA VAL I 1097 -27.97 -8.47 20.19
C VAL I 1097 -28.71 -9.75 19.83
N ARG I 1098 -28.59 -10.21 18.60
CA ARG I 1098 -29.27 -11.44 18.21
C ARG I 1098 -28.70 -12.66 18.91
N ALA I 1099 -27.38 -12.68 19.11
CA ALA I 1099 -26.77 -13.77 19.87
C ALA I 1099 -27.23 -13.76 21.32
N ALA I 1100 -27.35 -12.57 21.91
CA ALA I 1100 -27.86 -12.47 23.28
C ALA I 1100 -29.31 -12.93 23.37
N ILE I 1101 -30.12 -12.59 22.36
CA ILE I 1101 -31.51 -13.05 22.34
C ILE I 1101 -31.56 -14.56 22.25
N ALA I 1102 -30.71 -15.14 21.41
CA ALA I 1102 -30.69 -16.59 21.28
C ALA I 1102 -30.24 -17.27 22.55
N SER I 1103 -29.30 -16.68 23.27
CA SER I 1103 -28.73 -17.30 24.46
C SER I 1103 -29.48 -16.97 25.74
N GLU I 1104 -30.43 -16.04 25.71
CA GLU I 1104 -31.16 -15.69 26.93
C GLU I 1104 -32.66 -15.93 26.83
N VAL I 1105 -33.28 -15.62 25.70
CA VAL I 1105 -34.70 -15.92 25.52
C VAL I 1105 -34.84 -17.41 25.23
N SER I 1106 -35.81 -18.04 25.88
CA SER I 1106 -35.87 -19.50 25.90
C SER I 1106 -36.18 -20.08 24.53
N ASN I 1107 -37.23 -19.58 23.87
CA ASN I 1107 -37.76 -20.20 22.67
C ASN I 1107 -37.17 -19.63 21.38
N TYR I 1108 -36.33 -18.62 21.45
CA TYR I 1108 -35.69 -18.07 20.25
C TYR I 1108 -34.32 -18.67 20.00
N ALA I 1109 -34.04 -19.85 20.57
CA ALA I 1109 -32.76 -20.50 20.37
C ALA I 1109 -32.58 -20.93 18.93
N GLY I 1110 -31.58 -20.37 18.26
CA GLY I 1110 -31.40 -20.57 16.83
C GLY I 1110 -31.57 -19.32 16.01
N MET I 1111 -31.86 -18.17 16.63
CA MET I 1111 -32.00 -16.93 15.91
C MET I 1111 -30.67 -16.41 15.36
N ASP I 1112 -29.54 -16.91 15.88
CA ASP I 1112 -28.25 -16.39 15.45
C ASP I 1112 -27.95 -16.71 14.00
N ALA I 1113 -28.26 -17.93 13.57
CA ALA I 1113 -28.04 -18.32 12.18
C ALA I 1113 -29.36 -18.72 11.54
N ALA I 1114 -30.41 -17.92 11.78
CA ALA I 1114 -31.75 -18.31 11.38
C ALA I 1114 -32.02 -18.10 9.90
N ASP I 1115 -31.37 -17.10 9.27
CA ASP I 1115 -31.59 -16.76 7.86
C ASP I 1115 -33.06 -16.38 7.61
N PHE I 1116 -33.42 -15.21 8.15
CA PHE I 1116 -34.79 -14.72 8.15
C PHE I 1116 -35.35 -14.41 6.77
N GLY I 1117 -34.58 -14.65 5.72
CA GLY I 1117 -35.12 -14.58 4.37
C GLY I 1117 -36.02 -15.75 4.01
N THR I 1118 -36.05 -16.79 4.83
CA THR I 1118 -36.91 -17.95 4.64
C THR I 1118 -37.88 -18.07 5.80
N THR I 1119 -38.61 -19.18 5.85
CA THR I 1119 -39.62 -19.38 6.88
C THR I 1119 -38.95 -19.85 8.17
N VAL I 1120 -39.07 -19.04 9.23
CA VAL I 1120 -38.54 -19.37 10.53
C VAL I 1120 -39.65 -19.25 11.56
N TYR I 1121 -39.88 -20.31 12.32
CA TYR I 1121 -40.86 -20.32 13.41
C TYR I 1121 -40.13 -20.58 14.71
N TRP I 1122 -40.56 -19.93 15.79
CA TRP I 1122 -39.68 -20.04 16.95
C TRP I 1122 -39.71 -21.37 17.71
N PRO I 1123 -40.83 -22.11 17.87
CA PRO I 1123 -40.67 -23.38 18.59
C PRO I 1123 -40.05 -24.44 17.69
N ASN I 1124 -38.74 -24.64 17.84
CA ASN I 1124 -37.95 -25.63 17.09
C ASN I 1124 -38.24 -25.66 15.59
N ASN I 1125 -38.57 -24.51 15.00
CA ASN I 1125 -38.95 -24.40 13.59
C ASN I 1125 -40.11 -25.33 13.23
N LYS I 1126 -41.11 -25.37 14.11
CA LYS I 1126 -42.29 -26.22 13.92
C LYS I 1126 -43.53 -25.37 13.76
N ASN I 1127 -44.39 -25.77 12.83
CA ASN I 1127 -45.64 -25.05 12.61
C ASN I 1127 -46.69 -25.33 13.67
N VAL I 1128 -46.59 -26.47 14.36
CA VAL I 1128 -47.64 -26.93 15.26
C VAL I 1128 -47.08 -26.97 16.68
N LEU I 1129 -47.84 -26.45 17.62
CA LEU I 1129 -47.45 -26.46 19.02
C LEU I 1129 -48.07 -27.65 19.74
N TYR I 1130 -47.44 -28.04 20.85
CA TYR I 1130 -47.93 -29.08 21.76
C TYR I 1130 -48.09 -30.43 21.06
N THR I 1131 -47.13 -30.76 20.20
CA THR I 1131 -47.16 -32.08 19.57
C THR I 1131 -46.78 -33.19 20.53
N ASP I 1132 -46.03 -32.88 21.58
CA ASP I 1132 -45.59 -33.87 22.56
C ASP I 1132 -46.05 -33.55 23.97
N GLY I 1133 -47.13 -32.80 24.13
CA GLY I 1133 -47.61 -32.43 25.44
C GLY I 1133 -47.54 -30.94 25.69
N PHE I 1134 -48.39 -30.44 26.59
CA PHE I 1134 -48.44 -29.01 26.84
C PHE I 1134 -47.23 -28.54 27.63
N ALA I 1135 -47.06 -27.22 27.70
CA ALA I 1135 -45.88 -26.62 28.31
C ALA I 1135 -46.15 -26.06 29.69
N THR I 1136 -47.14 -26.61 30.41
CA THR I 1136 -47.40 -26.15 31.77
C THR I 1136 -46.41 -26.78 32.74
N GLU I 1137 -46.63 -26.55 34.03
CA GLU I 1137 -45.72 -27.05 35.05
C GLU I 1137 -45.73 -28.58 35.11
N GLY I 1138 -46.92 -29.17 35.11
CA GLY I 1138 -47.06 -30.61 35.15
C GLY I 1138 -47.33 -31.26 33.81
N GLN I 1139 -47.12 -30.56 32.69
CA GLN I 1139 -47.42 -31.03 31.35
C GLN I 1139 -48.88 -31.43 31.21
N LYS I 1140 -49.77 -30.71 31.88
CA LYS I 1140 -51.20 -30.94 31.79
C LYS I 1140 -51.91 -29.60 31.63
N ALA I 1141 -53.02 -29.62 30.90
CA ALA I 1141 -53.83 -28.42 30.75
C ALA I 1141 -54.52 -28.08 32.06
N ILE I 1142 -54.50 -26.80 32.41
CA ILE I 1142 -55.07 -26.30 33.65
C ILE I 1142 -56.44 -25.73 33.35
N LEU I 1143 -57.48 -26.40 33.81
CA LEU I 1143 -58.85 -25.94 33.61
C LEU I 1143 -59.36 -25.33 34.91
N ALA I 1144 -59.82 -24.09 34.83
CA ALA I 1144 -60.34 -23.37 35.98
C ALA I 1144 -61.68 -22.75 35.63
N ALA I 1145 -62.55 -22.66 36.63
CA ALA I 1145 -63.88 -22.12 36.40
C ALA I 1145 -63.83 -20.61 36.20
N VAL I 1146 -64.62 -20.12 35.26
CA VAL I 1146 -64.76 -18.70 34.97
C VAL I 1146 -66.18 -18.28 35.31
N GLY I 1147 -66.32 -17.04 35.77
CA GLY I 1147 -67.60 -16.56 36.26
C GLY I 1147 -68.45 -15.94 35.16
N ASP I 1148 -69.52 -15.29 35.60
CA ASP I 1148 -70.39 -14.55 34.68
C ASP I 1148 -69.62 -13.40 34.06
N VAL I 1149 -69.92 -13.13 32.80
CA VAL I 1149 -69.17 -12.13 32.04
C VAL I 1149 -70.15 -11.20 31.35
N PRO I 1150 -69.97 -9.89 31.45
CA PRO I 1150 -70.87 -8.96 30.78
C PRO I 1150 -70.47 -8.78 29.32
N VAL I 1151 -71.15 -7.84 28.67
CA VAL I 1151 -70.88 -7.54 27.26
C VAL I 1151 -69.46 -6.99 27.13
N PHE I 1152 -68.84 -7.26 25.99
CA PHE I 1152 -67.45 -6.87 25.76
C PHE I 1152 -67.32 -5.35 25.69
N VAL I 1153 -66.22 -4.83 26.24
CA VAL I 1153 -65.93 -3.40 26.26
C VAL I 1153 -64.82 -3.16 25.24
N GLU I 1154 -65.10 -2.30 24.24
CA GLU I 1154 -64.19 -2.10 23.13
C GLU I 1154 -62.86 -1.51 23.58
N LYS I 1155 -61.77 -2.08 23.08
CA LYS I 1155 -60.44 -1.65 23.46
C LYS I 1155 -60.08 -0.32 22.80
N LYS I 1156 -59.12 0.37 23.39
CA LYS I 1156 -58.64 1.65 22.89
C LYS I 1156 -57.32 1.46 22.14
N LYS I 1157 -56.93 2.50 21.41
CA LYS I 1157 -55.68 2.52 20.67
C LYS I 1157 -54.67 3.39 21.40
N TYR I 1158 -53.47 2.87 21.59
CA TYR I 1158 -52.45 3.58 22.35
C TYR I 1158 -51.16 3.85 21.58
N ASP I 1159 -50.92 3.16 20.48
CA ASP I 1159 -49.75 3.44 19.67
C ASP I 1159 -49.92 4.76 18.92
N SER I 1160 -48.85 5.56 18.90
CA SER I 1160 -48.95 6.90 18.32
C SER I 1160 -49.18 6.86 16.82
N VAL I 1161 -48.57 5.89 16.13
CA VAL I 1161 -48.70 5.78 14.69
C VAL I 1161 -50.14 5.42 14.30
N GLU I 1162 -50.77 4.53 15.07
CA GLU I 1162 -52.13 4.10 14.75
C GLU I 1162 -53.12 5.25 14.85
N MET I 1163 -53.09 6.00 15.96
CA MET I 1163 -54.03 7.10 16.07
C MET I 1163 -53.63 8.27 15.19
N ASN I 1164 -52.35 8.38 14.84
CA ASN I 1164 -51.97 9.36 13.82
C ASN I 1164 -52.59 9.03 12.49
N PHE I 1165 -52.58 7.76 12.10
CA PHE I 1165 -53.25 7.35 10.86
C PHE I 1165 -54.75 7.61 10.93
N VAL I 1166 -55.35 7.31 12.08
CA VAL I 1166 -56.80 7.50 12.22
C VAL I 1166 -57.16 8.98 12.10
N ASN I 1167 -56.38 9.86 12.73
CA ASN I 1167 -56.68 11.29 12.65
C ASN I 1167 -56.35 11.87 11.28
N GLY I 1168 -55.31 11.37 10.61
CA GLY I 1168 -54.99 11.82 9.28
C GLY I 1168 -55.94 11.31 8.22
N ARG I 1169 -56.70 10.24 8.53
CA ARG I 1169 -57.79 9.83 7.64
C ARG I 1169 -58.82 10.95 7.50
N GLN I 1170 -59.13 11.63 8.60
CA GLN I 1170 -60.16 12.67 8.60
C GLN I 1170 -59.72 13.95 7.90
N SER I 1171 -58.44 14.09 7.57
CA SER I 1171 -57.95 15.31 6.95
C SER I 1171 -58.42 15.48 5.51
N LEU I 1172 -58.79 14.39 4.85
CA LEU I 1172 -59.21 14.46 3.46
C LEU I 1172 -60.68 14.12 3.29
N ILE J 18 26.34 85.49 31.84
CA ILE J 18 27.41 84.52 31.69
C ILE J 18 28.42 85.05 30.68
N ASP J 19 29.70 84.83 30.97
CA ASP J 19 30.82 85.48 30.28
C ASP J 19 31.42 84.60 29.20
N LEU J 20 30.57 83.92 28.40
CA LEU J 20 31.04 83.05 27.33
C LEU J 20 31.97 83.77 26.36
N THR J 21 31.76 85.08 26.18
CA THR J 21 32.68 85.89 25.38
C THR J 21 34.09 85.87 25.98
N LEU J 22 34.19 85.85 27.31
CA LEU J 22 35.49 85.68 27.95
C LEU J 22 36.02 84.27 27.81
N LEU J 23 35.14 83.29 27.62
CA LEU J 23 35.60 81.92 27.40
C LEU J 23 36.12 81.74 25.98
N GLU J 24 35.71 82.62 25.06
CA GLU J 24 36.10 82.52 23.65
C GLU J 24 37.60 82.51 23.39
N PRO J 25 38.43 83.41 23.93
CA PRO J 25 39.87 83.33 23.63
C PRO J 25 40.55 82.09 24.18
N VAL J 26 40.00 81.48 25.24
CA VAL J 26 40.64 80.29 25.83
C VAL J 26 40.63 79.15 24.84
N PHE J 27 39.48 78.84 24.25
CA PHE J 27 39.46 77.79 23.24
C PHE J 27 39.88 78.29 21.87
N LYS J 28 39.98 79.60 21.67
CA LYS J 28 40.66 80.10 20.48
C LYS J 28 42.14 79.72 20.52
N GLU J 29 42.78 79.89 21.67
CA GLU J 29 44.19 79.54 21.79
C GLU J 29 44.39 78.04 21.90
N TYR J 30 43.46 77.35 22.58
CA TYR J 30 43.66 75.94 22.86
C TYR J 30 43.40 75.02 21.67
N ALA J 31 42.87 75.55 20.57
CA ALA J 31 42.59 74.72 19.41
C ALA J 31 43.89 74.25 18.76
N GLY J 32 43.92 72.99 18.37
CA GLY J 32 45.05 72.43 17.66
C GLY J 32 45.93 71.49 18.46
N LYS J 33 45.78 71.44 19.78
CA LYS J 33 46.61 70.61 20.64
C LYS J 33 45.81 69.39 21.08
N ALA J 34 46.37 68.20 20.87
CA ALA J 34 45.71 66.97 21.27
C ALA J 34 45.87 66.76 22.78
N GLY J 35 44.85 66.16 23.38
CA GLY J 35 44.83 66.00 24.82
C GLY J 35 44.72 67.30 25.58
N SER J 36 43.99 68.27 25.04
CA SER J 36 43.86 69.59 25.64
C SER J 36 42.55 69.75 26.40
N ILE J 37 41.79 68.66 26.57
CA ILE J 37 40.55 68.72 27.33
C ILE J 37 40.83 69.13 28.77
N ILE J 38 41.87 68.54 29.37
CA ILE J 38 42.16 68.83 30.77
C ILE J 38 42.48 70.30 30.94
N GLY J 39 43.39 70.82 30.12
CA GLY J 39 43.77 72.22 30.23
C GLY J 39 42.60 73.16 29.99
N ILE J 40 41.75 72.83 29.02
CA ILE J 40 40.57 73.64 28.73
C ILE J 40 39.66 73.70 29.95
N LEU J 41 39.43 72.57 30.59
CA LEU J 41 38.58 72.56 31.78
C LEU J 41 39.21 73.30 32.95
N GLN J 42 40.54 73.22 33.11
CA GLN J 42 41.19 73.98 34.17
C GLN J 42 41.06 75.48 33.94
N LYS J 43 41.24 75.95 32.70
CA LYS J 43 41.10 77.38 32.45
C LYS J 43 39.64 77.82 32.59
N THR J 44 38.69 76.97 32.21
CA THR J 44 37.29 77.30 32.41
C THR J 44 36.95 77.43 33.89
N GLN J 45 37.47 76.52 34.71
CA GLN J 45 37.27 76.63 36.16
C GLN J 45 37.96 77.86 36.71
N GLU J 46 39.14 78.21 36.19
CA GLU J 46 39.84 79.41 36.64
C GLU J 46 39.06 80.66 36.30
N ILE J 47 38.38 80.68 35.16
CA ILE J 47 37.60 81.86 34.77
C ILE J 47 36.32 81.96 35.59
N TYR J 48 35.54 80.88 35.62
CA TYR J 48 34.21 80.94 36.21
C TYR J 48 34.17 80.61 37.70
N GLY J 49 35.11 79.81 38.19
CA GLY J 49 35.02 79.29 39.53
C GLY J 49 34.29 77.98 39.64
N TYR J 50 33.64 77.53 38.58
CA TYR J 50 32.97 76.23 38.50
C TYR J 50 32.65 76.00 37.03
N LEU J 51 32.01 74.87 36.72
CA LEU J 51 31.66 74.54 35.34
C LEU J 51 30.15 74.53 35.19
N PRO J 52 29.56 75.62 34.68
CA PRO J 52 28.13 75.58 34.34
C PRO J 52 27.89 74.75 33.10
N LEU J 53 26.63 74.35 32.92
CA LEU J 53 26.29 73.51 31.78
C LEU J 53 26.45 74.25 30.46
N ALA J 54 26.22 75.56 30.46
CA ALA J 54 26.37 76.35 29.24
C ALA J 54 27.82 76.38 28.77
N ALA J 55 28.76 76.53 29.70
CA ALA J 55 30.17 76.53 29.35
C ALA J 55 30.61 75.17 28.84
N LEU J 56 30.12 74.10 29.47
CA LEU J 56 30.44 72.75 29.01
C LEU J 56 29.87 72.50 27.62
N GLN J 57 28.69 73.05 27.31
CA GLN J 57 28.14 72.90 25.97
C GLN J 57 28.99 73.67 24.96
N ALA J 58 29.29 74.94 25.26
CA ALA J 58 30.05 75.79 24.36
C ALA J 58 31.48 75.29 24.15
N ILE J 59 32.01 74.49 25.07
CA ILE J 59 33.28 73.81 24.88
C ILE J 59 33.12 72.51 24.11
N ALA J 60 32.03 71.78 24.36
CA ALA J 60 31.73 70.57 23.59
C ALA J 60 31.47 70.87 22.13
N ASP J 61 31.16 72.12 21.80
CA ASP J 61 31.08 72.57 20.44
C ASP J 61 32.28 73.45 20.12
N ASN J 62 32.42 73.78 18.85
CA ASN J 62 33.50 74.60 18.26
C ASN J 62 34.88 73.96 18.36
N THR J 63 35.01 72.84 19.07
CA THR J 63 36.22 72.03 19.03
C THR J 63 35.93 70.54 19.17
N ASP J 64 34.66 70.14 18.98
CA ASP J 64 34.11 68.79 19.16
C ASP J 64 34.49 68.12 20.48
N ASN J 65 35.47 67.21 20.46
CA ASN J 65 35.80 66.34 21.60
C ASN J 65 34.62 65.50 22.06
N LYS J 66 33.63 65.30 21.18
CA LYS J 66 32.62 64.25 21.36
C LYS J 66 31.82 64.39 22.65
N ARG J 67 30.87 65.33 22.67
CA ARG J 67 30.22 65.92 23.84
C ARG J 67 29.99 64.99 25.04
N ALA J 68 29.69 63.72 24.80
CA ALA J 68 29.66 62.78 25.93
C ALA J 68 31.02 62.65 26.59
N LYS J 69 32.11 62.70 25.82
CA LYS J 69 33.43 62.50 26.39
C LYS J 69 33.85 63.66 27.29
N ILE J 70 33.51 64.89 26.90
CA ILE J 70 33.91 66.04 27.72
C ILE J 70 33.17 66.02 29.06
N TYR J 71 31.91 65.60 29.06
CA TYR J 71 31.18 65.46 30.32
C TYR J 71 31.75 64.34 31.17
N GLY J 72 32.03 63.19 30.55
CA GLY J 72 32.61 62.08 31.30
C GLY J 72 33.95 62.43 31.91
N ILE J 73 34.76 63.20 31.20
CA ILE J 73 36.04 63.64 31.76
C ILE J 73 35.82 64.67 32.86
N ALA J 74 34.84 65.57 32.68
CA ALA J 74 34.59 66.60 33.67
C ALA J 74 34.12 66.02 34.99
N THR J 75 33.36 64.93 34.95
CA THR J 75 32.86 64.37 36.20
C THR J 75 33.94 63.65 36.98
N PHE J 76 34.86 62.93 36.31
CA PHE J 76 35.72 61.98 37.00
C PHE J 76 36.73 62.66 37.93
N TYR J 77 37.93 62.92 37.44
CA TYR J 77 38.96 63.91 37.76
C TYR J 77 38.83 64.76 39.02
N SER J 78 38.20 64.24 40.07
CA SER J 78 38.46 64.56 41.48
C SER J 78 38.53 66.04 41.86
N GLN J 79 38.33 66.95 40.91
CA GLN J 79 38.58 68.37 41.15
C GLN J 79 37.59 69.31 40.50
N PHE J 80 36.82 68.89 39.51
CA PHE J 80 36.01 69.81 38.71
C PHE J 80 34.70 70.07 39.45
N ARG J 81 34.66 71.17 40.18
CA ARG J 81 33.47 71.53 40.93
C ARG J 81 32.37 71.98 39.98
N LEU J 82 31.18 71.41 40.14
CA LEU J 82 30.06 71.66 39.25
C LEU J 82 29.05 72.64 39.84
N ASN J 83 29.35 73.26 40.97
CA ASN J 83 28.41 74.16 41.63
C ASN J 83 29.14 75.40 42.11
N PRO J 84 28.44 76.53 42.21
CA PRO J 84 29.08 77.75 42.73
C PRO J 84 29.43 77.61 44.20
N VAL J 85 30.43 78.39 44.62
CA VAL J 85 30.94 78.36 45.98
C VAL J 85 30.88 79.77 46.57
N GLY J 86 31.18 79.87 47.86
CA GLY J 86 31.20 81.13 48.56
C GLY J 86 32.48 81.90 48.32
N LYS J 87 32.60 83.03 49.01
CA LYS J 87 33.78 83.87 48.85
C LYS J 87 35.03 83.18 49.40
N TYR J 88 34.93 82.56 50.57
CA TYR J 88 36.06 81.87 51.18
C TYR J 88 35.84 80.37 51.07
N VAL J 89 36.84 79.65 50.56
CA VAL J 89 36.77 78.22 50.31
C VAL J 89 37.54 77.52 51.41
N ILE J 90 36.85 76.70 52.20
CA ILE J 90 37.50 75.97 53.28
C ILE J 90 37.86 74.58 52.79
N LEU J 91 39.14 74.23 52.93
CA LEU J 91 39.68 72.93 52.55
C LEU J 91 40.08 72.24 53.84
N GLN J 92 39.28 71.27 54.27
CA GLN J 92 39.57 70.50 55.47
C GLN J 92 40.50 69.36 55.12
N CYS J 93 41.62 69.25 55.84
CA CYS J 93 42.57 68.19 55.59
C CYS J 93 42.07 66.89 56.20
N GLN J 94 41.89 65.88 55.37
CA GLN J 94 41.47 64.56 55.82
C GLN J 94 42.54 63.51 55.54
N GLY J 95 43.80 63.91 55.62
CA GLY J 95 44.90 62.96 55.44
C GLY J 95 45.04 62.06 56.65
N THR J 96 45.87 61.02 56.49
CA THR J 96 45.99 60.02 57.54
C THR J 96 46.62 60.60 58.80
N ALA J 97 47.75 61.29 58.67
CA ALA J 97 48.33 61.96 59.83
C ALA J 97 47.43 63.10 60.30
N CYS J 98 46.69 63.70 59.38
CA CYS J 98 45.75 64.75 59.74
C CYS J 98 44.55 64.20 60.51
N HIS J 99 44.07 63.01 60.13
CA HIS J 99 42.93 62.42 60.82
C HIS J 99 43.34 61.80 62.14
N VAL J 100 44.59 61.34 62.25
CA VAL J 100 45.05 60.70 63.48
C VAL J 100 45.06 61.70 64.63
N LEU J 101 45.51 62.92 64.38
CA LEU J 101 45.61 63.94 65.40
C LEU J 101 44.28 64.64 65.69
N GLY J 102 43.17 64.15 65.12
CA GLY J 102 41.87 64.65 65.48
C GLY J 102 41.21 65.59 64.50
N SER J 103 41.26 65.27 63.20
CA SER J 103 40.55 66.07 62.21
C SER J 103 39.04 65.89 62.30
N LYS J 104 38.57 64.80 62.91
CA LYS J 104 37.12 64.59 63.00
C LYS J 104 36.49 65.63 63.91
N ALA J 105 37.17 65.97 65.01
CA ALA J 105 36.67 67.02 65.90
C ALA J 105 36.64 68.37 65.19
N ILE J 106 37.67 68.68 64.40
CA ILE J 106 37.69 69.95 63.69
C ILE J 106 36.57 69.99 62.65
N GLY J 107 36.29 68.85 62.00
CA GLY J 107 35.23 68.81 61.02
C GLY J 107 33.85 68.97 61.65
N SER J 108 33.64 68.31 62.79
CA SER J 108 32.37 68.48 63.51
C SER J 108 32.20 69.91 63.99
N ALA J 109 33.29 70.55 64.44
CA ALA J 109 33.21 71.93 64.87
C ALA J 109 32.84 72.86 63.71
N ILE J 110 33.46 72.66 62.55
CA ILE J 110 33.11 73.47 61.38
C ILE J 110 31.66 73.24 60.97
N CYS J 111 31.23 71.98 60.97
CA CYS J 111 29.85 71.67 60.57
C CYS J 111 28.84 72.29 61.53
N ASP J 112 29.14 72.26 62.83
CA ASP J 112 28.21 72.83 63.81
C ASP J 112 28.19 74.34 63.75
N GLU J 113 29.36 74.97 63.64
CA GLU J 113 29.42 76.42 63.68
C GLU J 113 28.91 77.04 62.37
N LEU J 114 29.01 76.32 61.26
CA LEU J 114 28.56 76.85 59.98
C LEU J 114 27.20 76.35 59.55
N GLY J 115 26.75 75.20 60.08
CA GLY J 115 25.45 74.68 59.69
C GLY J 115 25.41 74.04 58.33
N ILE J 116 26.57 73.77 57.73
CA ILE J 116 26.66 73.14 56.42
C ILE J 116 27.54 71.90 56.52
N THR J 117 27.27 70.95 55.63
CA THR J 117 28.03 69.72 55.52
C THR J 117 29.09 69.86 54.42
N PRO J 118 30.08 68.96 54.37
CA PRO J 118 31.02 68.99 53.25
C PRO J 118 30.31 68.81 51.91
N GLY J 119 30.72 69.61 50.93
CA GLY J 119 30.05 69.67 49.66
C GLY J 119 28.95 70.71 49.56
N GLN J 120 28.71 71.49 50.60
CA GLN J 120 27.67 72.49 50.62
C GLN J 120 28.26 73.88 50.80
N THR J 121 27.44 74.90 50.51
CA THR J 121 27.81 76.29 50.67
C THR J 121 26.85 76.96 51.66
N THR J 122 27.34 78.01 52.31
CA THR J 122 26.51 78.77 53.24
C THR J 122 25.43 79.54 52.50
N ALA J 123 24.37 79.87 53.24
CA ALA J 123 23.21 80.53 52.63
C ALA J 123 23.55 81.92 52.13
N ASP J 124 24.46 82.62 52.80
CA ASP J 124 24.87 83.96 52.39
C ASP J 124 26.03 83.94 51.41
N GLY J 125 26.47 82.76 50.98
CA GLY J 125 27.48 82.65 49.95
C GLY J 125 28.84 83.17 50.32
N LEU J 126 29.31 82.89 51.53
CA LEU J 126 30.62 83.37 51.97
C LEU J 126 31.56 82.25 52.44
N PHE J 127 31.07 81.24 53.17
CA PHE J 127 31.84 80.03 53.44
C PHE J 127 31.32 78.87 52.59
N THR J 128 32.24 78.03 52.13
CA THR J 128 31.90 76.73 51.56
C THR J 128 32.85 75.68 52.13
N LEU J 129 32.35 74.46 52.31
CA LEU J 129 33.10 73.39 52.95
C LEU J 129 33.40 72.32 51.92
N GLU J 130 34.67 71.94 51.81
CA GLU J 130 35.12 70.92 50.87
C GLU J 130 36.16 70.04 51.53
N ASP J 131 36.32 68.85 50.98
CA ASP J 131 37.29 67.88 51.46
C ASP J 131 38.46 67.77 50.49
N VAL J 132 39.67 67.63 51.05
CA VAL J 132 40.88 67.51 50.26
C VAL J 132 41.63 66.26 50.73
N ALA J 133 42.49 65.73 49.85
CA ALA J 133 43.23 64.53 50.19
C ALA J 133 44.22 64.78 51.32
N CYS J 134 45.07 65.79 51.18
CA CYS J 134 46.05 66.16 52.18
C CYS J 134 46.65 67.50 51.82
N LEU J 135 46.86 68.34 52.83
CA LEU J 135 47.56 69.59 52.58
C LEU J 135 49.06 69.37 52.41
N GLY J 136 49.57 68.28 52.99
CA GLY J 136 50.99 68.04 53.01
C GLY J 136 51.72 68.69 54.17
N CYS J 137 51.04 69.48 54.98
CA CYS J 137 51.70 70.14 56.10
C CYS J 137 51.45 69.33 57.38
N CYS J 138 51.84 68.06 57.30
CA CYS J 138 51.51 67.10 58.34
C CYS J 138 52.27 67.37 59.63
N SER J 139 53.36 68.14 59.56
CA SER J 139 54.03 68.58 60.78
C SER J 139 53.17 69.53 61.61
N LEU J 140 52.23 70.24 60.97
CA LEU J 140 51.33 71.15 61.65
C LEU J 140 49.94 70.56 61.81
N ALA J 141 49.79 69.25 61.66
CA ALA J 141 48.47 68.65 61.68
C ALA J 141 47.82 68.81 63.04
N PRO J 142 46.51 69.09 63.10
CA PRO J 142 45.56 69.28 61.99
C PRO J 142 45.70 70.63 61.28
N VAL J 143 45.43 70.66 59.98
CA VAL J 143 45.62 71.85 59.14
C VAL J 143 44.32 72.09 58.38
N ILE J 144 44.00 73.37 58.14
CA ILE J 144 42.94 73.74 57.21
C ILE J 144 43.48 74.80 56.26
N MET J 145 42.83 74.90 55.10
CA MET J 145 43.16 75.89 54.08
C MET J 145 41.99 76.83 53.88
N ILE J 146 42.22 78.12 53.93
CA ILE J 146 41.21 79.13 53.63
C ILE J 146 41.81 80.07 52.59
N ASN J 147 41.35 79.94 51.34
CA ASN J 147 41.76 80.77 50.22
C ASN J 147 43.28 80.79 50.04
N GLY J 148 43.90 79.64 50.24
CA GLY J 148 45.33 79.52 50.09
C GLY J 148 46.14 79.87 51.33
N GLU J 149 45.49 80.21 52.44
CA GLU J 149 46.19 80.47 53.69
C GLU J 149 45.97 79.29 54.63
N ALA J 150 47.06 78.71 55.12
CA ALA J 150 47.00 77.52 55.95
C ALA J 150 47.04 77.87 57.42
N TYR J 151 46.24 77.15 58.20
CA TYR J 151 46.30 77.19 59.64
C TYR J 151 46.64 75.80 60.12
N GLY J 152 47.68 75.68 60.95
CA GLY J 152 48.18 74.40 61.42
C GLY J 152 48.15 74.30 62.94
N LYS J 153 48.27 73.05 63.42
CA LYS J 153 48.11 72.71 64.84
C LYS J 153 46.75 73.18 65.37
N LEU J 154 45.70 72.57 64.81
CA LEU J 154 44.34 73.05 65.02
C LEU J 154 43.61 72.32 66.14
N THR J 155 43.28 73.07 67.17
CA THR J 155 42.28 72.82 68.18
C THR J 155 40.97 73.50 67.77
N PRO J 156 39.81 72.89 68.03
CA PRO J 156 38.56 73.50 67.52
C PRO J 156 38.25 74.86 68.11
N THR J 157 38.84 75.22 69.26
CA THR J 157 38.76 76.60 69.71
C THR J 157 39.42 77.53 68.70
N SER J 158 40.58 77.14 68.18
CA SER J 158 41.25 77.95 67.16
C SER J 158 40.42 78.05 65.89
N VAL J 159 39.78 76.96 65.47
CA VAL J 159 39.03 77.01 64.22
C VAL J 159 37.79 77.89 64.38
N ARG J 160 37.11 77.83 65.55
CA ARG J 160 35.96 78.70 65.70
C ARG J 160 36.38 80.15 65.83
N LYS J 161 37.48 80.41 66.55
CA LYS J 161 37.98 81.78 66.67
C LYS J 161 38.38 82.34 65.31
N ILE J 162 39.03 81.52 64.49
CA ILE J 162 39.43 81.95 63.14
C ILE J 162 38.20 82.26 62.31
N LEU J 163 37.16 81.43 62.41
CA LEU J 163 35.99 81.66 61.57
C LEU J 163 35.18 82.87 62.01
N GLN J 164 35.13 83.17 63.32
CA GLN J 164 34.48 84.43 63.71
C GLN J 164 35.34 85.63 63.31
N ASP J 165 36.66 85.47 63.36
CA ASP J 165 37.55 86.56 62.95
C ASP J 165 37.38 86.88 61.46
N ILE J 166 37.23 85.84 60.64
CA ILE J 166 36.98 86.06 59.21
C ILE J 166 35.59 86.64 59.00
N ALA J 167 34.60 86.10 59.71
CA ALA J 167 33.22 86.59 59.60
C ALA J 167 33.08 87.98 60.20
N MET K 1 76.80 89.67 54.82
CA MET K 1 75.80 89.28 55.81
C MET K 1 74.61 88.63 55.08
N LYS K 2 74.37 87.36 55.35
CA LYS K 2 73.40 86.56 54.60
C LYS K 2 72.42 85.87 55.55
N VAL K 3 71.14 85.91 55.16
CA VAL K 3 70.06 85.26 55.89
C VAL K 3 69.20 84.50 54.88
N ARG K 4 68.94 83.23 55.17
CA ARG K 4 67.99 82.42 54.41
C ARG K 4 66.70 82.29 55.21
N VAL K 5 65.57 82.32 54.51
CA VAL K 5 64.28 82.09 55.15
C VAL K 5 63.66 80.83 54.57
N GLY K 6 63.19 79.95 55.45
CA GLY K 6 62.66 78.66 55.05
C GLY K 6 61.19 78.65 54.68
N LEU K 7 60.81 79.45 53.68
CA LEU K 7 59.43 79.44 53.20
C LEU K 7 59.13 78.14 52.47
N GLY K 8 57.85 77.79 52.41
CA GLY K 8 57.42 76.62 51.67
C GLY K 8 55.92 76.47 51.76
N SER K 9 55.43 75.24 51.63
CA SER K 9 54.03 74.97 51.92
C SER K 9 53.77 74.82 53.41
N CYS K 10 54.83 74.68 54.21
CA CYS K 10 54.71 74.61 55.65
C CYS K 10 55.11 75.91 56.34
N GLY K 11 56.00 76.69 55.75
CA GLY K 11 56.29 78.01 56.29
C GLY K 11 55.12 78.95 56.16
N ILE K 12 54.42 78.91 55.02
CA ILE K 12 53.18 79.66 54.86
C ILE K 12 52.15 79.20 55.88
N ALA K 13 52.19 77.92 56.24
CA ALA K 13 51.22 77.36 57.17
C ALA K 13 51.35 77.92 58.57
N ALA K 14 52.52 78.41 58.97
CA ALA K 14 52.66 79.02 60.29
C ALA K 14 52.94 80.51 60.20
N GLY K 15 54.06 80.92 59.61
CA GLY K 15 54.40 82.33 59.63
C GLY K 15 55.21 82.90 58.49
N GLY K 16 55.44 82.14 57.42
CA GLY K 16 56.54 82.44 56.52
C GLY K 16 56.43 83.79 55.84
N ARG K 17 55.26 84.09 55.26
CA ARG K 17 55.13 85.27 54.41
C ARG K 17 55.30 86.57 55.20
N LYS K 18 54.67 86.65 56.37
CA LYS K 18 54.81 87.85 57.18
C LYS K 18 56.23 88.00 57.70
N VAL K 19 56.93 86.90 57.97
CA VAL K 19 58.30 86.97 58.45
C VAL K 19 59.23 87.49 57.36
N MET K 20 59.12 86.96 56.13
CA MET K 20 59.96 87.49 55.07
C MET K 20 59.62 88.93 54.72
N ASP K 21 58.34 89.29 54.74
CA ASP K 21 57.96 90.68 54.46
C ASP K 21 58.53 91.62 55.52
N ARG K 22 58.39 91.24 56.79
CA ARG K 22 58.96 92.06 57.88
C ARG K 22 60.48 92.18 57.69
N LEU K 23 61.18 91.06 57.44
CA LEU K 23 62.63 91.10 57.30
C LEU K 23 63.06 92.00 56.15
N ALA K 24 62.36 91.90 55.01
CA ALA K 24 62.68 92.77 53.88
C ALA K 24 62.39 94.23 54.21
N GLN K 25 61.38 94.45 55.04
CA GLN K 25 61.08 95.83 55.50
C GLN K 25 62.30 96.38 56.24
N GLU K 26 62.62 95.78 57.38
CA GLU K 26 63.79 96.26 58.18
C GLU K 26 65.02 96.36 57.27
N ILE K 27 65.24 95.41 56.35
CA ILE K 27 66.44 95.61 55.51
C ILE K 27 66.33 96.92 54.74
N LYS K 28 65.15 97.20 54.19
CA LYS K 28 64.93 98.46 53.46
C LYS K 28 65.04 99.66 54.40
N ASN K 29 64.51 99.54 55.61
CA ASN K 29 64.51 100.66 56.55
C ASN K 29 65.91 100.94 57.09
N HIS K 30 66.73 99.92 57.28
CA HIS K 30 68.08 100.12 57.80
C HIS K 30 69.14 100.25 56.70
N GLY K 31 68.86 99.75 55.50
CA GLY K 31 69.72 100.01 54.36
C GLY K 31 71.02 99.24 54.33
N LYS K 32 71.20 98.24 55.18
CA LYS K 32 72.41 97.43 55.17
C LYS K 32 72.33 96.39 54.06
N GLU K 33 73.46 96.12 53.42
CA GLU K 33 73.51 95.18 52.31
C GLU K 33 73.41 93.75 52.84
N ILE K 34 72.19 93.26 53.00
CA ILE K 34 71.93 91.94 53.54
C ILE K 34 71.28 91.08 52.46
N GLU K 35 71.84 89.91 52.22
CA GLU K 35 71.33 88.96 51.23
C GLU K 35 70.24 88.12 51.87
N LEU K 36 68.98 88.44 51.57
CA LEU K 36 67.82 87.72 52.10
C LEU K 36 67.35 86.75 51.02
N LEU K 37 67.57 85.45 51.27
CA LEU K 37 67.33 84.47 50.22
C LEU K 37 66.20 83.52 50.57
N PRO K 38 65.29 83.27 49.61
CA PRO K 38 64.20 82.32 49.84
C PRO K 38 64.67 80.89 49.63
N THR K 39 64.49 80.06 50.65
CA THR K 39 64.87 78.66 50.61
C THR K 39 63.73 77.79 51.13
N GLY K 40 63.71 76.54 50.68
CA GLY K 40 62.67 75.61 51.06
C GLY K 40 62.82 75.11 52.49
N CYS K 41 61.98 74.14 52.83
CA CYS K 41 62.03 73.52 54.14
C CYS K 41 63.28 72.67 54.27
N ILE K 42 64.02 72.85 55.36
CA ILE K 42 65.22 72.05 55.61
C ILE K 42 64.83 70.59 55.84
N GLY K 43 63.77 70.36 56.62
CA GLY K 43 63.33 69.00 56.88
C GLY K 43 62.78 68.83 58.27
N MET K 44 63.13 69.74 59.18
CA MET K 44 62.53 69.73 60.51
C MET K 44 61.48 70.85 60.53
N CYS K 45 60.25 70.57 59.86
CA CYS K 45 59.00 71.47 59.74
C CYS K 45 58.47 71.65 61.21
N PHE K 46 58.95 70.96 62.32
CA PHE K 46 58.48 71.27 63.67
C PHE K 46 59.33 72.36 64.34
N TYR K 47 59.68 73.38 63.57
CA TYR K 47 60.23 74.61 64.12
C TYR K 47 59.88 75.82 63.26
N GLU K 48 59.13 75.66 62.19
CA GLU K 48 59.09 76.66 61.15
C GLU K 48 58.27 77.87 61.60
N PRO K 49 58.52 79.06 61.04
CA PRO K 49 59.40 79.44 59.91
C PRO K 49 60.90 79.36 60.18
N ILE K 50 61.62 78.54 59.40
CA ILE K 50 63.06 78.39 59.58
C ILE K 50 63.76 79.66 59.13
N VAL K 51 64.60 80.22 59.99
CA VAL K 51 65.46 81.34 59.66
C VAL K 51 66.91 80.92 59.92
N ASP K 52 67.78 81.22 58.97
CA ASP K 52 69.21 80.90 59.07
C ASP K 52 70.02 82.17 58.88
N VAL K 53 70.89 82.47 59.83
CA VAL K 53 71.70 83.69 59.79
C VAL K 53 73.16 83.28 59.82
N PHE K 54 73.96 83.79 58.88
CA PHE K 54 75.36 83.42 58.77
C PHE K 54 76.25 84.61 59.09
N ASP K 55 76.84 84.58 60.29
CA ASP K 55 77.82 85.56 60.73
C ASP K 55 79.20 84.94 60.50
N GLY K 56 79.89 85.44 59.47
CA GLY K 56 81.16 84.86 59.08
C GLY K 56 80.99 83.44 58.59
N ASP K 57 81.65 82.50 59.27
CA ASP K 57 81.50 81.08 58.99
C ASP K 57 80.51 80.40 59.92
N LYS K 58 79.83 81.15 60.78
CA LYS K 58 78.93 80.58 61.78
C LYS K 58 77.49 80.69 61.31
N VAL K 59 76.73 79.61 61.51
CA VAL K 59 75.34 79.51 61.08
C VAL K 59 74.48 79.36 62.32
N TYR K 60 73.43 80.18 62.42
CA TYR K 60 72.50 80.14 63.55
C TYR K 60 71.08 79.93 63.04
N SER K 61 70.34 79.07 63.74
CA SER K 61 68.93 78.80 63.45
C SER K 61 68.16 78.90 64.76
N TYR K 62 67.33 79.94 64.88
CA TYR K 62 66.53 80.20 66.07
C TYR K 62 65.06 80.43 65.67
N ALA K 63 64.53 79.45 64.95
CA ALA K 63 63.23 79.55 64.28
C ALA K 63 62.06 79.46 65.26
N ASN K 64 60.86 79.17 64.72
CA ASN K 64 59.56 79.45 65.38
C ASN K 64 59.39 80.95 65.57
N VAL K 65 59.34 81.66 64.45
CA VAL K 65 59.52 83.11 64.40
C VAL K 65 58.25 83.74 63.85
N THR K 66 57.74 84.76 64.55
CA THR K 66 56.67 85.60 64.06
C THR K 66 57.23 86.94 63.59
N ALA K 67 56.34 87.85 63.20
CA ALA K 67 56.78 89.17 62.74
C ALA K 67 57.43 89.97 63.86
N ASP K 68 56.85 89.93 65.06
CA ASP K 68 57.49 90.54 66.22
C ASP K 68 58.81 89.85 66.55
N MET K 69 58.84 88.51 66.42
CA MET K 69 60.08 87.79 66.65
C MET K 69 61.12 88.17 65.60
N ALA K 70 60.70 88.35 64.34
CA ALA K 70 61.64 88.79 63.30
C ALA K 70 62.16 90.19 63.59
N THR K 71 61.31 91.07 64.12
CA THR K 71 61.76 92.40 64.54
C THR K 71 62.82 92.29 65.63
N GLU K 72 62.58 91.44 66.64
CA GLU K 72 63.54 91.25 67.71
C GLU K 72 64.85 90.68 67.16
N ILE K 73 64.75 89.76 66.20
CA ILE K 73 65.93 89.15 65.60
C ILE K 73 66.78 90.21 64.91
N PHE K 74 66.12 91.04 64.10
CA PHE K 74 66.85 92.07 63.37
C PHE K 74 67.48 93.09 64.31
N ASN K 75 66.75 93.45 65.37
CA ASN K 75 67.25 94.48 66.28
C ASN K 75 68.38 93.95 67.17
N SER K 76 68.38 92.65 67.45
CA SER K 76 69.32 92.12 68.43
C SER K 76 70.54 91.45 67.81
N HIS K 77 70.38 90.82 66.65
CA HIS K 77 71.45 89.98 66.12
C HIS K 77 72.08 90.51 64.85
N ILE K 78 71.29 90.80 63.82
CA ILE K 78 71.87 91.20 62.54
C ILE K 78 72.43 92.61 62.58
N ILE K 79 72.07 93.41 63.59
CA ILE K 79 72.63 94.74 63.78
C ILE K 79 73.53 94.80 65.01
N GLY K 80 73.08 94.24 66.12
CA GLY K 80 73.85 94.26 67.36
C GLY K 80 74.87 93.17 67.52
N GLY K 81 74.82 92.13 66.68
CA GLY K 81 75.76 91.03 66.80
C GLY K 81 75.49 90.07 67.92
N GLN K 82 74.34 90.17 68.59
CA GLN K 82 74.05 89.35 69.76
C GLN K 82 73.03 88.28 69.42
N PRO K 83 73.40 87.00 69.40
CA PRO K 83 72.41 85.94 69.18
C PRO K 83 71.43 85.84 70.34
N LEU K 84 70.21 85.42 70.01
CA LEU K 84 69.14 85.23 70.99
C LEU K 84 69.14 83.77 71.40
N THR K 85 69.86 83.45 72.48
CA THR K 85 70.10 82.05 72.85
C THR K 85 68.85 81.36 73.38
N GLN K 86 67.83 82.11 73.80
CA GLN K 86 66.61 81.47 74.30
C GLN K 86 65.77 80.88 73.17
N TYR K 87 66.12 81.13 71.91
CA TYR K 87 65.41 80.56 70.78
C TYR K 87 66.27 79.64 69.93
N ILE K 88 67.56 79.55 70.21
CA ILE K 88 68.48 78.78 69.38
C ILE K 88 68.39 77.30 69.74
N VAL K 89 68.20 76.45 68.73
CA VAL K 89 68.32 75.01 68.91
C VAL K 89 69.44 74.40 68.09
N SER K 90 70.01 75.12 67.11
CA SER K 90 71.04 74.59 66.25
C SER K 90 72.02 75.69 65.86
N THR K 91 73.31 75.38 65.99
CA THR K 91 74.38 76.28 65.56
C THR K 91 75.34 75.51 64.65
N THR K 92 76.43 76.16 64.27
CA THR K 92 77.47 75.48 63.51
C THR K 92 78.18 74.43 64.37
N GLU K 93 78.57 74.81 65.59
CA GLU K 93 79.22 73.88 66.50
C GLU K 93 78.25 72.86 67.08
N LYS K 94 76.96 73.18 67.09
CA LYS K 94 75.92 72.29 67.61
C LYS K 94 74.87 72.14 66.51
N PRO K 95 75.13 71.27 65.53
CA PRO K 95 74.20 71.13 64.40
C PRO K 95 72.93 70.38 64.78
N TYR K 96 72.09 70.10 63.79
CA TYR K 96 70.84 69.39 64.05
C TYR K 96 71.12 67.94 64.34
N THR K 97 70.73 67.49 65.54
CA THR K 97 70.96 66.10 65.94
C THR K 97 70.14 65.14 65.10
N ILE K 98 68.99 65.59 64.59
CA ILE K 98 68.20 64.74 63.70
C ILE K 98 68.89 64.57 62.35
N LEU K 99 69.57 65.62 61.88
CA LEU K 99 70.26 65.56 60.61
C LEU K 99 71.62 64.89 60.72
N ALA K 100 72.08 64.61 61.95
CA ALA K 100 73.36 63.95 62.13
C ALA K 100 73.33 62.51 61.61
N LYS K 101 72.20 61.82 61.80
CA LYS K 101 72.06 60.43 61.37
C LYS K 101 71.47 60.31 59.97
N GLN K 102 71.32 61.43 59.26
CA GLN K 102 70.73 61.44 57.92
C GLN K 102 71.83 61.60 56.88
N VAL K 103 71.79 60.74 55.86
CA VAL K 103 72.67 60.86 54.71
C VAL K 103 71.87 61.43 53.55
N ARG K 104 71.93 62.75 53.39
CA ARG K 104 71.06 63.47 52.46
C ARG K 104 71.68 63.44 51.06
N ILE K 105 70.98 62.84 50.11
CA ILE K 105 71.37 62.82 48.70
C ILE K 105 70.34 63.55 47.85
N ALA K 106 69.10 63.06 47.84
CA ALA K 106 68.04 63.76 47.14
C ALA K 106 67.58 65.00 47.90
N LEU K 107 67.83 65.05 49.21
CA LEU K 107 67.48 66.19 50.03
C LEU K 107 68.69 67.06 50.34
N ARG K 108 69.76 66.93 49.54
CA ARG K 108 71.01 67.64 49.83
C ARG K 108 70.85 69.15 49.74
N ASN K 109 70.08 69.63 48.76
CA ASN K 109 69.94 71.06 48.53
C ASN K 109 68.65 71.63 49.09
N CYS K 110 67.85 70.84 49.80
CA CYS K 110 66.60 71.35 50.37
C CYS K 110 66.89 72.23 51.58
N GLY K 111 66.36 73.44 51.56
CA GLY K 111 66.60 74.40 52.62
C GLY K 111 67.93 75.11 52.55
N VAL K 112 68.71 74.89 51.48
CA VAL K 112 70.03 75.49 51.34
C VAL K 112 70.09 76.42 50.13
N ILE K 113 69.51 76.00 49.00
CA ILE K 113 69.66 76.69 47.73
C ILE K 113 68.37 77.44 47.41
N ASP K 114 68.51 78.68 46.97
CA ASP K 114 67.41 79.43 46.36
C ASP K 114 66.92 78.66 45.14
N PRO K 115 65.72 78.09 45.18
CA PRO K 115 65.25 77.29 44.04
C PRO K 115 64.94 78.10 42.79
N GLU K 116 64.74 79.41 42.93
CA GLU K 116 64.37 80.27 41.82
C GLU K 116 65.57 80.88 41.12
N ASN K 117 66.78 80.51 41.52
CA ASN K 117 67.99 81.04 40.90
C ASN K 117 68.95 79.89 40.61
N VAL K 118 69.48 79.85 39.39
CA VAL K 118 70.35 78.76 38.97
C VAL K 118 71.78 78.95 39.45
N ASP K 119 72.16 80.18 39.84
CA ASP K 119 73.53 80.45 40.24
C ASP K 119 73.90 79.72 41.53
N GLU K 120 72.96 79.65 42.47
CA GLU K 120 73.23 78.93 43.72
C GLU K 120 73.34 77.44 43.48
N TYR K 121 72.54 76.89 42.56
CA TYR K 121 72.67 75.49 42.20
C TYR K 121 74.02 75.21 41.53
N LYS K 122 74.46 76.11 40.66
CA LYS K 122 75.78 75.95 40.04
C LYS K 122 76.89 76.05 41.07
N ALA K 123 76.73 76.93 42.06
CA ALA K 123 77.72 77.07 43.12
C ALA K 123 77.80 75.84 44.00
N ASN K 124 76.77 75.00 44.02
CA ASN K 124 76.74 73.77 44.80
C ASN K 124 76.98 72.55 43.92
N ASP K 125 77.88 72.67 42.95
CA ASP K 125 78.29 71.61 42.04
C ASP K 125 77.13 71.10 41.19
N GLY K 126 76.19 71.97 40.86
CA GLY K 126 75.06 71.58 40.03
C GLY K 126 75.39 71.64 38.54
N TYR K 127 74.69 70.80 37.78
CA TYR K 127 74.84 70.64 36.33
C TYR K 127 76.24 70.19 35.93
N LYS K 128 77.06 69.78 36.90
CA LYS K 128 78.36 69.20 36.57
C LYS K 128 78.21 67.76 36.12
N ALA K 129 77.27 67.02 36.70
CA ALA K 129 77.03 65.64 36.30
C ALA K 129 76.47 65.57 34.88
N LEU K 130 75.58 66.49 34.53
CA LEU K 130 75.08 66.56 33.17
C LEU K 130 76.20 66.87 32.19
N SER K 131 77.11 67.79 32.55
CA SER K 131 78.25 68.11 31.71
C SER K 131 79.15 66.90 31.53
N LYS K 132 79.41 66.17 32.62
CA LYS K 132 80.25 64.99 32.54
C LYS K 132 79.63 63.92 31.65
N ALA K 133 78.33 63.70 31.80
CA ALA K 133 77.64 62.69 31.00
C ALA K 133 77.62 63.08 29.52
N LEU K 134 77.44 64.37 29.24
CA LEU K 134 77.37 64.81 27.84
C LEU K 134 78.73 64.79 27.17
N LYS K 135 79.78 65.22 27.88
CA LYS K 135 81.06 65.46 27.25
C LYS K 135 82.05 64.32 27.38
N GLU K 136 81.85 63.40 28.33
CA GLU K 136 82.87 62.42 28.63
C GLU K 136 82.40 60.97 28.55
N MET K 137 81.14 60.71 28.21
CA MET K 137 80.62 59.39 28.54
C MET K 137 79.41 59.08 27.68
N THR K 138 79.20 57.79 27.39
CA THR K 138 78.22 57.30 26.44
C THR K 138 76.94 56.87 27.13
N PRO K 139 75.80 56.91 26.43
CA PRO K 139 74.53 56.47 27.04
C PRO K 139 74.54 55.03 27.52
N GLU K 140 75.25 54.14 26.81
CA GLU K 140 75.43 52.78 27.30
C GLU K 140 76.17 52.79 28.64
N GLU K 141 77.19 53.64 28.74
CA GLU K 141 77.88 53.80 30.02
C GLU K 141 76.97 54.44 31.06
N VAL K 142 76.01 55.27 30.64
CA VAL K 142 75.08 55.86 31.60
C VAL K 142 74.20 54.77 32.22
N ILE K 143 73.66 53.90 31.36
CA ILE K 143 72.86 52.79 31.86
C ILE K 143 73.70 51.85 32.71
N GLU K 144 74.97 51.66 32.32
CA GLU K 144 75.86 50.82 33.11
C GLU K 144 76.13 51.40 34.49
N GLU K 145 76.36 52.71 34.57
CA GLU K 145 76.60 53.35 35.87
C GLU K 145 75.35 53.30 36.73
N ILE K 146 74.17 53.49 36.12
CA ILE K 146 72.91 53.38 36.85
C ILE K 146 72.73 51.97 37.40
N LYS K 147 73.10 50.96 36.61
CA LYS K 147 73.06 49.58 37.09
C LYS K 147 74.04 49.34 38.23
N VAL K 148 75.26 49.88 38.11
CA VAL K 148 76.29 49.67 39.12
C VAL K 148 75.87 50.30 40.43
N ALA K 149 75.26 51.48 40.38
CA ALA K 149 74.75 52.12 41.59
C ALA K 149 73.60 51.33 42.22
N GLY K 150 72.98 50.41 41.46
CA GLY K 150 71.91 49.59 41.99
C GLY K 150 70.66 50.36 42.36
N LEU K 151 70.22 51.28 41.50
CA LEU K 151 69.05 52.08 41.80
C LEU K 151 67.79 51.24 41.66
N ARG K 152 66.94 51.30 42.67
CA ARG K 152 65.59 50.77 42.58
C ARG K 152 64.62 51.94 42.52
N GLY K 153 63.50 51.72 41.82
CA GLY K 153 62.49 52.75 41.66
C GLY K 153 61.93 53.23 42.99
N ARG K 154 62.04 54.52 43.25
CA ARG K 154 61.67 55.06 44.56
C ARG K 154 60.16 55.19 44.75
N GLY K 155 59.38 54.58 43.86
CA GLY K 155 57.95 54.44 44.05
C GLY K 155 57.63 53.22 44.89
N GLY K 156 56.39 52.75 44.75
CA GLY K 156 55.95 51.61 45.54
C GLY K 156 56.62 50.31 45.15
N ALA K 157 56.83 50.10 43.85
CA ALA K 157 57.27 48.80 43.34
C ALA K 157 58.75 48.51 43.62
N GLY K 158 59.61 49.52 43.62
CA GLY K 158 61.03 49.27 43.77
C GLY K 158 61.66 48.58 42.58
N PHE K 159 61.21 48.91 41.37
CA PHE K 159 61.77 48.31 40.17
C PHE K 159 63.16 48.87 39.89
N PRO K 160 64.07 48.05 39.36
CA PRO K 160 65.40 48.56 38.97
C PRO K 160 65.26 49.59 37.85
N THR K 161 65.75 50.80 38.11
CA THR K 161 65.61 51.89 37.15
C THR K 161 66.44 51.63 35.90
N TRP K 162 67.59 50.99 36.06
CA TRP K 162 68.46 50.72 34.91
C TRP K 162 67.79 49.77 33.93
N PHE K 163 66.98 48.83 34.42
CA PHE K 163 66.23 47.95 33.53
C PHE K 163 65.23 48.73 32.69
N LYS K 164 64.49 49.65 33.31
CA LYS K 164 63.54 50.46 32.56
C LYS K 164 64.25 51.35 31.55
N TRP K 165 65.39 51.92 31.95
CA TRP K 165 66.16 52.74 31.02
C TRP K 165 66.67 51.91 29.85
N ASN K 166 67.18 50.70 30.13
CA ASN K 166 67.69 49.88 29.04
C ASN K 166 66.55 49.45 28.12
N ALA K 167 65.39 49.11 28.69
CA ALA K 167 64.25 48.66 27.90
C ALA K 167 63.72 49.77 26.99
N ALA K 168 63.63 51.00 27.49
CA ALA K 168 63.17 52.07 26.60
C ALA K 168 64.27 52.52 25.64
N ARG K 169 65.54 52.24 25.96
CA ARG K 169 66.60 52.51 25.00
C ARG K 169 66.52 51.55 23.81
N GLN K 170 66.36 50.26 24.07
CA GLN K 170 66.31 49.29 22.99
C GLN K 170 65.01 49.33 22.21
N SER K 171 64.01 50.06 22.69
CA SER K 171 62.74 50.16 21.98
C SER K 171 62.91 50.89 20.66
N LYS K 172 62.25 50.38 19.62
CA LYS K 172 62.38 50.94 18.29
C LYS K 172 61.46 52.15 18.14
N GLY K 173 62.05 53.29 17.77
CA GLY K 173 61.27 54.50 17.56
C GLY K 173 62.14 55.73 17.39
N GLU K 174 61.75 56.62 16.50
CA GLU K 174 62.52 57.84 16.28
C GLU K 174 62.25 58.91 17.33
N ILE K 175 61.12 58.81 18.04
CA ILE K 175 60.75 59.79 19.07
C ILE K 175 60.41 59.04 20.34
N LYS K 176 61.05 59.44 21.44
CA LYS K 176 60.83 58.84 22.74
C LYS K 176 60.55 59.93 23.76
N TYR K 177 59.93 59.56 24.87
CA TYR K 177 59.51 60.51 25.89
C TYR K 177 60.03 60.10 27.25
N VAL K 178 60.30 61.10 28.09
CA VAL K 178 60.65 60.91 29.49
C VAL K 178 59.62 61.66 30.33
N VAL K 179 58.93 60.94 31.21
CA VAL K 179 57.86 61.51 32.02
C VAL K 179 58.20 61.30 33.48
N CYS K 180 58.15 62.37 34.25
CA CYS K 180 58.35 62.31 35.69
C CYS K 180 57.00 62.26 36.38
N ASN K 181 56.61 61.56 37.66
CA ASN K 181 55.27 61.29 38.56
C ASN K 181 54.94 61.83 40.08
N ALA K 182 55.50 63.06 40.18
CA ALA K 182 55.42 63.88 41.42
C ALA K 182 54.31 63.49 42.37
N ASP K 183 53.31 64.35 42.54
CA ASP K 183 52.24 63.87 43.43
C ASP K 183 52.66 62.44 43.60
N GLU K 184 53.56 62.00 44.56
CA GLU K 184 54.20 60.63 44.60
C GLU K 184 53.00 59.99 45.18
N GLY K 185 51.98 60.50 44.55
CA GLY K 185 50.69 60.19 45.45
C GLY K 185 50.55 59.96 47.09
N ASP K 186 49.38 59.83 48.08
CA ASP K 186 49.22 59.28 49.42
C ASP K 186 49.01 60.41 50.42
N PRO K 187 47.95 60.37 51.22
CA PRO K 187 47.87 61.29 52.36
C PRO K 187 49.03 61.04 53.33
N GLY K 188 49.49 62.13 53.95
CA GLY K 188 50.59 62.05 54.87
C GLY K 188 51.96 62.00 54.23
N ALA K 189 52.03 62.10 52.91
CA ALA K 189 53.26 61.92 52.15
C ALA K 189 53.48 63.15 51.29
N PHE K 190 54.63 63.82 51.47
CA PHE K 190 54.81 65.10 50.78
C PHE K 190 56.25 65.34 50.34
N MET K 191 56.99 64.28 49.97
CA MET K 191 58.39 64.46 49.63
C MET K 191 58.56 65.11 48.26
N ASP K 192 57.64 64.85 47.34
CA ASP K 192 57.71 65.36 45.98
C ASP K 192 57.67 66.87 45.94
N ARG K 193 56.71 67.45 46.65
CA ARG K 193 56.51 68.88 46.71
C ARG K 193 57.69 69.55 47.37
N SER K 194 58.19 68.95 48.45
CA SER K 194 59.36 69.47 49.12
C SER K 194 60.56 69.49 48.19
N VAL K 195 60.75 68.42 47.41
CA VAL K 195 61.84 68.38 46.45
C VAL K 195 61.63 69.42 45.35
N LEU K 196 60.40 69.53 44.83
CA LEU K 196 60.11 70.48 43.75
C LEU K 196 60.30 71.92 44.21
N GLU K 197 59.86 72.24 45.42
CA GLU K 197 59.98 73.58 45.95
C GLU K 197 61.36 73.86 46.50
N GLY K 198 62.17 72.83 46.72
CA GLY K 198 63.50 73.04 47.26
C GLY K 198 64.60 72.98 46.21
N ASP K 199 64.50 72.01 45.29
CA ASP K 199 65.52 71.81 44.26
C ASP K 199 64.87 71.24 43.01
N PRO K 200 64.24 72.09 42.21
CA PRO K 200 63.75 71.62 40.90
C PRO K 200 64.87 71.36 39.92
N HIS K 201 66.02 72.01 40.11
CA HIS K 201 67.13 71.87 39.18
C HIS K 201 67.72 70.47 39.21
N ALA K 202 67.71 69.81 40.37
CA ALA K 202 68.14 68.42 40.43
C ALA K 202 67.23 67.53 39.60
N LEU K 203 65.92 67.76 39.68
CA LEU K 203 64.96 67.01 38.88
C LEU K 203 65.18 67.25 37.39
N LEU K 204 65.41 68.51 37.00
CA LEU K 204 65.65 68.83 35.61
C LEU K 204 66.92 68.17 35.10
N GLU K 205 67.99 68.20 35.91
CA GLU K 205 69.25 67.60 35.52
C GLU K 205 69.11 66.09 35.38
N GLY K 206 68.42 65.45 36.32
CA GLY K 206 68.22 64.01 36.22
C GLY K 206 67.39 63.62 35.01
N MET K 207 66.34 64.39 34.71
CA MET K 207 65.54 64.12 33.53
C MET K 207 66.33 64.32 32.25
N ALA K 208 67.18 65.36 32.19
CA ALA K 208 68.01 65.56 31.01
C ALA K 208 69.00 64.42 30.83
N ILE K 209 69.59 63.94 31.94
CA ILE K 209 70.49 62.81 31.89
C ILE K 209 69.78 61.56 31.39
N CYS K 210 68.57 61.30 31.90
CA CYS K 210 67.80 60.14 31.46
C CYS K 210 67.44 60.26 29.98
N GLY K 211 67.11 61.47 29.53
CA GLY K 211 66.80 61.66 28.12
C GLY K 211 68.01 61.43 27.23
N TYR K 212 69.19 61.83 27.69
CA TYR K 212 70.41 61.55 26.94
C TYR K 212 70.72 60.06 26.92
N ALA K 213 70.49 59.38 28.05
CA ALA K 213 70.74 57.94 28.12
C ALA K 213 69.83 57.19 27.17
N ILE K 214 68.56 57.59 27.13
CA ILE K 214 67.56 56.90 26.33
C ILE K 214 67.61 57.33 24.88
N GLY K 215 67.83 58.61 24.61
CA GLY K 215 67.66 59.16 23.29
C GLY K 215 66.44 60.03 23.12
N ALA K 216 65.73 60.32 24.20
CA ALA K 216 64.52 61.14 24.11
C ALA K 216 64.88 62.61 24.04
N ASN K 217 64.06 63.37 23.31
CA ASN K 217 64.24 64.81 23.16
C ASN K 217 63.17 65.63 23.85
N GLU K 218 62.06 65.02 24.26
CA GLU K 218 60.96 65.74 24.88
C GLU K 218 60.68 65.16 26.25
N GLY K 219 60.59 66.03 27.26
CA GLY K 219 60.32 65.62 28.62
C GLY K 219 58.98 66.15 29.08
N HIS K 220 58.42 65.51 30.11
CA HIS K 220 57.15 65.91 30.69
C HIS K 220 57.20 65.73 32.20
N ILE K 221 56.67 66.68 32.93
CA ILE K 221 56.51 66.58 34.38
C ILE K 221 55.02 66.64 34.67
N TYR K 222 54.46 65.52 35.11
CA TYR K 222 53.04 65.46 35.46
C TYR K 222 52.90 65.79 36.93
N CYS K 223 52.80 67.09 37.22
CA CYS K 223 52.67 67.57 38.58
C CYS K 223 51.23 67.99 38.85
N ARG K 224 50.82 67.84 40.10
CA ARG K 224 49.44 68.15 40.48
C ARG K 224 49.19 69.64 40.40
N ALA K 225 47.96 70.01 40.01
CA ALA K 225 47.58 71.42 39.93
C ALA K 225 47.36 72.05 41.29
N GLU K 226 47.35 71.26 42.36
CA GLU K 226 47.15 71.77 43.70
C GLU K 226 48.45 72.21 44.36
N TYR K 227 49.55 72.30 43.60
CA TYR K 227 50.86 72.67 44.15
C TYR K 227 51.29 73.94 43.44
N PRO K 228 50.80 75.10 43.88
CA PRO K 228 51.08 76.34 43.14
C PRO K 228 52.52 76.80 43.25
N LEU K 229 53.13 76.70 44.44
CA LEU K 229 54.53 77.08 44.57
C LEU K 229 55.42 76.20 43.72
N ALA K 230 55.09 74.90 43.64
CA ALA K 230 55.89 73.97 42.85
C ALA K 230 55.85 74.32 41.37
N ILE K 231 54.67 74.61 40.82
CA ILE K 231 54.59 74.91 39.40
C ILE K 231 55.23 76.27 39.11
N LYS K 232 55.07 77.23 40.02
CA LYS K 232 55.73 78.52 39.83
C LYS K 232 57.26 78.37 39.80
N ARG K 233 57.81 77.60 40.75
CA ARG K 233 59.25 77.43 40.79
C ARG K 233 59.74 76.58 39.63
N LEU K 234 58.93 75.63 39.15
CA LEU K 234 59.33 74.85 37.98
C LEU K 234 59.36 75.73 36.74
N GLU K 235 58.42 76.66 36.61
CA GLU K 235 58.44 77.61 35.50
C GLU K 235 59.67 78.50 35.57
N ILE K 236 60.00 78.98 36.77
CA ILE K 236 61.22 79.78 36.94
C ILE K 236 62.45 78.95 36.57
N ALA K 237 62.44 77.67 36.95
CA ALA K 237 63.59 76.80 36.69
C ALA K 237 63.77 76.54 35.20
N ILE K 238 62.69 76.26 34.47
CA ILE K 238 62.82 76.02 33.03
C ILE K 238 63.23 77.31 32.31
N ALA K 239 62.72 78.46 32.77
CA ALA K 239 63.16 79.72 32.18
C ALA K 239 64.65 79.95 32.40
N ASP K 240 65.13 79.72 33.63
CA ASP K 240 66.54 79.93 33.92
C ASP K 240 67.42 78.95 33.16
N ALA K 241 67.00 77.69 33.06
CA ALA K 241 67.82 76.68 32.40
C ALA K 241 67.84 76.90 30.88
N LYS K 242 66.71 77.35 30.31
CA LYS K 242 66.71 77.69 28.88
C LYS K 242 67.58 78.90 28.61
N GLN K 243 67.59 79.87 29.53
CA GLN K 243 68.42 81.05 29.33
C GLN K 243 69.90 80.75 29.49
N ARG K 244 70.27 79.62 30.08
CA ARG K 244 71.67 79.25 30.28
C ARG K 244 72.09 78.08 29.40
N ASN K 245 71.34 77.79 28.34
CA ASN K 245 71.63 76.73 27.38
C ASN K 245 71.69 75.35 28.04
N LEU K 246 71.05 75.21 29.20
CA LEU K 246 71.07 73.94 29.92
C LEU K 246 69.98 72.99 29.48
N LEU K 247 68.81 73.50 29.07
CA LEU K 247 67.79 72.70 28.43
C LEU K 247 67.37 73.37 27.13
N GLY K 248 66.98 72.56 26.16
CA GLY K 248 66.62 73.08 24.85
C GLY K 248 67.47 72.51 23.74
N LYS K 249 67.85 73.35 22.78
CA LYS K 249 68.63 72.92 21.64
C LYS K 249 70.11 73.08 21.91
N ASN K 250 70.89 72.03 21.60
CA ASN K 250 72.35 72.05 21.64
C ASN K 250 72.86 72.38 23.04
N ILE K 251 72.58 71.45 23.97
CA ILE K 251 72.96 71.63 25.37
C ILE K 251 74.48 71.59 25.50
N MET K 252 75.06 72.68 26.01
CA MET K 252 76.50 72.80 26.28
C MET K 252 77.36 72.45 25.06
N GLY K 253 76.93 72.91 23.90
CA GLY K 253 77.70 72.72 22.69
C GLY K 253 77.70 71.30 22.15
N THR K 254 76.88 70.42 22.69
CA THR K 254 76.76 69.05 22.23
C THR K 254 75.54 68.93 21.32
N ASN K 255 75.63 68.03 20.34
CA ASN K 255 74.57 67.84 19.36
C ASN K 255 73.26 67.34 19.96
N PHE K 256 73.27 66.83 21.19
CA PHE K 256 72.06 66.36 21.84
C PHE K 256 71.16 67.53 22.23
N SER K 257 69.86 67.37 22.01
CA SER K 257 68.87 68.37 22.34
C SER K 257 67.79 67.74 23.23
N PHE K 258 67.29 68.53 24.19
CA PHE K 258 66.28 68.04 25.11
C PHE K 258 65.46 69.22 25.63
N ASP K 259 64.15 69.15 25.44
CA ASP K 259 63.21 70.13 25.95
C ASP K 259 62.18 69.42 26.82
N MET K 260 61.49 70.20 27.66
CA MET K 260 60.48 69.64 28.55
C MET K 260 59.30 70.59 28.69
N LYS K 261 58.16 70.00 29.06
CA LYS K 261 56.94 70.75 29.33
C LYS K 261 56.33 70.23 30.62
N ILE K 262 55.46 71.03 31.23
CA ILE K 262 54.79 70.68 32.47
C ILE K 262 53.30 70.52 32.19
N LYS K 263 52.74 69.40 32.63
CA LYS K 263 51.31 69.13 32.53
C LYS K 263 50.73 69.13 33.94
N LYS K 264 49.68 69.91 34.15
CA LYS K 264 49.04 70.03 35.45
C LYS K 264 47.96 68.96 35.58
N GLY K 265 48.17 68.01 36.47
CA GLY K 265 47.21 66.95 36.66
C GLY K 265 45.99 67.41 37.46
N ALA K 266 44.93 66.61 37.37
CA ALA K 266 43.68 66.91 38.06
C ALA K 266 43.64 66.35 39.48
N GLY K 267 44.64 65.57 39.87
CA GLY K 267 44.70 65.05 41.23
C GLY K 267 43.99 63.73 41.43
N ALA K 268 44.23 62.79 40.53
CA ALA K 268 43.65 61.45 40.65
C ALA K 268 44.69 60.49 41.22
N PHE K 269 44.30 59.73 42.24
CA PHE K 269 45.21 58.77 42.85
C PHE K 269 45.50 57.60 41.91
N VAL K 270 44.52 57.22 41.09
CA VAL K 270 44.71 56.14 40.14
C VAL K 270 45.76 56.50 39.11
N CYS K 271 46.00 57.80 38.88
CA CYS K 271 47.02 58.23 37.95
C CYS K 271 48.43 58.00 38.45
N GLY K 272 48.60 57.57 39.71
CA GLY K 272 49.90 57.12 40.16
C GLY K 272 50.39 55.90 39.41
N GLU K 273 49.48 55.10 38.87
CA GLU K 273 49.84 53.99 38.00
C GLU K 273 50.27 54.53 36.64
N GLU K 274 51.11 53.76 35.95
CA GLU K 274 51.77 54.27 34.75
C GLU K 274 50.81 54.44 33.58
N THR K 275 50.00 53.43 33.30
CA THR K 275 49.10 53.50 32.15
C THR K 275 48.00 54.52 32.38
N ALA K 276 47.51 54.65 33.60
CA ALA K 276 46.51 55.67 33.90
C ALA K 276 47.11 57.07 33.78
N LEU K 277 48.38 57.22 34.17
CA LEU K 277 49.06 58.50 33.98
C LEU K 277 49.21 58.82 32.50
N ILE K 278 49.48 57.80 31.68
CA ILE K 278 49.57 58.01 30.24
C ILE K 278 48.22 58.43 29.67
N ALA K 279 47.14 57.78 30.13
CA ALA K 279 45.80 58.13 29.68
C ALA K 279 45.43 59.55 30.09
N SER K 280 45.81 59.96 31.30
CA SER K 280 45.56 61.33 31.73
C SER K 280 46.37 62.32 30.92
N LEU K 281 47.62 61.97 30.58
CA LEU K 281 48.46 62.88 29.82
C LEU K 281 47.94 63.08 28.40
N GLU K 282 47.24 62.09 27.86
CA GLU K 282 46.64 62.19 26.54
C GLU K 282 45.28 62.86 26.56
N GLY K 283 44.88 63.42 27.69
CA GLY K 283 43.62 64.14 27.79
C GLY K 283 42.39 63.26 27.76
N GLU K 284 42.47 62.06 28.34
CA GLU K 284 41.35 61.15 28.42
C GLU K 284 41.05 60.84 29.88
N ARG K 285 40.05 60.00 30.10
CA ARG K 285 39.72 59.57 31.45
C ARG K 285 40.77 58.59 31.95
N GLY K 286 41.41 58.93 33.07
CA GLY K 286 42.45 58.09 33.63
C GLY K 286 41.95 56.73 34.07
N MET K 287 42.30 55.69 33.32
CA MET K 287 41.87 54.34 33.61
C MET K 287 43.02 53.41 33.22
N PRO K 288 43.36 52.45 34.06
CA PRO K 288 44.46 51.53 33.72
C PRO K 288 44.11 50.67 32.52
N ARG K 289 45.13 50.33 31.74
CA ARG K 289 44.99 49.49 30.57
C ARG K 289 45.68 48.15 30.82
N LEU K 290 45.61 47.27 29.84
CA LEU K 290 46.16 45.94 29.96
C LEU K 290 47.62 45.91 29.51
N LYS K 291 48.49 45.42 30.37
CA LYS K 291 49.89 45.17 30.07
C LYS K 291 50.08 43.68 29.75
N PRO K 292 50.84 43.31 28.71
CA PRO K 292 51.59 44.16 27.76
C PRO K 292 50.66 44.78 26.71
N PRO K 293 51.08 45.80 25.94
CA PRO K 293 52.40 46.44 25.86
C PRO K 293 52.75 47.37 27.01
N PHE K 294 53.99 47.33 27.44
CA PHE K 294 54.46 48.19 28.52
C PHE K 294 54.73 49.60 28.01
N PRO K 295 54.71 50.60 28.91
CA PRO K 295 55.03 51.97 28.47
C PRO K 295 56.43 52.12 27.90
N ALA K 296 57.38 51.28 28.32
CA ALA K 296 58.72 51.34 27.76
C ALA K 296 58.76 50.92 26.30
N GLN K 297 57.77 50.18 25.83
CA GLN K 297 57.67 49.80 24.42
C GLN K 297 56.70 50.69 23.66
N SER K 298 55.51 50.92 24.21
CA SER K 298 54.51 51.80 23.61
C SER K 298 53.81 52.55 24.73
N GLY K 299 54.22 53.80 24.96
CA GLY K 299 53.67 54.60 26.03
C GLY K 299 52.94 55.83 25.56
N PHE K 300 53.55 56.99 25.75
CA PHE K 300 52.91 58.26 25.45
C PHE K 300 52.72 58.41 23.95
N TRP K 301 51.46 58.49 23.52
CA TRP K 301 51.07 58.66 22.12
C TRP K 301 51.59 57.52 21.24
N GLY K 302 51.72 56.32 21.82
CA GLY K 302 52.22 55.18 21.09
C GLY K 302 53.72 55.09 20.98
N LYS K 303 54.45 56.10 21.41
CA LYS K 303 55.90 56.15 21.40
C LYS K 303 56.45 55.52 22.67
N PRO K 304 57.68 55.00 22.64
CA PRO K 304 58.30 54.50 23.87
C PRO K 304 58.46 55.60 24.91
N THR K 305 58.19 55.25 26.17
CA THR K 305 58.16 56.23 27.25
C THR K 305 58.78 55.62 28.50
N ASN K 306 59.68 56.36 29.13
CA ASN K 306 60.27 55.96 30.40
C ASN K 306 59.66 56.82 31.50
N ILE K 307 59.09 56.18 32.52
CA ILE K 307 58.38 56.86 33.58
C ILE K 307 59.03 56.50 34.91
N ASN K 308 59.43 57.53 35.65
CA ASN K 308 60.01 57.36 36.98
C ASN K 308 59.54 58.51 37.86
N ASN K 309 59.51 58.27 39.16
CA ASN K 309 59.11 59.32 40.08
C ASN K 309 60.25 60.30 40.31
N VAL K 310 59.96 61.36 41.06
CA VAL K 310 60.85 62.50 41.16
C VAL K 310 62.12 62.14 41.93
N GLU K 311 62.01 61.21 42.89
CA GLU K 311 63.14 60.93 43.78
C GLU K 311 64.31 60.31 43.04
N THR K 312 64.05 59.42 42.08
CA THR K 312 65.13 58.84 41.31
C THR K 312 65.82 59.87 40.44
N PHE K 313 65.04 60.77 39.82
CA PHE K 313 65.62 61.82 39.02
C PHE K 313 66.41 62.80 39.88
N ALA K 314 66.05 62.93 41.15
CA ALA K 314 66.84 63.75 42.06
C ALA K 314 68.12 63.04 42.48
N ASN K 315 68.08 61.72 42.62
CA ASN K 315 69.25 60.96 43.02
C ASN K 315 70.25 60.77 41.89
N VAL K 316 69.79 60.89 40.64
CA VAL K 316 70.68 60.66 39.49
C VAL K 316 71.87 61.61 39.43
N PRO K 317 71.72 62.95 39.56
CA PRO K 317 72.90 63.82 39.40
C PRO K 317 73.97 63.61 40.46
N TRP K 318 73.59 63.39 41.72
CA TRP K 318 74.56 63.10 42.75
C TRP K 318 75.32 61.81 42.43
N ILE K 319 74.60 60.83 41.91
CA ILE K 319 75.22 59.55 41.55
C ILE K 319 76.22 59.74 40.43
N MET K 320 75.86 60.51 39.40
CA MET K 320 76.77 60.70 38.27
C MET K 320 77.97 61.54 38.66
N TYR K 321 77.79 62.50 39.56
CA TYR K 321 78.92 63.31 40.00
C TYR K 321 79.86 62.51 40.90
N ASN K 322 79.30 61.65 41.75
CA ASN K 322 80.10 60.93 42.74
C ASN K 322 80.46 59.51 42.33
N GLY K 323 79.80 58.94 41.34
CA GLY K 323 80.07 57.58 40.96
C GLY K 323 79.08 56.61 41.60
N GLY K 324 78.81 55.51 40.89
CA GLY K 324 77.83 54.55 41.38
C GLY K 324 78.32 53.74 42.56
N SER K 325 79.64 53.62 42.73
CA SER K 325 80.18 52.87 43.85
C SER K 325 79.91 53.58 45.17
N ALA K 326 79.95 54.91 45.18
CA ALA K 326 79.64 55.65 46.39
C ALA K 326 78.18 55.45 46.80
N TYR K 327 77.27 55.46 45.83
CA TYR K 327 75.86 55.18 46.13
C TYR K 327 75.66 53.75 46.59
N ALA K 328 76.41 52.81 46.01
CA ALA K 328 76.31 51.41 46.40
C ALA K 328 76.88 51.16 47.79
N ALA K 329 77.74 52.05 48.29
CA ALA K 329 78.27 51.92 49.64
C ALA K 329 77.20 52.07 50.71
N TYR K 330 76.15 52.82 50.43
CA TYR K 330 75.02 52.97 51.34
C TYR K 330 73.98 51.89 51.06
N GLY K 331 73.12 51.67 52.05
CA GLY K 331 72.07 50.69 51.90
C GLY K 331 72.54 49.27 52.17
N THR K 332 71.74 48.33 51.71
CA THR K 332 72.00 46.91 51.88
C THR K 332 72.48 46.29 50.57
N GLU K 333 72.69 44.97 50.61
CA GLU K 333 73.16 44.26 49.42
C GLU K 333 72.06 44.10 48.38
N LYS K 334 70.80 44.22 48.80
CA LYS K 334 69.66 44.13 47.89
C LYS K 334 68.98 45.46 47.65
N SER K 335 69.15 46.43 48.55
CA SER K 335 68.58 47.77 48.40
C SER K 335 69.68 48.77 48.75
N LYS K 336 70.13 49.54 47.76
CA LYS K 336 71.28 50.43 47.90
C LYS K 336 70.87 51.89 47.82
N GLY K 337 71.52 52.72 48.63
CA GLY K 337 71.35 54.15 48.55
C GLY K 337 70.62 54.83 49.70
N THR K 338 69.76 55.79 49.37
CA THR K 338 69.07 56.61 50.36
C THR K 338 67.60 56.77 49.96
N LYS K 339 66.72 56.83 50.96
CA LYS K 339 65.29 56.99 50.75
C LYS K 339 64.73 58.04 51.70
N VAL K 340 63.91 58.94 51.16
CA VAL K 340 63.27 59.98 51.95
C VAL K 340 61.94 59.48 52.48
N PHE K 341 61.62 59.82 53.73
CA PHE K 341 60.38 59.39 54.36
C PHE K 341 59.66 60.60 54.95
N ALA K 342 58.36 60.67 54.72
CA ALA K 342 57.51 61.69 55.33
C ALA K 342 57.07 61.17 56.68
N LEU K 343 57.73 61.61 57.74
CA LEU K 343 57.49 61.13 59.10
C LEU K 343 56.46 62.01 59.78
N ALA K 344 55.32 61.43 60.14
CA ALA K 344 54.26 62.21 60.76
C ALA K 344 53.48 61.31 61.71
N GLY K 345 52.36 61.82 62.22
CA GLY K 345 51.51 61.06 63.10
C GLY K 345 51.73 61.39 64.56
N LYS K 346 51.65 60.38 65.42
CA LYS K 346 51.89 60.55 66.86
C LYS K 346 53.38 60.45 67.14
N ILE K 347 54.11 61.47 66.69
CA ILE K 347 55.54 61.55 66.90
C ILE K 347 55.89 62.97 67.33
N LYS K 348 57.04 63.12 67.98
CA LYS K 348 57.45 64.44 68.45
C LYS K 348 58.03 65.27 67.31
N ASN K 349 59.07 64.78 66.66
CA ASN K 349 59.79 65.52 65.62
C ASN K 349 59.35 65.01 64.26
N GLY K 350 58.26 65.58 63.74
CA GLY K 350 57.79 65.24 62.42
C GLY K 350 58.47 66.06 61.34
N GLY K 351 58.13 65.73 60.09
CA GLY K 351 58.65 66.42 58.94
C GLY K 351 59.14 65.44 57.89
N LEU K 352 60.29 65.76 57.31
CA LEU K 352 60.88 64.96 56.24
C LEU K 352 62.24 64.44 56.70
N VAL K 353 62.43 63.13 56.61
CA VAL K 353 63.68 62.50 57.04
C VAL K 353 64.29 61.82 55.84
N GLU K 354 65.59 61.54 55.90
CA GLU K 354 66.33 60.91 54.83
C GLU K 354 67.23 59.84 55.43
N VAL K 355 66.98 58.57 55.11
CA VAL K 355 67.72 57.50 55.74
C VAL K 355 68.26 56.52 54.71
N PRO K 356 69.41 55.89 54.94
CA PRO K 356 69.85 54.79 54.08
C PRO K 356 69.10 53.51 54.44
N MET K 357 69.08 52.57 53.49
CA MET K 357 68.47 51.28 53.79
C MET K 357 69.31 50.49 54.77
N GLY K 358 68.65 49.61 55.52
CA GLY K 358 69.26 48.82 56.55
C GLY K 358 69.02 49.34 57.96
N MET K 359 68.67 50.62 58.10
CA MET K 359 68.41 51.17 59.42
C MET K 359 67.11 50.61 59.97
N SER K 360 67.11 50.30 61.27
CA SER K 360 65.90 49.78 61.89
C SER K 360 64.85 50.87 62.02
N LEU K 361 63.58 50.45 62.06
CA LEU K 361 62.50 51.40 62.19
C LEU K 361 62.48 52.02 63.57
N ARG K 362 63.03 51.33 64.58
CA ARG K 362 63.21 51.92 65.90
C ARG K 362 64.15 53.11 65.84
N GLU K 363 65.22 53.01 65.05
CA GLU K 363 66.16 54.12 64.91
C GLU K 363 65.48 55.34 64.30
N VAL K 364 64.68 55.13 63.26
CA VAL K 364 64.03 56.25 62.59
C VAL K 364 62.97 56.87 63.47
N ILE K 365 62.19 56.03 64.17
CA ILE K 365 61.09 56.55 64.98
C ILE K 365 61.63 57.25 66.23
N TYR K 366 62.65 56.69 66.86
CA TYR K 366 63.10 57.18 68.16
C TYR K 366 64.30 58.13 68.07
N ASP K 367 65.37 57.72 67.41
CA ASP K 367 66.60 58.52 67.42
C ASP K 367 66.41 59.84 66.69
N ILE K 368 65.74 59.81 65.53
CA ILE K 368 65.51 61.01 64.74
C ILE K 368 64.12 61.59 65.02
N GLY K 369 63.10 60.73 65.11
CA GLY K 369 61.77 61.23 65.36
C GLY K 369 61.53 61.75 66.76
N GLY K 370 62.44 61.47 67.69
CA GLY K 370 62.32 61.94 69.05
C GLY K 370 61.38 61.15 69.93
N GLY K 371 60.81 60.08 69.43
CA GLY K 371 59.88 59.30 70.22
C GLY K 371 58.44 59.72 70.02
N ILE K 372 57.57 59.04 70.75
CA ILE K 372 56.13 59.24 70.64
C ILE K 372 55.75 60.56 71.30
N LEU K 373 54.80 61.27 70.70
CA LEU K 373 54.32 62.51 71.27
C LEU K 373 53.62 62.26 72.61
N ASN K 374 53.78 63.20 73.53
CA ASN K 374 53.18 63.17 74.87
C ASN K 374 53.64 61.97 75.70
N ASP K 375 54.78 61.37 75.33
CA ASP K 375 55.41 60.28 76.06
C ASP K 375 54.48 59.08 76.22
N ARG K 376 53.60 58.85 75.26
CA ARG K 376 52.78 57.65 75.28
C ARG K 376 53.55 56.47 74.71
N GLU K 377 52.88 55.33 74.60
CA GLU K 377 53.52 54.11 74.12
C GLU K 377 53.33 53.96 72.62
N PHE K 378 54.39 53.51 71.94
CA PHE K 378 54.29 53.23 70.51
C PHE K 378 53.43 52.00 70.30
N LYS K 379 52.50 52.09 69.35
CA LYS K 379 51.58 51.00 69.07
C LYS K 379 51.76 50.42 67.68
N ALA K 380 51.76 51.26 66.64
CA ALA K 380 51.92 50.79 65.28
C ALA K 380 52.41 51.93 64.41
N VAL K 381 52.76 51.59 63.18
CA VAL K 381 53.27 52.58 62.22
C VAL K 381 52.80 52.20 60.82
N GLN K 382 52.13 53.12 60.15
CA GLN K 382 51.60 52.90 58.81
C GLN K 382 52.65 53.31 57.79
N MET K 383 52.95 52.40 56.86
CA MET K 383 53.93 52.61 55.81
C MET K 383 53.30 52.29 54.46
N GLY K 384 53.70 53.05 53.45
CA GLY K 384 53.18 52.86 52.10
C GLY K 384 51.88 53.57 51.80
N GLY K 385 51.44 54.48 52.66
CA GLY K 385 50.21 55.20 52.44
C GLY K 385 49.00 54.32 52.68
N PRO K 386 47.82 54.78 52.27
CA PRO K 386 46.59 54.00 52.50
C PRO K 386 46.55 52.69 51.75
N SER K 387 47.48 52.43 50.83
CA SER K 387 47.65 51.11 50.27
C SER K 387 48.68 50.28 51.02
N GLY K 388 49.30 50.85 52.06
CA GLY K 388 50.34 50.17 52.80
C GLY K 388 49.81 49.35 53.96
N GLY K 389 50.68 49.16 54.96
CA GLY K 389 50.36 48.31 56.09
C GLY K 389 50.78 48.95 57.40
N CYS K 390 50.27 48.37 58.50
CA CYS K 390 50.49 48.87 59.84
C CYS K 390 51.42 47.91 60.59
N ILE K 391 52.69 48.28 60.67
CA ILE K 391 53.71 47.48 61.35
C ILE K 391 53.51 47.63 62.85
N PRO K 392 53.40 46.54 63.60
CA PRO K 392 53.11 46.63 65.04
C PRO K 392 54.38 46.90 65.84
N LYS K 393 54.22 46.87 67.17
CA LYS K 393 55.35 47.13 68.07
C LYS K 393 56.33 45.98 68.10
N GLN K 394 55.85 44.75 67.86
CA GLN K 394 56.74 43.59 67.94
C GLN K 394 57.71 43.52 66.78
N LEU K 395 57.43 44.23 65.67
CA LEU K 395 58.34 44.30 64.54
C LEU K 395 59.02 45.67 64.46
N LEU K 396 59.33 46.25 65.61
CA LEU K 396 59.90 47.58 65.70
C LEU K 396 61.36 47.63 65.23
N ASP K 397 62.02 46.48 65.15
CA ASP K 397 63.43 46.42 64.77
C ASP K 397 63.64 45.98 63.32
N THR K 398 62.59 45.99 62.51
CA THR K 398 62.74 45.60 61.11
C THR K 398 63.50 46.68 60.35
N PRO K 399 64.57 46.33 59.63
CA PRO K 399 65.31 47.33 58.86
C PRO K 399 64.46 47.87 57.70
N VAL K 400 64.71 49.13 57.35
CA VAL K 400 63.95 49.75 56.27
C VAL K 400 64.61 49.40 54.94
N ASP K 401 63.91 48.58 54.16
CA ASP K 401 64.28 48.18 52.80
C ASP K 401 63.10 47.42 52.24
N TYR K 402 63.05 47.32 50.91
CA TYR K 402 61.85 46.88 50.20
C TYR K 402 61.44 45.47 50.63
N ASP K 403 62.39 44.54 50.66
CA ASP K 403 62.04 43.15 50.94
C ASP K 403 61.64 42.94 52.40
N SER K 404 62.32 43.63 53.33
CA SER K 404 62.00 43.46 54.74
C SER K 404 60.59 43.92 55.07
N ILE K 405 60.20 45.09 54.57
CA ILE K 405 58.85 45.58 54.83
C ILE K 405 57.83 44.88 53.96
N ASN K 406 58.24 44.29 52.84
CA ASN K 406 57.33 43.45 52.08
C ASN K 406 57.03 42.15 52.82
N LYS K 407 58.01 41.65 53.57
CA LYS K 407 57.80 40.43 54.35
C LYS K 407 56.83 40.63 55.51
N THR K 408 56.64 41.86 55.97
CA THR K 408 55.74 42.16 57.06
C THR K 408 54.32 42.46 56.59
N GLY K 409 54.07 42.37 55.28
CA GLY K 409 52.76 42.63 54.72
C GLY K 409 52.53 44.06 54.27
N ALA K 410 53.46 44.97 54.54
CA ALA K 410 53.36 46.34 54.08
C ALA K 410 54.16 46.53 52.81
N ILE K 411 54.17 47.76 52.31
CA ILE K 411 54.92 48.13 51.12
C ILE K 411 55.63 49.45 51.37
N MET K 412 56.55 49.77 50.47
CA MET K 412 57.28 51.04 50.59
C MET K 412 56.38 52.23 50.27
N GLY K 413 55.62 52.15 49.18
CA GLY K 413 54.88 53.30 48.73
C GLY K 413 55.82 54.41 48.31
N SER K 414 55.38 55.65 48.51
CA SER K 414 56.25 56.80 48.29
C SER K 414 57.09 57.15 49.51
N GLY K 415 56.78 56.58 50.67
CA GLY K 415 57.57 56.82 51.85
C GLY K 415 56.82 57.55 52.95
N GLY K 416 55.51 57.35 53.05
CA GLY K 416 54.73 57.97 54.09
C GLY K 416 54.69 57.13 55.35
N MET K 417 55.31 57.59 56.43
CA MET K 417 55.41 56.82 57.66
C MET K 417 54.67 57.56 58.76
N ILE K 418 53.60 56.95 59.27
CA ILE K 418 52.73 57.57 60.26
C ILE K 418 52.84 56.77 61.55
N VAL K 419 53.23 57.43 62.63
CA VAL K 419 53.43 56.79 63.92
C VAL K 419 52.16 56.91 64.75
N MET K 420 51.77 55.82 65.41
CA MET K 420 50.54 55.72 66.15
C MET K 420 50.81 55.38 67.60
N ASP K 421 49.97 55.89 68.48
CA ASP K 421 50.03 55.58 69.90
C ASP K 421 48.90 54.62 70.26
N GLU K 422 48.83 54.26 71.54
CA GLU K 422 47.83 53.32 72.01
C GLU K 422 46.43 53.91 72.05
N THR K 423 46.28 55.21 71.83
CA THR K 423 44.99 55.87 71.94
C THR K 423 44.19 55.86 70.63
N THR K 424 44.71 55.23 69.58
CA THR K 424 44.03 55.17 68.29
C THR K 424 43.76 53.73 67.93
N CYS K 425 42.51 53.43 67.55
CA CYS K 425 42.10 52.07 67.26
C CYS K 425 42.48 51.68 65.83
N MET K 426 42.90 50.43 65.67
CA MET K 426 43.30 49.96 64.34
C MET K 426 42.13 49.66 63.44
N VAL K 427 40.97 49.30 64.01
CA VAL K 427 39.79 49.03 63.19
C VAL K 427 39.32 50.30 62.49
N ASP K 428 39.27 51.41 63.23
CA ASP K 428 38.89 52.67 62.62
C ASP K 428 39.90 53.13 61.58
N MET K 429 41.19 52.84 61.80
CA MET K 429 42.19 53.25 60.82
C MET K 429 42.10 52.41 59.55
N ALA K 430 41.83 51.11 59.68
CA ALA K 430 41.58 50.29 58.50
C ALA K 430 40.35 50.79 57.76
N ARG K 431 39.30 51.16 58.50
CA ARG K 431 38.11 51.74 57.87
C ARG K 431 38.46 53.03 57.13
N PHE K 432 39.32 53.86 57.72
CA PHE K 432 39.70 55.11 57.09
C PHE K 432 40.47 54.88 55.79
N PHE K 433 41.46 53.99 55.82
CA PHE K 433 42.23 53.71 54.61
C PHE K 433 41.36 53.09 53.54
N LEU K 434 40.43 52.22 53.94
CA LEU K 434 39.52 51.62 52.99
C LEU K 434 38.58 52.65 52.39
N ASP K 435 38.13 53.62 53.21
CA ASP K 435 37.27 54.68 52.70
C ASP K 435 38.02 55.52 51.67
N PHE K 436 39.30 55.81 51.94
CA PHE K 436 40.09 56.54 50.97
C PHE K 436 40.23 55.76 49.67
N THR K 437 40.47 54.45 49.77
CA THR K 437 40.60 53.63 48.58
C THR K 437 39.29 53.58 47.80
N VAL K 438 38.17 53.48 48.52
CA VAL K 438 36.85 53.47 47.87
C VAL K 438 36.59 54.77 47.14
N LYS K 439 36.96 55.90 47.76
CA LYS K 439 36.72 57.19 47.12
C LYS K 439 37.57 57.38 45.87
N GLU K 440 38.73 56.73 45.79
CA GLU K 440 39.68 56.95 44.70
C GLU K 440 39.68 55.84 43.67
N SER K 441 38.71 54.93 43.70
CA SER K 441 38.66 53.85 42.73
C SER K 441 38.03 54.34 41.43
N CYS K 442 38.62 53.94 40.30
CA CYS K 442 38.09 54.36 39.01
C CYS K 442 36.92 53.51 38.55
N GLY K 443 36.67 52.38 39.20
CA GLY K 443 35.49 51.60 38.89
C GLY K 443 35.46 50.93 37.52
N LYS K 444 36.55 50.26 37.14
CA LYS K 444 36.58 49.52 35.89
C LYS K 444 36.31 48.03 36.10
N CYS K 445 37.10 47.38 36.94
CA CYS K 445 36.93 45.96 37.18
C CYS K 445 35.95 45.74 38.33
N ILE K 446 35.41 44.53 38.38
CA ILE K 446 34.37 44.22 39.37
C ILE K 446 34.94 44.26 40.78
N TYR K 447 36.16 43.75 40.95
CA TYR K 447 36.70 43.53 42.28
C TYR K 447 36.89 44.83 43.04
N CYS K 448 37.70 45.74 42.51
CA CYS K 448 37.95 47.00 43.20
C CYS K 448 36.69 47.85 43.32
N ARG K 449 35.76 47.72 42.38
CA ARG K 449 34.59 48.57 42.41
C ARG K 449 33.57 48.11 43.44
N ILE K 450 33.37 46.80 43.57
CA ILE K 450 32.32 46.28 44.43
C ILE K 450 32.87 45.80 45.78
N GLY K 451 33.97 45.07 45.70
CA GLY K 451 34.63 44.58 46.91
C GLY K 451 35.01 45.72 47.83
N THR K 452 35.75 46.71 47.35
CA THR K 452 36.22 47.74 48.30
C THR K 452 35.03 48.37 49.02
N LYS K 453 33.83 48.35 48.44
CA LYS K 453 32.64 48.86 49.17
C LYS K 453 32.25 47.80 50.19
N ARG K 454 31.72 46.68 49.72
CA ARG K 454 31.40 45.58 50.67
C ARG K 454 32.30 45.68 51.91
N MET K 455 33.61 45.61 51.76
CA MET K 455 34.52 45.67 52.90
C MET K 455 34.30 46.91 53.75
N LEU K 456 34.08 48.06 53.10
CA LEU K 456 33.84 49.28 53.86
C LEU K 456 32.55 49.18 54.66
N GLU K 457 31.54 48.53 54.11
CA GLU K 457 30.33 48.34 54.94
C GLU K 457 30.76 47.53 56.15
N ILE K 458 31.27 46.32 55.94
CA ILE K 458 31.61 45.46 57.11
C ILE K 458 32.34 46.33 58.12
N LEU K 459 33.41 47.02 57.72
CA LEU K 459 34.17 47.75 58.72
C LEU K 459 33.33 48.84 59.38
N GLU K 460 32.41 49.45 58.63
CA GLU K 460 31.50 50.42 59.24
C GLU K 460 30.61 49.75 60.28
N ARG K 461 30.12 48.54 59.97
CA ARG K 461 29.30 47.80 60.92
C ARG K 461 30.10 47.45 62.16
N ILE K 462 31.36 47.05 61.98
CA ILE K 462 32.20 46.73 63.14
C ILE K 462 32.45 47.96 63.99
N THR K 463 32.75 49.10 63.36
CA THR K 463 33.07 50.30 64.12
C THR K 463 31.85 50.99 64.71
N THR K 464 30.63 50.66 64.28
CA THR K 464 29.44 51.26 64.85
C THR K 464 28.78 50.37 65.89
N GLY K 465 29.39 49.22 66.20
CA GLY K 465 28.82 48.30 67.15
C GLY K 465 27.82 47.32 66.59
N GLU K 466 27.71 47.23 65.26
CA GLU K 466 26.83 46.26 64.63
C GLU K 466 27.61 45.11 63.98
N GLY K 467 28.87 44.93 64.37
CA GLY K 467 29.64 43.83 63.84
C GLY K 467 29.09 42.49 64.29
N ARG K 468 28.96 41.57 63.34
CA ARG K 468 28.39 40.26 63.58
C ARG K 468 29.49 39.20 63.57
N GLU K 469 29.14 38.02 64.09
CA GLU K 469 30.08 36.91 64.12
C GLU K 469 30.35 36.43 62.69
N GLY K 470 31.63 36.23 62.37
CA GLY K 470 32.03 35.84 61.04
C GLY K 470 32.46 36.98 60.15
N ASP K 471 32.52 38.21 60.66
CA ASP K 471 32.91 39.33 59.82
C ASP K 471 34.40 39.27 59.48
N ILE K 472 35.22 38.75 60.40
CA ILE K 472 36.66 38.66 60.15
C ILE K 472 36.95 37.69 59.02
N GLU K 473 36.26 36.55 58.99
CA GLU K 473 36.44 35.58 57.92
C GLU K 473 36.02 36.15 56.57
N GLU K 474 34.90 36.89 56.56
CA GLU K 474 34.45 37.55 55.34
C GLU K 474 35.48 38.56 54.86
N LEU K 475 36.06 39.33 55.79
CA LEU K 475 37.10 40.29 55.44
C LEU K 475 38.31 39.59 54.83
N GLU K 476 38.72 38.47 55.40
CA GLU K 476 39.93 37.82 54.90
C GLU K 476 39.69 37.19 53.52
N GLU K 477 38.50 36.64 53.27
CA GLU K 477 38.26 36.07 51.95
C GLU K 477 38.07 37.16 50.90
N LEU K 478 37.42 38.27 51.27
CA LEU K 478 37.35 39.41 50.36
C LEU K 478 38.75 39.94 50.06
N SER K 479 39.63 39.93 51.06
CA SER K 479 41.00 40.40 50.85
C SER K 479 41.74 39.53 49.86
N ILE K 480 41.65 38.21 50.03
CA ILE K 480 42.33 37.30 49.11
C ILE K 480 41.80 37.46 47.69
N SER K 481 40.47 37.52 47.55
CA SER K 481 39.88 37.60 46.21
C SER K 481 40.18 38.92 45.53
N ILE K 482 40.08 40.04 46.26
CA ILE K 482 40.35 41.34 45.69
C ILE K 482 41.81 41.47 45.31
N LYS K 483 42.72 40.96 46.15
CA LYS K 483 44.13 40.98 45.80
C LYS K 483 44.41 40.13 44.57
N ASP K 484 43.70 39.02 44.41
CA ASP K 484 43.95 38.15 43.27
C ASP K 484 43.23 38.60 42.00
N GLY K 485 42.27 39.51 42.09
CA GLY K 485 41.46 39.80 40.93
C GLY K 485 41.55 41.19 40.32
N SER K 486 42.19 42.12 41.02
CA SER K 486 42.20 43.50 40.54
C SER K 486 43.10 43.66 39.33
N LEU K 487 42.82 44.70 38.55
CA LEU K 487 43.63 44.98 37.36
C LEU K 487 44.96 45.62 37.74
N CYS K 488 44.91 46.81 38.34
CA CYS K 488 46.11 47.58 38.62
C CYS K 488 46.54 47.38 40.06
N GLY K 489 47.59 48.10 40.45
CA GLY K 489 48.10 47.97 41.80
C GLY K 489 47.27 48.68 42.85
N LEU K 490 46.33 49.53 42.44
CA LEU K 490 45.48 50.20 43.41
C LEU K 490 44.55 49.22 44.09
N GLY K 491 43.94 48.31 43.32
CA GLY K 491 43.06 47.32 43.92
C GLY K 491 43.80 46.13 44.47
N GLN K 492 44.98 45.82 43.92
CA GLN K 492 45.78 44.71 44.43
C GLN K 492 46.30 44.99 45.82
N THR K 493 46.75 46.21 46.07
CA THR K 493 47.24 46.59 47.39
C THR K 493 46.16 47.23 48.25
N ALA K 494 44.92 47.28 47.77
CA ALA K 494 43.83 47.84 48.57
C ALA K 494 43.57 47.11 49.88
N PRO K 495 43.50 45.78 49.96
CA PRO K 495 43.23 45.13 51.25
C PRO K 495 44.45 45.01 52.16
N ASN K 496 45.55 45.68 51.84
CA ASN K 496 46.73 45.63 52.71
C ASN K 496 46.49 46.16 54.11
N PRO K 497 45.87 47.34 54.34
CA PRO K 497 45.59 47.72 55.72
C PRO K 497 44.62 46.80 56.42
N VAL K 498 43.64 46.25 55.69
CA VAL K 498 42.64 45.39 56.33
C VAL K 498 43.27 44.09 56.79
N LEU K 499 44.07 43.46 55.91
CA LEU K 499 44.69 42.18 56.26
C LEU K 499 45.70 42.34 57.37
N THR K 500 46.62 43.31 57.23
CA THR K 500 47.71 43.46 58.19
C THR K 500 47.18 43.80 59.58
N THR K 501 46.23 44.73 59.67
CA THR K 501 45.64 45.05 60.97
C THR K 501 44.88 43.88 61.55
N ILE K 502 44.47 42.92 60.72
CA ILE K 502 43.99 41.64 61.24
C ILE K 502 45.16 40.92 61.92
N ARG K 503 46.22 40.67 61.13
CA ARG K 503 47.26 39.72 61.50
C ARG K 503 47.98 40.13 62.78
N TYR K 504 47.92 41.41 63.14
CA TYR K 504 48.58 41.90 64.34
C TYR K 504 47.62 42.47 65.39
N PHE K 505 46.34 42.64 65.06
CA PHE K 505 45.46 43.30 66.03
C PHE K 505 44.08 42.64 66.05
N ARG K 506 44.03 41.34 65.75
CA ARG K 506 42.77 40.61 65.66
C ARG K 506 41.95 40.73 66.94
N ASP K 507 42.62 40.77 68.10
CA ASP K 507 41.93 40.87 69.37
C ASP K 507 41.06 42.11 69.43
N GLU K 508 41.54 43.24 68.88
CA GLU K 508 40.73 44.46 68.86
C GLU K 508 39.44 44.23 68.10
N TYR K 509 39.52 43.54 66.95
CA TYR K 509 38.32 43.19 66.20
C TYR K 509 37.38 42.36 67.07
N GLU K 510 37.94 41.39 67.81
CA GLU K 510 37.13 40.63 68.75
C GLU K 510 36.53 41.55 69.81
N ALA K 511 37.34 42.48 70.33
CA ALA K 511 36.83 43.44 71.30
C ALA K 511 35.75 44.32 70.69
N HIS K 512 35.80 44.51 69.36
CA HIS K 512 34.78 45.32 68.73
C HIS K 512 33.55 44.49 68.37
N ILE K 513 33.66 43.17 68.37
CA ILE K 513 32.55 42.34 67.93
C ILE K 513 31.81 41.71 69.12
N ARG K 514 32.53 40.97 69.96
CA ARG K 514 31.89 40.24 71.04
C ARG K 514 31.69 41.09 72.30
N ASP K 515 32.34 42.24 72.39
CA ASP K 515 32.26 43.06 73.59
C ASP K 515 31.62 44.41 73.38
N LYS K 516 31.61 44.92 72.14
CA LYS K 516 31.14 46.27 71.81
C LYS K 516 31.90 47.34 72.60
N LYS K 517 33.19 47.09 72.84
CA LYS K 517 34.06 48.04 73.51
C LYS K 517 35.30 48.29 72.66
N CYS K 518 35.64 49.57 72.48
CA CYS K 518 36.84 49.94 71.76
C CYS K 518 37.96 50.16 72.76
N PRO K 519 39.03 49.35 72.74
CA PRO K 519 40.12 49.53 73.72
C PRO K 519 40.80 50.89 73.64
N ALA K 520 40.91 51.47 72.46
CA ALA K 520 41.61 52.74 72.29
C ALA K 520 40.72 53.94 72.58
N LYS K 521 39.45 53.72 72.89
CA LYS K 521 38.49 54.77 73.28
C LYS K 521 38.33 55.80 72.17
N SER K 522 38.18 55.34 70.94
CA SER K 522 38.04 56.23 69.79
C SER K 522 36.67 56.15 69.12
N CYS K 523 36.03 54.99 69.10
CA CYS K 523 34.76 54.82 68.41
C CYS K 523 33.62 55.31 69.32
N LYS K 524 33.04 56.45 68.97
CA LYS K 524 32.03 57.10 69.81
C LYS K 524 30.77 56.24 69.98
N PRO K 525 30.30 55.51 68.95
CA PRO K 525 29.27 54.49 69.22
C PRO K 525 29.66 53.49 70.29
N LEU K 526 30.92 53.07 70.33
CA LEU K 526 31.37 52.05 71.27
C LEU K 526 31.77 52.62 72.62
N LEU K 527 31.71 53.94 72.79
CA LEU K 527 32.04 54.53 74.07
C LEU K 527 30.86 54.40 75.04
N THR K 528 31.17 54.26 76.32
CA THR K 528 30.19 54.24 77.39
C THR K 528 30.66 55.17 78.49
N TYR K 529 29.83 56.16 78.83
CA TYR K 529 30.18 57.16 79.83
C TYR K 529 29.53 56.78 81.15
N THR K 530 30.35 56.58 82.18
CA THR K 530 29.86 56.29 83.51
C THR K 530 30.43 57.29 84.49
N ILE K 531 29.79 57.41 85.65
CA ILE K 531 30.21 58.33 86.69
C ILE K 531 30.62 57.52 87.91
N ASN K 532 31.86 57.71 88.36
CA ASN K 532 32.34 57.04 89.55
C ASN K 532 31.64 57.61 90.77
N GLN K 533 30.91 56.75 91.49
CA GLN K 533 30.16 57.20 92.66
C GLN K 533 31.07 57.53 93.85
N ASP K 534 32.35 57.13 93.78
CA ASP K 534 33.27 57.35 94.88
C ASP K 534 34.00 58.68 94.77
N ASN K 535 34.39 59.07 93.55
CA ASN K 535 35.32 60.19 93.37
C ASN K 535 34.68 61.40 92.68
N CYS K 536 33.36 61.58 92.77
CA CYS K 536 32.81 62.91 92.48
C CYS K 536 31.69 63.19 93.47
N LYS K 537 31.45 64.48 93.73
CA LYS K 537 30.57 64.90 94.82
C LYS K 537 29.47 65.82 94.28
N GLY K 538 28.40 65.21 93.76
CA GLY K 538 27.10 65.81 93.55
C GLY K 538 26.96 67.28 93.21
N CYS K 539 27.55 67.72 92.10
CA CYS K 539 27.51 69.12 91.73
C CYS K 539 26.61 69.43 90.54
N THR K 540 26.16 68.42 89.79
CA THR K 540 25.30 68.56 88.62
C THR K 540 25.95 69.47 87.56
N LEU K 541 27.27 69.57 87.57
CA LEU K 541 27.95 70.47 86.65
C LEU K 541 28.02 69.86 85.25
N CYS K 542 28.08 68.53 85.17
CA CYS K 542 28.07 67.86 83.86
C CYS K 542 26.67 67.89 83.26
N ALA K 543 25.64 67.66 84.08
CA ALA K 543 24.28 67.56 83.56
C ALA K 543 23.78 68.90 83.04
N GLN K 544 24.20 70.00 83.68
CA GLN K 544 23.82 71.33 83.20
C GLN K 544 24.42 71.60 81.83
N LYS K 545 25.61 71.05 81.57
CA LYS K 545 26.28 71.21 80.29
C LYS K 545 25.82 70.19 79.26
N CYS K 546 24.77 69.43 79.55
CA CYS K 546 24.21 68.44 78.63
C CYS K 546 22.82 68.88 78.19
N PRO K 547 22.67 69.41 76.97
CA PRO K 547 21.32 69.76 76.47
C PRO K 547 20.47 68.53 76.17
N VAL K 548 21.11 67.36 76.16
CA VAL K 548 20.40 66.08 76.07
C VAL K 548 19.84 65.65 77.43
N GLN K 549 20.40 66.17 78.53
CA GLN K 549 20.11 65.78 79.92
C GLN K 549 19.96 64.27 80.08
N ALA K 550 21.01 63.55 79.69
CA ALA K 550 21.10 62.11 79.91
C ALA K 550 21.67 61.76 81.28
N ILE K 551 21.94 62.75 82.12
CA ILE K 551 22.47 62.55 83.47
C ILE K 551 21.37 62.91 84.47
N THR K 552 21.06 61.99 85.36
CA THR K 552 20.07 62.20 86.41
C THR K 552 20.70 61.98 87.78
N GLY K 553 20.20 62.70 88.75
CA GLY K 553 20.69 62.60 90.11
C GLY K 553 20.43 63.88 90.88
N GLU K 554 20.39 63.74 92.21
CA GLU K 554 20.13 64.86 93.10
C GLU K 554 21.42 65.60 93.42
N LYS K 555 21.26 66.83 93.93
CA LYS K 555 22.41 67.60 94.38
C LYS K 555 23.03 66.96 95.60
N LYS K 556 24.37 67.03 95.68
CA LYS K 556 25.16 66.41 96.74
C LYS K 556 24.96 64.90 96.80
N LYS K 557 24.65 64.28 95.67
CA LYS K 557 24.51 62.83 95.56
C LYS K 557 25.13 62.40 94.25
N PRO K 558 25.65 61.16 94.17
CA PRO K 558 26.24 60.69 92.92
C PRO K 558 25.21 60.61 91.80
N HIS K 559 25.66 60.91 90.58
CA HIS K 559 24.80 60.98 89.42
C HIS K 559 24.95 59.74 88.54
N VAL K 560 23.89 59.42 87.82
CA VAL K 560 23.83 58.25 86.95
C VAL K 560 23.59 58.71 85.52
N ILE K 561 24.38 58.18 84.59
CA ILE K 561 24.27 58.53 83.18
C ILE K 561 23.34 57.54 82.50
N ASP K 562 22.30 58.06 81.85
CA ASP K 562 21.37 57.22 81.11
C ASP K 562 22.00 56.84 79.77
N GLN K 563 22.31 55.56 79.60
CA GLN K 563 22.99 55.12 78.38
C GLN K 563 22.05 55.11 77.18
N ALA K 564 20.75 54.90 77.40
CA ALA K 564 19.81 54.90 76.29
C ALA K 564 19.58 56.30 75.74
N LEU K 565 19.81 57.33 76.56
CA LEU K 565 19.62 58.71 76.12
C LEU K 565 20.92 59.39 75.72
N CYS K 566 22.07 58.89 76.15
CA CYS K 566 23.33 59.59 75.93
C CYS K 566 23.73 59.55 74.45
N THR K 567 24.03 60.72 73.91
CA THR K 567 24.51 60.84 72.53
C THR K 567 26.03 60.83 72.45
N LYS K 568 26.72 60.69 73.58
CA LYS K 568 28.16 60.53 73.67
C LYS K 568 28.90 61.69 72.98
N CYS K 569 28.64 62.90 73.48
CA CYS K 569 29.28 64.09 72.92
C CYS K 569 30.59 64.43 73.61
N GLY K 570 30.78 64.02 74.86
CA GLY K 570 32.02 64.25 75.58
C GLY K 570 32.05 65.48 76.45
N ASN K 571 31.01 66.32 76.43
CA ASN K 571 31.02 67.54 77.22
C ASN K 571 30.83 67.26 78.71
N CYS K 572 30.33 66.07 79.07
CA CYS K 572 30.13 65.74 80.47
C CYS K 572 31.37 65.18 81.14
N ALA K 573 32.48 65.07 80.42
CA ALA K 573 33.75 64.68 80.98
C ALA K 573 34.80 65.78 80.94
N SER K 574 34.67 66.73 80.02
CA SER K 574 35.66 67.80 79.90
C SER K 574 35.53 68.82 81.03
N VAL K 575 34.33 68.97 81.58
CA VAL K 575 34.09 69.97 82.62
C VAL K 575 34.24 69.34 84.00
N CYS K 576 34.61 68.07 84.05
CA CYS K 576 34.71 67.34 85.31
C CYS K 576 36.00 67.74 86.02
N ARG K 577 35.88 68.38 87.17
CA ARG K 577 37.03 68.83 87.95
C ARG K 577 37.56 67.75 88.90
N LEU K 578 36.83 66.65 89.08
CA LEU K 578 37.28 65.55 89.90
C LEU K 578 37.69 64.32 89.10
N ASP K 579 37.51 64.36 87.77
CA ASP K 579 37.98 63.31 86.85
C ASP K 579 37.39 61.94 87.19
N ALA K 580 36.11 61.91 87.56
CA ALA K 580 35.44 60.67 87.89
C ALA K 580 34.58 60.13 86.73
N VAL K 581 34.56 60.82 85.60
CA VAL K 581 33.79 60.36 84.44
C VAL K 581 34.64 59.33 83.70
N CYS K 582 34.27 58.06 83.82
CA CYS K 582 35.00 56.97 83.19
C CYS K 582 34.46 56.69 81.80
N ILE K 583 35.37 56.48 80.86
CA ILE K 583 35.04 56.17 79.47
C ILE K 583 35.41 54.71 79.26
N GLU K 584 34.40 53.83 79.15
CA GLU K 584 34.63 52.42 78.93
C GLU K 584 33.84 51.92 77.71
N MET L 1 55.12 21.89 7.69
CA MET L 1 54.02 22.68 8.23
C MET L 1 54.40 23.31 9.56
N SER L 2 54.18 24.61 9.66
CA SER L 2 54.48 25.39 10.86
C SER L 2 53.31 25.50 11.80
N LYS L 3 52.49 24.44 11.87
CA LYS L 3 51.24 24.38 12.62
C LYS L 3 51.31 25.01 14.00
N ILE L 4 50.48 26.01 14.24
CA ILE L 4 50.35 26.55 15.58
C ILE L 4 49.44 25.61 16.35
N SER L 5 50.03 24.71 17.13
CA SER L 5 49.28 23.71 17.87
C SER L 5 49.45 23.96 19.35
N ILE L 6 48.34 24.11 20.06
CA ILE L 6 48.35 24.37 21.48
C ILE L 6 47.72 23.19 22.19
N ASN L 7 47.93 23.13 23.50
CA ASN L 7 47.36 22.08 24.34
C ASN L 7 46.55 22.75 25.44
N ILE L 8 45.23 22.64 25.36
CA ILE L 8 44.35 23.28 26.32
C ILE L 8 43.49 22.23 26.98
N ASN L 9 43.45 22.25 28.32
CA ASN L 9 42.59 21.38 29.12
C ASN L 9 42.87 19.91 28.89
N GLY L 10 44.10 19.59 28.50
CA GLY L 10 44.50 18.24 28.20
C GLY L 10 44.42 17.85 26.75
N ARG L 11 43.66 18.57 25.94
CA ARG L 11 43.47 18.23 24.54
C ARG L 11 44.47 18.99 23.67
N GLU L 12 44.70 18.46 22.47
CA GLU L 12 45.58 19.07 21.49
C GLU L 12 44.75 19.72 20.40
N LEU L 13 45.02 20.98 20.13
CA LEU L 13 44.24 21.77 19.18
C LEU L 13 45.18 22.39 18.16
N VAL L 14 44.67 22.56 16.95
CA VAL L 14 45.39 23.24 15.88
C VAL L 14 44.66 24.56 15.63
N VAL L 15 45.41 25.67 15.70
CA VAL L 15 44.82 26.99 15.68
C VAL L 15 45.63 27.89 14.74
N SER L 16 45.17 29.13 14.61
CA SER L 16 45.80 30.12 13.74
C SER L 16 46.39 31.23 14.59
N ALA L 17 47.60 31.67 14.24
CA ALA L 17 48.30 32.65 15.05
C ALA L 17 47.59 34.00 14.95
N GLY L 18 47.80 34.83 15.97
CA GLY L 18 47.18 36.14 16.02
C GLY L 18 45.80 36.17 16.62
N GLN L 19 45.20 35.02 16.93
CA GLN L 19 43.89 34.96 17.53
C GLN L 19 43.99 35.16 19.04
N THR L 20 42.88 34.93 19.72
CA THR L 20 42.82 34.88 21.17
C THR L 20 42.45 33.47 21.59
N ILE L 21 42.85 33.11 22.81
CA ILE L 21 42.56 31.77 23.32
C ILE L 21 41.06 31.56 23.45
N LEU L 22 40.31 32.62 23.75
CA LEU L 22 38.87 32.53 23.81
C LEU L 22 38.28 32.18 22.45
N GLN L 23 38.78 32.81 21.39
CA GLN L 23 38.31 32.49 20.03
C GLN L 23 38.65 31.07 19.65
N ALA L 24 39.85 30.60 20.00
CA ALA L 24 40.25 29.24 19.67
C ALA L 24 39.40 28.20 20.39
N ALA L 25 39.14 28.44 21.68
CA ALA L 25 38.28 27.52 22.43
C ALA L 25 36.85 27.54 21.91
N ALA L 26 36.34 28.69 21.50
CA ALA L 26 35.02 28.70 20.87
C ALA L 26 35.03 27.95 19.55
N GLU L 27 36.14 28.05 18.80
CA GLU L 27 36.27 27.33 17.53
C GLU L 27 36.23 25.83 17.75
N HIS L 28 36.89 25.34 18.81
CA HIS L 28 36.96 23.91 19.08
C HIS L 28 35.99 23.45 20.15
N GLY L 29 34.97 24.26 20.46
CA GLY L 29 33.94 23.85 21.39
C GLY L 29 34.34 23.68 22.85
N ILE L 30 35.10 24.62 23.39
CA ILE L 30 35.41 24.67 24.82
C ILE L 30 34.85 25.97 25.39
N GLU L 31 34.09 25.86 26.46
CA GLU L 31 33.33 26.98 27.00
C GLU L 31 34.15 27.71 28.05
N ILE L 32 34.44 28.99 27.80
CA ILE L 32 35.09 29.87 28.75
C ILE L 32 34.19 31.07 28.97
N PRO L 33 33.85 31.41 30.21
CA PRO L 33 32.95 32.56 30.43
C PRO L 33 33.56 33.88 30.00
N HIS L 34 32.70 34.76 29.50
CA HIS L 34 33.11 36.09 29.10
C HIS L 34 31.90 37.00 29.09
N LEU L 35 32.11 38.26 29.46
CA LEU L 35 31.05 39.25 29.43
C LEU L 35 31.41 40.50 28.65
N CYS L 36 32.67 40.95 28.72
CA CYS L 36 33.09 42.18 28.08
C CYS L 36 33.92 41.94 26.83
N HIS L 37 33.70 40.81 26.16
CA HIS L 37 34.50 40.43 25.00
C HIS L 37 33.67 40.51 23.74
N ASP L 38 34.24 41.14 22.71
CA ASP L 38 33.67 41.15 21.37
C ASP L 38 34.82 41.12 20.38
N GLU L 39 34.75 40.19 19.42
CA GLU L 39 35.89 39.97 18.52
C GLU L 39 36.08 41.10 17.52
N ARG L 40 35.07 41.94 17.31
CA ARG L 40 35.15 42.99 16.30
C ARG L 40 35.67 44.31 16.86
N ILE L 41 36.03 44.38 18.14
CA ILE L 41 36.57 45.58 18.75
C ILE L 41 37.70 45.18 19.70
N GLN L 42 38.39 46.20 20.22
CA GLN L 42 39.55 45.97 21.06
C GLN L 42 39.14 45.37 22.42
N PRO L 43 40.00 44.55 23.01
CA PRO L 43 39.71 44.03 24.35
C PRO L 43 39.68 45.13 25.40
N TYR L 44 38.85 44.92 26.42
CA TYR L 44 38.63 45.88 27.47
C TYR L 44 39.18 45.44 28.82
N GLY L 45 38.98 44.18 29.18
CA GLY L 45 39.50 43.68 30.44
C GLY L 45 38.78 44.23 31.65
N ALA L 46 37.48 43.95 31.77
CA ALA L 46 36.69 44.45 32.87
C ALA L 46 36.16 43.33 33.76
N CYS L 47 35.43 42.37 33.20
CA CYS L 47 34.74 41.38 34.01
C CYS L 47 35.73 40.47 34.74
N GLY L 48 36.67 39.90 34.02
CA GLY L 48 37.61 38.96 34.60
C GLY L 48 37.15 37.53 34.63
N LEU L 49 36.07 37.21 33.94
CA LEU L 49 35.58 35.84 33.90
C LEU L 49 36.30 34.97 32.90
N CYS L 50 37.20 35.54 32.10
CA CYS L 50 37.87 34.79 31.04
C CYS L 50 39.30 34.46 31.40
N VAL L 51 39.63 34.42 32.68
CA VAL L 51 40.99 34.14 33.13
C VAL L 51 41.26 32.65 32.98
N VAL L 52 42.45 32.32 32.47
CA VAL L 52 42.88 30.94 32.32
C VAL L 52 44.27 30.82 32.92
N GLU L 53 44.68 29.58 33.18
CA GLU L 53 45.97 29.27 33.74
C GLU L 53 46.91 28.79 32.66
N VAL L 54 47.96 29.56 32.37
CA VAL L 54 48.94 29.22 31.35
C VAL L 54 50.24 28.88 32.04
N GLU L 55 50.82 27.73 31.68
CA GLU L 55 52.07 27.31 32.27
C GLU L 55 53.19 28.28 31.91
N GLY L 56 54.01 28.61 32.90
CA GLY L 56 55.10 29.54 32.75
C GLY L 56 54.80 30.94 33.23
N SER L 57 53.53 31.30 33.38
CA SER L 57 53.14 32.61 33.89
C SER L 57 52.61 32.46 35.31
N PRO L 58 53.23 33.11 36.29
CA PRO L 58 52.79 32.95 37.67
C PRO L 58 51.41 33.52 37.96
N LYS L 59 50.93 34.45 37.15
CA LYS L 59 49.64 35.11 37.37
C LYS L 59 48.65 34.70 36.29
N LEU L 60 47.37 34.87 36.60
CA LEU L 60 46.31 34.49 35.67
C LEU L 60 46.32 35.40 34.46
N VAL L 61 46.14 34.80 33.28
CA VAL L 61 46.13 35.54 32.02
C VAL L 61 44.72 35.51 31.45
N ARG L 62 44.29 36.65 30.92
CA ARG L 62 42.95 36.78 30.37
C ARG L 62 42.95 36.25 28.95
N SER L 63 42.10 35.26 28.69
CA SER L 63 42.05 34.63 27.38
C SER L 63 41.42 35.51 26.32
N CYS L 64 40.82 36.64 26.69
CA CYS L 64 40.26 37.56 25.73
C CYS L 64 41.28 38.55 25.19
N ALA L 65 42.43 38.67 25.82
CA ALA L 65 43.40 39.68 25.43
C ALA L 65 44.80 39.12 25.34
N THR L 66 44.94 37.86 24.99
CA THR L 66 46.25 37.24 24.79
C THR L 66 46.24 36.46 23.49
N SER L 67 47.41 36.34 22.89
CA SER L 67 47.56 35.77 21.56
C SER L 67 48.09 34.35 21.66
N VAL L 68 47.54 33.46 20.83
CA VAL L 68 47.96 32.07 20.84
C VAL L 68 49.35 31.96 20.20
N GLN L 69 50.21 31.18 20.82
CA GLN L 69 51.53 30.87 20.29
C GLN L 69 51.66 29.37 20.11
N ASN L 70 52.86 28.92 19.80
CA ASN L 70 53.10 27.50 19.60
C ASN L 70 53.54 26.84 20.89
N GLY L 71 52.93 25.71 21.20
CA GLY L 71 53.35 24.91 22.34
C GLY L 71 53.14 25.54 23.69
N GLN L 72 51.96 26.11 23.93
CA GLN L 72 51.61 26.60 25.25
C GLN L 72 50.52 25.74 25.86
N VAL L 73 50.55 25.62 27.18
CA VAL L 73 49.66 24.75 27.93
C VAL L 73 48.69 25.60 28.72
N ILE L 74 47.40 25.36 28.54
CA ILE L 74 46.34 26.19 29.08
C ILE L 74 45.40 25.31 29.90
N ARG L 75 45.03 25.78 31.08
CA ARG L 75 44.02 25.12 31.91
C ARG L 75 42.92 26.14 32.23
N THR L 76 41.67 25.76 31.99
CA THR L 76 40.56 26.68 32.14
C THR L 76 39.64 26.35 33.30
N ASP L 77 39.85 25.24 34.01
CA ASP L 77 38.95 24.86 35.08
C ASP L 77 39.72 24.49 36.35
N THR L 78 40.85 25.15 36.60
CA THR L 78 41.54 24.93 37.85
C THR L 78 40.79 25.58 39.00
N SER L 79 41.21 25.27 40.22
CA SER L 79 40.50 25.76 41.40
C SER L 79 40.62 27.27 41.53
N ARG L 80 41.79 27.83 41.19
CA ARG L 80 41.99 29.26 41.31
C ARG L 80 41.07 30.04 40.38
N THR L 81 40.94 29.59 39.13
CA THR L 81 40.04 30.27 38.21
C THR L 81 38.59 30.09 38.63
N VAL L 82 38.24 28.92 39.16
CA VAL L 82 36.86 28.68 39.57
C VAL L 82 36.48 29.60 40.72
N VAL L 83 37.36 29.75 41.71
CA VAL L 83 37.03 30.63 42.82
C VAL L 83 37.06 32.09 42.40
N ALA L 84 37.92 32.45 41.45
CA ALA L 84 37.91 33.83 40.95
C ALA L 84 36.61 34.15 40.25
N ARG L 85 36.12 33.25 39.40
CA ARG L 85 34.86 33.47 38.71
C ARG L 85 33.69 33.45 39.68
N LYS L 86 33.74 32.59 40.70
CA LYS L 86 32.68 32.57 41.70
C LYS L 86 32.62 33.87 42.47
N THR L 87 33.78 34.41 42.84
CA THR L 87 33.80 35.69 43.55
C THR L 87 33.28 36.82 42.67
N ALA L 88 33.70 36.85 41.41
CA ALA L 88 33.23 37.91 40.52
C ALA L 88 31.73 37.83 40.30
N LEU L 89 31.18 36.63 40.16
CA LEU L 89 29.75 36.50 39.96
C LEU L 89 28.97 36.77 41.24
N GLN L 90 29.58 36.53 42.41
CA GLN L 90 28.92 36.88 43.65
C GLN L 90 28.89 38.39 43.85
N LEU L 91 29.95 39.07 43.43
CA LEU L 91 29.97 40.53 43.54
C LEU L 91 29.03 41.16 42.53
N LEU L 92 28.91 40.58 41.33
CA LEU L 92 27.98 41.10 40.35
C LEU L 92 26.53 40.94 40.81
N ALA L 93 26.21 39.80 41.41
CA ALA L 93 24.85 39.54 41.88
C ALA L 93 24.48 40.35 43.11
N SER L 94 25.43 41.06 43.70
CA SER L 94 25.18 41.87 44.89
C SER L 94 24.61 43.24 44.56
N ASP L 95 24.42 43.56 43.28
CA ASP L 95 23.86 44.84 42.88
C ASP L 95 22.78 44.72 41.82
N HIS L 96 22.45 43.52 41.38
CA HIS L 96 21.57 43.31 40.25
C HIS L 96 20.15 43.11 40.75
N ARG L 97 19.23 43.98 40.34
CA ARG L 97 17.83 43.91 40.73
C ARG L 97 16.98 43.57 39.51
N GLY L 98 16.11 42.58 39.66
CA GLY L 98 15.19 42.24 38.59
C GLY L 98 14.47 40.96 38.90
N ASP L 99 13.48 40.65 38.07
CA ASP L 99 12.75 39.39 38.13
C ASP L 99 13.13 38.57 36.91
N CYS L 100 13.88 37.50 37.12
CA CYS L 100 14.20 36.63 35.98
C CYS L 100 12.96 35.95 35.47
N ARG L 101 12.06 35.54 36.36
CA ARG L 101 10.80 34.92 36.00
C ARG L 101 9.68 35.56 36.82
N PRO L 102 8.48 35.65 36.26
CA PRO L 102 7.40 36.38 36.92
C PRO L 102 6.92 35.63 38.16
N PRO L 103 6.25 36.32 39.09
CA PRO L 103 5.74 35.61 40.27
C PRO L 103 4.71 34.55 39.96
N CYS L 104 3.91 34.76 38.92
CA CYS L 104 2.86 33.81 38.57
C CYS L 104 3.45 32.46 38.18
N MET L 105 4.54 32.46 37.42
CA MET L 105 5.16 31.20 37.05
C MET L 105 5.83 30.53 38.24
N LEU L 106 6.44 31.33 39.11
CA LEU L 106 7.14 30.76 40.26
C LEU L 106 6.18 30.19 41.29
N ALA L 107 4.96 30.71 41.39
CA ALA L 107 3.98 30.15 42.31
C ALA L 107 3.37 28.85 41.80
N CYS L 108 3.39 28.61 40.50
CA CYS L 108 2.84 27.37 39.96
C CYS L 108 3.73 26.20 40.32
N PRO L 109 3.18 25.09 40.83
CA PRO L 109 4.03 23.93 41.14
C PRO L 109 4.77 23.34 39.96
N ALA L 110 4.18 23.37 38.76
CA ALA L 110 4.82 22.80 37.59
C ALA L 110 5.73 23.78 36.87
N GLN L 111 5.79 25.04 37.32
CA GLN L 111 6.56 26.10 36.68
C GLN L 111 6.14 26.32 35.23
N THR L 112 4.84 26.30 34.99
CA THR L 112 4.33 26.59 33.65
C THR L 112 4.47 28.07 33.34
N ASP L 113 4.98 28.38 32.16
CA ASP L 113 5.26 29.76 31.81
C ASP L 113 3.97 30.54 31.55
N CYS L 114 3.36 31.07 32.61
CA CYS L 114 2.08 31.75 32.48
C CYS L 114 2.17 33.03 31.68
N GLN L 115 3.23 33.82 31.90
CA GLN L 115 3.37 35.08 31.18
C GLN L 115 3.54 34.85 29.68
N GLY L 116 4.30 33.83 29.31
CA GLY L 116 4.55 33.56 27.90
C GLY L 116 3.28 33.23 27.14
N TYR L 117 2.47 32.33 27.67
CA TYR L 117 1.28 31.97 26.90
C TYR L 117 0.13 32.95 27.09
N VAL L 118 0.10 33.69 28.20
CA VAL L 118 -0.86 34.80 28.28
C VAL L 118 -0.55 35.86 27.24
N GLY L 119 0.72 36.21 27.09
CA GLY L 119 1.10 37.15 26.05
C GLY L 119 0.89 36.61 24.66
N LEU L 120 1.10 35.31 24.46
CA LEU L 120 0.85 34.73 23.15
C LEU L 120 -0.64 34.72 22.82
N ILE L 121 -1.51 34.58 23.82
CA ILE L 121 -2.93 34.75 23.59
C ILE L 121 -3.24 36.20 23.23
N ALA L 122 -2.60 37.15 23.90
CA ALA L 122 -2.83 38.56 23.59
C ALA L 122 -2.37 38.95 22.19
N ASN L 123 -1.50 38.16 21.57
CA ASN L 123 -1.08 38.35 20.20
C ASN L 123 -1.87 37.50 19.22
N GLY L 124 -2.87 36.76 19.69
CA GLY L 124 -3.71 35.98 18.79
C GLY L 124 -3.12 34.67 18.32
N GLN L 125 -2.06 34.19 18.96
CA GLN L 125 -1.43 32.92 18.60
C GLN L 125 -1.88 31.88 19.63
N TYR L 126 -2.91 31.12 19.29
CA TYR L 126 -3.43 30.13 20.22
C TYR L 126 -2.67 28.81 20.12
N GLU L 127 -2.25 28.43 18.92
CA GLU L 127 -1.49 27.21 18.75
C GLU L 127 -0.14 27.29 19.46
N GLU L 128 0.51 28.46 19.39
CA GLU L 128 1.76 28.64 20.11
C GLU L 128 1.54 28.66 21.62
N ALA L 129 0.41 29.18 22.08
CA ALA L 129 0.10 29.13 23.49
C ALA L 129 -0.05 27.70 23.96
N LEU L 130 -0.72 26.85 23.17
CA LEU L 130 -0.79 25.45 23.56
C LEU L 130 0.55 24.75 23.47
N LYS L 131 1.39 25.12 22.50
CA LYS L 131 2.73 24.54 22.44
C LYS L 131 3.53 24.90 23.67
N LEU L 132 3.32 26.10 24.21
CA LEU L 132 3.97 26.47 25.47
C LEU L 132 3.42 25.67 26.64
N ILE L 133 2.09 25.49 26.70
CA ILE L 133 1.48 24.81 27.84
C ILE L 133 1.86 23.34 27.85
N LYS L 134 1.84 22.68 26.68
CA LYS L 134 2.05 21.25 26.60
C LYS L 134 3.49 20.84 26.83
N ASP L 135 4.39 21.77 27.15
CA ASP L 135 5.73 21.39 27.56
C ASP L 135 5.78 20.93 29.01
N LYS L 136 4.68 21.09 29.76
CA LYS L 136 4.66 20.75 31.17
C LYS L 136 3.55 19.79 31.56
N MET L 137 2.52 19.59 30.75
CA MET L 137 1.46 18.66 31.07
C MET L 137 0.82 18.18 29.78
N PRO L 138 0.23 16.98 29.77
CA PRO L 138 -0.45 16.51 28.58
C PRO L 138 -1.94 16.75 28.54
N ILE L 139 -2.54 17.23 29.63
CA ILE L 139 -3.98 17.41 29.75
C ILE L 139 -4.31 18.83 30.19
N PRO L 140 -4.10 19.83 29.33
CA PRO L 140 -4.25 21.22 29.79
C PRO L 140 -5.68 21.65 30.06
N ALA L 141 -6.66 21.14 29.32
CA ALA L 141 -8.03 21.60 29.49
C ALA L 141 -8.60 21.20 30.85
N SER L 142 -8.44 19.93 31.24
CA SER L 142 -8.94 19.47 32.52
C SER L 142 -8.29 20.21 33.67
N ILE L 143 -6.96 20.35 33.62
CA ILE L 143 -6.24 21.00 34.70
C ILE L 143 -6.67 22.45 34.82
N GLY L 144 -6.80 23.15 33.70
CA GLY L 144 -7.31 24.50 33.74
C GLY L 144 -8.72 24.57 34.29
N LYS L 145 -9.50 23.50 34.09
CA LYS L 145 -10.87 23.52 34.58
C LYS L 145 -10.95 23.32 36.09
N ILE L 146 -10.02 22.56 36.68
CA ILE L 146 -10.15 22.16 38.08
C ILE L 146 -9.09 22.74 39.00
N CYS L 147 -8.03 23.36 38.49
CA CYS L 147 -6.92 23.75 39.34
C CYS L 147 -7.36 24.85 40.31
N PRO L 148 -6.85 24.85 41.55
CA PRO L 148 -7.19 25.92 42.49
C PRO L 148 -6.37 27.17 42.27
N HIS L 149 -5.60 27.19 41.18
CA HIS L 149 -4.75 28.26 40.67
C HIS L 149 -3.97 28.99 41.76
N PRO L 150 -2.93 28.39 42.33
CA PRO L 150 -2.01 29.14 43.19
C PRO L 150 -1.26 30.21 42.45
N CYS L 151 -1.11 30.08 41.13
CA CYS L 151 -0.44 31.10 40.34
C CYS L 151 -1.21 32.40 40.34
N GLU L 152 -2.55 32.30 40.35
CA GLU L 152 -3.39 33.49 40.32
C GLU L 152 -3.34 34.28 41.61
N THR L 153 -2.92 33.66 42.71
CA THR L 153 -2.83 34.39 43.97
C THR L 153 -1.65 35.34 43.98
N ALA L 154 -0.56 34.95 43.33
CA ALA L 154 0.69 35.71 43.36
C ALA L 154 0.79 36.73 42.23
N CYS L 155 -0.25 36.89 41.43
CA CYS L 155 -0.20 37.81 40.30
C CYS L 155 -0.14 39.25 40.80
N ARG L 156 0.78 40.03 40.24
CA ARG L 156 0.96 41.41 40.66
C ARG L 156 -0.18 42.32 40.21
N ARG L 157 -1.02 41.87 39.29
CA ARG L 157 -2.22 42.61 38.95
C ARG L 157 -3.17 42.72 40.13
N GLU L 158 -3.02 41.87 41.14
CA GLU L 158 -3.78 42.02 42.38
C GLU L 158 -3.49 43.37 43.02
N LEU L 159 -2.30 43.93 42.80
CA LEU L 159 -2.00 45.21 43.40
C LEU L 159 -2.80 46.35 42.76
N VAL L 160 -3.52 46.09 41.68
CA VAL L 160 -4.35 47.07 41.01
C VAL L 160 -5.83 46.72 41.11
N GLU L 161 -6.18 45.49 40.75
CA GLU L 161 -7.55 45.01 40.67
C GLU L 161 -7.51 43.49 40.77
N GLU L 162 -8.56 42.83 40.33
CA GLU L 162 -8.55 41.38 40.30
C GLU L 162 -7.46 40.89 39.33
N PRO L 163 -6.83 39.77 39.64
CA PRO L 163 -5.71 39.29 38.82
C PRO L 163 -6.18 38.63 37.54
N ILE L 164 -5.21 38.19 36.73
CA ILE L 164 -5.50 37.62 35.43
C ILE L 164 -6.05 36.21 35.59
N SER L 165 -7.14 35.92 34.88
CA SER L 165 -7.74 34.58 34.90
C SER L 165 -6.89 33.65 34.07
N ILE L 166 -5.81 33.16 34.67
CA ILE L 166 -4.84 32.36 33.94
C ILE L 166 -5.41 30.99 33.58
N ALA L 167 -6.11 30.36 34.51
CA ALA L 167 -6.60 29.00 34.29
C ALA L 167 -7.68 28.97 33.20
N GLN L 168 -8.54 29.99 33.18
CA GLN L 168 -9.57 30.05 32.15
C GLN L 168 -8.96 30.22 30.77
N LEU L 169 -7.90 31.02 30.65
CA LEU L 169 -7.22 31.15 29.37
C LEU L 169 -6.58 29.85 28.94
N LYS L 170 -5.97 29.13 29.88
CA LYS L 170 -5.39 27.83 29.55
C LYS L 170 -6.45 26.86 29.05
N SER L 171 -7.60 26.82 29.73
CA SER L 171 -8.67 25.92 29.31
C SER L 171 -9.24 26.33 27.96
N PHE L 172 -9.37 27.63 27.71
CA PHE L 172 -9.87 28.12 26.44
C PHE L 172 -8.97 27.68 25.29
N VAL L 173 -7.66 27.88 25.44
CA VAL L 173 -6.72 27.51 24.38
C VAL L 173 -6.68 26.00 24.17
N ALA L 174 -6.71 25.22 25.26
CA ALA L 174 -6.70 23.78 25.11
C ALA L 174 -7.95 23.28 24.39
N GLU L 175 -9.11 23.85 24.71
CA GLU L 175 -10.34 23.45 24.03
C GLU L 175 -10.34 23.91 22.57
N VAL L 176 -9.78 25.09 22.29
CA VAL L 176 -9.77 25.55 20.90
C VAL L 176 -8.88 24.65 20.05
N ASP L 177 -7.78 24.13 20.63
CA ASP L 177 -6.93 23.25 19.84
C ASP L 177 -7.54 21.86 19.74
N LEU L 178 -8.26 21.41 20.76
CA LEU L 178 -8.90 20.10 20.68
C LEU L 178 -10.01 20.09 19.64
N ASN L 179 -10.75 21.19 19.53
CA ASN L 179 -11.77 21.28 18.49
C ASN L 179 -11.20 21.50 17.10
N GLY L 180 -9.95 21.91 16.99
CA GLY L 180 -9.34 22.17 15.70
C GLY L 180 -8.31 21.12 15.32
N ASN L 181 -7.07 21.55 15.06
CA ASN L 181 -5.99 20.64 14.70
C ASN L 181 -5.29 20.19 15.98
N GLN L 182 -5.41 18.91 16.30
CA GLN L 182 -4.80 18.39 17.51
C GLN L 182 -3.28 18.35 17.37
N TYR L 183 -2.58 18.88 18.36
CA TYR L 183 -1.14 19.01 18.32
C TYR L 183 -0.49 17.75 18.87
N GLN L 184 0.54 17.26 18.17
CA GLN L 184 1.34 16.14 18.67
C GLN L 184 2.80 16.57 18.74
N PRO L 185 3.37 16.69 19.94
CA PRO L 185 4.74 17.17 20.03
C PRO L 185 5.71 16.17 19.44
N PRO L 186 6.87 16.62 18.96
CA PRO L 186 7.81 15.71 18.33
C PRO L 186 8.45 14.77 19.34
N MET L 187 8.83 13.59 18.86
CA MET L 187 9.44 12.56 19.67
C MET L 187 10.84 12.27 19.18
N LYS L 188 11.72 11.91 20.09
CA LYS L 188 13.04 11.46 19.71
C LYS L 188 12.95 10.07 19.07
N PRO L 189 13.95 9.68 18.29
CA PRO L 189 13.96 8.31 17.75
C PRO L 189 14.03 7.27 18.86
N ALA L 190 13.43 6.11 18.59
CA ALA L 190 13.26 5.08 19.60
C ALA L 190 14.59 4.56 20.11
N THR L 191 14.70 4.44 21.44
CA THR L 191 15.92 3.97 22.08
C THR L 191 15.86 2.51 22.48
N GLY L 192 14.69 1.88 22.40
CA GLY L 192 14.58 0.47 22.71
C GLY L 192 14.37 0.14 24.16
N LYS L 193 14.22 1.14 25.02
CA LYS L 193 14.02 0.91 26.45
C LYS L 193 12.54 0.78 26.76
N LYS L 194 12.24 0.00 27.78
CA LYS L 194 10.86 -0.30 28.17
C LYS L 194 10.59 0.19 29.59
N VAL L 195 9.55 1.00 29.73
CA VAL L 195 9.15 1.55 31.00
C VAL L 195 7.70 1.17 31.24
N ALA L 196 7.41 0.64 32.43
CA ALA L 196 6.06 0.30 32.83
C ALA L 196 5.59 1.29 33.88
N VAL L 197 4.41 1.86 33.67
CA VAL L 197 3.86 2.87 34.57
C VAL L 197 2.62 2.29 35.19
N VAL L 198 2.58 2.24 36.51
CA VAL L 198 1.45 1.67 37.25
C VAL L 198 0.50 2.79 37.61
N GLY L 199 -0.72 2.72 37.07
CA GLY L 199 -1.71 3.73 37.35
C GLY L 199 -1.78 4.78 36.26
N ALA L 200 -2.99 5.15 35.85
CA ALA L 200 -3.22 6.13 34.81
C ALA L 200 -3.78 7.43 35.36
N GLY L 201 -3.30 7.86 36.53
CA GLY L 201 -3.69 9.14 37.07
C GLY L 201 -2.86 10.24 36.46
N PRO L 202 -3.00 11.47 36.96
CA PRO L 202 -2.17 12.57 36.44
C PRO L 202 -0.68 12.31 36.53
N ALA L 203 -0.20 11.72 37.62
CA ALA L 203 1.23 11.44 37.74
C ALA L 203 1.65 10.37 36.75
N GLY L 204 0.90 9.28 36.66
CA GLY L 204 1.24 8.22 35.72
C GLY L 204 1.12 8.67 34.28
N LEU L 205 0.06 9.41 33.95
CA LEU L 205 -0.11 9.90 32.59
C LEU L 205 1.00 10.87 32.22
N THR L 206 1.38 11.76 33.13
CA THR L 206 2.43 12.72 32.83
C THR L 206 3.78 12.03 32.66
N ALA L 207 4.08 11.05 33.51
CA ALA L 207 5.33 10.32 33.37
C ALA L 207 5.38 9.55 32.06
N ALA L 208 4.27 8.91 31.67
CA ALA L 208 4.22 8.20 30.40
C ALA L 208 4.37 9.15 29.23
N TYR L 209 3.73 10.32 29.31
CA TYR L 209 3.83 11.31 28.25
C TYR L 209 5.27 11.78 28.06
N PHE L 210 5.92 12.19 29.15
CA PHE L 210 7.26 12.72 29.04
C PHE L 210 8.32 11.65 28.89
N LEU L 211 7.99 10.38 29.07
CA LEU L 211 8.92 9.31 28.73
C LEU L 211 8.77 8.86 27.30
N ALA L 212 7.54 8.83 26.78
CA ALA L 212 7.35 8.51 25.38
C ALA L 212 7.84 9.63 24.49
N ARG L 213 7.85 10.87 24.99
CA ARG L 213 8.42 11.96 24.22
C ARG L 213 9.93 11.91 24.14
N ASP L 214 10.58 11.01 24.88
CA ASP L 214 12.03 10.83 24.80
C ASP L 214 12.43 9.58 24.05
N GLY L 215 11.49 8.93 23.36
CA GLY L 215 11.80 7.78 22.54
C GLY L 215 11.58 6.43 23.18
N HIS L 216 11.31 6.37 24.48
CA HIS L 216 11.11 5.08 25.11
C HIS L 216 9.70 4.56 24.82
N LYS L 217 9.51 3.27 25.06
CA LYS L 217 8.22 2.62 24.90
C LYS L 217 7.58 2.43 26.26
N VAL L 218 6.41 3.01 26.47
CA VAL L 218 5.77 3.07 27.77
C VAL L 218 4.47 2.27 27.73
N VAL L 219 4.21 1.53 28.81
CA VAL L 219 2.98 0.76 28.99
C VAL L 219 2.36 1.17 30.32
N ILE L 220 1.07 1.44 30.32
CA ILE L 220 0.35 1.85 31.53
C ILE L 220 -0.58 0.74 31.95
N TYR L 221 -0.49 0.34 33.21
CA TYR L 221 -1.39 -0.66 33.79
C TYR L 221 -2.37 0.05 34.71
N GLU L 222 -3.66 -0.05 34.40
CA GLU L 222 -4.71 0.64 35.13
C GLU L 222 -5.69 -0.37 35.72
N ALA L 223 -6.07 -0.16 36.98
CA ALA L 223 -6.93 -1.08 37.69
C ALA L 223 -8.41 -0.80 37.47
N MET L 224 -8.75 0.21 36.70
CA MET L 224 -10.13 0.63 36.48
C MET L 224 -10.45 0.60 34.99
N PRO L 225 -11.72 0.45 34.62
CA PRO L 225 -12.05 0.35 33.19
C PRO L 225 -11.76 1.58 32.37
N HIS L 226 -11.60 2.74 32.99
CA HIS L 226 -11.37 3.98 32.26
C HIS L 226 -10.22 4.74 32.88
N PRO L 227 -9.47 5.50 32.08
CA PRO L 227 -8.32 6.23 32.61
C PRO L 227 -8.69 7.60 33.13
N GLY L 228 -7.85 8.10 34.04
CA GLY L 228 -8.06 9.41 34.61
C GLY L 228 -7.76 9.47 36.08
N GLY L 229 -7.96 8.37 36.79
CA GLY L 229 -7.70 8.37 38.21
C GLY L 229 -8.76 9.14 38.95
N MET L 230 -8.35 9.87 39.98
CA MET L 230 -9.31 10.66 40.76
C MET L 230 -9.87 11.84 40.00
N LEU L 231 -9.31 12.18 38.83
CA LEU L 231 -9.94 13.16 37.96
C LEU L 231 -11.19 12.60 37.33
N ARG L 232 -11.33 11.28 37.28
CA ARG L 232 -12.50 10.64 36.70
C ARG L 232 -13.45 10.10 37.76
N TYR L 233 -12.93 9.42 38.77
CA TYR L 233 -13.74 8.80 39.80
C TYR L 233 -13.80 9.61 41.09
N GLY L 234 -13.24 10.81 41.11
CA GLY L 234 -13.35 11.64 42.29
C GLY L 234 -13.91 13.03 41.99
N ILE L 235 -13.70 13.51 40.78
CA ILE L 235 -14.23 14.81 40.36
C ILE L 235 -15.58 14.58 39.72
N PRO L 236 -16.63 15.29 40.17
CA PRO L 236 -17.96 15.05 39.60
C PRO L 236 -18.06 15.54 38.16
N GLN L 237 -19.10 15.06 37.48
CA GLN L 237 -19.27 15.38 36.07
C GLN L 237 -19.54 16.86 35.85
N TYR L 238 -20.28 17.49 36.76
CA TYR L 238 -20.64 18.89 36.55
C TYR L 238 -19.47 19.84 36.70
N ARG L 239 -18.33 19.38 37.19
CA ARG L 239 -17.12 20.18 37.27
C ARG L 239 -16.12 19.85 36.19
N LEU L 240 -15.94 18.58 35.87
CA LEU L 240 -15.02 18.15 34.82
C LEU L 240 -15.75 17.17 33.91
N ASP L 241 -15.91 17.55 32.65
CA ASP L 241 -16.58 16.67 31.69
C ASP L 241 -15.68 15.49 31.35
N LYS L 242 -16.24 14.28 31.45
CA LYS L 242 -15.42 13.09 31.25
C LYS L 242 -15.08 12.87 29.78
N ALA L 243 -15.90 13.39 28.87
CA ALA L 243 -15.62 13.27 27.45
C ALA L 243 -14.35 14.03 27.08
N LEU L 244 -14.13 15.17 27.71
CA LEU L 244 -12.92 15.95 27.49
C LEU L 244 -11.68 15.16 27.90
N LEU L 245 -11.74 14.53 29.07
CA LEU L 245 -10.62 13.71 29.54
C LEU L 245 -10.41 12.50 28.64
N ASP L 246 -11.49 11.89 28.16
CA ASP L 246 -11.36 10.75 27.27
C ASP L 246 -10.73 11.16 25.94
N ALA L 247 -11.10 12.32 25.42
CA ALA L 247 -10.49 12.81 24.18
C ALA L 247 -9.01 13.09 24.36
N GLU L 248 -8.64 13.70 25.48
CA GLU L 248 -7.21 13.97 25.73
C GLU L 248 -6.42 12.68 25.87
N VAL L 249 -6.97 11.69 26.58
CA VAL L 249 -6.24 10.42 26.71
C VAL L 249 -6.16 9.70 25.37
N ALA L 250 -7.17 9.82 24.53
CA ALA L 250 -7.08 9.25 23.18
C ALA L 250 -6.00 9.92 22.36
N LEU L 251 -5.88 11.25 22.51
CA LEU L 251 -4.79 11.97 21.86
C LEU L 251 -3.43 11.46 22.32
N MET L 252 -3.30 11.22 23.63
CA MET L 252 -2.05 10.68 24.16
C MET L 252 -1.79 9.28 23.63
N THR L 253 -2.82 8.45 23.55
CA THR L 253 -2.68 7.09 23.06
C THR L 253 -2.26 7.07 21.60
N LYS L 254 -2.69 8.07 20.82
CA LYS L 254 -2.26 8.17 19.42
C LYS L 254 -0.77 8.34 19.26
N MET L 255 -0.05 8.73 20.31
CA MET L 255 1.41 8.87 20.27
C MET L 255 2.15 7.54 20.38
N GLY L 256 1.46 6.45 20.65
CA GLY L 256 2.07 5.15 20.77
C GLY L 256 2.20 4.61 22.18
N ILE L 257 1.33 4.99 23.10
CA ILE L 257 1.37 4.53 24.47
C ILE L 257 0.25 3.52 24.67
N GLU L 258 0.61 2.33 25.14
CA GLU L 258 -0.36 1.25 25.34
C GLU L 258 -0.88 1.30 26.77
N ILE L 259 -2.19 1.40 26.92
CA ILE L 259 -2.83 1.42 28.22
C ILE L 259 -3.61 0.12 28.39
N ILE L 260 -3.32 -0.61 29.45
CA ILE L 260 -3.96 -1.89 29.74
C ILE L 260 -4.89 -1.70 30.92
N TYR L 261 -6.18 -1.86 30.70
CA TYR L 261 -7.16 -1.62 31.74
C TYR L 261 -7.47 -2.92 32.49
N ASN L 262 -8.23 -2.78 33.57
CA ASN L 262 -8.70 -3.89 34.40
C ASN L 262 -7.57 -4.75 34.95
N THR L 263 -6.38 -4.20 35.08
CA THR L 263 -5.21 -4.93 35.54
C THR L 263 -4.70 -4.27 36.82
N LYS L 264 -4.81 -4.97 37.94
CA LYS L 264 -4.36 -4.45 39.22
C LYS L 264 -3.04 -5.09 39.58
N ILE L 265 -2.03 -4.27 39.86
CA ILE L 265 -0.72 -4.78 40.23
C ILE L 265 -0.76 -5.30 41.65
N GLY L 266 -0.29 -6.52 41.86
CA GLY L 266 -0.29 -7.10 43.18
C GLY L 266 -1.37 -8.14 43.33
N ASP L 267 -2.53 -7.89 42.73
CA ASP L 267 -3.64 -8.83 42.75
C ASP L 267 -3.75 -9.66 41.49
N ASP L 268 -3.50 -9.07 40.33
CA ASP L 268 -3.59 -9.76 39.06
C ASP L 268 -2.24 -9.98 38.40
N VAL L 269 -1.38 -8.96 38.39
CA VAL L 269 -0.03 -9.08 37.86
C VAL L 269 0.93 -8.71 38.98
N SER L 270 1.88 -9.59 39.26
CA SER L 270 2.85 -9.31 40.31
C SER L 270 3.80 -8.21 39.86
N LEU L 271 4.38 -7.52 40.83
CA LEU L 271 5.37 -6.49 40.51
C LEU L 271 6.70 -7.09 40.08
N ASP L 272 6.98 -8.32 40.47
CA ASP L 272 8.20 -8.98 40.00
C ASP L 272 8.15 -9.20 38.49
N TYR L 273 6.96 -9.43 37.94
CA TYR L 273 6.81 -9.56 36.50
C TYR L 273 7.23 -8.29 35.79
N LEU L 274 6.76 -7.14 36.28
CA LEU L 274 7.15 -5.87 35.68
C LEU L 274 8.63 -5.59 35.90
N HIS L 275 9.15 -5.98 37.06
CA HIS L 275 10.58 -5.78 37.34
C HIS L 275 11.44 -6.58 36.38
N ASP L 276 11.03 -7.80 36.07
CA ASP L 276 11.81 -8.64 35.17
C ASP L 276 11.68 -8.24 33.71
N ASN L 277 10.50 -7.80 33.29
CA ASN L 277 10.23 -7.61 31.88
C ASN L 277 10.38 -6.17 31.40
N TYR L 278 10.78 -5.22 32.25
CA TYR L 278 10.85 -3.82 31.86
C TYR L 278 12.15 -3.20 32.35
N ASP L 279 12.57 -2.14 31.66
CA ASP L 279 13.78 -1.43 32.05
C ASP L 279 13.54 -0.42 33.15
N ALA L 280 12.31 0.01 33.36
CA ALA L 280 12.01 0.86 34.52
C ALA L 280 10.56 0.66 34.91
N VAL L 281 10.24 0.95 36.17
CA VAL L 281 8.88 0.92 36.68
C VAL L 281 8.62 2.20 37.45
N PHE L 282 7.49 2.85 37.18
CA PHE L 282 7.08 4.04 37.91
C PHE L 282 5.73 3.79 38.56
N LEU L 283 5.70 3.85 39.88
CA LEU L 283 4.51 3.59 40.67
C LEU L 283 3.76 4.89 40.93
N GLY L 284 2.62 5.07 40.28
CA GLY L 284 1.79 6.23 40.51
C GLY L 284 0.42 5.84 41.03
N ILE L 285 0.40 4.93 42.02
CA ILE L 285 -0.84 4.29 42.45
C ILE L 285 -1.81 5.30 43.06
N GLY L 286 -1.30 6.24 43.85
CA GLY L 286 -2.16 7.21 44.48
C GLY L 286 -2.85 6.67 45.72
N SER L 287 -3.58 7.56 46.38
CA SER L 287 -4.25 7.25 47.64
C SER L 287 -5.72 6.95 47.39
N TRP L 288 -6.15 5.73 47.70
CA TRP L 288 -7.49 5.28 47.35
C TRP L 288 -8.18 4.58 48.51
N GLN L 289 -7.92 5.01 49.74
CA GLN L 289 -8.56 4.43 50.92
C GLN L 289 -9.23 5.54 51.72
N SER L 290 -10.48 5.30 52.13
CA SER L 290 -11.26 6.29 52.84
C SER L 290 -11.02 6.18 54.33
N GLN L 291 -10.75 7.32 54.97
CA GLN L 291 -10.62 7.33 56.42
C GLN L 291 -11.98 7.13 57.07
N GLY L 292 -12.01 6.40 58.19
CA GLY L 292 -13.23 6.18 58.91
C GLY L 292 -13.57 7.34 59.82
N LEU L 293 -14.72 7.22 60.48
CA LEU L 293 -15.17 8.26 61.39
C LEU L 293 -14.33 8.34 62.66
N ARG L 294 -13.53 7.32 62.95
CA ARG L 294 -12.67 7.26 64.14
C ARG L 294 -13.47 7.46 65.42
N CYS L 295 -14.63 6.82 65.49
CA CYS L 295 -15.52 6.92 66.64
C CYS L 295 -16.16 5.57 66.92
N LYS L 296 -16.87 5.50 68.04
CA LYS L 296 -17.56 4.27 68.40
C LYS L 296 -18.73 4.03 67.44
N GLY L 297 -18.88 2.79 67.01
CA GLY L 297 -19.97 2.45 66.11
C GLY L 297 -19.77 2.89 64.69
N GLU L 298 -18.52 2.98 64.24
CA GLU L 298 -18.24 3.36 62.86
C GLU L 298 -18.44 2.24 61.87
N ASP L 299 -18.64 1.01 62.34
CA ASP L 299 -18.82 -0.14 61.46
C ASP L 299 -20.29 -0.45 61.19
N MET L 300 -21.21 0.38 61.67
CA MET L 300 -22.63 0.13 61.47
C MET L 300 -22.99 0.25 59.99
N GLU L 301 -23.93 -0.58 59.54
CA GLU L 301 -24.44 -0.47 58.19
C GLU L 301 -25.18 0.85 57.99
N GLY L 302 -24.98 1.45 56.82
CA GLY L 302 -25.51 2.76 56.54
C GLY L 302 -24.49 3.87 56.58
N VAL L 303 -23.25 3.57 56.96
CA VAL L 303 -22.16 4.53 56.96
C VAL L 303 -21.18 4.11 55.87
N LEU L 304 -20.93 4.99 54.91
CA LEU L 304 -20.12 4.66 53.76
C LEU L 304 -19.11 5.77 53.49
N GLY L 305 -18.02 5.40 52.84
CA GLY L 305 -16.98 6.37 52.55
C GLY L 305 -17.35 7.31 51.42
N GLY L 306 -16.73 8.49 51.45
CA GLY L 306 -16.97 9.46 50.38
C GLY L 306 -16.40 9.03 49.05
N ILE L 307 -15.20 8.44 49.07
CA ILE L 307 -14.54 8.03 47.83
C ILE L 307 -15.31 6.90 47.17
N ASP L 308 -15.75 5.92 47.95
CA ASP L 308 -16.51 4.81 47.39
C ASP L 308 -17.86 5.27 46.88
N PHE L 309 -18.52 6.19 47.59
CA PHE L 309 -19.78 6.74 47.11
C PHE L 309 -19.61 7.48 45.81
N LEU L 310 -18.55 8.29 45.69
CA LEU L 310 -18.30 9.01 44.45
C LEU L 310 -17.97 8.06 43.31
N ARG L 311 -17.20 7.00 43.59
CA ARG L 311 -16.88 6.03 42.57
C ARG L 311 -18.13 5.28 42.10
N GLU L 312 -19.02 4.93 43.04
CA GLU L 312 -20.28 4.29 42.65
C GLU L 312 -21.16 5.22 41.84
N VAL L 313 -21.13 6.52 42.16
CA VAL L 313 -21.85 7.50 41.36
C VAL L 313 -21.31 7.54 39.94
N THR L 314 -19.98 7.52 39.80
CA THR L 314 -19.38 7.64 38.48
C THR L 314 -19.67 6.42 37.61
N MET L 315 -19.60 5.22 38.17
CA MET L 315 -19.83 4.00 37.41
C MET L 315 -21.31 3.71 37.16
N ASN L 316 -22.20 4.65 37.50
CA ASN L 316 -23.64 4.54 37.25
C ASN L 316 -24.23 3.29 37.90
N SER L 317 -23.76 2.98 39.11
CA SER L 317 -24.25 1.81 39.82
C SER L 317 -25.57 2.14 40.52
N ASN L 318 -26.08 1.18 41.28
CA ASN L 318 -27.31 1.35 42.05
C ASN L 318 -26.95 1.71 43.48
N ILE L 319 -27.32 2.92 43.89
CA ILE L 319 -26.97 3.43 45.21
C ILE L 319 -28.27 3.71 45.96
N THR L 320 -28.14 3.83 47.29
CA THR L 320 -29.25 4.21 48.15
C THR L 320 -28.84 5.41 48.98
N LEU L 321 -29.68 6.44 48.97
CA LEU L 321 -29.40 7.67 49.71
C LEU L 321 -30.47 8.00 50.74
N GLY L 322 -31.73 7.90 50.37
CA GLY L 322 -32.79 8.28 51.28
C GLY L 322 -33.01 9.78 51.30
N GLY L 323 -33.76 10.22 52.31
CA GLY L 323 -34.13 11.62 52.39
C GLY L 323 -33.05 12.49 53.01
N LYS L 324 -32.52 12.07 54.15
CA LYS L 324 -31.58 12.88 54.92
C LYS L 324 -30.19 12.27 54.86
N VAL L 325 -29.21 13.09 54.47
CA VAL L 325 -27.83 12.65 54.31
C VAL L 325 -26.94 13.59 55.11
N LEU L 326 -26.06 13.01 55.92
CA LEU L 326 -25.12 13.78 56.73
C LEU L 326 -23.70 13.49 56.27
N VAL L 327 -23.00 14.53 55.83
CA VAL L 327 -21.62 14.40 55.34
C VAL L 327 -20.69 14.95 56.42
N VAL L 328 -19.71 14.16 56.80
CA VAL L 328 -18.75 14.55 57.84
C VAL L 328 -17.42 14.85 57.16
N GLY L 329 -16.91 16.06 57.36
CA GLY L 329 -15.67 16.48 56.75
C GLY L 329 -15.72 17.89 56.21
N GLY L 330 -14.57 18.43 55.82
CA GLY L 330 -14.55 19.81 55.35
C GLY L 330 -13.68 20.05 54.13
N GLY L 331 -13.06 19.00 53.61
CA GLY L 331 -12.22 19.12 52.44
C GLY L 331 -13.02 19.18 51.17
N ASN L 332 -12.32 19.05 50.04
CA ASN L 332 -12.99 19.05 48.75
C ASN L 332 -13.85 17.81 48.56
N THR L 333 -13.47 16.70 49.19
CA THR L 333 -14.27 15.48 49.13
C THR L 333 -15.66 15.71 49.73
N ALA L 334 -15.72 16.41 50.86
CA ALA L 334 -16.99 16.66 51.51
C ALA L 334 -17.90 17.53 50.63
N MET L 335 -17.33 18.57 50.01
CA MET L 335 -18.13 19.44 49.16
C MET L 335 -18.65 18.69 47.93
N ASP L 336 -17.79 17.90 47.31
CA ASP L 336 -18.21 17.13 46.14
C ASP L 336 -19.29 16.13 46.50
N VAL L 337 -19.14 15.45 47.64
CA VAL L 337 -20.14 14.48 48.07
C VAL L 337 -21.46 15.17 48.38
N ALA L 338 -21.40 16.32 49.04
CA ALA L 338 -22.62 17.04 49.39
C ALA L 338 -23.38 17.47 48.14
N ARG L 339 -22.69 18.08 47.19
CA ARG L 339 -23.40 18.56 46.01
C ARG L 339 -23.86 17.41 45.11
N THR L 340 -23.06 16.33 45.02
CA THR L 340 -23.49 15.16 44.27
C THR L 340 -24.73 14.54 44.88
N SER L 341 -24.80 14.45 46.22
CA SER L 341 -25.99 13.94 46.86
C SER L 341 -27.17 14.88 46.69
N LYS L 342 -26.93 16.19 46.63
CA LYS L 342 -28.01 17.12 46.35
C LYS L 342 -28.57 16.91 44.96
N ARG L 343 -27.71 16.61 43.98
CA ARG L 343 -28.19 16.33 42.64
C ARG L 343 -28.81 14.93 42.53
N LEU L 344 -28.57 14.05 43.49
CA LEU L 344 -29.07 12.69 43.44
C LEU L 344 -30.38 12.51 44.21
N GLY L 345 -31.20 13.55 44.28
CA GLY L 345 -32.53 13.42 44.82
C GLY L 345 -32.66 13.54 46.33
N ALA L 346 -31.57 13.81 47.05
CA ALA L 346 -31.67 14.00 48.49
C ALA L 346 -32.30 15.36 48.78
N GLU L 347 -33.32 15.35 49.64
CA GLU L 347 -34.06 16.58 49.90
C GLU L 347 -33.30 17.55 50.78
N GLU L 348 -32.43 17.05 51.65
CA GLU L 348 -31.64 17.94 52.49
C GLU L 348 -30.29 17.29 52.80
N VAL L 349 -29.24 18.08 52.69
CA VAL L 349 -27.86 17.63 52.91
C VAL L 349 -27.24 18.54 53.95
N THR L 350 -26.57 17.94 54.93
CA THR L 350 -25.94 18.67 56.02
C THR L 350 -24.45 18.36 56.04
N ILE L 351 -23.63 19.40 56.11
CA ILE L 351 -22.18 19.28 56.19
C ILE L 351 -21.76 19.60 57.62
N ILE L 352 -20.95 18.73 58.21
CA ILE L 352 -20.54 18.84 59.60
C ILE L 352 -19.04 19.03 59.66
N TYR L 353 -18.59 20.07 60.35
CA TYR L 353 -17.17 20.36 60.47
C TYR L 353 -16.91 20.93 61.86
N ARG L 354 -15.62 21.01 62.21
CA ARG L 354 -15.19 21.41 63.54
C ARG L 354 -14.67 22.84 63.64
N ARG L 355 -14.34 23.48 62.51
CA ARG L 355 -13.71 24.79 62.53
C ARG L 355 -14.48 25.75 61.63
N THR L 356 -14.30 27.05 61.90
CA THR L 356 -15.07 28.14 61.31
C THR L 356 -15.00 28.11 59.78
N ILE L 357 -16.04 28.66 59.14
CA ILE L 357 -16.16 28.73 57.68
C ILE L 357 -14.88 29.29 57.07
N ASP L 358 -14.30 30.28 57.73
CA ASP L 358 -13.06 30.92 57.28
C ASP L 358 -11.89 29.94 57.29
N GLU L 359 -12.05 28.82 57.98
CA GLU L 359 -10.99 27.85 58.16
C GLU L 359 -11.26 26.53 57.45
N MET L 360 -12.29 26.48 56.61
CA MET L 360 -12.53 25.29 55.81
C MET L 360 -11.40 25.14 54.79
N PRO L 361 -10.84 23.94 54.63
CA PRO L 361 -9.77 23.75 53.65
C PRO L 361 -10.25 23.79 52.20
N ALA L 362 -11.56 23.79 51.97
CA ALA L 362 -12.09 23.85 50.61
C ALA L 362 -11.99 25.27 50.07
N GLU L 363 -12.12 25.38 48.75
CA GLU L 363 -12.08 26.69 48.11
C GLU L 363 -13.34 27.48 48.42
N LYS L 364 -13.19 28.80 48.50
CA LYS L 364 -14.32 29.66 48.85
C LYS L 364 -15.38 29.65 47.75
N ILE L 365 -14.95 29.53 46.49
CA ILE L 365 -15.90 29.50 45.38
C ILE L 365 -16.77 28.25 45.44
N GLU L 366 -16.15 27.11 45.73
CA GLU L 366 -16.91 25.86 45.84
C GLU L 366 -17.88 25.90 47.01
N ILE L 367 -17.45 26.49 48.14
CA ILE L 367 -18.32 26.64 49.30
C ILE L 367 -19.51 27.53 48.96
N HIS L 368 -19.27 28.64 48.26
CA HIS L 368 -20.35 29.54 47.90
C HIS L 368 -21.31 28.88 46.93
N GLU L 369 -20.79 28.11 45.98
CA GLU L 369 -21.66 27.39 45.05
C GLU L 369 -22.51 26.36 45.78
N ALA L 370 -21.92 25.64 46.75
CA ALA L 370 -22.69 24.66 47.50
C ALA L 370 -23.74 25.34 48.36
N GLN L 371 -23.43 26.52 48.90
CA GLN L 371 -24.43 27.27 49.65
C GLN L 371 -25.58 27.71 48.76
N GLU L 372 -25.27 28.15 47.54
CA GLU L 372 -26.32 28.56 46.61
C GLU L 372 -27.17 27.37 46.18
N GLU L 373 -26.56 26.20 46.00
CA GLU L 373 -27.31 25.03 45.54
C GLU L 373 -28.30 24.54 46.59
N GLY L 374 -27.95 24.61 47.87
CA GLY L 374 -28.91 24.30 48.90
C GLY L 374 -28.45 23.40 50.02
N VAL L 375 -27.16 23.14 50.14
CA VAL L 375 -26.66 22.37 51.27
C VAL L 375 -26.62 23.27 52.50
N LYS L 376 -26.88 22.68 53.66
CA LYS L 376 -26.87 23.43 54.90
C LYS L 376 -25.63 23.08 55.71
N PHE L 377 -24.96 24.10 56.21
CA PHE L 377 -23.72 23.93 56.95
C PHE L 377 -23.99 23.90 58.43
N GLN L 378 -23.52 22.84 59.09
CA GLN L 378 -23.62 22.68 60.54
C GLN L 378 -22.20 22.71 61.08
N LEU L 379 -21.91 23.65 61.97
CA LEU L 379 -20.54 24.03 62.25
C LEU L 379 -20.15 23.75 63.70
N LEU L 380 -18.83 23.71 63.93
CA LEU L 380 -18.21 23.66 65.26
C LEU L 380 -18.62 22.37 65.98
N VAL L 381 -18.58 21.26 65.26
CA VAL L 381 -19.15 20.01 65.71
C VAL L 381 -18.26 18.88 65.26
N ALA L 382 -18.01 17.95 66.15
CA ALA L 382 -17.21 16.74 65.96
C ALA L 382 -17.98 15.50 66.34
N PRO L 383 -17.59 14.40 65.77
CA PRO L 383 -18.31 13.10 65.99
C PRO L 383 -18.20 12.59 67.42
N VAL L 384 -19.24 11.92 67.90
CA VAL L 384 -19.14 11.37 69.24
C VAL L 384 -19.54 9.90 69.21
N GLU L 385 -20.72 9.63 68.67
CA GLU L 385 -21.28 8.28 68.72
C GLU L 385 -22.33 8.14 67.63
N VAL L 386 -22.31 7.01 66.94
CA VAL L 386 -23.29 6.69 65.91
C VAL L 386 -24.36 5.82 66.53
N LEU L 387 -25.60 6.30 66.53
CA LEU L 387 -26.73 5.60 67.13
C LEU L 387 -27.57 4.99 66.02
N GLY L 388 -27.86 3.70 66.15
CA GLY L 388 -28.71 3.02 65.20
C GLY L 388 -29.47 1.89 65.86
N GLU L 389 -30.42 1.33 65.12
CA GLU L 389 -31.23 0.23 65.61
C GLU L 389 -31.21 -0.91 64.60
N ASN L 390 -31.10 -2.14 65.11
CA ASN L 390 -31.16 -3.37 64.31
C ASN L 390 -30.11 -3.38 63.19
N GLY L 391 -28.95 -2.80 63.48
CA GLY L 391 -27.89 -2.73 62.50
C GLY L 391 -28.03 -1.62 61.47
N HIS L 392 -29.05 -0.79 61.58
CA HIS L 392 -29.26 0.33 60.67
C HIS L 392 -29.06 1.64 61.42
N ALA L 393 -28.13 2.46 60.97
CA ALA L 393 -27.85 3.73 61.63
C ALA L 393 -28.90 4.76 61.23
N LYS L 394 -29.45 5.45 62.24
CA LYS L 394 -30.43 6.50 61.99
C LYS L 394 -30.10 7.83 62.61
N ALA L 395 -29.17 7.91 63.57
CA ALA L 395 -28.84 9.16 64.21
C ALA L 395 -27.34 9.27 64.38
N LEU L 396 -26.86 10.51 64.47
CA LEU L 396 -25.45 10.81 64.69
C LEU L 396 -25.35 11.74 65.90
N LYS L 397 -24.61 11.32 66.92
CA LYS L 397 -24.47 12.12 68.13
C LYS L 397 -23.16 12.90 68.07
N CYS L 398 -23.19 14.15 68.51
CA CYS L 398 -22.04 15.02 68.38
C CYS L 398 -21.96 15.97 69.56
N GLU L 399 -20.76 16.50 69.77
CA GLU L 399 -20.48 17.53 70.76
C GLU L 399 -20.35 18.88 70.07
N ILE L 400 -20.70 19.92 70.81
CA ILE L 400 -20.60 21.29 70.32
C ILE L 400 -19.29 21.88 70.81
N MET L 401 -18.54 22.48 69.90
CA MET L 401 -17.24 23.05 70.21
C MET L 401 -17.34 24.57 70.32
N ARG L 402 -16.20 25.21 70.58
CA ARG L 402 -16.10 26.66 70.61
C ARG L 402 -14.76 27.08 70.03
N LEU L 403 -14.70 28.33 69.57
CA LEU L 403 -13.49 28.85 68.95
C LEU L 403 -12.40 29.05 69.98
N GLY L 404 -11.16 28.77 69.57
CA GLY L 404 -10.02 28.92 70.45
C GLY L 404 -8.84 29.64 69.82
N GLU L 405 -7.64 29.34 70.30
CA GLU L 405 -6.45 30.01 69.78
C GLU L 405 -6.08 29.47 68.40
N PRO L 406 -5.49 30.30 67.56
CA PRO L 406 -4.99 29.81 66.26
C PRO L 406 -3.82 28.86 66.43
N ASP L 407 -3.73 27.90 65.51
CA ASP L 407 -2.63 26.94 65.53
C ASP L 407 -1.43 27.52 64.78
N ALA L 408 -0.44 26.67 64.50
CA ALA L 408 0.71 27.10 63.71
C ALA L 408 0.38 27.25 62.23
N SER L 409 -0.72 26.64 61.77
CA SER L 409 -1.12 26.72 60.38
C SER L 409 -2.07 27.88 60.09
N GLY L 410 -2.39 28.69 61.09
CA GLY L 410 -3.21 29.86 60.91
C GLY L 410 -4.71 29.67 61.12
N ARG L 411 -5.12 28.59 61.78
CA ARG L 411 -6.53 28.31 61.99
C ARG L 411 -6.81 28.12 63.48
N ARG L 412 -7.94 28.68 63.93
CA ARG L 412 -8.30 28.61 65.34
C ARG L 412 -8.60 27.18 65.76
N LYS L 413 -8.06 26.77 66.90
CA LYS L 413 -8.27 25.41 67.40
C LYS L 413 -9.65 25.29 68.02
N PRO L 414 -10.42 24.25 67.68
CA PRO L 414 -11.70 24.02 68.35
C PRO L 414 -11.50 23.57 69.78
N GLU L 415 -12.42 24.01 70.65
CA GLU L 415 -12.38 23.66 72.06
C GLU L 415 -13.74 23.11 72.48
N PRO L 416 -13.77 22.01 73.24
CA PRO L 416 -15.05 21.41 73.60
C PRO L 416 -15.84 22.26 74.59
N THR L 417 -17.16 22.08 74.57
CA THR L 417 -18.05 22.81 75.46
C THR L 417 -18.89 21.93 76.36
N GLY L 418 -18.98 20.62 76.09
CA GLY L 418 -19.78 19.75 76.92
C GLY L 418 -21.26 19.73 76.61
N GLU L 419 -21.68 20.25 75.46
CA GLU L 419 -23.07 20.21 75.04
C GLU L 419 -23.23 19.18 73.93
N THR L 420 -24.24 18.32 74.07
CA THR L 420 -24.46 17.21 73.15
C THR L 420 -25.68 17.49 72.29
N VAL L 421 -25.61 17.11 71.02
CA VAL L 421 -26.72 17.25 70.10
C VAL L 421 -26.75 16.06 69.17
N VAL L 422 -27.95 15.54 68.90
CA VAL L 422 -28.12 14.40 68.01
C VAL L 422 -28.81 14.87 66.74
N TYR L 423 -28.44 14.24 65.61
CA TYR L 423 -28.88 14.64 64.29
C TYR L 423 -29.49 13.44 63.58
N GLU L 424 -30.72 13.60 63.12
CA GLU L 424 -31.38 12.53 62.38
C GLU L 424 -30.80 12.41 60.97
N ALA L 425 -30.77 11.20 60.44
CA ALA L 425 -30.21 10.96 59.13
C ALA L 425 -30.78 9.68 58.56
N ASP L 426 -30.71 9.57 57.23
CA ASP L 426 -30.95 8.31 56.53
C ASP L 426 -29.70 7.70 55.97
N ARG L 427 -28.67 8.50 55.70
CA ARG L 427 -27.37 8.01 55.31
C ARG L 427 -26.31 8.94 55.88
N ILE L 428 -25.18 8.37 56.29
CA ILE L 428 -24.06 9.13 56.81
C ILE L 428 -22.84 8.80 55.97
N ILE L 429 -22.18 9.83 55.44
CA ILE L 429 -21.04 9.68 54.57
C ILE L 429 -19.83 10.32 55.22
N ALA L 430 -18.77 9.54 55.41
CA ALA L 430 -17.54 10.02 56.02
C ALA L 430 -16.60 10.50 54.92
N ALA L 431 -16.30 11.79 54.91
CA ALA L 431 -15.42 12.38 53.93
C ALA L 431 -14.34 13.20 54.61
N ILE L 432 -13.73 12.64 55.65
CA ILE L 432 -12.71 13.37 56.39
C ILE L 432 -11.45 13.55 55.56
N GLY L 433 -11.03 12.49 54.87
CA GLY L 433 -9.83 12.58 54.06
C GLY L 433 -9.50 11.24 53.44
N GLN L 434 -8.42 11.24 52.67
CA GLN L 434 -7.92 10.06 51.99
C GLN L 434 -6.62 9.61 52.61
N LYS L 435 -6.39 8.30 52.57
CA LYS L 435 -5.16 7.72 53.08
C LYS L 435 -4.61 6.73 52.07
N THR L 436 -3.29 6.67 51.95
CA THR L 436 -2.66 5.81 50.98
C THR L 436 -2.67 4.37 51.44
N VAL L 437 -3.05 3.47 50.55
CA VAL L 437 -2.99 2.03 50.79
C VAL L 437 -2.03 1.45 49.75
N ILE L 438 -1.20 0.51 50.20
CA ILE L 438 -0.26 -0.13 49.28
C ILE L 438 -0.84 -1.40 48.68
N GLY L 439 -1.85 -1.99 49.33
CA GLY L 439 -2.48 -3.18 48.80
C GLY L 439 -1.61 -4.41 48.95
N ASN L 440 -1.63 -5.27 47.93
CA ASN L 440 -0.88 -6.52 47.98
C ASN L 440 0.50 -6.41 47.38
N ILE L 441 0.93 -5.22 46.96
CA ILE L 441 2.29 -5.04 46.48
C ILE L 441 3.24 -5.18 47.66
N LYS L 442 4.23 -6.06 47.51
CA LYS L 442 5.13 -6.39 48.59
C LYS L 442 6.54 -5.89 48.29
N ASP L 443 7.39 -5.95 49.32
CA ASP L 443 8.79 -5.52 49.25
C ASP L 443 8.93 -4.03 48.90
N ILE L 444 7.95 -3.23 49.32
CA ILE L 444 7.99 -1.77 49.14
C ILE L 444 7.84 -1.13 50.50
N ALA L 445 8.82 -0.31 50.88
CA ALA L 445 8.78 0.33 52.19
C ALA L 445 7.73 1.43 52.23
N THR L 446 7.02 1.51 53.35
CA THR L 446 6.00 2.53 53.57
C THR L 446 6.22 3.20 54.92
N ASP L 447 5.76 4.44 55.03
CA ASP L 447 6.01 5.22 56.23
C ASP L 447 4.92 4.96 57.28
N LYS L 448 4.86 5.82 58.29
CA LYS L 448 3.87 5.67 59.35
C LYS L 448 2.46 5.99 58.89
N SER L 449 2.30 6.72 57.79
CA SER L 449 0.97 7.07 57.29
C SER L 449 0.56 6.26 56.07
N GLY L 450 1.42 5.36 55.60
CA GLY L 450 1.11 4.52 54.46
C GLY L 450 1.73 4.96 53.15
N ASN L 451 2.27 6.17 53.09
CA ASN L 451 2.85 6.65 51.85
C ASN L 451 4.16 5.93 51.54
N ILE L 452 4.47 5.81 50.26
CA ILE L 452 5.71 5.16 49.85
C ILE L 452 6.89 6.04 50.20
N ILE L 453 7.90 5.45 50.82
CA ILE L 453 9.12 6.15 51.17
C ILE L 453 10.04 6.15 49.95
N VAL L 454 10.45 7.33 49.51
CA VAL L 454 11.36 7.48 48.39
C VAL L 454 12.54 8.33 48.82
N ASN L 455 13.64 8.18 48.10
CA ASN L 455 14.79 9.05 48.28
C ASN L 455 14.49 10.41 47.68
N GLY L 456 14.53 11.45 48.50
CA GLY L 456 14.14 12.78 48.06
C GLY L 456 14.97 13.32 46.92
N GLY L 457 14.30 13.75 45.86
CA GLY L 457 14.97 14.29 44.71
C GLY L 457 15.32 13.29 43.65
N ALA L 458 15.31 12.00 43.97
CA ALA L 458 15.60 10.96 43.01
C ALA L 458 14.44 9.99 42.79
N PHE L 459 13.41 10.03 43.64
CA PHE L 459 12.17 9.26 43.46
C PHE L 459 12.43 7.76 43.43
N THR L 460 13.43 7.28 44.15
CA THR L 460 13.79 5.87 44.16
C THR L 460 13.35 5.22 45.46
N THR L 461 12.67 4.08 45.35
CA THR L 461 12.24 3.32 46.51
C THR L 461 13.39 2.42 46.98
N ASN L 462 13.09 1.49 47.88
CA ASN L 462 14.13 0.54 48.32
C ASN L 462 14.47 -0.44 47.22
N ARG L 463 13.47 -0.93 46.50
CA ARG L 463 13.71 -1.84 45.39
C ARG L 463 14.34 -1.11 44.24
N ASP L 464 15.37 -1.71 43.64
CA ASP L 464 15.96 -1.09 42.47
C ASP L 464 15.03 -1.21 41.27
N LYS L 465 15.23 -0.33 40.30
CA LYS L 465 14.47 -0.26 39.05
C LYS L 465 13.01 0.11 39.28
N VAL L 466 12.65 0.59 40.47
CA VAL L 466 11.27 0.93 40.80
C VAL L 466 11.24 2.36 41.34
N PHE L 467 10.40 3.20 40.75
CA PHE L 467 10.28 4.60 41.10
C PHE L 467 8.86 4.89 41.53
N ALA L 468 8.66 6.03 42.19
CA ALA L 468 7.35 6.38 42.70
C ALA L 468 7.17 7.89 42.68
N GLY L 469 5.91 8.31 42.73
CA GLY L 469 5.61 9.74 42.75
C GLY L 469 4.12 9.95 42.81
N GLY L 470 3.75 11.21 42.97
CA GLY L 470 2.35 11.58 43.01
C GLY L 470 1.75 11.46 44.40
N ASP L 471 0.44 11.21 44.48
CA ASP L 471 -0.23 11.08 45.77
C ASP L 471 0.26 9.89 46.57
N ALA L 472 0.95 8.94 45.94
CA ALA L 472 1.55 7.85 46.69
C ALA L 472 2.68 8.33 47.58
N VAL L 473 3.26 9.48 47.31
CA VAL L 473 4.37 10.00 48.10
C VAL L 473 3.93 11.17 48.97
N THR L 474 3.23 12.14 48.39
CA THR L 474 2.87 13.35 49.11
C THR L 474 1.52 13.27 49.79
N GLY L 475 0.82 12.15 49.69
CA GLY L 475 -0.51 12.07 50.25
C GLY L 475 -1.50 12.84 49.42
N PRO L 476 -2.66 13.17 49.98
CA PRO L 476 -3.69 13.88 49.22
C PRO L 476 -3.29 15.33 48.96
N LYS L 477 -3.14 15.68 47.69
CA LYS L 477 -2.80 17.02 47.27
C LYS L 477 -3.47 17.29 45.93
N ILE L 478 -3.32 18.53 45.45
CA ILE L 478 -3.99 18.95 44.23
C ILE L 478 -3.30 18.36 43.01
N ALA L 479 -3.97 18.40 41.86
CA ALA L 479 -3.56 17.62 40.71
C ALA L 479 -2.28 18.13 40.08
N ILE L 480 -2.05 19.45 40.13
CA ILE L 480 -0.86 19.98 39.50
C ILE L 480 0.40 19.56 40.24
N ASP L 481 0.31 19.31 41.54
CA ASP L 481 1.43 18.74 42.27
C ASP L 481 1.77 17.35 41.76
N ALA L 482 0.74 16.53 41.51
CA ALA L 482 0.97 15.22 40.95
C ALA L 482 1.57 15.30 39.55
N ILE L 483 1.12 16.26 38.75
CA ILE L 483 1.68 16.42 37.41
C ILE L 483 3.15 16.81 37.48
N ALA L 484 3.48 17.74 38.38
CA ALA L 484 4.87 18.17 38.53
C ALA L 484 5.76 17.03 38.99
N GLN L 485 5.29 16.25 39.96
CA GLN L 485 6.08 15.11 40.44
C GLN L 485 6.25 14.05 39.35
N GLY L 486 5.21 13.81 38.56
CA GLY L 486 5.34 12.87 37.45
C GLY L 486 6.33 13.32 36.41
N LYS L 487 6.34 14.62 36.08
CA LYS L 487 7.29 15.11 35.08
C LYS L 487 8.72 15.04 35.59
N ASN L 488 8.95 15.46 36.84
CA ASN L 488 10.30 15.39 37.40
C ASN L 488 10.79 13.95 37.50
N ALA L 489 9.89 13.03 37.88
CA ALA L 489 10.30 11.63 37.96
C ALA L 489 10.55 11.05 36.57
N ALA L 490 9.81 11.50 35.56
CA ALA L 490 10.10 11.05 34.20
C ALA L 490 11.48 11.51 33.76
N GLN L 491 11.84 12.75 34.08
CA GLN L 491 13.18 13.23 33.76
C GLN L 491 14.25 12.43 34.49
N VAL L 492 14.02 12.12 35.76
CA VAL L 492 15.00 11.35 36.53
C VAL L 492 15.14 9.94 36.01
N ILE L 493 14.02 9.30 35.64
CA ILE L 493 14.06 7.96 35.07
C ILE L 493 14.79 7.96 33.73
N ASP L 494 14.54 8.97 32.90
CA ASP L 494 15.23 9.07 31.63
C ASP L 494 16.73 9.23 31.82
N SER L 495 17.13 10.03 32.80
CA SER L 495 18.57 10.14 33.08
C SER L 495 19.14 8.84 33.63
N TYR L 496 18.35 8.11 34.43
CA TYR L 496 18.82 6.85 34.99
C TYR L 496 19.02 5.79 33.93
N LEU L 497 18.16 5.79 32.91
CA LEU L 497 18.29 4.81 31.83
C LEU L 497 19.56 5.00 31.02
N ASN L 498 20.16 6.19 31.05
CA ASN L 498 21.38 6.46 30.31
C ASN L 498 22.64 6.03 31.06
N GLY L 499 22.50 5.53 32.27
CA GLY L 499 23.64 5.03 33.01
C GLY L 499 24.14 5.94 34.11
N CYS L 500 23.64 7.16 34.21
CA CYS L 500 24.07 8.08 35.25
C CYS L 500 22.84 8.76 35.83
N LEU L 501 22.53 8.45 37.08
CA LEU L 501 21.38 9.03 37.76
C LEU L 501 21.76 10.40 38.32
N VAL L 502 20.96 11.41 38.01
CA VAL L 502 21.17 12.75 38.54
C VAL L 502 19.89 13.18 39.26
N PRO L 503 19.98 13.64 40.50
CA PRO L 503 18.79 14.09 41.21
C PRO L 503 18.24 15.38 40.65
N HIS L 504 16.97 15.63 40.93
CA HIS L 504 16.34 16.88 40.51
C HIS L 504 16.62 17.99 41.52
N ALA L 505 17.07 19.14 41.01
CA ALA L 505 17.37 20.27 41.85
C ALA L 505 16.77 21.53 41.27
N ASP L 506 16.31 22.42 42.13
CA ASP L 506 15.68 23.66 41.71
C ASP L 506 16.73 24.65 41.22
N SER L 507 16.25 25.69 40.56
CA SER L 507 17.10 26.72 39.96
C SER L 507 17.00 28.02 40.76
N GLN L 508 18.00 28.86 40.57
CA GLN L 508 18.08 30.15 41.24
C GLN L 508 17.72 31.27 40.27
N TYR L 509 16.88 32.18 40.74
CA TYR L 509 16.46 33.33 39.95
C TYR L 509 16.57 34.58 40.82
N PHE L 510 16.73 35.72 40.16
CA PHE L 510 16.61 37.00 40.84
C PHE L 510 15.15 37.31 41.02
N THR L 511 14.76 37.69 42.23
CA THR L 511 13.38 38.03 42.52
C THR L 511 13.33 39.35 43.26
N GLN L 512 12.21 40.06 43.10
CA GLN L 512 12.00 41.36 43.71
C GLN L 512 10.79 41.28 44.62
N LYS L 513 10.95 41.71 45.86
CA LYS L 513 9.89 41.58 46.86
C LYS L 513 9.51 42.91 47.48
N ASP L 514 9.88 44.03 46.85
CA ASP L 514 9.56 45.35 47.36
C ASP L 514 8.47 46.05 46.55
N ILE L 515 7.81 45.34 45.65
CA ILE L 515 6.80 45.93 44.78
C ILE L 515 5.51 46.09 45.57
N THR L 516 4.99 47.32 45.61
CA THR L 516 3.79 47.64 46.35
C THR L 516 2.81 48.36 45.41
N ALA L 517 1.64 48.70 45.95
CA ALA L 517 0.62 49.38 45.16
C ALA L 517 1.06 50.77 44.73
N ALA L 518 1.84 51.46 45.56
CA ALA L 518 2.33 52.78 45.20
C ALA L 518 3.29 52.75 44.02
N ASP L 519 3.86 51.57 43.73
CA ASP L 519 4.69 51.43 42.54
C ASP L 519 3.87 51.20 41.28
N LEU L 520 2.57 50.95 41.40
CA LEU L 520 1.71 50.69 40.25
C LEU L 520 0.52 51.64 40.24
N ALA L 521 0.76 52.90 40.58
CA ALA L 521 -0.31 53.89 40.58
C ALA L 521 -0.54 54.52 39.22
N ASP L 522 0.38 54.31 38.27
CA ASP L 522 0.23 54.86 36.92
C ASP L 522 -0.53 53.94 35.98
N ARG L 523 -0.81 52.71 36.38
CA ARG L 523 -1.50 51.78 35.51
C ARG L 523 -3.00 52.05 35.49
N ALA L 524 -3.61 51.82 34.33
CA ALA L 524 -5.06 51.93 34.21
C ALA L 524 -5.74 50.71 34.80
N LYS L 525 -6.99 50.90 35.20
CA LYS L 525 -7.78 49.84 35.84
C LYS L 525 -8.82 49.31 34.88
N ALA L 526 -8.89 47.99 34.75
CA ALA L 526 -9.82 47.34 33.85
C ALA L 526 -10.48 46.17 34.58
N PRO L 527 -11.80 46.10 34.58
CA PRO L 527 -12.48 45.04 35.35
C PRO L 527 -12.18 43.66 34.83
N ARG L 528 -12.14 42.69 35.73
CA ARG L 528 -11.87 41.31 35.38
C ARG L 528 -13.07 40.71 34.66
N VAL L 529 -12.80 39.67 33.86
CA VAL L 529 -13.85 39.02 33.07
C VAL L 529 -14.64 38.09 33.97
N SER L 530 -15.93 38.38 34.14
CA SER L 530 -16.78 37.52 34.95
C SER L 530 -17.06 36.21 34.24
N LEU L 531 -17.27 35.17 35.03
CA LEU L 531 -17.58 33.84 34.49
C LEU L 531 -19.09 33.66 34.45
N THR L 532 -19.59 33.18 33.31
CA THR L 532 -21.03 32.96 33.15
C THR L 532 -21.40 31.63 33.78
N VAL L 533 -22.19 31.70 34.86
CA VAL L 533 -22.54 30.52 35.66
C VAL L 533 -24.04 30.29 35.53
N GLU L 534 -24.42 29.05 35.22
CA GLU L 534 -25.82 28.69 35.07
C GLU L 534 -26.56 28.86 36.39
N ASP L 535 -27.84 29.23 36.29
CA ASP L 535 -28.64 29.56 37.47
C ASP L 535 -28.83 28.35 38.37
N ALA L 536 -29.22 28.63 39.62
CA ALA L 536 -29.36 27.59 40.63
C ALA L 536 -30.59 26.71 40.42
N GLU L 537 -31.49 27.08 39.50
CA GLU L 537 -32.63 26.22 39.18
C GLU L 537 -32.17 24.94 38.50
N VAL L 538 -31.32 25.07 37.47
CA VAL L 538 -31.00 23.90 36.67
C VAL L 538 -29.83 23.14 37.28
N ARG L 539 -29.01 23.81 38.09
CA ARG L 539 -27.87 23.15 38.69
C ARG L 539 -28.30 22.07 39.69
N ASN L 540 -29.37 22.34 40.44
CA ASN L 540 -29.77 21.43 41.51
C ASN L 540 -30.29 20.10 41.01
N LYS L 541 -30.72 20.01 39.76
CA LYS L 541 -31.37 18.81 39.25
C LYS L 541 -30.59 18.07 38.19
N SER L 542 -29.58 18.68 37.61
CA SER L 542 -28.88 18.13 36.47
C SER L 542 -27.40 17.98 36.76
N PHE L 543 -26.73 17.15 35.96
CA PHE L 543 -25.30 16.94 36.08
C PHE L 543 -24.51 17.69 35.02
N MET L 544 -25.11 18.63 34.30
CA MET L 544 -24.38 19.30 33.25
C MET L 544 -23.53 20.42 33.84
N GLN L 545 -22.73 21.04 32.96
CA GLN L 545 -21.69 21.97 33.41
C GLN L 545 -22.30 23.21 34.04
N VAL L 546 -21.64 23.70 35.09
CA VAL L 546 -22.10 24.89 35.79
C VAL L 546 -21.43 26.17 35.30
N ALA L 547 -20.35 26.06 34.53
CA ALA L 547 -19.66 27.23 34.01
C ALA L 547 -19.30 27.00 32.54
N LYS L 548 -19.27 28.08 31.78
CA LYS L 548 -18.95 28.03 30.36
C LYS L 548 -17.55 28.56 30.12
N THR L 549 -16.89 28.00 29.10
CA THR L 549 -15.54 28.41 28.76
C THR L 549 -15.55 29.81 28.15
N PHE L 550 -14.41 30.49 28.24
CA PHE L 550 -14.25 31.82 27.67
C PHE L 550 -14.45 31.79 26.16
N THR L 551 -15.08 32.82 25.63
CA THR L 551 -15.10 33.04 24.19
C THR L 551 -13.78 33.68 23.75
N GLU L 552 -13.62 33.83 22.44
CA GLU L 552 -12.39 34.42 21.92
C GLU L 552 -12.25 35.89 22.31
N GLU L 553 -13.35 36.63 22.25
CA GLU L 553 -13.31 38.04 22.64
C GLU L 553 -12.99 38.19 24.12
N GLU L 554 -13.62 37.39 24.97
CA GLU L 554 -13.34 37.47 26.39
C GLU L 554 -11.90 37.07 26.69
N ALA L 555 -11.38 36.07 25.99
CA ALA L 555 -10.01 35.65 26.21
C ALA L 555 -9.02 36.73 25.80
N LEU L 556 -9.27 37.40 24.67
CA LEU L 556 -8.40 38.50 24.26
C LEU L 556 -8.46 39.65 25.26
N ARG L 557 -9.68 39.98 25.71
CA ARG L 557 -9.84 41.09 26.65
C ARG L 557 -9.13 40.81 27.96
N GLU L 558 -9.21 39.56 28.45
CA GLU L 558 -8.53 39.21 29.69
C GLU L 558 -7.02 39.16 29.51
N SER L 559 -6.56 38.61 28.39
CA SER L 559 -5.12 38.42 28.21
C SER L 559 -4.40 39.73 27.92
N LYS L 560 -5.08 40.72 27.37
CA LYS L 560 -4.44 42.00 27.09
C LYS L 560 -4.27 42.87 28.32
N ARG L 561 -4.41 42.30 29.51
CA ARG L 561 -4.40 43.06 30.76
C ARG L 561 -3.19 42.75 31.62
N CYS L 562 -2.30 41.87 31.18
CA CYS L 562 -1.13 41.47 31.95
C CYS L 562 -0.16 42.63 32.04
N LEU L 563 0.75 42.55 33.01
CA LEU L 563 1.69 43.61 33.29
C LEU L 563 3.10 43.31 32.78
N GLU L 564 3.36 42.08 32.34
CA GLU L 564 4.67 41.65 31.87
C GLU L 564 5.74 41.85 32.94
N CYS L 565 5.59 41.10 34.03
CA CYS L 565 6.46 41.27 35.19
C CYS L 565 7.85 40.69 34.97
N GLY L 566 7.97 39.66 34.13
CA GLY L 566 9.25 39.01 33.96
C GLY L 566 10.21 39.81 33.11
N CYS L 567 11.45 39.34 33.05
CA CYS L 567 12.48 40.00 32.25
C CYS L 567 12.38 39.50 30.81
N ARG L 568 12.39 40.42 29.85
CA ARG L 568 12.28 40.04 28.46
C ARG L 568 13.57 39.44 27.90
N ASP L 569 14.69 39.61 28.59
CA ASP L 569 15.99 39.15 28.12
C ASP L 569 16.39 37.82 28.73
N TYR L 570 15.48 37.13 29.40
CA TYR L 570 15.86 35.96 30.18
C TYR L 570 16.41 34.86 29.30
N PHE L 571 15.83 34.64 28.14
CA PHE L 571 16.25 33.52 27.32
C PHE L 571 17.57 33.77 26.61
N GLU L 572 18.13 34.97 26.71
CA GLU L 572 19.43 35.26 26.13
C GLU L 572 20.38 35.97 27.09
N CYS L 573 19.95 36.25 28.32
CA CYS L 573 20.84 36.86 29.30
C CYS L 573 21.95 35.91 29.67
N GLN L 574 23.18 36.44 29.72
CA GLN L 574 24.34 35.64 30.08
C GLN L 574 24.70 35.71 31.55
N LEU L 575 24.29 36.78 32.25
CA LEU L 575 24.52 36.84 33.68
C LEU L 575 23.81 35.70 34.39
N ILE L 576 22.53 35.47 34.09
CA ILE L 576 21.83 34.39 34.75
C ILE L 576 22.37 33.05 34.31
N LYS L 577 22.88 32.95 33.09
CA LYS L 577 23.49 31.71 32.63
C LYS L 577 24.69 31.35 33.48
N TYR L 578 25.56 32.33 33.73
CA TYR L 578 26.74 32.05 34.53
C TYR L 578 26.40 31.92 36.01
N ILE L 579 25.29 32.51 36.46
CA ILE L 579 24.86 32.33 37.84
C ILE L 579 24.38 30.90 38.07
N GLN L 580 23.55 30.38 37.16
CA GLN L 580 23.13 28.99 37.29
C GLN L 580 24.31 28.03 37.13
N ASP L 581 25.20 28.30 36.17
CA ASP L 581 26.26 27.34 35.87
C ASP L 581 27.29 27.25 36.98
N TYR L 582 27.54 28.34 37.70
CA TYR L 582 28.60 28.38 38.68
C TYR L 582 28.10 28.31 40.12
N ASP L 583 26.81 28.04 40.32
CA ASP L 583 26.23 27.78 41.64
C ASP L 583 26.45 28.98 42.58
N VAL L 584 25.78 30.07 42.22
CA VAL L 584 25.84 31.30 42.98
C VAL L 584 24.44 31.63 43.46
N SER L 585 24.31 31.92 44.75
CA SER L 585 23.00 32.23 45.31
C SER L 585 22.59 33.65 44.95
N THR L 586 21.33 33.82 44.57
CA THR L 586 20.81 35.13 44.21
C THR L 586 20.05 35.80 45.35
N GLU L 587 20.06 35.21 46.54
CA GLU L 587 19.41 35.84 47.69
C GLU L 587 20.18 37.09 48.11
N LYS L 588 19.45 38.09 48.59
CA LYS L 588 20.02 39.38 48.90
C LYS L 588 19.96 39.66 50.40
N ASP L 589 21.00 40.31 50.91
CA ASP L 589 21.08 40.74 52.30
C ASP L 589 20.74 42.21 52.40
N SER L 590 20.01 42.59 53.45
CA SER L 590 19.55 43.97 53.58
C SER L 590 20.68 44.93 53.95
N GLN L 591 21.78 44.43 54.51
CA GLN L 591 22.86 45.32 54.92
C GLN L 591 23.57 45.95 53.72
N VAL L 592 23.83 45.18 52.68
CA VAL L 592 24.42 45.71 51.47
C VAL L 592 23.35 46.46 50.69
N GLU L 593 23.77 47.40 49.86
CA GLU L 593 22.82 48.25 49.16
C GLU L 593 22.93 48.02 47.65
N CYS L 594 21.77 48.03 47.00
CA CYS L 594 21.68 48.04 45.54
C CYS L 594 20.93 49.30 45.16
N HIS L 595 21.59 50.20 44.46
CA HIS L 595 20.99 51.50 44.18
C HIS L 595 19.78 51.35 43.27
N LYS L 596 18.62 51.76 43.78
CA LYS L 596 17.35 51.67 43.06
C LYS L 596 17.12 52.96 42.30
N THR L 597 16.86 52.86 41.02
CA THR L 597 16.72 54.01 40.16
C THR L 597 15.25 54.35 39.91
N THR L 598 15.01 55.62 39.61
CA THR L 598 13.68 56.08 39.23
C THR L 598 13.75 56.63 37.82
N GLU L 599 14.37 55.86 36.93
CA GLU L 599 14.70 56.29 35.58
C GLU L 599 13.45 56.58 34.76
N PHE L 600 13.62 57.42 33.75
CA PHE L 600 12.56 57.72 32.80
C PHE L 600 13.22 58.06 31.47
N ASP L 601 13.22 57.10 30.55
CA ASP L 601 13.75 57.30 29.21
C ASP L 601 12.70 56.72 28.27
N ASN L 602 11.76 57.56 27.83
CA ASN L 602 10.67 57.10 26.98
C ASN L 602 11.03 57.11 25.50
N HIS L 603 12.20 56.57 25.19
CA HIS L 603 12.63 56.47 23.80
C HIS L 603 11.75 55.47 23.07
N PRO L 604 11.32 55.78 21.84
CA PRO L 604 10.42 54.87 21.12
C PRO L 604 11.07 53.57 20.67
N PHE L 605 12.38 53.46 20.73
CA PHE L 605 13.00 52.23 20.24
C PHE L 605 13.94 51.58 21.24
N ILE L 606 14.64 52.37 22.05
CA ILE L 606 15.67 51.87 22.96
C ILE L 606 15.17 51.97 24.39
N GLU L 607 15.38 50.91 25.17
CA GLU L 607 14.98 50.87 26.57
C GLU L 607 16.20 50.62 27.43
N ARG L 608 16.43 51.46 28.42
CA ARG L 608 17.60 51.39 29.29
C ARG L 608 17.17 51.17 30.73
N ASN L 609 17.90 50.32 31.44
CA ASN L 609 17.65 50.03 32.85
C ASN L 609 18.99 49.96 33.56
N PRO L 610 19.39 51.00 34.27
CA PRO L 610 20.72 51.00 34.90
C PRO L 610 20.88 49.97 36.01
N ASP L 611 19.78 49.41 36.53
CA ASP L 611 19.90 48.46 37.63
C ASP L 611 20.48 47.13 37.17
N LYS L 612 20.20 46.72 35.95
CA LYS L 612 20.68 45.47 35.43
C LYS L 612 22.02 45.59 34.71
N CYS L 613 22.64 46.75 34.74
CA CYS L 613 23.93 46.94 34.08
C CYS L 613 25.03 46.26 34.87
N VAL L 614 25.97 45.64 34.15
CA VAL L 614 27.14 45.02 34.75
C VAL L 614 28.41 45.79 34.41
N LEU L 615 28.27 46.95 33.78
CA LEU L 615 29.40 47.82 33.43
C LEU L 615 30.46 47.10 32.61
N CYS L 616 30.04 46.29 31.65
CA CYS L 616 30.97 45.68 30.72
C CYS L 616 31.50 46.67 29.70
N GLY L 617 30.79 47.78 29.49
CA GLY L 617 31.27 48.82 28.61
C GLY L 617 31.16 48.50 27.14
N LEU L 618 30.47 47.42 26.77
CA LEU L 618 30.35 47.06 25.36
C LEU L 618 29.51 48.08 24.60
N CYS L 619 28.48 48.61 25.24
CA CYS L 619 27.57 49.52 24.55
C CYS L 619 28.24 50.85 24.20
N VAL L 620 28.96 51.44 25.16
CA VAL L 620 29.64 52.69 24.90
C VAL L 620 30.82 52.49 23.94
N ARG L 621 31.51 51.35 24.04
CA ARG L 621 32.62 51.08 23.14
C ARG L 621 32.13 50.90 21.71
N VAL L 622 31.01 50.23 21.52
CA VAL L 622 30.46 50.06 20.18
C VAL L 622 29.95 51.40 19.65
N CYS L 623 29.19 52.14 20.46
CA CYS L 623 28.64 53.41 19.99
C CYS L 623 29.71 54.45 19.73
N ASP L 624 30.91 54.30 20.29
CA ASP L 624 31.97 55.24 19.99
C ASP L 624 32.86 54.77 18.85
N GLU L 625 33.31 53.52 18.89
CA GLU L 625 34.33 53.04 17.97
C GLU L 625 33.78 52.50 16.66
N VAL L 626 32.48 52.31 16.54
CA VAL L 626 31.89 51.76 15.33
C VAL L 626 30.88 52.75 14.76
N VAL L 627 29.83 53.03 15.54
CA VAL L 627 28.80 53.96 15.08
C VAL L 627 29.37 55.37 15.03
N GLY L 628 30.17 55.75 16.02
CA GLY L 628 30.78 57.06 16.01
C GLY L 628 29.89 58.18 16.46
N ALA L 629 28.64 57.90 16.83
CA ALA L 629 27.76 58.94 17.32
C ALA L 629 28.10 59.36 18.74
N THR L 630 28.53 58.39 19.57
CA THR L 630 28.81 58.59 20.99
C THR L 630 27.64 59.26 21.70
N ALA L 631 26.46 58.66 21.56
CA ALA L 631 25.28 59.20 22.22
C ALA L 631 25.25 58.89 23.71
N ILE L 632 26.10 58.00 24.20
CA ILE L 632 26.12 57.58 25.60
C ILE L 632 27.56 57.64 26.10
N GLY L 633 27.70 57.68 27.42
CA GLY L 633 29.03 57.71 28.00
C GLY L 633 28.98 57.44 29.48
N LEU L 634 30.16 57.20 30.04
CA LEU L 634 30.28 56.90 31.46
C LEU L 634 30.29 58.17 32.30
N VAL L 635 29.66 58.11 33.47
CA VAL L 635 29.61 59.22 34.41
C VAL L 635 29.95 58.68 35.79
N GLY L 636 30.91 59.30 36.46
CA GLY L 636 31.17 59.02 37.86
C GLY L 636 32.36 58.12 38.10
N ARG L 637 32.44 57.63 39.35
CA ARG L 637 33.53 56.77 39.78
C ARG L 637 33.00 55.74 40.76
N GLY L 638 33.64 54.57 40.77
CA GLY L 638 33.32 53.55 41.77
C GLY L 638 31.89 53.06 41.65
N PHE L 639 31.31 52.95 42.83
CA PHE L 639 29.95 52.41 42.97
C PHE L 639 28.99 53.55 42.63
N ASP L 640 29.37 54.41 41.70
CA ASP L 640 28.46 55.50 41.25
C ASP L 640 28.47 55.47 39.73
N SER L 641 29.54 54.99 39.14
CA SER L 641 29.71 54.87 37.71
C SER L 641 28.42 54.40 37.07
N VAL L 642 27.96 55.13 36.08
CA VAL L 642 26.72 54.78 35.39
C VAL L 642 26.83 55.25 33.94
N ILE L 643 26.34 54.44 33.02
CA ILE L 643 26.34 54.78 31.61
C ILE L 643 25.04 55.51 31.30
N MET L 644 25.15 56.73 30.78
CA MET L 644 24.00 57.58 30.55
C MET L 644 24.29 58.49 29.37
N PRO L 645 23.26 59.05 28.71
CA PRO L 645 23.51 59.83 27.49
C PRO L 645 24.25 61.14 27.72
N GLU L 646 24.42 61.91 26.64
CA GLU L 646 25.20 63.14 26.70
C GLU L 646 24.53 64.16 27.61
N PHE L 647 25.30 64.68 28.57
CA PHE L 647 24.84 65.72 29.50
C PHE L 647 23.59 65.31 30.27
N LYS L 648 23.43 64.00 30.50
CA LYS L 648 22.27 63.41 31.18
C LYS L 648 20.96 63.69 30.46
N LEU L 649 21.00 64.11 29.20
CA LEU L 649 19.80 64.40 28.45
C LEU L 649 19.11 63.09 28.05
N PRO L 650 17.83 63.15 27.69
CA PRO L 650 17.17 61.95 27.15
C PRO L 650 17.80 61.54 25.82
N LEU L 651 17.71 60.25 25.53
CA LEU L 651 18.31 59.72 24.31
C LEU L 651 17.67 60.29 23.05
N SER L 652 16.47 60.83 23.14
CA SER L 652 15.85 61.42 21.97
C SER L 652 16.45 62.76 21.60
N GLU L 653 17.03 63.48 22.56
CA GLU L 653 17.54 64.82 22.33
C GLU L 653 19.02 64.84 21.95
N THR L 654 19.67 63.68 21.92
CA THR L 654 21.09 63.60 21.61
C THR L 654 21.28 63.12 20.17
N ALA L 655 22.53 62.79 19.82
CA ALA L 655 22.89 62.40 18.47
C ALA L 655 22.65 60.93 18.19
N CYS L 656 21.73 60.29 18.91
CA CYS L 656 21.46 58.88 18.70
C CYS L 656 20.85 58.63 17.33
N ILE L 657 21.19 57.49 16.74
CA ILE L 657 20.67 57.10 15.42
C ILE L 657 19.62 56.00 15.54
N SER L 658 19.41 55.46 16.74
CA SER L 658 18.52 54.32 16.98
C SER L 658 18.92 53.11 16.15
N CYS L 659 20.22 52.92 15.96
CA CYS L 659 20.70 51.79 15.18
C CYS L 659 20.45 50.47 15.91
N GLY L 660 20.56 50.47 17.23
CA GLY L 660 20.35 49.27 18.00
C GLY L 660 21.55 48.38 18.15
N GLN L 661 22.77 48.90 17.98
CA GLN L 661 23.95 48.09 18.21
C GLN L 661 24.23 47.91 19.69
N CYS L 662 23.97 48.95 20.48
CA CYS L 662 24.12 48.84 21.92
C CYS L 662 23.17 47.81 22.49
N VAL L 663 21.97 47.72 21.91
CA VAL L 663 21.01 46.68 22.29
C VAL L 663 21.56 45.31 21.93
N ASP L 664 22.14 45.17 20.75
CA ASP L 664 22.54 43.88 20.24
C ASP L 664 23.82 43.35 20.84
N VAL L 665 24.63 44.20 21.48
CA VAL L 665 25.84 43.71 22.13
C VAL L 665 25.72 43.57 23.63
N CYS L 666 24.60 43.98 24.23
CA CYS L 666 24.46 43.91 25.67
C CYS L 666 24.30 42.45 26.11
N PRO L 667 25.00 42.02 27.15
CA PRO L 667 24.82 40.64 27.64
C PRO L 667 23.71 40.44 28.64
N THR L 668 23.19 41.50 29.25
CA THR L 668 22.09 41.43 30.21
C THR L 668 20.91 42.22 29.66
N GLY L 669 19.90 42.42 30.51
CA GLY L 669 18.72 43.13 30.11
C GLY L 669 18.74 44.63 30.32
N ALA L 670 19.91 45.22 30.51
CA ALA L 670 19.97 46.67 30.72
C ALA L 670 19.57 47.44 29.48
N CYS L 671 20.07 47.03 28.31
CA CYS L 671 19.71 47.65 27.04
C CYS L 671 18.82 46.68 26.28
N MET L 672 17.62 47.13 25.94
CA MET L 672 16.65 46.31 25.25
C MET L 672 16.09 47.06 24.06
N GLU L 673 15.70 46.33 23.03
CA GLU L 673 14.98 46.92 21.92
C GLU L 673 13.48 46.87 22.18
N LYS L 674 12.76 47.80 21.59
CA LYS L 674 11.34 47.89 21.87
C LYS L 674 10.58 46.82 21.09
N GLN L 675 9.28 46.83 21.27
CA GLN L 675 8.43 45.74 20.81
C GLN L 675 7.91 46.03 19.41
N VAL L 676 8.08 45.07 18.50
CA VAL L 676 7.51 45.18 17.17
C VAL L 676 6.07 44.64 17.15
N SER L 677 5.80 43.59 17.91
CA SER L 677 4.49 42.97 17.94
C SER L 677 3.53 43.78 18.80
N TYR L 678 2.31 43.26 18.96
CA TYR L 678 1.27 43.97 19.71
C TYR L 678 1.56 43.97 21.19
N LYS L 679 2.12 42.88 21.71
CA LYS L 679 2.52 42.79 23.11
C LYS L 679 3.68 41.81 23.18
N GLN L 680 4.89 42.32 23.42
CA GLN L 680 6.04 41.42 23.39
C GLN L 680 6.19 40.68 24.70
N ILE L 681 6.94 39.59 24.64
CA ILE L 681 7.00 38.61 25.71
C ILE L 681 8.40 38.01 25.78
N PRO L 682 8.82 37.50 26.92
CA PRO L 682 10.03 36.66 26.95
C PRO L 682 9.76 35.29 26.37
N ALA L 683 10.37 34.97 25.24
CA ALA L 683 10.08 33.69 24.61
C ALA L 683 11.28 33.23 23.81
N ASN L 684 11.30 31.92 23.51
CA ASN L 684 12.34 31.32 22.68
C ASN L 684 11.85 31.31 21.24
N MET L 685 12.32 32.29 20.48
CA MET L 685 11.72 32.61 19.19
C MET L 685 12.39 31.84 18.07
N ASP L 686 11.60 31.47 17.07
CA ASP L 686 12.16 30.85 15.88
C ASP L 686 12.87 31.89 15.04
N SER L 687 13.94 31.47 14.37
CA SER L 687 14.81 32.38 13.64
C SER L 687 14.90 31.98 12.18
N MET L 688 14.79 32.96 11.29
CA MET L 688 14.92 32.74 9.86
C MET L 688 15.93 33.72 9.27
N ALA L 689 16.79 33.24 8.39
CA ALA L 689 17.86 34.05 7.82
C ALA L 689 17.41 34.67 6.50
N SER L 690 17.39 36.00 6.44
CA SER L 690 16.98 36.72 5.24
C SER L 690 17.91 37.91 5.06
N VAL L 691 17.55 38.84 4.19
CA VAL L 691 18.32 40.06 4.00
C VAL L 691 17.40 41.26 4.14
N CYS L 692 17.99 42.41 4.46
CA CYS L 692 17.23 43.62 4.66
C CYS L 692 16.64 44.11 3.35
N GLY L 693 15.45 44.68 3.42
CA GLY L 693 14.76 45.13 2.23
C GLY L 693 14.61 46.62 2.11
N TYR L 694 15.65 47.38 2.45
CA TYR L 694 15.54 48.83 2.44
C TYR L 694 16.66 49.53 1.68
N CYS L 695 17.88 49.01 1.73
CA CYS L 695 19.04 49.66 1.14
C CYS L 695 19.75 48.71 0.20
N GLY L 696 20.64 49.26 -0.62
CA GLY L 696 21.45 48.47 -1.51
C GLY L 696 22.63 47.81 -0.87
N VAL L 697 22.93 48.13 0.39
CA VAL L 697 24.00 47.43 1.09
C VAL L 697 23.62 45.98 1.34
N GLY L 698 22.35 45.73 1.62
CA GLY L 698 21.85 44.37 1.73
C GLY L 698 22.39 43.58 2.90
N CYS L 699 22.29 44.13 4.10
CA CYS L 699 22.78 43.45 5.28
C CYS L 699 21.93 42.21 5.57
N ASN L 700 22.60 41.12 5.96
CA ASN L 700 21.89 39.91 6.34
C ASN L 700 21.27 40.07 7.71
N VAL L 701 20.05 39.55 7.87
CA VAL L 701 19.30 39.67 9.12
C VAL L 701 18.77 38.31 9.53
N ASN L 702 18.47 38.19 10.82
CA ASN L 702 17.75 37.05 11.39
C ASN L 702 16.43 37.57 11.92
N ILE L 703 15.34 37.02 11.42
CA ILE L 703 14.00 37.41 11.83
C ILE L 703 13.56 36.43 12.91
N GLU L 704 13.27 36.95 14.10
CA GLU L 704 12.81 36.14 15.22
C GLU L 704 11.31 36.34 15.38
N TYR L 705 10.57 35.23 15.32
CA TYR L 705 9.12 35.22 15.19
C TYR L 705 8.58 34.04 15.97
N LYS L 706 7.28 34.10 16.25
CA LYS L 706 6.59 33.05 16.99
C LYS L 706 5.20 32.88 16.38
N GLY L 707 5.08 31.95 15.46
CA GLY L 707 3.78 31.67 14.84
C GLY L 707 3.60 32.46 13.54
N ASP L 708 2.71 33.45 13.57
CA ASP L 708 2.43 34.32 12.42
C ASP L 708 2.74 35.78 12.71
N VAL L 709 3.54 36.04 13.74
CA VAL L 709 3.87 37.40 14.16
C VAL L 709 5.38 37.52 14.25
N VAL L 710 5.94 38.51 13.57
CA VAL L 710 7.37 38.78 13.70
C VAL L 710 7.58 39.66 14.93
N PHE L 711 8.51 39.26 15.78
CA PHE L 711 8.75 39.93 17.04
C PHE L 711 9.99 40.80 17.06
N ARG L 712 11.10 40.33 16.49
CA ARG L 712 12.30 41.17 16.46
C ARG L 712 13.19 40.77 15.30
N VAL L 713 14.21 41.60 15.06
CA VAL L 713 15.21 41.37 14.02
C VAL L 713 16.59 41.53 14.65
N THR L 714 17.50 40.61 14.34
CA THR L 714 18.86 40.66 14.86
C THR L 714 19.84 40.62 13.69
N PRO L 715 21.06 41.14 13.87
CA PRO L 715 22.06 41.00 12.81
C PRO L 715 22.57 39.56 12.70
N ASP L 716 23.10 39.25 11.52
CA ASP L 716 23.66 37.93 11.24
C ASP L 716 25.16 37.99 11.45
N ARG L 717 25.60 37.57 12.63
CA ARG L 717 27.00 37.69 13.01
C ARG L 717 27.88 36.60 12.45
N VAL L 718 27.29 35.54 11.87
CA VAL L 718 28.07 34.43 11.36
C VAL L 718 28.44 34.62 9.90
N ASN L 719 27.50 35.03 9.06
CA ASN L 719 27.73 35.19 7.63
C ASN L 719 28.11 36.61 7.23
N ASP L 720 27.86 37.60 8.07
CA ASP L 720 28.30 38.96 7.76
C ASP L 720 29.04 39.60 8.92
N ASP L 721 29.27 40.91 8.82
CA ASP L 721 29.91 41.63 9.92
C ASP L 721 29.00 41.72 11.13
N GLY L 722 27.69 41.76 10.92
CA GLY L 722 26.77 41.81 12.02
C GLY L 722 26.33 43.19 12.44
N TRP L 723 26.26 44.14 11.52
CA TRP L 723 25.79 45.48 11.80
C TRP L 723 24.46 45.70 11.12
N LEU L 724 23.67 46.62 11.66
CA LEU L 724 22.38 46.99 11.11
C LEU L 724 22.14 48.47 11.39
N CYS L 725 21.20 49.05 10.69
CA CYS L 725 20.79 50.41 10.94
C CYS L 725 19.37 50.41 11.48
N GLN L 726 18.80 51.60 11.65
CA GLN L 726 17.47 51.70 12.23
C GLN L 726 16.42 51.06 11.34
N ARG L 727 16.55 51.24 10.02
CA ARG L 727 15.57 50.70 9.10
C ARG L 727 15.60 49.18 9.11
N GLY L 728 16.79 48.58 9.12
CA GLY L 728 16.87 47.14 9.16
C GLY L 728 16.41 46.57 10.48
N LYS L 729 16.75 47.23 11.58
CA LYS L 729 16.43 46.72 12.91
C LYS L 729 14.95 46.80 13.21
N PHE L 730 14.34 47.97 12.96
CA PHE L 730 12.97 48.23 13.39
C PHE L 730 11.99 48.36 12.23
N GLY L 731 12.30 47.80 11.08
CA GLY L 731 11.52 48.06 9.90
C GLY L 731 10.55 46.98 9.47
N LEU L 732 10.59 45.81 10.09
CA LEU L 732 9.70 44.73 9.69
C LEU L 732 8.35 44.80 10.40
N GLY L 733 8.12 45.84 11.19
CA GLY L 733 6.88 46.00 11.92
C GLY L 733 5.64 46.21 11.08
N HIS L 734 5.81 46.44 9.78
CA HIS L 734 4.66 46.49 8.89
C HIS L 734 4.12 45.11 8.58
N ALA L 735 4.88 44.05 8.86
CA ALA L 735 4.37 42.71 8.59
C ALA L 735 3.25 42.32 9.54
N ASN L 736 3.15 42.96 10.70
CA ASN L 736 2.10 42.70 11.67
C ASN L 736 1.00 43.74 11.62
N ASP L 737 1.03 44.64 10.65
CA ASP L 737 0.04 45.71 10.59
C ASP L 737 -1.33 45.14 10.27
N LYS L 738 -2.36 45.70 10.90
CA LYS L 738 -3.72 45.26 10.66
C LYS L 738 -4.40 46.01 9.53
N ALA L 739 -3.76 47.03 8.97
CA ALA L 739 -4.31 47.76 7.84
C ALA L 739 -3.88 47.20 6.50
N ARG L 740 -3.14 46.09 6.50
CA ARG L 740 -2.79 45.43 5.26
C ARG L 740 -4.03 44.87 4.58
N LEU L 741 -4.01 44.86 3.25
CA LEU L 741 -5.11 44.29 2.48
C LEU L 741 -5.05 42.76 2.51
N THR L 742 -6.20 42.14 2.29
CA THR L 742 -6.33 40.69 2.36
C THR L 742 -6.90 40.05 1.11
N ALA L 743 -7.79 40.73 0.39
CA ALA L 743 -8.38 40.17 -0.81
C ALA L 743 -8.50 41.26 -1.87
N PRO L 744 -8.45 40.90 -3.15
CA PRO L 744 -8.54 41.92 -4.20
C PRO L 744 -9.91 42.56 -4.24
N VAL L 745 -9.94 43.82 -4.65
CA VAL L 745 -11.18 44.58 -4.72
C VAL L 745 -11.29 45.22 -6.10
N ILE L 746 -12.50 45.22 -6.65
CA ILE L 746 -12.77 45.78 -7.97
C ILE L 746 -13.77 46.91 -7.80
N LYS L 747 -13.52 48.04 -8.46
CA LYS L 747 -14.38 49.20 -8.30
C LYS L 747 -15.62 49.08 -9.17
N ARG L 748 -16.78 49.22 -8.56
CA ARG L 748 -18.06 49.34 -9.25
C ARG L 748 -18.86 50.45 -8.58
N ASN L 749 -19.46 51.33 -9.39
CA ASN L 749 -20.24 52.47 -8.92
C ASN L 749 -19.46 53.39 -7.98
N GLY L 750 -18.13 53.38 -8.08
CA GLY L 750 -17.30 54.18 -7.19
C GLY L 750 -16.94 53.52 -5.87
N GLN L 751 -17.41 52.31 -5.61
CA GLN L 751 -17.09 51.61 -4.38
C GLN L 751 -16.38 50.31 -4.69
N PHE L 752 -15.46 49.93 -3.82
CA PHE L 752 -14.68 48.71 -4.00
C PHE L 752 -15.48 47.51 -3.50
N VAL L 753 -15.52 46.46 -4.31
CA VAL L 753 -16.22 45.22 -3.98
C VAL L 753 -15.20 44.11 -3.90
N LYS L 754 -15.23 43.35 -2.80
CA LYS L 754 -14.33 42.22 -2.64
C LYS L 754 -14.68 41.13 -3.64
N VAL L 755 -13.66 40.55 -4.27
CA VAL L 755 -13.86 39.53 -5.28
C VAL L 755 -12.92 38.36 -5.01
N ASP L 756 -13.21 37.25 -5.68
CA ASP L 756 -12.35 36.09 -5.60
C ASP L 756 -11.09 36.33 -6.42
N TRP L 757 -10.12 35.42 -6.29
CA TRP L 757 -8.88 35.58 -7.04
C TRP L 757 -9.10 35.32 -8.53
N ASN L 758 -9.93 34.34 -8.87
CA ASN L 758 -10.17 34.04 -10.28
C ASN L 758 -10.89 35.17 -10.98
N GLU L 759 -11.87 35.78 -10.32
CA GLU L 759 -12.57 36.91 -10.90
C GLU L 759 -11.64 38.10 -11.10
N ALA L 760 -10.74 38.33 -10.14
CA ALA L 760 -9.76 39.39 -10.28
C ALA L 760 -8.84 39.15 -11.46
N ASN L 761 -8.36 37.91 -11.61
CA ASN L 761 -7.47 37.59 -12.73
C ASN L 761 -8.16 37.80 -14.06
N LEU L 762 -9.40 37.32 -14.18
CA LEU L 762 -10.16 37.51 -15.40
C LEU L 762 -10.38 38.98 -15.70
N GLU L 763 -10.72 39.77 -14.68
CA GLU L 763 -11.01 41.18 -14.89
C GLU L 763 -9.79 41.93 -15.38
N VAL L 764 -8.64 41.70 -14.75
CA VAL L 764 -7.46 42.45 -15.15
C VAL L 764 -7.00 42.04 -16.54
N VAL L 765 -7.06 40.74 -16.87
CA VAL L 765 -6.62 40.30 -18.19
C VAL L 765 -7.54 40.86 -19.27
N LYS L 766 -8.86 40.80 -19.05
CA LYS L 766 -9.79 41.26 -20.06
C LYS L 766 -9.73 42.78 -20.23
N ARG L 767 -9.53 43.53 -19.14
CA ARG L 767 -9.44 44.98 -19.29
C ARG L 767 -8.15 45.39 -19.98
N LEU L 768 -7.04 44.70 -19.70
CA LEU L 768 -5.80 44.99 -20.40
C LEU L 768 -5.93 44.65 -21.89
N GLN L 769 -6.59 43.54 -22.21
CA GLN L 769 -6.80 43.18 -23.61
C GLN L 769 -7.70 44.19 -24.30
N ALA L 770 -8.70 44.71 -23.60
CA ALA L 770 -9.57 45.73 -24.17
C ALA L 770 -8.80 47.01 -24.47
N VAL L 771 -7.91 47.42 -23.56
CA VAL L 771 -7.10 48.61 -23.80
C VAL L 771 -6.18 48.40 -25.00
N VAL L 772 -5.56 47.22 -25.09
CA VAL L 772 -4.68 46.93 -26.23
C VAL L 772 -5.46 46.94 -27.53
N ALA L 773 -6.66 46.36 -27.53
CA ALA L 773 -7.48 46.33 -28.74
C ALA L 773 -7.91 47.72 -29.16
N ALA L 774 -8.30 48.56 -28.20
CA ALA L 774 -8.83 49.86 -28.57
C ALA L 774 -7.72 50.82 -28.99
N TYR L 775 -6.53 50.72 -28.41
CA TYR L 775 -5.49 51.71 -28.64
C TYR L 775 -4.19 51.15 -29.19
N GLY L 776 -4.14 49.88 -29.56
CA GLY L 776 -2.99 49.37 -30.27
C GLY L 776 -1.76 49.15 -29.41
N LYS L 777 -0.61 49.24 -30.06
CA LYS L 777 0.68 48.92 -29.44
C LYS L 777 1.20 50.10 -28.62
N ASP L 778 1.97 49.77 -27.57
CA ASP L 778 2.66 50.73 -26.70
C ASP L 778 1.69 51.67 -26.00
N SER L 779 0.52 51.17 -25.61
CA SER L 779 -0.45 51.96 -24.88
C SER L 779 -0.46 51.65 -23.39
N ILE L 780 0.39 50.75 -22.93
CA ILE L 780 0.40 50.29 -21.55
C ILE L 780 1.79 50.48 -20.97
N GLY L 781 1.87 51.11 -19.81
CA GLY L 781 3.12 51.28 -19.09
C GLY L 781 3.12 50.44 -17.84
N VAL L 782 4.26 49.82 -17.55
CA VAL L 782 4.42 48.94 -16.40
C VAL L 782 5.39 49.59 -15.43
N VAL L 783 4.86 50.15 -14.34
CA VAL L 783 5.65 50.82 -13.33
C VAL L 783 5.83 49.87 -12.17
N VAL L 784 7.07 49.54 -11.84
CA VAL L 784 7.33 48.62 -10.73
C VAL L 784 8.20 49.31 -9.70
N SER L 785 8.34 48.65 -8.55
CA SER L 785 9.17 49.09 -7.45
C SER L 785 10.39 48.22 -7.32
N PRO L 786 11.55 48.77 -6.96
CA PRO L 786 12.76 47.95 -6.91
C PRO L 786 12.86 47.10 -5.65
N ARG L 787 11.78 46.99 -4.89
CA ARG L 787 11.80 46.15 -3.70
C ARG L 787 11.48 44.69 -4.00
N LEU L 788 10.99 44.39 -5.20
CA LEU L 788 10.59 43.03 -5.52
C LEU L 788 11.81 42.16 -5.79
N THR L 789 11.63 40.85 -5.66
CA THR L 789 12.72 39.92 -5.89
C THR L 789 13.02 39.85 -7.38
N ASN L 790 14.05 39.06 -7.72
CA ASN L 790 14.45 38.94 -9.13
C ASN L 790 13.37 38.22 -9.94
N GLU L 791 12.75 37.20 -9.35
CA GLU L 791 11.78 36.42 -10.11
C GLU L 791 10.51 37.21 -10.37
N GLU L 792 10.07 38.01 -9.41
CA GLU L 792 8.90 38.85 -9.62
C GLU L 792 9.17 39.93 -10.66
N LEU L 793 10.37 40.50 -10.66
CA LEU L 793 10.71 41.49 -11.68
C LEU L 793 10.79 40.85 -13.06
N PHE L 794 11.34 39.63 -13.15
CA PHE L 794 11.38 38.94 -14.43
C PHE L 794 9.98 38.63 -14.93
N LEU L 795 9.08 38.20 -14.05
CA LEU L 795 7.72 37.92 -14.46
C LEU L 795 6.97 39.18 -14.84
N ALA L 796 7.24 40.30 -14.17
CA ALA L 796 6.63 41.56 -14.59
C ALA L 796 7.13 41.98 -15.97
N GLY L 797 8.41 41.75 -16.24
CA GLY L 797 8.91 41.99 -17.59
C GLY L 797 8.26 41.09 -18.63
N LYS L 798 8.05 39.83 -18.28
CA LYS L 798 7.37 38.91 -19.18
C LYS L 798 5.94 39.35 -19.45
N LEU L 799 5.25 39.83 -18.41
CA LEU L 799 3.90 40.37 -18.58
C LEU L 799 3.92 41.59 -19.48
N ALA L 800 4.93 42.46 -19.34
CA ALA L 800 5.04 43.61 -20.22
C ALA L 800 5.26 43.18 -21.66
N ASP L 801 6.08 42.16 -21.87
CA ASP L 801 6.33 41.67 -23.22
C ASP L 801 5.08 41.06 -23.83
N ALA L 802 4.33 40.28 -23.05
CA ALA L 802 3.17 39.57 -23.58
C ALA L 802 1.96 40.46 -23.79
N VAL L 803 1.94 41.64 -23.18
CA VAL L 803 0.85 42.59 -23.34
C VAL L 803 1.14 43.60 -24.44
N ASN L 804 2.19 43.36 -25.23
CA ASN L 804 2.56 44.19 -26.38
C ASN L 804 2.86 45.63 -25.96
N THR L 805 3.91 45.78 -25.15
CA THR L 805 4.39 47.09 -24.77
C THR L 805 5.89 47.02 -24.52
N THR L 806 6.53 48.18 -24.59
CA THR L 806 7.94 48.32 -24.28
C THR L 806 8.20 49.29 -23.15
N ILE L 807 7.15 49.87 -22.57
CA ILE L 807 7.31 50.90 -21.54
C ILE L 807 7.33 50.18 -20.20
N LYS L 808 8.53 49.86 -19.73
CA LYS L 808 8.74 49.31 -18.40
C LYS L 808 9.63 50.27 -17.63
N THR L 809 9.21 50.65 -16.43
CA THR L 809 9.88 51.74 -15.74
C THR L 809 9.69 51.64 -14.24
N SER L 810 10.34 52.55 -13.54
CA SER L 810 10.25 52.68 -12.10
C SER L 810 10.52 54.13 -11.74
N TYR L 811 9.82 54.64 -10.73
CA TYR L 811 10.09 56.00 -10.30
C TYR L 811 11.37 56.09 -9.48
N SER L 812 11.74 55.02 -8.78
CA SER L 812 12.98 55.02 -8.02
C SER L 812 14.21 54.88 -8.92
N VAL L 813 14.14 53.98 -9.90
CA VAL L 813 15.27 53.76 -10.79
C VAL L 813 15.49 54.93 -11.72
N ASP L 814 14.39 55.52 -12.22
CA ASP L 814 14.29 56.69 -13.09
C ASP L 814 15.39 56.81 -14.14
N GLY L 815 15.70 55.71 -14.80
CA GLY L 815 16.65 55.73 -15.89
C GLY L 815 18.06 55.32 -15.53
N GLY L 816 18.30 54.85 -14.31
CA GLY L 816 19.61 54.41 -13.92
C GLY L 816 20.51 55.56 -13.53
N SER L 817 21.76 55.20 -13.22
CA SER L 817 22.74 56.14 -12.71
C SER L 817 23.56 56.82 -13.80
N GLY L 818 23.41 56.41 -15.05
CA GLY L 818 24.18 57.01 -16.12
C GLY L 818 25.57 56.46 -16.31
N LEU L 819 25.99 55.51 -15.48
CA LEU L 819 27.28 54.86 -15.70
C LEU L 819 27.23 53.85 -16.84
N GLY L 820 26.04 53.45 -17.26
CA GLY L 820 25.93 52.46 -18.31
C GLY L 820 26.40 52.95 -19.67
N SER L 821 26.17 54.23 -19.97
CA SER L 821 26.52 54.75 -21.27
C SER L 821 28.02 54.90 -21.45
N VAL L 822 28.80 54.88 -20.36
CA VAL L 822 30.23 55.10 -20.45
C VAL L 822 30.99 53.78 -20.46
N LEU L 823 30.67 52.88 -19.53
CA LEU L 823 31.42 51.64 -19.39
C LEU L 823 30.67 50.42 -19.89
N GLY L 824 29.38 50.54 -20.20
CA GLY L 824 28.59 49.46 -20.75
C GLY L 824 27.65 48.81 -19.77
N TYR L 825 28.06 48.70 -18.51
CA TYR L 825 27.25 48.12 -17.46
C TYR L 825 26.93 49.19 -16.43
N ASP L 826 25.67 49.23 -16.01
CA ASP L 826 25.26 50.14 -14.94
C ASP L 826 25.37 49.42 -13.60
N ALA L 827 26.62 49.23 -13.16
CA ALA L 827 26.88 48.46 -11.97
C ALA L 827 28.21 48.89 -11.37
N SER L 828 28.41 48.53 -10.10
CA SER L 828 29.65 48.82 -9.42
C SER L 828 30.77 47.97 -9.98
N THR L 829 31.93 48.60 -10.22
CA THR L 829 33.06 47.89 -10.78
C THR L 829 33.84 47.10 -9.74
N ASN L 830 33.50 47.21 -8.46
CA ASN L 830 34.21 46.49 -7.40
C ASN L 830 33.22 46.12 -6.32
N SER L 831 33.59 45.13 -5.52
CA SER L 831 32.72 44.66 -4.46
C SER L 831 33.05 45.36 -3.14
N PHE L 832 32.15 45.21 -2.16
CA PHE L 832 32.39 45.79 -0.85
C PHE L 832 33.58 45.14 -0.15
N ALA L 833 33.86 43.87 -0.45
CA ALA L 833 34.94 43.14 0.20
C ALA L 833 36.31 43.72 -0.12
N GLU L 834 36.40 44.59 -1.11
CA GLU L 834 37.65 45.25 -1.45
C GLU L 834 37.80 46.61 -0.79
N LEU L 835 36.89 46.99 0.10
CA LEU L 835 37.09 48.21 0.86
C LEU L 835 38.13 48.02 1.96
N ASP L 836 38.49 46.79 2.28
CA ASP L 836 39.43 46.55 3.36
C ASP L 836 40.87 46.83 2.94
N ASN L 837 41.20 46.56 1.67
CA ASN L 837 42.59 46.61 1.21
C ASN L 837 42.93 47.86 0.43
N SER L 838 41.96 48.71 0.12
CA SER L 838 42.28 49.97 -0.53
C SER L 838 43.00 50.91 0.43
N ASP L 839 43.78 51.83 -0.12
CA ASP L 839 44.51 52.77 0.69
C ASP L 839 43.93 54.18 0.67
N PHE L 840 42.82 54.38 -0.03
CA PHE L 840 42.20 55.69 -0.14
C PHE L 840 40.78 55.50 -0.60
N VAL L 841 39.83 56.13 0.07
CA VAL L 841 38.43 56.03 -0.29
C VAL L 841 37.87 57.44 -0.38
N LEU L 842 37.37 57.81 -1.55
CA LEU L 842 36.75 59.11 -1.76
C LEU L 842 35.24 58.92 -1.81
N THR L 843 34.53 59.61 -0.94
CA THR L 843 33.09 59.45 -0.81
C THR L 843 32.38 60.65 -1.42
N LEU L 844 31.39 60.38 -2.25
CA LEU L 844 30.57 61.40 -2.89
C LEU L 844 29.14 61.24 -2.41
N GLY L 845 28.56 62.32 -1.90
CA GLY L 845 27.21 62.26 -1.39
C GLY L 845 27.16 62.00 0.09
N LYS L 846 25.95 61.73 0.57
CA LYS L 846 25.71 61.46 1.98
C LYS L 846 25.70 59.94 2.22
N VAL L 847 26.89 59.35 2.14
CA VAL L 847 27.02 57.91 2.34
C VAL L 847 26.74 57.56 3.79
N LYS L 848 27.17 58.40 4.72
CA LYS L 848 27.01 58.10 6.13
C LYS L 848 25.55 58.17 6.55
N GLU L 849 24.82 59.17 6.07
CA GLU L 849 23.44 59.36 6.50
C GLU L 849 22.48 58.38 5.85
N ASN L 850 22.73 57.97 4.62
CA ASN L 850 21.78 57.15 3.88
C ASN L 850 22.07 55.66 3.98
N HIS L 851 23.33 55.26 3.90
CA HIS L 851 23.73 53.85 4.01
C HIS L 851 24.75 53.74 5.13
N PRO L 852 24.30 53.72 6.39
CA PRO L 852 25.24 53.88 7.50
C PRO L 852 26.05 52.64 7.82
N VAL L 853 25.60 51.44 7.47
CA VAL L 853 26.39 50.25 7.74
C VAL L 853 27.67 50.26 6.90
N LEU L 854 27.59 50.82 5.69
CA LEU L 854 28.79 51.01 4.89
C LEU L 854 29.74 51.98 5.57
N ASP L 855 29.20 53.01 6.21
CA ASP L 855 30.05 53.92 6.97
C ASP L 855 30.68 53.22 8.16
N PHE L 856 29.95 52.32 8.82
CA PHE L 856 30.52 51.56 9.93
C PHE L 856 31.69 50.72 9.44
N LYS L 857 31.50 50.06 8.30
CA LYS L 857 32.57 49.22 7.73
C LYS L 857 33.78 50.06 7.33
N ILE L 858 33.55 51.24 6.74
CA ILE L 858 34.65 52.10 6.34
C ILE L 858 35.40 52.61 7.55
N ARG L 859 34.68 52.96 8.62
CA ARG L 859 35.33 53.46 9.83
C ARG L 859 36.11 52.35 10.52
N LEU L 860 35.58 51.13 10.55
CA LEU L 860 36.29 50.04 11.19
C LEU L 860 37.48 49.57 10.35
N SER L 861 37.44 49.79 9.04
CA SER L 861 38.57 49.41 8.20
C SER L 861 39.82 50.23 8.53
N GLY L 862 39.65 51.52 8.81
CA GLY L 862 40.76 52.38 9.15
C GLY L 862 41.45 53.02 7.98
N VAL L 863 40.99 52.78 6.75
CA VAL L 863 41.63 53.39 5.59
C VAL L 863 41.31 54.88 5.56
N CYS L 864 42.17 55.64 4.86
CA CYS L 864 42.01 57.09 4.82
C CYS L 864 40.84 57.43 3.92
N SER L 865 39.77 57.95 4.50
CA SER L 865 38.57 58.32 3.78
C SER L 865 38.44 59.83 3.75
N VAL L 866 38.31 60.38 2.55
CA VAL L 866 38.17 61.81 2.35
C VAL L 866 36.83 62.07 1.66
N ALA L 867 36.03 62.96 2.23
CA ALA L 867 34.74 63.29 1.66
C ALA L 867 34.88 64.44 0.68
N TRP L 868 34.13 64.36 -0.42
CA TRP L 868 34.10 65.44 -1.38
C TRP L 868 33.48 66.68 -0.74
N PRO L 869 34.09 67.86 -0.91
CA PRO L 869 33.60 69.04 -0.19
C PRO L 869 32.19 69.44 -0.60
N GLN L 870 31.44 69.96 0.35
CA GLN L 870 30.06 70.37 0.12
C GLN L 870 29.97 71.68 -0.66
N SER L 871 30.98 72.53 -0.58
CA SER L 871 30.96 73.81 -1.28
C SER L 871 31.39 73.70 -2.73
N LEU L 872 31.31 72.51 -3.31
CA LEU L 872 31.69 72.24 -4.70
C LEU L 872 30.52 71.60 -5.43
N ALA L 873 29.34 72.21 -5.31
CA ALA L 873 28.10 71.56 -5.72
C ALA L 873 27.89 71.54 -7.23
N ASN L 874 28.65 72.31 -8.00
CA ASN L 874 28.49 72.36 -9.44
C ASN L 874 29.62 71.57 -10.12
N THR L 875 29.32 71.02 -11.29
CA THR L 875 30.27 70.15 -11.98
C THR L 875 31.40 70.91 -12.64
N ALA L 876 31.38 72.24 -12.65
CA ALA L 876 32.55 72.99 -13.11
C ALA L 876 33.74 72.73 -12.20
N ASP L 877 33.49 72.56 -10.89
CA ASP L 877 34.57 72.18 -9.99
C ASP L 877 35.09 70.78 -10.28
N MET L 878 34.21 69.87 -10.70
CA MET L 878 34.65 68.56 -11.15
C MET L 878 35.47 68.65 -12.44
N LYS L 879 35.13 69.57 -13.32
CA LYS L 879 35.96 69.80 -14.50
C LYS L 879 37.33 70.33 -14.11
N VAL L 880 37.38 71.20 -13.12
CA VAL L 880 38.67 71.68 -12.60
C VAL L 880 39.45 70.52 -12.00
N PHE L 881 38.75 69.60 -11.33
CA PHE L 881 39.39 68.39 -10.80
C PHE L 881 39.99 67.55 -11.92
N LEU L 882 39.25 67.41 -13.03
CA LEU L 882 39.76 66.67 -14.17
C LEU L 882 40.99 67.34 -14.75
N LYS L 883 40.98 68.67 -14.86
CA LYS L 883 42.14 69.38 -15.38
C LYS L 883 43.34 69.22 -14.48
N ALA L 884 43.12 69.29 -13.16
CA ALA L 884 44.22 69.10 -12.21
C ALA L 884 44.79 67.69 -12.28
N LEU L 885 43.93 66.69 -12.47
CA LEU L 885 44.42 65.33 -12.66
C LEU L 885 45.20 65.19 -13.96
N LEU L 886 44.76 65.89 -15.01
CA LEU L 886 45.48 65.85 -16.28
C LEU L 886 46.86 66.48 -16.14
N ASN L 887 46.96 67.59 -15.41
CA ASN L 887 48.23 68.28 -15.27
C ASN L 887 49.23 67.50 -14.44
N LEU L 888 48.82 66.45 -13.74
CA LEU L 888 49.71 65.65 -12.92
C LEU L 888 50.35 64.51 -13.70
N GLY L 889 50.30 64.54 -15.03
CA GLY L 889 51.01 63.56 -15.82
C GLY L 889 50.33 62.22 -15.95
N VAL L 890 49.18 62.18 -16.59
CA VAL L 890 48.51 60.92 -16.92
C VAL L 890 49.08 60.40 -18.23
N ASP L 891 48.98 59.09 -18.43
CA ASP L 891 49.42 58.48 -19.68
C ASP L 891 48.36 58.70 -20.75
N GLU L 892 48.64 59.58 -21.70
CA GLU L 892 47.66 59.90 -22.74
C GLU L 892 47.56 58.81 -23.81
N ASN L 893 48.61 58.01 -24.01
CA ASN L 893 48.58 57.00 -25.06
C ASN L 893 47.60 55.88 -24.74
N LYS L 894 47.62 55.38 -23.50
CA LYS L 894 46.73 54.31 -23.11
C LYS L 894 45.27 54.75 -23.14
N VAL L 895 44.99 55.95 -22.64
CA VAL L 895 43.62 56.46 -22.66
C VAL L 895 43.21 56.89 -24.06
N ALA L 896 44.16 57.11 -24.96
CA ALA L 896 43.80 57.32 -26.36
C ALA L 896 43.45 56.00 -27.02
N GLU L 897 44.14 54.93 -26.63
CA GLU L 897 43.86 53.62 -27.22
C GLU L 897 42.56 53.03 -26.71
N LYS L 898 42.27 53.18 -25.42
CA LYS L 898 41.15 52.46 -24.81
C LYS L 898 39.86 53.27 -24.74
N THR L 899 39.88 54.55 -25.09
CA THR L 899 38.68 55.38 -25.01
C THR L 899 38.44 56.08 -26.34
N GLU L 900 37.19 56.48 -26.54
CA GLU L 900 36.76 57.23 -27.71
C GLU L 900 36.42 58.65 -27.29
N GLY L 901 37.08 59.63 -27.92
CA GLY L 901 36.79 61.02 -27.63
C GLY L 901 37.65 61.64 -26.56
N PHE L 902 38.86 61.14 -26.33
CA PHE L 902 39.71 61.72 -25.31
C PHE L 902 40.25 63.09 -25.73
N ALA L 903 40.58 63.23 -27.02
CA ALA L 903 41.17 64.48 -27.49
C ALA L 903 40.17 65.63 -27.41
N GLU L 904 38.89 65.36 -27.71
CA GLU L 904 37.87 66.40 -27.58
C GLU L 904 37.70 66.83 -26.13
N LEU L 905 37.73 65.87 -25.20
CA LEU L 905 37.63 66.21 -23.79
C LEU L 905 38.83 67.03 -23.33
N LYS L 906 40.03 66.67 -23.79
CA LYS L 906 41.21 67.44 -23.45
C LYS L 906 41.15 68.86 -24.03
N ALA L 907 40.60 68.99 -25.25
CA ALA L 907 40.45 70.31 -25.84
C ALA L 907 39.42 71.14 -25.09
N SER L 908 38.39 70.48 -24.54
CA SER L 908 37.37 71.21 -23.80
C SER L 908 37.90 71.77 -22.49
N LEU L 909 38.84 71.08 -21.85
CA LEU L 909 39.41 71.51 -20.57
C LEU L 909 40.70 72.29 -20.75
N ALA L 910 40.89 72.96 -21.88
CA ALA L 910 42.16 73.61 -22.16
C ALA L 910 42.32 74.92 -21.38
N ASP L 911 41.23 75.65 -21.14
CA ASP L 911 41.29 76.97 -20.51
C ASP L 911 40.83 76.95 -19.06
N VAL L 912 40.90 75.81 -18.40
CA VAL L 912 40.39 75.69 -17.04
C VAL L 912 41.51 75.99 -16.05
N LYS L 913 41.26 76.92 -15.14
CA LYS L 913 42.19 77.23 -14.07
C LYS L 913 41.96 76.28 -12.89
N VAL L 914 43.01 76.10 -12.08
CA VAL L 914 43.01 75.13 -11.00
C VAL L 914 43.13 75.87 -9.67
N SER L 915 42.28 75.51 -8.72
CA SER L 915 42.31 76.05 -7.37
C SER L 915 43.17 75.19 -6.46
N GLU L 916 43.40 75.70 -5.25
CA GLU L 916 44.30 75.01 -4.31
C GLU L 916 43.68 73.74 -3.75
N GLU L 917 42.41 73.82 -3.34
CA GLU L 917 41.74 72.66 -2.76
C GLU L 917 41.57 71.56 -3.79
N ILE L 918 41.22 71.93 -5.03
CA ILE L 918 41.13 70.96 -6.11
C ILE L 918 42.48 70.32 -6.36
N GLN L 919 43.55 71.13 -6.32
CA GLN L 919 44.90 70.58 -6.50
C GLN L 919 45.25 69.59 -5.40
N ALA L 920 44.89 69.91 -4.16
CA ALA L 920 45.17 69.00 -3.05
C ALA L 920 44.42 67.69 -3.20
N LEU L 921 43.13 67.75 -3.55
CA LEU L 921 42.35 66.53 -3.75
C LEU L 921 42.89 65.72 -4.92
N ALA L 922 43.27 66.38 -6.01
CA ALA L 922 43.81 65.68 -7.15
C ALA L 922 45.14 65.02 -6.83
N GLN L 923 45.99 65.69 -6.06
CA GLN L 923 47.24 65.08 -5.62
C GLN L 923 46.98 63.86 -4.75
N LYS L 924 46.02 63.98 -3.82
CA LYS L 924 45.70 62.86 -2.94
C LYS L 924 45.20 61.67 -3.73
N TYR L 925 44.38 61.91 -4.75
CA TYR L 925 43.92 60.82 -5.59
C TYR L 925 45.02 60.26 -6.47
N ALA L 926 45.98 61.10 -6.88
CA ALA L 926 47.01 60.66 -7.81
C ALA L 926 48.06 59.80 -7.13
N LYS L 927 48.52 60.19 -5.93
CA LYS L 927 49.56 59.38 -5.29
C LYS L 927 49.02 58.07 -4.73
N ALA L 928 47.70 57.96 -4.57
CA ALA L 928 47.12 56.73 -4.03
C ALA L 928 47.29 55.59 -5.01
N ALA L 929 47.80 54.46 -4.53
CA ALA L 929 48.01 53.31 -5.41
C ALA L 929 46.69 52.64 -5.77
N LYS L 930 45.82 52.44 -4.79
CA LYS L 930 44.56 51.71 -4.99
C LYS L 930 43.39 52.52 -4.45
N PRO L 931 42.97 53.56 -5.16
CA PRO L 931 41.88 54.40 -4.65
C PRO L 931 40.50 53.94 -5.10
N LEU L 932 39.57 53.93 -4.16
CA LEU L 932 38.17 53.62 -4.44
C LEU L 932 37.34 54.88 -4.38
N ILE L 933 36.24 54.89 -5.11
CA ILE L 933 35.27 55.97 -5.06
C ILE L 933 33.93 55.37 -4.72
N VAL L 934 33.32 55.84 -3.64
CA VAL L 934 32.02 55.38 -3.19
C VAL L 934 31.03 56.51 -3.40
N ILE L 935 30.06 56.31 -4.29
CA ILE L 935 29.12 57.34 -4.70
C ILE L 935 27.75 56.93 -4.21
N ASP L 936 27.10 57.82 -3.47
CA ASP L 936 25.73 57.57 -3.02
C ASP L 936 24.76 57.98 -4.11
N GLU L 937 23.97 57.02 -4.61
CA GLU L 937 23.05 57.31 -5.69
C GLU L 937 21.88 58.18 -5.25
N ASP L 938 21.64 58.31 -3.94
CA ASP L 938 20.49 59.07 -3.49
C ASP L 938 20.72 60.57 -3.60
N THR L 939 21.97 61.03 -3.49
CA THR L 939 22.24 62.45 -3.40
C THR L 939 23.21 62.95 -4.46
N VAL L 940 23.45 62.17 -5.51
CA VAL L 940 24.41 62.52 -6.55
C VAL L 940 23.72 62.42 -7.91
N SER L 941 23.84 63.47 -8.71
CA SER L 941 23.28 63.46 -10.06
C SER L 941 24.09 62.53 -10.97
N ALA L 942 23.48 62.17 -12.10
CA ALA L 942 24.11 61.22 -13.01
C ALA L 942 25.35 61.80 -13.67
N GLU L 943 25.35 63.10 -13.96
CA GLU L 943 26.50 63.69 -14.63
C GLU L 943 27.72 63.76 -13.73
N ALA L 944 27.52 63.90 -12.42
CA ALA L 944 28.64 63.78 -11.49
C ALA L 944 29.22 62.38 -11.49
N VAL L 945 28.36 61.36 -11.59
CA VAL L 945 28.83 59.99 -11.69
C VAL L 945 29.62 59.80 -12.97
N LYS L 946 29.16 60.39 -14.07
CA LYS L 946 29.89 60.31 -15.33
C LYS L 946 31.26 60.96 -15.22
N LEU L 947 31.33 62.13 -14.57
CA LEU L 947 32.62 62.81 -14.42
C LEU L 947 33.58 62.04 -13.53
N MET L 948 33.07 61.42 -12.46
CA MET L 948 33.90 60.52 -11.65
C MET L 948 34.40 59.33 -12.47
N ALA L 949 33.54 58.76 -13.31
CA ALA L 949 33.98 57.67 -14.17
C ALA L 949 35.06 58.14 -15.12
N TYR L 950 34.95 59.36 -15.65
CA TYR L 950 35.98 59.91 -16.51
C TYR L 950 37.30 60.05 -15.75
N ALA L 951 37.23 60.54 -14.52
CA ALA L 951 38.44 60.71 -13.72
C ALA L 951 39.10 59.36 -13.44
N ALA L 952 38.30 58.34 -13.15
CA ALA L 952 38.86 57.01 -12.93
C ALA L 952 39.44 56.42 -14.21
N VAL L 953 38.82 56.69 -15.35
CA VAL L 953 39.26 56.10 -16.60
C VAL L 953 40.58 56.72 -17.06
N ILE L 954 40.68 58.05 -17.03
CA ILE L 954 41.88 58.70 -17.57
C ILE L 954 43.09 58.46 -16.69
N THR L 955 42.89 58.12 -15.42
CA THR L 955 44.03 57.79 -14.57
C THR L 955 44.39 56.31 -14.59
N GLY L 956 43.59 55.48 -15.25
CA GLY L 956 43.90 54.07 -15.29
C GLY L 956 43.66 53.31 -14.02
N LYS L 957 42.83 53.84 -13.11
CA LYS L 957 42.52 53.20 -11.85
C LYS L 957 41.21 52.44 -11.89
N ILE L 958 40.85 51.87 -13.04
CA ILE L 958 39.61 51.13 -13.18
C ILE L 958 39.90 49.83 -13.94
N GLY L 959 39.00 48.87 -13.78
CA GLY L 959 39.11 47.61 -14.49
C GLY L 959 40.05 46.60 -13.87
N ALA L 960 40.44 46.78 -12.61
CA ALA L 960 41.32 45.84 -11.94
C ALA L 960 40.95 45.79 -10.47
N ALA L 961 41.61 44.91 -9.72
CA ALA L 961 41.27 44.70 -8.33
C ALA L 961 41.68 45.88 -7.47
N TYR L 962 40.89 46.14 -6.42
CA TYR L 962 41.10 47.18 -5.43
C TYR L 962 41.13 48.58 -6.03
N ARG L 963 40.55 48.75 -7.22
CA ARG L 963 40.56 50.02 -7.91
C ARG L 963 39.30 50.13 -8.74
N GLY L 964 38.57 51.22 -8.59
CA GLY L 964 37.39 51.37 -9.40
C GLY L 964 36.42 52.34 -8.77
N ILE L 965 35.14 52.10 -9.03
CA ILE L 965 34.05 52.91 -8.52
C ILE L 965 33.02 51.97 -7.90
N ILE L 966 32.66 52.22 -6.65
CA ILE L 966 31.60 51.49 -5.98
C ILE L 966 30.38 52.38 -5.92
N LEU L 967 29.25 51.87 -6.40
CA LEU L 967 28.01 52.63 -6.52
C LEU L 967 26.95 51.94 -5.68
N VAL L 968 26.46 52.63 -4.65
CA VAL L 968 25.45 52.09 -3.75
C VAL L 968 24.09 52.61 -4.19
N ARG L 969 23.12 51.70 -4.26
CA ARG L 969 21.83 52.01 -4.84
C ARG L 969 20.84 52.48 -3.78
N THR L 970 19.69 52.96 -4.25
CA THR L 970 18.67 53.50 -3.36
C THR L 970 17.91 52.40 -2.64
N LYS L 971 17.56 51.33 -3.35
CA LYS L 971 16.72 50.28 -2.79
C LYS L 971 17.48 48.95 -2.82
N ASN L 972 16.82 47.91 -2.32
CA ASN L 972 17.48 46.62 -2.15
C ASN L 972 17.80 45.97 -3.49
N ASN L 973 16.81 45.92 -4.37
CA ASN L 973 16.95 45.26 -5.65
C ASN L 973 16.84 46.27 -6.79
N THR L 974 17.45 47.44 -6.61
CA THR L 974 17.55 48.38 -7.73
C THR L 974 18.44 47.83 -8.81
N GLN L 975 19.51 47.13 -8.43
CA GLN L 975 20.36 46.50 -9.44
C GLN L 975 19.62 45.43 -10.21
N GLY L 976 18.77 44.67 -9.52
CA GLY L 976 17.98 43.67 -10.22
C GLY L 976 16.98 44.28 -11.19
N ALA L 977 16.33 45.38 -10.77
CA ALA L 977 15.40 46.06 -11.65
C ALA L 977 16.11 46.64 -12.86
N VAL L 978 17.34 47.13 -12.67
CA VAL L 978 18.12 47.60 -13.81
C VAL L 978 18.46 46.45 -14.75
N ASP L 979 18.85 45.30 -14.20
CA ASP L 979 19.28 44.18 -15.02
C ASP L 979 18.14 43.47 -15.75
N MET L 980 16.89 43.71 -15.37
CA MET L 980 15.76 43.15 -16.09
C MET L 980 15.15 44.14 -17.08
N GLY L 981 15.75 45.30 -17.26
CA GLY L 981 15.32 46.23 -18.28
C GLY L 981 14.41 47.34 -17.84
N PHE L 982 14.18 47.50 -16.54
CA PHE L 982 13.32 48.59 -16.04
C PHE L 982 14.16 49.87 -15.93
N VAL L 983 14.55 50.39 -17.10
CA VAL L 983 15.47 51.51 -17.14
C VAL L 983 14.95 52.65 -18.01
N MET L 984 13.67 52.61 -18.35
CA MET L 984 13.07 53.72 -19.09
C MET L 984 12.85 54.91 -18.16
N PRO L 985 13.17 56.12 -18.60
CA PRO L 985 12.95 57.29 -17.75
C PRO L 985 11.47 57.56 -17.52
N VAL L 986 11.20 58.23 -16.40
CA VAL L 986 9.81 58.50 -16.02
C VAL L 986 9.22 59.63 -16.85
N SER L 987 10.06 60.53 -17.36
CA SER L 987 9.55 61.63 -18.18
C SER L 987 8.87 61.11 -19.44
N ALA L 988 9.34 59.99 -19.99
CA ALA L 988 8.67 59.38 -21.12
C ALA L 988 7.27 58.93 -20.75
N VAL L 989 7.10 58.37 -19.55
CA VAL L 989 5.77 57.95 -19.10
C VAL L 989 4.87 59.15 -18.93
N ALA L 990 5.39 60.23 -18.35
CA ALA L 990 4.59 61.44 -18.16
C ALA L 990 4.16 62.04 -19.49
N GLN L 991 5.09 62.11 -20.45
CA GLN L 991 4.75 62.65 -21.76
C GLN L 991 3.73 61.76 -22.48
N GLY L 992 3.93 60.45 -22.44
CA GLY L 992 2.98 59.55 -23.07
C GLY L 992 1.60 59.58 -22.43
N ILE L 993 1.55 59.86 -21.13
CA ILE L 993 0.26 60.08 -20.48
C ILE L 993 -0.39 61.35 -21.01
N GLU L 994 0.39 62.43 -21.10
CA GLU L 994 -0.19 63.71 -21.49
C GLU L 994 -0.34 63.88 -23.00
N SER L 995 0.26 63.01 -23.81
CA SER L 995 0.09 63.07 -25.24
C SER L 995 -1.01 62.15 -25.76
N GLY L 996 -1.66 61.40 -24.88
CA GLY L 996 -2.73 60.50 -25.28
C GLY L 996 -2.28 59.18 -25.86
N LYS L 997 -0.96 58.93 -25.91
CA LYS L 997 -0.48 57.67 -26.46
C LYS L 997 -0.62 56.52 -25.48
N ILE L 998 -0.48 56.77 -24.19
CA ILE L 998 -0.58 55.75 -23.15
C ILE L 998 -1.95 55.87 -22.49
N LYS L 999 -2.69 54.76 -22.45
CA LYS L 999 -4.03 54.77 -21.91
C LYS L 999 -4.21 53.96 -20.64
N ALA L 1000 -3.30 53.05 -20.35
CA ALA L 1000 -3.41 52.21 -19.16
C ALA L 1000 -2.06 52.13 -18.46
N LEU L 1001 -2.11 51.93 -17.14
CA LEU L 1001 -0.92 51.83 -16.33
C LEU L 1001 -1.06 50.68 -15.34
N VAL L 1002 0.06 50.03 -15.05
CA VAL L 1002 0.11 48.95 -14.07
C VAL L 1002 1.17 49.31 -13.05
N VAL L 1003 0.75 49.53 -11.81
CA VAL L 1003 1.64 49.97 -10.76
C VAL L 1003 1.81 48.83 -9.77
N ILE L 1004 3.05 48.46 -9.48
CA ILE L 1004 3.36 47.33 -8.61
C ILE L 1004 4.21 47.82 -7.45
N GLY L 1005 3.58 48.11 -6.33
CA GLY L 1005 4.32 48.46 -5.13
C GLY L 1005 4.74 49.91 -5.01
N GLU L 1006 4.34 50.77 -5.93
CA GLU L 1006 4.71 52.17 -5.88
C GLU L 1006 3.51 53.03 -5.53
N ASP L 1007 3.79 54.25 -5.07
CA ASP L 1007 2.75 55.25 -4.80
C ASP L 1007 3.23 56.54 -5.45
N PRO L 1008 2.97 56.73 -6.74
CA PRO L 1008 3.27 58.03 -7.34
C PRO L 1008 2.24 59.09 -7.01
N ALA L 1009 1.04 58.69 -6.60
CA ALA L 1009 -0.07 59.62 -6.47
C ALA L 1009 -0.03 60.43 -5.17
N ALA L 1010 0.98 60.25 -4.32
CA ALA L 1010 1.07 61.07 -3.12
C ALA L 1010 1.45 62.51 -3.42
N TYR L 1011 1.87 62.81 -4.63
CA TYR L 1011 2.26 64.15 -5.05
C TYR L 1011 1.27 64.70 -6.06
N PRO L 1012 0.95 65.99 -5.99
CA PRO L 1012 -0.21 66.51 -6.75
C PRO L 1012 -0.08 66.41 -8.26
N GLN L 1013 1.11 66.67 -8.82
CA GLN L 1013 1.26 66.63 -10.26
C GLN L 1013 1.13 65.22 -10.81
N GLU L 1014 1.74 64.23 -10.15
CA GLU L 1014 1.60 62.86 -10.59
C GLU L 1014 0.18 62.34 -10.40
N SER L 1015 -0.51 62.80 -9.36
CA SER L 1015 -1.91 62.43 -9.18
C SER L 1015 -2.78 63.01 -10.31
N ALA L 1016 -2.51 64.26 -10.69
CA ALA L 1016 -3.24 64.85 -11.81
C ALA L 1016 -2.96 64.11 -13.11
N LEU L 1017 -1.71 63.65 -13.30
CA LEU L 1017 -1.39 62.85 -14.47
C LEU L 1017 -2.13 61.52 -14.45
N LEU L 1018 -2.18 60.86 -13.30
CA LEU L 1018 -2.86 59.57 -13.20
C LEU L 1018 -4.36 59.71 -13.39
N GLN L 1019 -4.91 60.89 -13.09
CA GLN L 1019 -6.35 61.09 -13.24
C GLN L 1019 -6.80 61.08 -14.70
N LYS L 1020 -5.87 61.23 -15.64
CA LYS L 1020 -6.20 61.24 -17.07
C LYS L 1020 -6.03 59.87 -17.72
N LEU L 1021 -6.18 58.79 -16.96
CA LEU L 1021 -5.98 57.46 -17.48
C LEU L 1021 -7.33 56.85 -17.88
N SER L 1022 -7.28 55.61 -18.37
CA SER L 1022 -8.48 54.85 -18.69
C SER L 1022 -8.61 53.56 -17.89
N PHE L 1023 -7.51 53.01 -17.38
CA PHE L 1023 -7.54 51.80 -16.58
C PHE L 1023 -6.24 51.71 -15.81
N LEU L 1024 -6.33 51.61 -14.49
CA LEU L 1024 -5.14 51.59 -13.63
C LEU L 1024 -5.25 50.46 -12.63
N VAL L 1025 -4.21 49.65 -12.52
CA VAL L 1025 -4.15 48.55 -11.57
C VAL L 1025 -3.04 48.85 -10.58
N VAL L 1026 -3.31 48.63 -9.30
CA VAL L 1026 -2.33 48.88 -8.25
C VAL L 1026 -2.12 47.59 -7.48
N TYR L 1027 -0.88 47.12 -7.44
CA TYR L 1027 -0.49 46.03 -6.55
C TYR L 1027 0.21 46.69 -5.36
N ASP L 1028 -0.40 46.61 -4.19
CA ASP L 1028 0.22 47.20 -3.01
C ASP L 1028 -0.27 46.47 -1.77
N MET L 1029 0.50 46.63 -0.70
CA MET L 1029 0.14 46.02 0.58
C MET L 1029 -0.96 46.81 1.27
N PHE L 1030 -0.90 48.14 1.19
CA PHE L 1030 -1.82 49.02 1.89
C PHE L 1030 -2.72 49.74 0.89
N MET L 1031 -3.89 50.15 1.38
CA MET L 1031 -4.79 51.00 0.60
C MET L 1031 -4.24 52.42 0.66
N THR L 1032 -3.21 52.64 -0.16
CA THR L 1032 -2.48 53.90 -0.14
C THR L 1032 -3.22 54.95 -0.96
N LYS L 1033 -2.54 56.06 -1.26
CA LYS L 1033 -3.16 57.14 -2.01
C LYS L 1033 -3.40 56.74 -3.46
N THR L 1034 -2.48 55.97 -4.04
CA THR L 1034 -2.65 55.53 -5.42
C THR L 1034 -3.77 54.50 -5.54
N ALA L 1035 -3.83 53.57 -4.60
CA ALA L 1035 -4.81 52.49 -4.70
C ALA L 1035 -6.24 52.98 -4.50
N THR L 1036 -6.42 54.13 -3.86
CA THR L 1036 -7.75 54.70 -3.72
C THR L 1036 -8.30 55.16 -5.07
N ALA L 1037 -7.45 55.74 -5.91
CA ALA L 1037 -7.87 56.27 -7.19
C ALA L 1037 -7.82 55.25 -8.32
N ALA L 1038 -7.47 54.00 -8.03
CA ALA L 1038 -7.36 52.98 -9.05
C ALA L 1038 -8.73 52.38 -9.36
N ASP L 1039 -8.76 51.53 -10.39
CA ASP L 1039 -9.95 50.77 -10.75
C ASP L 1039 -9.91 49.34 -10.25
N MET L 1040 -8.79 48.92 -9.68
CA MET L 1040 -8.62 47.56 -9.20
C MET L 1040 -7.37 47.47 -8.34
N VAL L 1041 -7.48 46.89 -7.14
CA VAL L 1041 -6.36 46.78 -6.22
C VAL L 1041 -6.16 45.31 -5.88
N VAL L 1042 -4.91 44.84 -5.96
CA VAL L 1042 -4.54 43.47 -5.64
C VAL L 1042 -3.55 43.51 -4.49
N PRO L 1043 -3.76 42.75 -3.41
CA PRO L 1043 -2.86 42.83 -2.27
C PRO L 1043 -1.52 42.15 -2.53
N LEU L 1044 -0.52 42.57 -1.77
CA LEU L 1044 0.82 41.99 -1.82
C LEU L 1044 1.22 41.53 -0.43
N VAL L 1045 2.28 40.72 -0.38
CA VAL L 1045 2.82 40.25 0.88
C VAL L 1045 4.13 40.98 1.14
N SER L 1046 4.57 40.94 2.39
CA SER L 1046 5.76 41.66 2.80
C SER L 1046 7.01 40.84 2.53
N SER L 1047 8.16 41.42 2.86
CA SER L 1047 9.43 40.76 2.63
C SER L 1047 9.68 39.60 3.57
N ALA L 1048 8.86 39.43 4.61
CA ALA L 1048 8.98 38.31 5.53
C ALA L 1048 8.25 37.07 5.04
N GLU L 1049 7.51 37.16 3.94
CA GLU L 1049 6.69 36.06 3.45
C GLU L 1049 7.02 35.66 2.02
N VAL L 1050 8.17 36.07 1.50
CA VAL L 1050 8.53 35.85 0.10
C VAL L 1050 9.81 35.04 0.04
N ASN L 1051 9.88 34.15 -0.95
CA ASN L 1051 11.09 33.42 -1.30
C ASN L 1051 11.63 33.98 -2.61
N GLY L 1052 12.95 34.17 -2.68
CA GLY L 1052 13.52 34.72 -3.90
C GLY L 1052 14.96 35.10 -3.73
N THR L 1053 15.38 36.09 -4.51
CA THR L 1053 16.74 36.60 -4.43
C THR L 1053 16.74 38.11 -4.60
N TYR L 1054 17.72 38.75 -3.99
CA TYR L 1054 17.98 40.17 -4.14
C TYR L 1054 19.38 40.38 -4.67
N THR L 1055 19.54 41.30 -5.60
CA THR L 1055 20.86 41.64 -6.14
C THR L 1055 21.40 42.86 -5.42
N ARG L 1056 22.56 42.70 -4.78
CA ARG L 1056 23.16 43.74 -3.98
C ARG L 1056 23.68 44.87 -4.87
N SER L 1057 24.21 45.92 -4.24
CA SER L 1057 24.81 47.01 -5.00
C SER L 1057 26.06 46.55 -5.73
N ASP L 1058 26.83 45.67 -5.12
CA ASP L 1058 28.05 45.15 -5.73
C ASP L 1058 27.82 43.86 -6.49
N ARG L 1059 26.64 43.70 -7.07
CA ARG L 1059 26.30 42.58 -7.95
C ARG L 1059 26.37 41.24 -7.24
N ARG L 1060 26.00 41.16 -5.97
CA ARG L 1060 25.95 39.89 -5.25
C ARG L 1060 24.50 39.46 -5.09
N ILE L 1061 24.21 38.21 -5.41
CA ILE L 1061 22.86 37.67 -5.37
C ILE L 1061 22.67 36.92 -4.07
N GLN L 1062 21.75 37.40 -3.23
CA GLN L 1062 21.53 36.83 -1.91
C GLN L 1062 20.12 36.27 -1.81
N ALA L 1063 20.01 35.09 -1.20
CA ALA L 1063 18.71 34.45 -1.08
C ALA L 1063 17.87 35.11 0.00
N VAL L 1064 16.59 35.26 -0.29
CA VAL L 1064 15.60 35.80 0.63
C VAL L 1064 14.64 34.67 0.97
N ARG L 1065 14.53 34.36 2.26
CA ARG L 1065 13.75 33.23 2.72
C ARG L 1065 12.52 33.70 3.46
N ALA L 1066 11.43 32.95 3.33
CA ALA L 1066 10.15 33.33 3.92
C ALA L 1066 10.05 32.80 5.33
N ALA L 1067 9.77 33.70 6.28
CA ALA L 1067 9.67 33.32 7.68
C ALA L 1067 8.27 32.82 8.01
N ILE L 1068 7.24 33.55 7.60
CA ILE L 1068 5.86 33.21 7.92
C ILE L 1068 5.09 33.02 6.62
N GLN L 1069 4.00 32.26 6.71
CA GLN L 1069 3.18 31.99 5.55
C GLN L 1069 2.45 33.25 5.11
N PRO L 1070 2.13 33.37 3.81
CA PRO L 1070 1.48 34.59 3.31
C PRO L 1070 0.11 34.79 3.91
N LYS L 1071 -0.07 35.94 4.58
CA LYS L 1071 -1.29 36.22 5.30
C LYS L 1071 -2.47 36.51 4.38
N THR L 1072 -2.23 36.75 3.09
CA THR L 1072 -3.30 36.97 2.13
C THR L 1072 -3.67 35.71 1.35
N GLY L 1073 -2.84 34.67 1.39
CA GLY L 1073 -3.16 33.43 0.73
C GLY L 1073 -2.22 33.05 -0.40
N LYS L 1074 -1.85 34.01 -1.24
CA LYS L 1074 -1.00 33.76 -2.39
C LYS L 1074 0.14 34.76 -2.42
N ALA L 1075 1.33 34.26 -2.75
CA ALA L 1075 2.51 35.11 -2.87
C ALA L 1075 2.45 35.91 -4.17
N THR L 1076 3.33 36.91 -4.28
CA THR L 1076 3.37 37.73 -5.48
C THR L 1076 3.79 36.91 -6.70
N LEU L 1077 4.74 36.00 -6.51
CA LEU L 1077 5.16 35.13 -7.59
C LEU L 1077 4.00 34.27 -8.07
N GLN L 1078 3.17 33.80 -7.15
CA GLN L 1078 2.02 33.00 -7.57
C GLN L 1078 1.04 33.83 -8.37
N ILE L 1079 0.78 35.08 -7.96
CA ILE L 1079 -0.15 35.94 -8.68
C ILE L 1079 0.34 36.18 -10.10
N LEU L 1080 1.64 36.49 -10.24
CA LEU L 1080 2.19 36.72 -11.57
C LEU L 1080 2.19 35.45 -12.41
N ILE L 1081 2.42 34.30 -11.78
CA ILE L 1081 2.42 33.03 -12.50
C ILE L 1081 1.03 32.71 -13.04
N GLU L 1082 -0.02 32.92 -12.23
CA GLU L 1082 -1.36 32.65 -12.75
C GLU L 1082 -1.76 33.66 -13.82
N THR L 1083 -1.35 34.91 -13.68
CA THR L 1083 -1.68 35.88 -14.74
C THR L 1083 -1.00 35.50 -16.05
N LEU L 1084 0.27 35.10 -16.01
CA LEU L 1084 0.96 34.68 -17.22
C LEU L 1084 0.40 33.37 -17.75
N LYS L 1085 -0.12 32.52 -16.86
CA LYS L 1085 -0.83 31.32 -17.30
C LYS L 1085 -2.08 31.67 -18.07
N SER L 1086 -2.81 32.68 -17.63
CA SER L 1086 -3.96 33.16 -18.38
C SER L 1086 -3.53 33.73 -19.73
N LEU L 1087 -2.42 34.45 -19.76
CA LEU L 1087 -1.96 35.04 -21.01
C LEU L 1087 -1.26 34.04 -21.92
N GLY L 1088 -0.99 32.82 -21.47
CA GLY L 1088 -0.46 31.78 -22.32
C GLY L 1088 0.97 31.35 -22.09
N ILE L 1089 1.61 31.79 -21.01
CA ILE L 1089 2.98 31.40 -20.68
C ILE L 1089 2.96 30.52 -19.45
N LYS L 1090 3.56 29.35 -19.54
CA LYS L 1090 3.41 28.29 -18.56
C LYS L 1090 4.64 28.22 -17.66
N TYR L 1091 4.44 28.48 -16.38
CA TYR L 1091 5.45 28.26 -15.35
C TYR L 1091 4.80 27.53 -14.19
N ASP L 1092 5.58 26.68 -13.53
CA ASP L 1092 5.06 25.86 -12.44
C ASP L 1092 5.54 26.33 -11.07
N THR L 1093 6.84 26.46 -10.88
CA THR L 1093 7.39 26.81 -9.58
C THR L 1093 8.56 27.77 -9.81
N ILE L 1094 9.27 28.08 -8.72
CA ILE L 1094 10.35 29.06 -8.81
C ILE L 1094 11.57 28.50 -9.53
N ALA L 1095 11.69 27.17 -9.62
CA ALA L 1095 12.81 26.60 -10.36
C ALA L 1095 12.69 26.88 -11.86
N ASP L 1096 11.47 26.78 -12.40
CA ASP L 1096 11.27 27.11 -13.81
C ASP L 1096 11.54 28.58 -14.09
N VAL L 1097 11.12 29.46 -13.17
CA VAL L 1097 11.39 30.88 -13.33
C VAL L 1097 12.89 31.14 -13.30
N ARG L 1098 13.61 30.46 -12.41
CA ARG L 1098 15.04 30.67 -12.33
C ARG L 1098 15.76 30.14 -13.57
N ALA L 1099 15.29 29.01 -14.11
CA ALA L 1099 15.86 28.51 -15.36
C ALA L 1099 15.60 29.48 -16.51
N ALA L 1100 14.40 30.06 -16.58
CA ALA L 1100 14.11 31.05 -17.60
C ALA L 1100 14.98 32.29 -17.45
N ILE L 1101 15.22 32.73 -16.20
CA ILE L 1101 16.10 33.87 -15.97
C ILE L 1101 17.50 33.55 -16.44
N ALA L 1102 17.98 32.35 -16.15
CA ALA L 1102 19.32 31.96 -16.56
C ALA L 1102 19.44 31.89 -18.08
N SER L 1103 18.39 31.43 -18.76
CA SER L 1103 18.43 31.23 -20.20
C SER L 1103 18.04 32.45 -21.01
N GLU L 1104 17.53 33.50 -20.37
CA GLU L 1104 17.12 34.70 -21.12
C GLU L 1104 17.87 35.95 -20.71
N VAL L 1105 18.11 36.17 -19.42
CA VAL L 1105 18.90 37.31 -18.98
C VAL L 1105 20.37 36.99 -19.22
N SER L 1106 21.10 37.97 -19.77
CA SER L 1106 22.42 37.69 -20.31
C SER L 1106 23.43 37.35 -19.22
N ASN L 1107 23.50 38.16 -18.16
CA ASN L 1107 24.57 38.03 -17.18
C ASN L 1107 24.22 37.08 -16.04
N TYR L 1108 22.98 36.63 -15.93
CA TYR L 1108 22.59 35.74 -14.85
C TYR L 1108 22.74 34.28 -15.23
N ALA L 1109 23.56 33.97 -16.24
CA ALA L 1109 23.78 32.60 -16.67
C ALA L 1109 24.51 31.81 -15.58
N GLY L 1110 23.87 30.78 -15.06
CA GLY L 1110 24.38 30.05 -13.91
C GLY L 1110 23.52 30.17 -12.68
N MET L 1111 22.42 30.92 -12.73
CA MET L 1111 21.53 31.06 -11.58
C MET L 1111 20.78 29.77 -11.27
N ASP L 1112 20.70 28.84 -12.22
CA ASP L 1112 19.92 27.62 -12.01
C ASP L 1112 20.52 26.75 -10.92
N ALA L 1113 21.84 26.60 -10.91
CA ALA L 1113 22.51 25.80 -9.89
C ALA L 1113 23.49 26.67 -9.11
N ALA L 1114 23.03 27.87 -8.73
CA ALA L 1114 23.94 28.86 -8.15
C ALA L 1114 24.26 28.59 -6.68
N ASP L 1115 23.32 27.99 -5.94
CA ASP L 1115 23.47 27.75 -4.50
C ASP L 1115 23.68 29.06 -3.73
N PHE L 1116 22.60 29.84 -3.68
CA PHE L 1116 22.62 31.19 -3.12
C PHE L 1116 22.90 31.24 -1.63
N GLY L 1117 23.15 30.10 -0.99
CA GLY L 1117 23.63 30.11 0.37
C GLY L 1117 25.08 30.53 0.51
N THR L 1118 25.81 30.63 -0.59
CA THR L 1118 27.20 31.07 -0.62
C THR L 1118 27.30 32.36 -1.44
N THR L 1119 28.54 32.79 -1.70
CA THR L 1119 28.76 34.04 -2.42
C THR L 1119 28.61 33.82 -3.91
N VAL L 1120 27.63 34.50 -4.52
CA VAL L 1120 27.40 34.43 -5.95
C VAL L 1120 27.37 35.85 -6.50
N TYR L 1121 28.20 36.11 -7.50
CA TYR L 1121 28.24 37.39 -8.20
C TYR L 1121 27.86 37.17 -9.65
N TRP L 1122 27.13 38.10 -10.24
CA TRP L 1122 26.62 37.72 -11.55
C TRP L 1122 27.62 37.73 -12.72
N PRO L 1123 28.61 38.63 -12.82
CA PRO L 1123 29.51 38.48 -13.97
C PRO L 1123 30.50 37.35 -13.75
N ASN L 1124 30.21 36.18 -14.31
CA ASN L 1124 31.03 34.97 -14.23
C ASN L 1124 31.58 34.67 -12.83
N ASN L 1125 30.81 35.00 -11.79
CA ASN L 1125 31.23 34.83 -10.40
C ASN L 1125 32.55 35.55 -10.11
N LYS L 1126 32.69 36.76 -10.63
CA LYS L 1126 33.89 37.56 -10.44
C LYS L 1126 33.58 38.80 -9.63
N ASN L 1127 34.48 39.16 -8.74
CA ASN L 1127 34.31 40.36 -7.93
C ASN L 1127 34.62 41.63 -8.70
N VAL L 1128 35.43 41.56 -9.74
CA VAL L 1128 35.94 42.73 -10.44
C VAL L 1128 35.41 42.75 -11.86
N LEU L 1129 34.92 43.90 -12.29
CA LEU L 1129 34.42 44.06 -13.64
C LEU L 1129 35.51 44.64 -14.55
N TYR L 1130 35.33 44.40 -15.86
CA TYR L 1130 36.19 44.94 -16.91
C TYR L 1130 37.65 44.53 -16.74
N THR L 1131 37.87 43.27 -16.38
CA THR L 1131 39.24 42.78 -16.29
C THR L 1131 39.85 42.55 -17.67
N ASP L 1132 39.04 42.34 -18.70
CA ASP L 1132 39.52 42.08 -20.05
C ASP L 1132 38.98 43.09 -21.06
N GLY L 1133 38.63 44.29 -20.61
CA GLY L 1133 38.09 45.29 -21.51
C GLY L 1133 36.65 45.66 -21.20
N PHE L 1134 36.23 46.86 -21.57
CA PHE L 1134 34.90 47.32 -21.23
C PHE L 1134 33.86 46.62 -22.10
N ALA L 1135 32.59 46.76 -21.70
CA ALA L 1135 31.50 46.06 -22.34
C ALA L 1135 30.69 46.95 -23.28
N THR L 1136 31.32 47.98 -23.85
CA THR L 1136 30.62 48.82 -24.81
C THR L 1136 30.59 48.15 -26.18
N GLU L 1137 30.10 48.89 -27.17
CA GLU L 1137 29.96 48.34 -28.52
C GLU L 1137 31.32 48.03 -29.14
N GLY L 1138 32.26 48.98 -29.04
CA GLY L 1138 33.59 48.81 -29.57
C GLY L 1138 34.64 48.42 -28.56
N GLN L 1139 34.24 47.96 -27.37
CA GLN L 1139 35.15 47.63 -26.27
C GLN L 1139 36.03 48.81 -25.89
N LYS L 1140 35.48 50.01 -25.97
CA LYS L 1140 36.19 51.23 -25.59
C LYS L 1140 35.27 52.10 -24.75
N ALA L 1141 35.87 52.83 -23.81
CA ALA L 1141 35.11 53.76 -23.00
C ALA L 1141 34.66 54.94 -23.85
N ILE L 1142 33.39 55.31 -23.68
CA ILE L 1142 32.79 56.41 -24.45
C ILE L 1142 32.81 57.66 -23.58
N LEU L 1143 33.64 58.62 -23.96
CA LEU L 1143 33.74 59.89 -23.25
C LEU L 1143 32.99 60.96 -24.02
N ALA L 1144 32.05 61.62 -23.35
CA ALA L 1144 31.26 62.66 -23.97
C ALA L 1144 31.25 63.89 -23.07
N ALA L 1145 31.18 65.06 -23.69
CA ALA L 1145 31.21 66.30 -22.93
C ALA L 1145 29.88 66.51 -22.21
N VAL L 1146 29.96 66.95 -20.95
CA VAL L 1146 28.79 67.26 -20.15
C VAL L 1146 28.78 68.76 -19.89
N GLY L 1147 27.59 69.34 -19.80
CA GLY L 1147 27.43 70.78 -19.67
C GLY L 1147 27.46 71.24 -18.23
N ASP L 1148 27.11 72.52 -18.06
CA ASP L 1148 26.99 73.08 -16.72
C ASP L 1148 25.84 72.40 -15.97
N VAL L 1149 26.06 72.18 -14.68
CA VAL L 1149 25.07 71.48 -13.86
C VAL L 1149 24.78 72.34 -12.63
N PRO L 1150 23.51 72.58 -12.30
CA PRO L 1150 23.20 73.36 -11.11
C PRO L 1150 23.31 72.52 -9.85
N VAL L 1151 22.90 73.10 -8.72
CA VAL L 1151 22.93 72.39 -7.45
C VAL L 1151 21.98 71.20 -7.50
N PHE L 1152 22.33 70.15 -6.77
CA PHE L 1152 21.57 68.91 -6.80
C PHE L 1152 20.18 69.10 -6.20
N VAL L 1153 19.19 68.43 -6.79
CA VAL L 1153 17.80 68.47 -6.35
C VAL L 1153 17.48 67.15 -5.67
N GLU L 1154 17.08 67.22 -4.40
CA GLU L 1154 16.90 66.02 -3.60
C GLU L 1154 15.80 65.13 -4.15
N LYS L 1155 16.08 63.83 -4.21
CA LYS L 1155 15.13 62.88 -4.76
C LYS L 1155 14.00 62.60 -3.78
N LYS L 1156 12.89 62.10 -4.31
CA LYS L 1156 11.72 61.75 -3.52
C LYS L 1156 11.66 60.25 -3.29
N LYS L 1157 10.80 59.86 -2.36
CA LYS L 1157 10.57 58.46 -2.03
C LYS L 1157 9.25 58.00 -2.63
N TYR L 1158 9.27 56.87 -3.33
CA TYR L 1158 8.08 56.40 -4.01
C TYR L 1158 7.63 55.01 -3.57
N ASP L 1159 8.49 54.22 -2.93
CA ASP L 1159 8.05 52.92 -2.43
C ASP L 1159 7.12 53.10 -1.25
N SER L 1160 6.05 52.30 -1.23
CA SER L 1160 5.02 52.44 -0.19
C SER L 1160 5.56 52.09 1.18
N VAL L 1161 6.42 51.06 1.26
CA VAL L 1161 6.97 50.63 2.54
C VAL L 1161 7.86 51.70 3.14
N GLU L 1162 8.65 52.38 2.31
CA GLU L 1162 9.58 53.39 2.80
C GLU L 1162 8.85 54.57 3.41
N MET L 1163 7.86 55.12 2.70
CA MET L 1163 7.15 56.26 3.28
C MET L 1163 6.21 55.83 4.38
N ASN L 1164 5.78 54.57 4.37
CA ASN L 1164 5.05 54.06 5.52
C ASN L 1164 5.91 54.06 6.77
N PHE L 1165 7.17 53.62 6.64
CA PHE L 1165 8.09 53.68 7.77
C PHE L 1165 8.34 55.11 8.20
N VAL L 1166 8.49 56.02 7.24
CA VAL L 1166 8.75 57.42 7.58
C VAL L 1166 7.58 58.02 8.34
N ASN L 1167 6.36 57.75 7.89
CA ASN L 1167 5.18 58.31 8.58
C ASN L 1167 4.94 57.63 9.93
N GLY L 1168 5.23 56.34 10.03
CA GLY L 1168 5.09 55.65 11.29
C GLY L 1168 6.16 56.00 12.30
N ARG L 1169 7.28 56.56 11.86
CA ARG L 1169 8.26 57.11 12.80
C ARG L 1169 7.63 58.23 13.62
N GLN L 1170 6.83 59.08 12.99
CA GLN L 1170 6.24 60.23 13.66
C GLN L 1170 5.13 59.86 14.64
N SER L 1171 4.66 58.61 14.63
CA SER L 1171 3.56 58.21 15.51
C SER L 1171 3.97 58.13 16.97
N LEU L 1172 5.26 57.98 17.26
CA LEU L 1172 5.72 57.85 18.64
C LEU L 1172 6.57 59.06 19.05
FE1 FES M . -47.07 -86.62 9.37
FE2 FES M . -49.43 -86.01 8.20
S1 FES M . -48.43 -87.97 8.29
S2 FES M . -47.99 -84.62 9.11
ZN ZN N . -36.90 -80.77 27.62
FE1 FES O . -57.86 -91.59 5.45
FE2 FES O . -59.51 -89.89 4.16
S1 FES O . -58.29 -91.51 3.29
S2 FES O . -59.20 -90.08 6.33
FE1 SF4 P . -40.27 -63.67 3.22
FE2 SF4 P . -40.50 -64.10 5.91
FE3 SF4 P . -42.58 -63.00 4.52
FE4 SF4 P . -40.30 -61.55 4.94
S1 SF4 P . -41.75 -62.31 6.53
S2 SF4 P . -41.46 -61.74 3.00
S3 SF4 P . -38.72 -63.18 4.81
S4 SF4 P . -41.71 -65.09 4.26
FE1 SF4 Q . -26.44 -94.36 28.39
FE2 SF4 Q . -25.10 -96.65 27.74
FE3 SF4 Q . -27.31 -95.91 26.30
FE4 SF4 Q . -27.58 -96.79 28.87
S1 SF4 Q . -26.83 -97.98 27.09
S2 SF4 Q . -28.59 -94.97 27.94
S3 SF4 Q . -25.69 -95.95 29.83
S4 SF4 Q . -25.32 -94.79 26.44
FE1 SF4 R . -32.87 -103.29 35.70
FE2 SF4 R . -31.06 -103.41 37.75
FE3 SF4 R . -30.21 -102.92 35.19
FE4 SF4 R . -31.14 -105.40 35.87
S1 SF4 R . -29.28 -104.36 36.69
S2 SF4 R . -31.66 -104.21 34.01
S3 SF4 R . -32.78 -104.85 37.36
S4 SF4 R . -31.55 -101.59 36.48
PA FAD S . 4.54 -30.47 28.97
O1A FAD S . 4.32 -30.88 30.36
O2A FAD S . 5.90 -30.86 28.43
O5B FAD S . 4.31 -28.95 28.76
C5B FAD S . 3.97 -28.09 29.87
C4B FAD S . 4.40 -26.69 29.54
O4B FAD S . 3.73 -25.76 30.42
C3B FAD S . 5.89 -26.43 29.70
O3B FAD S . 6.35 -25.51 28.72
C2B FAD S . 5.97 -25.82 31.09
O2B FAD S . 7.10 -24.95 31.21
C1B FAD S . 4.70 -24.99 31.11
N9A FAD S . 4.20 -24.70 32.45
C8A FAD S . 4.33 -25.48 33.57
N7A FAD S . 3.79 -24.97 34.64
C5A FAD S . 3.24 -23.78 34.19
C6A FAD S . 2.53 -22.76 34.85
N6A FAD S . 2.22 -22.79 36.15
N1A FAD S . 2.13 -21.69 34.12
C2A FAD S . 2.46 -21.66 32.82
N3A FAD S . 3.12 -22.55 32.10
C4A FAD S . 3.50 -23.59 32.85
N1 FAD S . 7.44 -38.62 24.75
C2 FAD S . 7.29 -39.55 23.76
O2 FAD S . 6.33 -39.55 23.00
N3 FAD S . 8.24 -40.53 23.61
C4 FAD S . 9.37 -40.68 24.36
O4 FAD S . 10.15 -41.60 24.12
C4X FAD S . 9.53 -39.69 25.40
N5 FAD S . 10.57 -39.76 26.15
C5X FAD S . 10.72 -38.82 27.15
C6 FAD S . 11.83 -38.87 27.97
C7 FAD S . 12.03 -37.94 28.98
C7M FAD S . 13.25 -38.02 29.85
C8 FAD S . 11.08 -36.92 29.18
C8M FAD S . 11.27 -35.91 30.27
C9 FAD S . 9.96 -36.86 28.36
C9A FAD S . 9.78 -37.79 27.35
N10 FAD S . 8.64 -37.76 26.52
C10 FAD S . 8.50 -38.69 25.51
C1' FAD S . 7.67 -36.68 26.64
C2' FAD S . 6.49 -36.99 27.55
O2' FAD S . 6.29 -38.40 27.60
C3' FAD S . 5.25 -36.31 26.97
O3' FAD S . 5.63 -35.63 25.78
C4' FAD S . 4.58 -35.28 27.87
O4' FAD S . 3.23 -35.69 28.05
C5' FAD S . 4.60 -33.88 27.29
O5' FAD S . 3.24 -33.41 27.14
P FAD S . 2.60 -32.42 28.18
O1P FAD S . 1.16 -32.08 27.79
O2P FAD S . 2.75 -32.92 29.50
O3P FAD S . 3.44 -31.10 28.01
FE1 SF4 T . -25.72 -56.82 -1.48
FE2 SF4 T . -27.30 -54.66 -1.96
FE3 SF4 T . -26.28 -56.10 -4.04
FE4 SF4 T . -24.64 -54.54 -2.52
S1 SF4 T . -26.35 -53.83 -3.85
S2 SF4 T . -24.24 -56.68 -3.20
S3 SF4 T . -25.60 -54.80 -0.47
S4 SF4 T . -27.76 -56.83 -2.47
FE1 SF4 U . -1.30 -51.39 6.39
FE2 SF4 U . -0.45 -52.50 8.72
FE3 SF4 U . -2.87 -53.21 7.68
FE4 SF4 U . -2.51 -50.72 8.75
S1 SF4 U . -2.42 -52.70 9.85
S2 SF4 U . -3.54 -51.23 6.79
S3 SF4 U . -0.35 -50.31 8.15
S4 SF4 U . -0.83 -53.58 6.76
FE1 SF4 V . -17.74 -51.27 7.81
FE2 SF4 V . -19.00 -53.15 6.29
FE3 SF4 V . -17.05 -51.60 5.19
FE4 SF4 V . -19.46 -50.50 5.83
S1 SF4 V . -19.07 -52.10 4.28
S2 SF4 V . -17.41 -49.63 6.26
S3 SF4 V . -19.98 -51.67 7.72
S4 SF4 V . -16.81 -53.11 6.87
FE1 SF4 W . 1.71 -44.45 15.06
FE2 SF4 W . 2.58 -42.82 17.07
FE3 SF4 W . 0.13 -42.41 15.95
FE4 SF4 W . 2.39 -41.87 14.52
S1 SF4 W . 1.69 -40.83 16.41
S2 SF4 W . 0.55 -42.98 13.79
S3 SF4 W . 3.77 -43.53 15.26
S4 SF4 W . 0.80 -44.22 17.13
FE1 SF4 X . -24.61 -56.45 -14.09
FE2 SF4 X . -23.13 -54.30 -14.89
FE3 SF4 X . -21.95 -56.73 -14.63
FE4 SF4 X . -22.75 -55.36 -12.41
S1 SF4 X . -21.14 -54.75 -13.89
S2 SF4 X . -23.08 -57.58 -12.84
S3 SF4 X . -24.64 -54.37 -13.20
S4 SF4 X . -23.59 -56.17 -16.10
FE1 SF4 Y . -19.01 -42.63 -22.27
FE2 SF4 Y . -20.29 -45.04 -22.16
FE3 SF4 Y . -20.40 -43.56 -24.45
FE4 SF4 Y . -21.74 -42.73 -22.21
S1 SF4 Y . -22.12 -44.62 -23.43
S2 SF4 Y . -20.45 -41.45 -23.58
S3 SF4 Y . -20.31 -43.40 -20.58
S4 SF4 Y . -18.54 -44.49 -23.50
FE1 FES Z . -36.26 -50.26 2.21
FE2 FES Z . -38.32 -48.61 1.81
S1 FES Z . -38.38 -50.65 2.60
S2 FES Z . -36.19 -48.10 1.83
FE1 FES AA . 91.10 27.00 -27.57
FE2 FES AA . 91.67 28.81 -25.64
S1 FES AA . 93.09 27.63 -26.86
S2 FES AA . 89.68 28.15 -26.32
ZN ZN BA . 77.53 25.90 -44.33
FE1 FES CA . 100.27 34.10 -23.00
FE2 FES CA . 99.65 35.42 -20.72
S1 FES CA . 100.89 33.61 -20.94
S2 FES CA . 99.20 36.03 -22.80
FE1 SF4 DA . 69.98 23.54 -15.56
FE2 SF4 DA . 69.65 24.66 -18.02
FE3 SF4 DA . 69.76 26.25 -15.80
FE4 SF4 DA . 67.58 24.65 -16.24
S1 SF4 DA . 68.28 26.40 -17.51
S2 SF4 DA . 68.70 24.92 -14.27
S3 SF4 DA . 68.56 22.84 -17.20
S4 SF4 DA . 71.42 24.94 -16.63
FE1 SF4 EA . 88.27 13.45 -51.50
FE2 SF4 EA . 88.47 14.44 -54.05
FE3 SF4 EA . 86.02 13.80 -53.01
FE4 SF4 EA . 87.80 11.82 -53.65
S1 SF4 EA . 86.81 13.28 -55.10
S2 SF4 EA . 86.55 11.97 -51.75
S3 SF4 EA . 89.77 12.82 -53.09
S4 SF4 EA . 87.44 15.43 -52.27
FE1 SF4 FA . 94.24 20.34 -61.12
FE2 SF4 FA . 93.11 19.41 -63.44
FE3 SF4 FA . 93.15 17.84 -61.20
FE4 SF4 FA . 95.47 18.34 -62.55
S1 SF4 FA . 93.66 17.20 -63.33
S2 SF4 FA . 95.15 18.42 -60.29
S3 SF4 FA . 95.11 20.50 -63.22
S4 SF4 FA . 92.04 19.81 -61.47
PA FAD GA . 17.92 0.10 -38.64
O1A FAD GA . 18.13 -0.45 -39.99
O2A FAD GA . 18.12 -0.87 -37.50
O5B FAD GA . 16.47 0.69 -38.54
C5B FAD GA . 16.05 1.45 -37.39
C4B FAD GA . 14.58 1.27 -37.14
O4B FAD GA . 13.83 2.40 -37.65
C3B FAD GA . 13.93 0.02 -37.74
O3B FAD GA . 13.22 -0.69 -36.74
C2B FAD GA . 12.96 0.58 -38.78
O2B FAD GA . 11.80 -0.22 -38.86
C1B FAD GA . 12.61 1.92 -38.16
N9A FAD GA . 12.09 2.90 -39.10
C8A FAD GA . 12.41 3.03 -40.42
N7A FAD GA . 11.78 4.01 -41.03
C5A FAD GA . 10.99 4.55 -40.04
C6A FAD GA . 10.08 5.62 -40.04
N6A FAD GA . 9.81 6.36 -41.12
N1A FAD GA . 9.45 5.91 -38.89
C2A FAD GA . 9.72 5.17 -37.81
N3A FAD GA . 10.55 4.14 -37.69
C4A FAD GA . 11.17 3.88 -38.85
N1 FAD GA . 26.10 -5.59 -38.67
C2 FAD GA . 27.05 -6.23 -37.92
O2 FAD GA . 27.75 -5.63 -37.11
N3 FAD GA . 27.24 -7.59 -38.08
C4 FAD GA . 26.57 -8.40 -38.94
O4 FAD GA . 26.83 -9.60 -38.99
C4X FAD GA . 25.57 -7.73 -39.73
N5 FAD GA . 24.88 -8.42 -40.57
C5X FAD GA . 23.92 -7.78 -41.32
C6 FAD GA . 23.17 -8.53 -42.22
C7 FAD GA . 22.20 -7.93 -43.01
C7M FAD GA . 21.41 -8.77 -43.97
C8 FAD GA . 21.97 -6.56 -42.89
C8M FAD GA . 20.92 -5.88 -43.73
C9 FAD GA . 22.71 -5.81 -41.99
C9A FAD GA . 23.68 -6.40 -41.21
N10 FAD GA . 24.45 -5.68 -40.27
C10 FAD GA . 25.40 -6.31 -39.52
C1' FAD GA . 24.26 -4.23 -40.12
C2' FAD GA . 23.29 -3.85 -39.00
O2' FAD GA . 22.18 -4.74 -39.00
C3' FAD GA . 22.78 -2.43 -39.25
O3' FAD GA . 23.77 -1.69 -39.96
C4' FAD GA . 22.44 -1.70 -37.96
O4' FAD GA . 21.36 -2.39 -37.33
C5' FAD GA . 22.06 -0.26 -38.17
O5' FAD GA . 20.78 -0.02 -37.56
P FAD GA . 20.15 1.42 -37.50
O1P FAD GA . 19.69 1.83 -36.10
O2P FAD GA . 21.09 2.37 -38.03
O3P FAD GA . 18.88 1.35 -38.42
FE1 SF4 HA . 60.21 10.19 -12.76
FE2 SF4 HA . 58.92 11.91 -11.09
FE3 SF4 HA . 60.46 9.91 -10.06
FE4 SF4 HA . 58.09 9.32 -11.29
S1 SF4 HA . 58.39 10.52 -9.37
S2 SF4 HA . 60.07 8.25 -11.58
S3 SF4 HA . 58.06 10.89 -12.93
S4 SF4 HA . 61.17 11.66 -11.32
FE1 SF4 IA . 45.10 -7.86 -27.14
FE2 SF4 IA . 44.99 -7.71 -24.43
FE3 SF4 IA . 44.14 -5.60 -25.94
FE4 SF4 IA . 46.80 -6.21 -25.80
S1 SF4 IA . 45.47 -5.51 -24.10
S2 SF4 IA . 45.61 -5.70 -27.67
S3 SF4 IA . 46.72 -8.48 -25.68
S4 SF4 IA . 43.23 -7.68 -25.86
FE1 SF4 JA . 50.00 7.66 -21.12
FE2 SF4 JA . 52.53 7.81 -20.12
FE3 SF4 JA . 50.77 5.98 -19.12
FE4 SF4 JA . 50.41 8.64 -18.61
S1 SF4 JA . 52.15 7.36 -17.93
S2 SF4 JA . 48.82 7.15 -19.24
S3 SF4 JA . 51.13 9.55 -20.57
S4 SF4 JA . 51.60 6.06 -21.22
FE1 SF4 KA . 35.37 -5.69 -30.38
FE2 SF4 KA . 33.05 -5.37 -31.79
FE3 SF4 KA . 33.82 -3.48 -29.96
FE4 SF4 KA . 32.96 -5.94 -29.13
S1 SF4 KA . 31.73 -4.38 -30.23
S2 SF4 KA . 34.78 -4.80 -28.37
S3 SF4 KA . 33.79 -7.27 -30.79
S4 SF4 KA . 34.90 -4.04 -31.87
FE1 SF4 LA . 62.49 1.89 -2.11
FE2 SF4 LA . 60.76 3.40 -0.64
FE3 SF4 LA . 60.92 3.75 -3.34
FE4 SF4 LA . 62.98 4.55 -1.74
S1 SF4 LA . 60.86 5.37 -1.75
S2 SF4 LA . 63.14 3.39 -3.70
S3 SF4 LA . 62.92 2.94 -0.14
S4 SF4 LA . 60.22 1.88 -2.25
FE1 SF4 MA . 50.81 -0.38 9.00
FE2 SF4 MA . 53.42 0.17 8.42
FE3 SF4 MA . 52.59 0.05 11.02
FE4 SF4 MA . 51.80 2.12 9.43
S1 SF4 MA . 53.92 1.64 10.07
S2 SF4 MA . 50.50 0.91 10.84
S3 SF4 MA . 51.57 1.07 7.43
S4 SF4 MA . 52.63 -1.65 9.51
FE1 FES NA . 56.03 24.56 -9.14
FE2 FES NA . 56.79 22.47 -10.60
S1 FES NA . 57.63 24.50 -10.64
S2 FES NA . 54.93 22.70 -9.47
FE1 FES OA . -90.93 -6.72 -38.45
FE2 FES OA . -91.51 -9.30 -37.86
S1 FES OA . -92.92 -7.63 -38.20
S2 FES OA . -89.52 -8.37 -38.08
ZN ZN PA . -77.29 3.49 -51.60
FE1 FES QA . -100.08 -15.16 -38.68
FE2 FES QA . -99.47 -17.54 -37.55
S1 FES QA . -100.72 -15.93 -36.71
S2 FES QA . -99.02 -16.86 -39.60
FE1 SF4 RA . -69.87 -10.64 -26.42
FE2 SF4 RA . -69.52 -10.19 -29.10
FE3 SF4 RA . -69.64 -12.74 -28.14
FE4 SF4 RA . -67.47 -11.18 -27.61
S1 SF4 RA . -68.15 -11.92 -29.65
S2 SF4 RA . -68.59 -12.50 -26.13
S3 SF4 RA . -68.45 -9.14 -27.39
S4 SF4 RA . -71.30 -11.20 -28.10
FE1 SF4 SA . -85.69 18.37 -52.06
FE2 SF4 SA . -87.48 20.35 -51.46
FE3 SF4 SA . -87.97 17.79 -50.66
FE4 SF4 SA . -88.12 18.44 -53.30
S1 SF4 SA . -89.45 19.21 -51.62
S2 SF4 SA . -87.10 16.61 -52.41
S3 SF4 SA . -86.47 20.00 -53.47
S4 SF4 SA . -86.25 19.13 -49.98
FE1 SF4 TA . -94.27 17.49 -61.96
FE2 SF4 TA . -93.52 19.56 -63.58
FE3 SF4 TA . -93.16 19.75 -60.88
FE4 SF4 TA . -95.69 19.84 -61.95
S1 SF4 TA . -94.01 21.35 -62.26
S2 SF4 TA . -95.01 18.64 -60.12
S3 SF4 TA . -95.47 18.39 -63.68
S4 SF4 TA . -92.16 18.27 -62.29
PA FAD UA . -17.77 21.74 -31.95
O1A FAD UA . -18.25 22.29 -33.24
O2A FAD UA . -17.96 22.67 -30.78
O5B FAD UA . -16.26 21.34 -32.06
C5B FAD UA . -15.86 19.95 -31.98
C4B FAD UA . -14.41 19.87 -31.54
O4B FAD UA . -13.63 19.19 -32.55
C3B FAD UA . -13.71 21.20 -31.29
O3B FAD UA . -13.00 21.16 -30.07
C2B FAD UA . -12.73 21.32 -32.46
O2B FAD UA . -11.56 22.02 -32.07
C1B FAD UA . -12.41 19.85 -32.69
N9A FAD UA . -11.88 19.57 -34.03
C8A FAD UA . -12.22 20.20 -35.19
N7A FAD UA . -11.59 19.73 -36.24
C5A FAD UA . -10.80 18.73 -35.73
C6A FAD UA . -9.88 17.84 -36.34
N6A FAD UA . -9.61 17.83 -37.64
N1A FAD UA . -9.25 16.96 -35.54
C2A FAD UA . -9.52 16.96 -34.23
N3A FAD UA . -10.35 17.75 -33.55
C4A FAD UA . -10.96 18.61 -34.37
N1 FAD UA . -25.94 26.41 -28.98
C2 FAD UA . -26.89 26.51 -28.00
O2 FAD UA . -27.59 25.55 -27.67
N3 FAD UA . -27.08 27.72 -27.38
C4 FAD UA . -26.41 28.87 -27.63
O4 FAD UA . -26.67 29.90 -27.00
C4X FAD UA . -25.40 28.75 -28.66
N5 FAD UA . -24.71 29.80 -28.95
C5X FAD UA . -23.75 29.69 -29.92
C6 FAD UA . -23.00 30.81 -30.26
C7 FAD UA . -22.02 30.76 -31.23
C7M FAD UA . -21.23 32.00 -31.55
C8 FAD UA . -21.78 29.55 -31.90
C8M FAD UA . -20.72 29.46 -32.98
C9 FAD UA . -22.53 28.42 -31.59
C9A FAD UA . -23.50 28.49 -30.60
N10 FAD UA . -24.28 27.37 -30.24
C10 FAD UA . -25.24 27.46 -29.27
C1' FAD UA . -24.09 26.08 -30.92
C2' FAD UA . -23.12 25.14 -30.21
O2' FAD UA . -22.02 25.88 -29.69
C3' FAD UA . -22.59 24.12 -31.21
O3' FAD UA . -23.60 23.82 -32.16
C4' FAD UA . -22.16 22.82 -30.54
O4' FAD UA . -20.97 23.05 -29.82
C5' FAD UA . -21.95 21.69 -31.53
O5' FAD UA . -20.89 20.83 -31.04
P FAD UA . -19.99 20.00 -32.01
O1P FAD UA . -20.19 18.50 -31.78
O2P FAD UA . -20.25 20.35 -33.37
O3P FAD UA . -18.51 20.38 -31.62
FE1 SF4 VA . -60.14 -1.18 -16.56
FE2 SF4 VA . -58.85 -3.54 -16.15
FE3 SF4 VA . -60.40 -2.46 -14.17
FE4 SF4 VA . -58.03 -1.29 -14.86
S1 SF4 VA . -58.32 -3.36 -13.94
S2 SF4 VA . -60.01 -0.24 -14.50
S3 SF4 VA . -57.99 -1.67 -17.09
S4 SF4 VA . -61.10 -3.22 -16.20
FE1 SF4 WA . -44.99 21.82 -18.27
FE2 SF4 WA . -44.92 20.17 -16.10
FE3 SF4 WA . -44.06 19.27 -18.53
FE4 SF4 WA . -46.72 19.72 -18.10
S1 SF4 WA . -45.41 18.17 -17.07
S2 SF4 WA . -45.51 20.33 -19.92
S3 SF4 WA . -46.63 21.53 -16.73
S4 SF4 WA . -43.14 20.94 -17.30
FE1 SF4 XA . -49.88 5.60 -22.02
FE2 SF4 XA . -52.42 4.92 -21.28
FE3 SF4 XA . -50.67 5.87 -19.42
FE4 SF4 XA . -50.31 3.37 -20.50
S1 SF4 XA . -52.05 4.06 -19.21
S2 SF4 XA . -48.72 4.96 -20.17
S3 SF4 XA . -51.02 3.73 -22.63
S4 SF4 XA . -51.49 6.98 -21.21
FE1 SF4 YA . -35.24 21.81 -22.11
FE2 SF4 YA . -32.92 22.34 -23.45
FE3 SF4 YA . -33.68 19.75 -22.99
FE4 SF4 YA . -32.84 21.32 -20.92
S1 SF4 YA . -31.61 20.63 -22.70
S2 SF4 YA . -34.65 19.96 -20.94
S3 SF4 YA . -33.66 23.35 -21.55
S4 SF4 YA . -34.76 21.29 -24.27
FE1 SF4 ZA . -62.49 -0.29 -3.10
FE2 SF4 ZA . -60.76 -2.36 -2.73
FE3 SF4 ZA . -60.90 -1.14 -5.16
FE4 SF4 ZA . -62.97 -2.69 -4.29
S1 SF4 ZA . -60.85 -3.37 -4.76
S2 SF4 ZA . -63.12 -0.63 -5.26
S3 SF4 ZA . -62.93 -2.26 -2.07
S4 SF4 ZA . -60.22 -0.20 -3.21
FE1 SF4 AB . -50.96 -4.63 7.58
FE2 SF4 AB . -53.51 -4.80 6.65
FE3 SF4 AB . -52.86 -5.92 9.05
FE4 SF4 AB . -51.93 -7.03 6.73
S1 SF4 AB . -54.10 -6.87 7.41
S2 SF4 AB . -50.74 -6.63 8.63
S3 SF4 AB . -51.61 -5.17 5.48
S4 SF4 AB . -52.82 -3.71 8.52
FE1 FES BB . -55.98 -15.11 -21.64
FE2 FES BB . -56.71 -12.55 -21.65
S1 FES BB . -57.56 -14.19 -22.82
S2 FES BB . -54.85 -13.39 -20.86
FE1 FES CB . 46.83 67.05 57.18
FE2 FES CB . 48.95 66.40 55.63
S1 FES CB . 48.34 68.41 56.32
S2 FES CB . 47.57 65.04 56.67
ZN ZN DB . 36.71 51.33 68.36
FE1 FES EB . 57.65 72.63 56.24
FE2 FES EB . 59.30 72.03 54.18
S1 FES EB . 58.03 73.82 54.43
S2 FES EB . 59.05 70.93 56.08
FE1 SF4 FB . 40.13 50.84 38.72
FE2 SF4 FB . 40.35 49.64 41.16
FE3 SF4 FB . 42.43 49.54 39.39
FE4 SF4 FB . 40.15 48.12 38.90
S1 SF4 FB . 41.61 47.82 40.62
S2 SF4 FB . 41.31 49.40 37.41
S3 SF4 FB . 38.57 49.53 39.74
S4 SF4 FB . 41.57 51.39 40.39
FE1 SF4 GB . 26.21 62.02 76.63
FE2 SF4 GB . 24.84 64.27 77.35
FE3 SF4 GB . 27.07 64.46 75.77
FE4 SF4 GB . 27.32 63.78 78.41
S1 SF4 GB . 26.56 65.76 77.57
S2 SF4 GB . 28.36 62.79 76.64
S3 SF4 GB . 25.42 62.54 78.70
S4 SF4 GB . 25.10 63.44 75.25
FE1 SF4 HB . 32.56 65.31 87.83
FE2 SF4 HB . 30.69 64.26 89.54
FE3 SF4 HB . 29.91 65.31 87.14
FE4 SF4 HB . 30.80 66.96 89.14
S1 SF4 HB . 28.93 65.66 89.17
S2 SF4 HB . 31.38 67.05 86.94
S3 SF4 HB . 32.42 65.65 90.08
S4 SF4 HB . 31.23 63.49 87.46
PA FAD IB . -4.78 8.79 41.43
O1A FAD IB . -5.55 8.96 42.68
O2A FAD IB . -5.30 9.58 40.24
O5B FAD IB . -4.74 7.28 41.02
C5B FAD IB . -3.83 6.80 40.02
C4B FAD IB . -4.41 5.61 39.30
O4B FAD IB . -3.78 4.39 39.76
C3B FAD IB . -5.92 5.40 39.45
O3B FAD IB . -6.50 5.21 38.17
C2B FAD IB . -6.02 4.11 40.26
O2B FAD IB . -7.16 3.36 39.87
C1B FAD IB . -4.77 3.39 39.82
N9A FAD IB . -4.32 2.35 40.73
C8A FAD IB . -4.46 2.34 42.10
N7A FAD IB . -3.95 1.27 42.67
C5A FAD IB . -3.46 0.54 41.61
C6A FAD IB . -2.80 -0.71 41.55
N6A FAD IB . -2.52 -1.46 42.62
N1A FAD IB . -2.43 -1.16 40.33
C2A FAD IB . -2.71 -0.42 39.26
N3A FAD IB . -3.33 0.75 39.20
C4A FAD IB . -3.68 1.19 40.41
N1 FAD IB . -7.19 18.38 42.66
C2 FAD IB . -7.24 19.62 42.10
O2 FAD IB . -6.23 20.17 41.63
N3 FAD IB . -8.44 20.30 42.04
C4 FAD IB . -9.63 19.85 42.50
O4 FAD IB . -10.64 20.54 42.40
C4X FAD IB . -9.58 18.53 43.09
N5 FAD IB . -10.67 18.03 43.56
C5X FAD IB . -10.63 16.78 44.11
C6 FAD IB . -11.81 16.23 44.61
C7 FAD IB . -11.81 14.97 45.20
C7M FAD IB . -13.10 14.41 45.72
C8 FAD IB . -10.62 14.24 45.28
C8M FAD IB . -10.60 12.87 45.91
C9 FAD IB . -9.44 14.77 44.79
C9A FAD IB . -9.44 16.04 44.21
N10 FAD IB . -8.26 16.62 43.69
C10 FAD IB . -8.31 17.87 43.13
C1' FAD IB . -6.98 15.92 43.77
C2' FAD IB . -6.65 15.09 42.52
O2' FAD IB . -7.83 14.43 42.05
C3' FAD IB . -5.61 14.05 42.87
O3' FAD IB . -4.79 14.52 43.94
C4' FAD IB . -4.70 13.70 41.70
O4' FAD IB . -5.50 13.12 40.68
C5' FAD IB . -3.57 12.76 42.06
O5' FAD IB . -3.64 11.60 41.20
P FAD IB . -2.52 10.50 41.22
O1P FAD IB . -1.91 10.24 39.85
O2P FAD IB . -1.51 10.86 42.19
O3P FAD IB . -3.27 9.18 41.68
FE1 SF4 JB . 25.64 47.82 30.80
FE2 SF4 JB . 27.24 46.30 29.20
FE3 SF4 JB . 26.23 48.66 28.28
FE4 SF4 JB . 24.56 46.52 28.66
S1 SF4 JB . 26.28 46.68 27.16
S2 SF4 JB . 24.18 48.67 29.29
S3 SF4 JB . 25.51 45.57 30.50
S4 SF4 JB . 27.69 48.38 29.99
FE1 SF4 KB . 1.20 38.94 34.14
FE2 SF4 KB . 0.33 38.56 36.69
FE3 SF4 KB . 2.75 39.72 36.24
FE4 SF4 KB . 2.39 37.06 35.73
S1 SF4 KB . 2.29 38.08 37.75
S2 SF4 KB . 3.43 38.58 34.40
S3 SF4 KB . 0.24 37.06 34.99
S4 SF4 KB . 0.71 40.54 35.67
FE1 SF4 LB . 17.62 38.03 35.33
FE2 SF4 LB . 18.87 40.44 35.14
FE3 SF4 LB . 16.93 39.76 33.34
FE4 SF4 LB . 19.35 38.49 33.27
S1 SF4 LB . 18.95 40.70 32.88
S2 SF4 LB . 17.29 37.53 33.14
S3 SF4 LB . 19.85 38.41 35.50
S4 SF4 LB . 16.68 40.08 35.58
FE1 SF4 MB . -1.85 28.34 37.42
FE2 SF4 MB . -2.74 25.87 38.15
FE3 SF4 MB . -0.28 26.16 37.00
FE4 SF4 MB . -2.53 26.51 35.52
S1 SF4 MB . -1.84 24.58 36.50
S2 SF4 MB . -0.69 27.84 35.53
S3 SF4 MB . -3.91 27.46 37.05
S4 SF4 MB . -0.95 26.98 39.00
FE1 SF4 NB . 23.12 53.26 18.27
FE2 SF4 NB . 21.92 55.13 19.85
FE3 SF4 NB . 24.58 54.60 20.15
FE4 SF4 NB . 22.72 52.75 20.92
S1 SF4 NB . 23.03 54.82 21.80
S2 SF4 NB . 24.62 52.37 19.71
S3 SF4 NB . 21.11 53.07 19.34
S4 SF4 NB . 23.56 55.49 18.32
FE1 SF4 OB . 19.05 47.76 5.59
FE2 SF4 OB . 20.32 49.69 7.05
FE3 SF4 OB . 20.44 49.75 4.32
FE4 SF4 OB . 21.78 47.80 5.72
S1 SF4 OB . 22.16 50.04 5.77
S2 SF4 OB . 20.50 47.51 3.86
S3 SF4 OB . 20.34 47.46 7.44
S4 SF4 OB . 18.59 49.98 5.61
FE1 FES PB . 36.17 40.30 30.20
FE2 FES PB . 38.23 39.14 28.98
S1 FES PB . 38.28 40.38 30.79
S2 FES PB . 36.10 38.73 28.68
#